data_6QZ2
#
_entry.id   6QZ2
#
_cell.length_a   110.490
_cell.length_b   135.630
_cell.length_c   138.150
_cell.angle_alpha   83.09
_cell.angle_beta   67.91
_cell.angle_gamma   67.57
#
_symmetry.space_group_name_H-M   'P 1'
#
loop_
_entity.id
_entity.type
_entity.pdbx_description
1 polymer 'Mono(2-hydroxyethyl) terephthalate hydrolase'
2 non-polymer 'CALCIUM ION'
3 water water
#
_entity_poly.entity_id   1
_entity_poly.type   'polypeptide(L)'
_entity_poly.pdbx_seq_one_letter_code
;MQTTVTTMLLASVALAACAGGGSTPLPLPQQQPPQQEPPPPPVPLASRAACEALKDGNGDMVWPNAATVVEVAAWRDAAP
ATASAAALPEHCEVSGAIAKRTGIDGYPYEIKFRLRMPAEWNGRFFMEGGSGTNGSLSAATGSIGGGQIASALSRNFATI
ATDGGHDNAVNDNPDALGTVAFGLDPQARLDMGYNSYDQVTQAGKAAVARFYGRAADKSYFIGCSEGGREGMMLSQRFPS
HYDGIVAGAPGYQLPKAGISGAWTTQSLAPAAVGLDAQGVPLINKSFSDADLHLLSQAILGTCDALDGLADGIVDNYRAC
QAAFDPATAANPANGQALQCVGAKTADCLSPVQVTAIKRAMAGPVNSAGTPLYNRWAWDAGMSGLSGTTYNQGWRSWWLG
SFNSSANNAQRVSGFSARSWLVDFATPPEPMPMTQVAARMMKFDFDIDPLKIWATSGQFTQSSMDWHGATSTDLAAFRDR
GGKMILYHGMSDAAFSALDTADYYERLGAAMPGAAGFARLFLVPGMNHCSGGPGTDRFDMLTPLVAWVERGEAPDQISAW
SGTPGYFGVAARTRPLCPYPQIARYKGSGDINTEANFACAAPPLEHHHHHH
;
_entity_poly.pdbx_strand_id   A,B,C,D,E,F,G,H,I,J
#
loop_
_chem_comp.id
_chem_comp.type
_chem_comp.name
_chem_comp.formula
CA non-polymer 'CALCIUM ION' 'Ca 2'
#
# COMPACT_ATOMS: atom_id res chain seq x y z
N PRO A 42 28.47 -29.22 -34.76
CA PRO A 42 28.06 -29.17 -33.35
C PRO A 42 28.77 -28.05 -32.61
N VAL A 43 28.49 -26.80 -33.00
CA VAL A 43 29.21 -25.63 -32.51
C VAL A 43 28.36 -24.96 -31.44
N PRO A 44 28.83 -24.84 -30.20
CA PRO A 44 28.02 -24.20 -29.16
C PRO A 44 27.85 -22.72 -29.41
N LEU A 45 26.69 -22.20 -29.02
CA LEU A 45 26.41 -20.78 -29.19
C LEU A 45 27.30 -19.94 -28.31
N ALA A 46 27.51 -18.69 -28.73
CA ALA A 46 28.24 -17.69 -27.95
C ALA A 46 29.62 -18.18 -27.55
N SER A 47 30.30 -18.86 -28.47
CA SER A 47 31.56 -19.52 -28.20
C SER A 47 32.61 -19.07 -29.21
N ARG A 48 33.86 -19.41 -28.93
CA ARG A 48 34.93 -19.13 -29.89
C ARG A 48 34.67 -19.80 -31.22
N ALA A 49 34.21 -21.05 -31.19
CA ALA A 49 33.89 -21.76 -32.44
C ALA A 49 32.78 -21.05 -33.20
N ALA A 50 31.75 -20.58 -32.49
CA ALA A 50 30.66 -19.87 -33.16
C ALA A 50 31.12 -18.51 -33.69
N CYS A 51 32.05 -17.86 -32.99
CA CYS A 51 32.60 -16.61 -33.47
C CYS A 51 33.36 -16.80 -34.78
N GLU A 52 34.31 -17.72 -34.79
CA GLU A 52 35.13 -17.94 -35.98
C GLU A 52 34.32 -18.50 -37.14
N ALA A 53 33.19 -19.14 -36.86
CA ALA A 53 32.33 -19.66 -37.92
C ALA A 53 31.67 -18.55 -38.73
N LEU A 54 31.64 -17.31 -38.21
CA LEU A 54 30.98 -16.22 -38.89
C LEU A 54 31.77 -15.68 -40.07
N LYS A 55 33.04 -16.04 -40.21
CA LYS A 55 33.88 -15.49 -41.27
C LYS A 55 33.51 -16.12 -42.61
N ASP A 56 33.74 -15.36 -43.68
CA ASP A 56 33.48 -15.84 -45.04
C ASP A 56 34.26 -17.12 -45.30
N GLY A 57 33.57 -18.13 -45.84
CA GLY A 57 34.17 -19.41 -46.06
C GLY A 57 34.39 -20.25 -44.81
N ASN A 58 33.94 -19.78 -43.65
CA ASN A 58 34.10 -20.49 -42.39
C ASN A 58 32.81 -21.12 -41.89
N GLY A 59 31.72 -21.04 -42.64
CA GLY A 59 30.48 -21.66 -42.19
C GLY A 59 29.24 -21.35 -43.00
N ASP A 60 28.13 -21.09 -42.30
CA ASP A 60 26.81 -21.01 -42.90
C ASP A 60 26.08 -19.69 -42.61
N MET A 61 26.78 -18.67 -42.15
CA MET A 61 26.12 -17.41 -41.79
C MET A 61 25.48 -16.77 -43.02
N VAL A 62 24.24 -16.28 -42.86
CA VAL A 62 23.49 -15.67 -43.95
C VAL A 62 23.31 -14.19 -43.63
N TRP A 63 23.92 -13.33 -44.42
CA TRP A 63 23.80 -11.90 -44.18
C TRP A 63 22.60 -11.31 -44.91
N PRO A 64 21.91 -10.34 -44.32
CA PRO A 64 20.77 -9.71 -45.00
C PRO A 64 21.15 -9.10 -46.35
N ASN A 65 22.32 -8.46 -46.42
CA ASN A 65 22.83 -7.92 -47.67
C ASN A 65 23.83 -8.91 -48.26
N ALA A 66 23.53 -9.42 -49.46
CA ALA A 66 24.38 -10.43 -50.08
C ALA A 66 25.79 -9.93 -50.35
N ALA A 67 25.99 -8.61 -50.41
CA ALA A 67 27.31 -8.02 -50.64
C ALA A 67 28.04 -7.73 -49.34
N THR A 68 27.86 -8.58 -48.33
CA THR A 68 28.55 -8.43 -47.06
C THR A 68 29.80 -9.31 -47.06
N VAL A 69 30.94 -8.72 -46.71
CA VAL A 69 32.22 -9.42 -46.65
C VAL A 69 32.76 -9.31 -45.23
N VAL A 70 32.99 -10.45 -44.60
CA VAL A 70 33.58 -10.48 -43.26
C VAL A 70 35.09 -10.61 -43.41
N GLU A 71 35.82 -9.65 -42.87
CA GLU A 71 37.28 -9.69 -42.90
C GLU A 71 37.89 -10.19 -41.61
N VAL A 72 37.22 -9.99 -40.48
CA VAL A 72 37.71 -10.42 -39.17
C VAL A 72 36.55 -11.06 -38.41
N ALA A 73 36.81 -12.23 -37.82
CA ALA A 73 35.89 -12.87 -36.88
C ALA A 73 36.79 -13.52 -35.82
N ALA A 74 37.16 -12.75 -34.81
CA ALA A 74 38.21 -13.12 -33.86
C ALA A 74 37.67 -13.12 -32.44
N TRP A 75 38.12 -14.09 -31.66
CA TRP A 75 37.79 -14.15 -30.24
C TRP A 75 38.74 -13.27 -29.45
N ARG A 76 38.20 -12.38 -28.63
CA ARG A 76 38.98 -11.40 -27.90
C ARG A 76 38.93 -11.70 -26.42
N ASP A 77 40.09 -11.76 -25.78
CA ASP A 77 40.16 -11.92 -24.34
C ASP A 77 39.63 -10.67 -23.64
N ALA A 78 39.30 -10.82 -22.36
CA ALA A 78 38.84 -9.69 -21.58
C ALA A 78 39.95 -8.64 -21.45
N ALA A 79 39.57 -7.37 -21.48
CA ALA A 79 40.53 -6.29 -21.36
C ALA A 79 40.31 -5.55 -20.05
N PRO A 80 41.33 -5.35 -19.24
CA PRO A 80 41.14 -4.69 -17.94
C PRO A 80 40.76 -3.22 -18.11
N ALA A 81 40.22 -2.67 -17.04
CA ALA A 81 39.91 -1.25 -16.99
C ALA A 81 41.19 -0.44 -17.17
N THR A 82 41.05 0.74 -17.77
CA THR A 82 42.13 1.71 -17.89
C THR A 82 41.70 3.01 -17.22
N ALA A 83 42.60 3.99 -17.21
CA ALA A 83 42.27 5.29 -16.64
C ALA A 83 41.10 5.96 -17.33
N SER A 84 40.84 5.61 -18.59
CA SER A 84 39.79 6.27 -19.36
C SER A 84 38.71 5.32 -19.87
N ALA A 85 38.78 4.03 -19.56
CA ALA A 85 37.81 3.09 -20.11
C ALA A 85 37.51 1.98 -19.11
N ALA A 86 36.25 1.60 -19.01
CA ALA A 86 35.88 0.46 -18.20
C ALA A 86 36.38 -0.83 -18.84
N ALA A 87 36.48 -1.87 -18.02
CA ALA A 87 36.95 -3.17 -18.50
C ALA A 87 35.99 -3.77 -19.52
N LEU A 88 36.57 -4.49 -20.48
CA LEU A 88 35.82 -5.11 -21.57
C LEU A 88 35.75 -6.61 -21.40
N PRO A 89 34.57 -7.21 -21.42
CA PRO A 89 34.49 -8.66 -21.27
C PRO A 89 35.00 -9.40 -22.50
N GLU A 90 35.32 -10.67 -22.29
CA GLU A 90 35.62 -11.59 -23.38
C GLU A 90 34.50 -11.55 -24.42
N HIS A 91 34.86 -11.47 -25.70
CA HIS A 91 33.84 -11.25 -26.71
C HIS A 91 34.33 -11.71 -28.08
N CYS A 92 33.37 -11.79 -29.00
CA CYS A 92 33.64 -12.02 -30.42
C CYS A 92 33.66 -10.67 -31.13
N GLU A 93 34.73 -10.41 -31.89
CA GLU A 93 34.82 -9.22 -32.72
C GLU A 93 34.66 -9.63 -34.18
N VAL A 94 33.68 -9.02 -34.85
CA VAL A 94 33.44 -9.23 -36.28
C VAL A 94 33.54 -7.89 -36.96
N SER A 95 34.33 -7.81 -38.03
CA SER A 95 34.47 -6.58 -38.80
C SER A 95 34.50 -6.92 -40.29
N GLY A 96 33.97 -6.01 -41.09
CA GLY A 96 33.92 -6.20 -42.52
C GLY A 96 33.34 -5.01 -43.24
N ALA A 97 32.75 -5.24 -44.41
CA ALA A 97 32.19 -4.15 -45.19
C ALA A 97 31.03 -4.66 -46.01
N ILE A 98 30.15 -3.73 -46.39
CA ILE A 98 28.97 -4.03 -47.18
C ILE A 98 29.01 -3.18 -48.44
N ALA A 99 28.66 -3.80 -49.57
CA ALA A 99 28.46 -3.09 -50.84
C ALA A 99 29.71 -2.35 -51.29
N LYS A 100 30.83 -3.07 -51.33
CA LYS A 100 32.05 -2.53 -51.90
C LYS A 100 31.84 -2.25 -53.38
N ARG A 101 32.24 -1.06 -53.82
CA ARG A 101 31.91 -0.60 -55.17
C ARG A 101 32.87 0.53 -55.53
N THR A 102 32.74 1.02 -56.75
CA THR A 102 33.48 2.20 -57.21
C THR A 102 32.50 3.33 -57.48
N GLY A 103 32.79 4.51 -56.90
CA GLY A 103 31.93 5.65 -57.10
C GLY A 103 32.11 6.30 -58.46
N ILE A 104 31.18 7.20 -58.79
CA ILE A 104 31.26 7.94 -60.05
C ILE A 104 32.43 8.91 -60.08
N ASP A 105 33.08 9.13 -58.95
CA ASP A 105 34.30 9.92 -58.86
C ASP A 105 35.56 9.09 -59.04
N GLY A 106 35.42 7.78 -59.24
CA GLY A 106 36.55 6.90 -59.42
C GLY A 106 37.15 6.36 -58.14
N TYR A 107 36.62 6.75 -56.98
CA TYR A 107 37.12 6.33 -55.68
C TYR A 107 36.36 5.10 -55.19
N PRO A 108 37.02 4.21 -54.44
CA PRO A 108 36.32 3.07 -53.86
C PRO A 108 35.46 3.47 -52.67
N TYR A 109 34.32 2.79 -52.53
CA TYR A 109 33.41 3.02 -51.43
C TYR A 109 32.93 1.69 -50.87
N GLU A 110 32.69 1.69 -49.56
CA GLU A 110 32.11 0.53 -48.88
C GLU A 110 31.63 0.99 -47.52
N ILE A 111 30.67 0.25 -46.97
CA ILE A 111 30.11 0.51 -45.65
C ILE A 111 30.81 -0.42 -44.67
N LYS A 112 31.76 0.12 -43.91
CA LYS A 112 32.48 -0.67 -42.92
C LYS A 112 31.64 -0.82 -41.65
N PHE A 113 31.81 -1.97 -40.98
CA PHE A 113 31.19 -2.17 -39.68
C PHE A 113 32.15 -2.93 -38.79
N ARG A 114 32.02 -2.70 -37.48
CA ARG A 114 32.72 -3.49 -36.49
C ARG A 114 31.74 -3.81 -35.38
N LEU A 115 31.62 -5.09 -35.05
CA LEU A 115 30.65 -5.59 -34.08
C LEU A 115 31.34 -6.40 -33.01
N ARG A 116 30.93 -6.22 -31.76
CA ARG A 116 31.50 -6.94 -30.63
C ARG A 116 30.39 -7.61 -29.84
N MET A 117 30.44 -8.92 -29.74
CA MET A 117 29.38 -9.68 -29.06
C MET A 117 29.97 -10.39 -27.86
N PRO A 118 29.65 -9.96 -26.63
CA PRO A 118 30.26 -10.57 -25.45
C PRO A 118 29.82 -12.02 -25.27
N ALA A 119 30.74 -12.83 -24.75
CA ALA A 119 30.40 -14.21 -24.41
C ALA A 119 29.29 -14.25 -23.37
N GLU A 120 29.33 -13.33 -22.41
CA GLU A 120 28.28 -13.19 -21.41
C GLU A 120 27.46 -11.95 -21.78
N TRP A 121 26.24 -12.16 -22.22
CA TRP A 121 25.43 -11.17 -22.91
C TRP A 121 24.17 -10.86 -22.10
N ASN A 122 23.83 -9.57 -21.99
CA ASN A 122 22.63 -9.17 -21.28
C ASN A 122 21.39 -9.15 -22.17
N GLY A 123 21.49 -9.63 -23.41
CA GLY A 123 20.35 -9.66 -24.29
C GLY A 123 20.02 -8.35 -24.97
N ARG A 124 20.87 -7.34 -24.86
CA ARG A 124 20.61 -6.03 -25.44
C ARG A 124 21.59 -5.74 -26.57
N PHE A 125 21.09 -5.08 -27.60
CA PHE A 125 21.86 -4.66 -28.76
C PHE A 125 22.08 -3.16 -28.70
N PHE A 126 23.27 -2.72 -29.12
CA PHE A 126 23.66 -1.32 -28.97
C PHE A 126 24.41 -0.85 -30.21
N MET A 127 24.04 0.32 -30.72
CA MET A 127 24.80 0.98 -31.78
C MET A 127 25.18 2.38 -31.32
N GLU A 128 26.43 2.76 -31.56
CA GLU A 128 26.91 4.10 -31.30
C GLU A 128 26.84 4.93 -32.58
N GLY A 129 26.58 6.24 -32.40
CA GLY A 129 26.52 7.15 -33.52
C GLY A 129 27.88 7.65 -33.95
N GLY A 130 27.88 8.50 -34.97
CA GLY A 130 29.08 9.04 -35.55
C GLY A 130 29.39 10.45 -35.08
N SER A 131 30.26 11.13 -35.83
CA SER A 131 30.69 12.48 -35.50
C SER A 131 31.39 13.08 -36.71
N GLY A 132 31.40 14.41 -36.77
CA GLY A 132 31.98 15.08 -37.92
C GLY A 132 31.22 14.69 -39.18
N THR A 133 31.97 14.32 -40.22
CA THR A 133 31.40 13.75 -41.42
C THR A 133 31.66 12.25 -41.50
N ASN A 134 31.86 11.61 -40.35
CA ASN A 134 32.10 10.17 -40.24
C ASN A 134 33.38 9.84 -41.03
N GLY A 135 33.43 8.66 -41.65
CA GLY A 135 34.60 8.24 -42.38
C GLY A 135 35.61 7.46 -41.57
N SER A 136 35.35 7.22 -40.29
CA SER A 136 36.26 6.45 -39.45
C SER A 136 35.49 5.37 -38.73
N LEU A 137 36.16 4.25 -38.49
CA LEU A 137 35.61 3.11 -37.79
C LEU A 137 36.24 3.05 -36.40
N SER A 138 35.44 3.30 -35.38
CA SER A 138 35.94 3.33 -34.01
C SER A 138 36.19 1.91 -33.51
N ALA A 139 36.69 1.82 -32.26
CA ALA A 139 36.87 0.53 -31.62
C ALA A 139 35.54 -0.21 -31.45
N ALA A 140 34.41 0.50 -31.55
CA ALA A 140 33.08 -0.11 -31.56
C ALA A 140 32.79 -0.86 -30.26
N THR A 141 33.20 -0.28 -29.14
CA THR A 141 32.83 -0.81 -27.84
C THR A 141 31.53 -0.22 -27.32
N GLY A 142 30.88 0.65 -28.09
CA GLY A 142 29.61 1.21 -27.70
C GLY A 142 29.72 2.43 -26.81
N SER A 143 30.22 3.54 -27.36
CA SER A 143 30.32 4.76 -26.58
C SER A 143 28.93 5.26 -26.20
N ILE A 144 28.80 5.75 -24.98
CA ILE A 144 27.53 6.31 -24.52
C ILE A 144 27.62 7.83 -24.38
N GLY A 145 28.73 8.43 -24.80
CA GLY A 145 28.87 9.87 -24.72
C GLY A 145 28.86 10.37 -23.29
N GLY A 146 28.63 11.67 -23.15
CA GLY A 146 28.57 12.26 -21.82
C GLY A 146 29.85 12.18 -21.03
N GLY A 147 31.00 12.06 -21.71
CA GLY A 147 32.27 11.96 -21.02
C GLY A 147 32.39 10.76 -20.10
N GLN A 148 31.67 9.68 -20.40
CA GLN A 148 31.55 8.55 -19.48
C GLN A 148 32.71 7.57 -19.63
N ILE A 149 33.04 6.91 -18.52
CA ILE A 149 34.08 5.89 -18.51
C ILE A 149 33.56 4.57 -19.07
N ALA A 150 32.31 4.23 -18.77
CA ALA A 150 31.75 2.94 -19.15
C ALA A 150 31.31 2.94 -20.61
N SER A 151 31.62 1.85 -21.30
CA SER A 151 31.08 1.58 -22.63
C SER A 151 29.90 0.62 -22.51
N ALA A 152 29.12 0.55 -23.58
CA ALA A 152 28.02 -0.40 -23.61
C ALA A 152 28.54 -1.84 -23.55
N LEU A 153 29.64 -2.13 -24.25
CA LEU A 153 30.24 -3.46 -24.20
C LEU A 153 30.69 -3.80 -22.79
N SER A 154 31.21 -2.81 -22.05
CA SER A 154 31.59 -3.03 -20.66
C SER A 154 30.39 -3.36 -19.78
N ARG A 155 29.18 -3.05 -20.24
CA ARG A 155 27.95 -3.44 -19.56
C ARG A 155 27.31 -4.67 -20.18
N ASN A 156 28.05 -5.40 -21.02
CA ASN A 156 27.65 -6.68 -21.61
C ASN A 156 26.57 -6.54 -22.67
N PHE A 157 26.45 -5.36 -23.29
CA PHE A 157 25.70 -5.22 -24.53
C PHE A 157 26.50 -5.78 -25.70
N ALA A 158 25.80 -6.21 -26.74
CA ALA A 158 26.42 -6.36 -28.05
C ALA A 158 26.45 -5.00 -28.74
N THR A 159 27.62 -4.61 -29.27
CA THR A 159 27.86 -3.25 -29.75
C THR A 159 28.35 -3.25 -31.19
N ILE A 160 27.97 -2.21 -31.93
CA ILE A 160 28.32 -2.10 -33.34
C ILE A 160 28.55 -0.64 -33.71
N ALA A 161 29.41 -0.43 -34.70
CA ALA A 161 29.67 0.91 -35.23
C ALA A 161 29.92 0.80 -36.73
N THR A 162 29.76 1.94 -37.42
CA THR A 162 30.01 2.03 -38.85
C THR A 162 30.84 3.26 -39.15
N ASP A 163 31.40 3.32 -40.35
CA ASP A 163 32.07 4.52 -40.83
C ASP A 163 31.18 5.37 -41.73
N GLY A 164 29.94 4.93 -41.98
CA GLY A 164 28.99 5.73 -42.71
C GLY A 164 29.02 5.57 -44.22
N GLY A 165 29.89 4.71 -44.75
CA GLY A 165 29.96 4.48 -46.18
C GLY A 165 31.16 5.07 -46.89
N HIS A 166 32.08 5.71 -46.18
CA HIS A 166 33.31 6.19 -46.79
C HIS A 166 34.43 6.12 -45.77
N ASP A 167 35.67 6.20 -46.26
CA ASP A 167 36.86 6.00 -45.44
C ASP A 167 37.76 7.22 -45.57
N ASN A 168 38.05 7.86 -44.44
CA ASN A 168 38.88 9.06 -44.46
C ASN A 168 40.28 8.77 -44.97
N ALA A 169 40.76 7.54 -44.80
CA ALA A 169 42.09 7.19 -45.28
C ALA A 169 42.14 7.03 -46.80
N VAL A 170 41.01 6.68 -47.40
CA VAL A 170 40.93 6.37 -48.83
C VAL A 170 40.18 7.46 -49.59
N ASN A 171 39.03 7.89 -49.05
CA ASN A 171 38.21 8.92 -49.69
C ASN A 171 38.71 10.31 -49.27
N ASP A 172 39.93 10.62 -49.71
CA ASP A 172 40.62 11.86 -49.38
C ASP A 172 41.08 12.45 -50.71
N ASN A 173 40.32 13.43 -51.22
CA ASN A 173 40.52 13.98 -52.55
C ASN A 173 41.09 15.38 -52.46
N PRO A 174 42.32 15.61 -52.94
CA PRO A 174 42.92 16.94 -52.81
C PRO A 174 42.20 18.02 -53.59
N ASP A 175 41.34 17.65 -54.55
CA ASP A 175 40.59 18.62 -55.33
C ASP A 175 39.14 18.74 -54.89
N ALA A 176 38.76 18.06 -53.81
CA ALA A 176 37.39 18.09 -53.29
C ALA A 176 37.40 18.25 -51.78
N LEU A 177 38.39 19.00 -51.28
CA LEU A 177 38.44 19.44 -49.89
C LEU A 177 38.66 18.27 -48.91
N GLY A 178 39.50 17.32 -49.30
CA GLY A 178 39.99 16.35 -48.34
C GLY A 178 38.98 15.27 -48.03
N THR A 179 38.73 15.05 -46.74
CA THR A 179 37.92 13.92 -46.31
C THR A 179 36.41 14.17 -46.41
N VAL A 180 35.98 15.32 -46.94
CA VAL A 180 34.56 15.53 -47.21
C VAL A 180 34.29 15.12 -48.65
N ALA A 181 35.29 14.57 -49.32
CA ALA A 181 35.18 14.31 -50.75
C ALA A 181 34.17 13.23 -51.09
N PHE A 182 33.69 12.45 -50.11
CA PHE A 182 32.63 11.49 -50.40
C PHE A 182 31.41 12.14 -51.03
N GLY A 183 31.21 13.44 -50.83
CA GLY A 183 30.08 14.16 -51.41
C GLY A 183 30.06 14.17 -52.93
N LEU A 184 31.16 13.79 -53.58
CA LEU A 184 31.18 13.71 -55.04
C LEU A 184 30.43 12.49 -55.57
N ASP A 185 30.15 11.49 -54.72
CA ASP A 185 29.45 10.29 -55.16
C ASP A 185 28.03 10.28 -54.60
N PRO A 186 27.00 10.20 -55.44
CA PRO A 186 25.62 10.26 -54.94
C PRO A 186 25.27 9.14 -53.96
N GLN A 187 25.69 7.90 -54.24
CA GLN A 187 25.38 6.81 -53.32
C GLN A 187 26.12 6.98 -51.99
N ALA A 188 27.33 7.52 -52.02
CA ALA A 188 28.04 7.80 -50.76
C ALA A 188 27.28 8.82 -49.93
N ARG A 189 26.60 9.78 -50.57
CA ARG A 189 25.74 10.70 -49.84
C ARG A 189 24.57 9.95 -49.19
N LEU A 190 23.89 9.09 -49.96
CA LEU A 190 22.78 8.33 -49.40
C LEU A 190 23.23 7.44 -48.25
N ASP A 191 24.40 6.81 -48.39
CA ASP A 191 24.93 6.00 -47.30
C ASP A 191 25.21 6.84 -46.06
N MET A 192 25.79 8.02 -46.26
CA MET A 192 26.04 8.94 -45.15
C MET A 192 24.74 9.39 -44.51
N GLY A 193 23.71 9.61 -45.32
CA GLY A 193 22.47 10.14 -44.79
C GLY A 193 21.68 9.13 -43.98
N TYR A 194 21.47 7.93 -44.53
CA TYR A 194 20.60 6.97 -43.87
C TYR A 194 20.94 5.51 -44.14
N ASN A 195 21.52 5.21 -45.31
CA ASN A 195 21.59 3.82 -45.74
C ASN A 195 22.66 3.04 -44.97
N SER A 196 23.77 3.66 -44.60
CA SER A 196 24.83 2.91 -43.90
C SER A 196 24.32 2.37 -42.57
N TYR A 197 23.65 3.22 -41.78
CA TYR A 197 23.16 2.80 -40.48
C TYR A 197 22.07 1.73 -40.60
N ASP A 198 21.27 1.81 -41.66
CA ASP A 198 20.28 0.77 -41.93
C ASP A 198 20.95 -0.57 -42.20
N GLN A 199 21.91 -0.58 -43.13
CA GLN A 199 22.59 -1.83 -43.49
C GLN A 199 23.33 -2.41 -42.30
N VAL A 200 23.97 -1.56 -41.49
CA VAL A 200 24.78 -2.04 -40.38
C VAL A 200 23.90 -2.54 -39.24
N THR A 201 22.77 -1.88 -39.00
CA THR A 201 21.82 -2.39 -38.01
C THR A 201 21.33 -3.78 -38.39
N GLN A 202 20.96 -3.97 -39.67
CA GLN A 202 20.47 -5.27 -40.11
C GLN A 202 21.56 -6.33 -40.01
N ALA A 203 22.79 -6.00 -40.42
CA ALA A 203 23.89 -6.94 -40.34
C ALA A 203 24.19 -7.31 -38.90
N GLY A 204 24.17 -6.33 -37.99
CA GLY A 204 24.46 -6.62 -36.59
C GLY A 204 23.42 -7.53 -35.96
N LYS A 205 22.14 -7.29 -36.24
CA LYS A 205 21.10 -8.12 -35.66
C LYS A 205 21.11 -9.54 -36.22
N ALA A 206 21.56 -9.71 -37.46
CA ALA A 206 21.65 -11.06 -38.01
C ALA A 206 22.78 -11.85 -37.37
N ALA A 207 23.93 -11.20 -37.12
CA ALA A 207 25.03 -11.88 -36.45
C ALA A 207 24.69 -12.19 -35.00
N VAL A 208 24.03 -11.26 -34.31
CA VAL A 208 23.59 -11.51 -32.94
C VAL A 208 22.67 -12.73 -32.90
N ALA A 209 21.71 -12.79 -33.83
CA ALA A 209 20.76 -13.90 -33.84
C ALA A 209 21.46 -15.24 -34.03
N ARG A 210 22.47 -15.29 -34.91
CA ARG A 210 23.17 -16.55 -35.16
C ARG A 210 24.13 -16.89 -34.04
N PHE A 211 24.86 -15.89 -33.54
CA PHE A 211 25.87 -16.12 -32.50
C PHE A 211 25.24 -16.57 -31.19
N TYR A 212 24.12 -15.95 -30.81
CA TYR A 212 23.47 -16.23 -29.53
C TYR A 212 22.30 -17.19 -29.63
N GLY A 213 21.76 -17.40 -30.83
CA GLY A 213 20.60 -18.27 -30.96
C GLY A 213 19.30 -17.62 -30.58
N ARG A 214 19.25 -16.29 -30.52
CA ARG A 214 18.05 -15.54 -30.23
C ARG A 214 18.29 -14.09 -30.58
N ALA A 215 17.21 -13.37 -30.88
CA ALA A 215 17.31 -11.95 -31.16
C ALA A 215 17.43 -11.17 -29.87
N ALA A 216 17.97 -9.95 -29.97
CA ALA A 216 18.06 -9.08 -28.82
C ALA A 216 16.68 -8.78 -28.24
N ASP A 217 16.60 -8.70 -26.91
CA ASP A 217 15.34 -8.32 -26.26
C ASP A 217 14.98 -6.87 -26.57
N LYS A 218 15.96 -5.98 -26.47
CA LYS A 218 15.80 -4.56 -26.80
C LYS A 218 17.06 -4.06 -27.47
N SER A 219 16.90 -3.05 -28.31
CA SER A 219 18.01 -2.42 -29.01
C SER A 219 18.09 -0.95 -28.65
N TYR A 220 19.32 -0.43 -28.55
CA TYR A 220 19.56 0.93 -28.12
C TYR A 220 20.56 1.62 -29.05
N PHE A 221 20.36 2.92 -29.25
CA PHE A 221 21.24 3.75 -30.07
C PHE A 221 21.54 5.04 -29.31
N ILE A 222 22.82 5.39 -29.23
CA ILE A 222 23.25 6.63 -28.59
C ILE A 222 24.21 7.36 -29.52
N GLY A 223 23.92 8.60 -29.82
CA GLY A 223 24.79 9.40 -30.65
C GLY A 223 24.72 10.86 -30.28
N CYS A 224 25.80 11.59 -30.57
CA CYS A 224 25.88 13.03 -30.35
C CYS A 224 26.41 13.69 -31.62
N SER A 225 25.95 14.91 -31.87
CA SER A 225 26.31 15.69 -33.05
C SER A 225 25.77 15.03 -34.31
N GLU A 226 26.65 14.65 -35.25
CA GLU A 226 26.21 13.85 -36.38
C GLU A 226 25.52 12.57 -35.91
N GLY A 227 26.01 11.99 -34.80
CA GLY A 227 25.34 10.85 -34.22
C GLY A 227 23.98 11.19 -33.65
N GLY A 228 23.78 12.42 -33.19
CA GLY A 228 22.47 12.84 -32.75
C GLY A 228 21.49 12.93 -33.90
N ARG A 229 21.93 13.48 -35.04
CA ARG A 229 21.12 13.44 -36.25
C ARG A 229 20.77 12.01 -36.63
N GLU A 230 21.74 11.09 -36.52
CA GLU A 230 21.47 9.70 -36.86
C GLU A 230 20.38 9.12 -35.97
N GLY A 231 20.40 9.44 -34.68
CA GLY A 231 19.38 8.94 -33.78
C GLY A 231 17.99 9.46 -34.14
N MET A 232 17.89 10.76 -34.46
CA MET A 232 16.60 11.31 -34.87
C MET A 232 16.15 10.71 -36.19
N MET A 233 17.09 10.53 -37.14
CA MET A 233 16.77 9.88 -38.39
C MET A 233 16.18 8.49 -38.18
N LEU A 234 16.77 7.73 -37.25
CA LEU A 234 16.28 6.37 -37.00
C LEU A 234 14.85 6.39 -36.46
N SER A 235 14.56 7.30 -35.52
CA SER A 235 13.21 7.36 -34.96
C SER A 235 12.16 7.69 -36.03
N GLN A 236 12.57 8.46 -37.05
CA GLN A 236 11.67 8.91 -38.10
C GLN A 236 11.61 7.94 -39.28
N ARG A 237 12.78 7.49 -39.74
CA ARG A 237 12.87 6.71 -40.97
C ARG A 237 12.85 5.19 -40.72
N PHE A 238 13.39 4.73 -39.60
CA PHE A 238 13.46 3.31 -39.27
C PHE A 238 12.98 3.10 -37.83
N PRO A 239 11.68 3.27 -37.59
CA PRO A 239 11.18 3.35 -36.19
C PRO A 239 11.42 2.09 -35.37
N SER A 240 11.52 0.92 -36.01
CA SER A 240 11.66 -0.33 -35.27
C SER A 240 13.11 -0.80 -35.15
N HIS A 241 14.06 -0.06 -35.69
CA HIS A 241 15.47 -0.47 -35.57
C HIS A 241 15.91 -0.43 -34.11
N TYR A 242 15.50 0.60 -33.37
CA TYR A 242 15.95 0.78 -32.00
C TYR A 242 14.78 1.12 -31.10
N ASP A 243 14.78 0.55 -29.89
CA ASP A 243 13.76 0.81 -28.91
C ASP A 243 14.06 2.03 -28.05
N GLY A 244 15.33 2.28 -27.76
CA GLY A 244 15.73 3.47 -27.03
C GLY A 244 16.77 4.24 -27.82
N ILE A 245 16.59 5.56 -27.90
CA ILE A 245 17.50 6.44 -28.63
C ILE A 245 17.86 7.62 -27.74
N VAL A 246 19.15 7.90 -27.63
CA VAL A 246 19.66 9.15 -27.09
C VAL A 246 20.24 9.95 -28.25
N ALA A 247 19.78 11.19 -28.40
CA ALA A 247 20.24 12.07 -29.47
C ALA A 247 20.74 13.36 -28.84
N GLY A 248 22.06 13.48 -28.72
CA GLY A 248 22.68 14.68 -28.16
C GLY A 248 23.11 15.63 -29.26
N ALA A 249 22.98 16.94 -28.98
CA ALA A 249 23.35 18.01 -29.89
C ALA A 249 23.06 17.65 -31.34
N PRO A 250 21.83 17.25 -31.67
CA PRO A 250 21.58 16.59 -32.96
C PRO A 250 21.57 17.59 -34.11
N GLY A 251 22.41 17.36 -35.10
CA GLY A 251 22.42 18.17 -36.30
C GLY A 251 21.31 17.74 -37.25
N TYR A 252 20.07 17.81 -36.80
CA TYR A 252 18.95 17.33 -37.61
C TYR A 252 18.66 18.22 -38.81
N GLN A 253 19.24 19.42 -38.85
CA GLN A 253 19.20 20.29 -40.01
C GLN A 253 20.62 20.60 -40.48
N LEU A 254 21.48 19.59 -40.47
CA LEU A 254 22.90 19.80 -40.76
C LEU A 254 23.20 20.52 -42.07
N PRO A 255 22.48 20.30 -43.18
CA PRO A 255 22.76 21.09 -44.39
C PRO A 255 22.58 22.59 -44.22
N LYS A 256 21.88 23.06 -43.18
CA LYS A 256 21.77 24.48 -42.94
C LYS A 256 22.95 25.06 -42.16
N ALA A 257 23.84 24.20 -41.64
CA ALA A 257 24.94 24.69 -40.81
C ALA A 257 25.87 25.61 -41.58
N GLY A 258 26.17 25.26 -42.83
CA GLY A 258 27.05 26.10 -43.63
C GLY A 258 26.39 27.41 -44.03
N ILE A 259 25.07 27.44 -44.07
CA ILE A 259 24.35 28.70 -44.24
C ILE A 259 24.59 29.59 -43.03
N SER A 260 24.42 29.04 -41.83
CA SER A 260 24.74 29.79 -40.62
C SER A 260 26.22 30.18 -40.60
N GLY A 261 27.09 29.30 -41.08
CA GLY A 261 28.51 29.60 -41.08
C GLY A 261 28.87 30.78 -41.97
N ALA A 262 28.27 30.83 -43.16
CA ALA A 262 28.49 31.99 -44.02
C ALA A 262 27.94 33.26 -43.38
N TRP A 263 26.81 33.14 -42.68
CA TRP A 263 26.21 34.30 -42.03
C TRP A 263 27.08 34.80 -40.88
N THR A 264 27.51 33.90 -39.99
CA THR A 264 28.35 34.34 -38.88
C THR A 264 29.70 34.85 -39.38
N THR A 265 30.22 34.25 -40.45
CA THR A 265 31.48 34.73 -41.02
C THR A 265 31.33 36.15 -41.57
N GLN A 266 30.29 36.38 -42.37
CA GLN A 266 30.08 37.72 -42.92
C GLN A 266 29.64 38.71 -41.84
N SER A 267 29.03 38.23 -40.75
CA SER A 267 28.63 39.13 -39.68
C SER A 267 29.81 39.57 -38.83
N LEU A 268 30.77 38.68 -38.61
CA LEU A 268 31.94 39.01 -37.79
C LEU A 268 33.02 39.74 -38.56
N ALA A 269 32.97 39.69 -39.89
CA ALA A 269 34.04 40.28 -40.71
C ALA A 269 34.24 41.79 -40.45
N PRO A 270 33.22 42.61 -40.24
CA PRO A 270 33.49 44.04 -39.94
C PRO A 270 34.28 44.25 -38.66
N ALA A 271 34.28 43.29 -37.74
CA ALA A 271 35.06 43.37 -36.51
C ALA A 271 36.41 42.70 -36.64
N ALA A 272 36.71 42.04 -37.75
CA ALA A 272 37.99 41.38 -37.93
C ALA A 272 39.12 42.40 -37.99
N VAL A 273 40.31 41.95 -37.59
CA VAL A 273 41.51 42.79 -37.60
C VAL A 273 42.59 42.06 -38.39
N GLY A 274 43.03 42.65 -39.49
CA GLY A 274 44.02 42.04 -40.34
C GLY A 274 43.42 41.04 -41.32
N LEU A 275 44.29 40.56 -42.23
CA LEU A 275 43.88 39.62 -43.27
C LEU A 275 44.76 38.38 -43.23
N ASP A 276 44.22 37.25 -43.68
CA ASP A 276 45.01 36.04 -43.80
C ASP A 276 45.85 36.11 -45.07
N ALA A 277 46.55 35.03 -45.41
CA ALA A 277 47.44 35.02 -46.56
C ALA A 277 46.70 35.23 -47.87
N GLN A 278 45.40 34.91 -47.91
CA GLN A 278 44.60 35.06 -49.12
C GLN A 278 43.93 36.41 -49.22
N GLY A 279 44.13 37.29 -48.24
CA GLY A 279 43.44 38.56 -48.23
C GLY A 279 42.05 38.54 -47.62
N VAL A 280 41.68 37.46 -46.95
CA VAL A 280 40.38 37.32 -46.29
C VAL A 280 40.50 37.89 -44.88
N PRO A 281 39.50 38.61 -44.38
CA PRO A 281 39.59 39.14 -43.00
C PRO A 281 39.77 38.02 -41.98
N LEU A 282 40.59 38.29 -40.98
CA LEU A 282 40.87 37.33 -39.91
C LEU A 282 39.70 37.33 -38.94
N ILE A 283 38.75 36.41 -39.16
CA ILE A 283 37.59 36.32 -38.29
C ILE A 283 37.99 36.00 -36.86
N ASN A 284 39.10 35.27 -36.69
CA ASN A 284 39.55 34.90 -35.35
C ASN A 284 40.00 36.10 -34.53
N LYS A 285 40.36 37.20 -35.19
CA LYS A 285 40.81 38.40 -34.50
C LYS A 285 39.66 39.31 -34.10
N SER A 286 38.42 38.96 -34.46
CA SER A 286 37.29 39.82 -34.11
C SER A 286 37.10 39.92 -32.60
N PHE A 287 37.38 38.85 -31.86
CA PHE A 287 37.25 38.83 -30.42
C PHE A 287 38.46 38.13 -29.81
N SER A 288 39.10 38.79 -28.86
CA SER A 288 40.10 38.10 -28.06
C SER A 288 39.43 37.21 -27.03
N ASP A 289 40.22 36.34 -26.39
CA ASP A 289 39.69 35.51 -25.32
C ASP A 289 39.19 36.37 -24.16
N ALA A 290 39.91 37.46 -23.86
CA ALA A 290 39.45 38.37 -22.83
C ALA A 290 38.14 39.04 -23.22
N ASP A 291 37.99 39.41 -24.49
CA ASP A 291 36.73 40.00 -24.95
C ASP A 291 35.57 39.04 -24.76
N LEU A 292 35.75 37.77 -25.15
CA LEU A 292 34.67 36.81 -25.00
C LEU A 292 34.32 36.60 -23.53
N HIS A 293 35.33 36.59 -22.66
CA HIS A 293 35.06 36.44 -21.24
C HIS A 293 34.27 37.62 -20.69
N LEU A 294 34.53 38.83 -21.22
CA LEU A 294 33.74 39.98 -20.83
C LEU A 294 32.28 39.81 -21.24
N LEU A 295 32.06 39.32 -22.46
CA LEU A 295 30.70 39.05 -22.91
C LEU A 295 30.01 38.04 -22.00
N SER A 296 30.74 36.99 -21.61
CA SER A 296 30.17 35.98 -20.73
C SER A 296 29.86 36.55 -19.35
N GLN A 297 30.77 37.34 -18.79
CA GLN A 297 30.53 37.94 -17.48
C GLN A 297 29.33 38.88 -17.51
N ALA A 298 29.15 39.59 -18.63
CA ALA A 298 27.97 40.45 -18.76
C ALA A 298 26.69 39.62 -18.84
N ILE A 299 26.74 38.50 -19.57
CA ILE A 299 25.59 37.60 -19.62
C ILE A 299 25.24 37.11 -18.21
N LEU A 300 26.26 36.78 -17.42
CA LEU A 300 26.01 36.33 -16.04
C LEU A 300 25.42 37.45 -15.21
N GLY A 301 25.92 38.68 -15.37
CA GLY A 301 25.37 39.80 -14.62
C GLY A 301 23.88 39.99 -14.87
N THR A 302 23.44 39.75 -16.11
CA THR A 302 22.04 39.92 -16.45
C THR A 302 21.21 38.70 -16.09
N CYS A 303 21.76 37.50 -16.28
CA CYS A 303 20.95 36.29 -16.34
C CYS A 303 21.21 35.28 -15.23
N ASP A 304 22.37 35.31 -14.56
CA ASP A 304 22.72 34.26 -13.61
C ASP A 304 21.65 34.10 -12.53
N ALA A 305 21.23 35.21 -11.94
CA ALA A 305 20.30 35.18 -10.81
C ALA A 305 18.85 34.98 -11.23
N LEU A 306 18.55 34.94 -12.54
CA LEU A 306 17.18 34.80 -13.00
C LEU A 306 16.57 33.45 -12.66
N ASP A 307 17.38 32.49 -12.23
CA ASP A 307 16.90 31.20 -11.74
C ASP A 307 16.81 31.15 -10.22
N GLY A 308 17.20 32.22 -9.54
CA GLY A 308 17.15 32.28 -8.09
C GLY A 308 18.47 32.08 -7.39
N LEU A 309 19.53 31.75 -8.11
CA LEU A 309 20.81 31.45 -7.46
C LEU A 309 21.96 31.95 -8.33
N ALA A 310 22.82 32.79 -7.75
CA ALA A 310 24.02 33.26 -8.44
C ALA A 310 25.10 32.19 -8.29
N ASP A 311 25.38 31.48 -9.39
CA ASP A 311 26.30 30.36 -9.32
C ASP A 311 27.10 30.15 -10.60
N GLY A 312 27.14 31.15 -11.49
CA GLY A 312 27.83 30.99 -12.76
C GLY A 312 27.08 30.19 -13.81
N ILE A 313 25.80 29.89 -13.57
CA ILE A 313 25.01 29.05 -14.48
C ILE A 313 23.70 29.75 -14.77
N VAL A 314 23.34 29.85 -16.05
CA VAL A 314 22.08 30.47 -16.46
C VAL A 314 21.09 29.32 -16.66
N ASP A 315 20.42 28.92 -15.57
CA ASP A 315 19.41 27.87 -15.67
C ASP A 315 18.15 28.39 -16.35
N ASN A 316 17.83 29.67 -16.19
CA ASN A 316 16.63 30.26 -16.79
C ASN A 316 17.01 30.88 -18.13
N TYR A 317 17.15 30.02 -19.13
CA TYR A 317 17.63 30.47 -20.44
C TYR A 317 16.59 31.32 -21.16
N ARG A 318 15.31 30.99 -21.00
CA ARG A 318 14.26 31.78 -21.65
C ARG A 318 14.23 33.20 -21.12
N ALA A 319 14.33 33.36 -19.79
CA ALA A 319 14.35 34.70 -19.22
C ALA A 319 15.60 35.46 -19.66
N CYS A 320 16.71 34.74 -19.81
CA CYS A 320 17.95 35.39 -20.26
C CYS A 320 17.78 35.96 -21.66
N GLN A 321 17.20 35.18 -22.57
CA GLN A 321 17.03 35.66 -23.94
C GLN A 321 16.13 36.88 -24.00
N ALA A 322 15.15 36.97 -23.10
CA ALA A 322 14.28 38.14 -23.06
C ALA A 322 14.94 39.35 -22.42
N ALA A 323 16.02 39.15 -21.66
CA ALA A 323 16.63 40.23 -20.89
C ALA A 323 17.93 40.75 -21.46
N PHE A 324 18.75 39.91 -22.09
CA PHE A 324 20.11 40.29 -22.44
C PHE A 324 20.18 40.92 -23.82
N ASP A 325 20.86 42.05 -23.89
CA ASP A 325 21.24 42.74 -25.11
C ASP A 325 22.63 43.34 -24.85
N PRO A 326 23.67 42.86 -25.54
CA PRO A 326 25.02 43.39 -25.26
C PRO A 326 25.16 44.87 -25.56
N ALA A 327 24.26 45.44 -26.37
CA ALA A 327 24.30 46.88 -26.63
C ALA A 327 23.79 47.69 -25.45
N THR A 328 23.02 47.07 -24.54
CA THR A 328 22.52 47.76 -23.37
C THR A 328 23.06 47.22 -22.05
N ALA A 329 23.49 45.97 -22.01
CA ALA A 329 23.91 45.35 -20.76
C ALA A 329 25.15 46.06 -20.18
N ALA A 330 25.30 45.93 -18.87
CA ALA A 330 26.42 46.53 -18.17
C ALA A 330 27.55 45.52 -17.96
N ASN A 331 28.75 46.06 -17.75
CA ASN A 331 29.87 45.26 -17.27
C ASN A 331 29.77 45.23 -15.75
N PRO A 332 29.39 44.10 -15.15
CA PRO A 332 29.14 44.08 -13.69
C PRO A 332 30.38 44.34 -12.85
N ALA A 333 31.58 44.21 -13.43
CA ALA A 333 32.80 44.47 -12.65
C ALA A 333 32.98 45.95 -12.38
N ASN A 334 32.71 46.80 -13.36
CA ASN A 334 32.88 48.25 -13.22
C ASN A 334 31.57 49.01 -13.15
N GLY A 335 30.44 48.35 -13.37
CA GLY A 335 29.15 49.02 -13.39
C GLY A 335 28.87 49.82 -14.65
N GLN A 336 29.83 49.96 -15.55
CA GLN A 336 29.66 50.71 -16.78
C GLN A 336 29.09 49.82 -17.88
N ALA A 337 28.64 50.45 -18.96
CA ALA A 337 28.07 49.71 -20.07
C ALA A 337 29.11 48.77 -20.68
N LEU A 338 28.64 47.60 -21.13
CA LEU A 338 29.54 46.65 -21.77
C LEU A 338 30.10 47.22 -23.07
N GLN A 339 29.26 47.89 -23.86
CA GLN A 339 29.71 48.49 -25.10
C GLN A 339 30.55 49.73 -24.81
N CYS A 340 31.67 49.86 -25.51
CA CYS A 340 32.57 50.98 -25.29
C CYS A 340 31.87 52.30 -25.57
N VAL A 341 32.14 53.30 -24.73
CA VAL A 341 31.67 54.65 -25.00
C VAL A 341 32.59 55.35 -25.99
N GLY A 342 33.89 55.15 -25.85
CA GLY A 342 34.85 55.71 -26.78
C GLY A 342 35.82 54.69 -27.34
N ALA A 343 37.10 54.81 -26.98
CA ALA A 343 38.12 53.92 -27.48
C ALA A 343 38.05 52.56 -26.78
N LYS A 344 38.56 51.54 -27.45
CA LYS A 344 38.52 50.19 -26.90
C LYS A 344 39.44 50.09 -25.69
N THR A 345 38.92 49.52 -24.61
CA THR A 345 39.71 49.15 -23.45
C THR A 345 39.49 47.66 -23.17
N ALA A 346 40.26 47.13 -22.22
CA ALA A 346 40.09 45.74 -21.85
C ALA A 346 38.80 45.48 -21.09
N ASP A 347 38.04 46.54 -20.77
CA ASP A 347 36.83 46.41 -19.98
C ASP A 347 35.56 46.71 -20.77
N CYS A 348 35.66 46.82 -22.09
CA CYS A 348 34.47 47.08 -22.90
C CYS A 348 34.66 46.45 -24.27
N LEU A 349 33.54 46.27 -24.97
CA LEU A 349 33.51 45.80 -26.34
C LEU A 349 33.18 46.97 -27.27
N SER A 350 33.90 47.07 -28.38
CA SER A 350 33.65 48.13 -29.33
C SER A 350 32.24 48.00 -29.90
N PRO A 351 31.63 49.11 -30.31
CA PRO A 351 30.31 49.01 -30.95
C PRO A 351 30.28 48.11 -32.17
N VAL A 352 31.40 48.03 -32.91
CA VAL A 352 31.46 47.13 -34.05
C VAL A 352 31.39 45.68 -33.60
N GLN A 353 32.09 45.34 -32.51
CA GLN A 353 32.03 43.98 -31.97
C GLN A 353 30.60 43.64 -31.54
N VAL A 354 29.93 44.55 -30.85
CA VAL A 354 28.58 44.29 -30.37
C VAL A 354 27.62 44.09 -31.55
N THR A 355 27.73 44.96 -32.57
CA THR A 355 26.93 44.79 -33.78
C THR A 355 27.20 43.44 -34.43
N ALA A 356 28.47 43.03 -34.49
CA ALA A 356 28.83 41.81 -35.19
C ALA A 356 28.26 40.57 -34.49
N ILE A 357 28.45 40.47 -33.17
CA ILE A 357 28.00 39.28 -32.48
C ILE A 357 26.47 39.26 -32.37
N LYS A 358 25.84 40.43 -32.29
CA LYS A 358 24.38 40.47 -32.29
C LYS A 358 23.82 39.96 -33.62
N ARG A 359 24.43 40.36 -34.74
CA ARG A 359 23.97 39.89 -36.04
C ARG A 359 24.21 38.39 -36.20
N ALA A 360 25.38 37.90 -35.75
CA ALA A 360 25.69 36.48 -35.85
C ALA A 360 24.70 35.64 -35.07
N MET A 361 24.43 36.03 -33.82
CA MET A 361 23.51 35.28 -32.98
C MET A 361 22.09 35.33 -33.50
N ALA A 362 21.73 36.39 -34.23
CA ALA A 362 20.38 36.56 -34.72
C ALA A 362 20.01 35.49 -35.75
N GLY A 363 20.99 35.01 -36.51
CA GLY A 363 20.73 33.96 -37.47
C GLY A 363 20.55 34.47 -38.89
N PRO A 364 20.74 33.60 -39.87
CA PRO A 364 20.71 34.03 -41.27
C PRO A 364 19.29 34.25 -41.80
N VAL A 365 19.17 35.26 -42.66
CA VAL A 365 17.93 35.56 -43.37
C VAL A 365 18.28 35.86 -44.82
N ASN A 366 17.33 35.61 -45.71
CA ASN A 366 17.52 35.95 -47.12
C ASN A 366 17.06 37.39 -47.35
N SER A 367 16.98 37.80 -48.62
CA SER A 367 16.63 39.19 -48.92
C SER A 367 15.23 39.54 -48.43
N ALA A 368 14.30 38.58 -48.52
CA ALA A 368 12.96 38.81 -48.00
C ALA A 368 12.91 38.89 -46.48
N GLY A 369 14.02 38.59 -45.79
CA GLY A 369 14.02 38.53 -44.36
C GLY A 369 13.54 37.21 -43.78
N THR A 370 13.41 36.18 -44.59
CA THR A 370 12.94 34.89 -44.12
C THR A 370 14.06 34.16 -43.38
N PRO A 371 13.83 33.69 -42.16
CA PRO A 371 14.87 32.96 -41.43
C PRO A 371 15.25 31.68 -42.16
N LEU A 372 16.56 31.44 -42.30
CA LEU A 372 17.08 30.29 -43.01
C LEU A 372 17.54 29.17 -42.07
N TYR A 373 17.76 29.48 -40.79
CA TYR A 373 18.11 28.45 -39.81
C TYR A 373 17.37 28.74 -38.51
N ASN A 374 18.04 29.42 -37.58
CA ASN A 374 17.45 29.80 -36.30
C ASN A 374 18.41 30.78 -35.65
N ARG A 375 17.97 31.35 -34.54
CA ARG A 375 18.85 32.19 -33.73
C ARG A 375 19.53 31.35 -32.66
N TRP A 376 20.49 31.96 -31.97
CA TRP A 376 21.28 31.28 -30.96
C TRP A 376 21.09 31.96 -29.61
N ALA A 377 21.22 31.19 -28.54
CA ALA A 377 20.98 31.67 -27.19
C ALA A 377 22.25 32.28 -26.61
N TRP A 378 22.14 33.47 -26.03
CA TRP A 378 23.19 34.00 -25.18
C TRP A 378 23.37 33.09 -23.97
N ASP A 379 24.63 32.82 -23.61
CA ASP A 379 24.90 31.91 -22.52
C ASP A 379 26.34 32.10 -22.04
N ALA A 380 26.57 31.77 -20.77
CA ALA A 380 27.88 31.95 -20.15
C ALA A 380 28.94 31.01 -20.72
N GLY A 381 28.54 29.90 -21.32
CA GLY A 381 29.51 29.00 -21.91
C GLY A 381 30.12 29.47 -23.21
N MET A 382 29.74 30.66 -23.69
CA MET A 382 30.48 31.27 -24.78
C MET A 382 31.93 31.51 -24.39
N SER A 383 32.22 31.55 -23.10
CA SER A 383 33.58 31.65 -22.58
C SER A 383 33.70 30.80 -21.33
N GLY A 384 34.49 31.26 -20.37
CA GLY A 384 34.75 30.50 -19.16
C GLY A 384 36.24 30.48 -18.89
N LEU A 385 36.60 30.42 -17.61
CA LEU A 385 37.99 30.46 -17.19
C LEU A 385 38.21 29.38 -16.14
N SER A 386 39.07 28.41 -16.45
CA SER A 386 39.43 27.34 -15.53
C SER A 386 40.91 27.44 -15.25
N GLY A 387 41.27 27.95 -14.06
CA GLY A 387 42.63 28.30 -13.78
C GLY A 387 43.06 29.52 -14.57
N THR A 388 43.99 29.34 -15.51
CA THR A 388 44.40 30.39 -16.43
C THR A 388 44.03 30.06 -17.87
N THR A 389 43.17 29.07 -18.08
CA THR A 389 42.83 28.57 -19.41
C THR A 389 41.43 29.05 -19.79
N TYR A 390 41.37 29.89 -20.82
CA TYR A 390 40.09 30.33 -21.35
C TYR A 390 39.43 29.22 -22.17
N ASN A 391 38.10 29.16 -22.09
CA ASN A 391 37.34 28.15 -22.82
C ASN A 391 37.39 28.44 -24.31
N GLN A 392 37.90 27.48 -25.09
CA GLN A 392 37.88 27.57 -26.54
C GLN A 392 36.67 26.88 -27.17
N GLY A 393 35.85 26.20 -26.37
CA GLY A 393 34.84 25.30 -26.89
C GLY A 393 33.69 25.95 -27.63
N TRP A 394 33.50 27.26 -27.45
CA TRP A 394 32.50 27.98 -28.23
C TRP A 394 33.10 28.70 -29.43
N ARG A 395 34.19 29.44 -29.22
CA ARG A 395 34.74 30.28 -30.28
C ARG A 395 35.37 29.49 -31.41
N SER A 396 35.71 28.22 -31.19
CA SER A 396 36.35 27.43 -32.24
C SER A 396 35.44 27.28 -33.46
N TRP A 397 34.13 27.42 -33.30
CA TRP A 397 33.19 27.16 -34.39
C TRP A 397 33.03 28.35 -35.34
N TRP A 398 32.74 29.54 -34.82
CA TRP A 398 32.54 30.70 -35.69
C TRP A 398 33.77 31.58 -35.82
N LEU A 399 34.65 31.58 -34.82
CA LEU A 399 35.78 32.51 -34.78
C LEU A 399 37.11 31.83 -35.05
N GLY A 400 37.40 30.73 -34.37
CA GLY A 400 38.72 30.12 -34.44
C GLY A 400 39.66 30.68 -33.40
N SER A 401 40.86 30.10 -33.37
CA SER A 401 41.85 30.47 -32.36
C SER A 401 42.38 31.88 -32.62
N PHE A 402 42.43 32.69 -31.56
CA PHE A 402 42.89 34.06 -31.71
C PHE A 402 44.38 34.14 -32.06
N ASN A 403 45.19 33.22 -31.54
CA ASN A 403 46.64 33.28 -31.71
C ASN A 403 47.07 32.59 -33.01
N SER A 404 46.54 33.11 -34.12
CA SER A 404 46.90 32.58 -35.43
C SER A 404 46.82 33.70 -36.46
N SER A 405 47.76 33.70 -37.39
CA SER A 405 47.72 34.60 -38.53
C SER A 405 46.86 34.07 -39.67
N ALA A 406 46.10 33.00 -39.43
CA ALA A 406 45.23 32.41 -40.43
C ALA A 406 43.86 32.14 -39.82
N ASN A 407 42.85 32.06 -40.70
CA ASN A 407 41.52 31.65 -40.29
C ASN A 407 41.49 30.15 -40.07
N ASN A 408 40.91 29.73 -38.93
CA ASN A 408 40.80 28.29 -38.69
C ASN A 408 39.47 27.92 -38.03
N ALA A 409 38.50 28.82 -38.03
CA ALA A 409 37.17 28.48 -37.53
C ALA A 409 36.54 27.40 -38.39
N GLN A 410 35.75 26.53 -37.75
CA GLN A 410 35.06 25.48 -38.49
C GLN A 410 34.18 26.07 -39.59
N ARG A 411 33.50 27.18 -39.29
CA ARG A 411 32.52 27.76 -40.20
C ARG A 411 33.12 28.74 -41.19
N VAL A 412 34.41 29.06 -41.08
CA VAL A 412 35.04 30.00 -41.99
C VAL A 412 35.80 29.24 -43.07
N SER A 413 36.77 28.43 -42.65
CA SER A 413 37.60 27.66 -43.57
C SER A 413 37.71 26.19 -43.18
N GLY A 414 37.08 25.77 -42.09
CA GLY A 414 37.27 24.44 -41.55
C GLY A 414 36.31 23.41 -42.10
N PHE A 415 36.18 22.31 -41.36
CA PHE A 415 35.46 21.15 -41.85
C PHE A 415 34.00 21.46 -42.17
N SER A 416 33.34 22.27 -41.33
CA SER A 416 31.92 22.54 -41.53
C SER A 416 31.68 23.30 -42.83
N ALA A 417 32.49 24.33 -43.09
CA ALA A 417 32.35 25.05 -44.35
C ALA A 417 32.69 24.18 -45.54
N ARG A 418 33.75 23.37 -45.43
CA ARG A 418 34.10 22.44 -46.50
C ARG A 418 32.99 21.44 -46.75
N SER A 419 32.39 20.92 -45.68
CA SER A 419 31.36 19.90 -45.83
C SER A 419 30.13 20.45 -46.55
N TRP A 420 29.75 21.69 -46.26
CA TRP A 420 28.58 22.25 -46.94
C TRP A 420 28.82 22.31 -48.44
N LEU A 421 30.00 22.75 -48.86
CA LEU A 421 30.27 22.97 -50.28
C LEU A 421 30.26 21.67 -51.07
N VAL A 422 30.80 20.58 -50.50
CA VAL A 422 31.00 19.35 -51.25
C VAL A 422 29.91 18.33 -50.91
N ASP A 423 29.44 18.32 -49.66
CA ASP A 423 28.47 17.30 -49.25
C ASP A 423 27.03 17.76 -49.35
N PHE A 424 26.75 19.03 -49.10
CA PHE A 424 25.37 19.48 -48.96
C PHE A 424 24.89 20.36 -50.10
N ALA A 425 25.76 21.15 -50.71
CA ALA A 425 25.38 21.86 -51.92
C ALA A 425 25.23 20.87 -53.08
N THR A 426 24.16 21.02 -53.85
CA THR A 426 23.91 20.15 -54.99
C THR A 426 23.67 21.02 -56.23
N PRO A 427 24.47 20.88 -57.29
CA PRO A 427 25.61 19.95 -57.38
C PRO A 427 26.78 20.35 -56.48
N PRO A 428 27.64 19.41 -56.12
CA PRO A 428 28.75 19.72 -55.23
C PRO A 428 29.66 20.79 -55.82
N GLU A 429 30.34 21.52 -54.95
CA GLU A 429 31.19 22.64 -55.35
C GLU A 429 32.60 22.42 -54.82
N PRO A 430 33.33 21.44 -55.38
CA PRO A 430 34.71 21.24 -54.95
C PRO A 430 35.58 22.41 -55.37
N MET A 431 36.62 22.65 -54.58
CA MET A 431 37.51 23.78 -54.82
C MET A 431 38.81 23.58 -54.03
N PRO A 432 39.86 24.35 -54.30
CA PRO A 432 41.04 24.27 -53.45
C PRO A 432 40.73 24.73 -52.03
N MET A 433 41.48 24.17 -51.08
CA MET A 433 41.25 24.47 -49.66
C MET A 433 41.41 25.95 -49.36
N THR A 434 42.28 26.64 -50.10
CA THR A 434 42.54 28.05 -49.84
C THR A 434 41.39 28.96 -50.26
N GLN A 435 40.40 28.45 -51.00
CA GLN A 435 39.31 29.28 -51.49
C GLN A 435 38.07 29.23 -50.62
N VAL A 436 38.08 28.42 -49.55
CA VAL A 436 36.86 28.20 -48.77
C VAL A 436 36.46 29.45 -48.00
N ALA A 437 37.43 30.09 -47.35
CA ALA A 437 37.12 31.28 -46.55
C ALA A 437 36.53 32.38 -47.44
N ALA A 438 37.12 32.59 -48.62
CA ALA A 438 36.58 33.58 -49.53
C ALA A 438 35.19 33.19 -50.03
N ARG A 439 34.96 31.88 -50.23
CA ARG A 439 33.65 31.42 -50.68
C ARG A 439 32.58 31.73 -49.65
N MET A 440 32.90 31.59 -48.35
CA MET A 440 31.95 31.96 -47.32
C MET A 440 31.72 33.46 -47.28
N MET A 441 32.74 34.26 -47.63
CA MET A 441 32.59 35.71 -47.58
C MET A 441 31.66 36.22 -48.69
N LYS A 442 31.63 35.52 -49.84
CA LYS A 442 30.79 35.93 -50.97
C LYS A 442 29.51 35.10 -51.08
N PHE A 443 29.25 34.22 -50.11
CA PHE A 443 28.02 33.46 -50.05
C PHE A 443 26.79 34.35 -50.23
N ASP A 444 25.88 33.92 -51.11
CA ASP A 444 24.69 34.68 -51.46
C ASP A 444 23.47 34.00 -50.85
N PHE A 445 22.81 34.70 -49.92
CA PHE A 445 21.72 34.09 -49.17
C PHE A 445 20.41 34.00 -49.93
N ASP A 446 20.36 34.47 -51.17
CA ASP A 446 19.20 34.24 -52.03
C ASP A 446 19.42 33.13 -53.05
N ILE A 447 20.66 32.72 -53.27
CA ILE A 447 21.00 31.73 -54.29
C ILE A 447 21.56 30.46 -53.66
N ASP A 448 22.54 30.59 -52.78
CA ASP A 448 23.25 29.45 -52.23
C ASP A 448 22.37 28.58 -51.31
N PRO A 449 21.54 29.15 -50.43
CA PRO A 449 20.69 28.28 -49.58
C PRO A 449 19.78 27.35 -50.36
N LEU A 450 19.37 27.72 -51.58
CA LEU A 450 18.52 26.84 -52.37
C LEU A 450 19.21 25.54 -52.74
N LYS A 451 20.54 25.49 -52.68
CA LYS A 451 21.27 24.33 -53.16
C LYS A 451 21.11 23.12 -52.25
N ILE A 452 20.67 23.31 -51.00
CA ILE A 452 20.43 22.17 -50.12
C ILE A 452 19.07 21.53 -50.35
N TRP A 453 18.22 22.17 -51.14
CA TRP A 453 16.91 21.61 -51.50
C TRP A 453 16.88 21.09 -52.94
N ALA A 454 17.98 21.22 -53.67
CA ALA A 454 17.99 20.97 -55.10
C ALA A 454 18.55 19.59 -55.43
N THR A 455 18.13 19.07 -56.58
CA THR A 455 18.71 17.89 -57.19
C THR A 455 19.38 18.27 -58.50
N SER A 456 20.39 17.49 -58.89
CA SER A 456 21.14 17.80 -60.11
C SER A 456 21.75 16.53 -60.66
N GLY A 457 21.43 16.23 -61.93
CA GLY A 457 22.02 15.09 -62.61
C GLY A 457 21.87 13.78 -61.86
N GLN A 458 22.99 13.13 -61.57
CA GLN A 458 22.97 11.88 -60.81
C GLN A 458 22.76 12.08 -59.32
N PHE A 459 22.76 13.33 -58.84
CA PHE A 459 22.43 13.62 -57.45
C PHE A 459 20.91 13.77 -57.37
N THR A 460 20.23 12.63 -57.18
CA THR A 460 18.79 12.52 -57.34
C THR A 460 18.02 12.82 -56.05
N GLN A 461 18.70 13.05 -54.94
CA GLN A 461 18.09 13.50 -53.70
C GLN A 461 18.80 14.75 -53.22
N SER A 462 18.04 15.69 -52.68
CA SER A 462 18.66 16.86 -52.08
C SER A 462 19.32 16.48 -50.75
N SER A 463 20.23 17.35 -50.27
CA SER A 463 20.90 17.04 -49.01
C SER A 463 19.92 17.10 -47.84
N MET A 464 18.87 17.93 -47.93
CA MET A 464 17.83 17.87 -46.91
C MET A 464 17.02 16.58 -47.02
N ASP A 465 16.92 16.01 -48.23
CA ASP A 465 16.25 14.73 -48.40
C ASP A 465 16.99 13.61 -47.67
N TRP A 466 18.28 13.46 -47.91
CA TRP A 466 18.98 12.30 -47.36
C TRP A 466 19.63 12.56 -46.00
N HIS A 467 20.01 13.80 -45.70
CA HIS A 467 20.65 14.10 -44.42
C HIS A 467 19.70 14.69 -43.40
N GLY A 468 18.64 15.37 -43.84
CA GLY A 468 17.74 16.00 -42.90
C GLY A 468 16.94 14.99 -42.10
N ALA A 469 16.61 15.37 -40.86
CA ALA A 469 15.80 14.55 -39.97
C ALA A 469 14.86 15.50 -39.20
N THR A 470 13.93 16.10 -39.94
CA THR A 470 13.06 17.14 -39.40
C THR A 470 11.64 16.67 -39.14
N SER A 471 11.34 15.39 -39.40
CA SER A 471 9.96 14.92 -39.30
C SER A 471 9.53 14.77 -37.84
N THR A 472 8.32 15.24 -37.55
CA THR A 472 7.70 15.07 -36.24
C THR A 472 6.75 13.88 -36.21
N ASP A 473 6.74 13.06 -37.25
CA ASP A 473 5.90 11.86 -37.30
C ASP A 473 6.65 10.72 -36.65
N LEU A 474 6.54 10.61 -35.33
CA LEU A 474 7.17 9.54 -34.56
C LEU A 474 6.15 8.56 -33.98
N ALA A 475 4.95 8.48 -34.57
CA ALA A 475 3.90 7.65 -34.00
C ALA A 475 4.28 6.17 -34.04
N ALA A 476 4.83 5.71 -35.17
CA ALA A 476 5.27 4.31 -35.25
C ALA A 476 6.31 4.01 -34.19
N PHE A 477 7.24 4.94 -33.97
CA PHE A 477 8.27 4.77 -32.94
C PHE A 477 7.64 4.72 -31.55
N ARG A 478 6.77 5.67 -31.24
CA ARG A 478 6.17 5.73 -29.90
C ARG A 478 5.28 4.52 -29.64
N ASP A 479 4.48 4.11 -30.62
CA ASP A 479 3.44 3.12 -30.37
C ASP A 479 3.98 1.69 -30.28
N ARG A 480 5.24 1.46 -30.64
CA ARG A 480 5.88 0.18 -30.39
C ARG A 480 6.72 0.20 -29.13
N GLY A 481 6.60 1.24 -28.30
CA GLY A 481 7.34 1.35 -27.08
C GLY A 481 8.63 2.14 -27.15
N GLY A 482 8.88 2.85 -28.24
CA GLY A 482 10.13 3.57 -28.37
C GLY A 482 10.20 4.78 -27.44
N LYS A 483 11.39 5.00 -26.89
CA LYS A 483 11.64 6.14 -26.02
C LYS A 483 12.88 6.88 -26.51
N MET A 484 12.82 8.21 -26.47
CA MET A 484 13.91 9.05 -26.97
C MET A 484 14.26 10.11 -25.96
N ILE A 485 15.55 10.24 -25.65
CA ILE A 485 16.09 11.28 -24.80
C ILE A 485 16.95 12.18 -25.67
N LEU A 486 16.56 13.45 -25.80
CA LEU A 486 17.39 14.46 -26.44
C LEU A 486 18.12 15.26 -25.38
N TYR A 487 19.33 15.71 -25.71
CA TYR A 487 20.06 16.65 -24.87
C TYR A 487 20.83 17.62 -25.75
N HIS A 488 21.07 18.81 -25.22
CA HIS A 488 21.74 19.86 -25.99
C HIS A 488 22.34 20.89 -25.05
N GLY A 489 23.62 21.21 -25.26
CA GLY A 489 24.27 22.26 -24.48
C GLY A 489 23.84 23.64 -24.96
N MET A 490 23.52 24.51 -24.01
CA MET A 490 23.04 25.84 -24.35
C MET A 490 24.09 26.67 -25.07
N SER A 491 25.38 26.39 -24.83
CA SER A 491 26.47 27.12 -25.45
C SER A 491 27.08 26.36 -26.62
N ASP A 492 26.25 25.59 -27.33
CA ASP A 492 26.66 24.88 -28.53
C ASP A 492 26.69 25.85 -29.70
N ALA A 493 27.86 26.05 -30.29
CA ALA A 493 28.02 26.88 -31.48
C ALA A 493 27.96 26.11 -32.78
N ALA A 494 27.90 24.77 -32.72
CA ALA A 494 27.72 23.97 -33.93
C ALA A 494 26.26 23.95 -34.36
N PHE A 495 25.36 23.56 -33.46
CA PHE A 495 23.93 23.55 -33.69
C PHE A 495 23.24 24.26 -32.54
N SER A 496 22.21 25.04 -32.85
CA SER A 496 21.57 25.89 -31.86
C SER A 496 20.66 25.06 -30.96
N ALA A 497 20.86 25.17 -29.65
CA ALA A 497 19.99 24.48 -28.70
C ALA A 497 18.54 24.94 -28.87
N LEU A 498 18.33 26.22 -29.18
CA LEU A 498 16.98 26.71 -29.41
C LEU A 498 16.34 26.05 -30.61
N ASP A 499 17.14 25.61 -31.59
CA ASP A 499 16.57 24.90 -32.73
C ASP A 499 16.12 23.50 -32.36
N THR A 500 16.86 22.82 -31.46
CA THR A 500 16.36 21.56 -30.92
C THR A 500 15.10 21.77 -30.10
N ALA A 501 15.07 22.82 -29.28
CA ALA A 501 13.88 23.14 -28.51
C ALA A 501 12.70 23.41 -29.44
N ASP A 502 12.94 24.13 -30.54
CA ASP A 502 11.86 24.40 -31.49
C ASP A 502 11.35 23.11 -32.12
N TYR A 503 12.25 22.17 -32.43
CA TYR A 503 11.79 20.86 -32.91
C TYR A 503 10.95 20.17 -31.85
N TYR A 504 11.38 20.22 -30.58
CA TYR A 504 10.65 19.51 -29.54
C TYR A 504 9.27 20.11 -29.33
N GLU A 505 9.14 21.44 -29.47
CA GLU A 505 7.83 22.07 -29.38
C GLU A 505 6.94 21.66 -30.55
N ARG A 506 7.50 21.57 -31.76
CA ARG A 506 6.74 21.08 -32.90
C ARG A 506 6.32 19.62 -32.70
N LEU A 507 7.18 18.83 -32.05
CA LEU A 507 6.84 17.45 -31.77
C LEU A 507 5.66 17.34 -30.81
N GLY A 508 5.71 18.10 -29.71
CA GLY A 508 4.61 18.06 -28.76
C GLY A 508 3.30 18.57 -29.34
N ALA A 509 3.36 19.51 -30.27
CA ALA A 509 2.15 19.99 -30.93
C ALA A 509 1.60 18.94 -31.88
N ALA A 510 2.46 18.23 -32.60
CA ALA A 510 2.02 17.19 -33.52
C ALA A 510 1.58 15.93 -32.79
N MET A 511 2.15 15.66 -31.62
CA MET A 511 1.88 14.41 -30.89
C MET A 511 1.56 14.76 -29.44
N PRO A 512 0.28 14.98 -29.13
CA PRO A 512 -0.11 15.28 -27.74
C PRO A 512 0.40 14.22 -26.79
N GLY A 513 0.92 14.67 -25.64
CA GLY A 513 1.47 13.76 -24.66
C GLY A 513 2.84 13.24 -25.02
N ALA A 514 3.61 13.99 -25.82
CA ALA A 514 4.91 13.53 -26.28
C ALA A 514 5.88 13.28 -25.13
N ALA A 515 5.69 13.94 -23.98
CA ALA A 515 6.56 13.70 -22.84
C ALA A 515 6.52 12.26 -22.37
N GLY A 516 5.52 11.48 -22.79
CA GLY A 516 5.45 10.08 -22.43
C GLY A 516 6.46 9.21 -23.15
N PHE A 517 7.05 9.69 -24.25
CA PHE A 517 8.07 8.91 -24.94
C PHE A 517 9.28 9.72 -25.39
N ALA A 518 9.25 11.05 -25.35
CA ALA A 518 10.37 11.87 -25.78
C ALA A 518 10.52 13.07 -24.86
N ARG A 519 11.73 13.26 -24.34
CA ARG A 519 12.01 14.36 -23.44
C ARG A 519 13.36 14.98 -23.80
N LEU A 520 13.45 16.29 -23.62
CA LEU A 520 14.60 17.08 -24.03
C LEU A 520 15.26 17.68 -22.80
N PHE A 521 16.57 17.50 -22.68
CA PHE A 521 17.34 17.97 -21.54
C PHE A 521 18.37 18.98 -22.03
N LEU A 522 18.08 20.27 -21.85
CA LEU A 522 19.05 21.31 -22.16
C LEU A 522 20.06 21.43 -21.03
N VAL A 523 21.32 21.66 -21.39
CA VAL A 523 22.40 21.75 -20.41
C VAL A 523 23.00 23.15 -20.41
N PRO A 524 22.70 23.97 -19.40
CA PRO A 524 23.28 25.32 -19.36
C PRO A 524 24.81 25.27 -19.33
N GLY A 525 25.42 26.20 -20.07
CA GLY A 525 26.85 26.36 -20.09
C GLY A 525 27.63 25.39 -20.94
N MET A 526 27.02 24.28 -21.37
CA MET A 526 27.74 23.23 -22.07
C MET A 526 27.94 23.59 -23.54
N ASN A 527 29.14 23.29 -24.05
CA ASN A 527 29.44 23.53 -25.46
C ASN A 527 28.94 22.37 -26.32
N HIS A 528 29.62 22.07 -27.42
CA HIS A 528 29.14 21.06 -28.36
C HIS A 528 29.52 19.67 -27.87
N CYS A 529 28.51 18.91 -27.40
CA CYS A 529 28.62 17.52 -26.95
C CYS A 529 29.40 17.37 -25.64
N SER A 530 30.27 18.32 -25.31
CA SER A 530 31.05 18.25 -24.08
C SER A 530 31.68 19.62 -23.83
N GLY A 531 32.19 19.79 -22.62
CA GLY A 531 32.96 20.97 -22.27
C GLY A 531 32.10 22.15 -21.83
N GLY A 532 32.78 23.17 -21.32
CA GLY A 532 32.13 24.40 -20.94
C GLY A 532 31.79 24.46 -19.45
N PRO A 533 31.48 25.66 -18.97
CA PRO A 533 31.05 25.84 -17.56
C PRO A 533 29.63 25.36 -17.32
N GLY A 534 29.49 24.04 -17.21
CA GLY A 534 28.21 23.41 -16.96
C GLY A 534 28.41 21.96 -16.59
N THR A 535 27.31 21.31 -16.23
CA THR A 535 27.37 19.89 -15.85
C THR A 535 27.23 19.07 -17.12
N ASP A 536 28.37 18.84 -17.77
CA ASP A 536 28.44 18.25 -19.10
C ASP A 536 28.66 16.74 -19.11
N ARG A 537 28.67 16.10 -17.94
CA ARG A 537 28.91 14.66 -17.87
C ARG A 537 27.69 13.98 -17.25
N PHE A 538 27.25 12.89 -17.88
CA PHE A 538 26.03 12.21 -17.45
C PHE A 538 25.97 10.83 -18.07
N ASP A 539 25.32 9.91 -17.36
CA ASP A 539 25.10 8.53 -17.81
C ASP A 539 23.71 8.48 -18.41
N MET A 540 23.62 8.53 -19.74
CA MET A 540 22.34 8.52 -20.42
C MET A 540 21.79 7.11 -20.64
N LEU A 541 22.66 6.09 -20.60
CA LEU A 541 22.22 4.73 -20.91
C LEU A 541 21.35 4.17 -19.79
N THR A 542 21.74 4.42 -18.54
CA THR A 542 20.96 3.89 -17.42
C THR A 542 19.51 4.38 -17.41
N PRO A 543 19.21 5.68 -17.52
CA PRO A 543 17.79 6.07 -17.56
C PRO A 543 17.10 5.68 -18.85
N LEU A 544 17.83 5.54 -19.96
CA LEU A 544 17.20 5.09 -21.20
C LEU A 544 16.69 3.67 -21.07
N VAL A 545 17.48 2.78 -20.46
CA VAL A 545 17.04 1.41 -20.24
C VAL A 545 15.83 1.38 -19.32
N ALA A 546 15.85 2.19 -18.26
CA ALA A 546 14.73 2.21 -17.32
C ALA A 546 13.45 2.68 -18.00
N TRP A 547 13.55 3.66 -18.89
CA TRP A 547 12.37 4.14 -19.59
C TRP A 547 11.81 3.08 -20.54
N VAL A 548 12.69 2.48 -21.35
CA VAL A 548 12.23 1.52 -22.35
C VAL A 548 11.68 0.27 -21.69
N GLU A 549 12.41 -0.28 -20.71
CA GLU A 549 12.08 -1.60 -20.19
C GLU A 549 11.16 -1.58 -18.98
N ARG A 550 11.15 -0.50 -18.21
CA ARG A 550 10.30 -0.39 -17.02
C ARG A 550 9.26 0.71 -17.11
N GLY A 551 9.23 1.48 -18.19
CA GLY A 551 8.29 2.58 -18.30
C GLY A 551 8.55 3.72 -17.35
N GLU A 552 9.75 3.83 -16.79
CA GLU A 552 10.08 4.89 -15.84
C GLU A 552 10.66 6.07 -16.60
N ALA A 553 9.86 7.13 -16.77
CA ALA A 553 10.31 8.29 -17.51
C ALA A 553 11.30 9.10 -16.68
N PRO A 554 12.33 9.68 -17.30
CA PRO A 554 13.30 10.47 -16.53
C PRO A 554 12.76 11.83 -16.14
N ASP A 555 12.34 11.96 -14.87
CA ASP A 555 11.91 13.25 -14.35
C ASP A 555 13.09 14.18 -14.10
N GLN A 556 14.29 13.62 -13.95
CA GLN A 556 15.52 14.37 -13.96
C GLN A 556 16.64 13.39 -14.27
N ILE A 557 17.76 13.92 -14.76
CA ILE A 557 18.93 13.12 -15.07
C ILE A 557 20.12 13.74 -14.36
N SER A 558 20.81 12.94 -13.56
CA SER A 558 21.95 13.43 -12.79
C SER A 558 23.10 13.75 -13.72
N ALA A 559 23.78 14.87 -13.44
CA ALA A 559 24.90 15.30 -14.26
C ALA A 559 25.96 15.92 -13.36
N TRP A 560 27.19 15.93 -13.86
CA TRP A 560 28.28 16.59 -13.14
C TRP A 560 29.18 17.30 -14.14
N SER A 561 29.97 18.23 -13.61
CA SER A 561 30.85 19.03 -14.45
C SER A 561 32.17 18.30 -14.69
N GLY A 562 32.57 18.19 -15.96
CA GLY A 562 33.87 17.64 -16.28
C GLY A 562 35.01 18.57 -15.96
N THR A 563 34.75 19.88 -15.94
CA THR A 563 35.76 20.89 -15.62
C THR A 563 35.21 21.80 -14.52
N PRO A 564 35.08 21.28 -13.30
CA PRO A 564 34.51 22.09 -12.21
C PRO A 564 35.36 23.31 -11.85
N GLY A 565 36.61 23.38 -12.33
CA GLY A 565 37.43 24.56 -12.12
C GLY A 565 36.84 25.83 -12.72
N TYR A 566 35.92 25.69 -13.68
CA TYR A 566 35.21 26.86 -14.19
C TYR A 566 34.49 27.60 -13.08
N PHE A 567 34.05 26.89 -12.04
CA PHE A 567 33.40 27.49 -10.88
C PHE A 567 34.32 27.56 -9.67
N GLY A 568 35.58 27.18 -9.81
CA GLY A 568 36.51 27.23 -8.70
C GLY A 568 36.24 26.21 -7.61
N VAL A 569 35.64 25.07 -7.97
CA VAL A 569 35.34 24.02 -7.00
C VAL A 569 35.91 22.71 -7.50
N ALA A 570 36.00 21.74 -6.59
CA ALA A 570 36.49 20.42 -6.94
C ALA A 570 35.45 19.57 -7.67
N ALA A 571 34.16 19.85 -7.48
CA ALA A 571 33.10 19.08 -8.13
C ALA A 571 31.81 19.86 -8.07
N ARG A 572 30.96 19.65 -9.07
CA ARG A 572 29.61 20.20 -9.06
C ARG A 572 28.67 19.22 -9.73
N THR A 573 27.60 18.85 -9.02
CA THR A 573 26.57 17.97 -9.55
C THR A 573 25.24 18.71 -9.56
N ARG A 574 24.47 18.52 -10.62
CA ARG A 574 23.19 19.17 -10.81
C ARG A 574 22.24 18.21 -11.50
N PRO A 575 20.93 18.39 -11.32
CA PRO A 575 19.97 17.64 -12.15
C PRO A 575 19.77 18.32 -13.49
N LEU A 576 19.71 17.50 -14.54
CA LEU A 576 19.17 17.96 -15.82
C LEU A 576 17.66 17.82 -15.79
N CYS A 577 16.96 18.78 -16.39
CA CYS A 577 15.52 18.78 -16.23
C CYS A 577 14.81 18.66 -17.57
N PRO A 578 13.68 17.95 -17.62
CA PRO A 578 12.97 17.78 -18.89
C PRO A 578 12.32 19.08 -19.32
N TYR A 579 12.54 19.45 -20.58
CA TYR A 579 12.01 20.68 -21.13
C TYR A 579 10.49 20.77 -20.89
N PRO A 580 9.97 21.93 -20.46
CA PRO A 580 10.68 23.20 -20.29
C PRO A 580 11.12 23.50 -18.86
N GLN A 581 11.25 22.48 -18.02
CA GLN A 581 11.65 22.71 -16.64
C GLN A 581 13.13 23.07 -16.57
N ILE A 582 13.51 23.70 -15.45
CA ILE A 582 14.89 24.08 -15.16
C ILE A 582 15.19 23.73 -13.71
N ALA A 583 16.47 23.76 -13.38
CA ALA A 583 16.91 23.43 -12.02
C ALA A 583 16.66 24.60 -11.08
N ARG A 584 16.11 24.31 -9.90
CA ARG A 584 15.79 25.33 -8.91
C ARG A 584 16.43 24.95 -7.59
N TYR A 585 17.23 25.85 -7.03
CA TYR A 585 17.85 25.63 -5.73
C TYR A 585 16.79 25.50 -4.65
N LYS A 586 16.95 24.50 -3.78
CA LYS A 586 15.95 24.23 -2.76
C LYS A 586 15.98 25.23 -1.60
N GLY A 587 16.97 26.11 -1.55
CA GLY A 587 17.04 27.11 -0.52
C GLY A 587 18.01 26.82 0.61
N SER A 588 18.65 25.66 0.61
CA SER A 588 19.61 25.33 1.66
C SER A 588 20.59 24.30 1.12
N GLY A 589 21.79 24.31 1.68
CA GLY A 589 22.78 23.30 1.38
C GLY A 589 23.82 23.79 0.38
N ASP A 590 24.81 22.93 0.16
CA ASP A 590 25.84 23.17 -0.84
C ASP A 590 25.23 23.37 -2.21
N ILE A 591 25.59 24.48 -2.87
CA ILE A 591 25.10 24.72 -4.23
C ILE A 591 25.75 23.82 -5.26
N ASN A 592 26.74 23.01 -4.88
CA ASN A 592 27.44 22.10 -5.79
C ASN A 592 26.94 20.67 -5.68
N THR A 593 25.83 20.43 -5.01
CA THR A 593 25.30 19.09 -4.79
C THR A 593 23.89 18.99 -5.38
N GLU A 594 23.70 17.99 -6.25
CA GLU A 594 22.42 17.84 -6.94
C GLU A 594 21.26 17.70 -5.97
N ALA A 595 21.49 17.12 -4.79
CA ALA A 595 20.41 16.89 -3.84
C ALA A 595 19.72 18.17 -3.40
N ASN A 596 20.38 19.32 -3.51
CA ASN A 596 19.79 20.59 -3.10
C ASN A 596 19.09 21.31 -4.24
N PHE A 597 18.78 20.60 -5.32
CA PHE A 597 18.11 21.17 -6.48
C PHE A 597 16.96 20.26 -6.90
N ALA A 598 15.93 20.88 -7.46
CA ALA A 598 14.80 20.14 -8.00
C ALA A 598 14.38 20.78 -9.31
N CYS A 599 13.74 19.99 -10.16
CA CYS A 599 13.28 20.47 -11.45
C CYS A 599 11.92 21.14 -11.30
N ALA A 600 11.77 22.33 -11.90
CA ALA A 600 10.55 23.08 -11.74
C ALA A 600 10.37 24.02 -12.91
N ALA A 601 9.14 24.52 -13.06
CA ALA A 601 8.89 25.56 -14.03
C ALA A 601 9.73 26.80 -13.70
N PRO A 602 10.15 27.56 -14.70
CA PRO A 602 10.95 28.76 -14.42
C PRO A 602 10.17 29.71 -13.54
N PRO A 603 10.88 30.54 -12.74
CA PRO A 603 10.27 31.50 -11.80
C PRO A 603 9.24 32.41 -12.45
N VAL B 43 7.69 -18.25 -5.94
CA VAL B 43 8.03 -16.93 -6.46
C VAL B 43 9.23 -17.04 -7.39
N PRO B 44 9.28 -16.19 -8.42
CA PRO B 44 10.35 -16.30 -9.42
C PRO B 44 11.72 -16.03 -8.81
N LEU B 45 12.72 -16.64 -9.42
CA LEU B 45 14.10 -16.47 -8.95
C LEU B 45 14.60 -15.08 -9.30
N ALA B 46 15.53 -14.58 -8.47
CA ALA B 46 16.25 -13.34 -8.74
C ALA B 46 15.30 -12.16 -8.96
N SER B 47 14.29 -12.07 -8.10
CA SER B 47 13.23 -11.07 -8.24
C SER B 47 13.03 -10.36 -6.91
N ARG B 48 12.21 -9.31 -6.96
CA ARG B 48 11.85 -8.57 -5.75
C ARG B 48 11.19 -9.49 -4.72
N ALA B 49 10.33 -10.40 -5.19
CA ALA B 49 9.67 -11.33 -4.28
C ALA B 49 10.68 -12.30 -3.66
N ALA B 50 11.60 -12.82 -4.48
CA ALA B 50 12.63 -13.71 -3.95
C ALA B 50 13.52 -12.98 -2.94
N CYS B 51 13.81 -11.70 -3.20
CA CYS B 51 14.62 -10.92 -2.29
C CYS B 51 13.93 -10.75 -0.94
N GLU B 52 12.69 -10.24 -0.95
CA GLU B 52 12.01 -9.95 0.29
C GLU B 52 11.67 -11.21 1.09
N ALA B 53 11.56 -12.36 0.42
CA ALA B 53 11.32 -13.61 1.12
C ALA B 53 12.52 -14.06 1.95
N LEU B 54 13.70 -13.47 1.74
CA LEU B 54 14.88 -13.89 2.48
C LEU B 54 14.87 -13.42 3.93
N LYS B 55 14.08 -12.40 4.25
CA LYS B 55 14.10 -11.88 5.62
C LYS B 55 13.44 -12.86 6.59
N ASP B 56 13.87 -12.81 7.84
CA ASP B 56 13.46 -13.77 8.85
C ASP B 56 11.94 -13.86 8.95
N GLY B 57 11.42 -15.08 8.83
CA GLY B 57 10.00 -15.33 8.97
C GLY B 57 9.18 -15.12 7.72
N ASN B 58 9.78 -14.70 6.61
CA ASN B 58 9.05 -14.43 5.39
C ASN B 58 9.07 -15.58 4.40
N GLY B 59 9.89 -16.58 4.62
CA GLY B 59 9.97 -17.71 3.72
C GLY B 59 10.62 -18.90 4.39
N ASP B 60 11.23 -19.76 3.58
CA ASP B 60 11.91 -20.96 4.06
C ASP B 60 13.39 -20.91 3.71
N MET B 61 14.00 -19.74 3.85
CA MET B 61 15.45 -19.63 3.73
C MET B 61 16.11 -20.24 4.96
N VAL B 62 17.04 -21.17 4.75
CA VAL B 62 17.70 -21.88 5.83
C VAL B 62 19.18 -21.49 5.81
N TRP B 63 19.63 -20.93 6.89
CA TRP B 63 21.02 -20.48 6.89
C TRP B 63 21.93 -21.57 7.44
N PRO B 64 23.16 -21.66 6.92
CA PRO B 64 24.10 -22.65 7.45
C PRO B 64 24.36 -22.52 8.94
N ASN B 65 24.39 -21.28 9.45
CA ASN B 65 24.48 -21.04 10.89
C ASN B 65 23.09 -20.67 11.39
N ALA B 66 22.55 -21.49 12.30
CA ALA B 66 21.22 -21.25 12.82
C ALA B 66 21.09 -19.90 13.53
N ALA B 67 22.20 -19.35 14.01
CA ALA B 67 22.19 -18.06 14.68
C ALA B 67 22.31 -16.89 13.71
N THR B 68 21.75 -17.01 12.52
CA THR B 68 21.77 -15.95 11.51
C THR B 68 20.45 -15.18 11.56
N VAL B 69 20.54 -13.86 11.67
CA VAL B 69 19.37 -12.99 11.76
C VAL B 69 19.46 -11.96 10.65
N VAL B 70 18.46 -11.95 9.76
CA VAL B 70 18.40 -10.98 8.67
C VAL B 70 17.64 -9.75 9.15
N GLU B 71 18.28 -8.58 9.07
CA GLU B 71 17.63 -7.33 9.42
C GLU B 71 17.06 -6.59 8.22
N VAL B 72 17.67 -6.75 7.05
CA VAL B 72 17.26 -6.03 5.85
C VAL B 72 17.25 -7.00 4.68
N ALA B 73 16.19 -6.96 3.88
CA ALA B 73 16.12 -7.63 2.58
C ALA B 73 15.28 -6.73 1.68
N ALA B 74 15.96 -5.87 0.92
CA ALA B 74 15.30 -4.81 0.17
C ALA B 74 15.76 -4.79 -1.28
N TRP B 75 14.83 -4.49 -2.17
CA TRP B 75 15.12 -4.37 -3.60
C TRP B 75 15.61 -2.96 -3.91
N ARG B 76 16.67 -2.87 -4.70
CA ARG B 76 17.31 -1.59 -5.02
C ARG B 76 17.29 -1.38 -6.52
N ASP B 77 16.74 -0.23 -6.94
CA ASP B 77 16.73 0.10 -8.36
C ASP B 77 18.15 0.35 -8.86
N ALA B 78 18.35 0.11 -10.15
CA ALA B 78 19.63 0.43 -10.78
C ALA B 78 19.97 1.90 -10.58
N ALA B 79 21.25 2.17 -10.32
CA ALA B 79 21.76 3.51 -10.09
C ALA B 79 22.77 3.85 -11.17
N PRO B 80 22.71 5.05 -11.76
CA PRO B 80 23.64 5.38 -12.84
C PRO B 80 25.04 5.66 -12.33
N ALA B 81 25.98 5.69 -13.27
CA ALA B 81 27.36 5.99 -12.94
C ALA B 81 27.48 7.41 -12.40
N THR B 82 28.48 7.62 -11.55
CA THR B 82 28.84 8.93 -11.03
C THR B 82 30.31 9.20 -11.35
N ALA B 83 30.78 10.39 -10.98
CA ALA B 83 32.18 10.76 -11.24
C ALA B 83 33.15 9.85 -10.50
N SER B 84 32.71 9.20 -9.42
CA SER B 84 33.60 8.39 -8.60
C SER B 84 33.23 6.92 -8.53
N ALA B 85 32.13 6.50 -9.17
CA ALA B 85 31.69 5.12 -9.02
C ALA B 85 30.93 4.68 -10.27
N ALA B 86 31.19 3.45 -10.71
CA ALA B 86 30.45 2.90 -11.83
C ALA B 86 29.00 2.61 -11.42
N ALA B 87 28.15 2.49 -12.44
CA ALA B 87 26.72 2.28 -12.22
C ALA B 87 26.46 0.98 -11.47
N LEU B 88 25.48 1.02 -10.56
CA LEU B 88 25.14 -0.14 -9.74
C LEU B 88 23.85 -0.75 -10.26
N PRO B 89 23.88 -1.96 -10.80
CA PRO B 89 22.66 -2.56 -11.36
C PRO B 89 21.61 -2.83 -10.30
N GLU B 90 20.38 -3.02 -10.77
CA GLU B 90 19.27 -3.41 -9.92
C GLU B 90 19.61 -4.69 -9.18
N HIS B 91 19.36 -4.72 -7.87
CA HIS B 91 19.86 -5.83 -7.07
C HIS B 91 19.07 -5.96 -5.77
N CYS B 92 19.28 -7.09 -5.11
CA CYS B 92 18.76 -7.35 -3.78
C CYS B 92 19.83 -7.08 -2.74
N GLU B 93 19.49 -6.29 -1.72
CA GLU B 93 20.40 -6.03 -0.60
C GLU B 93 19.93 -6.81 0.62
N VAL B 94 20.81 -7.66 1.15
CA VAL B 94 20.56 -8.42 2.37
C VAL B 94 21.64 -8.05 3.38
N SER B 95 21.21 -7.73 4.60
CA SER B 95 22.17 -7.46 5.67
C SER B 95 21.66 -8.06 6.97
N GLY B 96 22.58 -8.51 7.80
CA GLY B 96 22.22 -9.13 9.05
C GLY B 96 23.43 -9.36 9.93
N ALA B 97 23.27 -10.28 10.88
CA ALA B 97 24.35 -10.59 11.81
C ALA B 97 24.27 -12.06 12.18
N ILE B 98 25.44 -12.62 12.52
CA ILE B 98 25.58 -14.04 12.83
C ILE B 98 26.17 -14.16 14.23
N ALA B 99 25.59 -15.05 15.03
CA ALA B 99 26.13 -15.44 16.34
C ALA B 99 26.18 -14.25 17.30
N LYS B 100 25.04 -13.58 17.47
CA LYS B 100 24.92 -12.59 18.54
C LYS B 100 25.23 -13.22 19.88
N ARG B 101 26.07 -12.57 20.67
CA ARG B 101 26.50 -13.14 21.94
C ARG B 101 27.02 -12.01 22.84
N THR B 102 27.36 -12.38 24.07
CA THR B 102 28.01 -11.46 25.01
C THR B 102 29.41 -11.98 25.29
N GLY B 103 30.41 -11.10 25.12
CA GLY B 103 31.78 -11.49 25.37
C GLY B 103 32.09 -11.57 26.85
N ILE B 104 33.27 -12.12 27.16
CA ILE B 104 33.71 -12.21 28.55
C ILE B 104 34.03 -10.85 29.14
N ASP B 105 34.14 -9.81 28.31
CA ASP B 105 34.30 -8.43 28.76
C ASP B 105 32.97 -7.74 29.01
N GLY B 106 31.85 -8.45 28.85
CA GLY B 106 30.54 -7.86 29.04
C GLY B 106 29.97 -7.15 27.84
N TYR B 107 30.72 -7.06 26.73
CA TYR B 107 30.27 -6.33 25.55
C TYR B 107 29.54 -7.25 24.58
N PRO B 108 28.58 -6.73 23.82
CA PRO B 108 27.93 -7.54 22.78
C PRO B 108 28.83 -7.71 21.57
N TYR B 109 28.72 -8.88 20.96
CA TYR B 109 29.50 -9.22 19.77
C TYR B 109 28.63 -9.96 18.79
N GLU B 110 28.84 -9.71 17.50
CA GLU B 110 28.15 -10.40 16.43
C GLU B 110 28.95 -10.20 15.16
N ILE B 111 28.74 -11.09 14.19
CA ILE B 111 29.39 -11.01 12.90
C ILE B 111 28.39 -10.41 11.93
N LYS B 112 28.57 -9.12 11.61
CA LYS B 112 27.70 -8.46 10.65
C LYS B 112 28.10 -8.80 9.22
N PHE B 113 27.12 -8.82 8.34
CA PHE B 113 27.39 -8.97 6.92
C PHE B 113 26.40 -8.13 6.12
N ARG B 114 26.83 -7.73 4.93
CA ARG B 114 25.95 -7.09 3.95
C ARG B 114 26.23 -7.73 2.60
N LEU B 115 25.17 -8.09 1.88
CA LEU B 115 25.26 -8.82 0.64
C LEU B 115 24.40 -8.12 -0.42
N ARG B 116 24.91 -8.06 -1.64
CA ARG B 116 24.16 -7.49 -2.76
C ARG B 116 24.16 -8.48 -3.91
N MET B 117 22.97 -8.80 -4.42
CA MET B 117 22.81 -9.78 -5.48
C MET B 117 22.08 -9.17 -6.66
N PRO B 118 22.75 -8.93 -7.79
CA PRO B 118 22.10 -8.27 -8.93
C PRO B 118 21.07 -9.16 -9.60
N ALA B 119 20.02 -8.52 -10.14
CA ALA B 119 19.01 -9.28 -10.86
C ALA B 119 19.59 -9.91 -12.13
N GLU B 120 20.49 -9.20 -12.80
CA GLU B 120 21.24 -9.75 -13.93
C GLU B 120 22.63 -10.11 -13.42
N TRP B 121 22.88 -11.41 -13.29
CA TRP B 121 24.01 -11.95 -12.55
C TRP B 121 24.93 -12.72 -13.48
N ASN B 122 26.23 -12.50 -13.35
CA ASN B 122 27.22 -13.18 -14.17
C ASN B 122 27.63 -14.54 -13.61
N GLY B 123 26.97 -15.01 -12.55
CA GLY B 123 27.26 -16.31 -11.98
C GLY B 123 28.45 -16.37 -11.05
N ARG B 124 29.00 -15.22 -10.65
CA ARG B 124 30.20 -15.19 -9.83
C ARG B 124 29.91 -14.56 -8.48
N PHE B 125 30.58 -15.07 -7.45
CA PHE B 125 30.48 -14.60 -6.08
C PHE B 125 31.74 -13.81 -5.74
N PHE B 126 31.58 -12.71 -5.00
CA PHE B 126 32.69 -11.83 -4.70
C PHE B 126 32.63 -11.41 -3.24
N MET B 127 33.77 -11.50 -2.54
CA MET B 127 33.91 -10.96 -1.20
C MET B 127 35.06 -9.97 -1.16
N GLU B 128 34.84 -8.83 -0.52
CA GLU B 128 35.89 -7.85 -0.31
C GLU B 128 36.50 -8.03 1.07
N GLY B 129 37.79 -7.70 1.18
CA GLY B 129 38.49 -7.80 2.44
C GLY B 129 38.28 -6.57 3.31
N GLY B 130 38.90 -6.62 4.48
CA GLY B 130 38.78 -5.56 5.45
C GLY B 130 39.96 -4.62 5.45
N SER B 131 40.08 -3.86 6.54
CA SER B 131 41.14 -2.87 6.69
C SER B 131 41.26 -2.52 8.16
N GLY B 132 42.43 -2.00 8.52
CA GLY B 132 42.68 -1.65 9.91
C GLY B 132 42.52 -2.86 10.80
N THR B 133 41.74 -2.70 11.87
CA THR B 133 41.32 -3.82 12.70
C THR B 133 39.86 -4.16 12.48
N ASN B 134 39.35 -3.87 11.28
CA ASN B 134 37.95 -4.12 10.88
C ASN B 134 37.03 -3.40 11.85
N GLY B 135 35.85 -3.96 12.11
CA GLY B 135 34.88 -3.33 12.99
C GLY B 135 33.87 -2.43 12.30
N SER B 136 33.96 -2.24 10.99
CA SER B 136 32.99 -1.44 10.26
C SER B 136 32.44 -2.27 9.11
N LEU B 137 31.19 -1.98 8.74
CA LEU B 137 30.52 -2.66 7.64
C LEU B 137 30.35 -1.68 6.49
N SER B 138 30.98 -1.99 5.35
CA SER B 138 30.99 -1.09 4.21
C SER B 138 29.69 -1.22 3.42
N ALA B 139 29.57 -0.41 2.37
CA ALA B 139 28.44 -0.49 1.46
C ALA B 139 28.33 -1.87 0.81
N ALA B 140 29.44 -2.61 0.74
CA ALA B 140 29.45 -3.99 0.25
C ALA B 140 29.05 -4.08 -1.22
N THR B 141 29.52 -3.12 -2.02
CA THR B 141 29.39 -3.21 -3.47
C THR B 141 30.53 -3.98 -4.10
N GLY B 142 31.51 -4.42 -3.31
CA GLY B 142 32.60 -5.23 -3.81
C GLY B 142 33.77 -4.41 -4.31
N SER B 143 34.48 -3.75 -3.41
CA SER B 143 35.64 -2.96 -3.79
C SER B 143 36.73 -3.87 -4.34
N ILE B 144 37.33 -3.47 -5.45
CA ILE B 144 38.43 -4.22 -6.05
C ILE B 144 39.77 -3.54 -5.82
N GLY B 145 39.80 -2.47 -5.03
CA GLY B 145 41.04 -1.79 -4.72
C GLY B 145 41.70 -1.21 -5.95
N GLY B 146 42.99 -0.89 -5.81
CA GLY B 146 43.73 -0.29 -6.90
C GLY B 146 43.16 1.03 -7.37
N GLY B 147 42.45 1.75 -6.51
CA GLY B 147 41.88 3.04 -6.87
C GLY B 147 40.89 2.98 -8.01
N GLN B 148 40.19 1.86 -8.18
CA GLN B 148 39.36 1.63 -9.35
C GLN B 148 37.98 2.28 -9.20
N ILE B 149 37.44 2.70 -10.34
CA ILE B 149 36.10 3.29 -10.40
C ILE B 149 35.03 2.21 -10.25
N ALA B 150 35.24 1.06 -10.88
CA ALA B 150 34.23 0.01 -10.93
C ALA B 150 34.28 -0.85 -9.68
N SER B 151 33.10 -1.19 -9.17
CA SER B 151 32.95 -2.18 -8.12
C SER B 151 32.61 -3.53 -8.74
N ALA B 152 32.76 -4.59 -7.95
CA ALA B 152 32.37 -5.90 -8.44
C ALA B 152 30.87 -5.97 -8.72
N LEU B 153 30.06 -5.27 -7.93
CA LEU B 153 28.62 -5.25 -8.21
C LEU B 153 28.33 -4.56 -9.54
N SER B 154 29.09 -3.51 -9.87
CA SER B 154 28.93 -2.87 -11.16
C SER B 154 29.27 -3.81 -12.31
N ARG B 155 30.06 -4.84 -12.05
CA ARG B 155 30.38 -5.86 -13.04
C ARG B 155 29.48 -7.09 -12.91
N ASN B 156 28.36 -6.96 -12.19
CA ASN B 156 27.31 -7.96 -12.07
C ASN B 156 27.72 -9.17 -11.23
N PHE B 157 28.74 -9.01 -10.38
CA PHE B 157 29.01 -10.00 -9.35
C PHE B 157 27.99 -9.87 -8.23
N ALA B 158 27.78 -10.96 -7.51
CA ALA B 158 27.19 -10.89 -6.18
C ALA B 158 28.29 -10.59 -5.18
N THR B 159 28.06 -9.62 -4.30
CA THR B 159 29.12 -9.06 -3.46
C THR B 159 28.71 -9.10 -2.00
N ILE B 160 29.70 -9.30 -1.12
CA ILE B 160 29.47 -9.43 0.31
C ILE B 160 30.63 -8.81 1.08
N ALA B 161 30.32 -8.33 2.28
CA ALA B 161 31.31 -7.76 3.18
C ALA B 161 30.92 -8.06 4.62
N THR B 162 31.89 -7.96 5.52
CA THR B 162 31.68 -8.21 6.93
C THR B 162 32.44 -7.18 7.74
N ASP B 163 32.11 -7.08 9.02
CA ASP B 163 32.87 -6.24 9.94
C ASP B 163 33.87 -7.05 10.77
N GLY B 164 33.92 -8.36 10.58
CA GLY B 164 34.91 -9.19 11.22
C GLY B 164 34.55 -9.72 12.60
N GLY B 165 33.34 -9.43 13.08
CA GLY B 165 32.91 -9.95 14.36
C GLY B 165 32.87 -8.96 15.50
N HIS B 166 33.13 -7.67 15.23
CA HIS B 166 32.97 -6.63 16.24
C HIS B 166 32.59 -5.34 15.54
N ASP B 167 32.12 -4.38 16.34
CA ASP B 167 31.52 -3.15 15.84
C ASP B 167 32.24 -1.96 16.46
N ASN B 168 32.83 -1.11 15.61
CA ASN B 168 33.59 0.02 16.13
C ASN B 168 32.71 1.00 16.90
N ALA B 169 31.42 1.05 16.59
CA ALA B 169 30.52 1.96 17.30
C ALA B 169 30.05 1.41 18.64
N VAL B 170 30.20 0.11 18.87
CA VAL B 170 29.73 -0.55 20.08
C VAL B 170 30.88 -1.10 20.91
N ASN B 171 31.83 -1.77 20.25
CA ASN B 171 33.02 -2.31 20.93
C ASN B 171 34.11 -1.24 21.01
N ASP B 172 33.75 -0.13 21.64
CA ASP B 172 34.59 1.04 21.81
C ASP B 172 34.75 1.25 23.32
N ASN B 173 35.77 0.63 23.89
CA ASN B 173 35.96 0.56 25.34
C ASN B 173 37.04 1.55 25.75
N PRO B 174 36.72 2.55 26.58
CA PRO B 174 37.74 3.57 26.92
C PRO B 174 38.88 3.03 27.77
N ASP B 175 38.69 1.92 28.48
CA ASP B 175 39.75 1.35 29.29
C ASP B 175 40.60 0.34 28.52
N ALA B 176 40.26 0.06 27.27
CA ALA B 176 41.00 -0.89 26.44
C ALA B 176 41.30 -0.30 25.08
N LEU B 177 41.59 1.01 25.04
CA LEU B 177 42.17 1.69 23.87
C LEU B 177 41.20 1.75 22.69
N GLY B 178 39.92 1.98 22.95
CA GLY B 178 39.01 2.36 21.88
C GLY B 178 38.56 1.18 21.04
N THR B 179 38.68 1.31 19.72
CA THR B 179 38.12 0.32 18.82
C THR B 179 38.96 -0.94 18.68
N VAL B 180 40.10 -1.04 19.37
CA VAL B 180 40.83 -2.30 19.40
C VAL B 180 40.34 -3.13 20.59
N ALA B 181 39.27 -2.68 21.23
CA ALA B 181 38.82 -3.30 22.47
C ALA B 181 38.34 -4.73 22.30
N PHE B 182 38.03 -5.15 21.07
CA PHE B 182 37.60 -6.52 20.83
C PHE B 182 38.64 -7.53 21.28
N GLY B 183 39.90 -7.11 21.44
CA GLY B 183 40.95 -8.01 21.85
C GLY B 183 40.77 -8.57 23.25
N LEU B 184 39.90 -7.96 24.05
CA LEU B 184 39.64 -8.48 25.39
C LEU B 184 38.81 -9.77 25.37
N ASP B 185 38.14 -10.07 24.25
CA ASP B 185 37.29 -11.25 24.17
C ASP B 185 37.97 -12.32 23.31
N PRO B 186 38.18 -13.52 23.85
CA PRO B 186 38.84 -14.58 23.05
C PRO B 186 38.12 -14.89 21.75
N GLN B 187 36.80 -15.09 21.79
CA GLN B 187 36.09 -15.46 20.56
C GLN B 187 36.13 -14.35 19.53
N ALA B 188 36.10 -13.09 19.99
CA ALA B 188 36.20 -11.97 19.06
C ALA B 188 37.56 -11.97 18.35
N ARG B 189 38.60 -12.45 19.03
CA ARG B 189 39.88 -12.61 18.35
C ARG B 189 39.79 -13.67 17.27
N LEU B 190 39.25 -14.85 17.61
CA LEU B 190 39.10 -15.90 16.61
C LEU B 190 38.22 -15.45 15.46
N ASP B 191 37.15 -14.70 15.76
CA ASP B 191 36.31 -14.15 14.70
C ASP B 191 37.11 -13.20 13.81
N MET B 192 37.93 -12.34 14.42
CA MET B 192 38.78 -11.44 13.65
C MET B 192 39.81 -12.22 12.83
N GLY B 193 40.29 -13.33 13.37
CA GLY B 193 41.37 -14.04 12.72
C GLY B 193 40.93 -14.83 11.51
N TYR B 194 39.85 -15.60 11.65
CA TYR B 194 39.43 -16.45 10.55
C TYR B 194 37.94 -16.75 10.54
N ASN B 195 37.29 -16.78 11.71
CA ASN B 195 35.94 -17.36 11.78
C ASN B 195 34.90 -16.46 11.10
N SER B 196 35.02 -15.15 11.24
CA SER B 196 34.00 -14.26 10.66
C SER B 196 33.91 -14.44 9.14
N TYR B 197 35.06 -14.48 8.47
CA TYR B 197 35.06 -14.61 7.01
C TYR B 197 34.54 -15.96 6.58
N ASP B 198 34.83 -17.01 7.37
CA ASP B 198 34.26 -18.32 7.11
C ASP B 198 32.74 -18.29 7.20
N GLN B 199 32.20 -17.78 8.30
CA GLN B 199 30.75 -17.74 8.48
C GLN B 199 30.07 -16.92 7.39
N VAL B 200 30.66 -15.77 7.05
CA VAL B 200 30.03 -14.87 6.08
C VAL B 200 30.09 -15.46 4.68
N THR B 201 31.21 -16.09 4.32
CA THR B 201 31.30 -16.78 3.04
C THR B 201 30.21 -17.84 2.92
N GLN B 202 30.01 -18.64 3.97
CA GLN B 202 28.97 -19.66 3.95
C GLN B 202 27.59 -19.05 3.83
N ALA B 203 27.34 -17.97 4.57
CA ALA B 203 26.02 -17.34 4.55
C ALA B 203 25.73 -16.71 3.19
N GLY B 204 26.73 -16.07 2.60
CA GLY B 204 26.53 -15.45 1.29
C GLY B 204 26.26 -16.48 0.20
N LYS B 205 27.03 -17.58 0.19
CA LYS B 205 26.80 -18.60 -0.81
C LYS B 205 25.43 -19.27 -0.65
N ALA B 206 24.96 -19.41 0.59
CA ALA B 206 23.63 -20.00 0.79
C ALA B 206 22.53 -19.07 0.29
N ALA B 207 22.67 -17.76 0.53
CA ALA B 207 21.68 -16.82 0.02
C ALA B 207 21.71 -16.76 -1.51
N VAL B 208 22.91 -16.88 -2.10
CA VAL B 208 23.02 -16.88 -3.55
C VAL B 208 22.34 -18.12 -4.13
N ALA B 209 22.54 -19.28 -3.51
CA ALA B 209 21.86 -20.49 -3.97
C ALA B 209 20.34 -20.32 -3.93
N ARG B 210 19.82 -19.74 -2.85
CA ARG B 210 18.37 -19.56 -2.73
C ARG B 210 17.86 -18.53 -3.73
N PHE B 211 18.53 -17.37 -3.80
CA PHE B 211 18.05 -16.26 -4.62
C PHE B 211 18.08 -16.62 -6.11
N TYR B 212 19.16 -17.24 -6.58
CA TYR B 212 19.34 -17.51 -7.99
C TYR B 212 18.95 -18.93 -8.41
N GLY B 213 18.75 -19.84 -7.46
CA GLY B 213 18.45 -21.21 -7.82
C GLY B 213 19.64 -22.02 -8.29
N ARG B 214 20.86 -21.53 -8.08
CA ARG B 214 22.06 -22.28 -8.43
C ARG B 214 23.24 -21.68 -7.67
N ALA B 215 24.24 -22.51 -7.39
CA ALA B 215 25.44 -22.02 -6.75
C ALA B 215 26.28 -21.20 -7.72
N ALA B 216 27.15 -20.37 -7.17
CA ALA B 216 28.04 -19.57 -7.99
C ALA B 216 28.98 -20.45 -8.79
N ASP B 217 29.22 -20.07 -10.05
CA ASP B 217 30.18 -20.81 -10.87
C ASP B 217 31.58 -20.69 -10.30
N LYS B 218 31.97 -19.47 -9.89
CA LYS B 218 33.28 -19.21 -9.35
C LYS B 218 33.16 -18.12 -8.29
N SER B 219 34.05 -18.16 -7.30
CA SER B 219 34.06 -17.19 -6.21
C SER B 219 35.42 -16.50 -6.17
N TYR B 220 35.40 -15.20 -5.88
CA TYR B 220 36.59 -14.38 -5.88
C TYR B 220 36.64 -13.52 -4.62
N PHE B 221 37.86 -13.33 -4.10
CA PHE B 221 38.11 -12.51 -2.93
C PHE B 221 39.22 -11.51 -3.26
N ILE B 222 39.01 -10.25 -2.89
CA ILE B 222 40.02 -9.21 -3.08
C ILE B 222 40.13 -8.41 -1.79
N GLY B 223 41.35 -8.26 -1.29
CA GLY B 223 41.58 -7.44 -0.10
C GLY B 223 42.99 -6.91 -0.08
N CYS B 224 43.16 -5.83 0.68
CA CYS B 224 44.46 -5.19 0.88
C CYS B 224 44.67 -4.94 2.37
N SER B 225 45.94 -4.97 2.78
CA SER B 225 46.33 -4.74 4.17
C SER B 225 45.83 -5.87 5.05
N GLU B 226 44.99 -5.56 6.04
CA GLU B 226 44.29 -6.62 6.77
C GLU B 226 43.47 -7.48 5.81
N GLY B 227 42.91 -6.87 4.75
CA GLY B 227 42.24 -7.66 3.74
C GLY B 227 43.17 -8.56 2.95
N GLY B 228 44.44 -8.15 2.80
CA GLY B 228 45.40 -9.03 2.15
C GLY B 228 45.76 -10.22 3.00
N ARG B 229 45.88 -10.01 4.31
CA ARG B 229 46.05 -11.14 5.23
C ARG B 229 44.86 -12.08 5.15
N GLU B 230 43.64 -11.54 5.08
CA GLU B 230 42.46 -12.37 4.95
C GLU B 230 42.53 -13.24 3.71
N GLY B 231 42.97 -12.67 2.58
CA GLY B 231 43.08 -13.45 1.37
C GLY B 231 44.05 -14.60 1.49
N MET B 232 45.24 -14.33 2.05
CA MET B 232 46.22 -15.39 2.26
C MET B 232 45.71 -16.43 3.25
N MET B 233 45.02 -15.98 4.32
CA MET B 233 44.42 -16.92 5.26
C MET B 233 43.46 -17.86 4.54
N LEU B 234 42.65 -17.32 3.63
CA LEU B 234 41.66 -18.13 2.93
C LEU B 234 42.34 -19.19 2.05
N SER B 235 43.43 -18.82 1.37
CA SER B 235 44.12 -19.78 0.52
C SER B 235 44.72 -20.91 1.35
N GLN B 236 45.08 -20.64 2.61
CA GLN B 236 45.74 -21.61 3.48
C GLN B 236 44.73 -22.40 4.32
N ARG B 237 43.75 -21.73 4.90
CA ARG B 237 42.84 -22.33 5.86
C ARG B 237 41.53 -22.81 5.24
N PHE B 238 41.01 -22.12 4.23
CA PHE B 238 39.75 -22.47 3.58
C PHE B 238 39.94 -22.49 2.07
N PRO B 239 40.72 -23.46 1.55
CA PRO B 239 41.13 -23.38 0.13
C PRO B 239 39.99 -23.43 -0.89
N SER B 240 38.82 -23.95 -0.57
CA SER B 240 37.73 -23.99 -1.54
C SER B 240 36.71 -22.86 -1.37
N HIS B 241 36.93 -21.96 -0.40
CA HIS B 241 36.02 -20.82 -0.29
C HIS B 241 36.06 -19.96 -1.54
N TYR B 242 37.25 -19.72 -2.08
CA TYR B 242 37.42 -18.85 -3.23
C TYR B 242 38.35 -19.48 -4.25
N ASP B 243 37.99 -19.31 -5.53
CA ASP B 243 38.79 -19.78 -6.64
C ASP B 243 39.89 -18.80 -7.01
N GLY B 244 39.60 -17.51 -6.94
CA GLY B 244 40.59 -16.48 -7.21
C GLY B 244 40.74 -15.54 -6.03
N ILE B 245 41.97 -15.25 -5.65
CA ILE B 245 42.26 -14.39 -4.51
C ILE B 245 43.27 -13.34 -4.92
N VAL B 246 42.97 -12.08 -4.64
CA VAL B 246 43.94 -10.99 -4.70
C VAL B 246 44.23 -10.55 -3.27
N ALA B 247 45.51 -10.54 -2.91
CA ALA B 247 45.94 -10.12 -1.58
C ALA B 247 46.99 -9.02 -1.75
N GLY B 248 46.60 -7.78 -1.47
CA GLY B 248 47.50 -6.65 -1.55
C GLY B 248 48.07 -6.29 -0.19
N ALA B 249 49.33 -5.83 -0.20
CA ALA B 249 50.08 -5.45 1.00
C ALA B 249 49.70 -6.32 2.19
N PRO B 250 49.86 -7.64 2.09
CA PRO B 250 49.21 -8.54 3.06
C PRO B 250 49.92 -8.53 4.41
N GLY B 251 49.17 -8.21 5.46
CA GLY B 251 49.69 -8.32 6.81
C GLY B 251 49.66 -9.75 7.31
N TYR B 252 50.34 -10.65 6.61
CA TYR B 252 50.30 -12.07 6.96
C TYR B 252 51.08 -12.39 8.22
N GLN B 253 51.84 -11.45 8.75
CA GLN B 253 52.49 -11.54 10.06
C GLN B 253 52.12 -10.35 10.91
N LEU B 254 50.84 -9.96 10.85
CA LEU B 254 50.37 -8.75 11.54
C LEU B 254 50.75 -8.68 13.02
N PRO B 255 50.76 -9.76 13.81
CA PRO B 255 51.19 -9.63 15.21
C PRO B 255 52.62 -9.15 15.38
N LYS B 256 53.47 -9.26 14.35
CA LYS B 256 54.83 -8.75 14.46
C LYS B 256 54.93 -7.26 14.16
N ALA B 257 53.86 -6.62 13.66
CA ALA B 257 53.93 -5.20 13.33
C ALA B 257 54.26 -4.35 14.55
N GLY B 258 53.69 -4.71 15.71
CA GLY B 258 53.99 -3.96 16.92
C GLY B 258 55.43 -4.13 17.38
N ILE B 259 56.06 -5.26 17.06
CA ILE B 259 57.46 -5.44 17.37
C ILE B 259 58.32 -4.52 16.50
N SER B 260 58.01 -4.46 15.20
CA SER B 260 58.66 -3.48 14.33
C SER B 260 58.41 -2.06 14.84
N GLY B 261 57.19 -1.79 15.31
CA GLY B 261 56.86 -0.45 15.76
C GLY B 261 57.65 -0.03 16.97
N ALA B 262 57.80 -0.92 17.95
CA ALA B 262 58.65 -0.63 19.09
C ALA B 262 60.08 -0.36 18.64
N TRP B 263 60.56 -1.15 17.68
CA TRP B 263 61.93 -1.01 17.21
C TRP B 263 62.14 0.33 16.49
N THR B 264 61.25 0.68 15.56
CA THR B 264 61.40 1.95 14.86
C THR B 264 61.22 3.12 15.81
N THR B 265 60.34 2.98 16.80
CA THR B 265 60.17 4.04 17.79
C THR B 265 61.45 4.25 18.59
N GLN B 266 62.03 3.17 19.10
CA GLN B 266 63.27 3.28 19.87
C GLN B 266 64.45 3.65 18.97
N SER B 267 64.45 3.21 17.71
CA SER B 267 65.53 3.57 16.80
C SER B 267 65.49 5.05 16.43
N LEU B 268 64.31 5.64 16.37
CA LEU B 268 64.18 7.03 15.95
C LEU B 268 64.28 8.03 17.09
N ALA B 269 64.01 7.59 18.32
CA ALA B 269 64.01 8.49 19.47
C ALA B 269 65.30 9.31 19.62
N PRO B 270 66.51 8.78 19.37
CA PRO B 270 67.69 9.65 19.49
C PRO B 270 67.68 10.82 18.54
N ALA B 271 66.97 10.72 17.41
CA ALA B 271 66.88 11.80 16.45
C ALA B 271 65.70 12.75 16.72
N ALA B 272 64.86 12.43 17.70
CA ALA B 272 63.71 13.27 17.99
C ALA B 272 64.14 14.59 18.63
N VAL B 273 63.30 15.61 18.45
CA VAL B 273 63.51 16.92 19.06
C VAL B 273 62.27 17.28 19.86
N GLY B 274 62.44 17.45 21.17
CA GLY B 274 61.33 17.75 22.05
C GLY B 274 60.68 16.50 22.62
N LEU B 275 59.81 16.73 23.60
CA LEU B 275 59.11 15.66 24.29
C LEU B 275 57.61 15.93 24.28
N ASP B 276 56.81 14.86 24.26
CA ASP B 276 55.37 15.04 24.36
C ASP B 276 54.98 15.23 25.82
N ALA B 277 53.68 15.31 26.08
CA ALA B 277 53.18 15.57 27.42
C ALA B 277 53.59 14.51 28.43
N GLN B 278 53.94 13.30 27.97
CA GLN B 278 54.36 12.22 28.84
C GLN B 278 55.87 12.02 28.84
N GLY B 279 56.62 13.02 28.40
CA GLY B 279 58.07 12.93 28.42
C GLY B 279 58.67 12.02 27.37
N VAL B 280 57.87 11.55 26.42
CA VAL B 280 58.35 10.67 25.36
C VAL B 280 58.89 11.54 24.22
N PRO B 281 60.05 11.19 23.63
CA PRO B 281 60.57 11.98 22.51
C PRO B 281 59.57 12.05 21.36
N LEU B 282 59.48 13.24 20.76
CA LEU B 282 58.59 13.48 19.63
C LEU B 282 59.19 12.83 18.40
N ILE B 283 58.80 11.56 18.15
CA ILE B 283 59.32 10.83 17.00
C ILE B 283 58.94 11.53 15.70
N ASN B 284 57.82 12.25 15.68
CA ASN B 284 57.41 12.96 14.47
C ASN B 284 58.37 14.08 14.11
N LYS B 285 59.15 14.58 15.07
CA LYS B 285 60.10 15.65 14.82
C LYS B 285 61.49 15.14 14.41
N SER B 286 61.68 13.83 14.34
CA SER B 286 62.99 13.30 13.94
C SER B 286 63.35 13.69 12.52
N PHE B 287 62.36 13.77 11.63
CA PHE B 287 62.56 14.16 10.24
C PHE B 287 61.47 15.15 9.85
N SER B 288 61.88 16.30 9.33
CA SER B 288 60.92 17.17 8.66
C SER B 288 60.56 16.56 7.31
N ASP B 289 59.51 17.12 6.70
CA ASP B 289 59.12 16.66 5.37
C ASP B 289 60.21 16.95 4.35
N ALA B 290 60.90 18.10 4.50
CA ALA B 290 62.02 18.39 3.61
C ALA B 290 63.17 17.41 3.81
N ASP B 291 63.39 16.99 5.06
CA ASP B 291 64.43 16.00 5.34
C ASP B 291 64.14 14.69 4.61
N LEU B 292 62.90 14.22 4.69
CA LEU B 292 62.55 12.97 4.01
C LEU B 292 62.65 13.11 2.50
N HIS B 293 62.29 14.29 1.96
CA HIS B 293 62.45 14.52 0.53
C HIS B 293 63.92 14.48 0.15
N LEU B 294 64.80 14.99 1.01
CA LEU B 294 66.24 14.86 0.78
C LEU B 294 66.64 13.39 0.72
N LEU B 295 66.17 12.59 1.68
CA LEU B 295 66.48 11.17 1.66
C LEU B 295 66.00 10.51 0.38
N SER B 296 64.75 10.80 -0.01
CA SER B 296 64.21 10.21 -1.24
C SER B 296 65.01 10.63 -2.46
N GLN B 297 65.45 11.89 -2.50
CA GLN B 297 66.24 12.36 -3.64
C GLN B 297 67.59 11.64 -3.71
N ALA B 298 68.21 11.40 -2.56
CA ALA B 298 69.50 10.70 -2.57
C ALA B 298 69.31 9.25 -3.01
N ILE B 299 68.20 8.63 -2.59
CA ILE B 299 67.87 7.28 -3.05
C ILE B 299 67.75 7.26 -4.57
N LEU B 300 67.07 8.25 -5.14
CA LEU B 300 66.97 8.35 -6.60
C LEU B 300 68.35 8.50 -7.22
N GLY B 301 69.17 9.39 -6.66
CA GLY B 301 70.50 9.60 -7.21
C GLY B 301 71.33 8.33 -7.27
N THR B 302 71.17 7.45 -6.29
CA THR B 302 71.89 6.18 -6.27
C THR B 302 71.17 5.09 -7.07
N CYS B 303 69.84 5.03 -7.01
CA CYS B 303 69.10 3.86 -7.44
C CYS B 303 68.25 4.05 -8.70
N ASP B 304 67.86 5.29 -9.02
CA ASP B 304 66.89 5.51 -10.09
C ASP B 304 67.34 4.88 -11.40
N ALA B 305 68.59 5.12 -11.79
CA ALA B 305 69.07 4.67 -13.10
C ALA B 305 69.56 3.22 -13.09
N LEU B 306 69.50 2.53 -11.95
CA LEU B 306 69.95 1.14 -11.91
C LEU B 306 69.07 0.20 -12.73
N ASP B 307 67.89 0.66 -13.15
CA ASP B 307 67.04 -0.09 -14.06
C ASP B 307 67.24 0.34 -15.51
N GLY B 308 68.15 1.27 -15.78
CA GLY B 308 68.44 1.72 -17.12
C GLY B 308 67.79 3.02 -17.53
N LEU B 309 66.98 3.63 -16.67
CA LEU B 309 66.27 4.85 -17.03
C LEU B 309 66.12 5.74 -15.80
N ALA B 310 66.57 6.99 -15.92
CA ALA B 310 66.31 7.97 -14.87
C ALA B 310 64.90 8.53 -15.08
N ASP B 311 63.98 8.19 -14.18
CA ASP B 311 62.60 8.62 -14.34
C ASP B 311 61.87 8.82 -13.01
N GLY B 312 62.56 8.78 -11.88
CA GLY B 312 61.91 8.96 -10.59
C GLY B 312 61.36 7.69 -9.96
N ILE B 313 61.60 6.53 -10.58
CA ILE B 313 61.09 5.26 -10.08
C ILE B 313 62.26 4.29 -9.97
N VAL B 314 62.35 3.60 -8.84
CA VAL B 314 63.40 2.61 -8.61
C VAL B 314 62.80 1.25 -8.97
N ASP B 315 62.89 0.89 -10.25
CA ASP B 315 62.38 -0.41 -10.68
C ASP B 315 63.28 -1.55 -10.20
N ASN B 316 64.59 -1.31 -10.13
CA ASN B 316 65.54 -2.35 -9.71
C ASN B 316 65.76 -2.23 -8.20
N TYR B 317 64.77 -2.72 -7.44
CA TYR B 317 64.82 -2.58 -5.99
C TYR B 317 65.95 -3.38 -5.37
N ARG B 318 66.28 -4.55 -5.94
CA ARG B 318 67.37 -5.35 -5.37
C ARG B 318 68.72 -4.66 -5.55
N ALA B 319 68.97 -4.07 -6.72
CA ALA B 319 70.21 -3.31 -6.90
C ALA B 319 70.27 -2.11 -5.96
N CYS B 320 69.11 -1.51 -5.67
CA CYS B 320 69.08 -0.37 -4.76
C CYS B 320 69.51 -0.77 -3.34
N GLN B 321 68.96 -1.88 -2.84
CA GLN B 321 69.28 -2.29 -1.48
C GLN B 321 70.76 -2.61 -1.33
N ALA B 322 71.39 -3.12 -2.39
CA ALA B 322 72.80 -3.44 -2.34
C ALA B 322 73.69 -2.20 -2.49
N ALA B 323 73.16 -1.11 -3.02
CA ALA B 323 73.97 0.06 -3.36
C ALA B 323 73.77 1.25 -2.43
N PHE B 324 72.60 1.41 -1.83
CA PHE B 324 72.29 2.63 -1.10
C PHE B 324 72.64 2.52 0.38
N ASP B 325 73.43 3.48 0.85
CA ASP B 325 73.72 3.70 2.26
C ASP B 325 73.64 5.20 2.49
N PRO B 326 72.69 5.68 3.28
CA PRO B 326 72.56 7.14 3.47
C PRO B 326 73.77 7.76 4.13
N ALA B 327 74.61 6.98 4.80
CA ALA B 327 75.82 7.51 5.42
C ALA B 327 76.89 7.85 4.39
N THR B 328 76.80 7.28 3.17
CA THR B 328 77.78 7.55 2.13
C THR B 328 77.17 8.11 0.85
N ALA B 329 75.86 8.12 0.71
CA ALA B 329 75.23 8.57 -0.52
C ALA B 329 75.36 10.09 -0.68
N ALA B 330 75.19 10.54 -1.91
CA ALA B 330 75.34 11.95 -2.26
C ALA B 330 73.97 12.61 -2.39
N ASN B 331 73.94 13.91 -2.12
CA ASN B 331 72.82 14.78 -2.47
C ASN B 331 72.96 15.13 -3.95
N PRO B 332 72.07 14.63 -4.81
CA PRO B 332 72.24 14.86 -6.26
C PRO B 332 72.13 16.32 -6.67
N ALA B 333 71.51 17.17 -5.84
CA ALA B 333 71.30 18.56 -6.23
C ALA B 333 72.58 19.39 -6.13
N ASN B 334 73.48 19.04 -5.20
CA ASN B 334 74.72 19.79 -5.04
C ASN B 334 75.97 18.91 -5.12
N GLY B 335 75.82 17.60 -5.27
CA GLY B 335 76.95 16.71 -5.35
C GLY B 335 77.68 16.46 -4.05
N GLN B 336 77.22 17.02 -2.94
CA GLN B 336 77.86 16.79 -1.65
C GLN B 336 77.24 15.57 -0.95
N ALA B 337 77.85 15.17 0.15
CA ALA B 337 77.35 14.04 0.91
C ALA B 337 75.99 14.37 1.51
N LEU B 338 75.10 13.36 1.52
CA LEU B 338 73.80 13.54 2.14
C LEU B 338 73.93 13.79 3.64
N GLN B 339 74.88 13.13 4.28
CA GLN B 339 75.08 13.28 5.72
C GLN B 339 75.91 14.53 6.01
N CYS B 340 75.44 15.34 6.96
CA CYS B 340 76.09 16.61 7.26
C CYS B 340 77.53 16.39 7.72
N VAL B 341 78.44 17.17 7.15
CA VAL B 341 79.82 17.16 7.62
C VAL B 341 79.95 17.96 8.91
N GLY B 342 79.16 19.02 9.06
CA GLY B 342 79.17 19.81 10.27
C GLY B 342 77.78 20.05 10.82
N ALA B 343 77.42 21.32 10.98
CA ALA B 343 76.10 21.64 11.50
C ALA B 343 75.01 21.26 10.51
N LYS B 344 73.80 21.09 11.03
CA LYS B 344 72.67 20.72 10.18
C LYS B 344 72.27 21.90 9.30
N THR B 345 72.07 21.63 8.01
CA THR B 345 71.50 22.58 7.07
C THR B 345 70.30 21.93 6.40
N ALA B 346 69.60 22.72 5.59
CA ALA B 346 68.49 22.15 4.82
C ALA B 346 68.96 21.25 3.69
N ASP B 347 70.26 21.18 3.43
CA ASP B 347 70.80 20.38 2.35
C ASP B 347 71.39 19.06 2.82
N CYS B 348 71.29 18.72 4.10
CA CYS B 348 71.90 17.49 4.59
C CYS B 348 71.09 16.92 5.75
N LEU B 349 71.39 15.67 6.09
CA LEU B 349 70.85 14.99 7.25
C LEU B 349 71.94 14.79 8.29
N SER B 350 71.57 14.97 9.55
CA SER B 350 72.53 14.82 10.63
C SER B 350 72.97 13.36 10.77
N PRO B 351 74.19 13.13 11.26
CA PRO B 351 74.61 11.73 11.50
C PRO B 351 73.67 10.96 12.40
N VAL B 352 73.07 11.62 13.40
CA VAL B 352 72.11 10.95 14.26
C VAL B 352 70.86 10.56 13.47
N GLN B 353 70.41 11.43 12.57
CA GLN B 353 69.28 11.08 11.71
C GLN B 353 69.61 9.87 10.83
N VAL B 354 70.79 9.87 10.23
CA VAL B 354 71.19 8.78 9.35
C VAL B 354 71.30 7.48 10.13
N THR B 355 71.92 7.54 11.32
CA THR B 355 72.00 6.35 12.16
C THR B 355 70.62 5.83 12.53
N ALA B 356 69.69 6.75 12.84
CA ALA B 356 68.37 6.35 13.32
C ALA B 356 67.57 5.63 12.22
N ILE B 357 67.49 6.24 11.04
CA ILE B 357 66.70 5.64 9.97
C ILE B 357 67.35 4.33 9.49
N LYS B 358 68.68 4.28 9.47
CA LYS B 358 69.36 3.03 9.12
C LYS B 358 68.97 1.91 10.08
N ARG B 359 68.98 2.21 11.39
CA ARG B 359 68.60 1.20 12.38
C ARG B 359 67.14 0.81 12.24
N ALA B 360 66.25 1.78 12.06
CA ALA B 360 64.83 1.49 11.93
C ALA B 360 64.56 0.60 10.71
N MET B 361 65.24 0.87 9.60
CA MET B 361 65.03 0.09 8.38
C MET B 361 65.64 -1.29 8.45
N ALA B 362 66.60 -1.51 9.36
CA ALA B 362 67.24 -2.82 9.45
C ALA B 362 66.30 -3.88 10.01
N GLY B 363 65.32 -3.49 10.82
CA GLY B 363 64.38 -4.42 11.41
C GLY B 363 64.80 -4.86 12.79
N PRO B 364 63.83 -5.30 13.60
CA PRO B 364 64.11 -5.65 14.99
C PRO B 364 64.84 -6.98 15.15
N VAL B 365 65.71 -7.02 16.18
CA VAL B 365 66.38 -8.24 16.61
C VAL B 365 66.32 -8.30 18.13
N ASN B 366 66.43 -9.51 18.66
CA ASN B 366 66.54 -9.69 20.11
C ASN B 366 68.01 -9.65 20.51
N SER B 367 68.30 -9.94 21.78
CA SER B 367 69.67 -9.84 22.28
C SER B 367 70.59 -10.83 21.58
N ALA B 368 70.05 -11.96 21.12
CA ALA B 368 70.85 -12.96 20.41
C ALA B 368 71.10 -12.58 18.95
N GLY B 369 70.58 -11.45 18.49
CA GLY B 369 70.74 -11.06 17.09
C GLY B 369 69.79 -11.75 16.14
N THR B 370 68.73 -12.37 16.64
CA THR B 370 67.78 -13.06 15.78
C THR B 370 66.77 -12.07 15.21
N PRO B 371 66.62 -11.97 13.90
CA PRO B 371 65.61 -11.05 13.34
C PRO B 371 64.21 -11.48 13.76
N LEU B 372 63.44 -10.51 14.26
CA LEU B 372 62.10 -10.77 14.75
C LEU B 372 61.01 -10.47 13.72
N TYR B 373 61.36 -9.78 12.64
CA TYR B 373 60.41 -9.54 11.56
C TYR B 373 61.14 -9.60 10.22
N ASN B 374 61.56 -8.45 9.72
CA ASN B 374 62.28 -8.37 8.45
C ASN B 374 62.82 -6.96 8.32
N ARG B 375 63.67 -6.76 7.32
CA ARG B 375 64.18 -5.43 7.00
C ARG B 375 63.24 -4.74 6.00
N TRP B 376 63.50 -3.46 5.75
CA TRP B 376 62.68 -2.63 4.90
C TRP B 376 63.49 -2.08 3.73
N ALA B 377 62.83 -1.87 2.60
CA ALA B 377 63.49 -1.43 1.38
C ALA B 377 63.59 0.09 1.32
N TRP B 378 64.79 0.59 1.05
CA TRP B 378 64.93 1.99 0.65
C TRP B 378 64.21 2.22 -0.66
N ASP B 379 63.42 3.29 -0.73
CA ASP B 379 62.67 3.56 -1.95
C ASP B 379 62.31 5.04 -1.98
N ALA B 380 62.12 5.55 -3.21
CA ALA B 380 61.83 6.97 -3.40
C ALA B 380 60.47 7.37 -2.82
N GLY B 381 59.60 6.40 -2.55
CA GLY B 381 58.28 6.69 -2.00
C GLY B 381 58.24 6.91 -0.51
N MET B 382 59.39 6.88 0.16
CA MET B 382 59.44 7.38 1.52
C MET B 382 59.06 8.85 1.58
N SER B 383 59.22 9.58 0.48
CA SER B 383 58.76 10.96 0.40
C SER B 383 58.07 11.21 -0.93
N GLY B 384 58.30 12.39 -1.52
CA GLY B 384 57.66 12.72 -2.77
C GLY B 384 56.93 14.05 -2.67
N LEU B 385 56.97 14.82 -3.76
CA LEU B 385 56.38 16.14 -3.80
C LEU B 385 55.50 16.22 -5.04
N SER B 386 54.19 16.38 -4.82
CA SER B 386 53.22 16.57 -5.89
C SER B 386 52.57 17.93 -5.71
N GLY B 387 52.78 18.82 -6.66
CA GLY B 387 52.38 20.20 -6.47
C GLY B 387 53.24 20.79 -5.37
N THR B 388 52.59 21.22 -4.29
CA THR B 388 53.27 21.70 -3.09
C THR B 388 53.06 20.76 -1.91
N THR B 389 52.51 19.57 -2.14
CA THR B 389 52.14 18.66 -1.07
C THR B 389 53.18 17.55 -0.95
N TYR B 390 53.82 17.48 0.22
CA TYR B 390 54.77 16.41 0.51
C TYR B 390 54.02 15.13 0.84
N ASN B 391 54.51 14.02 0.33
CA ASN B 391 53.88 12.73 0.57
C ASN B 391 53.89 12.39 2.06
N GLN B 392 52.71 12.15 2.62
CA GLN B 392 52.59 11.69 4.00
C GLN B 392 52.42 10.18 4.12
N GLY B 393 52.30 9.47 2.99
CA GLY B 393 51.92 8.08 2.99
C GLY B 393 52.93 7.12 3.61
N TRP B 394 54.20 7.52 3.70
CA TRP B 394 55.21 6.70 4.36
C TRP B 394 55.41 7.09 5.82
N ARG B 395 55.63 8.38 6.10
CA ARG B 395 56.03 8.83 7.42
C ARG B 395 54.93 8.70 8.45
N SER B 396 53.67 8.56 8.03
CA SER B 396 52.58 8.48 9.00
C SER B 396 52.67 7.22 9.86
N TRP B 397 53.40 6.21 9.41
CA TRP B 397 53.44 4.93 10.14
C TRP B 397 54.45 4.93 11.27
N TRP B 398 55.70 5.30 11.01
CA TRP B 398 56.73 5.28 12.05
C TRP B 398 56.96 6.63 12.70
N LEU B 399 56.68 7.72 12.00
CA LEU B 399 57.00 9.06 12.46
C LEU B 399 55.76 9.84 12.92
N GLY B 400 54.72 9.89 12.10
CA GLY B 400 53.60 10.77 12.37
C GLY B 400 53.81 12.13 11.73
N SER B 401 52.79 12.97 11.88
CA SER B 401 52.81 14.30 11.27
C SER B 401 53.80 15.20 11.99
N PHE B 402 54.65 15.87 11.23
CA PHE B 402 55.65 16.75 11.82
C PHE B 402 55.01 17.89 12.61
N ASN B 403 53.92 18.46 12.09
CA ASN B 403 53.31 19.66 12.67
C ASN B 403 52.39 19.27 13.83
N SER B 404 53.01 18.77 14.90
CA SER B 404 52.26 18.37 16.08
C SER B 404 53.17 18.41 17.30
N SER B 405 52.61 18.80 18.43
CA SER B 405 53.33 18.79 19.70
C SER B 405 53.15 17.48 20.46
N ALA B 406 52.47 16.50 19.85
CA ALA B 406 52.25 15.20 20.45
C ALA B 406 52.68 14.12 19.47
N ASN B 407 52.94 12.92 19.99
CA ASN B 407 53.21 11.78 19.12
C ASN B 407 51.91 11.29 18.50
N ASN B 408 51.97 10.96 17.21
CA ASN B 408 50.78 10.53 16.49
C ASN B 408 51.07 9.46 15.45
N ALA B 409 52.26 8.88 15.43
CA ALA B 409 52.56 7.80 14.51
C ALA B 409 51.72 6.57 14.84
N GLN B 410 51.37 5.82 13.79
CA GLN B 410 50.69 4.54 13.97
C GLN B 410 51.43 3.64 14.94
N ARG B 411 52.76 3.58 14.81
CA ARG B 411 53.60 2.63 15.53
C ARG B 411 54.12 3.17 16.86
N VAL B 412 53.90 4.44 17.17
CA VAL B 412 54.36 5.00 18.42
C VAL B 412 53.23 4.96 19.43
N SER B 413 52.14 5.66 19.13
CA SER B 413 51.00 5.72 20.02
C SER B 413 49.68 5.46 19.30
N GLY B 414 49.70 5.17 18.01
CA GLY B 414 48.51 5.09 17.19
C GLY B 414 47.88 3.72 17.17
N PHE B 415 47.06 3.49 16.14
CA PHE B 415 46.23 2.30 16.07
C PHE B 415 47.05 1.02 16.08
N SER B 416 48.15 0.99 15.32
CA SER B 416 48.95 -0.22 15.24
C SER B 416 49.54 -0.60 16.60
N ALA B 417 50.05 0.40 17.34
CA ALA B 417 50.60 0.13 18.66
C ALA B 417 49.51 -0.29 19.64
N ARG B 418 48.37 0.40 19.61
CA ARG B 418 47.25 0.00 20.48
C ARG B 418 46.77 -1.40 20.14
N SER B 419 46.70 -1.72 18.85
CA SER B 419 46.25 -3.05 18.43
C SER B 419 47.17 -4.15 18.97
N TRP B 420 48.49 -3.94 18.89
CA TRP B 420 49.40 -4.96 19.40
C TRP B 420 49.18 -5.22 20.88
N LEU B 421 48.98 -4.16 21.66
CA LEU B 421 48.86 -4.32 23.11
C LEU B 421 47.57 -5.04 23.51
N VAL B 422 46.48 -4.82 22.78
CA VAL B 422 45.19 -5.33 23.20
C VAL B 422 44.79 -6.56 22.37
N ASP B 423 45.19 -6.59 21.10
CA ASP B 423 44.72 -7.65 20.21
C ASP B 423 45.71 -8.79 20.02
N PHE B 424 47.01 -8.50 20.02
CA PHE B 424 48.00 -9.50 19.64
C PHE B 424 48.87 -9.99 20.78
N ALA B 425 49.06 -9.17 21.83
CA ALA B 425 49.71 -9.65 23.03
C ALA B 425 48.73 -10.49 23.84
N THR B 426 49.21 -11.62 24.36
CA THR B 426 48.37 -12.54 25.14
C THR B 426 49.08 -12.81 26.46
N PRO B 427 48.45 -12.50 27.61
CA PRO B 427 47.13 -11.85 27.72
C PRO B 427 47.18 -10.39 27.26
N PRO B 428 46.03 -9.81 26.94
CA PRO B 428 46.01 -8.42 26.46
C PRO B 428 46.52 -7.47 27.54
N GLU B 429 47.04 -6.32 27.11
CA GLU B 429 47.56 -5.29 28.01
C GLU B 429 46.84 -3.98 27.75
N PRO B 430 45.58 -3.87 28.16
CA PRO B 430 44.87 -2.59 28.03
C PRO B 430 45.44 -1.55 28.98
N MET B 431 45.39 -0.29 28.55
CA MET B 431 45.96 0.81 29.31
C MET B 431 45.40 2.11 28.76
N PRO B 432 45.54 3.22 29.48
CA PRO B 432 45.15 4.51 28.93
C PRO B 432 45.98 4.86 27.70
N MET B 433 45.38 5.67 26.82
CA MET B 433 46.08 6.07 25.59
C MET B 433 47.38 6.80 25.89
N THR B 434 47.44 7.55 27.00
CA THR B 434 48.63 8.31 27.34
C THR B 434 49.80 7.44 27.78
N GLN B 435 49.61 6.13 27.93
CA GLN B 435 50.69 5.24 28.33
C GLN B 435 51.27 4.43 27.18
N VAL B 436 50.68 4.51 25.98
CA VAL B 436 51.07 3.61 24.90
C VAL B 436 52.47 3.94 24.40
N ALA B 437 52.77 5.22 24.20
CA ALA B 437 54.06 5.61 23.65
C ALA B 437 55.20 5.18 24.55
N ALA B 438 55.06 5.43 25.87
CA ALA B 438 56.09 5.00 26.80
C ALA B 438 56.19 3.48 26.85
N ARG B 439 55.07 2.78 26.66
CA ARG B 439 55.11 1.32 26.62
C ARG B 439 55.93 0.83 25.43
N MET B 440 55.84 1.53 24.29
CA MET B 440 56.66 1.18 23.15
C MET B 440 58.13 1.50 23.39
N MET B 441 58.42 2.57 24.14
CA MET B 441 59.80 2.93 24.41
C MET B 441 60.48 1.92 25.33
N LYS B 442 59.74 1.33 26.27
CA LYS B 442 60.28 0.35 27.20
C LYS B 442 60.24 -1.07 26.67
N PHE B 443 59.64 -1.27 25.49
CA PHE B 443 59.46 -2.58 24.88
C PHE B 443 60.76 -3.38 24.88
N ASP B 444 60.69 -4.60 25.42
CA ASP B 444 61.84 -5.49 25.57
C ASP B 444 61.77 -6.58 24.52
N PHE B 445 62.78 -6.64 23.65
CA PHE B 445 62.74 -7.55 22.51
C PHE B 445 63.12 -8.98 22.86
N ASP B 446 63.44 -9.25 24.13
CA ASP B 446 63.60 -10.62 24.61
C ASP B 446 62.37 -11.16 25.29
N ILE B 447 61.49 -10.29 25.79
CA ILE B 447 60.34 -10.69 26.58
C ILE B 447 59.03 -10.43 25.84
N ASP B 448 58.86 -9.23 25.32
CA ASP B 448 57.59 -8.83 24.71
C ASP B 448 57.26 -9.60 23.43
N PRO B 449 58.22 -9.88 22.53
CA PRO B 449 57.86 -10.63 21.32
C PRO B 449 57.34 -12.03 21.60
N LEU B 450 57.62 -12.59 22.77
CA LEU B 450 57.05 -13.90 23.13
C LEU B 450 55.53 -13.85 23.27
N LYS B 451 54.96 -12.67 23.50
CA LYS B 451 53.54 -12.59 23.80
C LYS B 451 52.65 -12.83 22.59
N ILE B 452 53.20 -12.83 21.38
CA ILE B 452 52.41 -13.18 20.19
C ILE B 452 52.41 -14.67 19.91
N TRP B 453 53.24 -15.45 20.61
CA TRP B 453 53.22 -16.91 20.49
C TRP B 453 52.62 -17.59 21.70
N ALA B 454 52.21 -16.83 22.71
CA ALA B 454 51.74 -17.41 23.96
C ALA B 454 50.23 -17.56 23.98
N THR B 455 49.77 -18.49 24.81
CA THR B 455 48.39 -18.61 25.22
C THR B 455 48.27 -18.27 26.70
N SER B 456 47.04 -18.05 27.14
CA SER B 456 46.81 -17.68 28.54
C SER B 456 45.33 -17.87 28.87
N GLY B 457 45.02 -18.93 29.61
CA GLY B 457 43.68 -19.12 30.12
C GLY B 457 42.66 -19.25 29.00
N GLN B 458 41.64 -18.40 29.04
CA GLN B 458 40.57 -18.43 28.04
C GLN B 458 41.05 -18.00 26.66
N PHE B 459 42.24 -17.40 26.56
CA PHE B 459 42.84 -17.10 25.27
C PHE B 459 43.59 -18.36 24.83
N THR B 460 42.87 -19.26 24.18
CA THR B 460 43.36 -20.62 23.91
C THR B 460 44.26 -20.69 22.69
N GLN B 461 44.35 -19.63 21.89
CA GLN B 461 45.22 -19.60 20.73
C GLN B 461 46.06 -18.33 20.77
N SER B 462 47.31 -18.44 20.35
CA SER B 462 48.16 -17.27 20.22
C SER B 462 47.71 -16.43 19.03
N SER B 463 48.10 -15.15 19.04
CA SER B 463 47.71 -14.27 17.94
C SER B 463 48.33 -14.71 16.63
N MET B 464 49.55 -15.25 16.66
CA MET B 464 50.11 -15.82 15.44
C MET B 464 49.30 -17.03 14.97
N ASP B 465 48.68 -17.76 15.91
CA ASP B 465 47.85 -18.90 15.55
C ASP B 465 46.58 -18.47 14.84
N TRP B 466 45.82 -17.52 15.42
CA TRP B 466 44.55 -17.16 14.80
C TRP B 466 44.66 -16.04 13.76
N HIS B 467 45.68 -15.20 13.84
CA HIS B 467 45.82 -14.08 12.91
C HIS B 467 46.90 -14.29 11.86
N GLY B 468 47.98 -15.00 12.19
CA GLY B 468 49.02 -15.24 11.21
C GLY B 468 48.52 -16.08 10.04
N ALA B 469 49.14 -15.88 8.88
CA ALA B 469 48.85 -16.66 7.69
C ALA B 469 50.18 -16.90 6.97
N THR B 470 51.01 -17.74 7.56
CA THR B 470 52.37 -17.96 7.07
C THR B 470 52.54 -19.29 6.36
N SER B 471 51.49 -20.09 6.24
CA SER B 471 51.61 -21.42 5.65
C SER B 471 51.87 -21.34 4.15
N THR B 472 52.81 -22.16 3.69
CA THR B 472 53.07 -22.34 2.26
C THR B 472 52.41 -23.60 1.71
N ASP B 473 51.51 -24.22 2.47
CA ASP B 473 50.80 -25.42 2.02
C ASP B 473 49.53 -24.99 1.29
N LEU B 474 49.71 -24.71 -0.01
CA LEU B 474 48.62 -24.26 -0.87
C LEU B 474 48.23 -25.30 -1.92
N ALA B 475 48.60 -26.57 -1.70
CA ALA B 475 48.37 -27.58 -2.72
C ALA B 475 46.88 -27.78 -2.98
N ALA B 476 46.07 -27.86 -1.92
CA ALA B 476 44.63 -28.02 -2.10
C ALA B 476 44.03 -26.84 -2.87
N PHE B 477 44.49 -25.63 -2.55
CA PHE B 477 44.06 -24.44 -3.28
C PHE B 477 44.44 -24.53 -4.75
N ARG B 478 45.71 -24.82 -5.02
CA ARG B 478 46.18 -24.90 -6.41
C ARG B 478 45.45 -25.99 -7.19
N ASP B 479 45.25 -27.15 -6.57
CA ASP B 479 44.80 -28.30 -7.34
C ASP B 479 43.30 -28.32 -7.60
N ARG B 480 42.54 -27.41 -7.00
CA ARG B 480 41.16 -27.19 -7.41
C ARG B 480 41.03 -26.03 -8.40
N GLY B 481 42.14 -25.57 -8.96
CA GLY B 481 42.14 -24.48 -9.90
C GLY B 481 42.32 -23.10 -9.30
N GLY B 482 42.75 -23.03 -8.04
CA GLY B 482 42.85 -21.73 -7.37
C GLY B 482 44.01 -20.92 -7.90
N LYS B 483 43.79 -19.62 -8.05
CA LYS B 483 44.83 -18.69 -8.48
C LYS B 483 44.91 -17.54 -7.50
N MET B 484 46.13 -17.09 -7.20
CA MET B 484 46.35 -16.01 -6.26
C MET B 484 47.27 -14.97 -6.87
N ILE B 485 46.85 -13.70 -6.80
CA ILE B 485 47.68 -12.58 -7.22
C ILE B 485 48.00 -11.75 -5.98
N LEU B 486 49.29 -11.67 -5.64
CA LEU B 486 49.77 -10.81 -4.57
C LEU B 486 50.34 -9.52 -5.14
N TYR B 487 50.21 -8.43 -4.38
CA TYR B 487 50.85 -7.17 -4.75
C TYR B 487 51.20 -6.39 -3.47
N HIS B 488 52.18 -5.51 -3.61
CA HIS B 488 52.75 -4.81 -2.46
C HIS B 488 53.57 -3.62 -2.96
N GLY B 489 53.31 -2.45 -2.41
CA GLY B 489 54.11 -1.28 -2.75
C GLY B 489 55.44 -1.30 -2.01
N MET B 490 56.49 -0.86 -2.72
CA MET B 490 57.84 -0.94 -2.17
C MET B 490 58.04 0.06 -1.04
N SER B 491 57.31 1.16 -1.04
CA SER B 491 57.41 2.16 0.02
C SER B 491 56.31 1.99 1.08
N ASP B 492 55.89 0.75 1.30
CA ASP B 492 54.92 0.43 2.35
C ASP B 492 55.60 0.45 3.70
N ALA B 493 55.16 1.34 4.59
CA ALA B 493 55.70 1.39 5.95
C ALA B 493 54.85 0.62 6.96
N ALA B 494 53.72 0.06 6.54
CA ALA B 494 52.93 -0.79 7.43
C ALA B 494 53.50 -2.21 7.44
N PHE B 495 53.64 -2.82 6.26
CA PHE B 495 54.23 -4.14 6.12
C PHE B 495 55.32 -4.06 5.06
N SER B 496 56.41 -4.80 5.28
CA SER B 496 57.56 -4.74 4.39
C SER B 496 57.29 -5.54 3.13
N ALA B 497 57.38 -4.88 1.97
CA ALA B 497 57.27 -5.62 0.70
C ALA B 497 58.35 -6.70 0.60
N LEU B 498 59.51 -6.48 1.25
CA LEU B 498 60.53 -7.51 1.27
C LEU B 498 60.08 -8.74 2.06
N ASP B 499 59.18 -8.57 3.04
CA ASP B 499 58.67 -9.72 3.76
C ASP B 499 57.68 -10.51 2.92
N THR B 500 56.89 -9.82 2.09
CA THR B 500 56.01 -10.54 1.17
C THR B 500 56.83 -11.29 0.12
N ALA B 501 57.90 -10.67 -0.37
CA ALA B 501 58.78 -11.36 -1.31
C ALA B 501 59.42 -12.58 -0.66
N ASP B 502 59.77 -12.47 0.62
CA ASP B 502 60.35 -13.61 1.32
C ASP B 502 59.35 -14.75 1.48
N TYR B 503 58.06 -14.43 1.71
CA TYR B 503 57.05 -15.47 1.71
C TYR B 503 56.92 -16.11 0.33
N TYR B 504 56.89 -15.28 -0.72
CA TYR B 504 56.74 -15.82 -2.07
C TYR B 504 57.91 -16.72 -2.43
N GLU B 505 59.12 -16.40 -1.97
CA GLU B 505 60.26 -17.28 -2.19
C GLU B 505 60.07 -18.60 -1.46
N ARG B 506 59.61 -18.56 -0.21
CA ARG B 506 59.37 -19.79 0.52
C ARG B 506 58.27 -20.62 -0.16
N LEU B 507 57.24 -19.96 -0.68
CA LEU B 507 56.19 -20.67 -1.39
C LEU B 507 56.75 -21.38 -2.62
N GLY B 508 57.57 -20.68 -3.41
CA GLY B 508 58.15 -21.29 -4.60
C GLY B 508 59.03 -22.48 -4.26
N ALA B 509 59.74 -22.41 -3.13
CA ALA B 509 60.58 -23.52 -2.71
C ALA B 509 59.73 -24.70 -2.26
N ALA B 510 58.64 -24.43 -1.54
CA ALA B 510 57.80 -25.51 -1.03
C ALA B 510 56.92 -26.13 -2.12
N MET B 511 56.56 -25.34 -3.14
CA MET B 511 55.67 -25.79 -4.21
C MET B 511 56.31 -25.46 -5.54
N PRO B 512 57.19 -26.33 -6.05
CA PRO B 512 57.83 -26.08 -7.34
C PRO B 512 56.80 -25.81 -8.43
N GLY B 513 57.09 -24.80 -9.26
CA GLY B 513 56.15 -24.36 -10.26
C GLY B 513 55.07 -23.44 -9.76
N ALA B 514 55.30 -22.77 -8.61
CA ALA B 514 54.24 -21.99 -7.98
C ALA B 514 53.76 -20.85 -8.85
N ALA B 515 54.61 -20.35 -9.76
CA ALA B 515 54.19 -19.28 -10.67
C ALA B 515 53.03 -19.71 -11.57
N GLY B 516 52.74 -21.00 -11.67
CA GLY B 516 51.57 -21.45 -12.41
C GLY B 516 50.25 -21.13 -11.74
N PHE B 517 50.26 -20.84 -10.44
CA PHE B 517 49.03 -20.49 -9.74
C PHE B 517 49.14 -19.28 -8.82
N ALA B 518 50.34 -18.79 -8.52
CA ALA B 518 50.51 -17.67 -7.61
C ALA B 518 51.65 -16.79 -8.09
N ARG B 519 51.40 -15.49 -8.20
CA ARG B 519 52.41 -14.56 -8.67
C ARG B 519 52.35 -13.27 -7.85
N LEU B 520 53.51 -12.64 -7.67
CA LEU B 520 53.68 -11.46 -6.86
C LEU B 520 54.08 -10.28 -7.73
N PHE B 521 53.42 -9.14 -7.53
CA PHE B 521 53.66 -7.93 -8.31
C PHE B 521 54.04 -6.80 -7.34
N LEU B 522 55.32 -6.49 -7.27
CA LEU B 522 55.78 -5.38 -6.45
C LEU B 522 55.64 -4.07 -7.22
N VAL B 523 55.28 -3.02 -6.50
CA VAL B 523 54.99 -1.71 -7.09
C VAL B 523 55.99 -0.70 -6.54
N PRO B 524 57.02 -0.35 -7.30
CA PRO B 524 57.99 0.64 -6.83
C PRO B 524 57.30 1.98 -6.58
N GLY B 525 57.70 2.63 -5.49
CA GLY B 525 57.21 3.95 -5.14
C GLY B 525 55.89 3.99 -4.41
N MET B 526 55.09 2.94 -4.46
CA MET B 526 53.76 2.95 -3.87
C MET B 526 53.84 2.78 -2.35
N ASN B 527 52.98 3.49 -1.62
CA ASN B 527 52.91 3.35 -0.18
C ASN B 527 51.98 2.20 0.19
N HIS B 528 51.30 2.30 1.33
CA HIS B 528 50.51 1.17 1.84
C HIS B 528 49.19 1.10 1.10
N CYS B 529 49.06 0.08 0.24
CA CYS B 529 47.87 -0.21 -0.57
C CYS B 529 47.66 0.80 -1.70
N SER B 530 48.02 2.06 -1.49
CA SER B 530 47.84 3.07 -2.53
C SER B 530 48.73 4.27 -2.23
N GLY B 531 48.77 5.20 -3.19
CA GLY B 531 49.46 6.46 -3.03
C GLY B 531 50.96 6.36 -3.29
N GLY B 532 51.58 7.53 -3.33
CA GLY B 532 53.01 7.63 -3.49
C GLY B 532 53.44 7.75 -4.94
N PRO B 533 54.74 8.01 -5.16
CA PRO B 533 55.28 8.15 -6.52
C PRO B 533 55.48 6.80 -7.21
N GLY B 534 54.35 6.17 -7.56
CA GLY B 534 54.36 4.92 -8.28
C GLY B 534 53.06 4.74 -9.03
N THR B 535 53.02 3.70 -9.86
CA THR B 535 51.81 3.38 -10.63
C THR B 535 50.91 2.53 -9.75
N ASP B 536 50.13 3.21 -8.91
CA ASP B 536 49.39 2.58 -7.84
C ASP B 536 47.95 2.22 -8.21
N ARG B 537 47.53 2.43 -9.45
CA ARG B 537 46.17 2.13 -9.87
C ARG B 537 46.19 1.02 -10.92
N PHE B 538 45.28 0.06 -10.76
CA PHE B 538 45.26 -1.14 -11.59
C PHE B 538 43.97 -1.90 -11.34
N ASP B 539 43.53 -2.65 -12.35
CA ASP B 539 42.37 -3.54 -12.25
C ASP B 539 42.90 -4.96 -12.08
N MET B 540 42.84 -5.47 -10.84
CA MET B 540 43.31 -6.83 -10.55
C MET B 540 42.25 -7.89 -10.80
N LEU B 541 40.98 -7.50 -10.88
CA LEU B 541 39.91 -8.48 -11.00
C LEU B 541 39.90 -9.13 -12.39
N THR B 542 40.05 -8.33 -13.44
CA THR B 542 40.03 -8.87 -14.80
C THR B 542 41.11 -9.93 -15.02
N PRO B 543 42.39 -9.69 -14.71
CA PRO B 543 43.37 -10.77 -14.85
C PRO B 543 43.13 -11.94 -13.91
N LEU B 544 42.54 -11.69 -12.73
CA LEU B 544 42.24 -12.78 -11.81
C LEU B 544 41.20 -13.72 -12.41
N VAL B 545 40.14 -13.15 -12.99
CA VAL B 545 39.09 -13.95 -13.60
C VAL B 545 39.64 -14.71 -14.81
N ALA B 546 40.49 -14.06 -15.61
CA ALA B 546 41.07 -14.71 -16.78
C ALA B 546 41.99 -15.85 -16.36
N TRP B 547 42.73 -15.67 -15.27
CA TRP B 547 43.62 -16.74 -14.80
C TRP B 547 42.82 -17.95 -14.33
N VAL B 548 41.79 -17.72 -13.54
CA VAL B 548 41.02 -18.82 -12.97
C VAL B 548 40.22 -19.54 -14.04
N GLU B 549 39.56 -18.79 -14.92
CA GLU B 549 38.58 -19.36 -15.83
C GLU B 549 39.13 -19.70 -17.21
N ARG B 550 40.23 -19.07 -17.64
CA ARG B 550 40.83 -19.41 -18.92
C ARG B 550 42.27 -19.92 -18.80
N GLY B 551 42.83 -19.96 -17.59
CA GLY B 551 44.20 -20.39 -17.44
C GLY B 551 45.22 -19.40 -17.96
N GLU B 552 44.83 -18.15 -18.16
CA GLU B 552 45.73 -17.12 -18.69
C GLU B 552 46.47 -16.49 -17.51
N ALA B 553 47.70 -16.93 -17.30
CA ALA B 553 48.50 -16.36 -16.23
C ALA B 553 48.90 -14.93 -16.58
N PRO B 554 48.97 -14.02 -15.60
CA PRO B 554 49.38 -12.64 -15.89
C PRO B 554 50.89 -12.49 -16.02
N ASP B 555 51.38 -12.35 -17.25
CA ASP B 555 52.80 -12.07 -17.48
C ASP B 555 53.14 -10.61 -17.21
N GLN B 556 52.14 -9.75 -17.13
CA GLN B 556 52.27 -8.40 -16.65
C GLN B 556 50.88 -7.89 -16.30
N ILE B 557 50.84 -6.86 -15.47
CA ILE B 557 49.58 -6.22 -15.10
C ILE B 557 49.72 -4.72 -15.36
N SER B 558 48.86 -4.19 -16.22
CA SER B 558 48.93 -2.77 -16.54
C SER B 558 48.56 -1.93 -15.33
N ALA B 559 49.35 -0.88 -15.10
CA ALA B 559 49.11 0.01 -13.97
C ALA B 559 49.36 1.44 -14.42
N TRP B 560 48.77 2.39 -13.69
CA TRP B 560 48.97 3.80 -13.96
C TRP B 560 49.00 4.57 -12.65
N SER B 561 49.57 5.77 -12.71
CA SER B 561 49.81 6.58 -11.52
C SER B 561 48.57 7.39 -11.17
N GLY B 562 48.12 7.26 -9.92
CA GLY B 562 47.05 8.10 -9.43
C GLY B 562 47.47 9.52 -9.17
N THR B 563 48.77 9.75 -8.97
CA THR B 563 49.32 11.07 -8.69
C THR B 563 50.54 11.30 -9.59
N PRO B 564 50.34 11.42 -10.90
CA PRO B 564 51.49 11.56 -11.81
C PRO B 564 52.29 12.85 -11.58
N GLY B 565 51.76 13.80 -10.82
CA GLY B 565 52.53 14.99 -10.49
C GLY B 565 53.80 14.70 -9.72
N TYR B 566 53.87 13.56 -9.03
CA TYR B 566 55.10 13.16 -8.37
C TYR B 566 56.27 13.09 -9.34
N PHE B 567 55.99 12.82 -10.62
CA PHE B 567 57.00 12.76 -11.67
C PHE B 567 57.02 14.01 -12.53
N GLY B 568 56.16 14.97 -12.25
CA GLY B 568 56.06 16.15 -13.09
C GLY B 568 55.44 15.90 -14.44
N VAL B 569 54.54 14.91 -14.55
CA VAL B 569 53.91 14.55 -15.82
C VAL B 569 52.40 14.49 -15.62
N ALA B 570 51.69 14.47 -16.74
CA ALA B 570 50.23 14.43 -16.69
C ALA B 570 49.69 13.01 -16.51
N ALA B 571 50.47 12.00 -16.91
CA ALA B 571 50.05 10.61 -16.81
C ALA B 571 51.27 9.71 -16.96
N ARG B 572 51.22 8.56 -16.30
CA ARG B 572 52.28 7.57 -16.45
C ARG B 572 51.67 6.17 -16.33
N THR B 573 51.87 5.35 -17.36
CA THR B 573 51.44 3.96 -17.35
C THR B 573 52.66 3.06 -17.47
N ARG B 574 52.68 1.99 -16.67
CA ARG B 574 53.80 1.07 -16.61
C ARG B 574 53.26 -0.34 -16.41
N PRO B 575 53.99 -1.35 -16.87
CA PRO B 575 53.64 -2.73 -16.50
C PRO B 575 54.13 -3.06 -15.10
N LEU B 576 53.27 -3.71 -14.33
CA LEU B 576 53.72 -4.43 -13.15
C LEU B 576 54.23 -5.80 -13.58
N CYS B 577 55.30 -6.27 -12.95
CA CYS B 577 55.92 -7.48 -13.45
C CYS B 577 55.93 -8.56 -12.39
N PRO B 578 55.76 -9.82 -12.79
CA PRO B 578 55.73 -10.91 -11.80
C PRO B 578 57.11 -11.12 -11.20
N TYR B 579 57.16 -11.19 -9.88
CA TYR B 579 58.40 -11.42 -9.16
C TYR B 579 59.16 -12.61 -9.78
N PRO B 580 60.48 -12.50 -10.00
CA PRO B 580 61.33 -11.36 -9.62
C PRO B 580 61.65 -10.41 -10.77
N GLN B 581 60.79 -10.35 -11.79
CA GLN B 581 61.03 -9.46 -12.90
C GLN B 581 60.78 -8.00 -12.51
N ILE B 582 61.29 -7.08 -13.33
CA ILE B 582 61.08 -5.66 -13.16
C ILE B 582 60.81 -5.05 -14.53
N ALA B 583 60.15 -3.89 -14.53
CA ALA B 583 59.90 -3.18 -15.77
C ALA B 583 61.19 -2.64 -16.36
N ARG B 584 61.37 -2.80 -17.67
CA ARG B 584 62.57 -2.39 -18.37
C ARG B 584 62.19 -1.49 -19.53
N TYR B 585 62.76 -0.29 -19.56
CA TYR B 585 62.56 0.60 -20.69
C TYR B 585 63.18 -0.02 -21.95
N LYS B 586 62.44 0.05 -23.05
CA LYS B 586 62.90 -0.54 -24.30
C LYS B 586 64.00 0.28 -24.98
N GLY B 587 64.31 1.47 -24.45
CA GLY B 587 65.38 2.29 -24.99
C GLY B 587 64.93 3.42 -25.89
N SER B 588 63.66 3.47 -26.27
CA SER B 588 63.15 4.52 -27.13
C SER B 588 61.66 4.70 -26.85
N GLY B 589 61.16 5.89 -27.19
CA GLY B 589 59.75 6.21 -27.03
C GLY B 589 59.47 6.95 -25.73
N ASP B 590 58.24 7.43 -25.63
CA ASP B 590 57.76 8.11 -24.43
C ASP B 590 57.96 7.24 -23.21
N ILE B 591 58.66 7.78 -22.20
CA ILE B 591 58.91 7.03 -20.98
C ILE B 591 57.70 6.96 -20.07
N ASN B 592 56.60 7.63 -20.44
CA ASN B 592 55.37 7.60 -19.65
C ASN B 592 54.32 6.67 -20.22
N THR B 593 54.68 5.88 -21.23
CA THR B 593 53.75 5.00 -21.94
C THR B 593 54.19 3.56 -21.74
N GLU B 594 53.26 2.72 -21.27
CA GLU B 594 53.61 1.35 -20.92
C GLU B 594 54.05 0.53 -22.14
N ALA B 595 53.64 0.93 -23.35
CA ALA B 595 54.04 0.22 -24.55
C ALA B 595 55.55 0.20 -24.74
N ASN B 596 56.28 1.16 -24.17
CA ASN B 596 57.72 1.24 -24.30
C ASN B 596 58.45 0.55 -23.17
N PHE B 597 57.78 -0.35 -22.45
CA PHE B 597 58.37 -1.08 -21.34
C PHE B 597 58.02 -2.55 -21.46
N ALA B 598 58.93 -3.40 -21.00
CA ALA B 598 58.74 -4.83 -21.01
C ALA B 598 59.26 -5.41 -19.70
N CYS B 599 58.62 -6.49 -19.26
CA CYS B 599 59.06 -7.17 -18.05
C CYS B 599 60.28 -8.03 -18.35
N ALA B 600 61.26 -7.97 -17.45
CA ALA B 600 62.51 -8.68 -17.67
C ALA B 600 63.24 -8.80 -16.34
N ALA B 601 64.29 -9.62 -16.34
CA ALA B 601 65.12 -9.75 -15.17
C ALA B 601 65.96 -8.49 -14.95
N PRO B 602 66.28 -8.17 -13.70
CA PRO B 602 67.10 -6.97 -13.41
C PRO B 602 68.58 -7.25 -13.59
N PRO B 603 69.38 -6.24 -13.94
CA PRO B 603 70.80 -6.60 -14.13
C PRO B 603 71.59 -6.76 -12.83
N VAL C 43 4.89 -27.86 -0.16
CA VAL C 43 4.88 -29.23 0.34
C VAL C 43 5.44 -29.25 1.77
N PRO C 44 4.88 -30.13 2.61
CA PRO C 44 5.31 -30.16 4.01
C PRO C 44 6.72 -30.69 4.17
N LEU C 45 7.41 -30.16 5.17
CA LEU C 45 8.78 -30.59 5.45
C LEU C 45 8.78 -32.03 5.97
N ALA C 46 9.87 -32.73 5.68
CA ALA C 46 10.09 -34.09 6.19
C ALA C 46 8.96 -35.04 5.81
N SER C 47 8.48 -34.91 4.57
CA SER C 47 7.36 -35.70 4.06
C SER C 47 7.80 -36.46 2.82
N ARG C 48 6.94 -37.40 2.40
CA ARG C 48 7.20 -38.12 1.15
C ARG C 48 7.29 -37.15 -0.03
N ALA C 49 6.36 -36.19 -0.10
CA ALA C 49 6.42 -35.19 -1.16
C ALA C 49 7.72 -34.41 -1.12
N ALA C 50 8.16 -34.00 0.07
CA ALA C 50 9.42 -33.28 0.18
C ALA C 50 10.60 -34.15 -0.23
N CYS C 51 10.52 -35.45 0.06
CA CYS C 51 11.58 -36.37 -0.33
C CYS C 51 11.68 -36.48 -1.85
N GLU C 52 10.57 -36.80 -2.51
CA GLU C 52 10.59 -36.97 -3.95
C GLU C 52 10.93 -35.68 -4.68
N ALA C 53 10.64 -34.53 -4.08
CA ALA C 53 10.98 -33.24 -4.70
C ALA C 53 12.48 -33.03 -4.78
N LEU C 54 13.28 -33.78 -4.03
CA LEU C 54 14.73 -33.62 -4.06
C LEU C 54 15.35 -34.14 -5.36
N LYS C 55 14.60 -34.88 -6.17
CA LYS C 55 15.17 -35.51 -7.36
C LYS C 55 15.30 -34.53 -8.50
N ASP C 56 16.23 -34.82 -9.41
CA ASP C 56 16.51 -33.96 -10.55
C ASP C 56 15.26 -33.81 -11.43
N GLY C 57 14.90 -32.57 -11.72
CA GLY C 57 13.71 -32.28 -12.49
C GLY C 57 12.43 -32.30 -11.71
N ASN C 58 12.43 -32.80 -10.47
CA ASN C 58 11.23 -32.90 -9.66
C ASN C 58 10.96 -31.66 -8.81
N GLY C 59 11.88 -30.70 -8.80
CA GLY C 59 11.67 -29.48 -8.03
C GLY C 59 12.76 -28.45 -8.20
N ASP C 60 13.07 -27.72 -7.12
CA ASP C 60 14.11 -26.69 -7.12
C ASP C 60 15.02 -26.84 -5.90
N MET C 61 15.55 -28.04 -5.71
CA MET C 61 16.63 -28.24 -4.75
C MET C 61 17.94 -27.78 -5.38
N VAL C 62 18.76 -27.07 -4.61
CA VAL C 62 20.00 -26.48 -5.11
C VAL C 62 21.18 -27.09 -4.37
N TRP C 63 22.05 -27.77 -5.11
CA TRP C 63 23.19 -28.50 -4.58
C TRP C 63 24.44 -27.61 -4.54
N PRO C 64 25.27 -27.77 -3.51
CA PRO C 64 26.49 -26.94 -3.42
C PRO C 64 27.44 -27.15 -4.59
N ASN C 65 27.59 -28.38 -5.05
CA ASN C 65 28.35 -28.67 -6.26
C ASN C 65 27.38 -28.73 -7.43
N ALA C 66 27.62 -27.90 -8.44
CA ALA C 66 26.72 -27.82 -9.60
C ALA C 66 26.66 -29.13 -10.37
N ALA C 67 27.69 -29.97 -10.26
CA ALA C 67 27.73 -31.26 -10.94
C ALA C 67 27.18 -32.39 -10.07
N THR C 68 26.07 -32.17 -9.38
CA THR C 68 25.43 -33.20 -8.57
C THR C 68 24.21 -33.73 -9.33
N VAL C 69 24.13 -35.05 -9.46
CA VAL C 69 23.04 -35.72 -10.16
C VAL C 69 22.38 -36.67 -9.18
N VAL C 70 21.09 -36.46 -8.92
CA VAL C 70 20.33 -37.29 -8.01
C VAL C 70 19.65 -38.40 -8.78
N GLU C 71 20.01 -39.64 -8.47
CA GLU C 71 19.43 -40.80 -9.15
C GLU C 71 18.20 -41.33 -8.43
N VAL C 72 18.18 -41.28 -7.10
CA VAL C 72 17.10 -41.83 -6.30
C VAL C 72 16.70 -40.80 -5.25
N ALA C 73 15.39 -40.58 -5.10
CA ALA C 73 14.82 -39.82 -3.99
C ALA C 73 13.50 -40.50 -3.66
N ALA C 74 13.54 -41.47 -2.76
CA ALA C 74 12.41 -42.36 -2.52
C ALA C 74 12.09 -42.47 -1.04
N TRP C 75 10.80 -42.54 -0.73
CA TRP C 75 10.34 -42.76 0.63
C TRP C 75 10.46 -44.26 0.96
N ARG C 76 11.05 -44.56 2.10
CA ARG C 76 11.29 -45.93 2.54
C ARG C 76 10.46 -46.24 3.77
N ASP C 77 9.73 -47.36 3.72
CA ASP C 77 8.97 -47.80 4.88
C ASP C 77 9.91 -48.23 6.00
N ALA C 78 9.41 -48.14 7.22
CA ALA C 78 10.16 -48.63 8.37
C ALA C 78 10.47 -50.11 8.23
N ALA C 79 11.62 -50.53 8.77
CA ALA C 79 12.04 -51.92 8.75
C ALA C 79 12.08 -52.45 10.18
N PRO C 80 11.51 -53.63 10.44
CA PRO C 80 11.53 -54.17 11.80
C PRO C 80 12.94 -54.58 12.23
N ALA C 81 13.12 -54.64 13.55
CA ALA C 81 14.34 -55.18 14.09
C ALA C 81 14.46 -56.66 13.73
N THR C 82 15.70 -57.12 13.60
CA THR C 82 16.00 -58.54 13.38
C THR C 82 16.95 -59.00 14.49
N ALA C 83 17.37 -60.26 14.39
CA ALA C 83 18.31 -60.78 15.37
C ALA C 83 19.66 -60.08 15.27
N SER C 84 20.00 -59.55 14.10
CA SER C 84 21.31 -58.95 13.87
C SER C 84 21.27 -57.45 13.60
N ALA C 85 20.08 -56.83 13.57
CA ALA C 85 20.00 -55.42 13.21
C ALA C 85 18.85 -54.76 13.93
N ALA C 86 19.06 -53.52 14.37
CA ALA C 86 18.01 -52.75 15.00
C ALA C 86 17.03 -52.24 13.94
N ALA C 87 15.82 -51.94 14.40
CA ALA C 87 14.77 -51.48 13.50
C ALA C 87 15.16 -50.15 12.86
N LEU C 88 14.74 -49.97 11.61
CA LEU C 88 15.00 -48.70 10.92
C LEU C 88 13.71 -47.91 10.79
N PRO C 89 13.72 -46.62 11.14
CA PRO C 89 12.51 -45.82 10.96
C PRO C 89 12.23 -45.55 9.49
N GLU C 90 10.99 -45.15 9.22
CA GLU C 90 10.63 -44.69 7.90
C GLU C 90 11.40 -43.42 7.57
N HIS C 91 11.84 -43.29 6.31
CA HIS C 91 12.83 -42.26 5.99
C HIS C 91 12.87 -42.02 4.50
N CYS C 92 13.55 -40.92 4.14
CA CYS C 92 13.81 -40.55 2.76
C CYS C 92 15.22 -40.99 2.38
N GLU C 93 15.34 -41.74 1.29
CA GLU C 93 16.64 -42.17 0.78
C GLU C 93 16.96 -41.38 -0.49
N VAL C 94 18.09 -40.68 -0.48
CA VAL C 94 18.58 -39.95 -1.63
C VAL C 94 19.95 -40.52 -2.00
N SER C 95 20.12 -40.88 -3.27
CA SER C 95 21.41 -41.35 -3.74
C SER C 95 21.71 -40.69 -5.08
N GLY C 96 23.01 -40.53 -5.36
CA GLY C 96 23.41 -39.86 -6.57
C GLY C 96 24.91 -39.82 -6.68
N ALA C 97 25.41 -38.94 -7.54
CA ALA C 97 26.84 -38.86 -7.78
C ALA C 97 27.22 -37.42 -8.06
N ILE C 98 28.46 -37.07 -7.70
CA ILE C 98 28.97 -35.73 -7.86
C ILE C 98 30.18 -35.76 -8.78
N ALA C 99 30.26 -34.79 -9.69
CA ALA C 99 31.44 -34.56 -10.52
C ALA C 99 31.78 -35.77 -11.40
N LYS C 100 30.78 -36.29 -12.09
CA LYS C 100 31.03 -37.32 -13.10
C LYS C 100 31.99 -36.80 -14.16
N ARG C 101 32.99 -37.60 -14.49
CA ARG C 101 34.08 -37.15 -15.36
C ARG C 101 34.80 -38.37 -15.92
N THR C 102 35.76 -38.10 -16.81
CA THR C 102 36.63 -39.13 -17.35
C THR C 102 38.06 -38.88 -16.87
N GLY C 103 38.67 -39.90 -16.26
CA GLY C 103 40.03 -39.77 -15.78
C GLY C 103 41.05 -39.81 -16.91
N ILE C 104 42.30 -39.52 -16.55
CA ILE C 104 43.37 -39.52 -17.54
C ILE C 104 43.68 -40.93 -18.03
N ASP C 105 43.28 -41.96 -17.27
CA ASP C 105 43.39 -43.34 -17.70
C ASP C 105 42.25 -43.76 -18.63
N GLY C 106 41.36 -42.84 -18.99
CA GLY C 106 40.22 -43.17 -19.83
C GLY C 106 39.06 -43.81 -19.10
N TYR C 107 39.11 -43.90 -17.76
CA TYR C 107 38.05 -44.53 -17.00
C TYR C 107 37.06 -43.49 -16.49
N PRO C 108 35.80 -43.88 -16.28
CA PRO C 108 34.85 -42.95 -15.67
C PRO C 108 35.04 -42.89 -14.17
N TYR C 109 34.86 -41.70 -13.62
CA TYR C 109 34.96 -41.47 -12.18
C TYR C 109 33.83 -40.56 -11.74
N GLU C 110 33.35 -40.80 -10.52
CA GLU C 110 32.36 -39.94 -9.90
C GLU C 110 32.38 -40.20 -8.40
N ILE C 111 31.85 -39.24 -7.64
CA ILE C 111 31.75 -39.37 -6.19
C ILE C 111 30.31 -39.76 -5.87
N LYS C 112 30.09 -41.04 -5.59
CA LYS C 112 28.76 -41.50 -5.24
C LYS C 112 28.43 -41.17 -3.78
N PHE C 113 27.15 -40.99 -3.50
CA PHE C 113 26.71 -40.78 -2.14
C PHE C 113 25.32 -41.38 -1.96
N ARG C 114 25.03 -41.82 -0.74
CA ARG C 114 23.71 -42.29 -0.35
C ARG C 114 23.38 -41.71 1.01
N LEU C 115 22.20 -41.11 1.12
CA LEU C 115 21.79 -40.36 2.30
C LEU C 115 20.41 -40.83 2.73
N ARG C 116 20.21 -40.97 4.05
CA ARG C 116 18.93 -41.40 4.60
C ARG C 116 18.51 -40.41 5.67
N MET C 117 17.32 -39.85 5.52
CA MET C 117 16.82 -38.81 6.42
C MET C 117 15.52 -39.28 7.06
N PRO C 118 15.54 -39.62 8.35
CA PRO C 118 14.32 -40.19 8.97
C PRO C 118 13.20 -39.17 9.09
N ALA C 119 11.97 -39.68 9.10
CA ALA C 119 10.80 -38.82 9.21
C ALA C 119 10.76 -38.12 10.56
N GLU C 120 11.18 -38.81 11.62
CA GLU C 120 11.28 -38.22 12.96
C GLU C 120 12.78 -38.11 13.28
N TRP C 121 13.30 -36.90 13.19
CA TRP C 121 14.73 -36.64 13.18
C TRP C 121 15.16 -36.04 14.52
N ASN C 122 16.26 -36.54 15.07
CA ASN C 122 16.79 -36.01 16.32
C ASN C 122 17.65 -34.78 16.13
N GLY C 123 17.72 -34.24 14.92
CA GLY C 123 18.49 -33.03 14.68
C GLY C 123 19.98 -33.23 14.51
N ARG C 124 20.44 -34.47 14.37
CA ARG C 124 21.86 -34.78 14.27
C ARG C 124 22.18 -35.37 12.90
N PHE C 125 23.32 -34.94 12.35
CA PHE C 125 23.83 -35.42 11.08
C PHE C 125 24.96 -36.41 11.35
N PHE C 126 25.04 -37.47 10.54
CA PHE C 126 25.98 -38.55 10.80
C PHE C 126 26.58 -39.05 9.49
N MET C 127 27.91 -39.18 9.45
CA MET C 127 28.60 -39.77 8.32
C MET C 127 29.46 -40.93 8.80
N GLU C 128 29.39 -42.05 8.08
CA GLU C 128 30.23 -43.21 8.35
C GLU C 128 31.46 -43.18 7.45
N GLY C 129 32.58 -43.64 7.99
CA GLY C 129 33.82 -43.71 7.23
C GLY C 129 33.88 -44.91 6.32
N GLY C 130 35.01 -45.03 5.60
CA GLY C 130 35.22 -46.07 4.62
C GLY C 130 36.05 -47.21 5.15
N SER C 131 36.56 -48.03 4.22
CA SER C 131 37.30 -49.22 4.56
C SER C 131 38.06 -49.69 3.33
N GLY C 132 39.16 -50.40 3.55
CA GLY C 132 39.99 -50.84 2.45
C GLY C 132 40.51 -49.64 1.69
N THR C 133 40.38 -49.68 0.35
CA THR C 133 40.62 -48.53 -0.49
C THR C 133 39.32 -47.91 -0.98
N ASN C 134 38.24 -48.06 -0.22
CA ASN C 134 36.91 -47.57 -0.56
C ASN C 134 36.48 -48.17 -1.91
N GLY C 135 35.73 -47.41 -2.70
CA GLY C 135 35.22 -47.92 -3.96
C GLY C 135 33.86 -48.58 -3.90
N SER C 136 33.26 -48.69 -2.72
CA SER C 136 31.95 -49.30 -2.58
C SER C 136 31.02 -48.35 -1.83
N LEU C 137 29.74 -48.43 -2.15
CA LEU C 137 28.71 -47.61 -1.50
C LEU C 137 27.87 -48.51 -0.62
N SER C 138 27.89 -48.23 0.69
CA SER C 138 27.20 -49.06 1.66
C SER C 138 25.70 -48.78 1.66
N ALA C 139 24.97 -49.51 2.51
CA ALA C 139 23.56 -49.22 2.73
C ALA C 139 23.34 -47.81 3.28
N ALA C 140 24.37 -47.24 3.91
CA ALA C 140 24.33 -45.85 4.38
C ALA C 140 23.31 -45.64 5.49
N THR C 141 23.19 -46.62 6.39
CA THR C 141 22.37 -46.47 7.59
C THR C 141 23.19 -45.97 8.78
N GLY C 142 24.46 -45.66 8.57
CA GLY C 142 25.27 -45.06 9.61
C GLY C 142 25.87 -46.07 10.57
N SER C 143 26.85 -46.84 10.10
CA SER C 143 27.52 -47.80 10.97
C SER C 143 28.32 -47.06 12.05
N ILE C 144 28.25 -47.58 13.28
CA ILE C 144 29.01 -47.01 14.38
C ILE C 144 30.15 -47.91 14.81
N GLY C 145 30.39 -49.01 14.10
CA GLY C 145 31.50 -49.89 14.44
C GLY C 145 31.27 -50.62 15.76
N GLY C 146 32.37 -51.12 16.32
CA GLY C 146 32.32 -51.79 17.61
C GLY C 146 31.40 -52.99 17.65
N GLY C 147 31.18 -53.65 16.51
CA GLY C 147 30.30 -54.82 16.47
C GLY C 147 28.89 -54.55 16.92
N GLN C 148 28.40 -53.32 16.75
CA GLN C 148 27.11 -52.94 17.31
C GLN C 148 25.96 -53.40 16.43
N ILE C 149 24.85 -53.72 17.09
CA ILE C 149 23.63 -54.12 16.38
C ILE C 149 22.91 -52.90 15.80
N ALA C 150 22.98 -51.77 16.47
CA ALA C 150 22.25 -50.58 16.06
C ALA C 150 23.06 -49.74 15.08
N SER C 151 22.34 -49.07 14.19
CA SER C 151 22.89 -48.06 13.29
C SER C 151 22.47 -46.68 13.76
N ALA C 152 23.15 -45.66 13.24
CA ALA C 152 22.79 -44.30 13.60
C ALA C 152 21.39 -43.94 13.09
N LEU C 153 21.00 -44.49 11.94
CA LEU C 153 19.64 -44.24 11.44
C LEU C 153 18.61 -44.83 12.38
N SER C 154 18.90 -46.01 12.94
CA SER C 154 18.01 -46.59 13.94
C SER C 154 17.89 -45.72 15.18
N ARG C 155 18.87 -44.85 15.42
CA ARG C 155 18.79 -43.87 16.49
C ARG C 155 18.27 -42.52 15.99
N ASN C 156 17.71 -42.49 14.78
CA ASN C 156 17.05 -41.34 14.16
C ASN C 156 18.03 -40.22 13.81
N PHE C 157 19.29 -40.55 13.58
CA PHE C 157 20.20 -39.63 12.90
C PHE C 157 19.89 -39.62 11.41
N ALA C 158 20.21 -38.49 10.76
CA ALA C 158 20.38 -38.49 9.32
C ALA C 158 21.78 -39.01 9.00
N THR C 159 21.87 -39.93 8.04
CA THR C 159 23.10 -40.69 7.81
C THR C 159 23.49 -40.64 6.33
N ILE C 160 24.80 -40.61 6.08
CA ILE C 160 25.33 -40.52 4.72
C ILE C 160 26.59 -41.36 4.59
N ALA C 161 26.85 -41.81 3.37
CA ALA C 161 28.05 -42.55 3.04
C ALA C 161 28.46 -42.23 1.60
N THR C 162 29.72 -42.48 1.29
CA THR C 162 30.26 -42.26 -0.04
C THR C 162 31.15 -43.43 -0.42
N ASP C 163 31.51 -43.50 -1.71
CA ASP C 163 32.47 -44.48 -2.19
C ASP C 163 33.87 -43.92 -2.35
N GLY C 164 34.07 -42.64 -2.03
CA GLY C 164 35.40 -42.04 -2.05
C GLY C 164 35.86 -41.52 -3.39
N GLY C 165 35.06 -41.65 -4.45
CA GLY C 165 35.41 -41.11 -5.75
C GLY C 165 35.69 -42.14 -6.82
N HIS C 166 35.58 -43.43 -6.51
CA HIS C 166 35.72 -44.46 -7.53
C HIS C 166 34.79 -45.61 -7.18
N ASP C 167 34.64 -46.53 -8.13
CA ASP C 167 33.67 -47.62 -8.04
C ASP C 167 34.39 -48.92 -8.36
N ASN C 168 34.37 -49.85 -7.40
CA ASN C 168 35.10 -51.11 -7.56
C ASN C 168 34.57 -51.95 -8.73
N ALA C 169 33.33 -51.73 -9.16
CA ALA C 169 32.78 -52.49 -10.28
C ALA C 169 33.16 -51.89 -11.63
N VAL C 170 33.44 -50.60 -11.68
CA VAL C 170 33.80 -49.95 -12.93
C VAL C 170 35.29 -49.66 -13.01
N ASN C 171 35.89 -49.24 -11.90
CA ASN C 171 37.31 -48.90 -11.86
C ASN C 171 38.13 -50.14 -11.46
N ASP C 172 37.94 -51.20 -12.24
CA ASP C 172 38.61 -52.49 -12.06
C ASP C 172 39.45 -52.72 -13.31
N ASN C 173 40.72 -52.33 -13.23
CA ASN C 173 41.63 -52.38 -14.37
C ASN C 173 42.51 -53.61 -14.27
N PRO C 174 42.39 -54.58 -15.18
CA PRO C 174 43.22 -55.79 -15.10
C PRO C 174 44.70 -55.53 -15.28
N ASP C 175 45.10 -54.34 -15.76
CA ASP C 175 46.49 -53.99 -15.92
C ASP C 175 47.01 -53.09 -14.79
N ALA C 176 46.14 -52.66 -13.88
CA ALA C 176 46.53 -51.80 -12.77
C ALA C 176 46.13 -52.41 -11.44
N LEU C 177 46.23 -53.75 -11.34
CA LEU C 177 46.03 -54.49 -10.10
C LEU C 177 44.61 -54.37 -9.55
N GLY C 178 43.62 -54.30 -10.43
CA GLY C 178 42.24 -54.51 -10.01
C GLY C 178 41.59 -53.25 -9.44
N THR C 179 40.98 -53.38 -8.26
CA THR C 179 40.18 -52.31 -7.69
C THR C 179 41.02 -51.20 -7.06
N VAL C 180 42.36 -51.30 -7.11
CA VAL C 180 43.21 -50.21 -6.66
C VAL C 180 43.51 -49.31 -7.86
N ALA C 181 42.89 -49.58 -9.00
CA ALA C 181 43.26 -48.91 -10.26
C ALA C 181 42.94 -47.43 -10.27
N PHE C 182 42.09 -46.93 -9.37
CA PHE C 182 41.83 -45.50 -9.31
C PHE C 182 43.11 -44.69 -9.12
N GLY C 183 44.18 -45.31 -8.64
CA GLY C 183 45.43 -44.59 -8.42
C GLY C 183 46.06 -44.09 -9.70
N LEU C 184 45.63 -44.59 -10.86
CA LEU C 184 46.15 -44.10 -12.13
C LEU C 184 45.65 -42.71 -12.47
N ASP C 185 44.65 -42.19 -11.75
CA ASP C 185 44.08 -40.89 -12.05
C ASP C 185 44.38 -39.92 -10.92
N PRO C 186 45.09 -38.81 -11.18
CA PRO C 186 45.43 -37.88 -10.10
C PRO C 186 44.23 -37.35 -9.32
N GLN C 187 43.15 -36.96 -10.01
CA GLN C 187 41.99 -36.42 -9.30
C GLN C 187 41.33 -37.49 -8.45
N ALA C 188 41.28 -38.73 -8.94
CA ALA C 188 40.73 -39.83 -8.14
C ALA C 188 41.53 -40.02 -6.86
N ARG C 189 42.85 -39.77 -6.90
CA ARG C 189 43.65 -39.82 -5.69
C ARG C 189 43.24 -38.71 -4.72
N LEU C 190 43.10 -37.48 -5.23
CA LEU C 190 42.67 -36.37 -4.38
C LEU C 190 41.29 -36.63 -3.80
N ASP C 191 40.38 -37.15 -4.61
CA ASP C 191 39.05 -37.49 -4.11
C ASP C 191 39.13 -38.51 -2.98
N MET C 192 39.96 -39.52 -3.15
CA MET C 192 40.11 -40.56 -2.14
C MET C 192 40.76 -40.01 -0.88
N GLY C 193 41.69 -39.07 -1.04
CA GLY C 193 42.40 -38.56 0.13
C GLY C 193 41.56 -37.63 0.97
N TYR C 194 40.87 -36.69 0.34
CA TYR C 194 40.10 -35.72 1.12
C TYR C 194 38.87 -35.16 0.42
N ASN C 195 38.88 -35.04 -0.92
CA ASN C 195 37.86 -34.22 -1.56
C ASN C 195 36.49 -34.89 -1.57
N SER C 196 36.44 -36.21 -1.72
CA SER C 196 35.14 -36.88 -1.77
C SER C 196 34.33 -36.62 -0.50
N TYR C 197 34.96 -36.77 0.66
CA TYR C 197 34.25 -36.59 1.94
C TYR C 197 33.84 -35.14 2.16
N ASP C 198 34.64 -34.20 1.65
CA ASP C 198 34.26 -32.79 1.69
C ASP C 198 33.01 -32.55 0.84
N GLN C 199 33.01 -33.04 -0.40
CA GLN C 199 31.86 -32.85 -1.29
C GLN C 199 30.62 -33.51 -0.73
N VAL C 200 30.77 -34.72 -0.17
CA VAL C 200 29.59 -35.46 0.29
C VAL C 200 29.04 -34.85 1.57
N THR C 201 29.91 -34.35 2.44
CA THR C 201 29.43 -33.65 3.63
C THR C 201 28.60 -32.43 3.26
N GLN C 202 29.09 -31.61 2.32
CA GLN C 202 28.35 -30.43 1.91
C GLN C 202 27.02 -30.80 1.27
N ALA C 203 27.01 -31.84 0.43
CA ALA C 203 25.78 -32.25 -0.24
C ALA C 203 24.76 -32.76 0.76
N GLY C 204 25.19 -33.57 1.73
CA GLY C 204 24.25 -34.10 2.72
C GLY C 204 23.65 -33.00 3.58
N LYS C 205 24.48 -32.06 4.03
CA LYS C 205 23.95 -30.97 4.85
C LYS C 205 22.99 -30.10 4.06
N ALA C 206 23.24 -29.91 2.77
CA ALA C 206 22.33 -29.14 1.94
C ALA C 206 20.98 -29.85 1.79
N ALA C 207 21.01 -31.17 1.58
CA ALA C 207 19.76 -31.92 1.50
C ALA C 207 19.02 -31.89 2.83
N VAL C 208 19.76 -31.97 3.94
CA VAL C 208 19.15 -31.94 5.26
C VAL C 208 18.45 -30.60 5.49
N ALA C 209 19.10 -29.49 5.11
CA ALA C 209 18.49 -28.18 5.29
C ALA C 209 17.21 -28.05 4.47
N ARG C 210 17.20 -28.56 3.24
CA ARG C 210 16.02 -28.46 2.40
C ARG C 210 14.91 -29.37 2.89
N PHE C 211 15.25 -30.60 3.26
CA PHE C 211 14.23 -31.59 3.67
C PHE C 211 13.60 -31.24 5.00
N TYR C 212 14.42 -30.82 5.98
CA TYR C 212 13.93 -30.54 7.32
C TYR C 212 13.62 -29.06 7.56
N GLY C 213 14.09 -28.16 6.70
CA GLY C 213 13.88 -26.75 6.93
C GLY C 213 14.78 -26.15 8.00
N ARG C 214 15.87 -26.83 8.33
CA ARG C 214 16.80 -26.36 9.35
C ARG C 214 18.10 -27.12 9.21
N ALA C 215 19.19 -26.49 9.62
CA ALA C 215 20.47 -27.17 9.66
C ALA C 215 20.53 -28.13 10.84
N ALA C 216 21.42 -29.11 10.75
CA ALA C 216 21.61 -30.03 11.86
C ALA C 216 22.15 -29.29 13.08
N ASP C 217 21.70 -29.70 14.26
CA ASP C 217 22.21 -29.11 15.49
C ASP C 217 23.69 -29.47 15.70
N LYS C 218 24.02 -30.74 15.49
CA LYS C 218 25.39 -31.23 15.62
C LYS C 218 25.62 -32.31 14.56
N SER C 219 26.87 -32.43 14.12
CA SER C 219 27.27 -33.39 13.10
C SER C 219 28.33 -34.34 13.66
N TYR C 220 28.25 -35.61 13.27
CA TYR C 220 29.10 -36.64 13.83
C TYR C 220 29.67 -37.53 12.74
N PHE C 221 30.92 -37.93 12.90
CA PHE C 221 31.59 -38.83 11.99
C PHE C 221 32.20 -39.97 12.78
N ILE C 222 31.96 -41.21 12.33
CA ILE C 222 32.57 -42.40 12.94
C ILE C 222 33.17 -43.23 11.82
N GLY C 223 34.45 -43.60 11.98
CA GLY C 223 35.11 -44.45 11.01
C GLY C 223 36.21 -45.26 11.66
N CYS C 224 36.53 -46.39 11.02
CA CYS C 224 37.61 -47.27 11.46
C CYS C 224 38.47 -47.63 10.25
N SER C 225 39.78 -47.75 10.50
CA SER C 225 40.79 -48.09 9.49
C SER C 225 40.99 -46.93 8.53
N GLU C 226 40.72 -47.16 7.23
CA GLU C 226 40.66 -46.03 6.30
C GLU C 226 39.62 -45.02 6.75
N GLY C 227 38.54 -45.47 7.37
CA GLY C 227 37.58 -44.55 7.95
C GLY C 227 38.15 -43.79 9.14
N GLY C 228 39.07 -44.40 9.88
CA GLY C 228 39.73 -43.69 10.96
C GLY C 228 40.66 -42.60 10.45
N ARG C 229 41.37 -42.88 9.35
CA ARG C 229 42.15 -41.83 8.69
C ARG C 229 41.26 -40.69 8.21
N GLU C 230 40.10 -41.03 7.63
CA GLU C 230 39.16 -40.00 7.20
C GLU C 230 38.73 -39.12 8.37
N GLY C 231 38.55 -39.72 9.54
CA GLY C 231 38.14 -38.94 10.70
C GLY C 231 39.22 -37.99 11.17
N MET C 232 40.46 -38.48 11.27
CA MET C 232 41.55 -37.60 11.64
C MET C 232 41.76 -36.52 10.58
N MET C 233 41.63 -36.88 9.30
CA MET C 233 41.74 -35.89 8.24
C MET C 233 40.72 -34.78 8.41
N LEU C 234 39.47 -35.12 8.76
CA LEU C 234 38.46 -34.10 8.91
C LEU C 234 38.79 -33.16 10.05
N SER C 235 39.28 -33.70 11.18
CA SER C 235 39.64 -32.86 12.30
C SER C 235 40.76 -31.87 11.95
N GLN C 236 41.67 -32.26 11.05
CA GLN C 236 42.80 -31.41 10.69
C GLN C 236 42.51 -30.48 9.53
N ARG C 237 41.82 -30.99 8.51
CA ARG C 237 41.62 -30.29 7.25
C ARG C 237 40.28 -29.56 7.16
N PHE C 238 39.25 -30.08 7.82
CA PHE C 238 37.90 -29.51 7.74
C PHE C 238 37.30 -29.47 9.13
N PRO C 239 37.83 -28.60 10.01
CA PRO C 239 37.48 -28.69 11.43
C PRO C 239 36.00 -28.46 11.73
N SER C 240 35.29 -27.71 10.89
CA SER C 240 33.88 -27.42 11.16
C SER C 240 32.92 -28.40 10.51
N HIS C 241 33.41 -29.38 9.75
CA HIS C 241 32.52 -30.34 9.12
C HIS C 241 31.77 -31.16 10.15
N TYR C 242 32.46 -31.64 11.18
CA TYR C 242 31.86 -32.49 12.19
C TYR C 242 32.26 -32.02 13.58
N ASP C 243 31.29 -32.05 14.49
CA ASP C 243 31.51 -31.69 15.89
C ASP C 243 32.05 -32.86 16.70
N GLY C 244 31.62 -34.08 16.38
CA GLY C 244 32.14 -35.26 17.05
C GLY C 244 32.74 -36.24 16.06
N ILE C 245 33.93 -36.76 16.37
CA ILE C 245 34.64 -37.68 15.49
C ILE C 245 35.12 -38.87 16.32
N VAL C 246 34.80 -40.08 15.86
CA VAL C 246 35.42 -41.30 16.36
C VAL C 246 36.31 -41.85 15.25
N ALA C 247 37.58 -42.07 15.57
CA ALA C 247 38.55 -42.59 14.62
C ALA C 247 39.19 -43.85 15.20
N GLY C 248 38.78 -45.01 14.70
CA GLY C 248 39.31 -46.29 15.15
C GLY C 248 40.39 -46.77 14.20
N ALA C 249 41.41 -47.43 14.78
CA ALA C 249 42.56 -47.98 14.08
C ALA C 249 42.94 -47.12 12.88
N PRO C 250 43.20 -45.83 13.09
CA PRO C 250 43.27 -44.89 11.95
C PRO C 250 44.55 -45.06 11.16
N GLY C 251 44.42 -45.24 9.85
CA GLY C 251 45.57 -45.29 8.98
C GLY C 251 46.04 -43.91 8.59
N TYR C 252 46.45 -43.10 9.59
CA TYR C 252 46.79 -41.70 9.32
C TYR C 252 48.14 -41.55 8.61
N GLN C 253 48.92 -42.63 8.49
CA GLN C 253 50.12 -42.66 7.67
C GLN C 253 50.02 -43.81 6.68
N LEU C 254 48.85 -43.96 6.08
CA LEU C 254 48.58 -45.10 5.19
C LEU C 254 49.61 -45.30 4.09
N PRO C 255 50.14 -44.28 3.42
CA PRO C 255 51.18 -44.53 2.39
C PRO C 255 52.41 -45.25 2.92
N LYS C 256 52.65 -45.24 4.23
CA LYS C 256 53.80 -45.96 4.79
C LYS C 256 53.52 -47.44 5.01
N ALA C 257 52.26 -47.88 4.96
CA ALA C 257 51.94 -49.27 5.26
C ALA C 257 52.63 -50.22 4.29
N GLY C 258 52.69 -49.86 3.01
CA GLY C 258 53.38 -50.69 2.04
C GLY C 258 54.87 -50.79 2.32
N ILE C 259 55.45 -49.74 2.90
CA ILE C 259 56.86 -49.81 3.30
C ILE C 259 57.02 -50.80 4.44
N SER C 260 56.14 -50.72 5.45
CA SER C 260 56.11 -51.73 6.49
C SER C 260 55.95 -53.12 5.89
N GLY C 261 55.08 -53.25 4.89
CA GLY C 261 54.80 -54.56 4.31
C GLY C 261 56.00 -55.15 3.59
N ALA C 262 56.73 -54.32 2.85
CA ALA C 262 57.97 -54.79 2.26
C ALA C 262 58.96 -55.23 3.33
N TRP C 263 59.00 -54.50 4.44
CA TRP C 263 59.92 -54.84 5.52
C TRP C 263 59.53 -56.14 6.19
N THR C 264 58.25 -56.31 6.53
CA THR C 264 57.82 -57.56 7.16
C THR C 264 57.96 -58.73 6.21
N THR C 265 57.66 -58.51 4.92
CA THR C 265 57.83 -59.58 3.93
C THR C 265 59.28 -60.05 3.87
N GLN C 266 60.22 -59.11 3.72
CA GLN C 266 61.63 -59.48 3.63
C GLN C 266 62.17 -59.98 4.96
N SER C 267 61.61 -59.53 6.07
CA SER C 267 62.06 -60.02 7.38
C SER C 267 61.64 -61.47 7.61
N LEU C 268 60.47 -61.85 7.10
CA LEU C 268 59.93 -63.19 7.32
C LEU C 268 60.41 -64.21 6.30
N ALA C 269 60.86 -63.76 5.13
CA ALA C 269 61.26 -64.68 4.07
C ALA C 269 62.29 -65.72 4.49
N PRO C 270 63.32 -65.41 5.28
CA PRO C 270 64.26 -66.47 5.70
C PRO C 270 63.61 -67.61 6.46
N ALA C 271 62.49 -67.36 7.14
CA ALA C 271 61.77 -68.40 7.85
C ALA C 271 60.72 -69.09 7.00
N ALA C 272 60.52 -68.64 5.76
CA ALA C 272 59.54 -69.25 4.88
C ALA C 272 59.96 -70.65 4.48
N VAL C 273 58.97 -71.49 4.15
CA VAL C 273 59.20 -72.86 3.70
C VAL C 273 58.56 -73.01 2.33
N GLY C 274 59.37 -73.31 1.32
CA GLY C 274 58.87 -73.49 -0.03
C GLY C 274 58.73 -72.18 -0.78
N LEU C 275 58.32 -72.33 -2.05
CA LEU C 275 58.15 -71.20 -2.96
C LEU C 275 56.78 -71.26 -3.61
N ASP C 276 56.30 -70.12 -4.06
CA ASP C 276 55.03 -70.08 -4.79
C ASP C 276 55.31 -70.33 -6.27
N ALA C 277 54.28 -70.16 -7.11
CA ALA C 277 54.41 -70.49 -8.52
C ALA C 277 55.44 -69.60 -9.22
N GLN C 278 55.65 -68.38 -8.72
CA GLN C 278 56.62 -67.47 -9.30
C GLN C 278 58.00 -67.58 -8.68
N GLY C 279 58.22 -68.57 -7.82
CA GLY C 279 59.51 -68.73 -7.18
C GLY C 279 59.75 -67.85 -5.99
N VAL C 280 58.72 -67.14 -5.51
CA VAL C 280 58.84 -66.28 -4.34
C VAL C 280 58.62 -67.11 -3.09
N PRO C 281 59.41 -66.94 -2.03
CA PRO C 281 59.21 -67.73 -0.82
C PRO C 281 57.79 -67.58 -0.29
N LEU C 282 57.26 -68.67 0.26
CA LEU C 282 55.91 -68.68 0.82
C LEU C 282 55.98 -68.07 2.21
N ILE C 283 55.69 -66.77 2.29
CA ILE C 283 55.67 -66.09 3.58
C ILE C 283 54.63 -66.70 4.50
N ASN C 284 53.55 -67.23 3.93
CA ASN C 284 52.52 -67.83 4.75
C ASN C 284 52.98 -69.10 5.47
N LYS C 285 54.04 -69.74 4.98
CA LYS C 285 54.58 -70.94 5.62
C LYS C 285 55.64 -70.63 6.67
N SER C 286 55.94 -69.34 6.92
CA SER C 286 57.00 -69.01 7.87
C SER C 286 56.61 -69.34 9.31
N PHE C 287 55.33 -69.26 9.63
CA PHE C 287 54.82 -69.61 10.96
C PHE C 287 53.55 -70.44 10.81
N SER C 288 53.48 -71.57 11.51
CA SER C 288 52.21 -72.27 11.59
C SER C 288 51.29 -71.55 12.56
N ASP C 289 50.01 -71.92 12.53
CA ASP C 289 49.08 -71.40 13.54
C ASP C 289 49.53 -71.81 14.94
N ALA C 290 49.98 -73.06 15.09
CA ALA C 290 50.50 -73.49 16.39
C ALA C 290 51.75 -72.71 16.78
N ASP C 291 52.58 -72.35 15.80
CA ASP C 291 53.76 -71.54 16.08
C ASP C 291 53.37 -70.20 16.69
N LEU C 292 52.38 -69.53 16.10
CA LEU C 292 51.99 -68.22 16.60
C LEU C 292 51.35 -68.32 17.99
N HIS C 293 50.61 -69.40 18.26
CA HIS C 293 50.04 -69.58 19.58
C HIS C 293 51.13 -69.78 20.63
N LEU C 294 52.20 -70.48 20.26
CA LEU C 294 53.39 -70.56 21.10
C LEU C 294 53.89 -69.16 21.47
N LEU C 295 54.06 -68.31 20.46
CA LEU C 295 54.50 -66.94 20.72
C LEU C 295 53.49 -66.19 21.59
N SER C 296 52.20 -66.33 21.28
CA SER C 296 51.18 -65.66 22.08
C SER C 296 51.18 -66.15 23.52
N GLN C 297 51.31 -67.47 23.71
CA GLN C 297 51.37 -68.00 25.07
C GLN C 297 52.64 -67.55 25.79
N ALA C 298 53.75 -67.38 25.05
CA ALA C 298 54.97 -66.88 25.67
C ALA C 298 54.82 -65.43 26.10
N ILE C 299 54.11 -64.62 25.29
CA ILE C 299 53.85 -63.24 25.65
C ILE C 299 53.03 -63.18 26.93
N LEU C 300 51.96 -64.00 26.99
CA LEU C 300 51.12 -64.05 28.19
C LEU C 300 51.93 -64.45 29.41
N GLY C 301 52.83 -65.43 29.27
CA GLY C 301 53.66 -65.83 30.38
C GLY C 301 54.48 -64.67 30.93
N THR C 302 55.02 -63.83 30.03
CA THR C 302 55.84 -62.71 30.46
C THR C 302 55.02 -61.51 30.88
N CYS C 303 53.88 -61.27 30.23
CA CYS C 303 53.20 -59.99 30.30
C CYS C 303 51.84 -60.01 30.97
N ASP C 304 51.13 -61.15 30.96
CA ASP C 304 49.73 -61.17 31.41
C ASP C 304 49.58 -60.57 32.81
N ALA C 305 50.39 -61.03 33.76
CA ALA C 305 50.25 -60.62 35.15
C ALA C 305 50.90 -59.27 35.45
N LEU C 306 51.45 -58.59 34.45
CA LEU C 306 52.05 -57.27 34.68
C LEU C 306 51.00 -56.22 35.02
N ASP C 307 49.72 -56.49 34.78
CA ASP C 307 48.65 -55.60 35.20
C ASP C 307 48.08 -55.98 36.57
N GLY C 308 48.53 -57.09 37.14
CA GLY C 308 48.06 -57.55 38.43
C GLY C 308 47.10 -58.72 38.40
N LEU C 309 46.75 -59.22 37.22
CA LEU C 309 45.76 -60.28 37.10
C LEU C 309 46.09 -61.17 35.91
N ALA C 310 46.19 -62.47 36.15
CA ALA C 310 46.40 -63.46 35.09
C ALA C 310 45.05 -63.81 34.49
N ASP C 311 44.73 -63.22 33.34
CA ASP C 311 43.41 -63.41 32.74
C ASP C 311 43.47 -63.53 31.22
N GLY C 312 44.65 -63.69 30.63
CA GLY C 312 44.77 -63.76 29.19
C GLY C 312 44.77 -62.43 28.47
N ILE C 313 44.86 -61.31 29.20
CA ILE C 313 44.85 -59.98 28.60
C ILE C 313 46.05 -59.20 29.12
N VAL C 314 46.79 -58.59 28.20
CA VAL C 314 47.97 -57.80 28.55
C VAL C 314 47.50 -56.34 28.63
N ASP C 315 47.00 -55.96 29.81
CA ASP C 315 46.54 -54.59 29.99
C ASP C 315 47.72 -53.62 30.11
N ASN C 316 48.82 -54.05 30.71
CA ASN C 316 50.00 -53.21 30.89
C ASN C 316 50.91 -53.38 29.68
N TYR C 317 50.51 -52.78 28.56
CA TYR C 317 51.22 -53.00 27.31
C TYR C 317 52.61 -52.36 27.31
N ARG C 318 52.79 -51.23 28.01
CA ARG C 318 54.12 -50.62 28.06
C ARG C 318 55.11 -51.52 28.78
N ALA C 319 54.70 -52.08 29.92
CA ALA C 319 55.57 -52.99 30.64
C ALA C 319 55.86 -54.24 29.83
N CYS C 320 54.89 -54.70 29.03
CA CYS C 320 55.11 -55.86 28.18
C CYS C 320 56.22 -55.61 27.18
N GLN C 321 56.18 -54.45 26.51
CA GLN C 321 57.20 -54.14 25.51
C GLN C 321 58.59 -54.05 26.13
N ALA C 322 58.68 -53.57 27.37
CA ALA C 322 59.96 -53.50 28.06
C ALA C 322 60.43 -54.87 28.54
N ALA C 323 59.53 -55.84 28.65
CA ALA C 323 59.86 -57.13 29.26
C ALA C 323 59.99 -58.28 28.28
N PHE C 324 59.27 -58.27 27.17
CA PHE C 324 59.22 -59.45 26.32
C PHE C 324 60.31 -59.42 25.26
N ASP C 325 61.01 -60.55 25.14
CA ASP C 325 61.95 -60.85 24.08
C ASP C 325 61.80 -62.32 23.73
N PRO C 326 61.33 -62.66 22.53
CA PRO C 326 61.13 -64.07 22.20
C PRO C 326 62.44 -64.86 22.18
N ALA C 327 63.58 -64.19 22.10
CA ALA C 327 64.87 -64.88 22.15
C ALA C 327 65.20 -65.39 23.55
N THR C 328 64.56 -64.84 24.58
CA THR C 328 64.83 -65.26 25.95
C THR C 328 63.60 -65.76 26.70
N ALA C 329 62.40 -65.58 26.15
CA ALA C 329 61.20 -65.94 26.88
C ALA C 329 61.04 -67.44 26.99
N ALA C 330 60.38 -67.87 28.07
CA ALA C 330 60.11 -69.28 28.29
C ALA C 330 58.78 -69.68 27.65
N ASN C 331 58.70 -70.96 27.27
CA ASN C 331 57.45 -71.60 26.91
C ASN C 331 56.76 -72.03 28.20
N PRO C 332 55.66 -71.40 28.59
CA PRO C 332 55.04 -71.73 29.89
C PRO C 332 54.51 -73.15 29.96
N ALA C 333 54.21 -73.76 28.81
CA ALA C 333 53.65 -75.12 28.83
C ALA C 333 54.66 -76.14 29.34
N ASN C 334 55.91 -76.05 28.88
CA ASN C 334 56.93 -77.02 29.26
C ASN C 334 58.05 -76.42 30.10
N GLY C 335 57.97 -75.14 30.45
CA GLY C 335 59.00 -74.49 31.23
C GLY C 335 60.32 -74.27 30.51
N GLN C 336 60.42 -74.69 29.25
CA GLN C 336 61.64 -74.54 28.48
C GLN C 336 61.64 -73.20 27.75
N ALA C 337 62.73 -72.89 27.07
CA ALA C 337 62.83 -71.66 26.30
C ALA C 337 61.92 -71.72 25.08
N LEU C 338 61.35 -70.57 24.73
CA LEU C 338 60.56 -70.48 23.52
C LEU C 338 61.40 -70.78 22.28
N GLN C 339 62.63 -70.27 22.24
CA GLN C 339 63.51 -70.49 21.11
C GLN C 339 64.15 -71.88 21.20
N CYS C 340 64.08 -72.63 20.09
CA CYS C 340 64.65 -73.97 20.04
C CYS C 340 66.14 -73.95 20.40
N VAL C 341 66.54 -74.91 21.22
CA VAL C 341 67.96 -75.12 21.49
C VAL C 341 68.56 -76.15 20.54
N GLY C 342 67.74 -76.99 19.91
CA GLY C 342 68.18 -77.92 18.90
C GLY C 342 67.34 -77.81 17.63
N ALA C 343 66.81 -78.93 17.16
CA ALA C 343 66.04 -78.93 15.92
C ALA C 343 64.66 -78.30 16.14
N LYS C 344 64.11 -77.76 15.05
CA LYS C 344 62.78 -77.17 15.09
C LYS C 344 61.72 -78.25 15.33
N THR C 345 60.91 -78.07 16.38
CA THR C 345 59.78 -78.93 16.67
C THR C 345 58.53 -78.08 16.84
N ALA C 346 57.40 -78.75 17.08
CA ALA C 346 56.14 -78.06 17.30
C ALA C 346 56.10 -77.33 18.64
N ASP C 347 57.09 -77.52 19.51
CA ASP C 347 57.08 -76.94 20.84
C ASP C 347 58.01 -75.73 20.97
N CYS C 348 58.66 -75.29 19.89
CA CYS C 348 59.58 -74.18 19.99
C CYS C 348 59.65 -73.45 18.65
N LEU C 349 60.19 -72.24 18.69
CA LEU C 349 60.43 -71.43 17.50
C LEU C 349 61.91 -71.49 17.14
N SER C 350 62.20 -71.68 15.86
CA SER C 350 63.58 -71.73 15.42
C SER C 350 64.25 -70.38 15.61
N PRO C 351 65.58 -70.36 15.76
CA PRO C 351 66.29 -69.06 15.81
C PRO C 351 66.00 -68.18 14.62
N VAL C 352 65.80 -68.76 13.43
CA VAL C 352 65.49 -67.96 12.25
C VAL C 352 64.09 -67.37 12.36
N GLN C 353 63.15 -68.14 12.92
CA GLN C 353 61.80 -67.62 13.17
C GLN C 353 61.84 -66.46 14.16
N VAL C 354 62.56 -66.64 15.27
CA VAL C 354 62.63 -65.61 16.30
C VAL C 354 63.25 -64.34 15.74
N THR C 355 64.38 -64.47 15.04
CA THR C 355 65.00 -63.31 14.42
C THR C 355 64.06 -62.64 13.43
N ALA C 356 63.33 -63.44 12.64
CA ALA C 356 62.45 -62.90 11.62
C ALA C 356 61.33 -62.07 12.24
N ILE C 357 60.62 -62.62 13.23
CA ILE C 357 59.50 -61.89 13.80
C ILE C 357 59.99 -60.67 14.59
N LYS C 358 61.15 -60.78 15.24
CA LYS C 358 61.70 -59.61 15.94
C LYS C 358 62.02 -58.50 14.96
N ARG C 359 62.61 -58.83 13.80
CA ARG C 359 62.89 -57.81 12.80
C ARG C 359 61.61 -57.21 12.25
N ALA C 360 60.61 -58.04 11.95
CA ALA C 360 59.34 -57.53 11.43
C ALA C 360 58.67 -56.58 12.43
N MET C 361 58.73 -56.91 13.72
CA MET C 361 58.10 -56.07 14.73
C MET C 361 58.88 -54.79 14.98
N ALA C 362 60.17 -54.76 14.62
CA ALA C 362 60.99 -53.59 14.93
C ALA C 362 60.67 -52.40 14.03
N GLY C 363 60.16 -52.65 12.82
CA GLY C 363 59.84 -51.59 11.91
C GLY C 363 60.97 -51.30 10.94
N PRO C 364 60.66 -50.69 9.80
CA PRO C 364 61.68 -50.48 8.76
C PRO C 364 62.54 -49.25 8.99
N VAL C 365 63.76 -49.33 8.46
CA VAL C 365 64.69 -48.19 8.41
C VAL C 365 65.39 -48.22 7.06
N ASN C 366 65.90 -47.06 6.65
CA ASN C 366 66.72 -46.99 5.45
C ASN C 366 68.19 -47.06 5.83
N SER C 367 69.07 -46.94 4.81
CA SER C 367 70.50 -47.06 5.06
C SER C 367 71.02 -45.92 5.93
N ALA C 368 70.42 -44.75 5.84
CA ALA C 368 70.83 -43.62 6.66
C ALA C 368 70.37 -43.73 8.11
N GLY C 369 69.58 -44.76 8.45
CA GLY C 369 69.12 -44.94 9.80
C GLY C 369 67.80 -44.29 10.14
N THR C 370 67.12 -43.73 9.15
CA THR C 370 65.84 -43.06 9.39
C THR C 370 64.73 -44.11 9.54
N PRO C 371 63.98 -44.12 10.64
CA PRO C 371 62.84 -45.04 10.74
C PRO C 371 61.75 -44.65 9.76
N LEU C 372 61.23 -45.65 9.03
CA LEU C 372 60.33 -45.38 7.93
C LEU C 372 58.86 -45.55 8.29
N TYR C 373 58.55 -46.14 9.44
CA TYR C 373 57.18 -46.17 9.94
C TYR C 373 57.17 -46.12 11.46
N ASN C 374 57.11 -47.28 12.09
CA ASN C 374 57.12 -47.40 13.54
C ASN C 374 57.30 -48.87 13.87
N ARG C 375 57.48 -49.15 15.16
CA ARG C 375 57.53 -50.53 15.62
C ARG C 375 56.14 -51.00 16.04
N TRP C 376 56.04 -52.28 16.36
CA TRP C 376 54.76 -52.91 16.69
C TRP C 376 54.82 -53.55 18.07
N ALA C 377 53.67 -53.61 18.73
CA ALA C 377 53.58 -54.11 20.10
C ALA C 377 53.42 -55.63 20.11
N TRP C 378 54.27 -56.30 20.91
CA TRP C 378 53.98 -57.69 21.27
C TRP C 378 52.67 -57.75 22.04
N ASP C 379 51.79 -58.67 21.64
CA ASP C 379 50.51 -58.79 22.32
C ASP C 379 49.92 -60.18 22.09
N ALA C 380 49.09 -60.62 23.04
CA ALA C 380 48.52 -61.96 22.97
C ALA C 380 47.59 -62.15 21.78
N GLY C 381 47.07 -61.07 21.21
CA GLY C 381 46.16 -61.19 20.08
C GLY C 381 46.82 -61.51 18.76
N MET C 382 48.14 -61.69 18.74
CA MET C 382 48.79 -62.21 17.55
C MET C 382 48.29 -63.62 17.23
N SER C 383 47.79 -64.32 18.23
CA SER C 383 47.14 -65.61 18.02
C SER C 383 45.88 -65.67 18.86
N GLY C 384 45.58 -66.84 19.42
CA GLY C 384 44.37 -67.01 20.19
C GLY C 384 43.67 -68.28 19.77
N LEU C 385 42.98 -68.91 20.72
CA LEU C 385 42.30 -70.17 20.50
C LEU C 385 40.91 -70.07 21.13
N SER C 386 39.88 -70.21 20.29
CA SER C 386 38.50 -70.33 20.76
C SER C 386 37.99 -71.68 20.25
N GLY C 387 37.73 -72.60 21.17
CA GLY C 387 37.44 -73.95 20.74
C GLY C 387 38.68 -74.55 20.12
N THR C 388 38.57 -74.97 18.87
CA THR C 388 39.73 -75.45 18.10
C THR C 388 40.11 -74.49 16.98
N THR C 389 39.54 -73.30 16.96
CA THR C 389 39.74 -72.34 15.87
C THR C 389 40.83 -71.35 16.26
N TYR C 390 41.94 -71.38 15.53
CA TYR C 390 43.01 -70.42 15.75
C TYR C 390 42.63 -69.06 15.17
N ASN C 391 43.02 -68.00 15.88
CA ASN C 391 42.73 -66.65 15.43
C ASN C 391 43.56 -66.32 14.19
N GLN C 392 42.89 -65.93 13.11
CA GLN C 392 43.55 -65.50 11.89
C GLN C 392 43.69 -63.98 11.80
N GLY C 393 43.15 -63.24 12.77
CA GLY C 393 43.02 -61.80 12.64
C GLY C 393 44.33 -61.04 12.60
N TRP C 394 45.40 -61.61 13.13
CA TRP C 394 46.71 -60.94 13.05
C TRP C 394 47.53 -61.43 11.86
N ARG C 395 47.69 -62.76 11.72
CA ARG C 395 48.59 -63.29 10.70
C ARG C 395 48.13 -62.99 9.28
N SER C 396 46.84 -62.72 9.07
CA SER C 396 46.35 -62.47 7.72
C SER C 396 47.05 -61.29 7.06
N TRP C 397 47.66 -60.39 7.83
CA TRP C 397 48.20 -59.16 7.27
C TRP C 397 49.63 -59.33 6.73
N TRP C 398 50.55 -59.85 7.56
CA TRP C 398 51.93 -60.00 7.13
C TRP C 398 52.26 -61.38 6.61
N LEU C 399 51.51 -62.40 7.03
CA LEU C 399 51.82 -63.79 6.73
C LEU C 399 50.86 -64.40 5.73
N GLY C 400 49.55 -64.27 5.94
CA GLY C 400 48.58 -64.97 5.12
C GLY C 400 48.20 -66.31 5.70
N SER C 401 47.28 -66.99 5.02
CA SER C 401 46.80 -68.29 5.49
C SER C 401 47.87 -69.36 5.29
N PHE C 402 48.13 -70.13 6.34
CA PHE C 402 49.15 -71.17 6.25
C PHE C 402 48.81 -72.20 5.19
N ASN C 403 47.55 -72.63 5.13
CA ASN C 403 47.13 -73.72 4.24
C ASN C 403 46.87 -73.18 2.83
N SER C 404 47.96 -72.82 2.16
CA SER C 404 47.88 -72.36 0.78
C SER C 404 49.24 -72.53 0.13
N SER C 405 49.23 -72.92 -1.15
CA SER C 405 50.44 -73.03 -1.94
C SER C 405 50.82 -71.70 -2.59
N ALA C 406 50.13 -70.62 -2.25
CA ALA C 406 50.40 -69.31 -2.81
C ALA C 406 50.52 -68.30 -1.68
N ASN C 407 51.29 -67.24 -1.93
CA ASN C 407 51.30 -66.10 -1.04
C ASN C 407 49.96 -65.40 -1.09
N ASN C 408 49.45 -65.01 0.07
CA ASN C 408 48.13 -64.41 0.14
C ASN C 408 48.02 -63.33 1.21
N ALA C 409 49.12 -62.94 1.83
CA ALA C 409 49.08 -61.89 2.85
C ALA C 409 48.76 -60.55 2.21
N GLN C 410 48.10 -59.70 3.00
CA GLN C 410 47.80 -58.34 2.57
C GLN C 410 49.07 -57.60 2.16
N ARG C 411 50.14 -57.75 2.93
CA ARG C 411 51.36 -56.98 2.72
C ARG C 411 52.35 -57.65 1.78
N VAL C 412 52.11 -58.89 1.38
CA VAL C 412 53.00 -59.60 0.48
C VAL C 412 52.53 -59.44 -0.96
N SER C 413 51.32 -59.91 -1.24
CA SER C 413 50.76 -59.85 -2.58
C SER C 413 49.32 -59.38 -2.61
N GLY C 414 48.72 -59.05 -1.47
CA GLY C 414 47.32 -58.72 -1.39
C GLY C 414 47.04 -57.25 -1.60
N PHE C 415 45.89 -56.82 -1.07
CA PHE C 415 45.36 -55.48 -1.39
C PHE C 415 46.27 -54.37 -0.89
N SER C 416 46.89 -54.56 0.29
CA SER C 416 47.74 -53.50 0.84
C SER C 416 48.95 -53.26 -0.05
N ALA C 417 49.62 -54.33 -0.47
CA ALA C 417 50.78 -54.18 -1.35
C ALA C 417 50.37 -53.63 -2.72
N ARG C 418 49.26 -54.12 -3.27
CA ARG C 418 48.80 -53.60 -4.56
C ARG C 418 48.45 -52.12 -4.45
N SER C 419 47.84 -51.72 -3.33
CA SER C 419 47.46 -50.32 -3.16
C SER C 419 48.68 -49.42 -3.08
N TRP C 420 49.74 -49.87 -2.40
CA TRP C 420 50.94 -49.02 -2.33
C TRP C 420 51.51 -48.78 -3.72
N LEU C 421 51.56 -49.81 -4.56
CA LEU C 421 52.22 -49.67 -5.86
C LEU C 421 51.45 -48.73 -6.78
N VAL C 422 50.12 -48.75 -6.73
CA VAL C 422 49.30 -48.00 -7.68
C VAL C 422 48.73 -46.72 -7.08
N ASP C 423 48.40 -46.70 -5.79
CA ASP C 423 47.76 -45.53 -5.20
C ASP C 423 48.72 -44.58 -4.51
N PHE C 424 49.78 -45.10 -3.89
CA PHE C 424 50.64 -44.27 -3.06
C PHE C 424 52.01 -44.00 -3.65
N ALA C 425 52.56 -44.91 -4.45
CA ALA C 425 53.79 -44.60 -5.15
C ALA C 425 53.50 -43.63 -6.30
N THR C 426 54.36 -42.63 -6.44
CA THR C 426 54.20 -41.62 -7.48
C THR C 426 55.49 -41.54 -8.27
N PRO C 427 55.46 -41.78 -9.59
CA PRO C 427 54.26 -42.16 -10.37
C PRO C 427 53.81 -43.59 -10.06
N PRO C 428 52.56 -43.93 -10.42
CA PRO C 428 52.07 -45.28 -10.11
C PRO C 428 52.89 -46.34 -10.82
N GLU C 429 52.91 -47.53 -10.22
CA GLU C 429 53.66 -48.67 -10.75
C GLU C 429 52.73 -49.85 -10.97
N PRO C 430 51.87 -49.77 -11.99
CA PRO C 430 51.02 -50.93 -12.30
C PRO C 430 51.85 -52.07 -12.86
N MET C 431 51.42 -53.28 -12.55
CA MET C 431 52.13 -54.50 -12.96
C MET C 431 51.15 -55.65 -12.89
N PRO C 432 51.47 -56.79 -13.50
CA PRO C 432 50.61 -57.96 -13.37
C PRO C 432 50.49 -58.41 -11.92
N MET C 433 49.37 -59.05 -11.61
CA MET C 433 49.11 -59.51 -10.25
C MET C 433 50.18 -60.48 -9.76
N THR C 434 50.76 -61.27 -10.66
CA THR C 434 51.75 -62.26 -10.27
C THR C 434 53.12 -61.68 -9.96
N GLN C 435 53.31 -60.37 -10.14
CA GLN C 435 54.60 -59.74 -9.87
C GLN C 435 54.70 -59.08 -8.52
N VAL C 436 53.56 -58.89 -7.82
CA VAL C 436 53.55 -58.05 -6.62
C VAL C 436 54.42 -58.66 -5.53
N ALA C 437 54.32 -59.98 -5.33
CA ALA C 437 55.09 -60.62 -4.26
C ALA C 437 56.59 -60.42 -4.47
N ALA C 438 57.06 -60.66 -5.69
CA ALA C 438 58.47 -60.42 -5.99
C ALA C 438 58.84 -58.96 -5.81
N ARG C 439 57.94 -58.05 -6.19
CA ARG C 439 58.21 -56.62 -6.08
C ARG C 439 58.42 -56.20 -4.62
N MET C 440 57.65 -56.79 -3.70
CA MET C 440 57.86 -56.50 -2.29
C MET C 440 59.17 -57.08 -1.79
N MET C 441 59.61 -58.22 -2.35
CA MET C 441 60.86 -58.82 -1.92
C MET C 441 62.07 -58.03 -2.40
N LYS C 442 61.96 -57.34 -3.55
CA LYS C 442 63.05 -56.52 -4.06
C LYS C 442 62.92 -55.05 -3.70
N PHE C 443 61.89 -54.69 -2.94
CA PHE C 443 61.70 -53.32 -2.45
C PHE C 443 62.98 -52.77 -1.86
N ASP C 444 63.41 -51.61 -2.36
CA ASP C 444 64.65 -50.95 -1.96
C ASP C 444 64.31 -49.83 -1.00
N PHE C 445 64.73 -49.95 0.26
CA PHE C 445 64.32 -49.00 1.27
C PHE C 445 65.03 -47.66 1.17
N ASP C 446 66.01 -47.53 0.28
CA ASP C 446 66.64 -46.23 0.02
C ASP C 446 66.06 -45.52 -1.20
N ILE C 447 65.23 -46.21 -1.99
CA ILE C 447 64.68 -45.65 -3.22
C ILE C 447 63.15 -45.61 -3.18
N ASP C 448 62.53 -46.74 -2.89
CA ASP C 448 61.08 -46.87 -2.96
C ASP C 448 60.35 -46.01 -1.93
N PRO C 449 60.79 -45.92 -0.66
CA PRO C 449 60.07 -45.06 0.29
C PRO C 449 60.00 -43.60 -0.10
N LEU C 450 60.91 -43.11 -0.94
CA LEU C 450 60.84 -41.73 -1.37
C LEU C 450 59.61 -41.45 -2.23
N LYS C 451 58.99 -42.49 -2.80
CA LYS C 451 57.92 -42.30 -3.76
C LYS C 451 56.60 -41.87 -3.14
N ILE C 452 56.44 -41.99 -1.81
CA ILE C 452 55.26 -41.47 -1.15
C ILE C 452 55.39 -39.99 -0.80
N TRP C 453 56.58 -39.41 -1.00
CA TRP C 453 56.78 -37.97 -0.83
C TRP C 453 56.97 -37.26 -2.16
N ALA C 454 56.93 -37.98 -3.27
CA ALA C 454 57.26 -37.42 -4.57
C ALA C 454 56.02 -36.95 -5.31
N THR C 455 56.23 -35.97 -6.19
CA THR C 455 55.27 -35.59 -7.21
C THR C 455 55.81 -36.01 -8.57
N SER C 456 54.93 -36.07 -9.56
CA SER C 456 55.35 -36.51 -10.88
C SER C 456 54.31 -36.06 -11.90
N GLY C 457 54.65 -35.06 -12.70
CA GLY C 457 53.79 -34.66 -13.80
C GLY C 457 52.42 -34.23 -13.31
N GLN C 458 51.38 -34.88 -13.85
CA GLN C 458 50.01 -34.58 -13.47
C GLN C 458 49.67 -35.05 -12.06
N PHE C 459 50.52 -35.88 -11.44
CA PHE C 459 50.38 -36.22 -10.02
C PHE C 459 51.04 -35.11 -9.22
N THR C 460 50.27 -34.05 -8.99
CA THR C 460 50.81 -32.81 -8.46
C THR C 460 50.98 -32.82 -6.95
N GLN C 461 50.39 -33.80 -6.26
CA GLN C 461 50.51 -33.95 -4.82
C GLN C 461 51.05 -35.33 -4.51
N SER C 462 51.96 -35.40 -3.54
CA SER C 462 52.42 -36.69 -3.05
C SER C 462 51.31 -37.39 -2.28
N SER C 463 51.46 -38.72 -2.13
CA SER C 463 50.43 -39.47 -1.42
C SER C 463 50.41 -39.13 0.06
N MET C 464 51.56 -38.81 0.65
CA MET C 464 51.53 -38.31 2.03
C MET C 464 50.77 -36.99 2.10
N ASP C 465 50.82 -36.20 1.03
CA ASP C 465 50.12 -34.92 0.98
C ASP C 465 48.60 -35.11 0.95
N TRP C 466 48.09 -35.93 0.02
CA TRP C 466 46.64 -36.02 -0.07
C TRP C 466 46.04 -37.08 0.84
N HIS C 467 46.79 -38.11 1.22
CA HIS C 467 46.26 -39.18 2.07
C HIS C 467 46.69 -39.08 3.52
N GLY C 468 47.87 -38.54 3.80
CA GLY C 468 48.33 -38.48 5.18
C GLY C 468 47.49 -37.52 6.01
N ALA C 469 47.42 -37.82 7.32
CA ALA C 469 46.69 -36.99 8.27
C ALA C 469 47.50 -36.94 9.57
N THR C 470 48.65 -36.26 9.51
CA THR C 470 49.65 -36.27 10.58
C THR C 470 49.72 -34.96 11.35
N SER C 471 48.84 -34.00 11.06
CA SER C 471 48.92 -32.71 11.72
C SER C 471 48.34 -32.78 13.13
N THR C 472 49.03 -32.15 14.08
CA THR C 472 48.52 -31.97 15.44
C THR C 472 47.91 -30.59 15.65
N ASP C 473 47.63 -29.85 14.57
CA ASP C 473 47.04 -28.53 14.67
C ASP C 473 45.52 -28.68 14.67
N LEU C 474 44.95 -28.89 15.86
CA LEU C 474 43.52 -29.10 16.03
C LEU C 474 42.86 -27.97 16.82
N ALA C 475 43.53 -26.81 16.94
CA ALA C 475 42.99 -25.73 17.75
C ALA C 475 41.63 -25.27 17.24
N ALA C 476 41.46 -25.17 15.91
CA ALA C 476 40.19 -24.73 15.36
C ALA C 476 39.08 -25.75 15.66
N PHE C 477 39.41 -27.04 15.57
CA PHE C 477 38.47 -28.10 15.94
C PHE C 477 38.10 -27.99 17.42
N ARG C 478 39.10 -27.93 18.30
CA ARG C 478 38.84 -27.86 19.73
C ARG C 478 38.04 -26.62 20.11
N ASP C 479 38.40 -25.46 19.54
CA ASP C 479 37.84 -24.21 20.05
C ASP C 479 36.42 -23.95 19.55
N ARG C 480 35.91 -24.74 18.61
CA ARG C 480 34.50 -24.68 18.25
C ARG C 480 33.70 -25.80 18.92
N GLY C 481 34.27 -26.48 19.90
CA GLY C 481 33.58 -27.53 20.62
C GLY C 481 33.79 -28.94 20.11
N GLY C 482 34.71 -29.14 19.18
CA GLY C 482 34.92 -30.46 18.62
C GLY C 482 35.53 -31.42 19.63
N LYS C 483 35.05 -32.67 19.60
CA LYS C 483 35.56 -33.75 20.44
C LYS C 483 35.94 -34.93 19.57
N MET C 484 37.06 -35.59 19.90
CA MET C 484 37.53 -36.73 19.14
C MET C 484 37.85 -37.89 20.06
N ILE C 485 37.31 -39.06 19.74
CA ILE C 485 37.64 -40.31 20.42
C ILE C 485 38.41 -41.18 19.44
N LEU C 486 39.64 -41.51 19.79
CA LEU C 486 40.44 -42.48 19.05
C LEU C 486 40.42 -43.82 19.78
N TYR C 487 40.44 -44.90 19.00
CA TYR C 487 40.64 -46.23 19.59
C TYR C 487 41.47 -47.08 18.63
N HIS C 488 42.12 -48.11 19.18
CA HIS C 488 43.05 -48.92 18.42
C HIS C 488 43.32 -50.21 19.18
N GLY C 489 43.21 -51.34 18.48
CA GLY C 489 43.52 -52.63 19.09
C GLY C 489 45.02 -52.86 19.16
N MET C 490 45.48 -53.41 20.29
CA MET C 490 46.91 -53.59 20.48
C MET C 490 47.49 -54.64 19.54
N SER C 491 46.68 -55.61 19.10
CA SER C 491 47.13 -56.65 18.18
C SER C 491 46.74 -56.36 16.73
N ASP C 492 46.70 -55.08 16.37
CA ASP C 492 46.42 -54.64 15.00
C ASP C 492 47.70 -54.78 14.17
N ALA C 493 47.63 -55.59 13.11
CA ALA C 493 48.74 -55.74 12.19
C ALA C 493 48.62 -54.88 10.94
N ALA C 494 47.48 -54.21 10.76
CA ALA C 494 47.34 -53.27 9.65
C ALA C 494 48.07 -51.97 9.95
N PHE C 495 47.75 -51.35 11.08
CA PHE C 495 48.40 -50.14 11.55
C PHE C 495 48.78 -50.33 13.01
N SER C 496 49.95 -49.83 13.38
CA SER C 496 50.51 -50.09 14.69
C SER C 496 49.82 -49.22 15.75
N ALA C 497 49.28 -49.86 16.78
CA ALA C 497 48.67 -49.12 17.89
C ALA C 497 49.68 -48.16 18.52
N LEU C 498 50.96 -48.55 18.57
CA LEU C 498 51.98 -47.68 19.12
C LEU C 498 52.17 -46.41 18.29
N ASP C 499 51.89 -46.49 16.98
CA ASP C 499 51.99 -45.30 16.15
C ASP C 499 50.83 -44.34 16.41
N THR C 500 49.63 -44.87 16.68
CA THR C 500 48.54 -44.01 17.11
C THR C 500 48.88 -43.35 18.43
N ALA C 501 49.45 -44.11 19.37
CA ALA C 501 49.84 -43.54 20.65
C ALA C 501 50.88 -42.45 20.48
N ASP C 502 51.80 -42.63 19.53
CA ASP C 502 52.82 -41.60 19.31
C ASP C 502 52.19 -40.32 18.75
N TYR C 503 51.20 -40.45 17.86
CA TYR C 503 50.46 -39.26 17.44
C TYR C 503 49.80 -38.58 18.62
N TYR C 504 49.15 -39.37 19.49
CA TYR C 504 48.43 -38.79 20.61
C TYR C 504 49.40 -38.10 21.58
N GLU C 505 50.59 -38.67 21.76
CA GLU C 505 51.61 -37.99 22.56
C GLU C 505 52.02 -36.68 21.93
N ARG C 506 52.19 -36.66 20.60
CA ARG C 506 52.53 -35.42 19.92
C ARG C 506 51.41 -34.40 20.04
N LEU C 507 50.15 -34.86 19.97
CA LEU C 507 49.03 -33.94 20.11
C LEU C 507 49.00 -33.30 21.49
N GLY C 508 49.19 -34.11 22.53
CA GLY C 508 49.20 -33.58 23.88
C GLY C 508 50.33 -32.59 24.11
N ALA C 509 51.49 -32.84 23.49
CA ALA C 509 52.60 -31.90 23.63
C ALA C 509 52.34 -30.62 22.84
N ALA C 510 51.72 -30.73 21.67
CA ALA C 510 51.42 -29.54 20.87
C ALA C 510 50.27 -28.75 21.46
N MET C 511 49.31 -29.42 22.12
CA MET C 511 48.12 -28.76 22.65
C MET C 511 47.94 -29.17 24.10
N PRO C 512 48.56 -28.46 25.04
CA PRO C 512 48.40 -28.79 26.46
C PRO C 512 46.93 -28.83 26.85
N GLY C 513 46.59 -29.79 27.70
CA GLY C 513 45.20 -30.01 28.07
C GLY C 513 44.39 -30.72 27.01
N ALA C 514 45.04 -31.44 26.10
CA ALA C 514 44.34 -32.04 24.96
C ALA C 514 43.30 -33.05 25.41
N ALA C 515 43.47 -33.65 26.60
CA ALA C 515 42.52 -34.63 27.09
C ALA C 515 41.13 -34.04 27.29
N GLY C 516 41.01 -32.72 27.30
CA GLY C 516 39.72 -32.07 27.38
C GLY C 516 38.90 -32.14 26.11
N PHE C 517 39.53 -32.48 24.98
CA PHE C 517 38.79 -32.63 23.73
C PHE C 517 39.16 -33.85 22.91
N ALA C 518 40.25 -34.56 23.23
CA ALA C 518 40.66 -35.72 22.45
C ALA C 518 41.25 -36.77 23.39
N ARG C 519 40.77 -38.00 23.27
CA ARG C 519 41.22 -39.10 24.11
C ARG C 519 41.38 -40.36 23.28
N LEU C 520 42.33 -41.20 23.70
CA LEU C 520 42.70 -42.41 22.98
C LEU C 520 42.40 -43.61 23.85
N PHE C 521 41.77 -44.63 23.26
CA PHE C 521 41.35 -45.83 23.98
C PHE C 521 41.97 -47.06 23.31
N LEU C 522 43.09 -47.53 23.88
CA LEU C 522 43.72 -48.74 23.37
C LEU C 522 42.99 -49.98 23.90
N VAL C 523 42.95 -51.02 23.08
CA VAL C 523 42.20 -52.23 23.39
C VAL C 523 43.15 -53.42 23.35
N PRO C 524 43.58 -53.93 24.51
CA PRO C 524 44.45 -55.12 24.51
C PRO C 524 43.76 -56.30 23.84
N GLY C 525 44.55 -57.05 23.05
CA GLY C 525 44.07 -58.26 22.41
C GLY C 525 43.32 -58.08 21.11
N MET C 526 42.77 -56.89 20.85
CA MET C 526 41.93 -56.69 19.68
C MET C 526 42.78 -56.60 18.42
N ASN C 527 42.27 -57.17 17.33
CA ASN C 527 42.94 -57.09 16.04
C ASN C 527 42.53 -55.81 15.32
N HIS C 528 42.51 -55.83 13.98
CA HIS C 528 42.27 -54.61 13.21
C HIS C 528 40.78 -54.30 13.20
N CYS C 529 40.39 -53.24 13.92
CA CYS C 529 39.02 -52.74 14.03
C CYS C 529 38.10 -53.65 14.85
N SER C 530 38.35 -54.97 14.80
CA SER C 530 37.52 -55.90 15.57
C SER C 530 38.25 -57.24 15.66
N GLY C 531 37.67 -58.14 16.45
CA GLY C 531 38.18 -59.49 16.56
C GLY C 531 39.29 -59.64 17.58
N GLY C 532 39.64 -60.89 17.84
CA GLY C 532 40.77 -61.21 18.69
C GLY C 532 40.40 -61.37 20.15
N PRO C 533 41.35 -61.85 20.95
CA PRO C 533 41.10 -62.08 22.40
C PRO C 533 41.07 -60.80 23.21
N GLY C 534 40.04 -60.00 22.97
CA GLY C 534 39.86 -58.77 23.73
C GLY C 534 38.42 -58.32 23.71
N THR C 535 38.15 -57.25 24.47
CA THR C 535 36.82 -56.66 24.53
C THR C 535 36.68 -55.68 23.37
N ASP C 536 36.27 -56.21 22.21
CA ASP C 536 36.28 -55.50 20.95
C ASP C 536 34.92 -54.91 20.57
N ARG C 537 33.91 -55.03 21.43
CA ARG C 537 32.58 -54.50 21.14
C ARG C 537 32.26 -53.37 22.11
N PHE C 538 31.72 -52.28 21.57
CA PHE C 538 31.48 -51.08 22.37
C PHE C 538 30.63 -50.10 21.56
N ASP C 539 29.96 -49.21 22.28
CA ASP C 539 29.11 -48.17 21.70
C ASP C 539 29.88 -46.85 21.80
N MET C 540 30.48 -46.43 20.69
CA MET C 540 31.26 -45.19 20.67
C MET C 540 30.40 -43.95 20.42
N LEU C 541 29.21 -44.12 19.86
CA LEU C 541 28.37 -42.96 19.53
C LEU C 541 27.78 -42.31 20.78
N THR C 542 27.34 -43.10 21.75
CA THR C 542 26.74 -42.52 22.94
C THR C 542 27.69 -41.64 23.72
N PRO C 543 28.92 -42.06 24.06
CA PRO C 543 29.82 -41.13 24.76
C PRO C 543 30.30 -39.98 23.90
N LEU C 544 30.39 -40.16 22.59
CA LEU C 544 30.75 -39.04 21.72
C LEU C 544 29.70 -37.93 21.77
N VAL C 545 28.42 -38.31 21.63
CA VAL C 545 27.34 -37.32 21.72
C VAL C 545 27.36 -36.64 23.09
N ALA C 546 27.61 -37.41 24.15
CA ALA C 546 27.61 -36.83 25.49
C ALA C 546 28.77 -35.84 25.65
N TRP C 547 29.92 -36.14 25.07
CA TRP C 547 31.06 -35.23 25.16
C TRP C 547 30.78 -33.94 24.42
N VAL C 548 30.29 -34.03 23.19
CA VAL C 548 30.06 -32.85 22.38
C VAL C 548 28.95 -31.98 22.97
N GLU C 549 27.83 -32.59 23.35
CA GLU C 549 26.63 -31.84 23.67
C GLU C 549 26.51 -31.47 25.14
N ARG C 550 27.02 -32.30 26.05
CA ARG C 550 26.93 -32.01 27.48
C ARG C 550 28.28 -31.79 28.12
N GLY C 551 29.37 -31.90 27.35
CA GLY C 551 30.69 -31.63 27.89
C GLY C 551 31.24 -32.68 28.83
N GLU C 552 30.66 -33.89 28.84
CA GLU C 552 31.13 -34.95 29.72
C GLU C 552 32.19 -35.76 28.98
N ALA C 553 33.44 -35.65 29.41
CA ALA C 553 34.52 -36.40 28.80
C ALA C 553 34.42 -37.86 29.22
N PRO C 554 34.70 -38.80 28.32
CA PRO C 554 34.65 -40.22 28.71
C PRO C 554 35.84 -40.62 29.57
N ASP C 555 35.61 -40.79 30.87
CA ASP C 555 36.65 -41.29 31.75
C ASP C 555 36.86 -42.79 31.62
N GLN C 556 35.92 -43.48 30.98
CA GLN C 556 36.06 -44.88 30.58
C GLN C 556 34.92 -45.18 29.63
N ILE C 557 35.12 -46.19 28.80
CA ILE C 557 34.12 -46.65 27.85
C ILE C 557 33.94 -48.14 28.03
N SER C 558 32.71 -48.56 28.31
CA SER C 558 32.43 -49.98 28.53
C SER C 558 32.62 -50.76 27.24
N ALA C 559 33.17 -51.96 27.38
CA ALA C 559 33.42 -52.84 26.24
C ALA C 559 33.20 -54.28 26.65
N TRP C 560 32.86 -55.12 25.67
CA TRP C 560 32.71 -56.54 25.91
C TRP C 560 33.31 -57.31 24.74
N SER C 561 33.55 -58.61 24.96
CA SER C 561 34.22 -59.43 23.97
C SER C 561 33.19 -60.05 23.04
N GLY C 562 33.45 -59.96 21.73
CA GLY C 562 32.64 -60.66 20.77
C GLY C 562 32.94 -62.14 20.66
N THR C 563 34.09 -62.57 21.17
CA THR C 563 34.50 -63.97 21.18
C THR C 563 35.05 -64.31 22.55
N PRO C 564 34.18 -64.34 23.57
CA PRO C 564 34.67 -64.65 24.92
C PRO C 564 35.24 -66.06 25.06
N GLY C 565 35.01 -66.93 24.08
CA GLY C 565 35.61 -68.25 24.08
C GLY C 565 37.12 -68.25 24.07
N TYR C 566 37.74 -67.15 23.62
CA TYR C 566 39.19 -67.02 23.72
C TYR C 566 39.67 -67.15 25.15
N PHE C 567 38.81 -66.79 26.11
CA PHE C 567 39.10 -66.95 27.53
C PHE C 567 38.33 -68.09 28.18
N GLY C 568 37.56 -68.84 27.39
CA GLY C 568 36.79 -69.95 27.93
C GLY C 568 35.59 -69.56 28.75
N VAL C 569 35.06 -68.36 28.55
CA VAL C 569 33.95 -67.86 29.35
C VAL C 569 32.79 -67.51 28.43
N ALA C 570 31.61 -67.34 29.03
CA ALA C 570 30.43 -66.99 28.25
C ALA C 570 30.41 -65.51 27.88
N ALA C 571 31.05 -64.67 28.68
CA ALA C 571 31.05 -63.23 28.45
C ALA C 571 32.17 -62.60 29.26
N ARG C 572 32.63 -61.44 28.80
CA ARG C 572 33.63 -60.67 29.54
C ARG C 572 33.45 -59.20 29.20
N THR C 573 33.23 -58.38 30.22
CA THR C 573 33.11 -56.94 30.07
C THR C 573 34.21 -56.26 30.87
N ARG C 574 34.81 -55.25 30.27
CA ARG C 574 35.91 -54.50 30.85
C ARG C 574 35.78 -53.04 30.45
N PRO C 575 36.32 -52.12 31.25
CA PRO C 575 36.37 -50.73 30.83
C PRO C 575 37.53 -50.49 29.88
N LEU C 576 37.28 -49.69 28.85
CA LEU C 576 38.34 -49.10 28.05
C LEU C 576 38.79 -47.82 28.75
N CYS C 577 40.11 -47.59 28.77
CA CYS C 577 40.62 -46.52 29.59
C CYS C 577 41.32 -45.47 28.75
N PRO C 578 41.18 -44.20 29.09
CA PRO C 578 41.83 -43.14 28.32
C PRO C 578 43.34 -43.17 28.50
N TYR C 579 44.06 -43.21 27.38
CA TYR C 579 45.51 -43.20 27.38
C TYR C 579 46.04 -42.12 28.32
N PRO C 580 47.03 -42.41 29.17
CA PRO C 580 47.80 -43.66 29.25
C PRO C 580 47.32 -44.65 30.31
N GLN C 581 46.08 -44.52 30.77
CA GLN C 581 45.57 -45.41 31.81
C GLN C 581 45.28 -46.79 31.24
N ILE C 582 45.18 -47.78 32.15
CA ILE C 582 44.85 -49.15 31.81
C ILE C 582 43.87 -49.69 32.83
N ALA C 583 43.17 -50.76 32.46
CA ALA C 583 42.23 -51.39 33.37
C ALA C 583 42.98 -52.15 34.46
N ARG C 584 42.51 -52.03 35.70
CA ARG C 584 43.17 -52.64 36.85
C ARG C 584 42.12 -53.32 37.70
N TYR C 585 42.33 -54.62 37.96
CA TYR C 585 41.43 -55.41 38.79
C TYR C 585 41.38 -54.85 40.20
N LYS C 586 40.18 -54.72 40.75
CA LYS C 586 40.01 -54.18 42.10
C LYS C 586 40.42 -55.17 43.19
N GLY C 587 40.67 -56.43 42.84
CA GLY C 587 41.16 -57.42 43.78
C GLY C 587 40.15 -58.47 44.20
N SER C 588 38.87 -58.22 43.99
CA SER C 588 37.83 -59.17 44.36
C SER C 588 36.70 -59.13 43.33
N GLY C 589 35.94 -60.21 43.28
CA GLY C 589 34.82 -60.31 42.38
C GLY C 589 35.16 -60.99 41.07
N ASP C 590 34.10 -61.31 40.32
CA ASP C 590 34.23 -61.93 39.00
C ASP C 590 35.18 -61.13 38.12
N ILE C 591 36.21 -61.80 37.59
CA ILE C 591 37.16 -61.14 36.71
C ILE C 591 36.60 -60.88 35.32
N ASN C 592 35.40 -61.39 35.03
CA ASN C 592 34.75 -61.16 33.74
C ASN C 592 33.69 -60.06 33.81
N THR C 593 33.60 -59.37 34.95
CA THR C 593 32.59 -58.34 35.19
C THR C 593 33.25 -56.98 35.26
N GLU C 594 32.71 -56.01 34.51
CA GLU C 594 33.34 -54.70 34.41
C GLU C 594 33.43 -53.98 35.76
N ALA C 595 32.44 -54.17 36.63
CA ALA C 595 32.38 -53.42 37.88
C ALA C 595 33.57 -53.70 38.80
N ASN C 596 34.29 -54.80 38.59
CA ASN C 596 35.45 -55.12 39.41
C ASN C 596 36.75 -54.58 38.82
N PHE C 597 36.68 -53.61 37.92
CA PHE C 597 37.85 -52.99 37.33
C PHE C 597 37.68 -51.47 37.32
N ALA C 598 38.81 -50.76 37.40
CA ALA C 598 38.80 -49.31 37.32
C ALA C 598 40.01 -48.86 36.51
N CYS C 599 39.86 -47.72 35.84
CA CYS C 599 40.95 -47.17 35.05
C CYS C 599 41.95 -46.49 35.98
N ALA C 600 43.23 -46.79 35.79
CA ALA C 600 44.27 -46.25 36.65
C ALA C 600 45.59 -46.26 35.91
N ALA C 601 46.57 -45.56 36.48
CA ALA C 601 47.92 -45.61 35.96
C ALA C 601 48.47 -47.03 36.07
N PRO C 602 49.41 -47.40 35.20
CA PRO C 602 50.05 -48.71 35.34
C PRO C 602 50.82 -48.77 36.64
N PRO C 603 50.98 -49.98 37.21
CA PRO C 603 51.66 -50.20 38.49
C PRO C 603 53.05 -49.57 38.59
N VAL D 43 1.37 -14.65 33.56
CA VAL D 43 0.13 -13.93 33.74
C VAL D 43 -0.69 -14.57 34.87
N PRO D 44 -1.43 -13.75 35.62
CA PRO D 44 -2.17 -14.28 36.77
C PRO D 44 -3.31 -15.20 36.32
N LEU D 45 -3.65 -16.12 37.20
CA LEU D 45 -4.72 -17.07 36.91
C LEU D 45 -6.08 -16.38 36.96
N ALA D 46 -7.02 -16.92 36.18
CA ALA D 46 -8.42 -16.49 36.18
C ALA D 46 -8.54 -14.98 35.97
N SER D 47 -7.82 -14.48 34.97
CA SER D 47 -7.73 -13.05 34.73
C SER D 47 -7.95 -12.76 33.24
N ARG D 48 -8.07 -11.46 32.94
CA ARG D 48 -8.22 -11.04 31.55
C ARG D 48 -7.04 -11.48 30.70
N ALA D 49 -5.83 -11.41 31.26
CA ALA D 49 -4.64 -11.81 30.51
C ALA D 49 -4.62 -13.31 30.27
N ALA D 50 -4.97 -14.10 31.28
CA ALA D 50 -5.05 -15.55 31.10
C ALA D 50 -6.11 -15.92 30.09
N CYS D 51 -7.23 -15.18 30.08
CA CYS D 51 -8.30 -15.46 29.13
C CYS D 51 -7.84 -15.25 27.69
N GLU D 52 -7.31 -14.05 27.41
CA GLU D 52 -6.90 -13.74 26.04
C GLU D 52 -5.70 -14.55 25.59
N ALA D 53 -4.93 -15.12 26.53
CA ALA D 53 -3.82 -16.00 26.16
C ALA D 53 -4.30 -17.34 25.62
N LEU D 54 -5.58 -17.66 25.74
CA LEU D 54 -6.08 -18.95 25.26
C LEU D 54 -6.29 -18.98 23.75
N LYS D 55 -6.42 -17.82 23.10
CA LYS D 55 -6.63 -17.79 21.66
C LYS D 55 -5.36 -18.23 20.93
N ASP D 56 -5.56 -18.86 19.77
CA ASP D 56 -4.47 -19.43 19.00
C ASP D 56 -3.40 -18.37 18.70
N GLY D 57 -2.15 -18.72 18.96
CA GLY D 57 -1.04 -17.84 18.66
C GLY D 57 -0.72 -16.82 19.72
N ASN D 58 -1.56 -16.64 20.73
CA ASN D 58 -1.29 -15.72 21.82
C ASN D 58 -0.74 -16.43 23.05
N GLY D 59 -0.15 -17.60 22.88
CA GLY D 59 0.42 -18.34 23.99
C GLY D 59 0.70 -19.77 23.59
N ASP D 60 0.97 -20.60 24.60
CA ASP D 60 1.16 -22.02 24.38
C ASP D 60 0.14 -22.83 25.18
N MET D 61 -1.14 -22.61 24.92
CA MET D 61 -2.17 -23.50 25.42
C MET D 61 -2.17 -24.77 24.58
N VAL D 62 -2.24 -25.91 25.24
CA VAL D 62 -2.15 -27.21 24.58
C VAL D 62 -3.51 -27.90 24.72
N TRP D 63 -4.16 -28.15 23.59
CA TRP D 63 -5.45 -28.81 23.55
C TRP D 63 -5.28 -30.31 23.36
N PRO D 64 -6.15 -31.11 24.00
CA PRO D 64 -6.04 -32.56 23.83
C PRO D 64 -6.23 -33.02 22.40
N ASN D 65 -7.04 -32.31 21.63
CA ASN D 65 -7.22 -32.59 20.21
C ASN D 65 -6.42 -31.56 19.43
N ALA D 66 -5.43 -32.04 18.67
CA ALA D 66 -4.57 -31.13 17.91
C ALA D 66 -5.34 -30.33 16.86
N ALA D 67 -6.57 -30.74 16.54
CA ALA D 67 -7.39 -30.03 15.56
C ALA D 67 -8.35 -29.04 16.21
N THR D 68 -7.92 -28.40 17.30
CA THR D 68 -8.72 -27.41 18.00
C THR D 68 -8.31 -26.02 17.53
N VAL D 69 -9.31 -25.18 17.22
CA VAL D 69 -9.09 -23.82 16.76
C VAL D 69 -9.94 -22.88 17.62
N VAL D 70 -9.30 -22.00 18.37
CA VAL D 70 -10.01 -21.03 19.20
C VAL D 70 -10.25 -19.77 18.38
N GLU D 71 -11.51 -19.42 18.20
CA GLU D 71 -11.88 -18.23 17.45
C GLU D 71 -12.12 -17.02 18.32
N VAL D 72 -12.59 -17.22 19.55
CA VAL D 72 -12.92 -16.12 20.46
C VAL D 72 -12.37 -16.46 21.84
N ALA D 73 -11.76 -15.47 22.49
CA ALA D 73 -11.33 -15.60 23.89
C ALA D 73 -11.40 -14.20 24.49
N ALA D 74 -12.58 -13.84 25.00
CA ALA D 74 -12.87 -12.47 25.37
C ALA D 74 -13.35 -12.38 26.82
N TRP D 75 -13.04 -11.24 27.44
CA TRP D 75 -13.43 -10.96 28.82
C TRP D 75 -14.77 -10.24 28.83
N ARG D 76 -15.71 -10.72 29.64
CA ARG D 76 -17.05 -10.18 29.71
C ARG D 76 -17.31 -9.63 31.11
N ASP D 77 -17.76 -8.38 31.18
CA ASP D 77 -18.10 -7.79 32.47
C ASP D 77 -19.37 -8.46 33.03
N ALA D 78 -19.56 -8.28 34.33
CA ALA D 78 -20.77 -8.78 34.96
C ALA D 78 -22.00 -8.13 34.34
N ALA D 79 -23.04 -8.92 34.10
CA ALA D 79 -24.28 -8.44 33.52
C ALA D 79 -25.42 -8.54 34.52
N PRO D 80 -26.29 -7.54 34.58
CA PRO D 80 -27.39 -7.59 35.56
C PRO D 80 -28.43 -8.63 35.18
N ALA D 81 -29.22 -9.00 36.19
CA ALA D 81 -30.35 -9.89 35.94
C ALA D 81 -31.37 -9.20 35.05
N THR D 82 -32.15 -10.02 34.34
CA THR D 82 -33.29 -9.57 33.55
C THR D 82 -34.52 -10.35 33.99
N ALA D 83 -35.66 -10.04 33.35
CA ALA D 83 -36.90 -10.72 33.71
C ALA D 83 -36.86 -12.21 33.37
N SER D 84 -35.96 -12.64 32.50
CA SER D 84 -35.89 -14.03 32.08
C SER D 84 -34.58 -14.73 32.42
N ALA D 85 -33.60 -14.02 32.96
CA ALA D 85 -32.29 -14.64 33.20
C ALA D 85 -31.64 -14.04 34.44
N ALA D 86 -31.00 -14.90 35.23
CA ALA D 86 -30.24 -14.44 36.37
C ALA D 86 -28.97 -13.71 35.91
N ALA D 87 -28.42 -12.89 36.80
CA ALA D 87 -27.25 -12.09 36.47
C ALA D 87 -26.04 -12.97 36.17
N LEU D 88 -25.24 -12.54 35.18
CA LEU D 88 -24.07 -13.29 34.75
C LEU D 88 -22.81 -12.65 35.32
N PRO D 89 -21.98 -13.38 36.06
CA PRO D 89 -20.78 -12.78 36.63
C PRO D 89 -19.73 -12.51 35.57
N GLU D 90 -18.76 -11.65 35.93
CA GLU D 90 -17.59 -11.42 35.11
C GLU D 90 -16.91 -12.74 34.78
N HIS D 91 -16.59 -12.94 33.50
CA HIS D 91 -16.15 -14.26 33.07
C HIS D 91 -15.37 -14.16 31.77
N CYS D 92 -14.68 -15.24 31.45
CA CYS D 92 -13.97 -15.41 30.18
C CYS D 92 -14.82 -16.29 29.27
N GLU D 93 -15.05 -15.83 28.04
CA GLU D 93 -15.80 -16.59 27.04
C GLU D 93 -14.83 -17.10 25.98
N VAL D 94 -14.81 -18.41 25.78
CA VAL D 94 -13.98 -19.06 24.78
C VAL D 94 -14.89 -19.83 23.83
N SER D 95 -14.68 -19.63 22.52
CA SER D 95 -15.45 -20.35 21.53
C SER D 95 -14.54 -20.77 20.39
N GLY D 96 -14.88 -21.88 19.76
CA GLY D 96 -14.05 -22.41 18.69
C GLY D 96 -14.65 -23.65 18.09
N ALA D 97 -13.78 -24.44 17.45
CA ALA D 97 -14.23 -25.64 16.76
C ALA D 97 -13.14 -26.70 16.82
N ILE D 98 -13.56 -27.95 16.70
CA ILE D 98 -12.66 -29.10 16.75
C ILE D 98 -12.88 -29.94 15.50
N ALA D 99 -11.78 -30.38 14.88
CA ALA D 99 -11.80 -31.36 13.79
C ALA D 99 -12.58 -30.84 12.58
N LYS D 100 -12.26 -29.63 12.17
CA LYS D 100 -12.83 -29.10 10.92
C LYS D 100 -12.42 -30.01 9.76
N ARG D 101 -13.39 -30.36 8.93
CA ARG D 101 -13.18 -31.37 7.90
C ARG D 101 -14.25 -31.20 6.82
N THR D 102 -14.18 -32.04 5.80
CA THR D 102 -15.19 -32.13 4.75
C THR D 102 -15.80 -33.51 4.76
N GLY D 103 -17.14 -33.58 4.84
CA GLY D 103 -17.83 -34.85 4.84
C GLY D 103 -17.87 -35.50 3.48
N ILE D 104 -18.32 -36.75 3.45
CA ILE D 104 -18.44 -37.47 2.19
C ILE D 104 -19.56 -36.93 1.32
N ASP D 105 -20.41 -36.07 1.87
CA ASP D 105 -21.42 -35.37 1.09
C ASP D 105 -20.91 -34.06 0.50
N GLY D 106 -19.62 -33.75 0.71
CA GLY D 106 -19.05 -32.50 0.24
C GLY D 106 -19.33 -31.30 1.10
N TYR D 107 -19.98 -31.49 2.26
CA TYR D 107 -20.32 -30.41 3.17
C TYR D 107 -19.25 -30.25 4.24
N PRO D 108 -19.06 -29.05 4.77
CA PRO D 108 -18.11 -28.87 5.87
C PRO D 108 -18.71 -29.34 7.18
N TYR D 109 -17.84 -29.83 8.05
CA TYR D 109 -18.23 -30.26 9.38
C TYR D 109 -17.14 -29.90 10.37
N GLU D 110 -17.57 -29.66 11.61
CA GLU D 110 -16.67 -29.32 12.72
C GLU D 110 -17.50 -29.38 14.00
N ILE D 111 -16.81 -29.60 15.12
CA ILE D 111 -17.44 -29.64 16.44
C ILE D 111 -17.23 -28.28 17.08
N LYS D 112 -18.28 -27.46 17.09
CA LYS D 112 -18.22 -26.16 17.74
C LYS D 112 -18.42 -26.31 19.25
N PHE D 113 -17.79 -25.40 20.00
CA PHE D 113 -17.99 -25.34 21.43
C PHE D 113 -17.93 -23.90 21.89
N ARG D 114 -18.68 -23.59 22.94
CA ARG D 114 -18.60 -22.29 23.61
C ARG D 114 -18.49 -22.55 25.10
N LEU D 115 -17.52 -21.89 25.73
CA LEU D 115 -17.18 -22.13 27.12
C LEU D 115 -17.07 -20.81 27.86
N ARG D 116 -17.59 -20.77 29.08
CA ARG D 116 -17.57 -19.56 29.89
C ARG D 116 -16.99 -19.88 31.26
N MET D 117 -15.96 -19.15 31.65
CA MET D 117 -15.24 -19.42 32.90
C MET D 117 -15.30 -18.19 33.78
N PRO D 118 -16.06 -18.23 34.89
CA PRO D 118 -16.19 -17.04 35.74
C PRO D 118 -14.88 -16.68 36.43
N ALA D 119 -14.69 -15.37 36.62
CA ALA D 119 -13.54 -14.91 37.40
C ALA D 119 -13.62 -15.40 38.84
N GLU D 120 -14.82 -15.39 39.43
CA GLU D 120 -15.06 -15.97 40.75
C GLU D 120 -15.69 -17.34 40.52
N TRP D 121 -14.88 -18.39 40.70
CA TRP D 121 -15.24 -19.74 40.32
C TRP D 121 -15.47 -20.61 41.55
N ASN D 122 -16.51 -21.44 41.50
CA ASN D 122 -16.83 -22.34 42.61
C ASN D 122 -16.16 -23.70 42.49
N GLY D 123 -15.25 -23.87 41.52
CA GLY D 123 -14.52 -25.11 41.37
C GLY D 123 -15.27 -26.22 40.67
N ARG D 124 -16.41 -25.94 40.05
CA ARG D 124 -17.24 -26.96 39.45
C ARG D 124 -17.36 -26.72 37.94
N PHE D 125 -17.36 -27.81 37.19
CA PHE D 125 -17.47 -27.80 35.74
C PHE D 125 -18.88 -28.26 35.35
N PHE D 126 -19.44 -27.62 34.32
CA PHE D 126 -20.84 -27.86 33.95
C PHE D 126 -20.96 -27.89 32.45
N MET D 127 -21.68 -28.89 31.93
CA MET D 127 -22.01 -28.96 30.51
C MET D 127 -23.52 -29.11 30.35
N GLU D 128 -24.09 -28.34 29.43
CA GLU D 128 -25.51 -28.45 29.13
C GLU D 128 -25.71 -29.37 27.93
N GLY D 129 -26.81 -30.13 27.96
CA GLY D 129 -27.16 -31.01 26.87
C GLY D 129 -27.77 -30.26 25.70
N GLY D 130 -28.08 -31.03 24.66
CA GLY D 130 -28.63 -30.49 23.44
C GLY D 130 -30.14 -30.61 23.37
N SER D 131 -30.66 -30.45 22.15
CA SER D 131 -32.10 -30.53 21.93
C SER D 131 -32.34 -30.75 20.44
N GLY D 132 -33.52 -31.28 20.13
CA GLY D 132 -33.85 -31.58 18.74
C GLY D 132 -32.84 -32.54 18.14
N THR D 133 -32.25 -32.14 17.02
CA THR D 133 -31.14 -32.87 16.43
C THR D 133 -29.85 -32.06 16.50
N ASN D 134 -29.75 -31.18 17.50
CA ASN D 134 -28.59 -30.31 17.73
C ASN D 134 -28.37 -29.45 16.49
N GLY D 135 -27.13 -29.07 16.21
CA GLY D 135 -26.81 -28.22 15.08
C GLY D 135 -26.68 -26.74 15.41
N SER D 136 -27.01 -26.33 16.64
CA SER D 136 -26.91 -24.95 17.05
C SER D 136 -26.01 -24.84 18.27
N LEU D 137 -25.37 -23.68 18.42
CA LEU D 137 -24.51 -23.39 19.57
C LEU D 137 -25.22 -22.35 20.42
N SER D 138 -25.59 -22.75 21.63
CA SER D 138 -26.31 -21.87 22.53
C SER D 138 -25.38 -20.79 23.07
N ALA D 139 -25.93 -19.89 23.88
CA ALA D 139 -25.12 -18.89 24.58
C ALA D 139 -24.17 -19.54 25.58
N ALA D 140 -24.40 -20.81 25.94
CA ALA D 140 -23.51 -21.60 26.77
C ALA D 140 -23.32 -20.98 28.16
N THR D 141 -24.41 -20.48 28.74
CA THR D 141 -24.39 -20.06 30.13
C THR D 141 -24.73 -21.20 31.09
N GLY D 142 -25.06 -22.37 30.55
CA GLY D 142 -25.29 -23.55 31.39
C GLY D 142 -26.73 -23.72 31.82
N SER D 143 -27.61 -24.00 30.86
CA SER D 143 -29.02 -24.19 31.19
C SER D 143 -29.18 -25.41 32.08
N ILE D 144 -29.98 -25.25 33.15
CA ILE D 144 -30.31 -26.38 34.02
C ILE D 144 -31.71 -26.91 33.76
N GLY D 145 -32.42 -26.36 32.76
CA GLY D 145 -33.75 -26.82 32.43
C GLY D 145 -34.75 -26.53 33.54
N GLY D 146 -35.85 -27.29 33.51
CA GLY D 146 -36.90 -27.11 34.50
C GLY D 146 -37.48 -25.72 34.56
N GLY D 147 -37.43 -24.98 33.45
CA GLY D 147 -37.98 -23.63 33.41
C GLY D 147 -37.32 -22.66 34.36
N GLN D 148 -36.06 -22.91 34.71
CA GLN D 148 -35.40 -22.13 35.75
C GLN D 148 -34.87 -20.80 35.23
N ILE D 149 -34.88 -19.80 36.11
CA ILE D 149 -34.34 -18.49 35.79
C ILE D 149 -32.82 -18.50 35.80
N ALA D 150 -32.22 -19.22 36.75
CA ALA D 150 -30.78 -19.20 36.90
C ALA D 150 -30.09 -20.16 35.94
N SER D 151 -28.95 -19.73 35.42
CA SER D 151 -28.04 -20.60 34.69
C SER D 151 -26.95 -21.10 35.64
N ALA D 152 -26.20 -22.10 35.17
CA ALA D 152 -25.08 -22.58 35.98
C ALA D 152 -23.99 -21.51 36.10
N LEU D 153 -23.78 -20.72 35.05
CA LEU D 153 -22.81 -19.64 35.12
C LEU D 153 -23.22 -18.59 36.14
N SER D 154 -24.53 -18.31 36.25
CA SER D 154 -25.01 -17.39 37.26
C SER D 154 -24.78 -17.92 38.68
N ARG D 155 -24.53 -19.21 38.82
CA ARG D 155 -24.15 -19.82 40.08
C ARG D 155 -22.65 -20.05 40.18
N ASN D 156 -21.88 -19.42 39.29
CA ASN D 156 -20.41 -19.42 39.29
C ASN D 156 -19.80 -20.76 38.90
N PHE D 157 -20.55 -21.60 38.19
CA PHE D 157 -19.96 -22.75 37.52
C PHE D 157 -19.20 -22.30 36.28
N ALA D 158 -18.23 -23.12 35.86
CA ALA D 158 -17.69 -23.03 34.50
C ALA D 158 -18.57 -23.89 33.60
N THR D 159 -19.02 -23.32 32.48
CA THR D 159 -20.07 -23.92 31.67
C THR D 159 -19.62 -24.06 30.22
N ILE D 160 -20.10 -25.11 29.55
CA ILE D 160 -19.72 -25.40 28.18
C ILE D 160 -20.91 -25.99 27.44
N ALA D 161 -20.91 -25.81 26.13
CA ALA D 161 -21.95 -26.32 25.24
C ALA D 161 -21.35 -26.60 23.88
N THR D 162 -22.01 -27.45 23.11
CA THR D 162 -21.58 -27.82 21.77
C THR D 162 -22.77 -27.79 20.82
N ASP D 163 -22.48 -27.88 19.52
CA ASP D 163 -23.52 -28.04 18.52
C ASP D 163 -23.65 -29.48 18.04
N GLY D 164 -22.83 -30.40 18.55
CA GLY D 164 -22.95 -31.80 18.22
C GLY D 164 -22.20 -32.25 16.99
N GLY D 165 -21.48 -31.35 16.33
CA GLY D 165 -20.67 -31.71 15.19
C GLY D 165 -21.22 -31.29 13.84
N HIS D 166 -22.32 -30.54 13.80
CA HIS D 166 -22.84 -29.99 12.56
C HIS D 166 -23.51 -28.66 12.86
N ASP D 167 -23.77 -27.91 11.79
CA ASP D 167 -24.25 -26.53 11.88
C ASP D 167 -25.53 -26.42 11.07
N ASN D 168 -26.63 -26.03 11.72
CA ASN D 168 -27.91 -25.95 11.04
C ASN D 168 -27.90 -24.90 9.92
N ALA D 169 -27.03 -23.89 10.02
CA ALA D 169 -26.95 -22.88 8.97
C ALA D 169 -26.13 -23.37 7.77
N VAL D 170 -25.14 -24.22 8.01
CA VAL D 170 -24.26 -24.70 6.97
C VAL D 170 -24.68 -26.07 6.46
N ASN D 171 -24.96 -27.00 7.38
CA ASN D 171 -25.41 -28.34 7.02
C ASN D 171 -26.93 -28.38 6.86
N ASP D 172 -27.39 -27.58 5.90
CA ASP D 172 -28.80 -27.43 5.56
C ASP D 172 -28.93 -27.77 4.08
N ASN D 173 -29.23 -29.03 3.80
CA ASN D 173 -29.25 -29.55 2.45
C ASN D 173 -30.69 -29.68 1.97
N PRO D 174 -31.11 -28.90 0.97
CA PRO D 174 -32.51 -28.99 0.51
C PRO D 174 -32.85 -30.32 -0.13
N ASP D 175 -31.87 -31.11 -0.53
CA ASP D 175 -32.12 -32.44 -1.06
C ASP D 175 -32.08 -33.53 0.00
N ALA D 176 -31.75 -33.18 1.24
CA ALA D 176 -31.63 -34.13 2.35
C ALA D 176 -32.46 -33.68 3.55
N LEU D 177 -33.62 -33.08 3.28
CA LEU D 177 -34.61 -32.74 4.31
C LEU D 177 -34.10 -31.66 5.27
N GLY D 178 -33.25 -30.77 4.81
CA GLY D 178 -32.93 -29.57 5.57
C GLY D 178 -31.88 -29.81 6.64
N THR D 179 -32.19 -29.42 7.88
CA THR D 179 -31.19 -29.41 8.94
C THR D 179 -30.90 -30.79 9.52
N VAL D 180 -31.55 -31.84 9.03
CA VAL D 180 -31.23 -33.21 9.45
C VAL D 180 -30.19 -33.77 8.47
N ALA D 181 -29.67 -32.93 7.58
CA ALA D 181 -28.84 -33.40 6.48
C ALA D 181 -27.50 -33.98 6.93
N PHE D 182 -27.07 -33.67 8.16
CA PHE D 182 -25.82 -34.24 8.67
C PHE D 182 -25.81 -35.76 8.61
N GLY D 183 -26.97 -36.41 8.60
CA GLY D 183 -27.02 -37.86 8.56
C GLY D 183 -26.41 -38.47 7.31
N LEU D 184 -26.19 -37.67 6.28
CA LEU D 184 -25.55 -38.19 5.08
C LEU D 184 -24.06 -38.45 5.27
N ASP D 185 -23.45 -37.94 6.34
CA ASP D 185 -22.04 -38.15 6.59
C ASP D 185 -21.86 -39.09 7.77
N PRO D 186 -21.13 -40.20 7.61
CA PRO D 186 -20.98 -41.16 8.71
C PRO D 186 -20.30 -40.59 9.94
N GLN D 187 -19.24 -39.80 9.79
CA GLN D 187 -18.56 -39.25 10.96
C GLN D 187 -19.45 -38.25 11.69
N ALA D 188 -20.22 -37.44 10.96
CA ALA D 188 -21.14 -36.51 11.60
C ALA D 188 -22.19 -37.25 12.43
N ARG D 189 -22.58 -38.45 12.01
CA ARG D 189 -23.46 -39.28 12.82
C ARG D 189 -22.77 -39.69 14.11
N LEU D 190 -21.53 -40.21 14.01
CA LEU D 190 -20.77 -40.59 15.19
C LEU D 190 -20.55 -39.39 16.10
N ASP D 191 -20.27 -38.22 15.52
CA ASP D 191 -20.14 -37.00 16.32
C ASP D 191 -21.45 -36.68 17.04
N MET D 192 -22.58 -36.85 16.34
CA MET D 192 -23.87 -36.58 16.96
C MET D 192 -24.18 -37.58 18.06
N GLY D 193 -23.72 -38.82 17.90
CA GLY D 193 -24.08 -39.85 18.86
C GLY D 193 -23.29 -39.76 20.15
N TYR D 194 -21.98 -39.63 20.05
CA TYR D 194 -21.16 -39.63 21.25
C TYR D 194 -19.89 -38.81 21.17
N ASN D 195 -19.31 -38.67 19.97
CA ASN D 195 -17.93 -38.18 19.89
C ASN D 195 -17.83 -36.69 20.18
N SER D 196 -18.83 -35.90 19.76
CA SER D 196 -18.74 -34.46 19.95
C SER D 196 -18.68 -34.12 21.44
N TYR D 197 -19.55 -34.74 22.25
CA TYR D 197 -19.59 -34.45 23.67
C TYR D 197 -18.31 -34.91 24.37
N ASP D 198 -17.74 -36.01 23.91
CA ASP D 198 -16.44 -36.46 24.41
C ASP D 198 -15.36 -35.41 24.13
N GLN D 199 -15.26 -34.97 22.87
CA GLN D 199 -14.23 -33.99 22.51
C GLN D 199 -14.41 -32.69 23.28
N VAL D 200 -15.64 -32.22 23.40
CA VAL D 200 -15.88 -30.92 24.03
C VAL D 200 -15.62 -30.98 25.53
N THR D 201 -15.99 -32.08 26.17
CA THR D 201 -15.68 -32.27 27.59
C THR D 201 -14.18 -32.20 27.82
N GLN D 202 -13.39 -32.90 27.00
CA GLN D 202 -11.95 -32.87 27.14
C GLN D 202 -11.41 -31.46 26.90
N ALA D 203 -11.93 -30.76 25.89
CA ALA D 203 -11.46 -29.42 25.59
C ALA D 203 -11.78 -28.45 26.73
N GLY D 204 -12.99 -28.54 27.28
CA GLY D 204 -13.36 -27.64 28.36
C GLY D 204 -12.53 -27.86 29.62
N LYS D 205 -12.34 -29.12 30.01
CA LYS D 205 -11.55 -29.41 31.20
C LYS D 205 -10.10 -28.95 31.02
N ALA D 206 -9.57 -29.06 29.80
CA ALA D 206 -8.22 -28.59 29.54
C ALA D 206 -8.13 -27.07 29.68
N ALA D 207 -9.10 -26.35 29.13
CA ALA D 207 -9.11 -24.89 29.26
C ALA D 207 -9.28 -24.48 30.71
N VAL D 208 -10.14 -25.18 31.45
CA VAL D 208 -10.33 -24.87 32.87
C VAL D 208 -9.02 -25.04 33.63
N ALA D 209 -8.28 -26.11 33.35
CA ALA D 209 -7.02 -26.35 34.05
C ALA D 209 -6.03 -25.22 33.81
N ARG D 210 -5.97 -24.71 32.58
CA ARG D 210 -5.01 -23.63 32.27
C ARG D 210 -5.47 -22.30 32.85
N PHE D 211 -6.76 -22.00 32.74
CA PHE D 211 -7.28 -20.70 33.17
C PHE D 211 -7.23 -20.56 34.69
N TYR D 212 -7.56 -21.63 35.41
CA TYR D 212 -7.64 -21.60 36.86
C TYR D 212 -6.41 -22.19 37.56
N GLY D 213 -5.53 -22.85 36.82
CA GLY D 213 -4.39 -23.49 37.46
C GLY D 213 -4.74 -24.72 38.28
N ARG D 214 -5.94 -25.27 38.11
CA ARG D 214 -6.32 -26.49 38.80
C ARG D 214 -7.53 -27.09 38.10
N ALA D 215 -7.69 -28.39 38.26
CA ALA D 215 -8.83 -29.08 37.70
C ALA D 215 -10.08 -28.79 38.54
N ALA D 216 -11.24 -29.04 37.93
CA ALA D 216 -12.49 -28.90 38.66
C ALA D 216 -12.61 -29.98 39.74
N ASP D 217 -13.19 -29.60 40.89
CA ASP D 217 -13.43 -30.56 41.95
C ASP D 217 -14.47 -31.59 41.55
N LYS D 218 -15.56 -31.14 40.92
CA LYS D 218 -16.62 -32.02 40.42
C LYS D 218 -17.14 -31.47 39.11
N SER D 219 -17.66 -32.37 38.27
CA SER D 219 -18.21 -32.02 36.97
C SER D 219 -19.66 -32.50 36.89
N TYR D 220 -20.49 -31.69 36.23
CA TYR D 220 -21.92 -31.94 36.17
C TYR D 220 -22.43 -31.76 34.75
N PHE D 221 -23.38 -32.60 34.37
CA PHE D 221 -24.05 -32.52 33.08
C PHE D 221 -25.55 -32.51 33.31
N ILE D 222 -26.25 -31.61 32.63
CA ILE D 222 -27.71 -31.52 32.69
C ILE D 222 -28.23 -31.38 31.27
N GLY D 223 -29.13 -32.27 30.88
CA GLY D 223 -29.76 -32.18 29.57
C GLY D 223 -31.14 -32.81 29.59
N CYS D 224 -31.96 -32.38 28.64
CA CYS D 224 -33.30 -32.90 28.45
C CYS D 224 -33.52 -33.22 26.98
N SER D 225 -34.37 -34.23 26.72
CA SER D 225 -34.71 -34.69 25.36
C SER D 225 -33.46 -35.28 24.73
N GLU D 226 -32.98 -34.78 23.59
CA GLU D 226 -31.68 -35.22 23.08
C GLU D 226 -30.59 -35.01 24.12
N GLY D 227 -30.69 -33.95 24.92
CA GLY D 227 -29.76 -33.76 26.02
C GLY D 227 -29.88 -34.82 27.08
N GLY D 228 -31.10 -35.35 27.30
CA GLY D 228 -31.25 -36.46 28.22
C GLY D 228 -30.58 -37.72 27.72
N ARG D 229 -30.70 -38.00 26.42
CA ARG D 229 -29.97 -39.10 25.82
C ARG D 229 -28.47 -38.92 26.01
N GLU D 230 -27.98 -37.70 25.82
CA GLU D 230 -26.55 -37.44 26.01
C GLU D 230 -26.11 -37.76 27.43
N GLY D 231 -26.93 -37.40 28.43
CA GLY D 231 -26.58 -37.71 29.80
C GLY D 231 -26.51 -39.19 30.09
N MET D 232 -27.49 -39.96 29.58
CA MET D 232 -27.45 -41.40 29.76
C MET D 232 -26.28 -42.01 28.98
N MET D 233 -26.01 -41.48 27.78
CA MET D 233 -24.84 -41.92 27.03
C MET D 233 -23.56 -41.72 27.83
N LEU D 234 -23.42 -40.56 28.48
CA LEU D 234 -22.20 -40.28 29.22
C LEU D 234 -22.03 -41.21 30.40
N SER D 235 -23.13 -41.54 31.09
CA SER D 235 -23.03 -42.45 32.24
C SER D 235 -22.63 -43.84 31.80
N GLN D 236 -22.93 -44.22 30.56
CA GLN D 236 -22.67 -45.56 30.04
C GLN D 236 -21.34 -45.65 29.32
N ARG D 237 -21.04 -44.68 28.45
CA ARG D 237 -19.89 -44.74 27.57
C ARG D 237 -18.66 -44.03 28.14
N PHE D 238 -18.86 -42.95 28.90
CA PHE D 238 -17.76 -42.14 29.43
C PHE D 238 -17.98 -41.91 30.92
N PRO D 239 -17.90 -42.97 31.73
CA PRO D 239 -18.36 -42.88 33.13
C PRO D 239 -17.63 -41.86 33.98
N SER D 240 -16.40 -41.48 33.63
CA SER D 240 -15.64 -40.54 34.44
C SER D 240 -15.70 -39.11 33.92
N HIS D 241 -16.45 -38.86 32.84
CA HIS D 241 -16.54 -37.49 32.34
C HIS D 241 -17.26 -36.57 33.32
N TYR D 242 -18.34 -37.06 33.94
CA TYR D 242 -19.14 -36.24 34.84
C TYR D 242 -19.47 -37.02 36.10
N ASP D 243 -19.48 -36.31 37.23
CA ASP D 243 -19.82 -36.89 38.52
C ASP D 243 -21.31 -36.88 38.79
N GLY D 244 -22.01 -35.87 38.33
CA GLY D 244 -23.46 -35.81 38.45
C GLY D 244 -24.09 -35.58 37.10
N ILE D 245 -25.17 -36.32 36.83
CA ILE D 245 -25.88 -36.24 35.57
C ILE D 245 -27.36 -36.10 35.85
N VAL D 246 -28.00 -35.10 35.23
CA VAL D 246 -29.45 -35.00 35.17
C VAL D 246 -29.86 -35.26 33.73
N ALA D 247 -30.69 -36.28 33.52
CA ALA D 247 -31.20 -36.63 32.20
C ALA D 247 -32.72 -36.58 32.21
N GLY D 248 -33.29 -35.54 31.62
CA GLY D 248 -34.73 -35.39 31.54
C GLY D 248 -35.25 -35.85 30.20
N ALA D 249 -36.49 -36.40 30.21
CA ALA D 249 -37.17 -36.95 29.05
C ALA D 249 -36.18 -37.57 28.07
N PRO D 250 -35.37 -38.53 28.51
CA PRO D 250 -34.22 -38.95 27.69
C PRO D 250 -34.64 -39.79 26.50
N GLY D 251 -34.24 -39.35 25.31
CA GLY D 251 -34.45 -40.14 24.12
C GLY D 251 -33.40 -41.23 23.96
N TYR D 252 -33.30 -42.11 24.96
CA TYR D 252 -32.27 -43.13 24.98
C TYR D 252 -32.50 -44.22 23.94
N GLN D 253 -33.67 -44.25 23.31
CA GLN D 253 -33.97 -45.08 22.15
C GLN D 253 -34.45 -44.23 20.99
N LEU D 254 -33.82 -43.07 20.80
CA LEU D 254 -34.27 -42.11 19.79
C LEU D 254 -34.47 -42.70 18.40
N PRO D 255 -33.65 -43.62 17.89
CA PRO D 255 -33.94 -44.19 16.56
C PRO D 255 -35.26 -44.92 16.47
N LYS D 256 -35.88 -45.28 17.59
CA LYS D 256 -37.20 -45.89 17.56
C LYS D 256 -38.34 -44.88 17.48
N ALA D 257 -38.05 -43.60 17.70
CA ALA D 257 -39.13 -42.59 17.68
C ALA D 257 -39.86 -42.59 16.35
N GLY D 258 -39.11 -42.64 15.24
CA GLY D 258 -39.75 -42.65 13.93
C GLY D 258 -40.59 -43.88 13.69
N ILE D 259 -40.23 -45.00 14.32
CA ILE D 259 -41.07 -46.19 14.26
C ILE D 259 -42.41 -45.92 14.94
N SER D 260 -42.36 -45.36 16.16
CA SER D 260 -43.58 -44.95 16.83
C SER D 260 -44.35 -43.94 15.99
N GLY D 261 -43.64 -43.00 15.36
CA GLY D 261 -44.31 -41.96 14.58
C GLY D 261 -45.06 -42.52 13.40
N ALA D 262 -44.49 -43.51 12.71
CA ALA D 262 -45.20 -44.16 11.62
C ALA D 262 -46.44 -44.88 12.14
N TRP D 263 -46.32 -45.52 13.30
CA TRP D 263 -47.44 -46.24 13.88
C TRP D 263 -48.57 -45.29 14.28
N THR D 264 -48.23 -44.21 14.98
CA THR D 264 -49.27 -43.26 15.40
C THR D 264 -49.90 -42.59 14.20
N THR D 265 -49.10 -42.31 13.16
CA THR D 265 -49.64 -41.71 11.94
C THR D 265 -50.66 -42.65 11.29
N GLN D 266 -50.29 -43.91 11.08
CA GLN D 266 -51.21 -44.86 10.47
C GLN D 266 -52.39 -45.16 11.38
N SER D 267 -52.18 -45.12 12.70
CA SER D 267 -53.28 -45.40 13.62
C SER D 267 -54.30 -44.27 13.61
N LEU D 268 -53.86 -43.03 13.44
CA LEU D 268 -54.75 -41.88 13.45
C LEU D 268 -55.38 -41.59 12.10
N ALA D 269 -54.79 -42.10 11.02
CA ALA D 269 -55.30 -41.80 9.68
C ALA D 269 -56.77 -42.15 9.47
N PRO D 270 -57.30 -43.27 9.98
CA PRO D 270 -58.74 -43.53 9.80
C PRO D 270 -59.64 -42.47 10.41
N ALA D 271 -59.16 -41.68 11.37
CA ALA D 271 -59.96 -40.63 12.00
C ALA D 271 -59.74 -39.27 11.37
N ALA D 272 -58.82 -39.17 10.40
CA ALA D 272 -58.54 -37.89 9.77
C ALA D 272 -59.73 -37.42 8.94
N VAL D 273 -59.79 -36.12 8.69
CA VAL D 273 -60.80 -35.50 7.86
C VAL D 273 -60.10 -34.68 6.80
N GLY D 274 -60.26 -35.06 5.54
CA GLY D 274 -59.64 -34.36 4.43
C GLY D 274 -58.24 -34.86 4.12
N LEU D 275 -57.70 -34.33 3.03
CA LEU D 275 -56.37 -34.70 2.55
C LEU D 275 -55.51 -33.46 2.37
N ASP D 276 -54.20 -33.63 2.47
CA ASP D 276 -53.29 -32.54 2.18
C ASP D 276 -53.01 -32.47 0.68
N ALA D 277 -52.11 -31.57 0.29
CA ALA D 277 -51.84 -31.35 -1.12
C ALA D 277 -51.29 -32.58 -1.82
N GLN D 278 -50.69 -33.52 -1.07
CA GLN D 278 -50.14 -34.74 -1.66
C GLN D 278 -51.11 -35.92 -1.58
N GLY D 279 -52.33 -35.71 -1.10
CA GLY D 279 -53.29 -36.78 -0.99
C GLY D 279 -53.20 -37.62 0.27
N VAL D 280 -52.38 -37.20 1.24
CA VAL D 280 -52.23 -37.92 2.49
C VAL D 280 -53.27 -37.38 3.48
N PRO D 281 -53.94 -38.23 4.26
CA PRO D 281 -54.95 -37.73 5.19
C PRO D 281 -54.36 -36.74 6.19
N LEU D 282 -55.19 -35.76 6.58
CA LEU D 282 -54.79 -34.73 7.53
C LEU D 282 -54.90 -35.30 8.94
N ILE D 283 -53.78 -35.84 9.44
CA ILE D 283 -53.74 -36.39 10.78
C ILE D 283 -54.13 -35.33 11.82
N ASN D 284 -53.79 -34.06 11.56
CA ASN D 284 -54.11 -32.99 12.50
C ASN D 284 -55.60 -32.81 12.70
N LYS D 285 -56.42 -33.26 11.75
CA LYS D 285 -57.87 -33.13 11.82
C LYS D 285 -58.54 -34.30 12.54
N SER D 286 -57.77 -35.30 12.98
CA SER D 286 -58.39 -36.44 13.66
C SER D 286 -59.03 -36.03 14.98
N PHE D 287 -58.46 -35.05 15.67
CA PHE D 287 -58.99 -34.57 16.94
C PHE D 287 -58.94 -33.05 16.95
N SER D 288 -60.06 -32.41 17.30
CA SER D 288 -60.01 -30.99 17.59
C SER D 288 -59.43 -30.77 18.98
N ASP D 289 -59.07 -29.53 19.27
CA ASP D 289 -58.61 -29.19 20.62
C ASP D 289 -59.69 -29.49 21.65
N ALA D 290 -60.96 -29.25 21.29
CA ALA D 290 -62.06 -29.58 22.19
C ALA D 290 -62.19 -31.08 22.40
N ASP D 291 -61.97 -31.87 21.34
CA ASP D 291 -62.02 -33.32 21.47
C ASP D 291 -60.98 -33.83 22.43
N LEU D 292 -59.76 -33.29 22.36
CA LEU D 292 -58.70 -33.74 23.26
C LEU D 292 -59.01 -33.33 24.69
N HIS D 293 -59.64 -32.17 24.88
CA HIS D 293 -60.02 -31.75 26.23
C HIS D 293 -61.09 -32.68 26.79
N LEU D 294 -62.01 -33.14 25.93
CA LEU D 294 -62.96 -34.17 26.34
C LEU D 294 -62.23 -35.43 26.80
N LEU D 295 -61.25 -35.89 26.02
CA LEU D 295 -60.49 -37.07 26.41
C LEU D 295 -59.75 -36.83 27.73
N SER D 296 -59.14 -35.66 27.88
CA SER D 296 -58.42 -35.35 29.11
C SER D 296 -59.36 -35.29 30.30
N GLN D 297 -60.56 -34.72 30.12
CA GLN D 297 -61.52 -34.66 31.21
C GLN D 297 -61.96 -36.06 31.63
N ALA D 298 -62.13 -36.96 30.66
CA ALA D 298 -62.55 -38.32 30.99
C ALA D 298 -61.45 -39.06 31.75
N ILE D 299 -60.19 -38.82 31.40
CA ILE D 299 -59.08 -39.39 32.14
C ILE D 299 -59.12 -38.92 33.58
N LEU D 300 -59.37 -37.63 33.80
CA LEU D 300 -59.49 -37.10 35.16
C LEU D 300 -60.63 -37.77 35.91
N GLY D 301 -61.78 -37.91 35.26
CA GLY D 301 -62.92 -38.53 35.93
C GLY D 301 -62.61 -39.93 36.42
N THR D 302 -61.81 -40.68 35.67
CA THR D 302 -61.45 -42.04 36.03
C THR D 302 -60.24 -42.10 36.96
N CYS D 303 -59.25 -41.22 36.77
CA CYS D 303 -57.94 -41.42 37.36
C CYS D 303 -57.54 -40.38 38.41
N ASP D 304 -58.15 -39.19 38.41
CA ASP D 304 -57.69 -38.11 39.26
C ASP D 304 -57.66 -38.50 40.73
N ALA D 305 -58.76 -39.06 41.24
CA ALA D 305 -58.88 -39.36 42.66
C ALA D 305 -58.21 -40.68 43.06
N LEU D 306 -57.61 -41.40 42.10
CA LEU D 306 -56.94 -42.66 42.43
C LEU D 306 -55.71 -42.46 43.30
N ASP D 307 -55.22 -41.23 43.44
CA ASP D 307 -54.15 -40.93 44.38
C ASP D 307 -54.68 -40.43 45.72
N GLY D 308 -55.99 -40.38 45.90
CA GLY D 308 -56.59 -39.92 47.14
C GLY D 308 -57.11 -38.50 47.12
N LEU D 309 -56.90 -37.76 46.05
CA LEU D 309 -57.28 -36.34 46.03
C LEU D 309 -57.66 -35.93 44.62
N ALA D 310 -58.87 -35.40 44.47
CA ALA D 310 -59.29 -34.81 43.20
C ALA D 310 -58.70 -33.42 43.09
N ASP D 311 -57.78 -33.24 42.14
CA ASP D 311 -57.11 -31.94 42.01
C ASP D 311 -56.69 -31.63 40.58
N GLY D 312 -57.06 -32.44 39.60
CA GLY D 312 -56.63 -32.24 38.24
C GLY D 312 -55.27 -32.82 37.90
N ILE D 313 -54.69 -33.65 38.78
CA ILE D 313 -53.38 -34.26 38.58
C ILE D 313 -53.49 -35.74 38.85
N VAL D 314 -52.98 -36.56 37.93
CA VAL D 314 -53.05 -38.02 38.06
C VAL D 314 -51.70 -38.47 38.63
N ASP D 315 -51.59 -38.40 39.95
CA ASP D 315 -50.35 -38.85 40.60
C ASP D 315 -50.21 -40.36 40.54
N ASN D 316 -51.32 -41.10 40.61
CA ASN D 316 -51.30 -42.55 40.59
C ASN D 316 -51.39 -43.04 39.15
N TYR D 317 -50.29 -42.86 38.41
CA TYR D 317 -50.29 -43.16 36.99
C TYR D 317 -50.47 -44.65 36.72
N ARG D 318 -49.92 -45.51 37.57
CA ARG D 318 -50.08 -46.95 37.37
C ARG D 318 -51.54 -47.36 37.50
N ALA D 319 -52.23 -46.87 38.54
CA ALA D 319 -53.64 -47.18 38.70
C ALA D 319 -54.46 -46.65 37.53
N CYS D 320 -54.06 -45.49 36.98
CA CYS D 320 -54.76 -44.94 35.83
C CYS D 320 -54.69 -45.88 34.64
N GLN D 321 -53.50 -46.37 34.32
CA GLN D 321 -53.34 -47.30 33.20
C GLN D 321 -54.17 -48.56 33.39
N ALA D 322 -54.31 -49.02 34.64
CA ALA D 322 -55.12 -50.19 34.92
C ALA D 322 -56.62 -49.90 34.87
N ALA D 323 -57.00 -48.63 34.88
CA ALA D 323 -58.41 -48.27 35.04
C ALA D 323 -59.04 -47.65 33.80
N PHE D 324 -58.29 -46.92 32.99
CA PHE D 324 -58.88 -46.09 31.95
C PHE D 324 -58.95 -46.80 30.60
N ASP D 325 -60.13 -46.74 29.99
CA ASP D 325 -60.40 -47.18 28.63
C ASP D 325 -61.38 -46.19 28.01
N PRO D 326 -60.97 -45.43 26.98
CA PRO D 326 -61.87 -44.42 26.41
C PRO D 326 -63.12 -45.02 25.77
N ALA D 327 -63.11 -46.32 25.46
CA ALA D 327 -64.30 -46.96 24.90
C ALA D 327 -65.37 -47.23 25.94
N THR D 328 -65.04 -47.14 27.22
CA THR D 328 -66.03 -47.33 28.28
C THR D 328 -66.07 -46.20 29.30
N ALA D 329 -65.10 -45.29 29.30
CA ALA D 329 -65.07 -44.24 30.31
C ALA D 329 -66.21 -43.26 30.08
N ALA D 330 -66.54 -42.52 31.13
CA ALA D 330 -67.64 -41.57 31.10
C ALA D 330 -67.14 -40.15 30.91
N ASN D 331 -67.97 -39.31 30.30
CA ASN D 331 -67.80 -37.87 30.30
C ASN D 331 -68.27 -37.36 31.66
N PRO D 332 -67.36 -36.87 32.51
CA PRO D 332 -67.77 -36.47 33.87
C PRO D 332 -68.72 -35.29 33.89
N ALA D 333 -68.82 -34.52 32.81
CA ALA D 333 -69.65 -33.32 32.82
C ALA D 333 -71.14 -33.68 32.72
N ASN D 334 -71.48 -34.75 32.01
CA ASN D 334 -72.88 -35.14 31.83
C ASN D 334 -73.16 -36.56 32.27
N GLY D 335 -72.16 -37.33 32.66
CA GLY D 335 -72.37 -38.70 33.11
C GLY D 335 -72.60 -39.71 32.01
N GLN D 336 -72.62 -39.29 30.75
CA GLN D 336 -72.78 -40.23 29.64
C GLN D 336 -71.42 -40.77 29.21
N ALA D 337 -71.46 -41.76 28.32
CA ALA D 337 -70.24 -42.35 27.80
C ALA D 337 -69.44 -41.34 27.00
N LEU D 338 -68.12 -41.41 27.13
CA LEU D 338 -67.25 -40.54 26.32
C LEU D 338 -67.40 -40.87 24.84
N GLN D 339 -67.54 -42.14 24.51
CA GLN D 339 -67.69 -42.55 23.12
C GLN D 339 -69.13 -42.32 22.66
N CYS D 340 -69.28 -41.71 21.48
CA CYS D 340 -70.60 -41.41 20.96
C CYS D 340 -71.40 -42.69 20.73
N VAL D 341 -72.69 -42.63 21.04
CA VAL D 341 -73.60 -43.72 20.70
C VAL D 341 -74.15 -43.56 19.29
N GLY D 342 -74.40 -42.32 18.88
CA GLY D 342 -74.85 -42.03 17.53
C GLY D 342 -73.94 -41.07 16.79
N ALA D 343 -74.49 -39.98 16.28
CA ALA D 343 -73.71 -39.01 15.55
C ALA D 343 -72.76 -38.25 16.47
N LYS D 344 -71.66 -37.77 15.90
CA LYS D 344 -70.68 -37.04 16.68
C LYS D 344 -71.27 -35.74 17.21
N THR D 345 -70.97 -35.44 18.48
CA THR D 345 -71.35 -34.19 19.12
C THR D 345 -70.15 -33.63 19.87
N ALA D 346 -70.28 -32.41 20.36
CA ALA D 346 -69.20 -31.78 21.11
C ALA D 346 -69.02 -32.39 22.50
N ASP D 347 -69.92 -33.29 22.92
CA ASP D 347 -69.84 -33.94 24.21
C ASP D 347 -69.27 -35.35 24.15
N CYS D 348 -68.87 -35.84 22.97
CA CYS D 348 -68.41 -37.22 22.87
C CYS D 348 -67.37 -37.36 21.76
N LEU D 349 -66.69 -38.50 21.78
CA LEU D 349 -65.74 -38.90 20.74
C LEU D 349 -66.33 -40.01 19.90
N SER D 350 -66.05 -39.99 18.60
CA SER D 350 -66.53 -41.04 17.73
C SER D 350 -65.83 -42.36 18.02
N PRO D 351 -66.50 -43.49 17.78
CA PRO D 351 -65.81 -44.79 17.95
C PRO D 351 -64.57 -44.92 17.10
N VAL D 352 -64.54 -44.30 15.91
CA VAL D 352 -63.34 -44.29 15.09
C VAL D 352 -62.23 -43.50 15.78
N GLN D 353 -62.59 -42.39 16.43
CA GLN D 353 -61.61 -41.63 17.20
C GLN D 353 -61.06 -42.45 18.36
N VAL D 354 -61.95 -43.12 19.09
CA VAL D 354 -61.52 -43.92 20.25
C VAL D 354 -60.62 -45.06 19.79
N THR D 355 -61.03 -45.75 18.73
CA THR D 355 -60.20 -46.84 18.19
C THR D 355 -58.83 -46.33 17.75
N ALA D 356 -58.80 -45.15 17.13
CA ALA D 356 -57.56 -44.61 16.60
C ALA D 356 -56.59 -44.26 17.72
N ILE D 357 -57.06 -43.54 18.74
CA ILE D 357 -56.16 -43.11 19.81
C ILE D 357 -55.73 -44.31 20.66
N LYS D 358 -56.61 -45.28 20.86
CA LYS D 358 -56.23 -46.48 21.60
C LYS D 358 -55.09 -47.21 20.90
N ARG D 359 -55.17 -47.33 19.58
CA ARG D 359 -54.12 -48.03 18.84
C ARG D 359 -52.81 -47.26 18.87
N ALA D 360 -52.89 -45.92 18.73
CA ALA D 360 -51.67 -45.12 18.76
C ALA D 360 -50.99 -45.18 20.11
N MET D 361 -51.78 -45.16 21.19
CA MET D 361 -51.22 -45.25 22.55
C MET D 361 -50.65 -46.63 22.86
N ALA D 362 -51.11 -47.67 22.15
CA ALA D 362 -50.66 -49.02 22.45
C ALA D 362 -49.21 -49.25 22.00
N GLY D 363 -48.75 -48.53 20.99
CA GLY D 363 -47.37 -48.66 20.53
C GLY D 363 -47.24 -49.60 19.35
N PRO D 364 -46.14 -49.46 18.61
CA PRO D 364 -45.98 -50.23 17.37
C PRO D 364 -45.62 -51.69 17.60
N VAL D 365 -46.10 -52.53 16.69
CA VAL D 365 -45.75 -53.94 16.63
C VAL D 365 -45.48 -54.30 15.17
N ASN D 366 -44.75 -55.39 14.98
CA ASN D 366 -44.57 -55.94 13.64
C ASN D 366 -45.67 -56.98 13.37
N SER D 367 -45.54 -57.71 12.28
CA SER D 367 -46.58 -58.66 11.90
C SER D 367 -46.72 -59.79 12.91
N ALA D 368 -45.64 -60.13 13.62
CA ALA D 368 -45.66 -61.18 14.61
C ALA D 368 -46.12 -60.69 15.98
N GLY D 369 -46.47 -59.41 16.12
CA GLY D 369 -46.93 -58.89 17.38
C GLY D 369 -45.84 -58.46 18.34
N THR D 370 -44.61 -58.34 17.88
CA THR D 370 -43.51 -57.96 18.76
C THR D 370 -43.48 -56.44 18.94
N PRO D 371 -43.50 -55.94 20.18
CA PRO D 371 -43.41 -54.49 20.38
C PRO D 371 -42.09 -53.95 19.87
N LEU D 372 -42.17 -52.89 19.08
CA LEU D 372 -40.99 -52.26 18.51
C LEU D 372 -40.55 -51.02 19.27
N TYR D 373 -41.33 -50.57 20.24
CA TYR D 373 -40.91 -49.47 21.12
C TYR D 373 -41.49 -49.69 22.51
N ASN D 374 -42.63 -49.07 22.79
CA ASN D 374 -43.32 -49.22 24.07
C ASN D 374 -44.71 -48.64 23.90
N ARG D 375 -45.52 -48.77 24.96
CA ARG D 375 -46.82 -48.13 25.01
C ARG D 375 -46.71 -46.78 25.70
N TRP D 376 -47.80 -46.01 25.66
CA TRP D 376 -47.85 -44.65 26.17
C TRP D 376 -48.91 -44.55 27.26
N ALA D 377 -48.65 -43.67 28.23
CA ALA D 377 -49.52 -43.53 29.39
C ALA D 377 -50.66 -42.55 29.09
N TRP D 378 -51.89 -42.96 29.42
CA TRP D 378 -53.00 -42.02 29.47
C TRP D 378 -52.75 -41.03 30.60
N ASP D 379 -52.92 -39.73 30.32
CA ASP D 379 -52.70 -38.71 31.34
C ASP D 379 -53.46 -37.46 30.94
N ALA D 380 -53.78 -36.64 31.94
CA ALA D 380 -54.58 -35.44 31.70
C ALA D 380 -53.84 -34.37 30.91
N GLY D 381 -52.51 -34.47 30.84
CA GLY D 381 -51.73 -33.52 30.08
C GLY D 381 -51.77 -33.72 28.59
N MET D 382 -52.54 -34.69 28.10
CA MET D 382 -52.78 -34.76 26.66
C MET D 382 -53.51 -33.52 26.16
N SER D 383 -54.24 -32.84 27.06
CA SER D 383 -54.87 -31.58 26.73
C SER D 383 -54.66 -30.58 27.87
N GLY D 384 -55.71 -29.85 28.22
CA GLY D 384 -55.61 -28.83 29.24
C GLY D 384 -56.01 -27.48 28.70
N LEU D 385 -56.64 -26.67 29.54
CA LEU D 385 -57.13 -25.35 29.16
C LEU D 385 -56.71 -24.35 30.22
N SER D 386 -55.93 -23.35 29.83
CA SER D 386 -55.49 -22.29 30.72
C SER D 386 -55.88 -20.96 30.11
N GLY D 387 -56.66 -20.18 30.85
CA GLY D 387 -57.26 -18.98 30.28
C GLY D 387 -58.21 -19.36 29.16
N THR D 388 -57.84 -19.03 27.92
CA THR D 388 -58.57 -19.46 26.75
C THR D 388 -57.70 -20.26 25.78
N THR D 389 -56.52 -20.70 26.22
CA THR D 389 -55.55 -21.37 25.36
C THR D 389 -55.56 -22.87 25.66
N TYR D 390 -55.83 -23.69 24.64
CA TYR D 390 -55.74 -25.14 24.77
C TYR D 390 -54.30 -25.58 24.65
N ASN D 391 -53.91 -26.54 25.50
CA ASN D 391 -52.54 -27.04 25.52
C ASN D 391 -52.21 -27.72 24.20
N GLN D 392 -51.16 -27.23 23.52
CA GLN D 392 -50.66 -27.84 22.31
C GLN D 392 -49.47 -28.77 22.57
N GLY D 393 -49.04 -28.90 23.82
CA GLY D 393 -47.79 -29.57 24.13
C GLY D 393 -47.78 -31.06 23.88
N TRP D 394 -48.95 -31.68 23.80
CA TRP D 394 -49.04 -33.11 23.49
C TRP D 394 -49.36 -33.37 22.02
N ARG D 395 -50.40 -32.72 21.50
CA ARG D 395 -50.87 -33.01 20.14
C ARG D 395 -49.88 -32.60 19.06
N SER D 396 -48.96 -31.68 19.36
CA SER D 396 -48.03 -31.22 18.33
C SER D 396 -47.13 -32.34 17.82
N TRP D 397 -47.02 -33.46 18.54
CA TRP D 397 -46.09 -34.51 18.16
C TRP D 397 -46.70 -35.50 17.18
N TRP D 398 -47.86 -36.07 17.49
CA TRP D 398 -48.48 -37.05 16.61
C TRP D 398 -49.53 -36.46 15.68
N LEU D 399 -50.22 -35.41 16.10
CA LEU D 399 -51.33 -34.82 15.35
C LEU D 399 -50.93 -33.55 14.60
N GLY D 400 -50.36 -32.58 15.30
CA GLY D 400 -50.11 -31.28 14.72
C GLY D 400 -51.24 -30.31 14.98
N SER D 401 -51.07 -29.08 14.51
CA SER D 401 -52.06 -28.03 14.74
C SER D 401 -53.34 -28.35 13.97
N PHE D 402 -54.48 -28.22 14.66
CA PHE D 402 -55.76 -28.53 14.04
C PHE D 402 -56.08 -27.54 12.93
N ASN D 403 -55.95 -26.25 13.21
CA ASN D 403 -56.33 -25.20 12.25
C ASN D 403 -55.24 -25.05 11.18
N SER D 404 -55.20 -26.03 10.29
CA SER D 404 -54.27 -26.02 9.18
C SER D 404 -54.77 -27.02 8.14
N SER D 405 -54.59 -26.68 6.86
CA SER D 405 -54.95 -27.57 5.78
C SER D 405 -53.77 -28.41 5.30
N ALA D 406 -52.70 -28.49 6.09
CA ALA D 406 -51.56 -29.34 5.79
C ALA D 406 -51.17 -30.10 7.06
N ASN D 407 -50.43 -31.19 6.87
CA ASN D 407 -49.91 -31.93 8.01
C ASN D 407 -48.66 -31.25 8.55
N ASN D 408 -48.57 -31.17 9.88
CA ASN D 408 -47.47 -30.47 10.53
C ASN D 408 -46.98 -31.17 11.79
N ALA D 409 -47.48 -32.37 12.10
CA ALA D 409 -47.01 -33.08 13.28
C ALA D 409 -45.55 -33.48 13.13
N GLN D 410 -44.83 -33.46 14.25
CA GLN D 410 -43.43 -33.89 14.26
C GLN D 410 -43.28 -35.27 13.65
N ARG D 411 -44.18 -36.19 13.99
CA ARG D 411 -44.07 -37.59 13.59
C ARG D 411 -44.70 -37.89 12.24
N VAL D 412 -45.40 -36.94 11.64
CA VAL D 412 -46.05 -37.17 10.34
C VAL D 412 -45.14 -36.66 9.22
N SER D 413 -44.80 -35.38 9.28
CA SER D 413 -43.95 -34.78 8.27
C SER D 413 -42.90 -33.84 8.85
N GLY D 414 -42.81 -33.73 10.18
CA GLY D 414 -41.94 -32.77 10.82
C GLY D 414 -40.54 -33.30 11.07
N PHE D 415 -39.86 -32.63 12.00
CA PHE D 415 -38.44 -32.89 12.21
C PHE D 415 -38.18 -34.33 12.62
N SER D 416 -39.04 -34.89 13.49
CA SER D 416 -38.84 -36.26 13.96
C SER D 416 -38.89 -37.26 12.81
N ALA D 417 -39.88 -37.12 11.92
CA ALA D 417 -39.96 -38.03 10.78
C ALA D 417 -38.78 -37.85 9.83
N ARG D 418 -38.40 -36.59 9.57
CA ARG D 418 -37.27 -36.34 8.68
C ARG D 418 -35.98 -36.87 9.28
N SER D 419 -35.81 -36.75 10.59
CA SER D 419 -34.60 -37.23 11.25
C SER D 419 -34.48 -38.74 11.14
N TRP D 420 -35.58 -39.47 11.30
CA TRP D 420 -35.51 -40.93 11.16
C TRP D 420 -35.03 -41.33 9.77
N LEU D 421 -35.51 -40.64 8.73
CA LEU D 421 -35.21 -41.06 7.37
C LEU D 421 -33.76 -40.79 7.00
N VAL D 422 -33.18 -39.67 7.45
CA VAL D 422 -31.86 -39.25 7.01
C VAL D 422 -30.80 -39.60 8.06
N ASP D 423 -31.17 -39.55 9.34
CA ASP D 423 -30.21 -39.72 10.43
C ASP D 423 -30.15 -41.13 10.99
N PHE D 424 -31.29 -41.83 11.10
CA PHE D 424 -31.34 -43.09 11.83
C PHE D 424 -31.50 -44.31 10.95
N ALA D 425 -32.11 -44.17 9.78
CA ALA D 425 -32.14 -45.27 8.82
C ALA D 425 -30.78 -45.39 8.14
N THR D 426 -30.32 -46.63 7.99
CA THR D 426 -29.03 -46.91 7.35
C THR D 426 -29.27 -47.91 6.24
N PRO D 427 -28.98 -47.58 4.97
CA PRO D 427 -28.46 -46.28 4.55
C PRO D 427 -29.51 -45.16 4.63
N PRO D 428 -29.08 -43.91 4.70
CA PRO D 428 -30.04 -42.80 4.80
C PRO D 428 -30.96 -42.76 3.58
N GLU D 429 -32.14 -42.19 3.78
CA GLU D 429 -33.19 -42.13 2.76
C GLU D 429 -33.62 -40.69 2.56
N PRO D 430 -32.77 -39.87 1.93
CA PRO D 430 -33.20 -38.50 1.62
C PRO D 430 -34.29 -38.49 0.57
N MET D 431 -35.14 -37.48 0.66
CA MET D 431 -36.28 -37.35 -0.24
C MET D 431 -36.82 -35.92 -0.13
N PRO D 432 -37.65 -35.49 -1.07
CA PRO D 432 -38.26 -34.16 -0.93
C PRO D 432 -39.15 -34.07 0.29
N MET D 433 -39.28 -32.86 0.83
CA MET D 433 -40.09 -32.64 2.02
C MET D 433 -41.53 -33.11 1.84
N THR D 434 -42.07 -32.99 0.63
CA THR D 434 -43.46 -33.33 0.37
C THR D 434 -43.71 -34.83 0.36
N GLN D 435 -42.68 -35.67 0.44
CA GLN D 435 -42.85 -37.11 0.39
C GLN D 435 -42.80 -37.77 1.76
N VAL D 436 -42.47 -37.02 2.82
CA VAL D 436 -42.24 -37.64 4.12
C VAL D 436 -43.54 -38.19 4.69
N ALA D 437 -44.62 -37.41 4.61
CA ALA D 437 -45.90 -37.84 5.18
C ALA D 437 -46.37 -39.15 4.55
N ALA D 438 -46.32 -39.24 3.22
CA ALA D 438 -46.70 -40.47 2.55
C ALA D 438 -45.76 -41.62 2.91
N ARG D 439 -44.48 -41.31 3.13
CA ARG D 439 -43.54 -42.36 3.52
C ARG D 439 -43.88 -42.95 4.88
N MET D 440 -44.33 -42.11 5.81
CA MET D 440 -44.76 -42.62 7.11
C MET D 440 -46.04 -43.43 7.00
N MET D 441 -46.92 -43.08 6.06
CA MET D 441 -48.14 -43.85 5.88
C MET D 441 -47.87 -45.21 5.23
N LYS D 442 -46.79 -45.31 4.46
CA LYS D 442 -46.41 -46.55 3.79
C LYS D 442 -45.38 -47.36 4.57
N PHE D 443 -44.92 -46.83 5.71
CA PHE D 443 -43.94 -47.49 6.55
C PHE D 443 -44.29 -48.95 6.80
N ASP D 444 -43.33 -49.84 6.56
CA ASP D 444 -43.51 -51.28 6.70
C ASP D 444 -42.86 -51.72 8.01
N PHE D 445 -43.67 -52.17 8.96
CA PHE D 445 -43.15 -52.50 10.28
C PHE D 445 -42.41 -53.84 10.32
N ASP D 446 -42.37 -54.57 9.21
CA ASP D 446 -41.52 -55.76 9.12
C ASP D 446 -40.18 -55.48 8.44
N ILE D 447 -40.07 -54.40 7.70
CA ILE D 447 -38.88 -54.09 6.90
C ILE D 447 -38.15 -52.86 7.44
N ASP D 448 -38.86 -51.75 7.59
CA ASP D 448 -38.26 -50.46 7.91
C ASP D 448 -37.65 -50.38 9.30
N PRO D 449 -38.23 -51.01 10.34
CA PRO D 449 -37.57 -50.98 11.66
C PRO D 449 -36.18 -51.62 11.67
N LEU D 450 -35.91 -52.56 10.77
CA LEU D 450 -34.59 -53.18 10.74
C LEU D 450 -33.48 -52.20 10.40
N LYS D 451 -33.84 -51.04 9.83
CA LYS D 451 -32.84 -50.11 9.32
C LYS D 451 -32.12 -49.33 10.42
N ILE D 452 -32.63 -49.36 11.66
CA ILE D 452 -31.91 -48.73 12.76
C ILE D 452 -30.89 -49.67 13.40
N TRP D 453 -30.84 -50.93 12.98
CA TRP D 453 -29.83 -51.88 13.44
C TRP D 453 -28.83 -52.23 12.35
N ALA D 454 -29.01 -51.73 11.14
CA ALA D 454 -28.20 -52.13 10.01
C ALA D 454 -27.00 -51.21 9.81
N THR D 455 -25.97 -51.75 9.18
CA THR D 455 -24.85 -50.98 8.68
C THR D 455 -24.84 -51.06 7.17
N SER D 456 -24.11 -50.14 6.54
CA SER D 456 -24.11 -50.09 5.07
C SER D 456 -22.90 -49.26 4.63
N GLY D 457 -21.96 -49.92 3.94
CA GLY D 457 -20.81 -49.24 3.37
C GLY D 457 -20.04 -48.40 4.36
N GLN D 458 -19.93 -47.10 4.09
CA GLN D 458 -19.18 -46.21 4.98
C GLN D 458 -19.92 -45.90 6.26
N PHE D 459 -21.21 -46.25 6.36
CA PHE D 459 -21.96 -46.14 7.61
C PHE D 459 -21.68 -47.42 8.41
N THR D 460 -20.60 -47.38 9.19
CA THR D 460 -20.04 -48.58 9.80
C THR D 460 -20.69 -48.96 11.11
N GLN D 461 -21.51 -48.08 11.69
CA GLN D 461 -22.26 -48.36 12.90
C GLN D 461 -23.72 -48.05 12.66
N SER D 462 -24.60 -48.87 13.21
CA SER D 462 -26.02 -48.59 13.14
C SER D 462 -26.36 -47.39 14.02
N SER D 463 -27.54 -46.79 13.76
CA SER D 463 -27.96 -45.66 14.57
C SER D 463 -28.19 -46.07 16.02
N MET D 464 -28.67 -47.29 16.26
CA MET D 464 -28.75 -47.74 17.64
C MET D 464 -27.36 -47.87 18.26
N ASP D 465 -26.35 -48.18 17.45
CA ASP D 465 -24.98 -48.28 17.96
C ASP D 465 -24.47 -46.92 18.44
N TRP D 466 -24.55 -45.89 17.59
CA TRP D 466 -23.96 -44.60 17.98
C TRP D 466 -24.93 -43.68 18.72
N HIS D 467 -26.24 -43.82 18.52
CA HIS D 467 -27.19 -42.94 19.18
C HIS D 467 -27.87 -43.58 20.38
N GLY D 468 -28.14 -44.88 20.34
CA GLY D 468 -28.80 -45.52 21.46
C GLY D 468 -27.96 -45.46 22.73
N ALA D 469 -28.66 -45.37 23.86
CA ALA D 469 -28.02 -45.39 25.18
C ALA D 469 -28.85 -46.28 26.11
N THR D 470 -28.84 -47.58 25.84
CA THR D 470 -29.71 -48.53 26.52
C THR D 470 -28.97 -49.42 27.51
N SER D 471 -27.69 -49.17 27.76
CA SER D 471 -26.91 -50.03 28.63
C SER D 471 -27.28 -49.79 30.10
N THR D 472 -27.50 -50.88 30.83
CA THR D 472 -27.68 -50.86 32.27
C THR D 472 -26.37 -51.06 33.03
N ASP D 473 -25.24 -51.13 32.33
CA ASP D 473 -23.94 -51.34 32.96
C ASP D 473 -23.39 -50.00 33.42
N LEU D 474 -23.81 -49.60 34.62
CA LEU D 474 -23.40 -48.33 35.21
C LEU D 474 -22.46 -48.52 36.40
N ALA D 475 -21.84 -49.69 36.52
CA ALA D 475 -21.00 -49.97 37.68
C ALA D 475 -19.84 -48.98 37.81
N ALA D 476 -19.09 -48.77 36.73
CA ALA D 476 -17.96 -47.86 36.79
C ALA D 476 -18.41 -46.45 37.18
N PHE D 477 -19.55 -46.02 36.64
CA PHE D 477 -20.11 -44.73 37.02
C PHE D 477 -20.46 -44.70 38.51
N ARG D 478 -21.16 -45.73 38.98
CA ARG D 478 -21.57 -45.77 40.39
C ARG D 478 -20.36 -45.82 41.31
N ASP D 479 -19.41 -46.72 41.03
CA ASP D 479 -18.33 -47.01 41.96
C ASP D 479 -17.26 -45.93 42.03
N ARG D 480 -17.31 -44.93 41.15
CA ARG D 480 -16.45 -43.76 41.27
C ARG D 480 -17.17 -42.58 41.92
N GLY D 481 -18.39 -42.80 42.42
CA GLY D 481 -19.15 -41.75 43.06
C GLY D 481 -20.16 -41.05 42.18
N GLY D 482 -20.48 -41.60 41.01
CA GLY D 482 -21.42 -40.93 40.12
C GLY D 482 -22.84 -41.04 40.61
N LYS D 483 -23.60 -39.96 40.41
CA LYS D 483 -25.02 -39.91 40.75
C LYS D 483 -25.79 -39.44 39.53
N MET D 484 -26.98 -40.01 39.32
CA MET D 484 -27.81 -39.67 38.17
C MET D 484 -29.25 -39.41 38.61
N ILE D 485 -29.81 -38.30 38.14
CA ILE D 485 -31.21 -37.95 38.37
C ILE D 485 -31.93 -37.97 37.03
N LEU D 486 -32.89 -38.88 36.87
CA LEU D 486 -33.74 -38.90 35.70
C LEU D 486 -35.08 -38.26 36.02
N TYR D 487 -35.68 -37.61 35.02
CA TYR D 487 -37.04 -37.13 35.15
C TYR D 487 -37.73 -37.20 33.79
N HIS D 488 -39.06 -37.25 33.82
CA HIS D 488 -39.84 -37.45 32.61
C HIS D 488 -41.27 -37.05 32.87
N GLY D 489 -41.85 -36.29 31.93
CA GLY D 489 -43.25 -35.90 32.05
C GLY D 489 -44.16 -37.03 31.57
N MET D 490 -45.22 -37.27 32.35
CA MET D 490 -46.11 -38.38 32.03
C MET D 490 -46.86 -38.13 30.73
N SER D 491 -47.06 -36.87 30.35
CA SER D 491 -47.76 -36.52 29.11
C SER D 491 -46.80 -36.13 28.00
N ASP D 492 -45.61 -36.71 28.01
CA ASP D 492 -44.62 -36.55 26.96
C ASP D 492 -45.02 -37.40 25.76
N ALA D 493 -45.21 -36.76 24.61
CA ALA D 493 -45.52 -37.47 23.38
C ALA D 493 -44.31 -37.67 22.49
N ALA D 494 -43.15 -37.11 22.86
CA ALA D 494 -41.92 -37.38 22.12
C ALA D 494 -41.34 -38.73 22.53
N PHE D 495 -41.11 -38.92 23.83
CA PHE D 495 -40.65 -40.19 24.37
C PHE D 495 -41.57 -40.61 25.49
N SER D 496 -41.85 -41.91 25.55
CA SER D 496 -42.79 -42.46 26.52
C SER D 496 -42.14 -42.51 27.91
N ALA D 497 -42.76 -41.83 28.88
CA ALA D 497 -42.27 -41.90 30.25
C ALA D 497 -42.26 -43.33 30.77
N LEU D 498 -43.20 -44.15 30.31
CA LEU D 498 -43.21 -45.56 30.69
C LEU D 498 -41.99 -46.30 30.17
N ASP D 499 -41.42 -45.85 29.05
CA ASP D 499 -40.19 -46.48 28.54
C ASP D 499 -38.97 -46.09 29.37
N THR D 500 -38.94 -44.85 29.89
CA THR D 500 -37.90 -44.50 30.84
C THR D 500 -38.05 -45.31 32.12
N ALA D 501 -39.29 -45.51 32.58
CA ALA D 501 -39.53 -46.33 33.76
C ALA D 501 -39.07 -47.77 33.54
N ASP D 502 -39.30 -48.30 32.34
CA ASP D 502 -38.87 -49.66 32.04
C ASP D 502 -37.35 -49.77 32.07
N TYR D 503 -36.64 -48.76 31.55
CA TYR D 503 -35.19 -48.75 31.67
C TYR D 503 -34.78 -48.76 33.15
N TYR D 504 -35.43 -47.91 33.95
CA TYR D 504 -35.04 -47.80 35.35
C TYR D 504 -35.29 -49.11 36.10
N GLU D 505 -36.39 -49.80 35.78
CA GLU D 505 -36.61 -51.12 36.35
C GLU D 505 -35.53 -52.11 35.91
N ARG D 506 -35.13 -52.06 34.64
CA ARG D 506 -34.05 -52.93 34.18
C ARG D 506 -32.74 -52.58 34.86
N LEU D 507 -32.51 -51.29 35.12
CA LEU D 507 -31.29 -50.87 35.80
C LEU D 507 -31.26 -51.37 37.24
N GLY D 508 -32.40 -51.31 37.93
CA GLY D 508 -32.46 -51.82 39.29
C GLY D 508 -32.28 -53.32 39.38
N ALA D 509 -32.72 -54.05 38.35
CA ALA D 509 -32.54 -55.50 38.35
C ALA D 509 -31.11 -55.88 38.00
N ALA D 510 -30.43 -55.07 37.19
CA ALA D 510 -29.03 -55.33 36.86
C ALA D 510 -28.09 -54.89 37.96
N MET D 511 -28.45 -53.85 38.72
CA MET D 511 -27.59 -53.28 39.76
C MET D 511 -28.40 -53.13 41.04
N PRO D 512 -28.49 -54.19 41.85
CA PRO D 512 -29.26 -54.11 43.09
C PRO D 512 -28.78 -52.95 43.96
N GLY D 513 -29.72 -52.26 44.59
CA GLY D 513 -29.41 -51.05 45.31
C GLY D 513 -29.26 -49.83 44.43
N ALA D 514 -29.82 -49.85 43.22
CA ALA D 514 -29.57 -48.79 42.25
C ALA D 514 -30.02 -47.42 42.76
N ALA D 515 -31.02 -47.38 43.64
CA ALA D 515 -31.52 -46.11 44.15
C ALA D 515 -30.48 -45.37 44.98
N GLY D 516 -29.38 -46.02 45.36
CA GLY D 516 -28.29 -45.33 46.04
C GLY D 516 -27.48 -44.41 45.15
N PHE D 517 -27.60 -44.54 43.82
CA PHE D 517 -26.89 -43.63 42.92
C PHE D 517 -27.72 -43.14 41.75
N ALA D 518 -28.90 -43.70 41.47
CA ALA D 518 -29.73 -43.26 40.36
C ALA D 518 -31.19 -43.34 40.76
N ARG D 519 -31.94 -42.26 40.50
CA ARG D 519 -33.35 -42.20 40.85
C ARG D 519 -34.11 -41.53 39.73
N LEU D 520 -35.39 -41.93 39.59
CA LEU D 520 -36.26 -41.47 38.53
C LEU D 520 -37.44 -40.70 39.11
N PHE D 521 -37.70 -39.52 38.57
CA PHE D 521 -38.75 -38.63 39.05
C PHE D 521 -39.73 -38.37 37.92
N LEU D 522 -40.86 -39.08 37.92
CA LEU D 522 -41.88 -38.86 36.91
C LEU D 522 -42.77 -37.70 37.31
N VAL D 523 -43.19 -36.91 36.32
CA VAL D 523 -43.97 -35.70 36.57
C VAL D 523 -45.34 -35.84 35.94
N PRO D 524 -46.39 -36.07 36.73
CA PRO D 524 -47.75 -36.13 36.16
C PRO D 524 -48.12 -34.84 35.46
N GLY D 525 -48.80 -34.97 34.33
CA GLY D 525 -49.33 -33.83 33.60
C GLY D 525 -48.33 -33.11 32.72
N MET D 526 -47.03 -33.31 32.90
CA MET D 526 -46.04 -32.54 32.17
C MET D 526 -45.84 -33.09 30.76
N ASN D 527 -45.62 -32.19 29.81
CA ASN D 527 -45.38 -32.57 28.43
C ASN D 527 -43.88 -32.81 28.22
N HIS D 528 -43.39 -32.66 26.98
CA HIS D 528 -42.00 -32.95 26.68
C HIS D 528 -41.11 -31.86 27.25
N CYS D 529 -40.35 -32.21 28.29
CA CYS D 529 -39.36 -31.36 28.96
C CYS D 529 -39.98 -30.20 29.74
N SER D 530 -41.13 -29.70 29.31
CA SER D 530 -41.77 -28.59 30.00
C SER D 530 -43.23 -28.51 29.58
N GLY D 531 -43.98 -27.67 30.29
CA GLY D 531 -45.36 -27.38 29.93
C GLY D 531 -46.34 -28.40 30.44
N GLY D 532 -47.63 -28.06 30.32
CA GLY D 532 -48.69 -28.97 30.66
C GLY D 532 -49.29 -28.75 32.05
N PRO D 533 -50.42 -29.40 32.32
CA PRO D 533 -51.04 -29.33 33.66
C PRO D 533 -50.31 -30.19 34.68
N GLY D 534 -49.12 -29.73 35.06
CA GLY D 534 -48.33 -30.41 36.07
C GLY D 534 -47.36 -29.42 36.69
N THR D 535 -46.62 -29.91 37.69
CA THR D 535 -45.58 -29.10 38.33
C THR D 535 -44.29 -29.31 37.56
N ASP D 536 -44.17 -28.55 36.48
CA ASP D 536 -43.11 -28.74 35.48
C ASP D 536 -41.86 -27.90 35.73
N ARG D 537 -41.81 -27.13 36.81
CA ARG D 537 -40.67 -26.28 37.11
C ARG D 537 -39.98 -26.76 38.37
N PHE D 538 -38.65 -26.86 38.32
CA PHE D 538 -37.89 -27.45 39.42
C PHE D 538 -36.41 -27.15 39.22
N ASP D 539 -35.68 -27.11 40.32
CA ASP D 539 -34.23 -26.89 40.32
C ASP D 539 -33.58 -28.26 40.53
N MET D 540 -33.05 -28.83 39.46
CA MET D 540 -32.40 -30.13 39.52
C MET D 540 -30.93 -30.04 39.91
N LEU D 541 -30.31 -28.89 39.70
CA LEU D 541 -28.88 -28.77 39.96
C LEU D 541 -28.56 -28.87 41.45
N THR D 542 -29.39 -28.24 42.30
CA THR D 542 -29.10 -28.26 43.73
C THR D 542 -29.14 -29.66 44.33
N PRO D 543 -30.19 -30.47 44.12
CA PRO D 543 -30.13 -31.84 44.66
C PRO D 543 -29.03 -32.70 44.02
N LEU D 544 -28.68 -32.43 42.76
CA LEU D 544 -27.60 -33.17 42.12
C LEU D 544 -26.28 -32.92 42.83
N VAL D 545 -25.98 -31.65 43.12
CA VAL D 545 -24.73 -31.32 43.82
C VAL D 545 -24.73 -31.92 45.22
N ALA D 546 -25.89 -31.91 45.90
CA ALA D 546 -25.95 -32.45 47.25
C ALA D 546 -25.74 -33.97 47.25
N TRP D 547 -26.25 -34.66 46.23
CA TRP D 547 -26.06 -36.10 46.14
C TRP D 547 -24.60 -36.44 45.87
N VAL D 548 -23.96 -35.67 44.99
CA VAL D 548 -22.59 -35.98 44.58
C VAL D 548 -21.61 -35.63 45.69
N GLU D 549 -21.76 -34.45 46.28
CA GLU D 549 -20.75 -33.90 47.18
C GLU D 549 -21.02 -34.20 48.65
N ARG D 550 -22.27 -34.44 49.03
CA ARG D 550 -22.61 -34.75 50.41
C ARG D 550 -23.22 -36.12 50.60
N GLY D 551 -23.50 -36.86 49.53
CA GLY D 551 -24.09 -38.17 49.67
C GLY D 551 -25.54 -38.18 50.07
N GLU D 552 -26.23 -37.04 49.97
CA GLU D 552 -27.64 -36.95 50.34
C GLU D 552 -28.49 -37.26 49.11
N ALA D 553 -29.09 -38.44 49.09
CA ALA D 553 -29.96 -38.80 47.99
C ALA D 553 -31.27 -38.00 48.06
N PRO D 554 -31.82 -37.60 46.92
CA PRO D 554 -33.10 -36.86 46.93
C PRO D 554 -34.27 -37.79 47.23
N ASP D 555 -34.80 -37.69 48.44
CA ASP D 555 -36.03 -38.39 48.77
C ASP D 555 -37.26 -37.68 48.22
N GLN D 556 -37.10 -36.43 47.81
CA GLN D 556 -38.13 -35.65 47.14
C GLN D 556 -37.44 -34.48 46.47
N ILE D 557 -38.10 -33.94 45.45
CA ILE D 557 -37.61 -32.76 44.74
C ILE D 557 -38.75 -31.78 44.61
N SER D 558 -38.57 -30.57 45.15
CA SER D 558 -39.60 -29.56 45.10
C SER D 558 -39.86 -29.13 43.65
N ALA D 559 -41.14 -29.04 43.29
CA ALA D 559 -41.53 -28.61 41.96
C ALA D 559 -42.73 -27.68 42.06
N TRP D 560 -42.90 -26.85 41.04
CA TRP D 560 -44.07 -25.98 40.97
C TRP D 560 -44.53 -25.85 39.53
N SER D 561 -45.77 -25.42 39.35
CA SER D 561 -46.39 -25.34 38.04
C SER D 561 -46.09 -23.98 37.40
N GLY D 562 -45.59 -24.02 36.16
CA GLY D 562 -45.42 -22.79 35.41
C GLY D 562 -46.70 -22.24 34.83
N THR D 563 -47.74 -23.06 34.74
CA THR D 563 -49.05 -22.64 34.25
C THR D 563 -50.12 -23.10 35.23
N PRO D 564 -50.16 -22.51 36.43
CA PRO D 564 -51.12 -22.97 37.44
C PRO D 564 -52.56 -22.71 37.07
N GLY D 565 -52.83 -21.87 36.05
CA GLY D 565 -54.19 -21.70 35.56
C GLY D 565 -54.81 -22.97 35.03
N TYR D 566 -53.99 -23.96 34.67
CA TYR D 566 -54.53 -25.27 34.28
C TYR D 566 -55.39 -25.87 35.38
N PHE D 567 -55.11 -25.54 36.63
CA PHE D 567 -55.89 -26.04 37.76
C PHE D 567 -56.82 -24.99 38.35
N GLY D 568 -56.89 -23.80 37.75
CA GLY D 568 -57.70 -22.73 38.29
C GLY D 568 -57.16 -22.09 39.54
N VAL D 569 -55.83 -22.11 39.73
CA VAL D 569 -55.22 -21.60 40.96
C VAL D 569 -54.09 -20.65 40.60
N ALA D 570 -53.71 -19.83 41.59
CA ALA D 570 -52.64 -18.86 41.38
C ALA D 570 -51.25 -19.50 41.43
N ALA D 571 -51.09 -20.62 42.13
CA ALA D 571 -49.81 -21.29 42.26
C ALA D 571 -50.03 -22.68 42.83
N ARG D 572 -49.15 -23.61 42.46
CA ARG D 572 -49.22 -24.97 43.00
C ARG D 572 -47.81 -25.52 43.11
N THR D 573 -47.43 -25.94 44.32
CA THR D 573 -46.17 -26.60 44.58
C THR D 573 -46.44 -28.02 45.06
N ARG D 574 -45.65 -28.96 44.56
CA ARG D 574 -45.79 -30.37 44.91
C ARG D 574 -44.41 -31.00 44.96
N PRO D 575 -44.23 -32.05 45.76
CA PRO D 575 -42.97 -32.80 45.71
C PRO D 575 -42.97 -33.77 44.53
N LEU D 576 -41.86 -33.80 43.81
CA LEU D 576 -41.60 -34.90 42.89
C LEU D 576 -41.01 -36.06 43.69
N CYS D 577 -41.42 -37.28 43.34
CA CYS D 577 -41.10 -38.42 44.18
C CYS D 577 -40.27 -39.45 43.42
N PRO D 578 -39.33 -40.12 44.11
CA PRO D 578 -38.50 -41.12 43.42
C PRO D 578 -39.31 -42.36 43.08
N TYR D 579 -39.18 -42.83 41.84
CA TYR D 579 -39.85 -44.03 41.40
C TYR D 579 -39.60 -45.17 42.38
N PRO D 580 -40.64 -45.94 42.76
CA PRO D 580 -42.02 -45.88 42.27
C PRO D 580 -42.99 -45.14 43.18
N GLN D 581 -42.50 -44.21 43.99
CA GLN D 581 -43.38 -43.45 44.87
C GLN D 581 -44.12 -42.36 44.11
N ILE D 582 -45.22 -41.90 44.71
CA ILE D 582 -46.02 -40.80 44.19
C ILE D 582 -46.33 -39.85 45.34
N ALA D 583 -46.79 -38.65 45.00
CA ALA D 583 -47.14 -37.66 46.00
C ALA D 583 -48.48 -38.01 46.63
N ARG D 584 -48.56 -37.85 47.96
CA ARG D 584 -49.78 -38.16 48.69
C ARG D 584 -50.18 -36.98 49.56
N TYR D 585 -51.42 -36.53 49.39
CA TYR D 585 -51.97 -35.49 50.25
C TYR D 585 -52.06 -35.97 51.69
N LYS D 586 -51.60 -35.14 52.63
CA LYS D 586 -51.62 -35.53 54.03
C LYS D 586 -53.03 -35.53 54.63
N GLY D 587 -54.01 -34.99 53.91
CA GLY D 587 -55.39 -35.02 54.35
C GLY D 587 -55.94 -33.69 54.83
N SER D 588 -55.08 -32.68 55.02
CA SER D 588 -55.54 -31.38 55.50
C SER D 588 -54.61 -30.30 54.96
N GLY D 589 -55.15 -29.08 54.87
CA GLY D 589 -54.39 -27.95 54.39
C GLY D 589 -54.58 -27.69 52.91
N ASP D 590 -54.03 -26.57 52.48
CA ASP D 590 -54.11 -26.17 51.07
C ASP D 590 -53.54 -27.26 50.17
N ILE D 591 -54.36 -27.72 49.23
CA ILE D 591 -53.91 -28.73 48.28
C ILE D 591 -52.92 -28.19 47.26
N ASN D 592 -52.67 -26.88 47.27
CA ASN D 592 -51.72 -26.25 46.35
C ASN D 592 -50.37 -25.96 47.02
N THR D 593 -50.16 -26.49 48.22
CA THR D 593 -48.96 -26.22 49.00
C THR D 593 -48.20 -27.52 49.22
N GLU D 594 -46.91 -27.51 48.85
CA GLU D 594 -46.12 -28.74 48.89
C GLU D 594 -46.03 -29.33 50.28
N ALA D 595 -46.02 -28.48 51.31
CA ALA D 595 -45.85 -28.96 52.69
C ALA D 595 -46.96 -29.90 53.12
N ASN D 596 -48.12 -29.86 52.47
CA ASN D 596 -49.23 -30.75 52.79
C ASN D 596 -49.17 -32.05 52.01
N PHE D 597 -48.02 -32.39 51.43
CA PHE D 597 -47.85 -33.61 50.67
C PHE D 597 -46.55 -34.29 51.11
N ALA D 598 -46.52 -35.61 50.90
CA ALA D 598 -45.34 -36.40 51.20
C ALA D 598 -45.23 -37.53 50.19
N CYS D 599 -44.00 -37.90 49.85
CA CYS D 599 -43.77 -39.00 48.93
C CYS D 599 -44.05 -40.33 49.60
N ALA D 600 -44.75 -41.22 48.91
CA ALA D 600 -45.11 -42.52 49.46
C ALA D 600 -45.50 -43.45 48.33
N ALA D 601 -45.66 -44.73 48.67
CA ALA D 601 -46.21 -45.69 47.75
C ALA D 601 -47.66 -45.35 47.43
N PRO D 602 -48.16 -45.76 46.27
CA PRO D 602 -49.57 -45.50 45.92
C PRO D 602 -50.51 -46.12 46.94
N PRO D 603 -51.73 -45.57 47.09
CA PRO D 603 -52.75 -46.08 48.03
C PRO D 603 -52.96 -47.58 47.95
N VAL E 43 21.32 -31.05 -40.91
CA VAL E 43 20.28 -31.47 -41.82
C VAL E 43 20.38 -30.70 -43.13
N PRO E 44 20.20 -31.39 -44.27
CA PRO E 44 20.40 -30.75 -45.57
C PRO E 44 19.43 -29.59 -45.78
N LEU E 45 19.90 -28.58 -46.49
CA LEU E 45 19.08 -27.41 -46.77
C LEU E 45 17.96 -27.75 -47.74
N ALA E 46 16.86 -27.00 -47.63
CA ALA E 46 15.73 -27.11 -48.56
C ALA E 46 15.21 -28.55 -48.61
N SER E 47 15.16 -29.20 -47.46
CA SER E 47 14.78 -30.60 -47.37
C SER E 47 13.61 -30.77 -46.41
N ARG E 48 13.07 -31.98 -46.40
CA ARG E 48 12.00 -32.33 -45.46
C ARG E 48 12.44 -32.12 -44.02
N ALA E 49 13.67 -32.52 -43.70
CA ALA E 49 14.17 -32.37 -42.34
C ALA E 49 14.35 -30.91 -41.96
N ALA E 50 14.89 -30.10 -42.88
CA ALA E 50 15.02 -28.67 -42.62
C ALA E 50 13.67 -28.00 -42.44
N CYS E 51 12.66 -28.46 -43.18
CA CYS E 51 11.31 -27.90 -43.04
C CYS E 51 10.74 -28.19 -41.65
N GLU E 52 10.71 -29.47 -41.26
CA GLU E 52 10.15 -29.83 -39.96
C GLU E 52 10.94 -29.22 -38.80
N ALA E 53 12.23 -28.96 -38.99
CA ALA E 53 13.03 -28.34 -37.94
C ALA E 53 12.64 -26.90 -37.66
N LEU E 54 11.84 -26.27 -38.52
CA LEU E 54 11.44 -24.89 -38.31
C LEU E 54 10.38 -24.72 -37.24
N LYS E 55 9.72 -25.81 -36.82
CA LYS E 55 8.62 -25.69 -35.88
C LYS E 55 9.13 -25.45 -34.45
N ASP E 56 8.26 -24.84 -33.64
CA ASP E 56 8.60 -24.53 -32.26
C ASP E 56 8.92 -25.79 -31.49
N GLY E 57 10.08 -25.79 -30.82
CA GLY E 57 10.56 -26.95 -30.11
C GLY E 57 11.23 -27.99 -30.98
N ASN E 58 11.13 -27.87 -32.30
CA ASN E 58 11.73 -28.83 -33.20
C ASN E 58 13.17 -28.51 -33.56
N GLY E 59 13.64 -27.29 -33.29
CA GLY E 59 15.01 -26.96 -33.64
C GLY E 59 15.56 -25.60 -33.23
N ASP E 60 16.40 -25.03 -34.10
CA ASP E 60 17.28 -23.91 -33.80
C ASP E 60 16.76 -22.57 -34.30
N MET E 61 15.62 -22.55 -35.01
CA MET E 61 15.21 -21.35 -35.76
C MET E 61 15.07 -20.13 -34.86
N VAL E 62 15.53 -18.98 -35.35
CA VAL E 62 15.49 -17.72 -34.62
C VAL E 62 14.62 -16.74 -35.40
N TRP E 63 13.48 -16.35 -34.82
CA TRP E 63 12.59 -15.42 -35.48
C TRP E 63 12.91 -13.98 -35.08
N PRO E 64 12.75 -13.02 -36.01
CA PRO E 64 13.02 -11.62 -35.67
C PRO E 64 12.13 -11.10 -34.56
N ASN E 65 10.87 -11.52 -34.53
CA ASN E 65 9.94 -11.19 -33.45
C ASN E 65 9.91 -12.36 -32.49
N ALA E 66 10.29 -12.11 -31.23
CA ALA E 66 10.34 -13.18 -30.24
C ALA E 66 8.97 -13.80 -30.00
N ALA E 67 7.90 -13.04 -30.22
CA ALA E 67 6.53 -13.53 -30.03
C ALA E 67 6.00 -14.26 -31.26
N THR E 68 6.85 -15.01 -31.95
CA THR E 68 6.47 -15.78 -33.12
C THR E 68 6.25 -17.24 -32.72
N VAL E 69 5.10 -17.80 -33.07
CA VAL E 69 4.74 -19.16 -32.73
C VAL E 69 4.41 -19.90 -34.01
N VAL E 70 5.10 -21.02 -34.23
CA VAL E 70 4.91 -21.84 -35.43
C VAL E 70 3.95 -22.97 -35.09
N GLU E 71 2.81 -22.98 -35.77
CA GLU E 71 1.82 -24.05 -35.58
C GLU E 71 2.04 -25.21 -36.55
N VAL E 72 2.54 -24.94 -37.74
CA VAL E 72 2.65 -25.93 -38.81
C VAL E 72 3.99 -25.76 -39.51
N ALA E 73 4.71 -26.86 -39.68
CA ALA E 73 5.92 -26.92 -40.51
C ALA E 73 5.87 -28.29 -41.18
N ALA E 74 5.29 -28.33 -42.38
CA ALA E 74 4.92 -29.59 -43.00
C ALA E 74 5.40 -29.65 -44.44
N TRP E 75 5.85 -30.84 -44.86
CA TRP E 75 6.32 -31.06 -46.22
C TRP E 75 5.13 -31.40 -47.11
N ARG E 76 4.94 -30.63 -48.17
CA ARG E 76 3.80 -30.81 -49.08
C ARG E 76 4.29 -31.39 -50.40
N ASP E 77 3.68 -32.48 -50.82
CA ASP E 77 3.97 -33.05 -52.14
C ASP E 77 3.49 -32.08 -53.22
N ALA E 78 4.08 -32.23 -54.41
CA ALA E 78 3.67 -31.44 -55.55
C ALA E 78 2.19 -31.69 -55.85
N ALA E 79 1.46 -30.61 -56.16
CA ALA E 79 0.04 -30.70 -56.42
C ALA E 79 -0.26 -30.45 -57.89
N PRO E 80 -1.20 -31.16 -58.48
CA PRO E 80 -1.47 -31.01 -59.91
C PRO E 80 -2.22 -29.72 -60.20
N ALA E 81 -2.21 -29.34 -61.47
CA ALA E 81 -3.00 -28.21 -61.92
C ALA E 81 -4.48 -28.52 -61.81
N THR E 82 -5.28 -27.49 -61.56
CA THR E 82 -6.73 -27.56 -61.56
C THR E 82 -7.26 -26.60 -62.62
N ALA E 83 -8.59 -26.55 -62.74
CA ALA E 83 -9.21 -25.63 -63.68
C ALA E 83 -8.93 -24.17 -63.34
N SER E 84 -8.57 -23.87 -62.09
CA SER E 84 -8.38 -22.49 -61.68
C SER E 84 -6.98 -22.19 -61.14
N ALA E 85 -6.10 -23.18 -61.03
CA ALA E 85 -4.80 -22.93 -60.44
C ALA E 85 -3.74 -23.80 -61.11
N ALA E 86 -2.58 -23.21 -61.35
CA ALA E 86 -1.46 -23.94 -61.91
C ALA E 86 -0.92 -24.94 -60.89
N ALA E 87 -0.16 -25.91 -61.40
CA ALA E 87 0.42 -26.94 -60.53
C ALA E 87 1.39 -26.33 -59.54
N LEU E 88 1.39 -26.87 -58.32
CA LEU E 88 2.27 -26.37 -57.27
C LEU E 88 3.41 -27.36 -57.04
N PRO E 89 4.65 -26.89 -56.99
CA PRO E 89 5.78 -27.80 -56.74
C PRO E 89 5.79 -28.28 -55.30
N GLU E 90 6.59 -29.31 -55.07
CA GLU E 90 6.86 -29.79 -53.72
C GLU E 90 7.51 -28.69 -52.90
N HIS E 91 7.01 -28.49 -51.68
CA HIS E 91 7.45 -27.33 -50.91
C HIS E 91 7.27 -27.59 -49.41
N CYS E 92 7.86 -26.69 -48.63
CA CYS E 92 7.68 -26.62 -47.19
C CYS E 92 6.61 -25.58 -46.86
N GLU E 93 5.61 -25.98 -46.09
CA GLU E 93 4.57 -25.06 -45.65
C GLU E 93 4.77 -24.74 -44.17
N VAL E 94 4.95 -23.47 -43.86
CA VAL E 94 5.07 -22.99 -42.49
C VAL E 94 3.93 -22.01 -42.23
N SER E 95 3.20 -22.24 -41.14
CA SER E 95 2.16 -21.31 -40.74
C SER E 95 2.20 -21.10 -39.23
N GLY E 96 1.81 -19.91 -38.81
CA GLY E 96 1.84 -19.58 -37.40
C GLY E 96 1.27 -18.21 -37.15
N ALA E 97 1.65 -17.63 -36.02
CA ALA E 97 1.12 -16.33 -35.62
C ALA E 97 2.20 -15.56 -34.88
N ILE E 98 2.07 -14.23 -34.91
CA ILE E 98 3.00 -13.32 -34.26
C ILE E 98 2.21 -12.42 -33.31
N ALA E 99 2.75 -12.22 -32.11
CA ALA E 99 2.22 -11.25 -31.14
C ALA E 99 0.79 -11.60 -30.71
N LYS E 100 0.60 -12.85 -30.29
CA LYS E 100 -0.63 -13.23 -29.63
C LYS E 100 -0.88 -12.33 -28.43
N ARG E 101 -2.09 -11.79 -28.32
CA ARG E 101 -2.41 -10.84 -27.26
C ARG E 101 -3.92 -10.74 -27.12
N THR E 102 -4.35 -9.94 -26.15
CA THR E 102 -5.75 -9.62 -25.92
C THR E 102 -5.95 -8.12 -26.12
N GLY E 103 -6.88 -7.74 -26.98
CA GLY E 103 -7.14 -6.34 -27.25
C GLY E 103 -7.91 -5.67 -26.12
N ILE E 104 -7.97 -4.34 -26.20
CA ILE E 104 -8.70 -3.57 -25.18
C ILE E 104 -10.19 -3.86 -25.22
N ASP E 105 -10.69 -4.46 -26.31
CA ASP E 105 -12.08 -4.86 -26.42
C ASP E 105 -12.34 -6.24 -25.82
N GLY E 106 -11.31 -6.90 -25.30
CA GLY E 106 -11.46 -8.24 -24.75
C GLY E 106 -11.29 -9.37 -25.76
N TYR E 107 -11.03 -9.05 -27.04
CA TYR E 107 -10.93 -10.10 -28.04
C TYR E 107 -9.48 -10.53 -28.22
N PRO E 108 -9.24 -11.77 -28.62
CA PRO E 108 -7.88 -12.18 -28.96
C PRO E 108 -7.47 -11.61 -30.31
N TYR E 109 -6.18 -11.31 -30.43
CA TYR E 109 -5.60 -10.80 -31.65
C TYR E 109 -4.24 -11.44 -31.87
N GLU E 110 -3.89 -11.63 -33.13
CA GLU E 110 -2.58 -12.13 -33.52
C GLU E 110 -2.39 -11.85 -35.00
N ILE E 111 -1.12 -11.79 -35.41
CA ILE E 111 -0.76 -11.64 -36.82
C ILE E 111 -0.45 -13.03 -37.36
N LYS E 112 -1.40 -13.59 -38.11
CA LYS E 112 -1.20 -14.89 -38.74
C LYS E 112 -0.41 -14.75 -40.03
N PHE E 113 0.37 -15.79 -40.33
CA PHE E 113 1.11 -15.86 -41.58
C PHE E 113 1.14 -17.30 -42.06
N ARG E 114 1.20 -17.46 -43.37
CA ARG E 114 1.42 -18.75 -44.01
C ARG E 114 2.48 -18.58 -45.08
N LEU E 115 3.48 -19.45 -45.07
CA LEU E 115 4.64 -19.33 -45.93
C LEU E 115 4.89 -20.66 -46.63
N ARG E 116 5.23 -20.60 -47.91
CA ARG E 116 5.47 -21.79 -48.72
C ARG E 116 6.81 -21.63 -49.43
N MET E 117 7.71 -22.58 -49.20
CA MET E 117 9.05 -22.50 -49.74
C MET E 117 9.33 -23.73 -50.60
N PRO E 118 9.39 -23.59 -51.92
CA PRO E 118 9.55 -24.77 -52.79
C PRO E 118 10.91 -25.42 -52.61
N ALA E 119 10.92 -26.75 -52.73
CA ALA E 119 12.19 -27.48 -52.66
C ALA E 119 13.12 -27.05 -53.79
N GLU E 120 12.56 -26.83 -54.98
CA GLU E 120 13.30 -26.28 -56.11
C GLU E 120 12.93 -24.80 -56.20
N TRP E 121 13.89 -23.94 -55.88
CA TRP E 121 13.64 -22.52 -55.66
C TRP E 121 14.36 -21.69 -56.71
N ASN E 122 13.71 -20.62 -57.17
CA ASN E 122 14.31 -19.71 -58.14
C ASN E 122 15.01 -18.52 -57.48
N GLY E 123 15.14 -18.53 -56.15
CA GLY E 123 15.83 -17.46 -55.47
C GLY E 123 15.02 -16.20 -55.25
N ARG E 124 13.71 -16.23 -55.47
CA ARG E 124 12.87 -15.05 -55.39
C ARG E 124 11.85 -15.20 -54.26
N PHE E 125 11.58 -14.09 -53.58
CA PHE E 125 10.61 -14.01 -52.50
C PHE E 125 9.38 -13.24 -52.98
N PHE E 126 8.20 -13.69 -52.55
CA PHE E 126 6.95 -13.12 -53.03
C PHE E 126 5.97 -13.00 -51.88
N MET E 127 5.31 -11.85 -51.77
CA MET E 127 4.20 -11.68 -50.84
C MET E 127 2.98 -11.19 -51.59
N GLU E 128 1.83 -11.77 -51.29
CA GLU E 128 0.57 -11.34 -51.88
C GLU E 128 -0.17 -10.42 -50.92
N GLY E 129 -0.88 -9.44 -51.48
CA GLY E 129 -1.63 -8.50 -50.71
C GLY E 129 -2.99 -9.03 -50.30
N GLY E 130 -3.73 -8.18 -49.57
CA GLY E 130 -5.00 -8.56 -48.99
C GLY E 130 -6.19 -8.09 -49.81
N SER E 131 -7.36 -8.14 -49.17
CA SER E 131 -8.61 -7.74 -49.81
C SER E 131 -9.64 -7.38 -48.73
N GLY E 132 -10.54 -6.46 -49.07
CA GLY E 132 -11.57 -6.06 -48.14
C GLY E 132 -10.96 -5.39 -46.93
N THR E 133 -11.31 -5.88 -45.74
CA THR E 133 -10.66 -5.49 -44.50
C THR E 133 -9.76 -6.60 -43.96
N ASN E 134 -9.29 -7.46 -44.85
CA ASN E 134 -8.43 -8.60 -44.49
C ASN E 134 -9.19 -9.48 -43.48
N GLY E 135 -8.47 -10.10 -42.56
CA GLY E 135 -9.07 -10.99 -41.59
C GLY E 135 -9.08 -12.45 -41.99
N SER E 136 -8.58 -12.79 -43.17
CA SER E 136 -8.55 -14.17 -43.63
C SER E 136 -7.15 -14.52 -44.08
N LEU E 137 -6.75 -15.77 -43.83
CA LEU E 137 -5.46 -16.29 -44.25
C LEU E 137 -5.68 -17.13 -45.50
N SER E 138 -5.13 -16.67 -46.62
CA SER E 138 -5.30 -17.33 -47.90
C SER E 138 -4.44 -18.60 -47.97
N ALA E 139 -4.58 -19.33 -49.08
CA ALA E 139 -3.73 -20.49 -49.32
C ALA E 139 -2.26 -20.11 -49.38
N ALA E 140 -1.95 -18.84 -49.66
CA ALA E 140 -0.59 -18.31 -49.63
C ALA E 140 0.29 -18.97 -50.68
N THR E 141 -0.28 -19.20 -51.87
CA THR E 141 0.50 -19.65 -53.01
C THR E 141 1.04 -18.50 -53.83
N GLY E 142 0.74 -17.26 -53.45
CA GLY E 142 1.27 -16.11 -54.15
C GLY E 142 0.44 -15.71 -55.35
N SER E 143 -0.77 -15.24 -55.10
CA SER E 143 -1.63 -14.79 -56.20
C SER E 143 -1.04 -13.54 -56.84
N ILE E 144 -1.17 -13.43 -58.15
CA ILE E 144 -0.68 -12.28 -58.89
C ILE E 144 -1.82 -11.44 -59.44
N GLY E 145 -3.06 -11.76 -59.11
CA GLY E 145 -4.19 -11.00 -59.57
C GLY E 145 -4.37 -11.09 -61.08
N GLY E 146 -5.08 -10.10 -61.62
CA GLY E 146 -5.33 -10.06 -63.06
C GLY E 146 -5.99 -11.30 -63.61
N GLY E 147 -6.81 -11.98 -62.81
CA GLY E 147 -7.49 -13.19 -63.26
C GLY E 147 -6.58 -14.31 -63.68
N GLN E 148 -5.34 -14.32 -63.19
CA GLN E 148 -4.34 -15.24 -63.71
C GLN E 148 -4.48 -16.62 -63.08
N ILE E 149 -4.13 -17.63 -63.89
CA ILE E 149 -4.17 -19.02 -63.43
C ILE E 149 -2.93 -19.34 -62.61
N ALA E 150 -1.78 -18.83 -63.02
CA ALA E 150 -0.52 -19.16 -62.37
C ALA E 150 -0.37 -18.41 -61.06
N SER E 151 0.16 -19.09 -60.06
CA SER E 151 0.58 -18.48 -58.81
C SER E 151 2.09 -18.31 -58.80
N ALA E 152 2.56 -17.44 -57.92
CA ALA E 152 4.01 -17.25 -57.77
C ALA E 152 4.68 -18.55 -57.35
N LEU E 153 4.03 -19.33 -56.48
CA LEU E 153 4.60 -20.62 -56.08
C LEU E 153 4.69 -21.57 -57.25
N SER E 154 3.68 -21.56 -58.13
CA SER E 154 3.74 -22.36 -59.35
C SER E 154 4.94 -21.98 -60.22
N ARG E 155 5.44 -20.75 -60.08
CA ARG E 155 6.66 -20.32 -60.77
C ARG E 155 7.90 -20.46 -59.89
N ASN E 156 7.79 -21.21 -58.79
CA ASN E 156 8.90 -21.58 -57.91
C ASN E 156 9.42 -20.42 -57.08
N PHE E 157 8.59 -19.40 -56.86
CA PHE E 157 8.87 -18.40 -55.83
C PHE E 157 8.60 -18.99 -54.45
N ALA E 158 9.22 -18.40 -53.44
CA ALA E 158 8.77 -18.56 -52.06
C ALA E 158 7.71 -17.49 -51.79
N THR E 159 6.59 -17.92 -51.20
CA THR E 159 5.41 -17.07 -51.10
C THR E 159 4.91 -16.99 -49.66
N ILE E 160 4.32 -15.85 -49.31
CA ILE E 160 3.83 -15.63 -47.95
C ILE E 160 2.58 -14.76 -48.00
N ALA E 161 1.72 -14.94 -46.99
CA ALA E 161 0.50 -14.15 -46.85
C ALA E 161 0.21 -13.96 -45.37
N THR E 162 -0.65 -13.00 -45.08
CA THR E 162 -1.05 -12.70 -43.71
C THR E 162 -2.54 -12.40 -43.68
N ASP E 163 -3.12 -12.39 -42.48
CA ASP E 163 -4.50 -11.95 -42.30
C ASP E 163 -4.59 -10.51 -41.81
N GLY E 164 -3.46 -9.83 -41.64
CA GLY E 164 -3.47 -8.42 -41.30
C GLY E 164 -3.60 -8.11 -39.83
N GLY E 165 -3.58 -9.11 -38.95
CA GLY E 165 -3.64 -8.88 -37.53
C GLY E 165 -4.96 -9.18 -36.86
N HIS E 166 -5.96 -9.65 -37.60
CA HIS E 166 -7.23 -10.05 -37.01
C HIS E 166 -7.80 -11.21 -37.81
N ASP E 167 -8.78 -11.89 -37.21
CA ASP E 167 -9.33 -13.13 -37.74
C ASP E 167 -10.84 -12.98 -37.85
N ASN E 168 -11.36 -13.15 -39.07
CA ASN E 168 -12.78 -12.94 -39.31
C ASN E 168 -13.64 -13.96 -38.57
N ALA E 169 -13.10 -15.14 -38.28
CA ALA E 169 -13.86 -16.16 -37.56
C ALA E 169 -13.92 -15.91 -36.06
N VAL E 170 -12.98 -15.13 -35.52
CA VAL E 170 -12.91 -14.85 -34.10
C VAL E 170 -13.27 -13.41 -33.80
N ASN E 171 -12.69 -12.46 -34.53
CA ASN E 171 -12.94 -11.03 -34.32
C ASN E 171 -14.22 -10.60 -35.04
N ASP E 172 -15.33 -11.21 -34.61
CA ASP E 172 -16.66 -11.04 -35.20
C ASP E 172 -17.58 -10.60 -34.07
N ASN E 173 -17.80 -9.28 -33.96
CA ASN E 173 -18.51 -8.68 -32.83
C ASN E 173 -19.90 -8.26 -33.26
N PRO E 174 -20.96 -8.86 -32.71
CA PRO E 174 -22.32 -8.49 -33.13
C PRO E 174 -22.71 -7.07 -32.80
N ASP E 175 -21.99 -6.39 -31.91
CA ASP E 175 -22.27 -5.01 -31.56
C ASP E 175 -21.31 -4.03 -32.21
N ALA E 176 -20.38 -4.51 -33.05
CA ALA E 176 -19.41 -3.67 -33.73
C ALA E 176 -19.36 -4.00 -35.21
N LEU E 177 -20.51 -4.34 -35.78
CA LEU E 177 -20.68 -4.50 -37.22
C LEU E 177 -19.92 -5.69 -37.80
N GLY E 178 -19.82 -6.78 -37.04
CA GLY E 178 -19.37 -8.04 -37.61
C GLY E 178 -17.86 -8.12 -37.72
N THR E 179 -17.37 -8.42 -38.93
CA THR E 179 -15.96 -8.70 -39.13
C THR E 179 -15.10 -7.45 -39.25
N VAL E 180 -15.68 -6.26 -39.17
CA VAL E 180 -14.88 -5.03 -39.12
C VAL E 180 -14.58 -4.68 -37.66
N ALA E 181 -14.91 -5.61 -36.76
CA ALA E 181 -14.84 -5.34 -35.33
C ALA E 181 -13.43 -5.11 -34.82
N PHE E 182 -12.41 -5.53 -35.57
CA PHE E 182 -11.03 -5.27 -35.15
C PHE E 182 -10.79 -3.79 -34.89
N GLY E 183 -11.56 -2.90 -35.52
CA GLY E 183 -11.35 -1.48 -35.36
C GLY E 183 -11.54 -0.98 -33.94
N LEU E 184 -12.12 -1.79 -33.05
CA LEU E 184 -12.25 -1.38 -31.66
C LEU E 184 -10.93 -1.45 -30.90
N ASP E 185 -9.90 -2.09 -31.47
CA ASP E 185 -8.62 -2.21 -30.79
C ASP E 185 -7.57 -1.36 -31.50
N PRO E 186 -6.90 -0.46 -30.77
CA PRO E 186 -5.92 0.42 -31.43
C PRO E 186 -4.76 -0.33 -32.08
N GLN E 187 -4.20 -1.33 -31.41
CA GLN E 187 -3.08 -2.07 -32.01
C GLN E 187 -3.56 -2.87 -33.22
N ALA E 188 -4.76 -3.43 -33.16
CA ALA E 188 -5.31 -4.13 -34.33
C ALA E 188 -5.40 -3.20 -35.53
N ARG E 189 -5.74 -1.93 -35.29
CA ARG E 189 -5.71 -0.93 -36.37
C ARG E 189 -4.31 -0.76 -36.92
N LEU E 190 -3.32 -0.59 -36.04
CA LEU E 190 -1.95 -0.38 -36.50
C LEU E 190 -1.43 -1.59 -37.26
N ASP E 191 -1.80 -2.80 -36.81
CA ASP E 191 -1.42 -4.00 -37.55
C ASP E 191 -2.07 -4.01 -38.93
N MET E 192 -3.35 -3.65 -39.00
CA MET E 192 -4.04 -3.61 -40.28
C MET E 192 -3.41 -2.56 -41.20
N GLY E 193 -2.99 -1.44 -40.64
CA GLY E 193 -2.44 -0.38 -41.46
C GLY E 193 -1.07 -0.72 -42.04
N TYR E 194 -0.13 -1.11 -41.19
CA TYR E 194 1.24 -1.28 -41.65
C TYR E 194 2.03 -2.37 -40.93
N ASN E 195 1.72 -2.64 -39.66
CA ASN E 195 2.65 -3.43 -38.86
C ASN E 195 2.62 -4.91 -39.23
N SER E 196 1.45 -5.45 -39.58
CA SER E 196 1.35 -6.88 -39.86
C SER E 196 2.20 -7.27 -41.06
N TYR E 197 2.16 -6.47 -42.13
CA TYR E 197 2.95 -6.79 -43.33
C TYR E 197 4.43 -6.59 -43.08
N ASP E 198 4.79 -5.66 -42.20
CA ASP E 198 6.18 -5.52 -41.78
C ASP E 198 6.65 -6.77 -41.04
N GLN E 199 5.88 -7.21 -40.05
CA GLN E 199 6.27 -8.38 -39.26
C GLN E 199 6.33 -9.64 -40.12
N VAL E 200 5.37 -9.82 -41.03
CA VAL E 200 5.32 -11.04 -41.82
C VAL E 200 6.42 -11.06 -42.87
N THR E 201 6.77 -9.90 -43.42
CA THR E 201 7.91 -9.84 -44.34
C THR E 201 9.21 -10.25 -43.64
N GLN E 202 9.45 -9.68 -42.45
CA GLN E 202 10.65 -10.02 -41.70
C GLN E 202 10.70 -11.50 -41.35
N ALA E 203 9.57 -12.06 -40.89
CA ALA E 203 9.52 -13.46 -40.54
C ALA E 203 9.75 -14.35 -41.76
N GLY E 204 9.11 -14.02 -42.88
CA GLY E 204 9.29 -14.83 -44.07
C GLY E 204 10.72 -14.87 -44.55
N LYS E 205 11.39 -13.72 -44.57
CA LYS E 205 12.78 -13.68 -45.01
C LYS E 205 13.70 -14.41 -44.05
N ALA E 206 13.40 -14.37 -42.74
CA ALA E 206 14.18 -15.15 -41.79
C ALA E 206 14.04 -16.63 -42.05
N ALA E 207 12.82 -17.10 -42.35
CA ALA E 207 12.63 -18.52 -42.64
C ALA E 207 13.27 -18.93 -43.96
N VAL E 208 13.27 -18.03 -44.95
CA VAL E 208 13.92 -18.31 -46.23
C VAL E 208 15.43 -18.47 -46.02
N ALA E 209 16.03 -17.60 -45.22
CA ALA E 209 17.48 -17.66 -45.01
C ALA E 209 17.88 -18.97 -44.34
N ARG E 210 17.10 -19.42 -43.35
CA ARG E 210 17.44 -20.66 -42.66
C ARG E 210 17.15 -21.87 -43.54
N PHE E 211 16.04 -21.84 -44.26
CA PHE E 211 15.63 -22.99 -45.07
C PHE E 211 16.59 -23.22 -46.23
N TYR E 212 16.96 -22.16 -46.93
CA TYR E 212 17.78 -22.26 -48.13
C TYR E 212 19.25 -21.98 -47.90
N GLY E 213 19.63 -21.48 -46.73
CA GLY E 213 21.02 -21.13 -46.50
C GLY E 213 21.45 -19.87 -47.21
N ARG E 214 20.51 -19.06 -47.69
CA ARG E 214 20.84 -17.82 -48.36
C ARG E 214 19.59 -16.95 -48.43
N ALA E 215 19.79 -15.65 -48.62
CA ALA E 215 18.68 -14.74 -48.76
C ALA E 215 18.16 -14.73 -50.20
N ALA E 216 16.94 -14.21 -50.36
CA ALA E 216 16.38 -14.07 -51.69
C ALA E 216 17.21 -13.10 -52.52
N ASP E 217 17.35 -13.39 -53.81
CA ASP E 217 18.00 -12.44 -54.70
C ASP E 217 17.16 -11.19 -54.88
N LYS E 218 15.84 -11.36 -55.03
CA LYS E 218 14.91 -10.25 -55.18
C LYS E 218 13.60 -10.61 -54.50
N SER E 219 12.90 -9.58 -54.01
CA SER E 219 11.62 -9.74 -53.34
C SER E 219 10.56 -8.94 -54.10
N TYR E 220 9.37 -9.53 -54.21
CA TYR E 220 8.28 -8.96 -54.99
C TYR E 220 6.99 -8.99 -54.19
N PHE E 221 6.18 -7.96 -54.35
CA PHE E 221 4.87 -7.85 -53.71
C PHE E 221 3.84 -7.49 -54.78
N ILE E 222 2.70 -8.17 -54.74
CA ILE E 222 1.59 -7.89 -55.65
C ILE E 222 0.30 -7.87 -54.86
N GLY E 223 -0.48 -6.81 -55.01
CA GLY E 223 -1.77 -6.72 -54.36
C GLY E 223 -2.71 -5.80 -55.11
N CYS E 224 -4.01 -6.01 -54.90
CA CYS E 224 -5.07 -5.18 -55.47
C CYS E 224 -6.04 -4.76 -54.39
N SER E 225 -6.65 -3.58 -54.58
CA SER E 225 -7.61 -2.98 -53.65
C SER E 225 -6.91 -2.64 -52.33
N GLU E 226 -7.34 -3.21 -51.19
CA GLU E 226 -6.56 -3.04 -49.98
C GLU E 226 -5.14 -3.58 -50.16
N GLY E 227 -4.99 -4.63 -50.98
CA GLY E 227 -3.67 -5.10 -51.33
C GLY E 227 -2.88 -4.09 -52.12
N GLY E 228 -3.54 -3.28 -52.93
CA GLY E 228 -2.86 -2.19 -53.61
C GLY E 228 -2.45 -1.09 -52.65
N ARG E 229 -3.30 -0.78 -51.67
CA ARG E 229 -2.91 0.14 -50.61
C ARG E 229 -1.68 -0.36 -49.87
N GLU E 230 -1.64 -1.68 -49.58
CA GLU E 230 -0.48 -2.26 -48.93
C GLU E 230 0.78 -2.08 -49.78
N GLY E 231 0.66 -2.28 -51.09
CA GLY E 231 1.82 -2.14 -51.96
C GLY E 231 2.40 -0.74 -51.92
N MET E 232 1.54 0.28 -52.05
CA MET E 232 2.01 1.66 -51.97
C MET E 232 2.55 1.98 -50.60
N MET E 233 1.92 1.45 -49.54
CA MET E 233 2.42 1.67 -48.19
C MET E 233 3.85 1.16 -48.05
N LEU E 234 4.13 -0.04 -48.60
CA LEU E 234 5.47 -0.60 -48.49
C LEU E 234 6.51 0.26 -49.19
N SER E 235 6.18 0.77 -50.38
CA SER E 235 7.12 1.63 -51.10
C SER E 235 7.39 2.93 -50.35
N GLN E 236 6.43 3.38 -49.54
CA GLN E 236 6.57 4.65 -48.83
C GLN E 236 7.20 4.46 -47.45
N ARG E 237 6.78 3.41 -46.74
CA ARG E 237 7.13 3.23 -45.33
C ARG E 237 8.24 2.20 -45.12
N PHE E 238 8.33 1.18 -45.97
CA PHE E 238 9.34 0.14 -45.86
C PHE E 238 10.01 -0.07 -47.21
N PRO E 239 10.78 0.92 -47.69
CA PRO E 239 11.22 0.91 -49.10
C PRO E 239 12.14 -0.25 -49.45
N SER E 240 12.82 -0.86 -48.49
CA SER E 240 13.72 -1.97 -48.80
C SER E 240 13.07 -3.34 -48.63
N HIS E 241 11.80 -3.39 -48.23
CA HIS E 241 11.15 -4.69 -48.02
C HIS E 241 10.98 -5.43 -49.34
N TYR E 242 10.66 -4.72 -50.42
CA TYR E 242 10.42 -5.35 -51.71
C TYR E 242 11.09 -4.55 -52.81
N ASP E 243 11.64 -5.27 -53.80
CA ASP E 243 12.29 -4.65 -54.94
C ASP E 243 11.31 -4.36 -56.07
N GLY E 244 10.27 -5.16 -56.20
CA GLY E 244 9.23 -4.90 -57.17
C GLY E 244 7.86 -4.95 -56.51
N ILE E 245 7.03 -3.97 -56.84
CA ILE E 245 5.69 -3.85 -56.27
C ILE E 245 4.70 -3.63 -57.40
N VAL E 246 3.61 -4.41 -57.40
CA VAL E 246 2.46 -4.16 -58.23
C VAL E 246 1.31 -3.76 -57.31
N ALA E 247 0.78 -2.56 -57.51
CA ALA E 247 -0.33 -2.04 -56.72
C ALA E 247 -1.51 -1.80 -57.65
N GLY E 248 -2.52 -2.67 -57.56
CA GLY E 248 -3.72 -2.55 -58.38
C GLY E 248 -4.86 -1.91 -57.59
N ALA E 249 -5.66 -1.09 -58.30
CA ALA E 249 -6.77 -0.32 -57.76
C ALA E 249 -6.52 0.08 -56.30
N PRO E 250 -5.47 0.83 -56.02
CA PRO E 250 -5.01 0.97 -54.64
C PRO E 250 -5.89 1.91 -53.82
N GLY E 251 -6.37 1.42 -52.68
CA GLY E 251 -7.09 2.26 -51.76
C GLY E 251 -6.15 3.05 -50.86
N TYR E 252 -5.27 3.85 -51.47
CA TYR E 252 -4.29 4.60 -50.70
C TYR E 252 -4.91 5.74 -49.91
N GLN E 253 -6.18 6.04 -50.13
CA GLN E 253 -6.96 6.98 -49.32
C GLN E 253 -8.19 6.30 -48.76
N LEU E 254 -8.03 5.02 -48.38
CA LEU E 254 -9.17 4.20 -47.96
C LEU E 254 -10.07 4.84 -46.90
N PRO E 255 -9.56 5.54 -45.88
CA PRO E 255 -10.49 6.15 -44.90
C PRO E 255 -11.45 7.16 -45.51
N LYS E 256 -11.17 7.68 -46.71
CA LYS E 256 -12.07 8.59 -47.39
C LYS E 256 -13.17 7.89 -48.15
N ALA E 257 -13.09 6.57 -48.34
CA ALA E 257 -14.09 5.86 -49.12
C ALA E 257 -15.48 5.99 -48.51
N GLY E 258 -15.57 5.89 -47.18
CA GLY E 258 -16.85 6.04 -46.52
C GLY E 258 -17.42 7.44 -46.65
N ILE E 259 -16.54 8.44 -46.83
CA ILE E 259 -17.01 9.80 -47.06
C ILE E 259 -17.68 9.89 -48.43
N SER E 260 -17.04 9.34 -49.46
CA SER E 260 -17.67 9.26 -50.77
C SER E 260 -18.96 8.45 -50.71
N GLY E 261 -18.97 7.38 -49.92
CA GLY E 261 -20.16 6.55 -49.85
C GLY E 261 -21.35 7.26 -49.26
N ALA E 262 -21.14 7.97 -48.16
CA ALA E 262 -22.22 8.81 -47.62
C ALA E 262 -22.65 9.86 -48.63
N TRP E 263 -21.70 10.35 -49.43
CA TRP E 263 -22.03 11.35 -50.45
C TRP E 263 -22.85 10.76 -51.58
N THR E 264 -22.42 9.61 -52.11
CA THR E 264 -23.20 8.98 -53.17
C THR E 264 -24.56 8.52 -52.69
N THR E 265 -24.65 8.06 -51.43
CA THR E 265 -25.93 7.67 -50.87
C THR E 265 -26.90 8.85 -50.82
N GLN E 266 -26.46 9.97 -50.25
CA GLN E 266 -27.32 11.14 -50.16
C GLN E 266 -27.59 11.76 -51.54
N SER E 267 -26.64 11.62 -52.47
CA SER E 267 -26.85 12.17 -53.81
C SER E 267 -27.88 11.35 -54.59
N LEU E 268 -27.86 10.03 -54.42
CA LEU E 268 -28.79 9.18 -55.16
C LEU E 268 -30.15 9.07 -54.51
N ALA E 269 -30.24 9.42 -53.22
CA ALA E 269 -31.50 9.26 -52.49
C ALA E 269 -32.69 9.97 -53.12
N PRO E 270 -32.58 11.18 -53.70
CA PRO E 270 -33.76 11.77 -54.35
C PRO E 270 -34.30 10.95 -55.51
N ALA E 271 -33.46 10.19 -56.19
CA ALA E 271 -33.90 9.35 -57.29
C ALA E 271 -34.39 7.98 -56.85
N ALA E 272 -34.24 7.64 -55.57
CA ALA E 272 -34.72 6.37 -55.07
C ALA E 272 -36.24 6.33 -55.05
N VAL E 273 -36.80 5.13 -55.19
CA VAL E 273 -38.24 4.92 -55.10
C VAL E 273 -38.48 3.78 -54.12
N GLY E 274 -39.31 4.04 -53.11
CA GLY E 274 -39.56 3.08 -52.06
C GLY E 274 -38.56 3.18 -50.93
N LEU E 275 -38.89 2.51 -49.83
CA LEU E 275 -38.07 2.51 -48.63
C LEU E 275 -37.80 1.08 -48.20
N ASP E 276 -36.69 0.89 -47.47
CA ASP E 276 -36.38 -0.42 -46.92
C ASP E 276 -37.12 -0.62 -45.60
N ALA E 277 -36.85 -1.75 -44.94
CA ALA E 277 -37.52 -2.09 -43.70
C ALA E 277 -37.20 -1.15 -42.55
N GLN E 278 -36.23 -0.25 -42.70
CA GLN E 278 -35.93 0.76 -41.70
C GLN E 278 -36.41 2.15 -42.12
N GLY E 279 -37.20 2.25 -43.17
CA GLY E 279 -37.63 3.54 -43.67
C GLY E 279 -36.58 4.31 -44.43
N VAL E 280 -35.50 3.67 -44.86
CA VAL E 280 -34.43 4.32 -45.59
C VAL E 280 -34.70 4.18 -47.09
N PRO E 281 -34.51 5.23 -47.88
CA PRO E 281 -34.75 5.12 -49.34
C PRO E 281 -33.94 3.99 -49.96
N LEU E 282 -34.57 3.32 -50.93
CA LEU E 282 -33.93 2.21 -51.63
C LEU E 282 -33.03 2.78 -52.71
N ILE E 283 -31.75 2.99 -52.35
CA ILE E 283 -30.80 3.55 -53.30
C ILE E 283 -30.64 2.65 -54.52
N ASN E 284 -30.78 1.34 -54.32
CA ASN E 284 -30.69 0.39 -55.42
C ASN E 284 -31.76 0.63 -56.48
N LYS E 285 -32.87 1.28 -56.11
CA LYS E 285 -33.96 1.55 -57.04
C LYS E 285 -33.78 2.85 -57.82
N SER E 286 -32.72 3.62 -57.54
CA SER E 286 -32.51 4.87 -58.25
C SER E 286 -32.30 4.65 -59.74
N PHE E 287 -31.74 3.50 -60.11
CA PHE E 287 -31.47 3.15 -61.51
C PHE E 287 -31.72 1.67 -61.71
N SER E 288 -32.58 1.34 -62.66
CA SER E 288 -32.65 -0.04 -63.10
C SER E 288 -31.38 -0.39 -63.88
N ASP E 289 -31.19 -1.68 -64.14
CA ASP E 289 -30.07 -2.10 -64.98
C ASP E 289 -30.21 -1.52 -66.38
N ALA E 290 -31.45 -1.45 -66.89
CA ALA E 290 -31.69 -0.84 -68.19
C ALA E 290 -31.36 0.66 -68.18
N ASP E 291 -31.62 1.33 -67.05
CA ASP E 291 -31.28 2.75 -66.93
C ASP E 291 -29.77 2.97 -66.98
N LEU E 292 -29.01 2.14 -66.28
CA LEU E 292 -27.55 2.28 -66.29
C LEU E 292 -26.98 1.96 -67.66
N HIS E 293 -27.55 0.96 -68.34
CA HIS E 293 -27.13 0.66 -69.71
C HIS E 293 -27.40 1.85 -70.63
N LEU E 294 -28.52 2.55 -70.40
CA LEU E 294 -28.79 3.79 -71.12
C LEU E 294 -27.65 4.79 -70.95
N LEU E 295 -27.24 5.02 -69.70
CA LEU E 295 -26.12 5.90 -69.42
C LEU E 295 -24.85 5.42 -70.12
N SER E 296 -24.57 4.12 -70.02
CA SER E 296 -23.36 3.56 -70.65
C SER E 296 -23.39 3.75 -72.16
N GLN E 297 -24.54 3.52 -72.78
CA GLN E 297 -24.65 3.70 -74.23
C GLN E 297 -24.45 5.15 -74.61
N ALA E 298 -24.97 6.08 -73.81
CA ALA E 298 -24.77 7.49 -74.09
C ALA E 298 -23.31 7.88 -73.94
N ILE E 299 -22.60 7.31 -72.95
CA ILE E 299 -21.18 7.57 -72.83
C ILE E 299 -20.44 7.05 -74.05
N LEU E 300 -20.84 5.88 -74.55
CA LEU E 300 -20.21 5.34 -75.75
C LEU E 300 -20.47 6.23 -76.96
N GLY E 301 -21.72 6.70 -77.12
CA GLY E 301 -22.02 7.60 -78.22
C GLY E 301 -21.19 8.86 -78.21
N THR E 302 -20.86 9.37 -77.03
CA THR E 302 -20.05 10.58 -76.94
C THR E 302 -18.55 10.28 -77.03
N CYS E 303 -18.11 9.17 -76.41
CA CYS E 303 -16.70 9.00 -76.11
C CYS E 303 -16.00 7.86 -76.85
N ASP E 304 -16.75 6.86 -77.33
CA ASP E 304 -16.12 5.66 -77.91
C ASP E 304 -15.14 6.02 -79.02
N ALA E 305 -15.57 6.85 -79.97
CA ALA E 305 -14.76 7.16 -81.13
C ALA E 305 -13.72 8.24 -80.88
N LEU E 306 -13.63 8.76 -79.66
CA LEU E 306 -12.65 9.81 -79.38
C LEU E 306 -11.22 9.30 -79.43
N ASP E 307 -11.02 7.98 -79.40
CA ASP E 307 -9.70 7.37 -79.55
C ASP E 307 -9.41 6.96 -80.98
N GLY E 308 -10.37 7.15 -81.90
CA GLY E 308 -10.20 6.79 -83.29
C GLY E 308 -10.87 5.51 -83.73
N LEU E 309 -11.52 4.78 -82.81
CA LEU E 309 -12.10 3.49 -83.16
C LEU E 309 -13.36 3.25 -82.35
N ALA E 310 -14.46 2.95 -83.04
CA ALA E 310 -15.71 2.58 -82.39
C ALA E 310 -15.65 1.09 -82.08
N ASP E 311 -15.40 0.74 -80.81
CA ASP E 311 -15.23 -0.64 -80.43
C ASP E 311 -15.80 -0.96 -79.06
N GLY E 312 -16.61 -0.08 -78.48
CA GLY E 312 -17.15 -0.29 -77.15
C GLY E 312 -16.20 0.00 -76.02
N ILE E 313 -15.07 0.67 -76.29
CA ILE E 313 -14.07 0.97 -75.27
C ILE E 313 -13.69 2.44 -75.37
N VAL E 314 -13.71 3.13 -74.24
CA VAL E 314 -13.32 4.53 -74.17
C VAL E 314 -11.84 4.56 -73.78
N ASP E 315 -10.97 4.50 -74.80
CA ASP E 315 -9.53 4.55 -74.53
C ASP E 315 -9.06 5.98 -74.21
N ASN E 316 -9.75 7.00 -74.74
CA ASN E 316 -9.37 8.39 -74.51
C ASN E 316 -10.25 8.94 -73.38
N TYR E 317 -9.90 8.55 -72.16
CA TYR E 317 -10.71 8.91 -71.00
C TYR E 317 -10.66 10.41 -70.70
N ARG E 318 -9.52 11.06 -70.96
CA ARG E 318 -9.42 12.50 -70.71
C ARG E 318 -10.37 13.28 -71.61
N ALA E 319 -10.37 12.95 -72.91
CA ALA E 319 -11.30 13.59 -73.82
C ALA E 319 -12.74 13.28 -73.43
N CYS E 320 -12.99 12.09 -72.92
CA CYS E 320 -14.35 11.72 -72.54
C CYS E 320 -14.86 12.58 -71.39
N GLN E 321 -14.02 12.81 -70.38
CA GLN E 321 -14.45 13.63 -69.25
C GLN E 321 -14.71 15.07 -69.67
N ALA E 322 -13.93 15.58 -70.63
CA ALA E 322 -14.15 16.94 -71.11
C ALA E 322 -15.40 17.05 -71.97
N ALA E 323 -15.88 15.95 -72.55
CA ALA E 323 -16.95 16.00 -73.54
C ALA E 323 -18.30 15.51 -73.02
N PHE E 324 -18.34 14.60 -72.06
CA PHE E 324 -19.60 13.98 -71.68
C PHE E 324 -20.30 14.75 -70.55
N ASP E 325 -21.58 15.02 -70.75
CA ASP E 325 -22.49 15.55 -69.74
C ASP E 325 -23.84 14.86 -69.93
N PRO E 326 -24.28 14.03 -68.99
CA PRO E 326 -25.55 13.31 -69.18
C PRO E 326 -26.77 14.23 -69.28
N ALA E 327 -26.66 15.49 -68.84
CA ALA E 327 -27.75 16.44 -68.99
C ALA E 327 -27.89 16.96 -70.42
N THR E 328 -26.84 16.82 -71.24
CA THR E 328 -26.88 17.28 -72.62
C THR E 328 -26.63 16.17 -73.63
N ALA E 329 -26.11 15.02 -73.21
CA ALA E 329 -25.74 13.97 -74.14
C ALA E 329 -26.98 13.35 -74.79
N ALA E 330 -26.76 12.72 -75.93
CA ALA E 330 -27.83 12.07 -76.67
C ALA E 330 -27.87 10.57 -76.37
N ASN E 331 -29.07 10.00 -76.50
CA ASN E 331 -29.25 8.56 -76.62
C ASN E 331 -28.99 8.20 -78.07
N PRO E 332 -27.93 7.46 -78.38
CA PRO E 332 -27.63 7.16 -79.79
C PRO E 332 -28.67 6.27 -80.45
N ALA E 333 -29.47 5.55 -79.67
CA ALA E 333 -30.45 4.63 -80.26
C ALA E 333 -31.58 5.39 -80.95
N ASN E 334 -32.13 6.42 -80.29
CA ASN E 334 -33.23 7.19 -80.86
C ASN E 334 -32.84 8.59 -81.32
N GLY E 335 -31.61 9.02 -81.05
CA GLY E 335 -31.17 10.36 -81.43
C GLY E 335 -31.67 11.48 -80.55
N GLN E 336 -32.49 11.17 -79.55
CA GLN E 336 -33.00 12.19 -78.64
C GLN E 336 -32.04 12.40 -77.48
N ALA E 337 -32.35 13.40 -76.66
CA ALA E 337 -31.55 13.67 -75.48
C ALA E 337 -31.69 12.54 -74.48
N LEU E 338 -30.58 12.18 -73.83
CA LEU E 338 -30.62 11.14 -72.82
C LEU E 338 -31.53 11.52 -71.67
N GLN E 339 -31.48 12.78 -71.25
CA GLN E 339 -32.34 13.26 -70.17
C GLN E 339 -33.75 13.48 -70.70
N CYS E 340 -34.73 12.94 -69.99
CA CYS E 340 -36.12 13.07 -70.41
C CYS E 340 -36.50 14.54 -70.56
N VAL E 341 -37.12 14.87 -71.70
CA VAL E 341 -37.71 16.19 -71.84
C VAL E 341 -38.99 16.28 -71.01
N GLY E 342 -39.82 15.25 -71.06
CA GLY E 342 -41.03 15.22 -70.27
C GLY E 342 -41.07 14.09 -69.27
N ALA E 343 -42.08 13.22 -69.37
CA ALA E 343 -42.23 12.12 -68.43
C ALA E 343 -41.20 11.03 -68.70
N LYS E 344 -40.96 10.21 -67.68
CA LYS E 344 -39.94 9.18 -67.77
C LYS E 344 -40.41 8.04 -68.68
N THR E 345 -39.54 7.66 -69.61
CA THR E 345 -39.73 6.48 -70.44
C THR E 345 -38.52 5.57 -70.29
N ALA E 346 -38.62 4.36 -70.83
CA ALA E 346 -37.50 3.42 -70.81
C ALA E 346 -36.33 3.89 -71.65
N ASP E 347 -36.51 4.93 -72.48
CA ASP E 347 -35.46 5.42 -73.36
C ASP E 347 -34.78 6.68 -72.86
N CYS E 348 -35.13 7.18 -71.67
CA CYS E 348 -34.54 8.40 -71.17
C CYS E 348 -34.39 8.31 -69.65
N LEU E 349 -33.54 9.19 -69.12
CA LEU E 349 -33.32 9.31 -67.69
C LEU E 349 -33.97 10.58 -67.17
N SER E 350 -34.61 10.49 -66.01
CA SER E 350 -35.29 11.66 -65.45
C SER E 350 -34.27 12.72 -65.06
N PRO E 351 -34.66 14.00 -65.04
CA PRO E 351 -33.74 15.04 -64.57
C PRO E 351 -33.29 14.81 -63.14
N VAL E 352 -34.13 14.20 -62.30
CA VAL E 352 -33.71 13.86 -60.94
C VAL E 352 -32.62 12.80 -60.96
N GLN E 353 -32.76 11.79 -61.83
CA GLN E 353 -31.71 10.79 -61.99
C GLN E 353 -30.42 11.42 -62.47
N VAL E 354 -30.50 12.27 -63.50
CA VAL E 354 -29.31 12.91 -64.06
C VAL E 354 -28.63 13.79 -63.01
N THR E 355 -29.42 14.56 -62.27
CA THR E 355 -28.85 15.37 -61.20
C THR E 355 -28.21 14.49 -60.13
N ALA E 356 -28.82 13.35 -59.84
CA ALA E 356 -28.31 12.47 -58.78
C ALA E 356 -26.97 11.86 -59.16
N ILE E 357 -26.85 11.33 -60.38
CA ILE E 357 -25.61 10.65 -60.76
C ILE E 357 -24.51 11.67 -61.02
N LYS E 358 -24.86 12.86 -61.50
CA LYS E 358 -23.85 13.91 -61.68
C LYS E 358 -23.28 14.36 -60.35
N ARG E 359 -24.13 14.51 -59.33
CA ARG E 359 -23.65 14.90 -58.01
C ARG E 359 -22.80 13.81 -57.39
N ALA E 360 -23.20 12.55 -57.55
CA ALA E 360 -22.44 11.43 -56.99
C ALA E 360 -21.05 11.33 -57.63
N MET E 361 -21.00 11.46 -58.96
CA MET E 361 -19.73 11.38 -59.68
C MET E 361 -18.83 12.58 -59.41
N ALA E 362 -19.41 13.72 -59.00
CA ALA E 362 -18.61 14.91 -58.76
C ALA E 362 -17.74 14.78 -57.52
N GLY E 363 -18.16 13.97 -56.55
CA GLY E 363 -17.39 13.74 -55.34
C GLY E 363 -17.81 14.64 -54.19
N PRO E 364 -17.47 14.23 -52.98
CA PRO E 364 -17.96 14.94 -51.79
C PRO E 364 -17.22 16.26 -51.54
N VAL E 365 -17.98 17.23 -51.02
CA VAL E 365 -17.44 18.50 -50.54
C VAL E 365 -18.09 18.82 -49.21
N ASN E 366 -17.43 19.67 -48.43
CA ASN E 366 -18.01 20.18 -47.19
C ASN E 366 -18.74 21.49 -47.49
N SER E 367 -19.23 22.16 -46.45
CA SER E 367 -20.00 23.38 -46.64
C SER E 367 -19.17 24.49 -47.28
N ALA E 368 -17.85 24.45 -47.13
CA ALA E 368 -16.97 25.44 -47.75
C ALA E 368 -16.58 25.08 -49.17
N GLY E 369 -17.15 24.01 -49.73
CA GLY E 369 -16.82 23.59 -51.08
C GLY E 369 -15.52 22.85 -51.23
N THR E 370 -14.86 22.50 -50.13
CA THR E 370 -13.58 21.80 -50.21
C THR E 370 -13.80 20.34 -50.60
N PRO E 371 -13.17 19.86 -51.66
CA PRO E 371 -13.31 18.44 -52.03
C PRO E 371 -12.72 17.54 -50.94
N LEU E 372 -13.50 16.52 -50.56
CA LEU E 372 -13.09 15.61 -49.50
C LEU E 372 -12.53 14.30 -50.02
N TYR E 373 -12.65 14.02 -51.32
CA TYR E 373 -12.01 12.86 -51.93
C TYR E 373 -11.57 13.21 -53.34
N ASN E 374 -12.42 12.94 -54.32
CA ASN E 374 -12.12 13.20 -55.72
C ASN E 374 -13.38 12.93 -56.53
N ARG E 375 -13.33 13.27 -57.81
CA ARG E 375 -14.43 12.95 -58.70
C ARG E 375 -14.15 11.63 -59.41
N TRP E 376 -15.18 11.12 -60.08
CA TRP E 376 -15.11 9.83 -60.76
C TRP E 376 -15.30 10.03 -62.25
N ALA E 377 -14.66 9.17 -63.03
CA ALA E 377 -14.69 9.26 -64.48
C ALA E 377 -15.92 8.55 -65.04
N TRP E 378 -16.60 9.19 -65.98
CA TRP E 378 -17.61 8.51 -66.77
C TRP E 378 -16.94 7.46 -67.65
N ASP E 379 -17.52 6.27 -67.70
CA ASP E 379 -16.94 5.20 -68.49
C ASP E 379 -18.02 4.16 -68.81
N ALA E 380 -17.83 3.46 -69.92
CA ALA E 380 -18.84 2.51 -70.39
C ALA E 380 -18.99 1.32 -69.44
N GLY E 381 -17.94 1.00 -68.70
CA GLY E 381 -18.00 -0.11 -67.76
C GLY E 381 -18.88 0.12 -66.55
N MET E 382 -19.54 1.27 -66.46
CA MET E 382 -20.59 1.43 -65.47
C MET E 382 -21.71 0.44 -65.70
N SER E 383 -21.86 -0.04 -66.93
CA SER E 383 -22.84 -1.07 -67.24
C SER E 383 -22.19 -2.15 -68.11
N GLY E 384 -22.97 -2.73 -69.02
CA GLY E 384 -22.46 -3.76 -69.90
C GLY E 384 -23.40 -4.94 -69.93
N LEU E 385 -23.44 -5.62 -71.08
CA LEU E 385 -24.32 -6.76 -71.26
C LEU E 385 -23.55 -7.88 -71.95
N SER E 386 -23.53 -9.05 -71.32
CA SER E 386 -22.96 -10.25 -71.92
C SER E 386 -24.07 -11.30 -71.96
N GLY E 387 -24.58 -11.56 -73.16
CA GLY E 387 -25.81 -12.31 -73.29
C GLY E 387 -26.98 -11.44 -72.89
N THR E 388 -27.67 -11.83 -71.81
CA THR E 388 -28.68 -11.00 -71.19
C THR E 388 -28.38 -10.78 -69.71
N THR E 389 -27.09 -10.81 -69.35
CA THR E 389 -26.62 -10.65 -67.98
C THR E 389 -25.98 -9.28 -67.83
N TYR E 390 -26.65 -8.38 -67.12
CA TYR E 390 -26.15 -7.03 -66.94
C TYR E 390 -24.98 -6.99 -65.97
N ASN E 391 -23.99 -6.16 -66.28
CA ASN E 391 -22.84 -5.99 -65.41
C ASN E 391 -23.26 -5.38 -64.08
N GLN E 392 -23.00 -6.10 -62.99
CA GLN E 392 -23.25 -5.59 -61.64
C GLN E 392 -21.99 -4.99 -61.01
N GLY E 393 -20.86 -5.03 -61.72
CA GLY E 393 -19.57 -4.73 -61.10
C GLY E 393 -19.37 -3.27 -60.75
N TRP E 394 -20.11 -2.36 -61.37
CA TRP E 394 -20.05 -0.96 -60.97
C TRP E 394 -21.14 -0.60 -59.97
N ARG E 395 -22.38 -1.03 -60.22
CA ARG E 395 -23.51 -0.56 -59.43
C ARG E 395 -23.54 -1.15 -58.03
N SER E 396 -22.90 -2.30 -57.81
CA SER E 396 -22.93 -2.92 -56.50
C SER E 396 -22.31 -2.05 -55.42
N TRP E 397 -21.48 -1.07 -55.81
CA TRP E 397 -20.77 -0.27 -54.82
C TRP E 397 -21.63 0.86 -54.26
N TRP E 398 -22.23 1.68 -55.13
CA TRP E 398 -23.03 2.81 -54.67
C TRP E 398 -24.52 2.51 -54.62
N LEU E 399 -25.04 1.70 -55.52
CA LEU E 399 -26.48 1.48 -55.66
C LEU E 399 -26.95 0.17 -55.06
N GLY E 400 -26.32 -0.94 -55.44
CA GLY E 400 -26.75 -2.26 -55.01
C GLY E 400 -27.68 -2.92 -56.01
N SER E 401 -28.06 -4.15 -55.70
CA SER E 401 -28.90 -4.94 -56.59
C SER E 401 -30.27 -4.31 -56.73
N PHE E 402 -30.70 -4.09 -57.99
CA PHE E 402 -32.00 -3.48 -58.22
C PHE E 402 -33.13 -4.38 -57.75
N ASN E 403 -33.05 -5.68 -58.02
CA ASN E 403 -34.08 -6.64 -57.62
C ASN E 403 -33.89 -6.97 -56.14
N SER E 404 -34.34 -6.05 -55.29
CA SER E 404 -34.27 -6.22 -53.85
C SER E 404 -35.10 -5.14 -53.18
N SER E 405 -35.84 -5.53 -52.15
CA SER E 405 -36.59 -4.59 -51.32
C SER E 405 -35.76 -4.03 -50.17
N ALA E 406 -34.45 -4.29 -50.17
CA ALA E 406 -33.56 -3.78 -49.14
C ALA E 406 -32.31 -3.18 -49.80
N ASN E 407 -31.64 -2.33 -49.04
CA ASN E 407 -30.37 -1.76 -49.49
C ASN E 407 -29.26 -2.78 -49.28
N ASN E 408 -28.41 -2.96 -50.29
CA ASN E 408 -27.27 -3.87 -50.15
C ASN E 408 -26.01 -3.34 -50.82
N ALA E 409 -25.96 -2.07 -51.19
CA ALA E 409 -24.74 -1.50 -51.75
C ALA E 409 -23.64 -1.44 -50.68
N GLN E 410 -22.40 -1.57 -51.15
CA GLN E 410 -21.25 -1.52 -50.24
C GLN E 410 -21.22 -0.20 -49.46
N ARG E 411 -21.56 0.90 -50.12
CA ARG E 411 -21.44 2.23 -49.56
C ARG E 411 -22.68 2.71 -48.84
N VAL E 412 -23.76 1.92 -48.85
CA VAL E 412 -25.00 2.34 -48.20
C VAL E 412 -25.13 1.60 -46.87
N SER E 413 -25.14 0.27 -46.92
CA SER E 413 -25.25 -0.54 -45.73
C SER E 413 -24.24 -1.67 -45.67
N GLY E 414 -23.34 -1.77 -46.66
CA GLY E 414 -22.43 -2.89 -46.78
C GLY E 414 -21.13 -2.70 -46.04
N PHE E 415 -20.15 -3.53 -46.40
CA PHE E 415 -18.89 -3.60 -45.66
C PHE E 415 -18.17 -2.25 -45.65
N SER E 416 -18.21 -1.53 -46.77
CA SER E 416 -17.48 -0.27 -46.87
C SER E 416 -17.97 0.73 -45.84
N ALA E 417 -19.29 0.93 -45.76
CA ALA E 417 -19.85 1.86 -44.78
C ALA E 417 -19.59 1.38 -43.36
N ARG E 418 -19.69 0.07 -43.12
CA ARG E 418 -19.42 -0.48 -41.80
C ARG E 418 -17.95 -0.29 -41.42
N SER E 419 -17.05 -0.47 -42.38
CA SER E 419 -15.62 -0.29 -42.09
C SER E 419 -15.32 1.15 -41.73
N TRP E 420 -15.93 2.11 -42.41
CA TRP E 420 -15.65 3.51 -42.07
C TRP E 420 -16.05 3.82 -40.63
N LEU E 421 -17.21 3.29 -40.20
CA LEU E 421 -17.73 3.65 -38.88
C LEU E 421 -16.87 3.07 -37.76
N VAL E 422 -16.41 1.84 -37.91
CA VAL E 422 -15.73 1.11 -36.84
C VAL E 422 -14.22 1.18 -37.00
N ASP E 423 -13.72 1.15 -38.24
CA ASP E 423 -12.28 1.07 -38.47
C ASP E 423 -11.64 2.45 -38.66
N PHE E 424 -12.33 3.38 -39.33
CA PHE E 424 -11.69 4.61 -39.76
C PHE E 424 -12.12 5.85 -39.00
N ALA E 425 -13.36 5.90 -38.53
CA ALA E 425 -13.76 6.98 -37.64
C ALA E 425 -13.09 6.80 -36.28
N THR E 426 -12.56 7.89 -35.73
CA THR E 426 -11.92 7.88 -34.42
C THR E 426 -12.58 8.91 -33.53
N PRO E 427 -13.16 8.53 -32.39
CA PRO E 427 -13.24 7.16 -31.88
C PRO E 427 -14.20 6.31 -32.71
N PRO E 428 -14.12 4.98 -32.59
CA PRO E 428 -15.02 4.12 -33.37
C PRO E 428 -16.48 4.44 -33.06
N GLU E 429 -17.34 4.15 -34.03
CA GLU E 429 -18.78 4.32 -33.89
C GLU E 429 -19.48 3.01 -34.18
N PRO E 430 -19.39 2.05 -33.25
CA PRO E 430 -20.14 0.80 -33.43
C PRO E 430 -21.63 1.04 -33.27
N MET E 431 -22.42 0.16 -33.88
CA MET E 431 -23.86 0.30 -33.91
C MET E 431 -24.45 -0.99 -34.47
N PRO E 432 -25.75 -1.22 -34.27
CA PRO E 432 -26.39 -2.38 -34.89
C PRO E 432 -26.34 -2.32 -36.40
N MET E 433 -26.35 -3.50 -37.02
CA MET E 433 -26.27 -3.59 -38.48
C MET E 433 -27.37 -2.80 -39.16
N THR E 434 -28.57 -2.77 -38.57
CA THR E 434 -29.72 -2.13 -39.20
C THR E 434 -29.65 -0.61 -39.18
N GLN E 435 -28.69 -0.01 -38.47
CA GLN E 435 -28.59 1.44 -38.39
C GLN E 435 -27.59 2.03 -39.37
N VAL E 436 -26.90 1.21 -40.15
CA VAL E 436 -25.82 1.72 -40.99
C VAL E 436 -26.36 2.61 -42.10
N ALA E 437 -27.37 2.12 -42.83
CA ALA E 437 -27.89 2.89 -43.96
C ALA E 437 -28.41 4.24 -43.50
N ALA E 438 -29.14 4.28 -42.38
CA ALA E 438 -29.61 5.56 -41.86
C ALA E 438 -28.46 6.44 -41.42
N ARG E 439 -27.38 5.85 -40.90
CA ARG E 439 -26.20 6.63 -40.51
C ARG E 439 -25.59 7.33 -41.71
N MET E 440 -25.48 6.62 -42.84
CA MET E 440 -24.97 7.26 -44.05
C MET E 440 -25.90 8.37 -44.54
N MET E 441 -27.21 8.24 -44.31
CA MET E 441 -28.14 9.25 -44.79
C MET E 441 -28.01 10.55 -44.01
N LYS E 442 -27.69 10.48 -42.72
CA LYS E 442 -27.56 11.67 -41.88
C LYS E 442 -26.11 12.07 -41.66
N PHE E 443 -25.18 11.44 -42.37
CA PHE E 443 -23.77 11.83 -42.37
C PHE E 443 -23.61 13.32 -42.60
N ASP E 444 -22.80 13.95 -41.76
CA ASP E 444 -22.55 15.39 -41.81
C ASP E 444 -21.16 15.63 -42.36
N PHE E 445 -21.08 16.29 -43.52
CA PHE E 445 -19.81 16.47 -44.19
C PHE E 445 -18.97 17.61 -43.61
N ASP E 446 -19.46 18.30 -42.58
CA ASP E 446 -18.64 19.25 -41.85
C ASP E 446 -18.07 18.67 -40.56
N ILE E 447 -18.63 17.58 -40.06
CA ILE E 447 -18.26 17.01 -38.77
C ILE E 447 -17.64 15.62 -38.92
N ASP E 448 -18.31 14.74 -39.64
CA ASP E 448 -17.89 13.35 -39.77
C ASP E 448 -16.57 13.16 -40.52
N PRO E 449 -16.29 13.92 -41.59
CA PRO E 449 -14.99 13.74 -42.27
C PRO E 449 -13.79 14.08 -41.41
N LEU E 450 -13.97 14.87 -40.35
CA LEU E 450 -12.85 15.18 -39.47
C LEU E 450 -12.37 13.94 -38.71
N LYS E 451 -13.21 12.92 -38.58
CA LYS E 451 -12.88 11.80 -37.71
C LYS E 451 -11.82 10.87 -38.29
N ILE E 452 -11.47 11.01 -39.57
CA ILE E 452 -10.38 10.23 -40.13
C ILE E 452 -9.01 10.89 -39.92
N TRP E 453 -8.98 12.13 -39.45
CA TRP E 453 -7.74 12.80 -39.08
C TRP E 453 -7.56 12.91 -37.58
N ALA E 454 -8.51 12.41 -36.78
CA ALA E 454 -8.54 12.66 -35.36
C ALA E 454 -7.91 11.50 -34.58
N THR E 455 -7.41 11.83 -33.39
CA THR E 455 -7.02 10.86 -32.39
C THR E 455 -7.94 11.01 -31.19
N SER E 456 -8.04 9.95 -30.39
CA SER E 456 -8.97 9.95 -29.27
C SER E 456 -8.57 8.86 -28.28
N GLY E 457 -8.25 9.26 -27.05
CA GLY E 457 -7.92 8.31 -26.01
C GLY E 457 -6.81 7.35 -26.39
N GLN E 458 -7.09 6.05 -26.32
CA GLN E 458 -6.10 5.04 -26.67
C GLN E 458 -5.92 4.87 -28.17
N PHE E 459 -6.73 5.57 -28.99
CA PHE E 459 -6.53 5.57 -30.44
C PHE E 459 -5.57 6.72 -30.75
N THR E 460 -4.27 6.40 -30.68
CA THR E 460 -3.21 7.40 -30.69
C THR E 460 -2.78 7.80 -32.09
N GLN E 461 -3.26 7.12 -33.13
CA GLN E 461 -3.02 7.50 -34.52
C GLN E 461 -4.36 7.63 -35.22
N SER E 462 -4.46 8.59 -36.12
CA SER E 462 -5.65 8.69 -36.95
C SER E 462 -5.65 7.60 -38.02
N SER E 463 -6.83 7.30 -38.55
CA SER E 463 -6.90 6.28 -39.59
C SER E 463 -6.10 6.69 -40.83
N MET E 464 -6.04 7.99 -41.12
CA MET E 464 -5.16 8.43 -42.21
C MET E 464 -3.69 8.20 -41.85
N ASP E 465 -3.34 8.28 -40.57
CA ASP E 465 -1.95 8.04 -40.15
C ASP E 465 -1.55 6.59 -40.41
N TRP E 466 -2.34 5.63 -39.93
CA TRP E 466 -1.91 4.24 -40.02
C TRP E 466 -2.36 3.55 -41.30
N HIS E 467 -3.45 3.99 -41.93
CA HIS E 467 -3.96 3.33 -43.13
C HIS E 467 -3.64 4.06 -44.42
N GLY E 468 -3.61 5.39 -44.40
CA GLY E 468 -3.35 6.13 -45.62
C GLY E 468 -1.93 5.92 -46.13
N ALA E 469 -1.78 5.99 -47.45
CA ALA E 469 -0.47 5.85 -48.09
C ALA E 469 -0.39 6.89 -49.21
N THR E 470 -0.30 8.16 -48.83
CA THR E 470 -0.38 9.27 -49.76
C THR E 470 0.97 9.93 -50.05
N SER E 471 2.06 9.39 -49.52
CA SER E 471 3.36 10.04 -49.64
C SER E 471 3.93 9.85 -51.03
N THR E 472 4.45 10.93 -51.61
CA THR E 472 5.20 10.88 -52.86
C THR E 472 6.70 10.74 -52.64
N ASP E 473 7.14 10.52 -51.40
CA ASP E 473 8.57 10.37 -51.09
C ASP E 473 8.96 8.92 -51.33
N LEU E 474 9.25 8.60 -52.60
CA LEU E 474 9.69 7.27 -52.98
C LEU E 474 11.16 7.23 -53.37
N ALA E 475 11.94 8.23 -52.97
CA ALA E 475 13.33 8.32 -53.42
C ALA E 475 14.16 7.15 -52.90
N ALA E 476 13.98 6.78 -51.63
CA ALA E 476 14.72 5.65 -51.08
C ALA E 476 14.40 4.37 -51.84
N PHE E 477 13.11 4.17 -52.16
CA PHE E 477 12.70 3.01 -52.93
C PHE E 477 13.31 3.02 -54.33
N ARG E 478 13.25 4.17 -55.00
CA ARG E 478 13.78 4.27 -56.36
C ARG E 478 15.30 4.09 -56.38
N ASP E 479 16.00 4.73 -55.46
CA ASP E 479 17.45 4.78 -55.50
C ASP E 479 18.11 3.49 -55.03
N ARG E 480 17.34 2.51 -54.55
CA ARG E 480 17.88 1.18 -54.30
C ARG E 480 17.50 0.19 -55.41
N GLY E 481 16.89 0.67 -56.48
CA GLY E 481 16.50 -0.18 -57.60
C GLY E 481 15.06 -0.63 -57.60
N GLY E 482 14.21 -0.08 -56.73
CA GLY E 482 12.84 -0.52 -56.67
C GLY E 482 12.05 -0.06 -57.88
N LYS E 483 11.14 -0.93 -58.34
CA LYS E 483 10.25 -0.62 -59.46
C LYS E 483 8.83 -0.90 -59.04
N MET E 484 7.90 -0.04 -59.47
CA MET E 484 6.50 -0.17 -59.10
C MET E 484 5.60 -0.06 -60.33
N ILE E 485 4.69 -1.00 -60.48
CA ILE E 485 3.68 -0.99 -61.52
C ILE E 485 2.32 -0.78 -60.85
N LEU E 486 1.66 0.33 -61.18
CA LEU E 486 0.29 0.58 -60.74
C LEU E 486 -0.68 0.31 -61.88
N TYR E 487 -1.86 -0.18 -61.52
CA TYR E 487 -2.94 -0.33 -62.50
C TYR E 487 -4.27 -0.03 -61.82
N HIS E 488 -5.25 0.42 -62.62
CA HIS E 488 -6.55 0.80 -62.08
C HIS E 488 -7.60 0.76 -63.19
N GLY E 489 -8.75 0.14 -62.89
CA GLY E 489 -9.84 0.11 -63.85
C GLY E 489 -10.61 1.43 -63.87
N MET E 490 -10.94 1.87 -65.09
CA MET E 490 -11.60 3.17 -65.24
C MET E 490 -13.01 3.17 -64.67
N SER E 491 -13.69 2.02 -64.69
CA SER E 491 -15.03 1.90 -64.14
C SER E 491 -15.03 1.34 -62.73
N ASP E 492 -13.97 1.63 -61.98
CA ASP E 492 -13.87 1.26 -60.57
C ASP E 492 -14.74 2.19 -59.75
N ALA E 493 -15.76 1.62 -59.09
CA ALA E 493 -16.61 2.38 -58.17
C ALA E 493 -16.15 2.29 -56.72
N ALA E 494 -15.15 1.47 -56.42
CA ALA E 494 -14.61 1.41 -55.06
C ALA E 494 -13.64 2.57 -54.82
N PHE E 495 -12.63 2.68 -55.68
CA PHE E 495 -11.68 3.79 -55.63
C PHE E 495 -11.60 4.40 -57.03
N SER E 496 -11.48 5.73 -57.08
CA SER E 496 -11.52 6.45 -58.34
C SER E 496 -10.18 6.35 -59.07
N ALA E 497 -10.20 5.79 -60.27
CA ALA E 497 -8.99 5.73 -61.08
C ALA E 497 -8.40 7.12 -61.29
N LEU E 498 -9.25 8.14 -61.39
CA LEU E 498 -8.76 9.51 -61.47
C LEU E 498 -7.94 9.90 -60.24
N ASP E 499 -8.28 9.34 -59.07
CA ASP E 499 -7.51 9.67 -57.87
C ASP E 499 -6.14 9.00 -57.90
N THR E 500 -6.05 7.79 -58.44
CA THR E 500 -4.74 7.19 -58.67
C THR E 500 -3.93 8.01 -59.66
N ALA E 501 -4.57 8.42 -60.76
CA ALA E 501 -3.89 9.27 -61.74
C ALA E 501 -3.38 10.55 -61.09
N ASP E 502 -4.18 11.14 -60.19
CA ASP E 502 -3.74 12.35 -59.51
C ASP E 502 -2.54 12.10 -58.62
N TYR E 503 -2.51 10.97 -57.91
CA TYR E 503 -1.33 10.61 -57.15
C TYR E 503 -0.12 10.47 -58.05
N TYR E 504 -0.29 9.78 -59.19
CA TYR E 504 0.83 9.56 -60.10
C TYR E 504 1.36 10.87 -60.68
N GLU E 505 0.48 11.85 -60.91
CA GLU E 505 0.94 13.16 -61.35
C GLU E 505 1.72 13.86 -60.25
N ARG E 506 1.23 13.79 -59.01
CA ARG E 506 1.96 14.35 -57.89
C ARG E 506 3.33 13.70 -57.72
N LEU E 507 3.39 12.39 -57.95
CA LEU E 507 4.66 11.67 -57.86
C LEU E 507 5.66 12.19 -58.89
N GLY E 508 5.23 12.31 -60.14
CA GLY E 508 6.11 12.81 -61.18
C GLY E 508 6.55 14.25 -60.95
N ALA E 509 5.69 15.05 -60.33
CA ALA E 509 6.07 16.43 -60.02
C ALA E 509 7.09 16.47 -58.89
N ALA E 510 6.96 15.59 -57.91
CA ALA E 510 7.92 15.55 -56.81
C ALA E 510 9.20 14.83 -57.21
N MET E 511 9.12 13.88 -58.14
CA MET E 511 10.26 13.08 -58.57
C MET E 511 10.33 13.07 -60.09
N PRO E 512 11.05 14.01 -60.70
CA PRO E 512 11.12 14.03 -62.17
C PRO E 512 11.77 12.77 -62.71
N GLY E 513 11.28 12.34 -63.87
CA GLY E 513 11.72 11.07 -64.43
C GLY E 513 11.14 9.85 -63.76
N ALA E 514 10.00 10.00 -63.07
CA ALA E 514 9.45 8.92 -62.27
C ALA E 514 9.13 7.69 -63.12
N ALA E 515 8.84 7.88 -64.41
CA ALA E 515 8.56 6.74 -65.29
C ALA E 515 9.74 5.78 -65.38
N GLY E 516 10.93 6.18 -64.93
CA GLY E 516 12.05 5.27 -64.85
C GLY E 516 11.91 4.22 -63.78
N PHE E 517 11.03 4.43 -62.80
CA PHE E 517 10.83 3.43 -61.75
C PHE E 517 9.37 3.17 -61.39
N ALA E 518 8.42 4.03 -61.78
CA ALA E 518 7.02 3.81 -61.46
C ALA E 518 6.16 4.16 -62.67
N ARG E 519 5.25 3.26 -63.03
CA ARG E 519 4.38 3.49 -64.18
C ARG E 519 2.96 3.04 -63.85
N LEU E 520 1.99 3.79 -64.39
CA LEU E 520 0.58 3.57 -64.12
C LEU E 520 -0.12 3.09 -65.39
N PHE E 521 -0.93 2.05 -65.27
CA PHE E 521 -1.64 1.46 -66.40
C PHE E 521 -3.12 1.48 -66.10
N LEU E 522 -3.83 2.45 -66.68
CA LEU E 522 -5.27 2.50 -66.55
C LEU E 522 -5.93 1.54 -67.54
N VAL E 523 -7.05 0.95 -67.11
CA VAL E 523 -7.74 -0.05 -67.91
C VAL E 523 -9.16 0.43 -68.20
N PRO E 524 -9.45 0.87 -69.42
CA PRO E 524 -10.83 1.31 -69.74
C PRO E 524 -11.81 0.16 -69.60
N GLY E 525 -13.01 0.48 -69.10
CA GLY E 525 -14.08 -0.48 -68.97
C GLY E 525 -14.01 -1.41 -67.78
N MET E 526 -12.84 -1.55 -67.17
CA MET E 526 -12.65 -2.52 -66.09
C MET E 526 -13.24 -2.00 -64.77
N ASN E 527 -13.86 -2.90 -64.01
CA ASN E 527 -14.40 -2.53 -62.71
C ASN E 527 -13.33 -2.68 -61.63
N HIS E 528 -13.73 -2.99 -60.39
CA HIS E 528 -12.79 -3.00 -59.27
C HIS E 528 -11.98 -4.30 -59.28
N CYS E 529 -10.70 -4.18 -59.64
CA CYS E 529 -9.72 -5.27 -59.66
C CYS E 529 -10.01 -6.32 -60.73
N SER E 530 -11.24 -6.41 -61.22
CA SER E 530 -11.57 -7.38 -62.27
C SER E 530 -12.95 -7.06 -62.83
N GLY E 531 -13.25 -7.68 -63.97
CA GLY E 531 -14.58 -7.61 -64.55
C GLY E 531 -14.81 -6.37 -65.40
N GLY E 532 -15.94 -6.37 -66.09
CA GLY E 532 -16.34 -5.22 -66.88
C GLY E 532 -15.96 -5.36 -68.34
N PRO E 533 -16.52 -4.51 -69.19
CA PRO E 533 -16.19 -4.54 -70.64
C PRO E 533 -14.84 -3.89 -70.93
N GLY E 534 -13.77 -4.64 -70.65
CA GLY E 534 -12.42 -4.19 -70.93
C GLY E 534 -11.48 -5.37 -70.87
N THR E 535 -10.19 -5.08 -71.08
CA THR E 535 -9.16 -6.11 -71.01
C THR E 535 -8.62 -6.15 -69.58
N ASP E 536 -9.33 -6.88 -68.73
CA ASP E 536 -9.11 -6.89 -67.30
C ASP E 536 -8.17 -7.98 -66.83
N ARG E 537 -7.69 -8.85 -67.72
CA ARG E 537 -6.81 -9.93 -67.33
C ARG E 537 -5.42 -9.72 -67.94
N PHE E 538 -4.38 -9.94 -67.13
CA PHE E 538 -3.02 -9.64 -67.52
C PHE E 538 -2.06 -10.30 -66.53
N ASP E 539 -0.86 -10.61 -67.00
CA ASP E 539 0.21 -11.19 -66.18
C ASP E 539 1.16 -10.05 -65.81
N MET E 540 1.01 -9.53 -64.58
CA MET E 540 1.85 -8.44 -64.11
C MET E 540 3.18 -8.91 -63.54
N LEU E 541 3.30 -10.18 -63.15
CA LEU E 541 4.54 -10.63 -62.53
C LEU E 541 5.69 -10.70 -63.53
N THR E 542 5.42 -11.18 -64.74
CA THR E 542 6.48 -11.30 -65.74
C THR E 542 7.13 -9.96 -66.08
N PRO E 543 6.38 -8.90 -66.41
CA PRO E 543 7.06 -7.62 -66.67
C PRO E 543 7.69 -7.00 -65.43
N LEU E 544 7.14 -7.27 -64.24
CA LEU E 544 7.75 -6.72 -63.02
C LEU E 544 9.15 -7.29 -62.80
N VAL E 545 9.30 -8.60 -62.97
CA VAL E 545 10.61 -9.22 -62.85
C VAL E 545 11.56 -8.67 -63.92
N ALA E 546 11.05 -8.49 -65.14
CA ALA E 546 11.89 -7.96 -66.21
C ALA E 546 12.40 -6.57 -65.89
N TRP E 547 11.54 -5.72 -65.30
CA TRP E 547 11.95 -4.38 -64.94
C TRP E 547 12.97 -4.40 -63.80
N VAL E 548 12.72 -5.23 -62.78
CA VAL E 548 13.58 -5.24 -61.60
C VAL E 548 14.94 -5.84 -61.94
N GLU E 549 14.97 -6.98 -62.63
CA GLU E 549 16.19 -7.75 -62.79
C GLU E 549 16.93 -7.48 -64.09
N ARG E 550 16.25 -7.04 -65.14
CA ARG E 550 16.91 -6.75 -66.42
C ARG E 550 16.80 -5.29 -66.83
N GLY E 551 16.16 -4.44 -66.02
CA GLY E 551 16.07 -3.04 -66.34
C GLY E 551 15.17 -2.70 -67.50
N GLU E 552 14.30 -3.63 -67.92
CA GLU E 552 13.43 -3.40 -69.06
C GLU E 552 12.09 -2.85 -68.58
N ALA E 553 11.89 -1.57 -68.79
CA ALA E 553 10.65 -0.93 -68.38
C ALA E 553 9.50 -1.39 -69.28
N PRO E 554 8.30 -1.52 -68.74
CA PRO E 554 7.16 -1.93 -69.57
C PRO E 554 6.59 -0.76 -70.36
N ASP E 555 6.94 -0.69 -71.65
CA ASP E 555 6.33 0.30 -72.53
C ASP E 555 4.91 -0.08 -72.92
N GLN E 556 4.57 -1.36 -72.83
CA GLN E 556 3.20 -1.84 -72.91
C GLN E 556 3.11 -3.09 -72.05
N ILE E 557 1.88 -3.47 -71.72
CA ILE E 557 1.60 -4.71 -71.01
C ILE E 557 0.41 -5.37 -71.68
N SER E 558 0.57 -6.61 -72.11
CA SER E 558 -0.48 -7.31 -72.83
C SER E 558 -1.63 -7.63 -71.89
N ALA E 559 -2.86 -7.45 -72.37
CA ALA E 559 -4.04 -7.76 -71.58
C ALA E 559 -5.11 -8.36 -72.49
N TRP E 560 -6.03 -9.09 -71.88
CA TRP E 560 -7.17 -9.63 -72.60
C TRP E 560 -8.42 -9.54 -71.74
N SER E 561 -9.58 -9.63 -72.40
CA SER E 561 -10.85 -9.52 -71.72
C SER E 561 -11.24 -10.87 -71.14
N GLY E 562 -11.51 -10.91 -69.83
CA GLY E 562 -12.05 -12.11 -69.22
C GLY E 562 -13.48 -12.40 -69.61
N THR E 563 -14.21 -11.38 -70.06
CA THR E 563 -15.59 -11.52 -70.53
C THR E 563 -15.70 -10.92 -71.91
N PRO E 564 -15.11 -11.55 -72.93
CA PRO E 564 -15.20 -11.00 -74.30
C PRO E 564 -16.62 -10.94 -74.83
N GLY E 565 -17.54 -11.68 -74.23
CA GLY E 565 -18.95 -11.58 -74.60
C GLY E 565 -19.52 -10.17 -74.47
N TYR E 566 -18.91 -9.32 -73.65
CA TYR E 566 -19.32 -7.93 -73.58
C TYR E 566 -19.25 -7.25 -74.95
N PHE E 567 -18.38 -7.72 -75.82
CA PHE E 567 -18.21 -7.16 -77.16
C PHE E 567 -18.76 -8.09 -78.24
N GLY E 568 -19.41 -9.18 -77.85
CA GLY E 568 -19.89 -10.15 -78.82
C GLY E 568 -18.82 -10.90 -79.56
N VAL E 569 -17.62 -11.03 -78.98
CA VAL E 569 -16.52 -11.73 -79.61
C VAL E 569 -16.03 -12.84 -78.69
N ALA E 570 -15.24 -13.74 -79.26
CA ALA E 570 -14.69 -14.85 -78.50
C ALA E 570 -13.45 -14.47 -77.72
N ALA E 571 -12.75 -13.40 -78.11
CA ALA E 571 -11.53 -12.98 -77.45
C ALA E 571 -11.18 -11.57 -77.91
N ARG E 572 -10.58 -10.81 -77.00
CA ARG E 572 -10.07 -9.48 -77.34
C ARG E 572 -8.81 -9.24 -76.53
N THR E 573 -7.70 -8.98 -77.22
CA THR E 573 -6.45 -8.60 -76.59
C THR E 573 -6.12 -7.16 -76.96
N ARG E 574 -5.59 -6.42 -75.99
CA ARG E 574 -5.24 -5.02 -76.16
C ARG E 574 -3.98 -4.72 -75.36
N PRO E 575 -3.20 -3.74 -75.78
CA PRO E 575 -2.07 -3.30 -74.95
C PRO E 575 -2.53 -2.33 -73.87
N LEU E 576 -2.02 -2.53 -72.66
CA LEU E 576 -2.12 -1.53 -71.61
C LEU E 576 -0.96 -0.55 -71.75
N CYS E 577 -1.25 0.74 -71.58
CA CYS E 577 -0.26 1.74 -71.91
C CYS E 577 0.14 2.54 -70.66
N PRO E 578 1.43 2.89 -70.53
CA PRO E 578 1.85 3.68 -69.38
C PRO E 578 1.28 5.08 -69.45
N TYR E 579 0.70 5.52 -68.33
CA TYR E 579 0.13 6.86 -68.24
C TYR E 579 1.15 7.89 -68.71
N PRO E 580 0.74 8.90 -69.49
CA PRO E 580 -0.64 9.18 -69.93
C PRO E 580 -1.01 8.62 -71.30
N GLN E 581 -0.25 7.66 -71.82
CA GLN E 581 -0.53 7.12 -73.14
C GLN E 581 -1.81 6.28 -73.12
N ILE E 582 -2.37 6.07 -74.33
CA ILE E 582 -3.56 5.26 -74.53
C ILE E 582 -3.35 4.39 -75.76
N ALA E 583 -4.17 3.34 -75.88
CA ALA E 583 -4.09 2.45 -77.03
C ALA E 583 -4.61 3.15 -78.28
N ARG E 584 -3.91 2.95 -79.40
CA ARG E 584 -4.26 3.56 -80.67
C ARG E 584 -4.30 2.49 -81.75
N TYR E 585 -5.46 2.35 -82.39
CA TYR E 585 -5.60 1.39 -83.49
C TYR E 585 -4.70 1.79 -84.66
N LYS E 586 -3.99 0.81 -85.20
CA LYS E 586 -3.00 1.09 -86.24
C LYS E 586 -3.63 1.41 -87.60
N GLY E 587 -4.94 1.20 -87.75
CA GLY E 587 -5.62 1.53 -88.99
C GLY E 587 -5.97 0.34 -89.86
N SER E 588 -5.50 -0.86 -89.51
CA SER E 588 -5.83 -2.06 -90.26
C SER E 588 -5.78 -3.24 -89.30
N GLY E 589 -6.46 -4.31 -89.69
CA GLY E 589 -6.43 -5.56 -88.94
C GLY E 589 -7.63 -5.72 -88.01
N ASP E 590 -7.74 -6.92 -87.46
CA ASP E 590 -8.76 -7.24 -86.47
C ASP E 590 -8.65 -6.30 -85.28
N ILE E 591 -9.77 -5.66 -84.92
CA ILE E 591 -9.79 -4.75 -83.78
C ILE E 591 -9.71 -5.49 -82.45
N ASN E 592 -9.74 -6.82 -82.46
CA ASN E 592 -9.65 -7.63 -81.26
C ASN E 592 -8.26 -8.22 -81.05
N THR E 593 -7.26 -7.74 -81.79
CA THR E 593 -5.92 -8.29 -81.73
C THR E 593 -4.94 -7.23 -81.25
N GLU E 594 -4.16 -7.58 -80.24
CA GLU E 594 -3.23 -6.64 -79.63
C GLU E 594 -2.23 -6.06 -80.64
N ALA E 595 -1.76 -6.89 -81.57
CA ALA E 595 -0.74 -6.47 -82.51
C ALA E 595 -1.19 -5.33 -83.41
N ASN E 596 -2.50 -5.12 -83.54
CA ASN E 596 -3.03 -4.02 -84.36
C ASN E 596 -3.19 -2.72 -83.58
N PHE E 597 -2.57 -2.63 -82.40
CA PHE E 597 -2.64 -1.43 -81.57
C PHE E 597 -1.25 -1.07 -81.07
N ALA E 598 -1.06 0.22 -80.82
CA ALA E 598 0.19 0.70 -80.24
C ALA E 598 -0.12 1.78 -79.22
N CYS E 599 0.82 2.01 -78.31
CA CYS E 599 0.64 3.01 -77.26
C CYS E 599 1.09 4.37 -77.77
N ALA E 600 0.27 5.39 -77.53
CA ALA E 600 0.57 6.72 -78.05
C ALA E 600 -0.14 7.76 -77.20
N ALA E 601 0.30 9.00 -77.35
CA ALA E 601 -0.43 10.12 -76.79
C ALA E 601 -1.83 10.18 -77.42
N PRO E 602 -2.81 10.72 -76.69
CA PRO E 602 -4.16 10.83 -77.26
C PRO E 602 -4.16 11.75 -78.47
N PRO E 603 -5.15 11.60 -79.37
CA PRO E 603 -5.25 12.43 -80.59
C PRO E 603 -5.32 13.92 -80.29
N VAL F 43 10.76 -20.91 30.52
CA VAL F 43 11.39 -22.23 30.57
C VAL F 43 11.21 -22.96 29.24
N PRO F 44 12.32 -23.31 28.59
CA PRO F 44 12.23 -23.97 27.27
C PRO F 44 11.56 -25.33 27.38
N LEU F 45 10.88 -25.72 26.30
CA LEU F 45 10.21 -27.01 26.26
C LEU F 45 11.21 -28.14 26.12
N ALA F 46 10.84 -29.30 26.67
CA ALA F 46 11.62 -30.53 26.55
C ALA F 46 13.05 -30.35 27.07
N SER F 47 13.18 -29.62 28.17
CA SER F 47 14.47 -29.29 28.75
C SER F 47 14.55 -29.81 30.18
N ARG F 48 15.76 -29.80 30.74
CA ARG F 48 15.94 -30.18 32.13
C ARG F 48 15.14 -29.28 33.06
N ALA F 49 15.12 -27.97 32.77
CA ALA F 49 14.33 -27.05 33.57
C ALA F 49 12.85 -27.38 33.48
N ALA F 50 12.34 -27.62 32.27
CA ALA F 50 10.96 -28.03 32.12
C ALA F 50 10.69 -29.36 32.80
N CYS F 51 11.70 -30.24 32.82
CA CYS F 51 11.55 -31.51 33.51
C CYS F 51 11.41 -31.31 35.01
N GLU F 52 12.33 -30.56 35.62
CA GLU F 52 12.31 -30.37 37.07
C GLU F 52 11.12 -29.55 37.52
N ALA F 53 10.57 -28.69 36.65
CA ALA F 53 9.40 -27.91 37.02
C ALA F 53 8.16 -28.78 37.21
N LEU F 54 8.19 -30.02 36.73
CA LEU F 54 7.03 -30.90 36.85
C LEU F 54 6.79 -31.36 38.28
N LYS F 55 7.81 -31.33 39.14
CA LYS F 55 7.63 -31.82 40.50
C LYS F 55 6.74 -30.87 41.29
N ASP F 56 6.02 -31.44 42.25
CA ASP F 56 5.03 -30.68 42.99
C ASP F 56 5.71 -29.67 43.91
N GLY F 57 5.25 -28.43 43.85
CA GLY F 57 5.92 -27.31 44.47
C GLY F 57 6.86 -26.58 43.51
N ASN F 58 7.40 -27.29 42.52
CA ASN F 58 8.38 -26.72 41.61
C ASN F 58 7.75 -25.90 40.48
N GLY F 59 6.41 -25.78 40.42
CA GLY F 59 5.84 -24.93 39.39
C GLY F 59 4.34 -24.97 39.13
N ASP F 60 3.98 -25.13 37.85
CA ASP F 60 2.66 -24.81 37.32
C ASP F 60 1.84 -26.02 36.88
N MET F 61 2.39 -27.23 36.99
CA MET F 61 1.75 -28.39 36.38
C MET F 61 0.39 -28.69 37.02
N VAL F 62 -0.57 -29.07 36.18
CA VAL F 62 -1.92 -29.41 36.60
C VAL F 62 -2.20 -30.85 36.17
N TRP F 63 -2.40 -31.73 37.15
CA TRP F 63 -2.67 -33.13 36.85
C TRP F 63 -4.17 -33.37 36.72
N PRO F 64 -4.58 -34.28 35.83
CA PRO F 64 -6.01 -34.57 35.69
C PRO F 64 -6.64 -35.08 36.97
N ASN F 65 -5.93 -35.90 37.73
CA ASN F 65 -6.36 -36.33 39.05
C ASN F 65 -5.71 -35.43 40.09
N ALA F 66 -6.52 -34.77 40.92
CA ALA F 66 -6.00 -33.87 41.93
C ALA F 66 -5.20 -34.61 43.01
N ALA F 67 -5.39 -35.91 43.15
CA ALA F 67 -4.66 -36.73 44.11
C ALA F 67 -3.36 -37.29 43.55
N THR F 68 -2.73 -36.59 42.61
CA THR F 68 -1.46 -37.03 42.04
C THR F 68 -0.31 -36.37 42.80
N VAL F 69 0.67 -37.17 43.21
CA VAL F 69 1.83 -36.69 43.94
C VAL F 69 3.08 -37.13 43.18
N VAL F 70 3.88 -36.15 42.77
CA VAL F 70 5.12 -36.43 42.03
C VAL F 70 6.28 -36.46 43.03
N GLU F 71 6.99 -37.58 43.06
CA GLU F 71 8.14 -37.74 43.94
C GLU F 71 9.46 -37.49 43.24
N VAL F 72 9.55 -37.78 41.94
CA VAL F 72 10.79 -37.64 41.19
C VAL F 72 10.50 -36.96 39.86
N ALA F 73 11.27 -35.93 39.54
CA ALA F 73 11.25 -35.29 38.23
C ALA F 73 12.71 -34.92 37.93
N ALA F 74 13.43 -35.84 37.30
CA ALA F 74 14.88 -35.72 37.17
C ALA F 74 15.32 -35.95 35.72
N TRP F 75 16.34 -35.20 35.30
CA TRP F 75 16.93 -35.36 33.98
C TRP F 75 17.94 -36.50 34.02
N ARG F 76 17.83 -37.43 33.08
CA ARG F 76 18.68 -38.61 33.05
C ARG F 76 19.60 -38.54 31.85
N ASP F 77 20.86 -38.90 32.06
CA ASP F 77 21.83 -38.91 30.98
C ASP F 77 21.56 -40.09 30.05
N ALA F 78 22.05 -39.97 28.82
CA ALA F 78 21.96 -41.08 27.89
C ALA F 78 22.74 -42.28 28.42
N ALA F 79 22.24 -43.47 28.10
CA ALA F 79 22.87 -44.71 28.48
C ALA F 79 23.33 -45.44 27.24
N PRO F 80 24.59 -45.88 27.18
CA PRO F 80 25.07 -46.58 25.98
C PRO F 80 24.42 -47.94 25.84
N ALA F 81 24.45 -48.44 24.61
CA ALA F 81 24.00 -49.80 24.35
C ALA F 81 24.91 -50.80 25.05
N THR F 82 24.31 -51.92 25.46
CA THR F 82 25.04 -53.04 26.01
C THR F 82 24.77 -54.27 25.15
N ALA F 83 25.32 -55.41 25.58
CA ALA F 83 25.07 -56.65 24.86
C ALA F 83 23.60 -57.08 24.94
N SER F 84 22.86 -56.58 25.92
CA SER F 84 21.48 -57.02 26.14
C SER F 84 20.46 -55.91 26.09
N ALA F 85 20.85 -54.67 25.79
CA ALA F 85 19.91 -53.57 25.79
C ALA F 85 20.37 -52.50 24.80
N ALA F 86 19.40 -51.89 24.12
CA ALA F 86 19.69 -50.81 23.20
C ALA F 86 19.99 -49.53 23.98
N ALA F 87 20.72 -48.62 23.33
CA ALA F 87 21.06 -47.35 23.95
C ALA F 87 19.81 -46.57 24.33
N LEU F 88 19.86 -45.93 25.50
CA LEU F 88 18.75 -45.10 25.93
C LEU F 88 19.10 -43.64 25.74
N PRO F 89 18.22 -42.85 25.13
CA PRO F 89 18.51 -41.43 24.96
C PRO F 89 18.38 -40.67 26.27
N GLU F 90 18.96 -39.48 26.29
CA GLU F 90 18.77 -38.57 27.40
C GLU F 90 17.30 -38.20 27.51
N HIS F 91 16.79 -38.13 28.73
CA HIS F 91 15.34 -38.04 28.91
C HIS F 91 15.02 -37.50 30.30
N CYS F 92 13.75 -37.11 30.46
CA CYS F 92 13.19 -36.69 31.74
C CYS F 92 12.43 -37.86 32.36
N GLU F 93 12.76 -38.20 33.60
CA GLU F 93 12.06 -39.25 34.34
C GLU F 93 11.15 -38.63 35.39
N VAL F 94 9.87 -38.99 35.33
CA VAL F 94 8.89 -38.55 36.31
C VAL F 94 8.28 -39.79 36.94
N SER F 95 8.23 -39.83 38.26
CA SER F 95 7.58 -40.92 38.97
C SER F 95 6.80 -40.37 40.15
N GLY F 96 5.69 -41.02 40.45
CA GLY F 96 4.86 -40.58 41.55
C GLY F 96 3.76 -41.58 41.82
N ALA F 97 2.69 -41.10 42.45
CA ALA F 97 1.59 -41.96 42.83
C ALA F 97 0.29 -41.18 42.73
N ILE F 98 -0.80 -41.92 42.53
CA ILE F 98 -2.13 -41.36 42.38
C ILE F 98 -3.06 -41.98 43.41
N ALA F 99 -3.88 -41.15 44.06
CA ALA F 99 -4.97 -41.61 44.92
C ALA F 99 -4.46 -42.47 46.08
N LYS F 100 -3.49 -41.93 46.82
CA LYS F 100 -3.05 -42.58 48.04
C LYS F 100 -4.20 -42.64 49.04
N ARG F 101 -4.35 -43.79 49.68
CA ARG F 101 -5.52 -44.07 50.52
C ARG F 101 -5.24 -45.28 51.38
N THR F 102 -6.16 -45.55 52.30
CA THR F 102 -6.14 -46.74 53.13
C THR F 102 -7.31 -47.63 52.73
N GLY F 103 -7.01 -48.90 52.44
CA GLY F 103 -8.06 -49.84 52.06
C GLY F 103 -8.88 -50.29 53.25
N ILE F 104 -9.95 -51.03 52.96
CA ILE F 104 -10.80 -51.55 54.03
C ILE F 104 -10.07 -52.63 54.83
N ASP F 105 -8.98 -53.16 54.29
CA ASP F 105 -8.17 -54.13 55.02
C ASP F 105 -7.13 -53.47 55.92
N GLY F 106 -7.07 -52.14 55.94
CA GLY F 106 -6.12 -51.41 56.75
C GLY F 106 -4.76 -51.19 56.10
N TYR F 107 -4.56 -51.67 54.86
CA TYR F 107 -3.29 -51.51 54.16
C TYR F 107 -3.30 -50.26 53.30
N PRO F 108 -2.15 -49.63 53.11
CA PRO F 108 -2.07 -48.49 52.19
C PRO F 108 -2.11 -48.91 50.74
N TYR F 109 -2.74 -48.07 49.91
CA TYR F 109 -2.88 -48.32 48.50
C TYR F 109 -2.67 -47.04 47.72
N GLU F 110 -2.07 -47.16 46.54
CA GLU F 110 -1.83 -46.04 45.64
C GLU F 110 -1.50 -46.59 44.26
N ILE F 111 -1.71 -45.76 43.24
CA ILE F 111 -1.42 -46.13 41.87
C ILE F 111 -0.08 -45.49 41.51
N LYS F 112 0.99 -46.28 41.52
CA LYS F 112 2.30 -45.77 41.15
C LYS F 112 2.43 -45.65 39.63
N PHE F 113 3.24 -44.69 39.19
CA PHE F 113 3.56 -44.57 37.79
C PHE F 113 4.99 -44.10 37.63
N ARG F 114 5.61 -44.46 36.51
CA ARG F 114 6.91 -43.95 36.12
C ARG F 114 6.86 -43.65 34.64
N LEU F 115 7.30 -42.45 34.27
CA LEU F 115 7.21 -41.94 32.91
C LEU F 115 8.56 -41.41 32.47
N ARG F 116 8.95 -41.72 31.23
CA ARG F 116 10.23 -41.28 30.68
C ARG F 116 9.96 -40.57 29.36
N MET F 117 10.41 -39.32 29.26
CA MET F 117 10.17 -38.50 28.09
C MET F 117 11.48 -38.09 27.44
N PRO F 118 11.80 -38.58 26.25
CA PRO F 118 13.11 -38.31 25.66
C PRO F 118 13.27 -36.86 25.22
N ALA F 119 14.53 -36.40 25.22
CA ALA F 119 14.81 -35.04 24.79
C ALA F 119 14.44 -34.83 23.33
N GLU F 120 14.72 -35.83 22.48
CA GLU F 120 14.36 -35.79 21.07
C GLU F 120 13.22 -36.80 20.86
N TRP F 121 11.99 -36.29 20.92
CA TRP F 121 10.79 -37.12 20.96
C TRP F 121 10.22 -37.31 19.56
N ASN F 122 9.76 -38.52 19.26
CA ASN F 122 9.18 -38.79 17.96
C ASN F 122 7.69 -38.52 17.89
N GLY F 123 7.11 -37.89 18.92
CA GLY F 123 5.71 -37.56 18.91
C GLY F 123 4.78 -38.68 19.31
N ARG F 124 5.30 -39.82 19.74
CA ARG F 124 4.49 -40.99 20.05
C ARG F 124 4.54 -41.31 21.54
N PHE F 125 3.39 -41.67 22.08
CA PHE F 125 3.23 -42.06 23.48
C PHE F 125 3.12 -43.57 23.56
N PHE F 126 3.68 -44.16 24.63
CA PHE F 126 3.80 -45.61 24.74
C PHE F 126 3.58 -46.03 26.18
N MET F 127 2.69 -47.00 26.38
CA MET F 127 2.51 -47.64 27.68
C MET F 127 2.77 -49.12 27.55
N GLU F 128 3.53 -49.67 28.49
CA GLU F 128 3.77 -51.10 28.59
C GLU F 128 2.79 -51.73 29.57
N GLY F 129 2.41 -52.97 29.30
CA GLY F 129 1.50 -53.71 30.16
C GLY F 129 2.21 -54.37 31.33
N GLY F 130 1.41 -55.01 32.18
CA GLY F 130 1.89 -55.66 33.38
C GLY F 130 2.08 -57.15 33.21
N SER F 131 2.18 -57.83 34.34
CA SER F 131 2.44 -59.26 34.36
C SER F 131 2.11 -59.81 35.75
N GLY F 132 1.83 -61.11 35.80
CA GLY F 132 1.42 -61.71 37.06
C GLY F 132 0.15 -61.04 37.57
N THR F 133 0.15 -60.69 38.87
CA THR F 133 -0.89 -59.86 39.45
C THR F 133 -0.42 -58.42 39.64
N ASN F 134 0.55 -57.99 38.85
CA ASN F 134 1.12 -56.64 38.90
C ASN F 134 1.69 -56.41 40.31
N GLY F 135 1.66 -55.17 40.79
CA GLY F 135 2.21 -54.85 42.09
C GLY F 135 3.65 -54.35 42.07
N SER F 136 4.28 -54.29 40.91
CA SER F 136 5.64 -53.81 40.79
C SER F 136 5.72 -52.72 39.74
N LEU F 137 6.70 -51.84 39.89
CA LEU F 137 6.93 -50.73 38.96
C LEU F 137 8.24 -50.98 38.24
N SER F 138 8.17 -51.16 36.92
CA SER F 138 9.34 -51.46 36.12
C SER F 138 10.20 -50.22 35.90
N ALA F 139 11.29 -50.39 35.16
CA ALA F 139 12.11 -49.26 34.76
C ALA F 139 11.36 -48.30 33.84
N ALA F 140 10.25 -48.76 33.25
CA ALA F 140 9.37 -47.92 32.43
C ALA F 140 10.10 -47.34 31.22
N THR F 141 10.98 -48.14 30.61
CA THR F 141 11.59 -47.77 29.34
C THR F 141 10.78 -48.25 28.15
N GLY F 142 9.63 -48.89 28.39
CA GLY F 142 8.76 -49.29 27.29
C GLY F 142 9.11 -50.63 26.67
N SER F 143 8.93 -51.70 27.43
CA SER F 143 9.17 -53.04 26.89
C SER F 143 8.19 -53.33 25.76
N ILE F 144 8.71 -53.91 24.67
CA ILE F 144 7.88 -54.35 23.56
C ILE F 144 7.73 -55.86 23.51
N GLY F 145 8.30 -56.58 24.47
CA GLY F 145 8.17 -58.03 24.49
C GLY F 145 8.88 -58.67 23.31
N GLY F 146 8.48 -59.91 23.04
CA GLY F 146 9.08 -60.66 21.95
C GLY F 146 10.57 -60.88 22.10
N GLY F 147 11.08 -60.89 23.33
CA GLY F 147 12.50 -61.09 23.55
C GLY F 147 13.38 -60.06 22.88
N GLN F 148 12.87 -58.84 22.68
CA GLN F 148 13.59 -57.83 21.92
C GLN F 148 14.64 -57.13 22.75
N ILE F 149 15.70 -56.68 22.08
CA ILE F 149 16.78 -55.93 22.73
C ILE F 149 16.39 -54.47 22.91
N ALA F 150 15.60 -53.91 22.01
CA ALA F 150 15.28 -52.49 22.03
C ALA F 150 14.02 -52.22 22.85
N SER F 151 14.03 -51.08 23.53
CA SER F 151 12.86 -50.56 24.22
C SER F 151 12.22 -49.45 23.38
N ALA F 152 10.97 -49.12 23.71
CA ALA F 152 10.32 -48.01 23.03
C ALA F 152 11.04 -46.70 23.30
N LEU F 153 11.58 -46.53 24.51
CA LEU F 153 12.36 -45.33 24.80
C LEU F 153 13.60 -45.24 23.91
N SER F 154 14.26 -46.37 23.68
CA SER F 154 15.42 -46.38 22.79
C SER F 154 15.03 -45.93 21.38
N ARG F 155 13.78 -46.13 20.99
CA ARG F 155 13.25 -45.58 19.74
C ARG F 155 12.59 -44.23 19.92
N ASN F 156 12.78 -43.59 21.09
CA ASN F 156 12.42 -42.21 21.36
C ASN F 156 10.92 -42.00 21.44
N PHE F 157 10.20 -43.03 21.87
CA PHE F 157 8.84 -42.84 22.37
C PHE F 157 8.92 -42.27 23.78
N ALA F 158 7.87 -41.56 24.18
CA ALA F 158 7.62 -41.33 25.59
C ALA F 158 6.95 -42.57 26.17
N THR F 159 7.46 -43.07 27.30
CA THR F 159 7.08 -44.38 27.82
C THR F 159 6.62 -44.26 29.26
N ILE F 160 5.63 -45.08 29.63
CA ILE F 160 5.04 -45.05 30.97
C ILE F 160 4.69 -46.46 31.42
N ALA F 161 4.70 -46.67 32.73
CA ALA F 161 4.32 -47.94 33.34
C ALA F 161 3.66 -47.64 34.68
N THR F 162 2.94 -48.66 35.19
CA THR F 162 2.27 -48.55 36.48
C THR F 162 2.42 -49.86 37.23
N ASP F 163 2.05 -49.85 38.50
CA ASP F 163 2.03 -51.07 39.31
C ASP F 163 0.63 -51.62 39.49
N GLY F 164 -0.39 -50.96 38.94
CA GLY F 164 -1.74 -51.48 38.95
C GLY F 164 -2.57 -51.09 40.16
N GLY F 165 -2.01 -50.35 41.11
CA GLY F 165 -2.76 -49.90 42.27
C GLY F 165 -2.35 -50.52 43.59
N HIS F 166 -1.40 -51.45 43.59
CA HIS F 166 -0.89 -52.05 44.82
C HIS F 166 0.59 -52.32 44.66
N ASP F 167 1.25 -52.62 45.78
CA ASP F 167 2.70 -52.71 45.85
C ASP F 167 3.06 -54.03 46.53
N ASN F 168 3.80 -54.88 45.80
CA ASN F 168 4.18 -56.19 46.33
C ASN F 168 5.06 -56.10 47.57
N ALA F 169 5.75 -54.97 47.78
CA ALA F 169 6.57 -54.81 48.96
C ALA F 169 5.76 -54.40 50.18
N VAL F 170 4.63 -53.73 49.98
CA VAL F 170 3.81 -53.23 51.06
C VAL F 170 2.52 -54.03 51.21
N ASN F 171 1.89 -54.40 50.10
CA ASN F 171 0.64 -55.15 50.11
C ASN F 171 0.92 -56.65 50.10
N ASP F 172 1.65 -57.08 51.13
CA ASP F 172 2.08 -58.46 51.32
C ASP F 172 1.51 -58.92 52.67
N ASN F 173 0.33 -59.52 52.62
CA ASN F 173 -0.39 -59.91 53.83
C ASN F 173 -0.15 -61.39 54.08
N PRO F 174 0.52 -61.77 55.17
CA PRO F 174 0.76 -63.20 55.43
C PRO F 174 -0.50 -63.99 55.67
N ASP F 175 -1.63 -63.33 55.96
CA ASP F 175 -2.89 -64.03 56.16
C ASP F 175 -3.77 -64.05 54.91
N ALA F 176 -3.37 -63.35 53.85
CA ALA F 176 -4.12 -63.29 52.61
C ALA F 176 -3.26 -63.72 51.43
N LEU F 177 -2.44 -64.76 51.64
CA LEU F 177 -1.69 -65.43 50.57
C LEU F 177 -0.66 -64.53 49.91
N GLY F 178 -0.07 -63.61 50.66
CA GLY F 178 1.11 -62.91 50.18
C GLY F 178 0.77 -61.72 49.30
N THR F 179 1.43 -61.65 48.14
CA THR F 179 1.32 -60.48 47.27
C THR F 179 0.02 -60.44 46.46
N VAL F 180 -0.87 -61.42 46.61
CA VAL F 180 -2.20 -61.30 46.04
C VAL F 180 -3.16 -60.60 46.99
N ALA F 181 -2.66 -60.10 48.12
CA ALA F 181 -3.51 -59.64 49.21
C ALA F 181 -4.33 -58.42 48.84
N PHE F 182 -3.94 -57.67 47.81
CA PHE F 182 -4.74 -56.53 47.37
C PHE F 182 -6.20 -56.90 47.11
N GLY F 183 -6.48 -58.16 46.83
CA GLY F 183 -7.85 -58.58 46.56
C GLY F 183 -8.79 -58.38 47.73
N LEU F 184 -8.25 -58.15 48.94
CA LEU F 184 -9.10 -57.89 50.09
C LEU F 184 -9.77 -56.51 50.03
N ASP F 185 -9.25 -55.59 49.19
CA ASP F 185 -9.80 -54.25 49.11
C ASP F 185 -10.56 -54.08 47.80
N PRO F 186 -11.84 -53.71 47.84
CA PRO F 186 -12.61 -53.59 46.59
C PRO F 186 -12.06 -52.56 45.62
N GLN F 187 -11.61 -51.40 46.11
CA GLN F 187 -11.07 -50.38 45.20
C GLN F 187 -9.76 -50.85 44.56
N ALA F 188 -8.94 -51.58 45.31
CA ALA F 188 -7.71 -52.13 44.73
C ALA F 188 -8.04 -53.11 43.61
N ARG F 189 -9.16 -53.82 43.73
CA ARG F 189 -9.59 -54.71 42.64
C ARG F 189 -9.96 -53.90 41.41
N LEU F 190 -10.73 -52.83 41.58
CA LEU F 190 -11.10 -51.99 40.45
C LEU F 190 -9.88 -51.34 39.82
N ASP F 191 -8.92 -50.91 40.65
CA ASP F 191 -7.69 -50.34 40.12
C ASP F 191 -6.93 -51.37 39.29
N MET F 192 -6.83 -52.60 39.80
CA MET F 192 -6.16 -53.67 39.08
C MET F 192 -6.90 -54.05 37.81
N GLY F 193 -8.24 -53.98 37.83
CA GLY F 193 -9.00 -54.37 36.66
C GLY F 193 -8.92 -53.36 35.54
N TYR F 194 -9.15 -52.08 35.84
CA TYR F 194 -9.20 -51.08 34.78
C TYR F 194 -8.79 -49.68 35.21
N ASN F 195 -8.99 -49.30 36.47
CA ASN F 195 -8.88 -47.89 36.83
C ASN F 195 -7.44 -47.40 36.87
N SER F 196 -6.49 -48.25 37.28
CA SER F 196 -5.11 -47.78 37.34
C SER F 196 -4.58 -47.39 35.96
N TYR F 197 -4.85 -48.21 34.95
CA TYR F 197 -4.35 -47.91 33.60
C TYR F 197 -5.03 -46.68 33.02
N ASP F 198 -6.27 -46.41 33.43
CA ASP F 198 -6.96 -45.20 33.01
C ASP F 198 -6.31 -43.96 33.63
N GLN F 199 -6.09 -43.99 34.94
CA GLN F 199 -5.48 -42.85 35.62
C GLN F 199 -4.07 -42.59 35.11
N VAL F 200 -3.28 -43.65 34.90
CA VAL F 200 -1.89 -43.47 34.51
C VAL F 200 -1.78 -42.99 33.07
N THR F 201 -2.65 -43.50 32.19
CA THR F 201 -2.67 -42.99 30.81
C THR F 201 -2.97 -41.50 30.80
N GLN F 202 -3.97 -41.06 31.57
CA GLN F 202 -4.32 -39.64 31.60
C GLN F 202 -3.18 -38.80 32.16
N ALA F 203 -2.53 -39.28 33.23
CA ALA F 203 -1.43 -38.53 33.82
C ALA F 203 -0.26 -38.43 32.87
N GLY F 204 0.08 -39.53 32.19
CA GLY F 204 1.20 -39.49 31.25
C GLY F 204 0.95 -38.56 30.09
N LYS F 205 -0.26 -38.58 29.53
CA LYS F 205 -0.57 -37.69 28.42
C LYS F 205 -0.55 -36.24 28.85
N ALA F 206 -0.95 -35.95 30.10
CA ALA F 206 -0.91 -34.57 30.59
C ALA F 206 0.52 -34.07 30.76
N ALA F 207 1.40 -34.92 31.29
CA ALA F 207 2.80 -34.51 31.46
C ALA F 207 3.49 -34.36 30.11
N VAL F 208 3.14 -35.23 29.15
CA VAL F 208 3.66 -35.08 27.79
C VAL F 208 3.26 -33.74 27.21
N ALA F 209 1.99 -33.36 27.37
CA ALA F 209 1.51 -32.10 26.80
C ALA F 209 2.25 -30.91 27.39
N ARG F 210 2.48 -30.90 28.70
CA ARG F 210 3.17 -29.77 29.31
C ARG F 210 4.64 -29.76 28.96
N PHE F 211 5.28 -30.94 28.96
CA PHE F 211 6.71 -31.04 28.74
C PHE F 211 7.09 -30.70 27.31
N TYR F 212 6.29 -31.12 26.34
CA TYR F 212 6.60 -30.94 24.93
C TYR F 212 5.84 -29.78 24.29
N GLY F 213 4.80 -29.27 24.94
CA GLY F 213 3.99 -28.24 24.33
C GLY F 213 3.01 -28.74 23.30
N ARG F 214 2.77 -30.05 23.22
CA ARG F 214 1.81 -30.60 22.27
C ARG F 214 1.42 -32.00 22.74
N ALA F 215 0.21 -32.39 22.39
CA ALA F 215 -0.23 -33.75 22.65
C ALA F 215 0.44 -34.73 21.69
N ALA F 216 0.45 -36.00 22.07
CA ALA F 216 1.10 -37.01 21.24
C ALA F 216 0.34 -37.17 19.92
N ASP F 217 1.09 -37.36 18.84
CA ASP F 217 0.48 -37.66 17.56
C ASP F 217 -0.34 -38.94 17.64
N LYS F 218 0.24 -39.99 18.21
CA LYS F 218 -0.41 -41.28 18.36
C LYS F 218 0.03 -41.89 19.68
N SER F 219 -0.78 -42.81 20.20
CA SER F 219 -0.49 -43.52 21.44
C SER F 219 -0.53 -45.02 21.20
N TYR F 220 0.38 -45.74 21.85
CA TYR F 220 0.57 -47.17 21.62
C TYR F 220 0.66 -47.91 22.94
N PHE F 221 0.05 -49.09 23.00
CA PHE F 221 0.09 -49.96 24.17
C PHE F 221 0.53 -51.34 23.73
N ILE F 222 1.50 -51.92 24.45
CA ILE F 222 1.95 -53.28 24.20
C ILE F 222 2.02 -54.01 25.53
N GLY F 223 1.41 -55.19 25.59
CA GLY F 223 1.45 -56.01 26.79
C GLY F 223 1.24 -57.46 26.47
N CYS F 224 1.73 -58.31 27.38
CA CYS F 224 1.57 -59.76 27.29
C CYS F 224 1.04 -60.30 28.61
N SER F 225 0.25 -61.38 28.52
CA SER F 225 -0.33 -62.06 29.68
C SER F 225 -1.36 -61.16 30.35
N GLU F 226 -1.14 -60.83 31.63
CA GLU F 226 -1.96 -59.80 32.26
C GLU F 226 -1.87 -58.48 31.48
N GLY F 227 -0.70 -58.19 30.89
CA GLY F 227 -0.59 -57.03 30.02
C GLY F 227 -1.39 -57.17 28.74
N GLY F 228 -1.60 -58.41 28.28
CA GLY F 228 -2.47 -58.62 27.13
C GLY F 228 -3.93 -58.38 27.45
N ARG F 229 -4.37 -58.84 28.62
CA ARG F 229 -5.71 -58.50 29.10
C ARG F 229 -5.91 -56.99 29.16
N GLU F 230 -4.89 -56.27 29.66
CA GLU F 230 -4.99 -54.82 29.78
C GLU F 230 -5.19 -54.16 28.41
N GLY F 231 -4.48 -54.66 27.39
CA GLY F 231 -4.63 -54.09 26.06
C GLY F 231 -6.01 -54.32 25.48
N MET F 232 -6.54 -55.53 25.66
CA MET F 232 -7.90 -55.81 25.22
C MET F 232 -8.91 -54.99 26.00
N MET F 233 -8.69 -54.84 27.31
CA MET F 233 -9.56 -54.00 28.12
C MET F 233 -9.57 -52.57 27.58
N LEU F 234 -8.40 -52.04 27.22
CA LEU F 234 -8.34 -50.68 26.71
C LEU F 234 -9.12 -50.54 25.41
N SER F 235 -9.03 -51.53 24.52
CA SER F 235 -9.76 -51.47 23.26
C SER F 235 -11.26 -51.48 23.47
N GLN F 236 -11.73 -52.14 24.52
CA GLN F 236 -13.16 -52.27 24.78
C GLN F 236 -13.72 -51.15 25.64
N ARG F 237 -12.98 -50.74 26.68
CA ARG F 237 -13.46 -49.84 27.71
C ARG F 237 -13.02 -48.40 27.51
N PHE F 238 -11.80 -48.19 27.01
CA PHE F 238 -11.24 -46.85 26.79
C PHE F 238 -10.72 -46.75 25.36
N PRO F 239 -11.61 -46.80 24.37
CA PRO F 239 -11.17 -46.97 22.98
C PRO F 239 -10.28 -45.85 22.44
N SER F 240 -10.35 -44.63 23.00
CA SER F 240 -9.53 -43.54 22.51
C SER F 240 -8.25 -43.33 23.31
N HIS F 241 -7.96 -44.19 24.29
CA HIS F 241 -6.71 -44.06 25.04
C HIS F 241 -5.51 -44.37 24.16
N TYR F 242 -5.62 -45.38 23.29
CA TYR F 242 -4.50 -45.84 22.49
C TYR F 242 -4.95 -46.14 21.08
N ASP F 243 -4.15 -45.70 20.11
CA ASP F 243 -4.44 -45.91 18.71
C ASP F 243 -3.98 -47.29 18.22
N GLY F 244 -2.88 -47.78 18.76
CA GLY F 244 -2.39 -49.11 18.44
C GLY F 244 -2.20 -49.91 19.71
N ILE F 245 -2.64 -51.16 19.68
CA ILE F 245 -2.56 -52.06 20.83
C ILE F 245 -1.99 -53.39 20.38
N VAL F 246 -0.97 -53.87 21.09
CA VAL F 246 -0.51 -55.24 20.95
C VAL F 246 -0.88 -55.97 22.24
N ALA F 247 -1.62 -57.06 22.11
CA ALA F 247 -2.01 -57.88 23.25
C ALA F 247 -1.56 -59.31 23.00
N GLY F 248 -0.52 -59.74 23.71
CA GLY F 248 0.01 -61.08 23.58
C GLY F 248 -0.48 -61.97 24.71
N ALA F 249 -0.73 -63.24 24.37
CA ALA F 249 -1.24 -64.26 25.28
C ALA F 249 -2.21 -63.65 26.28
N PRO F 250 -3.28 -63.00 25.84
CA PRO F 250 -4.06 -62.14 26.74
C PRO F 250 -4.97 -62.95 27.66
N GLY F 251 -4.88 -62.68 28.95
CA GLY F 251 -5.77 -63.30 29.93
C GLY F 251 -7.09 -62.57 30.03
N TYR F 252 -7.82 -62.48 28.92
CA TYR F 252 -9.05 -61.72 28.87
C TYR F 252 -10.19 -62.39 29.63
N GLN F 253 -10.00 -63.62 30.07
CA GLN F 253 -10.92 -64.32 30.97
C GLN F 253 -10.16 -64.81 32.20
N LEU F 254 -9.29 -63.96 32.74
CA LEU F 254 -8.41 -64.36 33.83
C LEU F 254 -9.11 -64.96 35.05
N PRO F 255 -10.30 -64.49 35.47
CA PRO F 255 -10.97 -65.14 36.60
C PRO F 255 -11.31 -66.60 36.37
N LYS F 256 -11.30 -67.07 35.12
CA LYS F 256 -11.55 -68.47 34.83
C LYS F 256 -10.31 -69.34 34.92
N ALA F 257 -9.12 -68.74 35.01
CA ALA F 257 -7.87 -69.53 35.04
C ALA F 257 -7.81 -70.46 36.24
N GLY F 258 -8.23 -69.98 37.42
CA GLY F 258 -8.24 -70.83 38.59
C GLY F 258 -9.24 -71.96 38.48
N ILE F 259 -10.33 -71.75 37.73
CA ILE F 259 -11.26 -72.83 37.44
C ILE F 259 -10.56 -73.91 36.61
N SER F 260 -9.86 -73.50 35.56
CA SER F 260 -9.04 -74.43 34.81
C SER F 260 -7.98 -75.06 35.69
N GLY F 261 -7.41 -74.29 36.61
CA GLY F 261 -6.37 -74.83 37.47
C GLY F 261 -6.88 -75.89 38.43
N ALA F 262 -8.05 -75.65 39.01
CA ALA F 262 -8.69 -76.69 39.82
C ALA F 262 -8.99 -77.93 38.98
N TRP F 263 -9.40 -77.72 37.72
CA TRP F 263 -9.72 -78.85 36.84
C TRP F 263 -8.47 -79.64 36.49
N THR F 264 -7.38 -78.95 36.10
CA THR F 264 -6.17 -79.68 35.73
C THR F 264 -5.54 -80.35 36.95
N THR F 265 -5.64 -79.72 38.12
CA THR F 265 -5.12 -80.32 39.34
C THR F 265 -5.86 -81.61 39.67
N GLN F 266 -7.19 -81.56 39.66
CA GLN F 266 -7.97 -82.76 39.95
C GLN F 266 -7.83 -83.78 38.84
N SER F 267 -7.67 -83.33 37.59
CA SER F 267 -7.51 -84.27 36.48
C SER F 267 -6.20 -85.04 36.58
N LEU F 268 -5.12 -84.35 36.96
CA LEU F 268 -3.81 -84.99 37.02
C LEU F 268 -3.60 -85.81 38.28
N ALA F 269 -4.33 -85.51 39.35
CA ALA F 269 -4.10 -86.17 40.64
C ALA F 269 -4.08 -87.69 40.59
N PRO F 270 -4.95 -88.38 39.82
CA PRO F 270 -4.83 -89.85 39.78
C PRO F 270 -3.49 -90.35 39.28
N ALA F 271 -2.78 -89.55 38.48
CA ALA F 271 -1.46 -89.94 37.98
C ALA F 271 -0.33 -89.52 38.91
N ALA F 272 -0.63 -88.79 39.98
CA ALA F 272 0.41 -88.33 40.89
C ALA F 272 1.04 -89.52 41.63
N VAL F 273 2.27 -89.31 42.09
CA VAL F 273 3.01 -90.31 42.85
C VAL F 273 3.48 -89.64 44.14
N GLY F 274 2.97 -90.09 45.27
CA GLY F 274 3.33 -89.54 46.56
C GLY F 274 2.42 -88.40 46.99
N LEU F 275 2.63 -87.97 48.23
CA LEU F 275 1.86 -86.89 48.84
C LEU F 275 2.81 -85.83 49.36
N ASP F 276 2.32 -84.59 49.41
CA ASP F 276 3.10 -83.51 50.01
C ASP F 276 2.91 -83.54 51.52
N ALA F 277 3.47 -82.55 52.22
CA ALA F 277 3.41 -82.54 53.69
C ALA F 277 1.97 -82.49 54.19
N GLN F 278 1.06 -81.92 53.39
CA GLN F 278 -0.34 -81.79 53.79
C GLN F 278 -1.20 -82.97 53.39
N GLY F 279 -0.60 -84.01 52.80
CA GLY F 279 -1.37 -85.15 52.33
C GLY F 279 -1.99 -85.00 50.97
N VAL F 280 -1.62 -83.96 50.22
CA VAL F 280 -2.18 -83.71 48.89
C VAL F 280 -1.31 -84.41 47.87
N PRO F 281 -1.90 -85.05 46.84
CA PRO F 281 -1.07 -85.73 45.84
C PRO F 281 -0.08 -84.79 45.17
N LEU F 282 1.12 -85.31 44.93
CA LEU F 282 2.18 -84.55 44.28
C LEU F 282 1.90 -84.49 42.79
N ILE F 283 1.17 -83.43 42.38
CA ILE F 283 0.84 -83.25 40.97
C ILE F 283 2.09 -83.15 40.11
N ASN F 284 3.17 -82.59 40.67
CA ASN F 284 4.42 -82.46 39.92
C ASN F 284 5.04 -83.81 39.59
N LYS F 285 4.70 -84.86 40.33
CA LYS F 285 5.21 -86.20 40.07
C LYS F 285 4.34 -86.99 39.10
N SER F 286 3.27 -86.38 38.58
CA SER F 286 2.37 -87.11 37.67
C SER F 286 3.04 -87.42 36.35
N PHE F 287 3.94 -86.55 35.89
CA PHE F 287 4.69 -86.76 34.67
C PHE F 287 6.14 -86.39 34.90
N SER F 288 7.05 -87.29 34.57
CA SER F 288 8.46 -86.91 34.52
C SER F 288 8.72 -86.04 33.31
N ASP F 289 9.90 -85.42 33.27
CA ASP F 289 10.28 -84.65 32.08
C ASP F 289 10.39 -85.56 30.86
N ALA F 290 10.91 -86.76 31.04
CA ALA F 290 10.96 -87.72 29.94
C ALA F 290 9.56 -88.12 29.49
N ASP F 291 8.63 -88.28 30.44
CA ASP F 291 7.26 -88.59 30.08
C ASP F 291 6.68 -87.55 29.13
N LEU F 292 6.87 -86.26 29.45
CA LEU F 292 6.32 -85.21 28.61
C LEU F 292 7.00 -85.16 27.25
N HIS F 293 8.29 -85.48 27.19
CA HIS F 293 8.97 -85.52 25.90
C HIS F 293 8.43 -86.66 25.03
N LEU F 294 8.09 -87.79 25.67
CA LEU F 294 7.35 -88.84 24.98
C LEU F 294 6.10 -88.26 24.32
N LEU F 295 5.30 -87.53 25.08
CA LEU F 295 4.06 -86.98 24.56
C LEU F 295 4.33 -86.00 23.42
N SER F 296 5.33 -85.13 23.58
CA SER F 296 5.65 -84.16 22.55
C SER F 296 6.11 -84.86 21.27
N GLN F 297 6.99 -85.84 21.39
CA GLN F 297 7.45 -86.57 20.21
C GLN F 297 6.30 -87.31 19.54
N ALA F 298 5.34 -87.80 20.32
CA ALA F 298 4.16 -88.43 19.75
C ALA F 298 3.31 -87.42 18.99
N ILE F 299 3.13 -86.23 19.56
CA ILE F 299 2.40 -85.16 18.86
C ILE F 299 3.10 -84.82 17.55
N LEU F 300 4.44 -84.69 17.59
CA LEU F 300 5.19 -84.47 16.36
C LEU F 300 4.99 -85.61 15.37
N GLY F 301 5.03 -86.85 15.86
CA GLY F 301 4.84 -87.99 14.97
C GLY F 301 3.52 -87.94 14.24
N THR F 302 2.48 -87.44 14.91
CA THR F 302 1.16 -87.35 14.29
C THR F 302 0.96 -86.05 13.52
N CYS F 303 1.49 -84.93 14.01
CA CYS F 303 1.08 -83.62 13.53
C CYS F 303 2.14 -82.84 12.77
N ASP F 304 3.42 -83.18 12.90
CA ASP F 304 4.48 -82.35 12.34
C ASP F 304 4.30 -82.18 10.83
N ALA F 305 4.06 -83.28 10.13
CA ALA F 305 3.99 -83.26 8.67
C ALA F 305 2.64 -82.81 8.14
N LEU F 306 1.68 -82.50 9.00
CA LEU F 306 0.37 -82.05 8.53
C LEU F 306 0.42 -80.69 7.84
N ASP F 307 1.52 -79.95 7.99
CA ASP F 307 1.73 -78.70 7.28
C ASP F 307 2.58 -78.87 6.02
N GLY F 308 3.04 -80.10 5.75
CA GLY F 308 3.83 -80.37 4.57
C GLY F 308 5.33 -80.49 4.79
N LEU F 309 5.81 -80.28 6.01
CA LEU F 309 7.24 -80.33 6.27
C LEU F 309 7.50 -80.85 7.67
N ALA F 310 8.38 -81.84 7.78
CA ALA F 310 8.78 -82.39 9.08
C ALA F 310 9.93 -81.56 9.61
N ASP F 311 9.62 -80.64 10.53
CA ASP F 311 10.64 -79.72 11.04
C ASP F 311 10.53 -79.49 12.54
N GLY F 312 9.77 -80.30 13.27
CA GLY F 312 9.60 -80.10 14.69
C GLY F 312 8.61 -79.02 15.07
N ILE F 313 7.86 -78.48 14.09
CA ILE F 313 6.90 -77.42 14.33
C ILE F 313 5.57 -77.84 13.75
N VAL F 314 4.50 -77.68 14.52
CA VAL F 314 3.15 -78.04 14.10
C VAL F 314 2.48 -76.75 13.63
N ASP F 315 2.68 -76.41 12.37
CA ASP F 315 2.04 -75.21 11.83
C ASP F 315 0.55 -75.41 11.65
N ASN F 316 0.12 -76.63 11.30
CA ASN F 316 -1.31 -76.91 11.08
C ASN F 316 -1.91 -77.39 12.38
N TYR F 317 -2.19 -76.44 13.27
CA TYR F 317 -2.69 -76.78 14.61
C TYR F 317 -4.11 -77.31 14.58
N ARG F 318 -4.95 -76.85 13.65
CA ARG F 318 -6.31 -77.37 13.56
C ARG F 318 -6.31 -78.83 13.12
N ALA F 319 -5.48 -79.17 12.14
CA ALA F 319 -5.37 -80.56 11.73
C ALA F 319 -4.80 -81.42 12.84
N CYS F 320 -3.91 -80.85 13.66
CA CYS F 320 -3.35 -81.61 14.78
C CYS F 320 -4.43 -81.97 15.79
N GLN F 321 -5.29 -81.01 16.14
CA GLN F 321 -6.33 -81.26 17.15
C GLN F 321 -7.31 -82.32 16.67
N ALA F 322 -7.59 -82.36 15.37
CA ALA F 322 -8.50 -83.38 14.85
C ALA F 322 -7.86 -84.75 14.75
N ALA F 323 -6.54 -84.82 14.72
CA ALA F 323 -5.85 -86.08 14.45
C ALA F 323 -5.27 -86.74 15.69
N PHE F 324 -4.82 -85.97 16.68
CA PHE F 324 -4.03 -86.53 17.76
C PHE F 324 -4.90 -87.02 18.91
N ASP F 325 -4.68 -88.28 19.29
CA ASP F 325 -5.24 -88.89 20.50
C ASP F 325 -4.11 -89.66 21.17
N PRO F 326 -3.65 -89.24 22.35
CA PRO F 326 -2.54 -89.94 23.00
C PRO F 326 -2.89 -91.37 23.39
N ALA F 327 -4.17 -91.74 23.39
CA ALA F 327 -4.56 -93.12 23.64
C ALA F 327 -4.32 -94.02 22.44
N THR F 328 -4.21 -93.47 21.23
CA THR F 328 -3.95 -94.26 20.04
C THR F 328 -2.66 -93.89 19.31
N ALA F 329 -2.04 -92.77 19.66
CA ALA F 329 -0.84 -92.33 18.93
C ALA F 329 0.32 -93.27 19.20
N ALA F 330 1.20 -93.38 18.20
CA ALA F 330 2.38 -94.23 18.30
C ALA F 330 3.59 -93.43 18.81
N ASN F 331 4.42 -94.11 19.58
CA ASN F 331 5.74 -93.59 19.92
C ASN F 331 6.64 -93.73 18.70
N PRO F 332 7.09 -92.63 18.08
CA PRO F 332 7.89 -92.76 16.84
C PRO F 332 9.26 -93.38 17.06
N ALA F 333 9.79 -93.33 18.29
CA ALA F 333 11.15 -93.81 18.53
C ALA F 333 11.23 -95.33 18.46
N ASN F 334 10.27 -96.03 19.09
CA ASN F 334 10.30 -97.48 19.13
C ASN F 334 9.24 -98.12 18.24
N GLY F 335 8.47 -97.33 17.50
CA GLY F 335 7.41 -97.85 16.67
C GLY F 335 6.19 -98.35 17.40
N GLN F 336 6.23 -98.43 18.73
CA GLN F 336 5.12 -98.94 19.51
C GLN F 336 4.16 -97.81 19.87
N ALA F 337 3.09 -98.17 20.58
CA ALA F 337 2.10 -97.20 21.01
C ALA F 337 2.64 -96.36 22.17
N LEU F 338 2.17 -95.11 22.23
CA LEU F 338 2.54 -94.24 23.34
C LEU F 338 2.01 -94.76 24.66
N GLN F 339 0.80 -95.31 24.67
CA GLN F 339 0.19 -95.83 25.89
C GLN F 339 0.70 -97.24 26.17
N CYS F 340 1.11 -97.47 27.42
CA CYS F 340 1.65 -98.77 27.81
C CYS F 340 0.62 -99.87 27.61
N VAL F 341 1.06 -100.99 27.02
CA VAL F 341 0.23 -102.18 26.97
C VAL F 341 0.47 -103.08 28.18
N GLY F 342 1.57 -102.89 28.91
CA GLY F 342 1.82 -103.59 30.14
C GLY F 342 2.16 -102.64 31.26
N ALA F 343 3.21 -102.96 32.02
CA ALA F 343 3.62 -102.11 33.13
C ALA F 343 4.13 -100.76 32.63
N LYS F 344 4.10 -99.77 33.51
CA LYS F 344 4.61 -98.45 33.20
C LYS F 344 6.14 -98.47 33.17
N THR F 345 6.71 -98.02 32.05
CA THR F 345 8.15 -97.86 31.89
C THR F 345 8.44 -96.47 31.34
N ALA F 346 9.73 -96.16 31.22
CA ALA F 346 10.15 -94.86 30.72
C ALA F 346 9.85 -94.67 29.24
N ASP F 347 9.41 -95.72 28.54
CA ASP F 347 9.19 -95.66 27.10
C ASP F 347 7.71 -95.58 26.73
N CYS F 348 6.82 -95.44 27.71
CA CYS F 348 5.40 -95.37 27.43
C CYS F 348 4.70 -94.59 28.54
N LEU F 349 3.49 -94.13 28.24
CA LEU F 349 2.64 -93.48 29.23
C LEU F 349 1.58 -94.45 29.72
N SER F 350 1.34 -94.46 31.03
CA SER F 350 0.35 -95.36 31.59
C SER F 350 -1.05 -94.91 31.20
N PRO F 351 -2.02 -95.84 31.17
CA PRO F 351 -3.41 -95.45 30.87
C PRO F 351 -3.93 -94.34 31.76
N VAL F 352 -3.62 -94.36 33.06
CA VAL F 352 -4.06 -93.29 33.94
C VAL F 352 -3.40 -91.97 33.56
N GLN F 353 -2.12 -92.02 33.18
CA GLN F 353 -1.46 -90.83 32.64
C GLN F 353 -2.18 -90.35 31.39
N VAL F 354 -2.45 -91.26 30.45
CA VAL F 354 -3.09 -90.88 29.19
C VAL F 354 -4.50 -90.38 29.42
N THR F 355 -5.18 -90.85 30.46
CA THR F 355 -6.51 -90.33 30.77
C THR F 355 -6.45 -88.98 31.48
N ALA F 356 -5.44 -88.77 32.31
CA ALA F 356 -5.34 -87.54 33.09
C ALA F 356 -5.06 -86.32 32.21
N ILE F 357 -4.09 -86.42 31.30
CA ILE F 357 -3.74 -85.25 30.50
C ILE F 357 -4.84 -84.95 29.47
N LYS F 358 -5.47 -86.00 28.93
CA LYS F 358 -6.63 -85.80 28.06
C LYS F 358 -7.73 -85.02 28.77
N ARG F 359 -8.04 -85.42 30.01
CA ARG F 359 -9.06 -84.71 30.77
C ARG F 359 -8.65 -83.26 31.05
N ALA F 360 -7.38 -83.05 31.41
CA ALA F 360 -6.92 -81.70 31.70
C ALA F 360 -6.97 -80.82 30.45
N MET F 361 -6.55 -81.36 29.31
CA MET F 361 -6.59 -80.59 28.06
C MET F 361 -8.02 -80.33 27.59
N ALA F 362 -8.97 -81.18 28.00
CA ALA F 362 -10.36 -81.00 27.58
C ALA F 362 -10.98 -79.75 28.16
N GLY F 363 -10.57 -79.33 29.36
CA GLY F 363 -11.11 -78.14 29.97
C GLY F 363 -12.20 -78.44 30.97
N PRO F 364 -12.42 -77.51 31.91
CA PRO F 364 -13.41 -77.75 32.96
C PRO F 364 -14.85 -77.71 32.46
N VAL F 365 -15.69 -78.53 33.08
CA VAL F 365 -17.13 -78.53 32.85
C VAL F 365 -17.82 -78.68 34.20
N ASN F 366 -19.08 -78.24 34.26
CA ASN F 366 -19.87 -78.43 35.47
C ASN F 366 -20.60 -79.76 35.38
N SER F 367 -21.53 -80.00 36.31
CA SER F 367 -22.24 -81.29 36.35
C SER F 367 -23.02 -81.54 35.07
N ALA F 368 -23.58 -80.49 34.47
CA ALA F 368 -24.35 -80.63 33.24
C ALA F 368 -23.48 -80.85 32.02
N GLY F 369 -22.16 -80.77 32.14
CA GLY F 369 -21.29 -80.91 30.99
C GLY F 369 -21.07 -79.64 30.22
N THR F 370 -21.36 -78.48 30.82
CA THR F 370 -21.20 -77.18 30.18
C THR F 370 -19.78 -76.68 30.35
N PRO F 371 -19.08 -76.31 29.28
CA PRO F 371 -17.71 -75.82 29.42
C PRO F 371 -17.64 -74.56 30.27
N LEU F 372 -16.66 -74.53 31.18
CA LEU F 372 -16.45 -73.37 32.05
C LEU F 372 -15.29 -72.50 31.59
N TYR F 373 -14.48 -72.97 30.66
CA TYR F 373 -13.42 -72.14 30.09
C TYR F 373 -13.27 -72.46 28.61
N ASN F 374 -12.38 -73.39 28.29
CA ASN F 374 -12.12 -73.82 26.92
C ASN F 374 -11.20 -75.03 26.98
N ARG F 375 -11.01 -75.66 25.83
CA ARG F 375 -10.04 -76.73 25.72
C ARG F 375 -8.67 -76.16 25.33
N TRP F 376 -7.65 -77.01 25.40
CA TRP F 376 -6.27 -76.63 25.12
C TRP F 376 -5.75 -77.44 23.93
N ALA F 377 -4.84 -76.83 23.17
CA ALA F 377 -4.30 -77.44 21.97
C ALA F 377 -3.13 -78.36 22.31
N TRP F 378 -3.16 -79.58 21.74
CA TRP F 378 -1.97 -80.43 21.74
C TRP F 378 -0.89 -79.77 20.87
N ASP F 379 0.34 -79.75 21.37
CA ASP F 379 1.42 -79.08 20.65
C ASP F 379 2.77 -79.61 21.15
N ALA F 380 3.77 -79.51 20.27
CA ALA F 380 5.11 -80.00 20.59
C ALA F 380 5.77 -79.20 21.71
N GLY F 381 5.32 -77.98 21.97
CA GLY F 381 5.93 -77.17 23.01
C GLY F 381 5.54 -77.53 24.42
N MET F 382 4.70 -78.54 24.62
CA MET F 382 4.50 -79.07 25.96
C MET F 382 5.80 -79.61 26.54
N SER F 383 6.75 -79.95 25.69
CA SER F 383 8.08 -80.35 26.13
C SER F 383 9.12 -79.73 25.20
N GLY F 384 10.23 -80.41 25.02
CA GLY F 384 11.29 -79.95 24.14
C GLY F 384 12.64 -80.23 24.77
N LEU F 385 13.62 -80.48 23.93
CA LEU F 385 14.99 -80.79 24.37
C LEU F 385 15.95 -79.89 23.62
N SER F 386 16.64 -79.03 24.37
CA SER F 386 17.75 -78.24 23.82
C SER F 386 19.02 -78.73 24.52
N GLY F 387 19.89 -79.38 23.77
CA GLY F 387 21.02 -80.05 24.39
C GLY F 387 20.52 -81.17 25.27
N THR F 388 20.76 -81.05 26.57
CA THR F 388 20.21 -81.98 27.56
C THR F 388 19.20 -81.30 28.49
N THR F 389 18.74 -80.11 28.12
CA THR F 389 17.85 -79.31 28.96
C THR F 389 16.43 -79.49 28.48
N TYR F 390 15.58 -80.08 29.33
CA TYR F 390 14.16 -80.23 29.02
C TYR F 390 13.44 -78.90 29.22
N ASN F 391 12.49 -78.63 28.33
CA ASN F 391 11.69 -77.42 28.42
C ASN F 391 10.76 -77.48 29.63
N GLN F 392 10.86 -76.50 30.51
CA GLN F 392 10.00 -76.39 31.67
C GLN F 392 8.85 -75.42 31.47
N GLY F 393 8.78 -74.74 30.32
CA GLY F 393 7.88 -73.62 30.13
C GLY F 393 6.42 -73.99 30.01
N TRP F 394 6.11 -75.25 29.75
CA TRP F 394 4.72 -75.70 29.78
C TRP F 394 4.34 -76.32 31.11
N ARG F 395 5.15 -77.27 31.61
CA ARG F 395 4.78 -78.04 32.78
C ARG F 395 4.76 -77.23 34.07
N SER F 396 5.43 -76.07 34.10
CA SER F 396 5.47 -75.27 35.32
C SER F 396 4.08 -74.77 35.73
N TRP F 397 3.12 -74.74 34.82
CA TRP F 397 1.82 -74.16 35.12
C TRP F 397 0.87 -75.15 35.79
N TRP F 398 0.69 -76.34 35.21
CA TRP F 398 -0.25 -77.31 35.78
C TRP F 398 0.42 -78.34 36.66
N LEU F 399 1.70 -78.64 36.44
CA LEU F 399 2.39 -79.72 37.14
C LEU F 399 3.39 -79.20 38.17
N GLY F 400 4.29 -78.32 37.77
CA GLY F 400 5.40 -77.91 38.62
C GLY F 400 6.65 -78.72 38.33
N SER F 401 7.72 -78.36 39.03
CA SER F 401 9.00 -79.03 38.85
C SER F 401 8.95 -80.45 39.40
N PHE F 402 9.39 -81.40 38.59
CA PHE F 402 9.37 -82.80 39.00
C PHE F 402 10.25 -83.04 40.22
N ASN F 403 11.40 -82.39 40.28
CA ASN F 403 12.37 -82.61 41.36
C ASN F 403 12.00 -81.74 42.57
N SER F 404 10.94 -82.19 43.26
CA SER F 404 10.47 -81.51 44.45
C SER F 404 9.54 -82.45 45.22
N SER F 405 9.69 -82.46 46.55
CA SER F 405 8.80 -83.21 47.41
C SER F 405 7.56 -82.41 47.80
N ALA F 406 7.34 -81.26 47.18
CA ALA F 406 6.20 -80.41 47.46
C ALA F 406 5.56 -79.97 46.15
N ASN F 407 4.26 -79.72 46.20
CA ASN F 407 3.56 -79.13 45.05
C ASN F 407 4.04 -77.71 44.85
N ASN F 408 4.28 -77.33 43.59
CA ASN F 408 4.77 -76.00 43.28
C ASN F 408 4.21 -75.44 41.98
N ALA F 409 3.21 -76.08 41.39
CA ALA F 409 2.65 -75.56 40.15
C ALA F 409 1.85 -74.29 40.39
N GLN F 410 1.86 -73.41 39.38
CA GLN F 410 1.05 -72.20 39.44
C GLN F 410 -0.40 -72.50 39.78
N ARG F 411 -0.98 -73.51 39.16
CA ARG F 411 -2.39 -73.80 39.28
C ARG F 411 -2.74 -74.74 40.43
N VAL F 412 -1.74 -75.29 41.13
CA VAL F 412 -1.98 -76.20 42.23
C VAL F 412 -1.91 -75.44 43.55
N SER F 413 -0.78 -74.79 43.81
CA SER F 413 -0.60 -74.03 45.04
C SER F 413 0.11 -72.70 44.81
N GLY F 414 0.43 -72.35 43.56
CA GLY F 414 1.22 -71.17 43.27
C GLY F 414 0.40 -69.92 43.12
N PHE F 415 1.00 -68.95 42.41
CA PHE F 415 0.42 -67.61 42.34
C PHE F 415 -0.96 -67.62 41.69
N SER F 416 -1.14 -68.44 40.66
CA SER F 416 -2.43 -68.44 39.95
C SER F 416 -3.56 -68.96 40.85
N ALA F 417 -3.31 -70.02 41.61
CA ALA F 417 -4.32 -70.54 42.52
C ALA F 417 -4.58 -69.55 43.66
N ARG F 418 -3.51 -68.95 44.21
CA ARG F 418 -3.67 -67.97 45.27
C ARG F 418 -4.47 -66.77 44.79
N SER F 419 -4.20 -66.31 43.56
CA SER F 419 -4.88 -65.14 43.05
C SER F 419 -6.36 -65.39 42.86
N TRP F 420 -6.74 -66.59 42.42
CA TRP F 420 -8.17 -66.88 42.25
C TRP F 420 -8.90 -66.76 43.58
N LEU F 421 -8.32 -67.29 44.65
CA LEU F 421 -9.02 -67.33 45.94
C LEU F 421 -9.19 -65.94 46.55
N VAL F 422 -8.18 -65.09 46.43
CA VAL F 422 -8.19 -63.79 47.09
C VAL F 422 -8.66 -62.68 46.15
N ASP F 423 -8.27 -62.75 44.87
CA ASP F 423 -8.55 -61.65 43.94
C ASP F 423 -9.83 -61.85 43.14
N PHE F 424 -10.15 -63.09 42.76
CA PHE F 424 -11.22 -63.32 41.80
C PHE F 424 -12.47 -63.93 42.40
N ALA F 425 -12.35 -64.77 43.42
CA ALA F 425 -13.53 -65.23 44.14
C ALA F 425 -14.10 -64.09 44.97
N THR F 426 -15.42 -63.95 44.94
CA THR F 426 -16.11 -62.90 45.69
C THR F 426 -17.19 -63.55 46.54
N PRO F 427 -17.16 -63.38 47.88
CA PRO F 427 -16.12 -62.65 48.63
C PRO F 427 -14.80 -63.40 48.62
N PRO F 428 -13.70 -62.71 48.91
CA PRO F 428 -12.39 -63.38 48.87
C PRO F 428 -12.27 -64.46 49.92
N GLU F 429 -11.43 -65.46 49.63
CA GLU F 429 -11.23 -66.61 50.50
C GLU F 429 -9.75 -66.72 50.86
N PRO F 430 -9.26 -65.83 51.72
CA PRO F 430 -7.88 -65.96 52.19
C PRO F 430 -7.73 -67.15 53.12
N MET F 431 -6.56 -67.76 53.09
CA MET F 431 -6.28 -68.95 53.87
C MET F 431 -4.76 -69.07 54.01
N PRO F 432 -4.28 -69.96 54.87
CA PRO F 432 -2.83 -70.21 54.91
C PRO F 432 -2.35 -70.79 53.58
N MET F 433 -1.09 -70.48 53.26
CA MET F 433 -0.50 -70.95 52.01
C MET F 433 -0.52 -72.48 51.91
N THR F 434 -0.40 -73.17 53.04
CA THR F 434 -0.38 -74.63 53.04
C THR F 434 -1.72 -75.25 52.70
N GLN F 435 -2.80 -74.47 52.69
CA GLN F 435 -4.13 -75.00 52.43
C GLN F 435 -4.57 -74.85 50.98
N VAL F 436 -3.79 -74.14 50.16
CA VAL F 436 -4.23 -73.81 48.80
C VAL F 436 -4.39 -75.07 47.96
N ALA F 437 -3.39 -75.96 48.00
CA ALA F 437 -3.44 -77.16 47.15
C ALA F 437 -4.65 -78.02 47.48
N ALA F 438 -4.94 -78.21 48.77
CA ALA F 438 -6.13 -78.97 49.14
C ALA F 438 -7.41 -78.27 48.70
N ARG F 439 -7.40 -76.92 48.74
CA ARG F 439 -8.57 -76.17 48.29
C ARG F 439 -8.84 -76.39 46.80
N MET F 440 -7.78 -76.48 45.99
CA MET F 440 -7.97 -76.76 44.57
C MET F 440 -8.45 -78.18 44.33
N MET F 441 -8.01 -79.12 45.17
CA MET F 441 -8.47 -80.51 45.04
C MET F 441 -9.96 -80.65 45.38
N LYS F 442 -10.46 -79.85 46.31
CA LYS F 442 -11.87 -79.91 46.72
C LYS F 442 -12.76 -78.95 45.93
N PHE F 443 -12.19 -78.22 44.99
CA PHE F 443 -12.94 -77.27 44.16
C PHE F 443 -14.17 -77.93 43.56
N ASP F 444 -15.32 -77.26 43.73
CA ASP F 444 -16.61 -77.75 43.24
C ASP F 444 -17.01 -76.93 42.01
N PHE F 445 -17.16 -77.60 40.88
CA PHE F 445 -17.37 -76.91 39.61
C PHE F 445 -18.82 -76.50 39.38
N ASP F 446 -19.73 -76.84 40.30
CA ASP F 446 -21.09 -76.29 40.28
C ASP F 446 -21.22 -75.05 41.16
N ILE F 447 -20.34 -74.89 42.14
CA ILE F 447 -20.49 -73.90 43.20
C ILE F 447 -19.40 -72.83 43.12
N ASP F 448 -18.14 -73.25 43.06
CA ASP F 448 -17.05 -72.30 43.07
C ASP F 448 -17.00 -71.40 41.84
N PRO F 449 -17.23 -71.89 40.60
CA PRO F 449 -17.20 -70.98 39.44
C PRO F 449 -18.21 -69.85 39.50
N LEU F 450 -19.31 -70.00 40.25
CA LEU F 450 -20.26 -68.91 40.40
C LEU F 450 -19.64 -67.69 41.07
N LYS F 451 -18.54 -67.87 41.80
CA LYS F 451 -17.97 -66.80 42.62
C LYS F 451 -17.22 -65.76 41.80
N ILE F 452 -16.94 -65.99 40.52
CA ILE F 452 -16.37 -64.96 39.67
C ILE F 452 -17.44 -64.10 39.02
N TRP F 453 -18.72 -64.44 39.17
CA TRP F 453 -19.82 -63.62 38.68
C TRP F 453 -20.59 -62.94 39.80
N ALA F 454 -20.24 -63.20 41.06
CA ALA F 454 -20.99 -62.71 42.19
C ALA F 454 -20.44 -61.40 42.71
N THR F 455 -21.32 -60.62 43.34
CA THR F 455 -20.95 -59.48 44.17
C THR F 455 -21.27 -59.81 45.61
N SER F 456 -20.56 -59.17 46.53
CA SER F 456 -20.77 -59.44 47.96
C SER F 456 -20.43 -58.20 48.76
N GLY F 457 -21.42 -57.62 49.43
CA GLY F 457 -21.22 -56.47 50.29
C GLY F 457 -20.47 -55.33 49.63
N GLN F 458 -19.29 -55.01 50.14
CA GLN F 458 -18.51 -53.90 49.60
C GLN F 458 -17.82 -54.24 48.29
N PHE F 459 -17.81 -55.51 47.88
CA PHE F 459 -17.28 -55.91 46.58
C PHE F 459 -18.43 -55.77 45.58
N THR F 460 -18.57 -54.54 45.05
CA THR F 460 -19.75 -54.17 44.27
C THR F 460 -19.71 -54.64 42.83
N GLN F 461 -18.57 -55.10 42.34
CA GLN F 461 -18.46 -55.65 41.00
C GLN F 461 -17.86 -57.05 41.08
N SER F 462 -18.34 -57.94 40.21
CA SER F 462 -17.75 -59.27 40.10
C SER F 462 -16.37 -59.18 39.45
N SER F 463 -15.54 -60.20 39.68
CA SER F 463 -14.22 -60.20 39.07
C SER F 463 -14.30 -60.24 37.56
N MET F 464 -15.30 -60.92 37.00
CA MET F 464 -15.48 -60.85 35.55
C MET F 464 -15.86 -59.43 35.12
N ASP F 465 -16.54 -58.68 35.99
CA ASP F 465 -16.90 -57.30 35.65
C ASP F 465 -15.68 -56.41 35.57
N TRP F 466 -14.83 -56.39 36.61
CA TRP F 466 -13.71 -55.45 36.58
C TRP F 466 -12.48 -56.01 35.86
N HIS F 467 -12.27 -57.31 35.88
CA HIS F 467 -11.09 -57.91 35.26
C HIS F 467 -11.35 -58.48 33.87
N GLY F 468 -12.56 -58.95 33.61
CA GLY F 468 -12.84 -59.56 32.32
C GLY F 468 -12.80 -58.54 31.20
N ALA F 469 -12.38 -59.01 30.01
CA ALA F 469 -12.30 -58.18 28.82
C ALA F 469 -12.80 -59.02 27.63
N THR F 470 -14.09 -59.34 27.65
CA THR F 470 -14.68 -60.27 26.69
C THR F 470 -15.55 -59.58 25.64
N SER F 471 -15.62 -58.25 25.64
CA SER F 471 -16.50 -57.56 24.70
C SER F 471 -15.92 -57.59 23.29
N THR F 472 -16.80 -57.84 22.31
CA THR F 472 -16.47 -57.73 20.90
C THR F 472 -16.93 -56.41 20.29
N ASP F 473 -17.40 -55.47 21.12
CA ASP F 473 -17.85 -54.16 20.65
C ASP F 473 -16.64 -53.23 20.57
N LEU F 474 -15.93 -53.34 19.45
CA LEU F 474 -14.75 -52.52 19.19
C LEU F 474 -15.01 -51.46 18.13
N ALA F 475 -16.27 -51.10 17.89
CA ALA F 475 -16.61 -50.18 16.80
C ALA F 475 -16.00 -48.81 17.02
N ALA F 476 -16.09 -48.29 18.25
CA ALA F 476 -15.53 -46.96 18.51
C ALA F 476 -14.02 -46.95 18.34
N PHE F 477 -13.37 -48.04 18.76
CA PHE F 477 -11.93 -48.18 18.58
C PHE F 477 -11.56 -48.26 17.10
N ARG F 478 -12.25 -49.12 16.35
CA ARG F 478 -11.97 -49.27 14.93
C ARG F 478 -12.22 -47.98 14.17
N ASP F 479 -13.34 -47.31 14.47
CA ASP F 479 -13.78 -46.19 13.65
C ASP F 479 -12.98 -44.91 13.89
N ARG F 480 -12.20 -44.84 14.96
CA ARG F 480 -11.27 -43.74 15.13
C ARG F 480 -9.87 -44.09 14.64
N GLY F 481 -9.72 -45.21 13.93
CA GLY F 481 -8.44 -45.61 13.37
C GLY F 481 -7.63 -46.57 14.22
N GLY F 482 -8.20 -47.12 15.28
CA GLY F 482 -7.45 -48.03 16.13
C GLY F 482 -7.13 -49.34 15.43
N LYS F 483 -5.96 -49.88 15.77
CA LYS F 483 -5.51 -51.17 15.24
C LYS F 483 -5.03 -52.04 16.39
N MET F 484 -5.33 -53.33 16.33
CA MET F 484 -4.95 -54.25 17.39
C MET F 484 -4.28 -55.49 16.80
N ILE F 485 -3.11 -55.82 17.31
CA ILE F 485 -2.41 -57.05 16.94
C ILE F 485 -2.44 -57.98 18.15
N LEU F 486 -3.01 -59.16 17.97
CA LEU F 486 -3.02 -60.18 19.00
C LEU F 486 -2.01 -61.27 18.63
N TYR F 487 -1.37 -61.83 19.65
CA TYR F 487 -0.53 -63.01 19.41
C TYR F 487 -0.61 -63.93 20.62
N HIS F 488 -0.31 -65.20 20.39
CA HIS F 488 -0.49 -66.22 21.42
C HIS F 488 0.29 -67.47 21.03
N GLY F 489 1.07 -68.00 21.98
CA GLY F 489 1.81 -69.23 21.74
C GLY F 489 0.91 -70.45 21.89
N MET F 490 1.05 -71.39 20.95
CA MET F 490 0.17 -72.56 20.94
C MET F 490 0.38 -73.43 22.17
N SER F 491 1.61 -73.50 22.69
CA SER F 491 1.91 -74.28 23.89
C SER F 491 1.84 -73.45 25.15
N ASP F 492 0.98 -72.44 25.19
CA ASP F 492 0.73 -71.65 26.38
C ASP F 492 -0.14 -72.46 27.33
N ALA F 493 0.33 -72.67 28.56
CA ALA F 493 -0.45 -73.33 29.60
C ALA F 493 -1.05 -72.37 30.60
N ALA F 494 -0.76 -71.07 30.51
CA ALA F 494 -1.47 -70.12 31.34
C ALA F 494 -2.84 -69.81 30.75
N PHE F 495 -2.88 -69.40 29.49
CA PHE F 495 -4.12 -69.12 28.79
C PHE F 495 -4.12 -69.88 27.47
N SER F 496 -5.29 -70.40 27.10
CA SER F 496 -5.38 -71.27 25.95
C SER F 496 -5.41 -70.47 24.66
N ALA F 497 -4.49 -70.77 23.75
CA ALA F 497 -4.47 -70.10 22.45
C ALA F 497 -5.77 -70.30 21.69
N LEU F 498 -6.42 -71.46 21.86
CA LEU F 498 -7.70 -71.70 21.23
C LEU F 498 -8.80 -70.81 21.80
N ASP F 499 -8.64 -70.32 23.03
CA ASP F 499 -9.63 -69.38 23.58
C ASP F 499 -9.43 -67.98 23.00
N THR F 500 -8.19 -67.56 22.76
CA THR F 500 -7.98 -66.32 22.04
C THR F 500 -8.54 -66.41 20.63
N ALA F 501 -8.32 -67.55 19.97
CA ALA F 501 -8.87 -67.74 18.62
C ALA F 501 -10.40 -67.68 18.64
N ASP F 502 -11.02 -68.18 19.71
CA ASP F 502 -12.47 -68.14 19.78
C ASP F 502 -12.98 -66.71 19.93
N TYR F 503 -12.32 -65.91 20.78
CA TYR F 503 -12.66 -64.50 20.87
C TYR F 503 -12.55 -63.83 19.50
N TYR F 504 -11.47 -64.14 18.77
CA TYR F 504 -11.26 -63.49 17.47
C TYR F 504 -12.33 -63.92 16.47
N GLU F 505 -12.74 -65.19 16.50
CA GLU F 505 -13.85 -65.62 15.66
C GLU F 505 -15.13 -64.87 16.01
N ARG F 506 -15.40 -64.71 17.31
CA ARG F 506 -16.58 -63.95 17.72
C ARG F 506 -16.47 -62.50 17.27
N LEU F 507 -15.26 -61.92 17.33
CA LEU F 507 -15.08 -60.55 16.88
C LEU F 507 -15.36 -60.41 15.39
N GLY F 508 -14.82 -61.33 14.59
CA GLY F 508 -15.05 -61.27 13.15
C GLY F 508 -16.50 -61.48 12.78
N ALA F 509 -17.26 -62.14 13.65
CA ALA F 509 -18.69 -62.29 13.41
C ALA F 509 -19.45 -61.04 13.81
N ALA F 510 -19.08 -60.42 14.94
CA ALA F 510 -19.76 -59.22 15.41
C ALA F 510 -19.40 -58.01 14.56
N MET F 511 -18.19 -58.00 13.98
CA MET F 511 -17.69 -56.87 13.20
C MET F 511 -17.13 -57.40 11.89
N PRO F 512 -18.00 -57.60 10.88
CA PRO F 512 -17.51 -58.08 9.59
C PRO F 512 -16.43 -57.18 9.02
N GLY F 513 -15.42 -57.81 8.41
CA GLY F 513 -14.25 -57.07 7.97
C GLY F 513 -13.26 -56.76 9.07
N ALA F 514 -13.29 -57.49 10.18
CA ALA F 514 -12.47 -57.15 11.33
C ALA F 514 -10.98 -57.22 11.04
N ALA F 515 -10.56 -58.01 10.04
CA ALA F 515 -9.15 -58.09 9.69
C ALA F 515 -8.58 -56.77 9.20
N GLY F 516 -9.43 -55.81 8.85
CA GLY F 516 -8.99 -54.47 8.53
C GLY F 516 -8.46 -53.67 9.71
N PHE F 517 -8.71 -54.13 10.95
CA PHE F 517 -8.19 -53.41 12.11
C PHE F 517 -7.69 -54.31 13.24
N ALA F 518 -7.97 -55.60 13.23
CA ALA F 518 -7.47 -56.51 14.27
C ALA F 518 -7.09 -57.84 13.64
N ARG F 519 -5.90 -58.33 13.96
CA ARG F 519 -5.42 -59.60 13.45
C ARG F 519 -4.73 -60.38 14.55
N LEU F 520 -4.81 -61.70 14.45
CA LEU F 520 -4.29 -62.62 15.46
C LEU F 520 -3.19 -63.48 14.85
N PHE F 521 -2.05 -63.56 15.54
CA PHE F 521 -0.90 -64.33 15.08
C PHE F 521 -0.58 -65.42 16.11
N LEU F 522 -0.93 -66.66 15.77
CA LEU F 522 -0.61 -67.79 16.64
C LEU F 522 0.80 -68.27 16.36
N VAL F 523 1.49 -68.69 17.41
CA VAL F 523 2.90 -69.06 17.34
C VAL F 523 3.05 -70.53 17.74
N PRO F 524 3.23 -71.43 16.78
CA PRO F 524 3.40 -72.84 17.11
C PRO F 524 4.64 -73.05 17.97
N GLY F 525 4.51 -73.94 18.97
CA GLY F 525 5.61 -74.30 19.83
C GLY F 525 5.90 -73.35 20.96
N MET F 526 5.44 -72.10 20.88
CA MET F 526 5.78 -71.11 21.89
C MET F 526 5.00 -71.32 23.17
N ASN F 527 5.67 -71.12 24.30
CA ASN F 527 5.01 -71.21 25.61
C ASN F 527 4.35 -69.90 25.96
N HIS F 528 4.22 -69.59 27.25
CA HIS F 528 3.50 -68.39 27.69
C HIS F 528 4.39 -67.16 27.49
N CYS F 529 4.01 -66.32 26.52
CA CYS F 529 4.66 -65.05 26.20
C CYS F 529 6.02 -65.22 25.54
N SER F 530 6.76 -66.28 25.88
CA SER F 530 8.07 -66.52 25.28
C SER F 530 8.47 -67.98 25.55
N GLY F 531 9.58 -68.38 24.94
CA GLY F 531 10.16 -69.68 25.19
C GLY F 531 9.51 -70.79 24.38
N GLY F 532 10.14 -71.95 24.41
CA GLY F 532 9.62 -73.13 23.75
C GLY F 532 10.20 -73.36 22.37
N PRO F 533 9.90 -74.52 21.78
CA PRO F 533 10.37 -74.86 20.43
C PRO F 533 9.57 -74.15 19.35
N GLY F 534 9.79 -72.85 19.21
CA GLY F 534 9.11 -72.05 18.19
C GLY F 534 9.84 -70.75 17.98
N THR F 535 9.36 -70.01 16.97
CA THR F 535 9.91 -68.68 16.66
C THR F 535 9.22 -67.67 17.58
N ASP F 536 9.79 -67.51 18.78
CA ASP F 536 9.16 -66.73 19.85
C ASP F 536 9.68 -65.30 19.94
N ARG F 537 10.53 -64.87 19.03
CA ARG F 537 11.07 -63.52 19.07
C ARG F 537 10.65 -62.74 17.83
N PHE F 538 10.24 -61.50 18.05
CA PHE F 538 9.64 -60.69 16.99
C PHE F 538 9.48 -59.26 17.48
N ASP F 539 9.38 -58.34 16.52
CA ASP F 539 9.23 -56.91 16.77
C ASP F 539 7.80 -56.54 16.43
N MET F 540 6.95 -56.44 17.45
CA MET F 540 5.55 -56.11 17.23
C MET F 540 5.30 -54.61 17.09
N LEU F 541 6.22 -53.77 17.57
CA LEU F 541 5.98 -52.33 17.55
C LEU F 541 6.06 -51.77 16.14
N THR F 542 7.01 -52.25 15.33
CA THR F 542 7.14 -51.71 13.97
C THR F 542 5.91 -51.98 13.11
N PRO F 543 5.38 -53.21 13.00
CA PRO F 543 4.16 -53.39 12.21
C PRO F 543 2.95 -52.69 12.80
N LEU F 544 2.91 -52.51 14.13
CA LEU F 544 1.80 -51.81 14.75
C LEU F 544 1.77 -50.35 14.31
N VAL F 545 2.92 -49.68 14.35
CA VAL F 545 3.00 -48.29 13.93
C VAL F 545 2.66 -48.14 12.45
N ALA F 546 3.13 -49.06 11.61
CA ALA F 546 2.84 -49.00 10.19
C ALA F 546 1.35 -49.16 9.92
N TRP F 547 0.68 -50.04 10.67
CA TRP F 547 -0.75 -50.21 10.50
C TRP F 547 -1.51 -48.96 10.91
N VAL F 548 -1.19 -48.41 12.09
CA VAL F 548 -1.91 -47.25 12.60
C VAL F 548 -1.66 -46.03 11.72
N GLU F 549 -0.41 -45.79 11.35
CA GLU F 549 -0.02 -44.53 10.74
C GLU F 549 0.01 -44.54 9.22
N ARG F 550 0.25 -45.69 8.60
CA ARG F 550 0.26 -45.77 7.14
C ARG F 550 -0.81 -46.71 6.60
N GLY F 551 -1.62 -47.34 7.45
CA GLY F 551 -2.64 -48.26 6.99
C GLY F 551 -2.12 -49.57 6.44
N GLU F 552 -0.83 -49.87 6.65
CA GLU F 552 -0.25 -51.12 6.16
C GLU F 552 -0.60 -52.23 7.13
N ALA F 553 -1.61 -53.03 6.80
CA ALA F 553 -1.96 -54.16 7.62
C ALA F 553 -0.88 -55.24 7.52
N PRO F 554 -0.56 -55.93 8.63
CA PRO F 554 0.47 -56.97 8.59
C PRO F 554 -0.06 -58.26 7.97
N ASP F 555 0.41 -58.56 6.75
CA ASP F 555 0.07 -59.83 6.12
C ASP F 555 0.95 -60.96 6.61
N GLN F 556 2.10 -60.63 7.20
CA GLN F 556 2.88 -61.57 7.97
C GLN F 556 3.80 -60.77 8.88
N ILE F 557 4.30 -61.41 9.92
CA ILE F 557 5.22 -60.79 10.88
C ILE F 557 6.40 -61.72 11.05
N SER F 558 7.59 -61.22 10.72
CA SER F 558 8.79 -62.05 10.84
C SER F 558 9.06 -62.42 12.29
N ALA F 559 9.52 -63.65 12.50
CA ALA F 559 9.83 -64.12 13.83
C ALA F 559 11.03 -65.04 13.75
N TRP F 560 11.72 -65.19 14.88
CA TRP F 560 12.85 -66.10 14.96
C TRP F 560 12.88 -66.75 16.33
N SER F 561 13.55 -67.89 16.41
CA SER F 561 13.57 -68.70 17.62
C SER F 561 14.66 -68.22 18.56
N GLY F 562 14.29 -67.97 19.81
CA GLY F 562 15.27 -67.63 20.83
C GLY F 562 16.06 -68.83 21.33
N THR F 563 15.57 -70.03 21.07
CA THR F 563 16.26 -71.27 21.44
C THR F 563 16.25 -72.22 20.25
N PRO F 564 17.01 -71.90 19.21
CA PRO F 564 17.03 -72.77 18.02
C PRO F 564 17.65 -74.14 18.28
N GLY F 565 18.29 -74.34 19.42
CA GLY F 565 18.78 -75.66 19.78
C GLY F 565 17.67 -76.69 19.94
N TYR F 566 16.42 -76.24 20.09
CA TYR F 566 15.30 -77.18 20.12
C TYR F 566 15.18 -77.95 18.82
N PHE F 567 15.62 -77.35 17.71
CA PHE F 567 15.62 -78.00 16.40
C PHE F 567 17.02 -78.44 15.98
N GLY F 568 18.01 -78.28 16.85
CA GLY F 568 19.38 -78.64 16.50
C GLY F 568 20.01 -77.75 15.46
N VAL F 569 19.55 -76.51 15.32
CA VAL F 569 20.08 -75.59 14.32
C VAL F 569 20.56 -74.32 15.03
N ALA F 570 21.37 -73.54 14.31
CA ALA F 570 21.92 -72.32 14.87
C ALA F 570 20.91 -71.17 14.86
N ALA F 571 19.94 -71.20 13.95
CA ALA F 571 18.95 -70.14 13.85
C ALA F 571 17.77 -70.65 13.02
N ARG F 572 16.58 -70.15 13.34
CA ARG F 572 15.38 -70.45 12.56
C ARG F 572 14.51 -69.20 12.48
N THR F 573 14.17 -68.79 11.26
CA THR F 573 13.28 -67.65 11.03
C THR F 573 12.08 -68.12 10.24
N ARG F 574 10.90 -67.65 10.64
CA ARG F 574 9.64 -68.05 10.04
C ARG F 574 8.69 -66.86 10.07
N PRO F 575 7.75 -66.80 9.14
CA PRO F 575 6.70 -65.77 9.25
C PRO F 575 5.61 -66.22 10.20
N LEU F 576 5.14 -65.28 11.01
CA LEU F 576 3.89 -65.43 11.71
C LEU F 576 2.76 -65.01 10.77
N CYS F 577 1.66 -65.75 10.80
CA CYS F 577 0.62 -65.55 9.81
C CYS F 577 -0.68 -65.14 10.46
N PRO F 578 -1.44 -64.24 9.83
CA PRO F 578 -2.71 -63.78 10.43
C PRO F 578 -3.75 -64.89 10.39
N TYR F 579 -4.43 -65.08 11.51
CA TYR F 579 -5.45 -66.11 11.65
C TYR F 579 -6.50 -65.96 10.55
N PRO F 580 -6.93 -67.06 9.90
CA PRO F 580 -6.57 -68.45 10.22
C PRO F 580 -5.45 -69.03 9.36
N GLN F 581 -4.58 -68.19 8.80
CA GLN F 581 -3.53 -68.70 7.93
C GLN F 581 -2.40 -69.34 8.75
N ILE F 582 -1.60 -70.17 8.07
CA ILE F 582 -0.46 -70.84 8.68
C ILE F 582 0.73 -70.75 7.72
N ALA F 583 1.93 -70.92 8.28
CA ALA F 583 3.14 -70.87 7.48
C ALA F 583 3.27 -72.13 6.62
N ARG F 584 3.60 -71.95 5.35
CA ARG F 584 3.63 -73.03 4.38
C ARG F 584 4.98 -73.06 3.69
N TYR F 585 5.67 -74.19 3.77
CA TYR F 585 6.95 -74.36 3.10
C TYR F 585 6.76 -74.29 1.59
N LYS F 586 7.64 -73.55 0.92
CA LYS F 586 7.51 -73.34 -0.52
C LYS F 586 7.97 -74.54 -1.33
N GLY F 587 8.63 -75.52 -0.71
CA GLY F 587 9.04 -76.74 -1.38
C GLY F 587 10.52 -76.89 -1.59
N SER F 588 11.31 -75.82 -1.42
CA SER F 588 12.74 -75.89 -1.65
C SER F 588 13.43 -74.82 -0.83
N GLY F 589 14.73 -75.00 -0.63
CA GLY F 589 15.54 -74.07 0.15
C GLY F 589 15.66 -74.47 1.60
N ASP F 590 16.52 -73.74 2.30
CA ASP F 590 16.74 -73.97 3.73
C ASP F 590 15.43 -73.85 4.49
N ILE F 591 15.12 -74.89 5.27
CA ILE F 591 13.90 -74.90 6.07
C ILE F 591 13.98 -73.97 7.27
N ASN F 592 15.16 -73.41 7.55
CA ASN F 592 15.35 -72.49 8.66
C ASN F 592 15.34 -71.04 8.22
N THR F 593 14.95 -70.76 6.99
CA THR F 593 15.01 -69.44 6.39
C THR F 593 13.61 -68.98 6.02
N GLU F 594 13.24 -67.78 6.50
CA GLU F 594 11.87 -67.30 6.36
C GLU F 594 11.45 -67.16 4.89
N ALA F 595 12.40 -66.84 4.00
CA ALA F 595 12.06 -66.57 2.61
C ALA F 595 11.53 -67.79 1.89
N ASN F 596 11.73 -68.99 2.42
CA ASN F 596 11.21 -70.21 1.82
C ASN F 596 9.86 -70.61 2.40
N PHE F 597 9.18 -69.67 3.06
CA PHE F 597 7.87 -69.90 3.64
C PHE F 597 6.94 -68.76 3.26
N ALA F 598 5.66 -69.09 3.13
CA ALA F 598 4.63 -68.10 2.85
C ALA F 598 3.39 -68.43 3.66
N CYS F 599 2.61 -67.40 3.95
CA CYS F 599 1.36 -67.59 4.68
C CYS F 599 0.26 -68.02 3.73
N ALA F 600 -0.53 -69.00 4.14
CA ALA F 600 -1.57 -69.55 3.28
C ALA F 600 -2.63 -70.23 4.13
N ALA F 601 -3.77 -70.51 3.51
CA ALA F 601 -4.79 -71.31 4.16
C ALA F 601 -4.26 -72.72 4.41
N PRO F 602 -4.70 -73.36 5.47
CA PRO F 602 -4.27 -74.75 5.73
C PRO F 602 -4.81 -75.69 4.68
N PRO F 603 -4.16 -76.84 4.47
CA PRO F 603 -4.69 -77.85 3.54
C PRO F 603 -6.02 -78.44 4.00
N PRO G 41 12.03 59.51 -11.86
CA PRO G 41 10.71 59.92 -11.36
C PRO G 41 10.80 60.60 -10.00
N PRO G 42 10.54 61.91 -9.95
CA PRO G 42 10.68 62.64 -8.69
C PRO G 42 9.63 62.20 -7.68
N VAL G 43 10.03 62.16 -6.42
CA VAL G 43 9.22 61.55 -5.36
C VAL G 43 9.26 62.42 -4.10
N PRO G 44 8.15 62.53 -3.37
CA PRO G 44 8.19 63.27 -2.11
C PRO G 44 8.95 62.50 -1.04
N LEU G 45 9.60 63.26 -0.15
CA LEU G 45 10.37 62.66 0.93
C LEU G 45 9.47 61.94 1.91
N ALA G 46 10.00 60.87 2.50
CA ALA G 46 9.35 60.13 3.58
C ALA G 46 7.90 59.78 3.23
N SER G 47 7.71 59.30 2.01
CA SER G 47 6.39 58.97 1.50
C SER G 47 6.34 57.52 1.05
N ARG G 48 5.11 57.06 0.78
CA ARG G 48 4.92 55.72 0.27
C ARG G 48 5.68 55.51 -1.04
N ALA G 49 5.67 56.51 -1.92
CA ALA G 49 6.34 56.34 -3.20
C ALA G 49 7.87 56.42 -3.07
N ALA G 50 8.38 57.21 -2.11
CA ALA G 50 9.82 57.20 -1.86
C ALA G 50 10.25 55.88 -1.25
N CYS G 51 9.40 55.29 -0.41
CA CYS G 51 9.66 53.95 0.12
C CYS G 51 9.75 52.94 -1.00
N GLU G 52 8.73 52.89 -1.86
CA GLU G 52 8.72 51.94 -2.95
C GLU G 52 9.80 52.22 -3.99
N ALA G 53 10.32 53.45 -4.03
CA ALA G 53 11.38 53.78 -4.97
C ALA G 53 12.74 53.24 -4.55
N LEU G 54 12.91 52.90 -3.27
CA LEU G 54 14.17 52.33 -2.79
C LEU G 54 14.43 50.94 -3.36
N LYS G 55 13.40 50.28 -3.87
CA LYS G 55 13.54 48.93 -4.39
C LYS G 55 14.35 48.94 -5.68
N ASP G 56 14.96 47.78 -5.98
CA ASP G 56 15.81 47.66 -7.15
C ASP G 56 15.00 47.79 -8.44
N GLY G 57 15.57 48.52 -9.40
CA GLY G 57 14.87 48.86 -10.63
C GLY G 57 13.92 50.02 -10.51
N ASN G 58 13.45 50.34 -9.31
CA ASN G 58 12.45 51.39 -9.07
C ASN G 58 13.05 52.79 -8.99
N GLY G 59 14.37 52.92 -8.91
CA GLY G 59 14.92 54.25 -8.72
C GLY G 59 16.42 54.32 -8.84
N ASP G 60 16.97 55.38 -8.27
CA ASP G 60 18.36 55.77 -8.45
C ASP G 60 19.19 55.64 -7.18
N MET G 61 18.65 55.00 -6.15
CA MET G 61 19.34 54.93 -4.87
C MET G 61 20.70 54.28 -5.02
N VAL G 62 21.72 54.92 -4.47
CA VAL G 62 23.08 54.40 -4.46
C VAL G 62 23.40 53.94 -3.04
N TRP G 63 23.79 52.68 -2.91
CA TRP G 63 24.13 52.15 -1.61
C TRP G 63 25.64 52.18 -1.40
N PRO G 64 26.10 52.39 -0.16
CA PRO G 64 27.55 52.40 0.09
C PRO G 64 28.25 51.13 -0.35
N ASN G 65 27.55 50.00 -0.32
CA ASN G 65 28.06 48.74 -0.85
C ASN G 65 27.38 48.48 -2.18
N ALA G 66 28.19 48.31 -3.24
CA ALA G 66 27.65 48.11 -4.57
C ALA G 66 26.86 46.81 -4.69
N ALA G 67 27.07 45.88 -3.77
CA ALA G 67 26.38 44.58 -3.78
C ALA G 67 25.17 44.57 -2.86
N THR G 68 24.42 45.66 -2.79
CA THR G 68 23.21 45.74 -1.97
C THR G 68 22.00 45.52 -2.85
N VAL G 69 21.14 44.59 -2.46
CA VAL G 69 19.96 44.21 -3.23
C VAL G 69 18.75 44.35 -2.32
N VAL G 70 17.84 45.27 -2.65
CA VAL G 70 16.62 45.47 -1.90
C VAL G 70 15.55 44.54 -2.46
N GLU G 71 15.03 43.65 -1.61
CA GLU G 71 14.00 42.71 -2.02
C GLU G 71 12.60 43.13 -1.60
N VAL G 72 12.48 43.95 -0.57
CA VAL G 72 11.19 44.41 -0.07
C VAL G 72 11.29 45.89 0.23
N ALA G 73 10.26 46.64 -0.17
CA ALA G 73 10.15 48.07 0.16
C ALA G 73 8.66 48.39 0.15
N ALA G 74 8.01 48.18 1.29
CA ALA G 74 6.57 48.29 1.40
C ALA G 74 6.18 49.28 2.48
N TRP G 75 5.09 49.99 2.25
CA TRP G 75 4.54 50.92 3.23
C TRP G 75 3.68 50.16 4.22
N ARG G 76 3.87 50.43 5.50
CA ARG G 76 3.12 49.78 6.57
C ARG G 76 2.25 50.82 7.27
N ASP G 77 0.95 50.55 7.32
CA ASP G 77 0.04 51.43 8.03
C ASP G 77 0.34 51.39 9.53
N ALA G 78 -0.15 52.41 10.22
CA ALA G 78 0.02 52.47 11.67
C ALA G 78 -0.65 51.27 12.32
N ALA G 79 0.03 50.69 13.30
CA ALA G 79 -0.50 49.55 14.02
C ALA G 79 -0.89 49.95 15.43
N PRO G 80 -2.09 49.64 15.87
CA PRO G 80 -2.48 49.98 17.24
C PRO G 80 -1.68 49.20 18.27
N ALA G 81 -1.66 49.73 19.49
CA ALA G 81 -1.02 49.02 20.59
C ALA G 81 -1.75 47.72 20.87
N THR G 82 -1.00 46.74 21.37
CA THR G 82 -1.55 45.46 21.79
C THR G 82 -1.20 45.22 23.26
N ALA G 83 -1.66 44.08 23.78
CA ALA G 83 -1.32 43.73 25.16
C ALA G 83 0.17 43.48 25.34
N SER G 84 0.89 43.17 24.26
CA SER G 84 2.30 42.81 24.35
C SER G 84 3.24 43.79 23.67
N ALA G 85 2.75 44.80 22.96
CA ALA G 85 3.63 45.68 22.22
C ALA G 85 3.00 47.06 22.07
N ALA G 86 3.84 48.08 22.05
CA ALA G 86 3.37 49.44 21.87
C ALA G 86 2.96 49.68 20.42
N ALA G 87 2.21 50.75 20.20
CA ALA G 87 1.73 51.09 18.87
C ALA G 87 2.89 51.36 17.93
N LEU G 88 2.73 50.94 16.67
CA LEU G 88 3.77 51.10 15.66
C LEU G 88 3.35 52.16 14.65
N PRO G 89 4.13 53.23 14.49
CA PRO G 89 3.74 54.28 13.54
C PRO G 89 3.75 53.77 12.10
N GLU G 90 2.98 54.47 11.27
CA GLU G 90 3.08 54.31 9.83
C GLU G 90 4.53 54.47 9.38
N HIS G 91 5.02 53.51 8.60
CA HIS G 91 6.45 53.48 8.33
C HIS G 91 6.73 52.75 7.04
N CYS G 92 7.96 52.93 6.56
CA CYS G 92 8.49 52.24 5.38
C CYS G 92 9.34 51.07 5.83
N GLU G 93 8.98 49.86 5.40
CA GLU G 93 9.76 48.67 5.69
C GLU G 93 10.62 48.32 4.50
N VAL G 94 11.93 48.24 4.71
CA VAL G 94 12.89 47.85 3.68
C VAL G 94 13.68 46.65 4.20
N SER G 95 13.73 45.60 3.40
CA SER G 95 14.56 44.44 3.71
C SER G 95 15.30 44.00 2.46
N GLY G 96 16.52 43.52 2.65
CA GLY G 96 17.33 43.09 1.53
C GLY G 96 18.55 42.32 1.99
N ALA G 97 19.54 42.26 1.09
CA ALA G 97 20.76 41.50 1.36
C ALA G 97 21.96 42.28 0.84
N ILE G 98 23.12 42.03 1.46
CA ILE G 98 24.37 42.68 1.09
C ILE G 98 25.41 41.59 0.84
N ALA G 99 26.13 41.71 -0.27
CA ALA G 99 27.28 40.85 -0.59
C ALA G 99 26.87 39.38 -0.67
N LYS G 100 25.89 39.11 -1.53
CA LYS G 100 25.56 37.72 -1.86
C LYS G 100 26.77 37.05 -2.48
N ARG G 101 27.07 35.85 -2.01
CA ARG G 101 28.28 35.15 -2.42
C ARG G 101 28.12 33.67 -2.11
N THR G 102 29.16 32.91 -2.42
CA THR G 102 29.23 31.49 -2.08
C THR G 102 30.48 31.24 -1.26
N GLY G 103 30.30 30.63 -0.08
CA GLY G 103 31.43 30.32 0.76
C GLY G 103 32.26 29.18 0.22
N ILE G 104 33.41 28.96 0.87
CA ILE G 104 34.30 27.90 0.43
C ILE G 104 33.71 26.52 0.71
N ASP G 105 32.68 26.44 1.54
CA ASP G 105 31.94 25.21 1.76
C ASP G 105 30.87 24.97 0.70
N GLY G 106 30.73 25.87 -0.27
CA GLY G 106 29.69 25.75 -1.27
C GLY G 106 28.35 26.30 -0.87
N TYR G 107 28.21 26.85 0.36
CA TYR G 107 26.95 27.39 0.81
C TYR G 107 26.80 28.86 0.41
N PRO G 108 25.58 29.30 0.11
CA PRO G 108 25.35 30.73 -0.10
C PRO G 108 25.47 31.50 1.22
N TYR G 109 26.09 32.68 1.14
CA TYR G 109 26.16 33.60 2.27
C TYR G 109 25.77 34.99 1.80
N GLU G 110 25.16 35.75 2.70
CA GLU G 110 24.79 37.13 2.44
C GLU G 110 24.44 37.79 3.77
N ILE G 111 24.54 39.11 3.80
CA ILE G 111 24.23 39.90 4.99
C ILE G 111 22.82 40.45 4.80
N LYS G 112 21.85 39.86 5.49
CA LYS G 112 20.47 40.34 5.43
C LYS G 112 20.29 41.53 6.35
N PHE G 113 19.33 42.39 6.00
CA PHE G 113 18.98 43.51 6.85
C PHE G 113 17.50 43.82 6.67
N ARG G 114 16.89 44.34 7.73
CA ARG G 114 15.53 44.85 7.68
C ARG G 114 15.50 46.20 8.38
N LEU G 115 14.93 47.20 7.70
CA LEU G 115 14.94 48.58 8.17
C LEU G 115 13.51 49.11 8.19
N ARG G 116 13.18 49.87 9.22
CA ARG G 116 11.85 50.45 9.37
C ARG G 116 12.00 51.94 9.62
N MET G 117 11.46 52.75 8.71
CA MET G 117 11.59 54.20 8.80
C MET G 117 10.22 54.84 8.96
N PRO G 118 9.89 55.38 10.12
CA PRO G 118 8.56 55.98 10.31
C PRO G 118 8.40 57.24 9.48
N ALA G 119 7.15 57.49 9.07
CA ALA G 119 6.84 58.75 8.41
C ALA G 119 7.07 59.93 9.35
N GLU G 120 6.63 59.79 10.59
CA GLU G 120 6.91 60.77 11.64
C GLU G 120 8.16 60.31 12.39
N TRP G 121 9.27 61.01 12.17
CA TRP G 121 10.59 60.58 12.61
C TRP G 121 11.11 61.52 13.69
N ASN G 122 11.78 60.96 14.68
CA ASN G 122 12.40 61.75 15.74
C ASN G 122 13.85 62.14 15.44
N GLY G 123 14.34 61.80 14.25
CA GLY G 123 15.69 62.17 13.86
C GLY G 123 16.78 61.26 14.37
N ARG G 124 16.43 60.09 14.90
CA ARG G 124 17.39 59.20 15.51
C ARG G 124 17.41 57.85 14.79
N PHE G 125 18.60 57.24 14.77
CA PHE G 125 18.83 55.95 14.13
C PHE G 125 19.11 54.90 15.20
N PHE G 126 18.45 53.75 15.09
CA PHE G 126 18.53 52.71 16.12
C PHE G 126 18.85 51.36 15.47
N MET G 127 19.80 50.63 16.05
CA MET G 127 20.10 49.27 15.65
C MET G 127 20.04 48.36 16.87
N GLU G 128 19.37 47.23 16.73
CA GLU G 128 19.31 46.21 17.78
C GLU G 128 20.38 45.15 17.53
N GLY G 129 20.89 44.59 18.64
CA GLY G 129 21.92 43.57 18.56
C GLY G 129 21.34 42.17 18.35
N GLY G 130 22.25 41.21 18.21
CA GLY G 130 21.89 39.84 17.94
C GLY G 130 21.79 38.99 19.19
N SER G 131 21.76 37.68 18.98
CA SER G 131 21.63 36.72 20.06
C SER G 131 22.06 35.35 19.55
N GLY G 132 22.50 34.50 20.49
CA GLY G 132 22.98 33.18 20.11
C GLY G 132 24.16 33.29 19.18
N THR G 133 24.10 32.57 18.05
CA THR G 133 25.05 32.73 16.97
C THR G 133 24.43 33.44 15.77
N ASN G 134 23.41 34.25 16.03
CA ASN G 134 22.71 35.05 15.00
C ASN G 134 22.10 34.10 13.98
N GLY G 135 22.06 34.51 12.70
CA GLY G 135 21.48 33.70 11.66
C GLY G 135 20.00 33.89 11.43
N SER G 136 19.35 34.79 12.18
CA SER G 136 17.94 35.06 12.03
C SER G 136 17.73 36.56 11.87
N LEU G 137 16.69 36.92 11.14
CA LEU G 137 16.34 38.32 10.88
C LEU G 137 15.07 38.64 11.65
N SER G 138 15.18 39.51 12.65
CA SER G 138 14.06 39.83 13.51
C SER G 138 13.07 40.73 12.76
N ALA G 139 11.93 41.01 13.40
CA ALA G 139 10.97 41.94 12.85
C ALA G 139 11.54 43.35 12.69
N ALA G 140 12.66 43.64 13.37
CA ALA G 140 13.40 44.89 13.19
C ALA G 140 12.57 46.11 13.59
N THR G 141 11.80 45.99 14.67
CA THR G 141 11.14 47.15 15.24
C THR G 141 11.98 47.86 16.29
N GLY G 142 13.21 47.39 16.50
CA GLY G 142 14.12 48.02 17.45
C GLY G 142 13.84 47.64 18.88
N SER G 143 14.21 46.41 19.27
CA SER G 143 14.01 45.99 20.64
C SER G 143 15.04 46.66 21.55
N ILE G 144 14.58 47.13 22.71
CA ILE G 144 15.47 47.78 23.66
C ILE G 144 15.85 46.85 24.82
N GLY G 145 15.44 45.59 24.76
CA GLY G 145 15.74 44.66 25.83
C GLY G 145 15.03 45.04 27.13
N GLY G 146 15.48 44.43 28.21
CA GLY G 146 14.91 44.70 29.50
C GLY G 146 13.45 44.33 29.64
N GLY G 147 12.97 43.41 28.81
CA GLY G 147 11.57 42.99 28.87
C GLY G 147 10.58 44.10 28.66
N GLN G 148 10.90 45.07 27.81
CA GLN G 148 10.12 46.29 27.67
C GLN G 148 8.97 46.11 26.68
N ILE G 149 7.89 46.85 26.92
CA ILE G 149 6.73 46.85 26.03
C ILE G 149 7.03 47.68 24.78
N ALA G 150 7.72 48.81 24.94
CA ALA G 150 7.93 49.73 23.85
C ALA G 150 9.11 49.30 23.00
N SER G 151 9.00 49.53 21.69
CA SER G 151 10.09 49.35 20.76
C SER G 151 10.63 50.71 20.34
N ALA G 152 11.83 50.70 19.79
CA ALA G 152 12.41 51.95 19.28
C ALA G 152 11.53 52.55 18.19
N LEU G 153 10.98 51.69 17.33
CA LEU G 153 10.08 52.18 16.28
C LEU G 153 8.84 52.82 16.89
N SER G 154 8.30 52.24 17.96
CA SER G 154 7.17 52.85 18.64
C SER G 154 7.52 54.22 19.21
N ARG G 155 8.80 54.48 19.48
CA ARG G 155 9.27 55.78 19.91
C ARG G 155 9.72 56.65 18.74
N ASN G 156 9.34 56.28 17.52
CA ASN G 156 9.59 57.04 16.28
C ASN G 156 11.07 57.08 15.92
N PHE G 157 11.86 56.11 16.37
CA PHE G 157 13.20 55.88 15.85
C PHE G 157 13.12 55.20 14.48
N ALA G 158 14.17 55.36 13.69
CA ALA G 158 14.42 54.51 12.54
C ALA G 158 15.23 53.30 13.00
N THR G 159 14.72 52.10 12.72
CA THR G 159 15.23 50.88 13.33
C THR G 159 15.74 49.91 12.26
N ILE G 160 16.78 49.16 12.60
CA ILE G 160 17.40 48.23 11.65
C ILE G 160 17.89 47.00 12.41
N ALA G 161 17.94 45.88 11.70
CA ALA G 161 18.47 44.64 12.25
C ALA G 161 19.16 43.85 11.13
N THR G 162 19.98 42.88 11.53
CA THR G 162 20.68 42.01 10.59
C THR G 162 20.69 40.59 11.12
N ASP G 163 21.01 39.65 10.24
CA ASP G 163 21.18 38.26 10.64
C ASP G 163 22.64 37.88 10.87
N GLY G 164 23.57 38.81 10.67
CA GLY G 164 24.96 38.59 10.98
C GLY G 164 25.80 37.99 9.87
N GLY G 165 25.22 37.71 8.71
CA GLY G 165 25.99 37.20 7.59
C GLY G 165 25.72 35.75 7.23
N HIS G 166 24.87 35.06 7.97
CA HIS G 166 24.44 33.72 7.60
C HIS G 166 22.96 33.58 7.92
N ASP G 167 22.35 32.53 7.37
CA ASP G 167 20.93 32.31 7.47
C ASP G 167 20.70 30.92 8.04
N ASN G 168 19.99 30.84 9.18
CA ASN G 168 19.77 29.56 9.84
C ASN G 168 18.98 28.59 8.98
N ALA G 169 18.19 29.09 8.03
CA ALA G 169 17.47 28.20 7.14
C ALA G 169 18.33 27.73 5.97
N VAL G 170 19.27 28.56 5.52
CA VAL G 170 20.15 28.21 4.41
C VAL G 170 21.40 27.50 4.91
N ASN G 171 22.07 28.10 5.90
CA ASN G 171 23.35 27.63 6.38
C ASN G 171 23.19 26.62 7.52
N ASP G 172 22.43 25.58 7.23
CA ASP G 172 22.17 24.47 8.15
C ASP G 172 22.83 23.23 7.55
N ASN G 173 24.01 22.89 8.06
CA ASN G 173 24.82 21.80 7.52
C ASN G 173 24.75 20.60 8.45
N PRO G 174 24.19 19.48 8.03
CA PRO G 174 24.07 18.32 8.93
C PRO G 174 25.41 17.69 9.30
N ASP G 175 26.50 18.04 8.61
CA ASP G 175 27.81 17.53 8.95
C ASP G 175 28.65 18.53 9.71
N ALA G 176 28.14 19.74 9.94
CA ALA G 176 28.86 20.78 10.65
C ALA G 176 28.01 21.35 11.78
N LEU G 177 27.25 20.48 12.44
CA LEU G 177 26.54 20.79 13.70
C LEU G 177 25.43 21.83 13.51
N GLY G 178 24.71 21.72 12.39
CA GLY G 178 23.48 22.49 12.23
C GLY G 178 23.73 23.94 11.90
N THR G 179 23.06 24.83 12.63
CA THR G 179 23.07 26.25 12.31
C THR G 179 24.33 26.98 12.77
N VAL G 180 25.31 26.29 13.35
CA VAL G 180 26.60 26.91 13.63
C VAL G 180 27.51 26.67 12.42
N ALA G 181 26.95 26.14 11.33
CA ALA G 181 27.76 25.70 10.21
C ALA G 181 28.47 26.85 9.49
N PHE G 182 28.03 28.09 9.70
CA PHE G 182 28.71 29.22 9.07
C PHE G 182 30.19 29.27 9.41
N GLY G 183 30.61 28.61 10.49
CA GLY G 183 32.02 28.65 10.88
C GLY G 183 32.94 27.97 9.89
N LEU G 184 32.40 27.20 8.95
CA LEU G 184 33.23 26.55 7.94
C LEU G 184 33.74 27.53 6.90
N ASP G 185 33.21 28.75 6.85
CA ASP G 185 33.62 29.74 5.87
C ASP G 185 34.35 30.89 6.55
N PRO G 186 35.58 31.20 6.16
CA PRO G 186 36.32 32.29 6.84
C PRO G 186 35.63 33.64 6.74
N GLN G 187 35.09 34.00 5.58
CA GLN G 187 34.45 35.31 5.44
C GLN G 187 33.17 35.39 6.27
N ALA G 188 32.43 34.28 6.36
CA ALA G 188 31.24 34.26 7.21
C ALA G 188 31.61 34.46 8.68
N ARG G 189 32.76 33.96 9.10
CA ARG G 189 33.25 34.25 10.44
C ARG G 189 33.48 35.75 10.62
N LEU G 190 34.15 36.38 9.64
CA LEU G 190 34.40 37.81 9.73
C LEU G 190 33.09 38.60 9.72
N ASP G 191 32.14 38.19 8.87
CA ASP G 191 30.82 38.80 8.88
C ASP G 191 30.18 38.69 10.25
N MET G 192 30.27 37.51 10.87
CA MET G 192 29.71 37.30 12.20
C MET G 192 30.48 38.09 13.25
N GLY G 193 31.79 38.23 13.08
CA GLY G 193 32.58 38.95 14.06
C GLY G 193 32.30 40.45 14.06
N TYR G 194 32.31 41.08 12.89
CA TYR G 194 32.22 42.53 12.87
C TYR G 194 31.69 43.11 11.57
N ASN G 195 31.91 42.44 10.44
CA ASN G 195 31.68 43.07 9.14
C ASN G 195 30.19 43.30 8.89
N SER G 196 29.34 42.32 9.24
CA SER G 196 27.91 42.44 8.94
C SER G 196 27.32 43.70 9.56
N TYR G 197 27.61 43.94 10.84
CA TYR G 197 27.06 45.10 11.54
C TYR G 197 27.58 46.39 10.94
N ASP G 198 28.86 46.42 10.59
CA ASP G 198 29.43 47.55 9.87
C ASP G 198 28.66 47.83 8.58
N GLN G 199 28.47 46.80 7.74
CA GLN G 199 27.82 47.02 6.45
C GLN G 199 26.36 47.42 6.61
N VAL G 200 25.67 46.85 7.60
CA VAL G 200 24.25 47.16 7.78
C VAL G 200 24.07 48.55 8.35
N THR G 201 24.99 48.99 9.22
CA THR G 201 24.94 50.35 9.75
C THR G 201 25.05 51.37 8.63
N GLN G 202 26.03 51.17 7.73
CA GLN G 202 26.19 52.08 6.60
C GLN G 202 24.97 52.07 5.69
N ALA G 203 24.44 50.88 5.39
CA ALA G 203 23.31 50.78 4.49
C ALA G 203 22.08 51.47 5.06
N GLY G 204 21.81 51.24 6.36
CA GLY G 204 20.66 51.87 6.98
C GLY G 204 20.77 53.38 7.04
N LYS G 205 21.95 53.90 7.39
CA LYS G 205 22.13 55.35 7.46
C LYS G 205 21.98 55.97 6.07
N ALA G 206 22.44 55.27 5.03
CA ALA G 206 22.27 55.78 3.67
C ALA G 206 20.81 55.79 3.27
N ALA G 207 20.07 54.72 3.57
CA ALA G 207 18.65 54.69 3.24
C ALA G 207 17.89 55.76 4.02
N VAL G 208 18.29 56.01 5.26
CA VAL G 208 17.68 57.07 6.06
C VAL G 208 17.90 58.42 5.39
N ALA G 209 19.15 58.70 4.98
CA ALA G 209 19.46 59.99 4.38
C ALA G 209 18.67 60.21 3.10
N ARG G 210 18.48 59.16 2.30
CA ARG G 210 17.75 59.29 1.05
C ARG G 210 16.24 59.34 1.28
N PHE G 211 15.75 58.73 2.35
CA PHE G 211 14.32 58.70 2.62
C PHE G 211 13.83 59.99 3.28
N TYR G 212 14.65 60.60 4.14
CA TYR G 212 14.20 61.70 4.98
C TYR G 212 14.67 63.08 4.52
N GLY G 213 15.72 63.17 3.71
CA GLY G 213 16.28 64.44 3.32
C GLY G 213 17.41 64.93 4.18
N ARG G 214 17.80 64.16 5.19
CA ARG G 214 18.85 64.55 6.11
C ARG G 214 19.36 63.29 6.80
N ALA G 215 20.59 63.38 7.32
CA ALA G 215 21.13 62.28 8.10
C ALA G 215 20.54 62.29 9.50
N ALA G 216 20.65 61.14 10.18
CA ALA G 216 20.20 61.06 11.56
C ALA G 216 21.05 61.95 12.44
N ASP G 217 20.41 62.58 13.43
CA ASP G 217 21.15 63.44 14.36
C ASP G 217 22.03 62.61 15.29
N LYS G 218 21.50 61.51 15.81
CA LYS G 218 22.24 60.63 16.72
C LYS G 218 21.89 59.19 16.40
N SER G 219 22.81 58.29 16.73
CA SER G 219 22.67 56.86 16.45
C SER G 219 22.82 56.05 17.74
N TYR G 220 21.96 55.05 17.90
CA TYR G 220 21.93 54.25 19.13
C TYR G 220 21.93 52.77 18.80
N PHE G 221 22.67 52.00 19.61
CA PHE G 221 22.74 50.55 19.48
C PHE G 221 22.47 49.93 20.85
N ILE G 222 21.61 48.91 20.87
CA ILE G 222 21.28 48.18 22.09
C ILE G 222 21.32 46.69 21.79
N GLY G 223 22.11 45.94 22.57
CA GLY G 223 22.20 44.51 22.39
C GLY G 223 22.55 43.82 23.69
N CYS G 224 22.18 42.54 23.77
CA CYS G 224 22.48 41.70 24.92
C CYS G 224 23.10 40.39 24.44
N SER G 225 23.94 39.80 25.28
CA SER G 225 24.61 38.54 24.99
C SER G 225 25.55 38.69 23.81
N GLU G 226 25.28 37.98 22.72
CA GLU G 226 26.02 38.22 21.48
C GLU G 226 25.81 39.66 21.02
N GLY G 227 24.61 40.20 21.24
CA GLY G 227 24.39 41.61 20.94
C GLY G 227 25.18 42.53 21.84
N GLY G 228 25.44 42.12 23.08
CA GLY G 228 26.30 42.92 23.95
C GLY G 228 27.74 42.91 23.48
N ARG G 229 28.22 41.76 22.98
CA ARG G 229 29.54 41.71 22.37
C ARG G 229 29.59 42.63 21.14
N GLU G 230 28.51 42.69 20.36
CA GLU G 230 28.46 43.57 19.20
C GLU G 230 28.56 45.03 19.62
N GLY G 231 27.85 45.41 20.68
CA GLY G 231 27.94 46.78 21.16
C GLY G 231 29.34 47.15 21.60
N MET G 232 30.01 46.26 22.33
CA MET G 232 31.38 46.52 22.74
C MET G 232 32.32 46.55 21.54
N MET G 233 32.12 45.64 20.58
CA MET G 233 32.91 45.67 19.35
C MET G 233 32.75 47.00 18.63
N LEU G 234 31.51 47.49 18.53
CA LEU G 234 31.27 48.76 17.84
C LEU G 234 32.01 49.90 18.53
N SER G 235 32.00 49.93 19.86
CA SER G 235 32.72 50.97 20.58
C SER G 235 34.22 50.89 20.33
N GLN G 236 34.75 49.69 20.15
CA GLN G 236 36.18 49.51 19.97
C GLN G 236 36.61 49.59 18.51
N ARG G 237 35.83 49.01 17.60
CA ARG G 237 36.22 48.88 16.20
C ARG G 237 35.70 50.02 15.33
N PHE G 238 34.44 50.41 15.51
CA PHE G 238 33.82 51.48 14.72
C PHE G 238 33.23 52.53 15.66
N PRO G 239 34.08 53.30 16.34
CA PRO G 239 33.58 54.22 17.37
C PRO G 239 32.61 55.27 16.83
N SER G 240 32.69 55.65 15.56
CA SER G 240 31.84 56.70 15.02
C SER G 240 30.48 56.18 14.55
N HIS G 241 30.27 54.86 14.56
CA HIS G 241 29.00 54.31 14.08
C HIS G 241 27.83 54.74 14.97
N TYR G 242 28.00 54.66 16.28
CA TYR G 242 26.90 54.87 17.21
C TYR G 242 27.31 55.79 18.35
N ASP G 243 26.38 56.68 18.72
CA ASP G 243 26.65 57.65 19.79
C ASP G 243 26.34 57.06 21.16
N GLY G 244 25.26 56.31 21.28
CA GLY G 244 24.90 55.64 22.52
C GLY G 244 24.87 54.15 22.32
N ILE G 245 25.44 53.42 23.28
CA ILE G 245 25.53 51.96 23.21
C ILE G 245 25.13 51.38 24.55
N VAL G 246 24.20 50.41 24.52
CA VAL G 246 23.91 49.56 25.66
C VAL G 246 24.43 48.17 25.33
N ALA G 247 25.28 47.64 26.20
CA ALA G 247 25.87 46.32 26.03
C ALA G 247 25.54 45.48 27.26
N GLY G 248 24.53 44.62 27.14
CA GLY G 248 24.12 43.76 28.23
C GLY G 248 24.72 42.38 28.10
N ALA G 249 25.01 41.77 29.27
CA ALA G 249 25.67 40.48 29.40
C ALA G 249 26.61 40.21 28.24
N PRO G 250 27.59 41.09 27.99
CA PRO G 250 28.32 41.04 26.72
C PRO G 250 29.29 39.88 26.67
N GLY G 251 29.15 39.04 25.64
CA GLY G 251 30.10 37.96 25.43
C GLY G 251 31.37 38.46 24.75
N TYR G 252 32.06 39.41 25.38
CA TYR G 252 33.22 40.02 24.76
C TYR G 252 34.42 39.09 24.70
N GLN G 253 34.36 37.94 25.36
CA GLN G 253 35.36 36.88 25.28
C GLN G 253 34.70 35.58 24.85
N LEU G 254 33.78 35.68 23.90
CA LEU G 254 32.95 34.52 23.53
C LEU G 254 33.74 33.28 23.13
N PRO G 255 34.87 33.36 22.40
CA PRO G 255 35.60 32.12 22.09
C PRO G 255 36.05 31.32 23.30
N LYS G 256 36.13 31.94 24.48
CA LYS G 256 36.52 31.22 25.69
C LYS G 256 35.36 30.50 26.34
N ALA G 257 34.12 30.76 25.93
CA ALA G 257 32.97 30.13 26.56
C ALA G 257 33.03 28.61 26.46
N GLY G 258 33.39 28.09 25.29
CA GLY G 258 33.51 26.66 25.13
C GLY G 258 34.57 26.03 26.03
N ILE G 259 35.63 26.79 26.33
CA ILE G 259 36.64 26.31 27.26
C ILE G 259 36.04 26.14 28.65
N SER G 260 35.30 27.16 29.12
CA SER G 260 34.60 27.04 30.40
C SER G 260 33.60 25.89 30.37
N GLY G 261 32.92 25.72 29.23
CA GLY G 261 31.95 24.64 29.13
C GLY G 261 32.58 23.27 29.28
N ALA G 262 33.70 23.06 28.59
CA ALA G 262 34.44 21.81 28.77
C ALA G 262 34.89 21.64 30.21
N TRP G 263 35.27 22.73 30.87
CA TRP G 263 35.69 22.67 32.26
C TRP G 263 34.52 22.32 33.17
N THR G 264 33.39 23.02 33.03
CA THR G 264 32.24 22.74 33.88
C THR G 264 31.68 21.35 33.61
N THR G 265 31.68 20.93 32.34
CA THR G 265 31.26 19.57 32.01
C THR G 265 32.12 18.54 32.72
N GLN G 266 33.45 18.66 32.56
CA GLN G 266 34.34 17.70 33.23
C GLN G 266 34.31 17.85 34.75
N SER G 267 34.07 19.07 35.24
CA SER G 267 33.99 19.26 36.69
C SER G 267 32.75 18.61 37.28
N LEU G 268 31.63 18.66 36.56
CA LEU G 268 30.38 18.12 37.05
C LEU G 268 30.23 16.62 36.78
N ALA G 269 31.02 16.07 35.87
CA ALA G 269 30.91 14.65 35.52
C ALA G 269 31.03 13.71 36.71
N PRO G 270 31.91 13.91 37.69
CA PRO G 270 31.94 13.01 38.85
C PRO G 270 30.63 12.94 39.61
N ALA G 271 29.82 14.00 39.56
CA ALA G 271 28.54 14.01 40.26
C ALA G 271 27.39 13.47 39.42
N ALA G 272 27.64 13.12 38.16
CA ALA G 272 26.57 12.66 37.30
C ALA G 272 26.07 11.28 37.72
N VAL G 273 24.80 11.01 37.39
CA VAL G 273 24.16 9.74 37.71
C VAL G 273 23.61 9.17 36.42
N GLY G 274 24.15 8.03 35.99
CA GLY G 274 23.73 7.42 34.75
C GLY G 274 24.50 7.94 33.54
N LEU G 275 24.20 7.34 32.39
CA LEU G 275 24.87 7.67 31.14
C LEU G 275 23.83 7.90 30.07
N ASP G 276 24.17 8.76 29.09
CA ASP G 276 23.31 8.98 27.95
C ASP G 276 23.51 7.83 26.95
N ALA G 277 22.88 7.93 25.77
CA ALA G 277 22.94 6.84 24.80
C ALA G 277 24.33 6.61 24.25
N GLN G 278 25.23 7.60 24.34
CA GLN G 278 26.59 7.47 23.84
C GLN G 278 27.59 7.12 24.94
N GLY G 279 27.11 6.77 26.13
CA GLY G 279 28.01 6.45 27.22
C GLY G 279 28.57 7.63 27.97
N VAL G 280 28.11 8.84 27.68
CA VAL G 280 28.59 10.05 28.34
C VAL G 280 27.76 10.28 29.61
N PRO G 281 28.39 10.63 30.73
CA PRO G 281 27.62 10.82 31.97
C PRO G 281 26.55 11.88 31.82
N LEU G 282 25.43 11.67 32.52
CA LEU G 282 24.30 12.60 32.50
C LEU G 282 24.62 13.77 33.41
N ILE G 283 25.23 14.81 32.83
CA ILE G 283 25.58 16.00 33.59
C ILE G 283 24.34 16.67 34.16
N ASN G 284 23.21 16.55 33.46
CA ASN G 284 21.97 17.12 33.95
C ASN G 284 21.52 16.49 35.26
N LYS G 285 21.85 15.22 35.47
CA LYS G 285 21.47 14.52 36.70
C LYS G 285 22.41 14.80 37.85
N SER G 286 23.41 15.68 37.67
CA SER G 286 24.35 15.97 38.75
C SER G 286 23.68 16.70 39.90
N PHE G 287 22.71 17.57 39.61
CA PHE G 287 21.95 18.28 40.62
C PHE G 287 20.48 18.24 40.23
N SER G 288 19.62 17.86 41.17
CA SER G 288 18.20 18.04 40.96
C SER G 288 17.84 19.52 41.13
N ASP G 289 16.61 19.87 40.76
CA ASP G 289 16.15 21.22 41.01
C ASP G 289 16.10 21.52 42.50
N ALA G 290 15.70 20.52 43.31
CA ALA G 290 15.69 20.70 44.76
C ALA G 290 17.10 20.91 45.30
N ASP G 291 18.09 20.20 44.75
CA ASP G 291 19.47 20.38 45.19
C ASP G 291 19.97 21.79 44.89
N LEU G 292 19.68 22.30 43.70
CA LEU G 292 20.12 23.65 43.36
C LEU G 292 19.44 24.70 44.24
N HIS G 293 18.15 24.51 44.53
CA HIS G 293 17.46 25.42 45.43
C HIS G 293 18.08 25.38 46.82
N LEU G 294 18.47 24.19 47.26
CA LEU G 294 19.20 24.05 48.52
C LEU G 294 20.46 24.90 48.51
N LEU G 295 21.23 24.82 47.43
CA LEU G 295 22.44 25.62 47.30
C LEU G 295 22.11 27.11 47.33
N SER G 296 21.05 27.52 46.63
CA SER G 296 20.66 28.93 46.60
C SER G 296 20.26 29.42 47.99
N GLN G 297 19.49 28.61 48.73
CA GLN G 297 19.09 29.00 50.07
C GLN G 297 20.30 29.14 50.98
N ALA G 298 21.28 28.25 50.85
CA ALA G 298 22.49 28.36 51.65
C ALA G 298 23.26 29.62 51.30
N ILE G 299 23.29 29.99 50.02
CA ILE G 299 23.91 31.24 49.61
C ILE G 299 23.18 32.42 50.23
N LEU G 300 21.85 32.37 50.26
CA LEU G 300 21.07 33.42 50.91
C LEU G 300 21.37 33.47 52.40
N GLY G 301 21.45 32.32 53.06
CA GLY G 301 21.75 32.31 54.48
C GLY G 301 23.06 33.01 54.80
N THR G 302 24.07 32.83 53.95
CA THR G 302 25.39 33.42 54.20
C THR G 302 25.45 34.88 53.74
N CYS G 303 24.79 35.20 52.62
CA CYS G 303 25.07 36.44 51.90
C CYS G 303 23.94 37.45 51.89
N ASP G 304 22.68 37.01 52.03
CA ASP G 304 21.54 37.90 51.80
C ASP G 304 21.62 39.14 52.69
N ALA G 305 21.88 38.95 53.98
CA ALA G 305 21.85 40.06 54.93
C ALA G 305 23.11 40.93 54.89
N LEU G 306 24.11 40.58 54.06
CA LEU G 306 25.33 41.37 54.01
C LEU G 306 25.12 42.76 53.43
N ASP G 307 23.95 43.04 52.85
CA ASP G 307 23.61 44.39 52.40
C ASP G 307 22.69 45.12 53.36
N GLY G 308 22.36 44.50 54.50
CA GLY G 308 21.51 45.12 55.50
C GLY G 308 20.06 44.69 55.49
N LEU G 309 19.66 43.82 54.57
CA LEU G 309 18.27 43.40 54.50
C LEU G 309 18.19 41.98 53.95
N ALA G 310 17.49 41.11 54.66
CA ALA G 310 17.23 39.75 54.18
C ALA G 310 15.97 39.81 53.31
N ASP G 311 16.17 39.87 51.98
CA ASP G 311 15.07 40.03 51.04
C ASP G 311 15.16 39.08 49.85
N GLY G 312 16.02 38.07 49.90
CA GLY G 312 16.20 37.16 48.79
C GLY G 312 17.11 37.66 47.70
N ILE G 313 17.81 38.78 47.92
CA ILE G 313 18.69 39.38 46.91
C ILE G 313 20.03 39.68 47.56
N VAL G 314 21.11 39.25 46.92
CA VAL G 314 22.47 39.49 47.42
C VAL G 314 22.98 40.73 46.70
N ASP G 315 22.78 41.90 47.31
CA ASP G 315 23.27 43.13 46.71
C ASP G 315 24.78 43.29 46.89
N ASN G 316 25.33 42.75 47.98
CA ASN G 316 26.77 42.85 48.26
C ASN G 316 27.45 41.59 47.73
N TYR G 317 27.61 41.55 46.40
CA TYR G 317 28.16 40.36 45.76
C TYR G 317 29.62 40.14 46.14
N ARG G 318 30.38 41.21 46.35
CA ARG G 318 31.79 41.05 46.71
C ARG G 318 31.93 40.39 48.07
N ALA G 319 31.16 40.86 49.06
CA ALA G 319 31.20 40.24 50.37
C ALA G 319 30.70 38.80 50.34
N CYS G 320 29.77 38.50 49.43
CA CYS G 320 29.29 37.14 49.30
C CYS G 320 30.39 36.20 48.82
N GLN G 321 31.16 36.64 47.82
CA GLN G 321 32.23 35.80 47.30
C GLN G 321 33.29 35.54 48.36
N ALA G 322 33.52 36.52 49.25
CA ALA G 322 34.53 36.36 50.29
C ALA G 322 34.05 35.45 51.41
N ALA G 323 32.74 35.36 51.62
CA ALA G 323 32.21 34.66 52.78
C ALA G 323 31.66 33.27 52.48
N PHE G 324 31.23 32.99 51.25
CA PHE G 324 30.53 31.75 50.96
C PHE G 324 31.47 30.67 50.47
N ASP G 325 31.32 29.48 51.05
CA ASP G 325 31.95 28.23 50.63
C ASP G 325 30.95 27.12 50.91
N PRO G 326 30.46 26.43 49.88
CA PRO G 326 29.45 25.39 50.13
C PRO G 326 29.97 24.23 50.95
N ALA G 327 31.29 24.03 51.01
CA ALA G 327 31.86 22.96 51.81
C ALA G 327 31.75 23.24 53.31
N THR G 328 31.60 24.50 53.71
CA THR G 328 31.56 24.87 55.11
C THR G 328 30.29 25.63 55.51
N ALA G 329 29.47 26.05 54.55
CA ALA G 329 28.27 26.80 54.88
C ALA G 329 27.20 25.86 55.45
N ALA G 330 26.23 26.46 56.14
CA ALA G 330 25.15 25.72 56.76
C ALA G 330 23.90 25.77 55.90
N ASN G 331 23.07 24.73 56.02
CA ASN G 331 21.70 24.76 55.55
C ASN G 331 20.90 25.52 56.58
N PRO G 332 20.42 26.73 56.26
CA PRO G 332 19.75 27.56 57.29
C PRO G 332 18.43 26.98 57.77
N ALA G 333 17.83 26.04 57.04
CA ALA G 333 16.54 25.50 57.45
C ALA G 333 16.67 24.55 58.63
N ASN G 334 17.76 23.78 58.70
CA ASN G 334 17.98 22.85 59.79
C ASN G 334 19.18 23.19 60.66
N GLY G 335 19.90 24.26 60.35
CA GLY G 335 21.09 24.61 61.09
C GLY G 335 22.25 23.67 60.93
N GLN G 336 22.11 22.62 60.13
CA GLN G 336 23.19 21.67 59.89
C GLN G 336 24.07 22.14 58.74
N ALA G 337 25.18 21.42 58.54
CA ALA G 337 26.06 21.72 57.42
C ALA G 337 25.37 21.41 56.09
N LEU G 338 25.70 22.21 55.08
CA LEU G 338 25.13 22.00 53.75
C LEU G 338 25.62 20.68 53.16
N GLN G 339 26.91 20.37 53.34
CA GLN G 339 27.48 19.13 52.82
C GLN G 339 27.02 17.95 53.67
N CYS G 340 26.59 16.87 53.01
CA CYS G 340 26.12 15.69 53.72
C CYS G 340 27.26 15.08 54.54
N VAL G 341 26.94 14.70 55.77
CA VAL G 341 27.91 13.99 56.60
C VAL G 341 27.86 12.50 56.30
N GLY G 342 26.66 11.95 56.14
CA GLY G 342 26.50 10.55 55.79
C GLY G 342 25.89 10.37 54.42
N ALA G 343 24.85 9.54 54.33
CA ALA G 343 24.18 9.31 53.06
C ALA G 343 23.43 10.56 52.62
N LYS G 344 23.19 10.65 51.31
CA LYS G 344 22.51 11.81 50.75
C LYS G 344 21.07 11.86 51.23
N THR G 345 20.64 13.06 51.63
CA THR G 345 19.26 13.33 52.01
C THR G 345 18.81 14.58 51.27
N ALA G 346 17.52 14.91 51.43
CA ALA G 346 16.96 16.05 50.72
C ALA G 346 17.52 17.38 51.20
N ASP G 347 18.04 17.44 52.43
CA ASP G 347 18.48 18.68 53.03
C ASP G 347 19.99 18.87 53.00
N CYS G 348 20.70 18.11 52.18
CA CYS G 348 22.15 18.27 52.09
C CYS G 348 22.62 17.91 50.69
N LEU G 349 23.83 18.37 50.37
CA LEU G 349 24.50 18.05 49.12
C LEU G 349 25.65 17.09 49.39
N SER G 350 25.79 16.08 48.53
CA SER G 350 26.86 15.11 48.71
C SER G 350 28.22 15.79 48.54
N PRO G 351 29.26 15.27 49.20
CA PRO G 351 30.60 15.86 49.03
C PRO G 351 31.07 15.87 47.60
N VAL G 352 30.66 14.88 46.79
CA VAL G 352 31.01 14.88 45.38
C VAL G 352 30.33 16.05 44.67
N GLN G 353 29.08 16.34 45.02
CA GLN G 353 28.39 17.50 44.47
C GLN G 353 29.12 18.79 44.83
N VAL G 354 29.47 18.93 46.11
CA VAL G 354 30.12 20.15 46.57
C VAL G 354 31.45 20.36 45.87
N THR G 355 32.24 19.29 45.75
CA THR G 355 33.50 19.38 45.02
C THR G 355 33.28 19.79 43.58
N ALA G 356 32.27 19.21 42.93
CA ALA G 356 32.03 19.48 41.51
C ALA G 356 31.65 20.93 41.28
N ILE G 357 30.68 21.45 42.04
CA ILE G 357 30.21 22.81 41.79
C ILE G 357 31.29 23.82 42.18
N LYS G 358 32.09 23.52 43.21
CA LYS G 358 33.20 24.40 43.56
C LYS G 358 34.21 24.48 42.42
N ARG G 359 34.59 23.34 41.87
CA ARG G 359 35.53 23.31 40.76
C ARG G 359 34.97 24.04 39.55
N ALA G 360 33.70 23.79 39.22
CA ALA G 360 33.08 24.43 38.07
C ALA G 360 33.08 25.95 38.21
N MET G 361 32.65 26.45 39.37
CA MET G 361 32.61 27.89 39.60
C MET G 361 34.00 28.51 39.63
N ALA G 362 35.05 27.71 39.88
CA ALA G 362 36.39 28.25 40.00
C ALA G 362 36.94 28.72 38.66
N GLY G 363 36.50 28.12 37.56
CA GLY G 363 36.97 28.51 36.24
C GLY G 363 38.09 27.64 35.74
N PRO G 364 38.23 27.55 34.42
CA PRO G 364 39.23 26.64 33.84
C PRO G 364 40.65 27.15 34.00
N VAL G 365 41.57 26.20 34.15
CA VAL G 365 43.01 26.45 34.15
C VAL G 365 43.68 25.38 33.31
N ASN G 366 44.86 25.71 32.80
CA ASN G 366 45.66 24.72 32.09
C ASN G 366 46.51 23.95 33.10
N SER G 367 47.43 23.11 32.61
CA SER G 367 48.24 22.30 33.52
C SER G 367 49.14 23.17 34.39
N ALA G 368 49.54 24.34 33.89
CA ALA G 368 50.39 25.25 34.65
C ALA G 368 49.62 26.13 35.62
N GLY G 369 48.31 25.91 35.77
CA GLY G 369 47.52 26.73 36.67
C GLY G 369 47.15 28.09 36.14
N THR G 370 47.38 28.36 34.87
CA THR G 370 47.03 29.65 34.29
C THR G 370 45.54 29.71 34.00
N PRO G 371 44.82 30.71 34.52
CA PRO G 371 43.37 30.80 34.26
C PRO G 371 43.09 31.02 32.77
N LEU G 372 42.14 30.26 32.24
CA LEU G 372 41.77 30.35 30.83
C LEU G 372 40.55 31.22 30.57
N TYR G 373 39.83 31.62 31.61
CA TYR G 373 38.69 32.52 31.45
C TYR G 373 38.52 33.39 32.69
N ASN G 374 37.72 32.92 33.66
CA ASN G 374 37.48 33.63 34.90
C ASN G 374 36.68 32.73 35.82
N ARG G 375 36.55 33.15 37.06
CA ARG G 375 35.69 32.47 38.02
C ARG G 375 34.27 33.02 37.94
N TRP G 376 33.34 32.32 38.59
CA TRP G 376 31.94 32.69 38.59
C TRP G 376 31.48 32.99 40.01
N ALA G 377 30.53 33.91 40.12
CA ALA G 377 30.06 34.41 41.41
C ALA G 377 28.93 33.54 41.94
N TRP G 378 29.04 33.13 43.21
CA TRP G 378 27.92 32.52 43.89
C TRP G 378 26.81 33.55 44.04
N ASP G 379 25.58 33.16 43.68
CA ASP G 379 24.46 34.08 43.75
C ASP G 379 23.17 33.27 43.86
N ALA G 380 22.16 33.88 44.49
CA ALA G 380 20.90 33.17 44.73
C ALA G 380 20.17 32.83 43.44
N GLY G 381 20.46 33.54 42.35
CA GLY G 381 19.80 33.26 41.08
C GLY G 381 20.25 32.00 40.39
N MET G 382 21.20 31.26 40.96
CA MET G 382 21.48 29.92 40.45
C MET G 382 20.26 29.03 40.51
N SER G 383 19.30 29.36 41.37
CA SER G 383 18.02 28.67 41.43
C SER G 383 16.90 29.68 41.62
N GLY G 384 15.91 29.33 42.44
CA GLY G 384 14.76 30.19 42.66
C GLY G 384 13.47 29.42 42.46
N LEU G 385 12.44 29.81 43.21
CA LEU G 385 11.16 29.12 43.16
C LEU G 385 10.06 30.17 43.15
N SER G 386 9.27 30.19 42.07
CA SER G 386 8.12 31.07 41.95
C SER G 386 6.89 30.18 41.81
N GLY G 387 6.05 30.16 42.84
CA GLY G 387 4.98 29.19 42.91
C GLY G 387 5.53 27.78 42.98
N THR G 388 5.20 26.96 42.00
CA THR G 388 5.72 25.60 41.90
C THR G 388 6.78 25.47 40.81
N THR G 389 7.21 26.58 40.21
CA THR G 389 8.10 26.57 39.06
C THR G 389 9.52 26.91 39.51
N TYR G 390 10.43 25.94 39.39
CA TYR G 390 11.83 26.21 39.67
C TYR G 390 12.45 27.03 38.54
N ASN G 391 13.40 27.89 38.92
CA ASN G 391 14.17 28.65 37.94
C ASN G 391 15.09 27.69 37.17
N GLN G 392 14.89 27.63 35.85
CA GLN G 392 15.77 26.89 34.96
C GLN G 392 16.86 27.76 34.33
N GLY G 393 16.84 29.06 34.61
CA GLY G 393 17.63 30.00 33.84
C GLY G 393 19.12 29.94 34.09
N TRP G 394 19.56 29.33 35.18
CA TRP G 394 20.98 29.13 35.42
C TRP G 394 21.44 27.74 35.00
N ARG G 395 20.71 26.70 35.43
CA ARG G 395 21.16 25.33 35.21
C ARG G 395 21.09 24.91 33.74
N SER G 396 20.32 25.61 32.92
CA SER G 396 20.22 25.24 31.51
C SER G 396 21.56 25.34 30.80
N TRP G 397 22.52 26.09 31.35
CA TRP G 397 23.77 26.35 30.65
C TRP G 397 24.81 25.25 30.89
N TRP G 398 25.10 24.92 32.15
CA TRP G 398 26.12 23.91 32.45
C TRP G 398 25.55 22.53 32.73
N LEU G 399 24.30 22.44 33.18
CA LEU G 399 23.70 21.17 33.57
C LEU G 399 22.71 20.63 32.56
N GLY G 400 21.73 21.45 32.15
CA GLY G 400 20.63 20.97 31.34
C GLY G 400 19.46 20.56 32.22
N SER G 401 18.37 20.19 31.55
CA SER G 401 17.15 19.81 32.27
C SER G 401 17.36 18.49 33.00
N PHE G 402 16.97 18.46 34.28
CA PHE G 402 17.16 17.25 35.08
C PHE G 402 16.33 16.09 34.56
N ASN G 403 15.08 16.35 34.18
CA ASN G 403 14.16 15.28 33.78
C ASN G 403 14.38 14.94 32.31
N SER G 404 15.56 14.37 32.03
CA SER G 404 15.89 13.91 30.69
C SER G 404 16.90 12.78 30.80
N SER G 405 16.74 11.78 29.94
CA SER G 405 17.70 10.69 29.84
C SER G 405 18.85 11.01 28.90
N ALA G 406 19.00 12.27 28.51
CA ALA G 406 20.08 12.69 27.62
C ALA G 406 20.64 14.02 28.11
N ASN G 407 21.86 14.31 27.68
CA ASN G 407 22.47 15.60 27.97
C ASN G 407 21.89 16.66 27.05
N ASN G 408 21.55 17.82 27.63
CA ASN G 408 20.98 18.90 26.84
C ASN G 408 21.50 20.28 27.25
N ALA G 409 22.51 20.34 28.12
CA ALA G 409 23.09 21.62 28.52
C ALA G 409 23.72 22.31 27.33
N GLN G 410 23.67 23.65 27.35
CA GLN G 410 24.34 24.44 26.32
C GLN G 410 25.80 24.07 26.18
N ARG G 411 26.48 23.87 27.32
CA ARG G 411 27.92 23.72 27.35
C ARG G 411 28.38 22.26 27.26
N VAL G 412 27.46 21.31 27.34
CA VAL G 412 27.82 19.90 27.22
C VAL G 412 27.66 19.46 25.78
N SER G 413 26.43 19.52 25.28
CA SER G 413 26.12 19.12 23.91
C SER G 413 25.36 20.18 23.12
N GLY G 414 25.03 21.32 23.74
CA GLY G 414 24.16 22.30 23.12
C GLY G 414 24.86 23.27 22.20
N PHE G 415 24.16 24.37 21.91
CA PHE G 415 24.62 25.32 20.89
C PHE G 415 26.00 25.89 21.24
N SER G 416 26.26 26.13 22.52
CA SER G 416 27.52 26.75 22.91
C SER G 416 28.70 25.82 22.64
N ALA G 417 28.55 24.53 22.98
CA ALA G 417 29.60 23.58 22.69
C ALA G 417 29.79 23.39 21.19
N ARG G 418 28.68 23.27 20.45
CA ARG G 418 28.75 23.16 19.00
C ARG G 418 29.41 24.39 18.38
N SER G 419 29.07 25.58 18.89
CA SER G 419 29.62 26.80 18.33
C SER G 419 31.13 26.87 18.53
N TRP G 420 31.62 26.46 19.70
CA TRP G 420 33.07 26.49 19.91
C TRP G 420 33.80 25.61 18.90
N LEU G 421 33.23 24.44 18.59
CA LEU G 421 33.93 23.47 17.77
C LEU G 421 34.02 23.91 16.31
N VAL G 422 32.95 24.52 15.80
CA VAL G 422 32.87 24.87 14.39
C VAL G 422 33.21 26.34 14.15
N ASP G 423 32.77 27.23 15.05
CA ASP G 423 32.95 28.66 14.83
C ASP G 423 34.23 29.21 15.43
N PHE G 424 34.70 28.67 16.55
CA PHE G 424 35.76 29.30 17.30
C PHE G 424 37.08 28.55 17.29
N ALA G 425 37.05 27.22 17.20
CA ALA G 425 38.29 26.46 17.02
C ALA G 425 38.78 26.64 15.59
N THR G 426 40.08 26.89 15.44
CA THR G 426 40.68 27.06 14.12
C THR G 426 41.83 26.06 13.97
N PRO G 427 41.76 25.12 13.01
CA PRO G 427 40.67 24.95 12.05
C PRO G 427 39.40 24.39 12.70
N PRO G 428 38.23 24.64 12.09
CA PRO G 428 36.98 24.14 12.65
C PRO G 428 36.99 22.62 12.75
N GLU G 429 36.23 22.11 13.73
CA GLU G 429 36.13 20.68 13.99
C GLU G 429 34.68 20.23 13.85
N PRO G 430 34.17 20.13 12.63
CA PRO G 430 32.83 19.56 12.44
C PRO G 430 32.83 18.09 12.82
N MET G 431 31.66 17.63 13.28
CA MET G 431 31.51 16.27 13.75
C MET G 431 30.02 15.95 13.87
N PRO G 432 29.64 14.68 14.01
CA PRO G 432 28.23 14.37 14.24
C PRO G 432 27.75 14.96 15.56
N MET G 433 26.46 15.27 15.61
CA MET G 433 25.88 15.88 16.81
C MET G 433 26.06 14.99 18.04
N THR G 434 26.05 13.67 17.85
CA THR G 434 26.13 12.76 18.98
C THR G 434 27.51 12.77 19.65
N GLN G 435 28.53 13.28 18.97
CA GLN G 435 29.90 13.23 19.51
C GLN G 435 30.28 14.44 20.33
N VAL G 436 29.43 15.48 20.36
CA VAL G 436 29.83 16.75 20.98
C VAL G 436 30.10 16.56 22.47
N ALA G 437 29.22 15.82 23.16
CA ALA G 437 29.38 15.66 24.61
C ALA G 437 30.68 14.95 24.95
N ALA G 438 31.00 13.87 24.23
CA ALA G 438 32.27 13.18 24.46
C ALA G 438 33.45 14.07 24.14
N ARG G 439 33.34 14.95 23.14
CA ARG G 439 34.44 15.85 22.81
C ARG G 439 34.67 16.86 23.93
N MET G 440 33.60 17.34 24.57
CA MET G 440 33.78 18.23 25.72
C MET G 440 34.39 17.49 26.89
N MET G 441 34.10 16.19 27.05
CA MET G 441 34.67 15.42 28.14
C MET G 441 36.15 15.14 27.93
N LYS G 442 36.57 14.93 26.67
CA LYS G 442 37.97 14.67 26.33
C LYS G 442 38.75 15.95 26.07
N PHE G 443 38.14 17.11 26.31
CA PHE G 443 38.79 18.40 26.07
C PHE G 443 40.10 18.50 26.84
N ASP G 444 41.15 18.92 26.14
CA ASP G 444 42.50 19.03 26.69
C ASP G 444 42.82 20.51 26.87
N PHE G 445 43.01 20.94 28.11
CA PHE G 445 43.16 22.35 28.42
C PHE G 445 44.56 22.91 28.17
N ASP G 446 45.50 22.07 27.73
CA ASP G 446 46.80 22.55 27.26
C ASP G 446 46.88 22.63 25.75
N ILE G 447 45.91 22.07 25.02
CA ILE G 447 45.99 21.95 23.57
C ILE G 447 44.81 22.66 22.93
N ASP G 448 43.59 22.30 23.33
CA ASP G 448 42.40 22.89 22.71
C ASP G 448 42.25 24.39 22.94
N PRO G 449 42.59 24.96 24.11
CA PRO G 449 42.44 26.42 24.26
C PRO G 449 43.29 27.25 23.31
N LEU G 450 44.39 26.69 22.78
CA LEU G 450 45.19 27.44 21.81
C LEU G 450 44.44 27.69 20.51
N LYS G 451 43.40 26.91 20.22
CA LYS G 451 42.75 26.97 18.92
C LYS G 451 41.95 28.25 18.71
N ILE G 452 41.63 28.99 19.78
CA ILE G 452 40.98 30.29 19.62
C ILE G 452 41.99 31.39 19.32
N TRP G 453 43.29 31.10 19.43
CA TRP G 453 44.33 32.06 19.10
C TRP G 453 45.00 31.78 17.77
N ALA G 454 44.68 30.66 17.13
CA ALA G 454 45.42 30.16 15.99
C ALA G 454 44.75 30.54 14.67
N THR G 455 45.58 30.62 13.63
CA THR G 455 45.12 30.71 12.25
C THR G 455 45.49 29.41 11.54
N SER G 456 44.78 29.13 10.44
CA SER G 456 45.00 27.88 9.73
C SER G 456 44.42 27.99 8.32
N GLY G 457 45.25 27.68 7.32
CA GLY G 457 44.76 27.66 5.95
C GLY G 457 44.18 28.99 5.54
N GLN G 458 42.95 28.95 5.01
CA GLN G 458 42.24 30.17 4.62
C GLN G 458 41.59 30.89 5.80
N PHE G 459 41.63 30.31 7.00
CA PHE G 459 41.20 30.98 8.21
C PHE G 459 42.36 31.84 8.69
N THR G 460 42.42 33.07 8.18
CA THR G 460 43.56 33.95 8.38
C THR G 460 43.41 34.86 9.59
N GLN G 461 42.29 34.79 10.30
CA GLN G 461 42.08 35.52 11.54
C GLN G 461 41.66 34.53 12.61
N SER G 462 42.27 34.62 13.79
CA SER G 462 41.84 33.80 14.91
C SER G 462 40.47 34.26 15.40
N SER G 463 39.75 33.35 16.06
CA SER G 463 38.42 33.70 16.55
C SER G 463 38.47 34.83 17.57
N MET G 464 39.53 34.87 18.39
CA MET G 464 39.69 36.00 19.29
C MET G 464 39.89 37.30 18.52
N ASP G 465 40.49 37.23 17.33
CA ASP G 465 40.71 38.42 16.51
C ASP G 465 39.39 38.99 16.00
N TRP G 466 38.59 38.17 15.32
CA TRP G 466 37.38 38.71 14.70
C TRP G 466 36.19 38.76 15.63
N HIS G 467 36.12 37.87 16.62
CA HIS G 467 34.99 37.85 17.55
C HIS G 467 35.28 38.56 18.87
N GLY G 468 36.52 38.52 19.36
CA GLY G 468 36.82 39.12 20.64
C GLY G 468 36.69 40.64 20.61
N ALA G 469 36.29 41.20 21.75
CA ALA G 469 36.15 42.65 21.92
C ALA G 469 36.70 43.00 23.31
N THR G 470 38.01 42.79 23.47
CA THR G 470 38.68 42.95 24.75
C THR G 470 39.45 44.27 24.86
N SER G 471 39.31 45.17 23.88
CA SER G 471 40.09 46.40 23.88
C SER G 471 39.55 47.40 24.89
N THR G 472 40.46 48.04 25.63
CA THR G 472 40.13 49.13 26.53
C THR G 472 40.45 50.49 25.93
N ASP G 473 40.80 50.54 24.64
CA ASP G 473 41.11 51.79 23.96
C ASP G 473 39.81 52.34 23.37
N LEU G 474 39.08 53.10 24.19
CA LEU G 474 37.83 53.71 23.78
C LEU G 474 37.95 55.23 23.67
N ALA G 475 39.16 55.75 23.44
CA ALA G 475 39.37 57.19 23.39
C ALA G 475 38.55 57.83 22.28
N ALA G 476 38.57 57.23 21.08
CA ALA G 476 37.82 57.80 19.97
C ALA G 476 36.33 57.81 20.25
N PHE G 477 35.81 56.72 20.83
CA PHE G 477 34.39 56.68 21.19
C PHE G 477 34.04 57.76 22.20
N ARG G 478 34.85 57.89 23.25
CA ARG G 478 34.58 58.88 24.28
C ARG G 478 34.72 60.30 23.75
N ASP G 479 35.81 60.58 23.03
CA ASP G 479 36.12 61.95 22.64
C ASP G 479 35.07 62.57 21.72
N ARG G 480 34.32 61.74 20.99
CA ARG G 480 33.26 62.26 20.13
C ARG G 480 31.91 62.30 20.84
N GLY G 481 31.87 62.07 22.14
CA GLY G 481 30.64 62.12 22.90
C GLY G 481 29.94 60.79 23.10
N GLY G 482 30.60 59.68 22.79
CA GLY G 482 29.94 58.38 22.92
C GLY G 482 29.74 58.00 24.38
N LYS G 483 28.59 57.40 24.66
CA LYS G 483 28.24 56.94 26.00
C LYS G 483 27.84 55.48 25.93
N MET G 484 28.31 54.69 26.90
CA MET G 484 28.04 53.26 26.93
C MET G 484 27.48 52.87 28.29
N ILE G 485 26.37 52.14 28.29
CA ILE G 485 25.79 51.56 29.48
C ILE G 485 25.97 50.05 29.40
N LEU G 486 26.78 49.49 30.28
CA LEU G 486 26.94 48.06 30.41
C LEU G 486 26.02 47.53 31.51
N TYR G 487 25.55 46.29 31.33
CA TYR G 487 24.80 45.63 32.40
C TYR G 487 24.99 44.12 32.29
N HIS G 488 24.80 43.44 33.42
CA HIS G 488 25.08 42.02 33.50
C HIS G 488 24.41 41.43 34.73
N GLY G 489 23.71 40.31 34.56
CA GLY G 489 23.09 39.65 35.70
C GLY G 489 24.09 38.81 36.47
N MET G 490 24.02 38.91 37.80
CA MET G 490 25.00 38.24 38.63
C MET G 490 24.93 36.72 38.52
N SER G 491 23.74 36.18 38.22
CA SER G 491 23.56 34.74 38.06
C SER G 491 23.58 34.32 36.60
N ASP G 492 24.34 35.04 35.77
CA ASP G 492 24.54 34.66 34.38
C ASP G 492 25.50 33.48 34.31
N ALA G 493 25.05 32.37 33.72
CA ALA G 493 25.90 31.21 33.50
C ALA G 493 26.46 31.13 32.10
N ALA G 494 26.03 32.01 31.20
CA ALA G 494 26.63 32.10 29.87
C ALA G 494 27.97 32.81 29.93
N PHE G 495 27.98 34.04 30.46
CA PHE G 495 29.20 34.82 30.67
C PHE G 495 29.24 35.32 32.10
N SER G 496 30.42 35.28 32.70
CA SER G 496 30.56 35.61 34.12
C SER G 496 30.47 37.12 34.32
N ALA G 497 29.54 37.55 35.18
CA ALA G 497 29.42 38.96 35.52
C ALA G 497 30.73 39.50 36.09
N LEU G 498 31.49 38.67 36.80
CA LEU G 498 32.78 39.11 37.31
C LEU G 498 33.77 39.41 36.19
N ASP G 499 33.62 38.72 35.05
CA ASP G 499 34.53 38.98 33.92
C ASP G 499 34.22 40.31 33.26
N THR G 500 32.93 40.68 33.17
CA THR G 500 32.58 42.02 32.71
C THR G 500 33.06 43.07 33.70
N ALA G 501 32.94 42.79 35.00
CA ALA G 501 33.46 43.71 36.01
C ALA G 501 34.96 43.87 35.86
N ASP G 502 35.69 42.78 35.62
CA ASP G 502 37.13 42.88 35.45
C ASP G 502 37.49 43.72 34.23
N TYR G 503 36.71 43.61 33.15
CA TYR G 503 36.96 44.48 32.00
C TYR G 503 36.73 45.95 32.36
N TYR G 504 35.63 46.23 33.08
CA TYR G 504 35.34 47.61 33.45
C TYR G 504 36.43 48.19 34.34
N GLU G 505 37.03 47.36 35.20
CA GLU G 505 38.15 47.82 36.01
C GLU G 505 39.36 48.14 35.14
N ARG G 506 39.63 47.30 34.13
CA ARG G 506 40.70 47.61 33.20
C ARG G 506 40.39 48.87 32.39
N LEU G 507 39.11 49.07 32.06
CA LEU G 507 38.73 50.29 31.33
C LEU G 507 38.95 51.53 32.18
N GLY G 508 38.61 51.45 33.47
CA GLY G 508 38.84 52.58 34.36
C GLY G 508 40.32 52.85 34.57
N ALA G 509 41.11 51.78 34.72
CA ALA G 509 42.56 51.94 34.87
C ALA G 509 43.18 52.55 33.62
N ALA G 510 42.76 52.09 32.44
CA ALA G 510 43.34 52.60 31.21
C ALA G 510 42.83 54.00 30.88
N MET G 511 41.64 54.35 31.33
CA MET G 511 41.02 55.65 31.03
C MET G 511 40.48 56.26 32.31
N PRO G 512 41.27 57.10 32.98
CA PRO G 512 40.78 57.76 34.20
C PRO G 512 39.58 58.64 33.90
N GLY G 513 38.59 58.60 34.79
CA GLY G 513 37.34 59.27 34.55
C GLY G 513 36.40 58.53 33.62
N ALA G 514 36.59 57.20 33.47
CA ALA G 514 35.78 56.42 32.54
C ALA G 514 34.30 56.46 32.90
N ALA G 515 33.97 56.68 34.17
CA ALA G 515 32.57 56.78 34.57
C ALA G 515 31.86 57.95 33.91
N GLY G 516 32.60 58.90 33.32
CA GLY G 516 31.99 59.98 32.59
C GLY G 516 31.36 59.56 31.28
N PHE G 517 31.75 58.42 30.73
CA PHE G 517 31.17 57.94 29.48
C PHE G 517 30.78 56.48 29.48
N ALA G 518 31.22 55.68 30.46
CA ALA G 518 30.90 54.26 30.50
C ALA G 518 30.64 53.85 31.94
N ARG G 519 29.49 53.24 32.17
CA ARG G 519 29.10 52.78 33.50
C ARG G 519 28.51 51.37 33.41
N LEU G 520 28.77 50.57 34.45
CA LEU G 520 28.39 49.17 34.48
C LEU G 520 27.38 48.93 35.60
N PHE G 521 26.29 48.27 35.28
CA PHE G 521 25.20 48.02 36.22
C PHE G 521 25.01 46.51 36.37
N LEU G 522 25.49 45.97 37.48
CA LEU G 522 25.27 44.56 37.78
C LEU G 522 23.90 44.37 38.42
N VAL G 523 23.23 43.28 38.06
CA VAL G 523 21.87 43.00 38.52
C VAL G 523 21.89 41.72 39.35
N PRO G 524 21.83 41.83 40.67
CA PRO G 524 21.84 40.63 41.51
C PRO G 524 20.63 39.74 41.22
N GLY G 525 20.86 38.43 41.18
CA GLY G 525 19.80 37.47 40.98
C GLY G 525 19.42 37.21 39.53
N MET G 526 19.75 38.12 38.61
CA MET G 526 19.33 37.97 37.23
C MET G 526 20.19 36.94 36.50
N ASN G 527 19.55 36.17 35.63
CA ASN G 527 20.27 35.19 34.83
C ASN G 527 20.79 35.84 33.55
N HIS G 528 20.84 35.08 32.45
CA HIS G 528 21.45 35.58 31.22
C HIS G 528 20.46 36.50 30.50
N CYS G 529 20.76 37.80 30.50
CA CYS G 529 19.99 38.84 29.83
C CYS G 529 18.65 39.12 30.51
N SER G 530 18.03 38.12 31.11
CA SER G 530 16.74 38.31 31.76
C SER G 530 16.44 37.08 32.62
N GLY G 531 15.39 37.21 33.43
CA GLY G 531 14.92 36.12 34.26
C GLY G 531 15.66 36.03 35.58
N GLY G 532 15.10 35.24 36.50
CA GLY G 532 15.71 35.00 37.78
C GLY G 532 15.15 35.88 38.88
N PRO G 533 15.49 35.57 40.13
CA PRO G 533 15.04 36.37 41.27
C PRO G 533 15.82 37.67 41.41
N GLY G 534 15.47 38.64 40.56
CA GLY G 534 16.09 39.95 40.59
C GLY G 534 15.24 40.92 39.79
N THR G 535 15.65 42.19 39.81
CA THR G 535 14.95 43.25 39.08
C THR G 535 15.51 43.30 37.66
N ASP G 536 14.95 42.47 36.78
CA ASP G 536 15.51 42.24 35.45
C ASP G 536 14.85 43.07 34.35
N ARG G 537 13.89 43.94 34.68
CA ARG G 537 13.21 44.74 33.67
C ARG G 537 13.51 46.22 33.88
N PHE G 538 13.82 46.91 32.78
CA PHE G 538 14.26 48.30 32.85
C PHE G 538 14.23 48.90 31.46
N ASP G 539 14.12 50.22 31.41
CA ASP G 539 14.15 50.98 30.16
C ASP G 539 15.54 51.61 30.08
N MET G 540 16.44 50.98 29.33
CA MET G 540 17.79 51.49 29.17
C MET G 540 17.89 52.58 28.12
N LEU G 541 16.88 52.72 27.26
CA LEU G 541 16.97 53.66 26.14
C LEU G 541 16.80 55.10 26.62
N THR G 542 15.84 55.34 27.52
CA THR G 542 15.61 56.71 27.99
C THR G 542 16.82 57.31 28.68
N PRO G 543 17.50 56.65 29.63
CA PRO G 543 18.73 57.23 30.17
C PRO G 543 19.89 57.25 29.19
N LEU G 544 19.90 56.35 28.19
CA LEU G 544 20.96 56.40 27.18
C LEU G 544 20.86 57.67 26.34
N VAL G 545 19.65 58.03 25.91
CA VAL G 545 19.47 59.26 25.14
C VAL G 545 19.79 60.47 26.02
N ALA G 546 19.37 60.43 27.28
CA ALA G 546 19.65 61.54 28.19
C ALA G 546 21.15 61.72 28.40
N TRP G 547 21.90 60.62 28.45
CA TRP G 547 23.35 60.72 28.63
C TRP G 547 24.02 61.29 27.40
N VAL G 548 23.63 60.82 26.21
CA VAL G 548 24.29 61.25 24.98
C VAL G 548 23.92 62.69 24.65
N GLU G 549 22.62 63.00 24.73
CA GLU G 549 22.11 64.27 24.22
C GLU G 549 22.01 65.37 25.27
N ARG G 550 21.90 65.02 26.55
CA ARG G 550 21.81 66.02 27.60
C ARG G 550 22.96 65.98 28.59
N GLY G 551 23.89 65.03 28.46
CA GLY G 551 24.99 64.93 29.39
C GLY G 551 24.65 64.42 30.77
N GLU G 552 23.43 63.93 30.98
CA GLU G 552 23.00 63.47 32.30
C GLU G 552 23.40 62.01 32.45
N ALA G 553 24.51 61.77 33.15
CA ALA G 553 24.95 60.42 33.41
C ALA G 553 23.98 59.70 34.34
N PRO G 554 23.81 58.40 34.19
CA PRO G 554 22.89 57.66 35.06
C PRO G 554 23.55 57.36 36.41
N ASP G 555 23.12 58.07 37.45
CA ASP G 555 23.56 57.78 38.80
C ASP G 555 22.81 56.58 39.39
N GLN G 556 21.68 56.22 38.78
CA GLN G 556 20.93 55.03 39.12
C GLN G 556 20.04 54.72 37.94
N ILE G 557 19.61 53.46 37.84
CA ILE G 557 18.72 53.02 36.76
C ILE G 557 17.59 52.23 37.38
N SER G 558 16.36 52.74 37.26
CA SER G 558 15.21 52.07 37.85
C SER G 558 14.97 50.72 37.19
N ALA G 559 14.75 49.70 38.01
CA ALA G 559 14.50 48.36 37.52
C ALA G 559 13.41 47.71 38.36
N TRP G 560 12.68 46.79 37.74
CA TRP G 560 11.65 46.04 38.46
C TRP G 560 11.71 44.58 38.04
N SER G 561 11.10 43.74 38.85
CA SER G 561 11.16 42.29 38.67
C SER G 561 10.08 41.84 37.71
N GLY G 562 10.49 41.10 36.67
CA GLY G 562 9.53 40.47 35.79
C GLY G 562 8.85 39.26 36.39
N THR G 563 9.45 38.67 37.43
CA THR G 563 8.89 37.52 38.13
C THR G 563 8.91 37.80 39.64
N PRO G 564 8.07 38.74 40.11
CA PRO G 564 8.05 39.04 41.54
C PRO G 564 7.59 37.89 42.41
N GLY G 565 7.05 36.82 41.82
CA GLY G 565 6.68 35.65 42.60
C GLY G 565 7.88 34.98 43.25
N TYR G 566 9.08 35.20 42.70
CA TYR G 566 10.29 34.69 43.34
C TYR G 566 10.43 35.22 44.76
N PHE G 567 9.86 36.38 45.04
CA PHE G 567 9.89 36.99 46.36
C PHE G 567 8.54 36.93 47.07
N GLY G 568 7.54 36.29 46.46
CA GLY G 568 6.23 36.21 47.08
C GLY G 568 5.51 37.53 47.20
N VAL G 569 5.74 38.45 46.27
CA VAL G 569 5.12 39.77 46.30
C VAL G 569 4.52 40.06 44.93
N ALA G 570 3.65 41.08 44.89
CA ALA G 570 3.02 41.45 43.63
C ALA G 570 3.95 42.26 42.74
N ALA G 571 4.90 42.98 43.32
CA ALA G 571 5.83 43.79 42.54
C ALA G 571 7.03 44.15 43.39
N ARG G 572 8.15 44.42 42.72
CA ARG G 572 9.35 44.86 43.41
C ARG G 572 10.16 45.73 42.46
N THR G 573 10.43 46.97 42.88
CA THR G 573 11.26 47.91 42.14
C THR G 573 12.48 48.25 42.96
N ARG G 574 13.64 48.32 42.29
CA ARG G 574 14.91 48.58 42.96
C ARG G 574 15.77 49.41 42.02
N PRO G 575 16.68 50.21 42.56
CA PRO G 575 17.65 50.90 41.70
C PRO G 575 18.81 49.96 41.33
N LEU G 576 19.22 50.05 40.07
CA LEU G 576 20.50 49.49 39.67
C LEU G 576 21.57 50.55 39.88
N CYS G 577 22.70 50.14 40.41
CA CYS G 577 23.69 51.12 40.81
C CYS G 577 24.94 51.00 39.95
N PRO G 578 25.57 52.14 39.62
CA PRO G 578 26.79 52.09 38.81
C PRO G 578 27.94 51.46 39.59
N TYR G 579 28.65 50.55 38.93
CA TYR G 579 29.78 49.87 39.53
C TYR G 579 30.76 50.89 40.10
N PRO G 580 31.30 50.65 41.31
CA PRO G 580 31.14 49.48 42.16
C PRO G 580 30.07 49.62 43.25
N GLN G 581 29.14 50.55 43.07
CA GLN G 581 28.12 50.78 44.09
C GLN G 581 27.10 49.65 44.10
N ILE G 582 26.41 49.52 45.24
CA ILE G 582 25.32 48.57 45.40
C ILE G 582 24.16 49.28 46.07
N ALA G 583 22.97 48.71 45.92
CA ALA G 583 21.78 49.26 46.55
C ALA G 583 21.73 48.84 48.01
N ARG G 584 21.31 49.77 48.87
CA ARG G 584 21.18 49.49 50.30
C ARG G 584 19.85 50.03 50.80
N TYR G 585 19.12 49.18 51.51
CA TYR G 585 17.87 49.59 52.14
C TYR G 585 18.10 50.76 53.08
N LYS G 586 17.22 51.76 53.01
CA LYS G 586 17.37 52.95 53.83
C LYS G 586 17.03 52.71 55.30
N GLY G 587 16.44 51.57 55.62
CA GLY G 587 16.10 51.26 57.00
C GLY G 587 14.64 51.42 57.35
N SER G 588 13.80 51.88 56.43
CA SER G 588 12.39 52.07 56.70
C SER G 588 11.64 52.11 55.38
N GLY G 589 10.34 51.82 55.46
CA GLY G 589 9.49 51.83 54.28
C GLY G 589 9.41 50.46 53.62
N ASP G 590 8.47 50.37 52.67
CA ASP G 590 8.27 49.12 51.92
C ASP G 590 9.57 48.70 51.25
N ILE G 591 10.03 47.49 51.56
CA ILE G 591 11.26 46.99 50.95
C ILE G 591 11.12 46.64 49.49
N ASN G 592 9.91 46.73 48.92
CA ASN G 592 9.65 46.44 47.51
C ASN G 592 9.52 47.70 46.67
N THR G 593 9.85 48.86 47.23
CA THR G 593 9.73 50.14 46.53
C THR G 593 11.12 50.76 46.40
N GLU G 594 11.43 51.23 45.18
CA GLU G 594 12.77 51.74 44.89
C GLU G 594 13.13 52.92 45.76
N ALA G 595 12.15 53.75 46.13
CA ALA G 595 12.43 54.97 46.88
C ALA G 595 13.04 54.71 48.25
N ASN G 596 12.94 53.47 48.77
CA ASN G 596 13.49 53.14 50.07
C ASN G 596 14.89 52.52 49.97
N PHE G 597 15.54 52.66 48.82
CA PHE G 597 16.90 52.17 48.61
C PHE G 597 17.74 53.27 47.99
N ALA G 598 19.03 53.25 48.30
CA ALA G 598 19.97 54.20 47.73
C ALA G 598 21.24 53.46 47.32
N CYS G 599 21.96 54.06 46.37
CA CYS G 599 23.19 53.47 45.86
C CYS G 599 24.38 53.94 46.68
N ALA G 600 25.25 53.01 47.07
CA ALA G 600 26.44 53.35 47.84
C ALA G 600 27.47 52.24 47.70
N ALA G 601 28.72 52.57 48.02
CA ALA G 601 29.77 51.57 48.06
C ALA G 601 29.57 50.67 49.27
N PRO G 602 29.88 49.37 49.16
CA PRO G 602 29.65 48.39 50.24
C PRO G 602 30.31 48.76 51.57
N PRO H 42 -61.68 35.37 10.45
CA PRO H 42 -61.00 36.65 10.22
C PRO H 42 -59.72 36.49 9.41
N VAL H 43 -59.72 35.55 8.46
CA VAL H 43 -58.60 35.34 7.57
C VAL H 43 -59.14 35.23 6.15
N PRO H 44 -58.59 35.97 5.18
CA PRO H 44 -59.13 35.93 3.82
C PRO H 44 -58.63 34.70 3.07
N LEU H 45 -59.30 34.42 1.96
CA LEU H 45 -59.12 33.16 1.25
C LEU H 45 -57.91 33.23 0.32
N ALA H 46 -57.27 32.08 0.15
CA ALA H 46 -56.03 31.93 -0.63
C ALA H 46 -54.93 32.90 -0.20
N SER H 47 -54.77 33.06 1.11
CA SER H 47 -53.87 34.07 1.65
C SER H 47 -52.93 33.41 2.64
N ARG H 48 -51.89 34.16 3.01
CA ARG H 48 -50.91 33.67 3.96
C ARG H 48 -51.55 33.38 5.31
N ALA H 49 -52.44 34.28 5.77
CA ALA H 49 -53.06 34.10 7.08
C ALA H 49 -54.00 32.90 7.08
N ALA H 50 -54.76 32.71 6.00
CA ALA H 50 -55.61 31.52 5.90
C ALA H 50 -54.78 30.24 5.90
N CYS H 51 -53.61 30.29 5.27
CA CYS H 51 -52.72 29.13 5.24
C CYS H 51 -52.36 28.70 6.66
N GLU H 52 -51.80 29.61 7.45
CA GLU H 52 -51.36 29.27 8.79
C GLU H 52 -52.52 29.12 9.77
N ALA H 53 -53.70 29.66 9.43
CA ALA H 53 -54.88 29.40 10.25
C ALA H 53 -55.25 27.92 10.25
N LEU H 54 -54.79 27.16 9.26
CA LEU H 54 -55.06 25.73 9.23
C LEU H 54 -54.26 24.99 10.29
N LYS H 55 -53.11 25.53 10.68
CA LYS H 55 -52.25 24.85 11.66
C LYS H 55 -53.00 24.67 12.97
N ASP H 56 -52.74 23.54 13.63
CA ASP H 56 -53.34 23.25 14.92
C ASP H 56 -53.08 24.36 15.93
N GLY H 57 -54.11 25.13 16.27
CA GLY H 57 -54.00 26.16 17.28
C GLY H 57 -54.45 27.53 16.83
N ASN H 58 -54.10 27.90 15.59
CA ASN H 58 -54.43 29.21 15.05
C ASN H 58 -55.84 29.28 14.48
N GLY H 59 -56.56 28.17 14.38
CA GLY H 59 -57.87 28.23 13.78
C GLY H 59 -58.90 27.34 14.45
N ASP H 60 -60.05 27.21 13.79
CA ASP H 60 -61.14 26.34 14.24
C ASP H 60 -61.33 25.15 13.31
N MET H 61 -60.34 24.86 12.46
CA MET H 61 -60.49 23.89 11.38
C MET H 61 -60.91 22.53 11.92
N VAL H 62 -62.05 22.04 11.43
CA VAL H 62 -62.54 20.71 11.77
C VAL H 62 -62.05 19.74 10.70
N TRP H 63 -61.54 18.61 11.14
CA TRP H 63 -61.08 17.63 10.17
C TRP H 63 -62.03 16.45 10.11
N PRO H 64 -62.16 15.81 8.93
CA PRO H 64 -63.04 14.63 8.84
C PRO H 64 -62.66 13.52 9.81
N ASN H 65 -61.37 13.32 10.04
CA ASN H 65 -60.89 12.38 11.04
C ASN H 65 -60.47 13.16 12.29
N ALA H 66 -61.02 12.75 13.44
CA ALA H 66 -60.75 13.45 14.69
C ALA H 66 -59.30 13.34 15.15
N ALA H 67 -58.53 12.42 14.59
CA ALA H 67 -57.13 12.20 14.97
C ALA H 67 -56.16 12.75 13.93
N THR H 68 -56.46 13.94 13.39
CA THR H 68 -55.59 14.58 12.42
C THR H 68 -54.80 15.70 13.12
N VAL H 69 -53.49 15.71 12.88
CA VAL H 69 -52.59 16.68 13.50
C VAL H 69 -51.83 17.40 12.39
N VAL H 70 -52.00 18.71 12.31
CA VAL H 70 -51.24 19.53 11.36
C VAL H 70 -49.96 20.00 12.05
N GLU H 71 -48.81 19.65 11.47
CA GLU H 71 -47.53 20.05 12.02
C GLU H 71 -46.91 21.23 11.27
N VAL H 72 -47.28 21.43 10.01
CA VAL H 72 -46.74 22.49 9.18
C VAL H 72 -47.89 23.16 8.44
N ALA H 73 -47.85 24.50 8.37
CA ALA H 73 -48.79 25.29 7.56
C ALA H 73 -48.05 26.59 7.22
N ALA H 74 -47.21 26.51 6.20
CA ALA H 74 -46.26 27.57 5.87
C ALA H 74 -46.52 28.12 4.48
N TRP H 75 -46.46 29.44 4.34
CA TRP H 75 -46.58 30.08 3.05
C TRP H 75 -45.27 29.98 2.29
N ARG H 76 -45.35 29.60 1.02
CA ARG H 76 -44.17 29.37 0.19
C ARG H 76 -44.15 30.38 -0.95
N ASP H 77 -43.00 31.04 -1.14
CA ASP H 77 -42.85 31.94 -2.26
C ASP H 77 -42.77 31.15 -3.56
N ALA H 78 -43.10 31.81 -4.67
CA ALA H 78 -43.08 31.15 -5.97
C ALA H 78 -41.66 30.79 -6.37
N ALA H 79 -41.47 29.55 -6.83
CA ALA H 79 -40.14 29.07 -7.19
C ALA H 79 -39.96 29.10 -8.70
N PRO H 80 -38.90 29.70 -9.21
CA PRO H 80 -38.67 29.70 -10.66
C PRO H 80 -38.31 28.32 -11.15
N ALA H 81 -38.45 28.14 -12.47
CA ALA H 81 -38.11 26.87 -13.09
C ALA H 81 -36.63 26.56 -12.91
N THR H 82 -36.32 25.27 -12.80
CA THR H 82 -34.94 24.78 -12.78
C THR H 82 -34.71 23.89 -14.00
N ALA H 83 -33.51 23.31 -14.07
CA ALA H 83 -33.18 22.45 -15.19
C ALA H 83 -34.00 21.17 -15.21
N SER H 84 -34.62 20.79 -14.09
CA SER H 84 -35.33 19.53 -14.00
C SER H 84 -36.74 19.65 -13.46
N ALA H 85 -37.22 20.86 -13.17
CA ALA H 85 -38.55 21.02 -12.61
C ALA H 85 -39.17 22.30 -13.13
N ALA H 86 -40.48 22.25 -13.36
CA ALA H 86 -41.20 23.45 -13.76
C ALA H 86 -41.35 24.39 -12.58
N ALA H 87 -41.57 25.66 -12.88
CA ALA H 87 -41.74 26.67 -11.84
C ALA H 87 -42.94 26.32 -10.97
N LEU H 88 -42.83 26.59 -9.67
CA LEU H 88 -43.88 26.30 -8.72
C LEU H 88 -44.52 27.59 -8.26
N PRO H 89 -45.83 27.76 -8.41
CA PRO H 89 -46.48 29.00 -7.99
C PRO H 89 -46.48 29.14 -6.49
N GLU H 90 -46.63 30.38 -6.03
CA GLU H 90 -46.80 30.65 -4.62
C GLU H 90 -47.98 29.84 -4.09
N HIS H 91 -47.76 29.16 -2.97
CA HIS H 91 -48.73 28.22 -2.47
C HIS H 91 -48.59 28.09 -0.96
N CYS H 92 -49.55 27.40 -0.36
CA CYS H 92 -49.52 27.11 1.06
C CYS H 92 -49.26 25.62 1.24
N GLU H 93 -48.17 25.30 1.95
CA GLU H 93 -47.80 23.93 2.23
C GLU H 93 -48.29 23.56 3.62
N VAL H 94 -49.09 22.51 3.71
CA VAL H 94 -49.54 21.96 4.98
C VAL H 94 -49.15 20.49 5.03
N SER H 95 -48.62 20.06 6.17
CA SER H 95 -48.19 18.69 6.32
C SER H 95 -48.56 18.20 7.72
N GLY H 96 -48.94 16.94 7.82
CA GLY H 96 -49.53 16.44 9.04
C GLY H 96 -49.50 14.94 9.13
N ALA H 97 -50.16 14.42 10.15
CA ALA H 97 -50.35 12.98 10.32
C ALA H 97 -51.79 12.73 10.76
N ILE H 98 -52.25 11.50 10.51
CA ILE H 98 -53.60 11.09 10.86
C ILE H 98 -53.52 9.76 11.60
N ALA H 99 -54.23 9.66 12.72
CA ALA H 99 -54.37 8.42 13.49
C ALA H 99 -53.01 7.93 14.00
N LYS H 100 -52.33 8.82 14.74
CA LYS H 100 -51.11 8.43 15.43
C LYS H 100 -51.42 7.36 16.47
N ARG H 101 -50.68 6.26 16.42
CA ARG H 101 -51.01 5.10 17.24
C ARG H 101 -49.75 4.26 17.43
N THR H 102 -49.89 3.19 18.21
CA THR H 102 -48.83 2.20 18.39
C THR H 102 -49.33 0.86 17.87
N GLY H 103 -48.54 0.22 17.03
CA GLY H 103 -48.92 -1.06 16.48
C GLY H 103 -48.79 -2.20 17.47
N ILE H 104 -49.38 -3.34 17.11
CA ILE H 104 -49.28 -4.52 17.96
C ILE H 104 -47.84 -5.05 18.01
N ASP H 105 -46.99 -4.62 17.07
CA ASP H 105 -45.57 -4.93 17.13
C ASP H 105 -44.80 -3.95 18.01
N GLY H 106 -45.48 -3.00 18.64
CA GLY H 106 -44.83 -1.99 19.45
C GLY H 106 -44.23 -0.84 18.68
N TYR H 107 -44.40 -0.80 17.36
CA TYR H 107 -43.85 0.29 16.55
C TYR H 107 -44.88 1.41 16.42
N PRO H 108 -44.43 2.67 16.40
CA PRO H 108 -45.36 3.77 16.12
C PRO H 108 -45.82 3.73 14.67
N TYR H 109 -47.07 4.08 14.44
CA TYR H 109 -47.64 4.18 13.10
C TYR H 109 -48.48 5.43 12.99
N GLU H 110 -48.54 5.99 11.78
CA GLU H 110 -49.36 7.16 11.49
C GLU H 110 -49.46 7.31 9.98
N ILE H 111 -50.46 8.06 9.54
CA ILE H 111 -50.68 8.33 8.12
C ILE H 111 -50.22 9.75 7.87
N LYS H 112 -49.04 9.91 7.26
CA LYS H 112 -48.55 11.24 6.95
C LYS H 112 -49.18 11.75 5.66
N PHE H 113 -49.21 13.08 5.54
CA PHE H 113 -49.68 13.72 4.32
C PHE H 113 -49.01 15.07 4.17
N ARG H 114 -48.85 15.50 2.92
CA ARG H 114 -48.32 16.82 2.61
C ARG H 114 -49.16 17.39 1.47
N LEU H 115 -49.70 18.58 1.69
CA LEU H 115 -50.62 19.20 0.74
C LEU H 115 -50.12 20.58 0.38
N ARG H 116 -50.21 20.93 -0.90
CA ARG H 116 -49.79 22.22 -1.41
C ARG H 116 -50.94 22.84 -2.18
N MET H 117 -51.34 24.04 -1.80
CA MET H 117 -52.48 24.73 -2.41
C MET H 117 -52.03 26.05 -3.00
N PRO H 118 -52.01 26.19 -4.33
CA PRO H 118 -51.51 27.42 -4.94
C PRO H 118 -52.41 28.61 -4.65
N ALA H 119 -51.79 29.79 -4.56
CA ALA H 119 -52.56 31.02 -4.39
C ALA H 119 -53.50 31.24 -5.57
N GLU H 120 -53.01 31.03 -6.79
CA GLU H 120 -53.83 31.07 -7.99
C GLU H 120 -54.15 29.63 -8.37
N TRP H 121 -55.41 29.22 -8.12
CA TRP H 121 -55.84 27.84 -8.20
C TRP H 121 -56.75 27.64 -9.41
N ASN H 122 -56.60 26.50 -10.09
CA ASN H 122 -57.41 26.19 -11.25
C ASN H 122 -58.66 25.39 -10.90
N GLY H 123 -59.01 25.30 -9.62
CA GLY H 123 -60.23 24.62 -9.23
C GLY H 123 -60.17 23.11 -9.29
N ARG H 124 -58.98 22.52 -9.33
CA ARG H 124 -58.82 21.08 -9.47
C ARG H 124 -57.98 20.51 -8.34
N PHE H 125 -58.29 19.27 -7.96
CA PHE H 125 -57.60 18.57 -6.90
C PHE H 125 -56.81 17.41 -7.48
N PHE H 126 -55.58 17.21 -6.99
CA PHE H 126 -54.66 16.22 -7.54
C PHE H 126 -53.99 15.45 -6.42
N MET H 127 -53.98 14.13 -6.53
CA MET H 127 -53.22 13.27 -5.64
C MET H 127 -52.29 12.39 -6.46
N GLU H 128 -51.05 12.23 -6.00
CA GLU H 128 -50.09 11.33 -6.62
C GLU H 128 -50.04 10.01 -5.85
N GLY H 129 -49.80 8.93 -6.58
CA GLY H 129 -49.69 7.62 -5.98
C GLY H 129 -48.31 7.33 -5.43
N GLY H 130 -48.16 6.13 -4.86
CA GLY H 130 -46.94 5.72 -4.20
C GLY H 130 -46.03 4.91 -5.10
N SER H 131 -45.10 4.20 -4.46
CA SER H 131 -44.12 3.37 -5.14
C SER H 131 -43.48 2.42 -4.14
N GLY H 132 -42.98 1.29 -4.66
CA GLY H 132 -42.36 0.30 -3.78
C GLY H 132 -43.38 -0.24 -2.80
N THR H 133 -43.03 -0.19 -1.51
CA THR H 133 -43.97 -0.45 -0.44
C THR H 133 -44.31 0.83 0.32
N ASN H 134 -44.24 1.97 -0.37
CA ASN H 134 -44.53 3.30 0.19
C ASN H 134 -43.59 3.54 1.37
N GLY H 135 -44.03 4.21 2.42
CA GLY H 135 -43.18 4.49 3.56
C GLY H 135 -42.43 5.81 3.49
N SER H 136 -42.52 6.52 2.38
CA SER H 136 -41.84 7.79 2.19
C SER H 136 -42.85 8.86 1.81
N LEU H 137 -42.61 10.08 2.30
CA LEU H 137 -43.47 11.22 2.03
C LEU H 137 -42.74 12.13 1.05
N SER H 138 -43.24 12.21 -0.17
CA SER H 138 -42.59 12.98 -1.22
C SER H 138 -42.81 14.47 -1.00
N ALA H 139 -42.21 15.28 -1.89
CA ALA H 139 -42.38 16.72 -1.83
C ALA H 139 -43.82 17.14 -2.10
N ALA H 140 -44.62 16.26 -2.71
CA ALA H 140 -46.07 16.45 -2.89
C ALA H 140 -46.38 17.65 -3.79
N THR H 141 -45.57 17.84 -4.83
CA THR H 141 -45.89 18.82 -5.86
C THR H 141 -46.77 18.24 -6.95
N GLY H 142 -47.16 16.97 -6.84
CA GLY H 142 -48.06 16.36 -7.80
C GLY H 142 -47.34 15.77 -8.99
N SER H 143 -46.69 14.63 -8.80
CA SER H 143 -46.00 13.96 -9.89
C SER H 143 -47.02 13.37 -10.86
N ILE H 144 -46.78 13.59 -12.16
CA ILE H 144 -47.65 13.04 -13.19
C ILE H 144 -47.02 11.85 -13.90
N GLY H 145 -45.83 11.43 -13.48
CA GLY H 145 -45.17 10.29 -14.08
C GLY H 145 -44.69 10.57 -15.49
N GLY H 146 -44.35 9.49 -16.19
CA GLY H 146 -43.93 9.59 -17.58
C GLY H 146 -42.71 10.43 -17.82
N GLY H 147 -41.85 10.59 -16.81
CA GLY H 147 -40.63 11.36 -16.96
C GLY H 147 -40.85 12.82 -17.29
N GLN H 148 -41.94 13.41 -16.80
CA GLN H 148 -42.32 14.77 -17.16
C GLN H 148 -41.62 15.81 -16.30
N ILE H 149 -41.35 16.96 -16.91
CA ILE H 149 -40.74 18.08 -16.19
C ILE H 149 -41.78 18.76 -15.30
N ALA H 150 -43.01 18.87 -15.78
CA ALA H 150 -44.03 19.65 -15.11
C ALA H 150 -44.72 18.82 -14.02
N SER H 151 -44.97 19.46 -12.89
CA SER H 151 -45.77 18.89 -11.81
C SER H 151 -47.20 19.43 -11.90
N ALA H 152 -48.10 18.77 -11.18
CA ALA H 152 -49.48 19.25 -11.14
C ALA H 152 -49.57 20.61 -10.45
N LEU H 153 -48.74 20.83 -9.42
CA LEU H 153 -48.70 22.13 -8.77
C LEU H 153 -48.22 23.21 -9.73
N SER H 154 -47.24 22.88 -10.58
CA SER H 154 -46.81 23.82 -11.61
C SER H 154 -47.92 24.15 -12.58
N ARG H 155 -48.94 23.30 -12.69
CA ARG H 155 -50.13 23.56 -13.48
C ARG H 155 -51.27 24.09 -12.63
N ASN H 156 -50.96 24.63 -11.45
CA ASN H 156 -51.92 25.30 -10.57
C ASN H 156 -52.98 24.35 -10.01
N PHE H 157 -52.66 23.06 -9.94
CA PHE H 157 -53.48 22.12 -9.19
C PHE H 157 -53.16 22.24 -7.70
N ALA H 158 -54.13 21.88 -6.87
CA ALA H 158 -53.86 21.60 -5.47
C ALA H 158 -53.46 20.13 -5.35
N THR H 159 -52.32 19.87 -4.73
CA THR H 159 -51.70 18.55 -4.77
C THR H 159 -51.45 18.03 -3.37
N ILE H 160 -51.51 16.70 -3.22
CA ILE H 160 -51.31 16.03 -1.95
C ILE H 160 -50.68 14.66 -2.17
N ALA H 161 -50.00 14.16 -1.15
CA ALA H 161 -49.39 12.83 -1.18
C ALA H 161 -49.42 12.26 0.22
N THR H 162 -49.15 10.96 0.33
CA THR H 162 -49.12 10.26 1.60
C THR H 162 -47.95 9.28 1.60
N ASP H 163 -47.65 8.73 2.79
CA ASP H 163 -46.64 7.69 2.90
C ASP H 163 -47.25 6.30 3.06
N GLY H 164 -48.58 6.19 3.04
CA GLY H 164 -49.24 4.91 3.08
C GLY H 164 -49.55 4.37 4.46
N GLY H 165 -49.15 5.07 5.51
CA GLY H 165 -49.42 4.64 6.87
C GLY H 165 -48.21 4.10 7.63
N HIS H 166 -47.01 4.16 7.06
CA HIS H 166 -45.81 3.77 7.77
C HIS H 166 -44.66 4.64 7.29
N ASP H 167 -43.57 4.62 8.05
CA ASP H 167 -42.42 5.49 7.83
C ASP H 167 -41.18 4.62 7.72
N ASN H 168 -40.49 4.71 6.57
CA ASN H 168 -39.30 3.90 6.36
C ASN H 168 -38.18 4.23 7.35
N ALA H 169 -38.20 5.42 7.95
CA ALA H 169 -37.21 5.75 8.96
C ALA H 169 -37.60 5.21 10.33
N VAL H 170 -38.89 5.18 10.64
CA VAL H 170 -39.37 4.71 11.93
C VAL H 170 -39.66 3.22 11.91
N ASN H 171 -40.40 2.77 10.91
CA ASN H 171 -40.83 1.37 10.80
C ASN H 171 -39.81 0.52 10.07
N ASP H 172 -38.56 0.56 10.56
CA ASP H 172 -37.44 -0.21 10.02
C ASP H 172 -37.06 -1.25 11.07
N ASN H 173 -37.54 -2.48 10.89
CA ASN H 173 -37.36 -3.55 11.87
C ASN H 173 -36.27 -4.49 11.39
N PRO H 174 -35.10 -4.53 12.04
CA PRO H 174 -34.04 -5.44 11.58
C PRO H 174 -34.39 -6.91 11.72
N ASP H 175 -35.40 -7.25 12.50
CA ASP H 175 -35.87 -8.62 12.62
C ASP H 175 -37.01 -8.93 11.67
N ALA H 176 -37.51 -7.95 10.92
CA ALA H 176 -38.66 -8.13 10.04
C ALA H 176 -38.37 -7.59 8.65
N LEU H 177 -37.13 -7.76 8.18
CA LEU H 177 -36.74 -7.50 6.79
C LEU H 177 -36.78 -6.02 6.44
N GLY H 178 -36.43 -5.17 7.40
CA GLY H 178 -36.18 -3.76 7.09
C GLY H 178 -37.47 -2.98 6.94
N THR H 179 -37.56 -2.22 5.85
CA THR H 179 -38.65 -1.26 5.67
C THR H 179 -39.97 -1.90 5.23
N VAL H 180 -40.03 -3.22 5.08
CA VAL H 180 -41.31 -3.88 4.84
C VAL H 180 -41.92 -4.26 6.18
N ALA H 181 -41.37 -3.71 7.27
CA ALA H 181 -41.72 -4.10 8.63
C ALA H 181 -43.15 -3.75 9.01
N PHE H 182 -43.82 -2.88 8.25
CA PHE H 182 -45.21 -2.54 8.58
C PHE H 182 -46.12 -3.75 8.51
N GLY H 183 -45.71 -4.83 7.83
CA GLY H 183 -46.57 -5.98 7.69
C GLY H 183 -46.84 -6.71 8.98
N LEU H 184 -46.07 -6.43 10.03
CA LEU H 184 -46.33 -7.05 11.33
C LEU H 184 -47.57 -6.49 12.01
N ASP H 185 -48.10 -5.35 11.53
CA ASP H 185 -49.23 -4.71 12.17
C ASP H 185 -50.47 -4.79 11.27
N PRO H 186 -51.56 -5.42 11.72
CA PRO H 186 -52.74 -5.52 10.84
C PRO H 186 -53.29 -4.18 10.38
N GLN H 187 -53.32 -3.17 11.25
CA GLN H 187 -53.89 -1.88 10.83
C GLN H 187 -52.99 -1.20 9.80
N ALA H 188 -51.67 -1.27 9.98
CA ALA H 188 -50.76 -0.72 8.98
C ALA H 188 -50.93 -1.40 7.63
N ARG H 189 -51.34 -2.68 7.63
CA ARG H 189 -51.65 -3.36 6.39
C ARG H 189 -52.88 -2.74 5.72
N LEU H 190 -53.96 -2.58 6.48
CA LEU H 190 -55.17 -1.96 5.94
C LEU H 190 -54.89 -0.54 5.45
N ASP H 191 -54.06 0.21 6.19
CA ASP H 191 -53.71 1.55 5.76
C ASP H 191 -52.91 1.50 4.46
N MET H 192 -51.97 0.55 4.37
CA MET H 192 -51.23 0.38 3.12
C MET H 192 -52.15 -0.05 1.99
N GLY H 193 -53.17 -0.83 2.28
CA GLY H 193 -54.03 -1.34 1.23
C GLY H 193 -54.99 -0.30 0.69
N TYR H 194 -55.70 0.39 1.57
CA TYR H 194 -56.72 1.31 1.10
C TYR H 194 -56.99 2.49 2.03
N ASN H 195 -56.86 2.29 3.35
CA ASN H 195 -57.38 3.28 4.28
C ASN H 195 -56.59 4.59 4.23
N SER H 196 -55.27 4.52 4.06
CA SER H 196 -54.47 5.75 4.09
C SER H 196 -54.86 6.69 2.96
N TYR H 197 -55.05 6.16 1.75
CA TYR H 197 -55.41 7.01 0.62
C TYR H 197 -56.82 7.56 0.77
N ASP H 198 -57.72 6.79 1.38
CA ASP H 198 -59.04 7.30 1.72
C ASP H 198 -58.93 8.44 2.73
N GLN H 199 -58.16 8.22 3.81
CA GLN H 199 -58.04 9.23 4.85
C GLN H 199 -57.38 10.51 4.33
N VAL H 200 -56.33 10.37 3.52
CA VAL H 200 -55.62 11.55 3.04
C VAL H 200 -56.45 12.31 2.02
N THR H 201 -57.24 11.60 1.21
CA THR H 201 -58.13 12.27 0.26
C THR H 201 -59.16 13.13 0.99
N GLN H 202 -59.78 12.57 2.03
CA GLN H 202 -60.79 13.32 2.79
C GLN H 202 -60.19 14.54 3.46
N ALA H 203 -58.99 14.40 4.01
CA ALA H 203 -58.36 15.53 4.70
C ALA H 203 -57.94 16.61 3.71
N GLY H 204 -57.40 16.21 2.55
CA GLY H 204 -57.02 17.19 1.56
C GLY H 204 -58.20 17.96 1.02
N LYS H 205 -59.33 17.27 0.79
CA LYS H 205 -60.52 17.94 0.31
C LYS H 205 -61.18 18.80 1.38
N ALA H 206 -60.92 18.53 2.67
CA ALA H 206 -61.40 19.44 3.71
C ALA H 206 -60.58 20.72 3.72
N ALA H 207 -59.27 20.60 3.55
CA ALA H 207 -58.41 21.77 3.57
C ALA H 207 -58.57 22.60 2.31
N VAL H 208 -58.92 22.00 1.17
CA VAL H 208 -59.13 22.85 0.00
C VAL H 208 -60.44 23.64 0.15
N ALA H 209 -61.46 23.05 0.81
CA ALA H 209 -62.71 23.77 0.96
C ALA H 209 -62.54 24.98 1.86
N ARG H 210 -61.86 24.80 3.00
CA ARG H 210 -61.66 25.91 3.93
C ARG H 210 -60.72 26.95 3.35
N PHE H 211 -59.61 26.52 2.76
CA PHE H 211 -58.60 27.46 2.27
C PHE H 211 -59.12 28.30 1.11
N TYR H 212 -59.87 27.67 0.19
CA TYR H 212 -60.35 28.36 -0.99
C TYR H 212 -61.78 28.88 -0.87
N GLY H 213 -62.56 28.36 0.09
CA GLY H 213 -63.93 28.75 0.25
C GLY H 213 -64.92 27.93 -0.57
N ARG H 214 -64.44 26.94 -1.32
CA ARG H 214 -65.29 26.15 -2.20
C ARG H 214 -64.65 24.78 -2.39
N ALA H 215 -65.46 23.83 -2.85
CA ALA H 215 -64.97 22.51 -3.18
C ALA H 215 -64.36 22.50 -4.58
N ALA H 216 -63.48 21.53 -4.82
CA ALA H 216 -62.83 21.41 -6.12
C ALA H 216 -63.84 21.01 -7.18
N ASP H 217 -63.67 21.55 -8.39
CA ASP H 217 -64.55 21.19 -9.49
C ASP H 217 -64.34 19.73 -9.90
N LYS H 218 -63.08 19.31 -10.02
CA LYS H 218 -62.74 17.95 -10.41
C LYS H 218 -61.53 17.49 -9.62
N SER H 219 -61.39 16.17 -9.48
CA SER H 219 -60.30 15.56 -8.74
C SER H 219 -59.63 14.51 -9.60
N TYR H 220 -58.30 14.44 -9.53
CA TYR H 220 -57.52 13.56 -10.38
C TYR H 220 -56.47 12.81 -9.57
N PHE H 221 -56.25 11.55 -9.94
CA PHE H 221 -55.24 10.70 -9.32
C PHE H 221 -54.35 10.10 -10.40
N ILE H 222 -53.04 10.20 -10.20
CA ILE H 222 -52.06 9.62 -11.12
C ILE H 222 -51.08 8.78 -10.32
N GLY H 223 -50.91 7.52 -10.71
CA GLY H 223 -49.96 6.65 -10.05
C GLY H 223 -49.42 5.58 -10.97
N CYS H 224 -48.27 5.05 -10.59
CA CYS H 224 -47.61 3.97 -11.31
C CYS H 224 -47.13 2.92 -10.32
N SER H 225 -47.12 1.66 -10.74
CA SER H 225 -46.64 0.52 -9.95
C SER H 225 -47.55 0.36 -8.74
N GLU H 226 -47.06 0.51 -7.51
CA GLU H 226 -47.95 0.53 -6.36
C GLU H 226 -48.96 1.66 -6.47
N GLY H 227 -48.55 2.78 -7.05
CA GLY H 227 -49.49 3.85 -7.33
C GLY H 227 -50.53 3.48 -8.37
N GLY H 228 -50.16 2.63 -9.32
CA GLY H 228 -51.15 2.12 -10.26
C GLY H 228 -52.17 1.23 -9.59
N ARG H 229 -51.73 0.42 -8.63
CA ARG H 229 -52.68 -0.36 -7.83
C ARG H 229 -53.62 0.55 -7.04
N GLU H 230 -53.07 1.60 -6.43
CA GLU H 230 -53.91 2.53 -5.68
C GLU H 230 -54.96 3.18 -6.57
N GLY H 231 -54.60 3.50 -7.81
CA GLY H 231 -55.58 4.09 -8.72
C GLY H 231 -56.71 3.15 -9.04
N MET H 232 -56.39 1.90 -9.35
CA MET H 232 -57.44 0.92 -9.63
C MET H 232 -58.28 0.64 -8.39
N MET H 233 -57.65 0.61 -7.21
CA MET H 233 -58.40 0.44 -5.97
C MET H 233 -59.38 1.59 -5.77
N LEU H 234 -58.93 2.82 -6.01
CA LEU H 234 -59.81 3.97 -5.82
C LEU H 234 -61.01 3.90 -6.75
N SER H 235 -60.80 3.45 -7.99
CA SER H 235 -61.91 3.33 -8.93
C SER H 235 -62.90 2.25 -8.48
N GLN H 236 -62.42 1.24 -7.75
CA GLN H 236 -63.26 0.14 -7.31
C GLN H 236 -63.85 0.36 -5.92
N ARG H 237 -63.04 0.85 -4.98
CA ARG H 237 -63.45 0.97 -3.59
C ARG H 237 -63.99 2.35 -3.22
N PHE H 238 -63.48 3.42 -3.81
CA PHE H 238 -63.91 4.79 -3.50
C PHE H 238 -64.18 5.55 -4.80
N PRO H 239 -65.19 5.12 -5.57
CA PRO H 239 -65.37 5.70 -6.91
C PRO H 239 -65.67 7.19 -6.93
N SER H 240 -66.12 7.77 -5.82
CA SER H 240 -66.44 9.18 -5.76
C SER H 240 -65.25 10.05 -5.35
N HIS H 241 -64.10 9.44 -5.07
CA HIS H 241 -62.93 10.23 -4.64
C HIS H 241 -62.34 11.01 -5.81
N TYR H 242 -62.25 10.40 -6.98
CA TYR H 242 -61.56 11.01 -8.11
C TYR H 242 -62.35 10.81 -9.38
N ASP H 243 -62.42 11.86 -10.20
CA ASP H 243 -63.12 11.80 -11.48
C ASP H 243 -62.23 11.23 -12.58
N GLY H 244 -60.94 11.50 -12.51
CA GLY H 244 -60.00 10.94 -13.49
C GLY H 244 -58.85 10.24 -12.79
N ILE H 245 -58.50 9.06 -13.30
CA ILE H 245 -57.45 8.24 -12.71
C ILE H 245 -56.52 7.76 -13.82
N VAL H 246 -55.22 7.97 -13.62
CA VAL H 246 -54.18 7.36 -14.43
C VAL H 246 -53.51 6.28 -13.59
N ALA H 247 -53.58 5.03 -14.05
CA ALA H 247 -53.00 3.89 -13.33
C ALA H 247 -51.99 3.21 -14.26
N GLY H 248 -50.71 3.48 -14.05
CA GLY H 248 -49.65 2.88 -14.84
C GLY H 248 -49.03 1.68 -14.14
N ALA H 249 -48.62 0.70 -14.96
CA ALA H 249 -48.02 -0.55 -14.52
C ALA H 249 -48.64 -1.04 -13.20
N PRO H 250 -49.96 -1.23 -13.17
CA PRO H 250 -50.66 -1.39 -11.88
C PRO H 250 -50.46 -2.79 -11.31
N GLY H 251 -49.92 -2.84 -10.09
CA GLY H 251 -49.81 -4.10 -9.39
C GLY H 251 -51.12 -4.47 -8.72
N TYR H 252 -52.19 -4.63 -9.51
CA TYR H 252 -53.51 -4.92 -8.94
C TYR H 252 -53.61 -6.33 -8.37
N GLN H 253 -52.64 -7.19 -8.63
CA GLN H 253 -52.52 -8.50 -7.97
C GLN H 253 -51.19 -8.60 -7.25
N LEU H 254 -50.79 -7.51 -6.60
CA LEU H 254 -49.47 -7.43 -5.97
C LEU H 254 -49.15 -8.58 -5.02
N PRO H 255 -50.06 -9.10 -4.20
CA PRO H 255 -49.71 -10.27 -3.38
C PRO H 255 -49.26 -11.48 -4.18
N LYS H 256 -49.58 -11.54 -5.47
CA LYS H 256 -49.14 -12.64 -6.32
C LYS H 256 -47.72 -12.46 -6.84
N ALA H 257 -47.11 -11.28 -6.67
CA ALA H 257 -45.79 -11.03 -7.21
C ALA H 257 -44.75 -11.98 -6.63
N GLY H 258 -44.79 -12.19 -5.31
CA GLY H 258 -43.84 -13.10 -4.69
C GLY H 258 -44.01 -14.54 -5.14
N ILE H 259 -45.24 -14.93 -5.47
CA ILE H 259 -45.47 -16.25 -6.07
C ILE H 259 -44.71 -16.35 -7.38
N SER H 260 -44.82 -15.31 -8.23
CA SER H 260 -44.08 -15.31 -9.49
C SER H 260 -42.57 -15.27 -9.24
N GLY H 261 -42.14 -14.52 -8.23
CA GLY H 261 -40.71 -14.42 -7.95
C GLY H 261 -40.11 -15.72 -7.49
N ALA H 262 -40.84 -16.46 -6.65
CA ALA H 262 -40.40 -17.81 -6.29
C ALA H 262 -40.31 -18.69 -7.53
N TRP H 263 -41.28 -18.55 -8.44
CA TRP H 263 -41.27 -19.34 -9.67
C TRP H 263 -40.06 -19.01 -10.53
N THR H 264 -39.83 -17.72 -10.77
CA THR H 264 -38.69 -17.33 -11.61
C THR H 264 -37.36 -17.65 -10.93
N THR H 265 -37.29 -17.47 -9.61
CA THR H 265 -36.08 -17.84 -8.88
C THR H 265 -35.79 -19.33 -9.03
N GLN H 266 -36.79 -20.18 -8.78
CA GLN H 266 -36.60 -21.61 -8.92
C GLN H 266 -36.41 -22.02 -10.38
N SER H 267 -37.04 -21.32 -11.31
CA SER H 267 -36.88 -21.65 -12.72
C SER H 267 -35.50 -21.28 -13.23
N LEU H 268 -34.93 -20.18 -12.74
CA LEU H 268 -33.61 -19.73 -13.19
C LEU H 268 -32.47 -20.43 -12.46
N ALA H 269 -32.75 -21.09 -11.34
CA ALA H 269 -31.68 -21.70 -10.56
C ALA H 269 -30.87 -22.76 -11.30
N PRO H 270 -31.46 -23.63 -12.12
CA PRO H 270 -30.62 -24.59 -12.87
C PRO H 270 -29.62 -23.93 -13.81
N ALA H 271 -29.87 -22.68 -14.22
CA ALA H 271 -28.93 -21.95 -15.07
C ALA H 271 -27.92 -21.14 -14.28
N ALA H 272 -28.08 -21.05 -12.96
CA ALA H 272 -27.16 -20.29 -12.13
C ALA H 272 -25.77 -20.93 -12.12
N VAL H 273 -24.76 -20.10 -11.92
CA VAL H 273 -23.38 -20.56 -11.82
C VAL H 273 -22.80 -20.00 -10.53
N GLY H 274 -22.33 -20.89 -9.66
CA GLY H 274 -21.80 -20.50 -8.37
C GLY H 274 -22.87 -20.38 -7.31
N LEU H 275 -22.41 -20.10 -6.09
CA LEU H 275 -23.28 -19.97 -4.93
C LEU H 275 -22.94 -18.70 -4.18
N ASP H 276 -23.93 -18.17 -3.46
CA ASP H 276 -23.68 -17.01 -2.61
C ASP H 276 -23.15 -17.46 -1.26
N ALA H 277 -22.92 -16.50 -0.36
CA ALA H 277 -22.32 -16.82 0.94
C ALA H 277 -23.19 -17.77 1.76
N GLN H 278 -24.49 -17.81 1.50
CA GLN H 278 -25.38 -18.73 2.20
C GLN H 278 -25.54 -20.07 1.51
N GLY H 279 -24.83 -20.30 0.41
CA GLY H 279 -24.98 -21.52 -0.35
C GLY H 279 -26.15 -21.54 -1.31
N VAL H 280 -26.79 -20.41 -1.55
CA VAL H 280 -27.91 -20.30 -2.48
C VAL H 280 -27.34 -20.03 -3.86
N PRO H 281 -27.86 -20.66 -4.92
CA PRO H 281 -27.33 -20.42 -6.27
C PRO H 281 -27.38 -18.94 -6.64
N LEU H 282 -26.40 -18.52 -7.43
CA LEU H 282 -26.29 -17.14 -7.91
C LEU H 282 -27.21 -16.98 -9.12
N ILE H 283 -28.46 -16.59 -8.86
CA ILE H 283 -29.44 -16.43 -9.93
C ILE H 283 -28.98 -15.36 -10.92
N ASN H 284 -28.21 -14.38 -10.44
CA ASN H 284 -27.76 -13.29 -11.31
C ASN H 284 -26.77 -13.76 -12.36
N LYS H 285 -26.12 -14.91 -12.15
CA LYS H 285 -25.16 -15.45 -13.10
C LYS H 285 -25.81 -16.36 -14.14
N SER H 286 -27.14 -16.52 -14.10
CA SER H 286 -27.80 -17.38 -15.07
C SER H 286 -27.70 -16.82 -16.48
N PHE H 287 -27.70 -15.49 -16.62
CA PHE H 287 -27.57 -14.84 -17.92
C PHE H 287 -26.62 -13.66 -17.78
N SER H 288 -25.59 -13.62 -18.63
CA SER H 288 -24.80 -12.40 -18.74
C SER H 288 -25.61 -11.34 -19.48
N ASP H 289 -25.14 -10.09 -19.38
CA ASP H 289 -25.79 -9.01 -20.12
C ASP H 289 -25.74 -9.29 -21.62
N ALA H 290 -24.63 -9.83 -22.12
CA ALA H 290 -24.55 -10.20 -23.52
C ALA H 290 -25.49 -11.36 -23.84
N ASP H 291 -25.67 -12.30 -22.91
CA ASP H 291 -26.64 -13.37 -23.11
C ASP H 291 -28.05 -12.82 -23.27
N LEU H 292 -28.44 -11.85 -22.43
CA LEU H 292 -29.77 -11.28 -22.53
C LEU H 292 -29.94 -10.45 -23.80
N HIS H 293 -28.90 -9.70 -24.18
CA HIS H 293 -28.95 -8.97 -25.44
C HIS H 293 -29.07 -9.93 -26.62
N LEU H 294 -28.44 -11.10 -26.52
CA LEU H 294 -28.62 -12.13 -27.54
C LEU H 294 -30.08 -12.57 -27.62
N LEU H 295 -30.72 -12.79 -26.47
CA LEU H 295 -32.14 -13.12 -26.46
C LEU H 295 -32.96 -11.99 -27.05
N SER H 296 -32.63 -10.74 -26.71
CA SER H 296 -33.37 -9.60 -27.24
C SER H 296 -33.24 -9.50 -28.75
N GLN H 297 -32.03 -9.72 -29.28
CA GLN H 297 -31.84 -9.66 -30.73
C GLN H 297 -32.64 -10.73 -31.44
N ALA H 298 -32.69 -11.94 -30.86
CA ALA H 298 -33.49 -13.01 -31.45
C ALA H 298 -34.97 -12.67 -31.45
N ILE H 299 -35.44 -12.01 -30.39
CA ILE H 299 -36.83 -11.56 -30.36
C ILE H 299 -37.08 -10.55 -31.47
N LEU H 300 -36.17 -9.58 -31.62
CA LEU H 300 -36.29 -8.62 -32.71
C LEU H 300 -36.26 -9.29 -34.07
N GLY H 301 -35.36 -10.27 -34.25
CA GLY H 301 -35.30 -10.97 -35.52
C GLY H 301 -36.60 -11.66 -35.88
N THR H 302 -37.32 -12.15 -34.87
CA THR H 302 -38.59 -12.86 -35.10
C THR H 302 -39.77 -11.90 -35.17
N CYS H 303 -39.76 -10.84 -34.37
CA CYS H 303 -40.98 -10.06 -34.10
C CYS H 303 -40.95 -8.62 -34.58
N ASP H 304 -39.78 -8.03 -34.82
CA ASP H 304 -39.71 -6.59 -35.08
C ASP H 304 -40.54 -6.22 -36.30
N ALA H 305 -40.35 -6.93 -37.41
CA ALA H 305 -41.03 -6.61 -38.67
C ALA H 305 -42.48 -7.08 -38.69
N LEU H 306 -42.98 -7.73 -37.63
CA LEU H 306 -44.37 -8.17 -37.62
C LEU H 306 -45.35 -7.00 -37.66
N ASP H 307 -44.89 -5.79 -37.36
CA ASP H 307 -45.73 -4.59 -37.45
C ASP H 307 -45.50 -3.81 -38.73
N GLY H 308 -44.66 -4.31 -39.64
CA GLY H 308 -44.41 -3.65 -40.90
C GLY H 308 -43.15 -2.80 -40.96
N LEU H 309 -42.42 -2.67 -39.85
CA LEU H 309 -41.25 -1.82 -39.81
C LEU H 309 -40.21 -2.43 -38.88
N ALA H 310 -38.96 -2.54 -39.36
CA ALA H 310 -37.88 -3.10 -38.56
C ALA H 310 -37.12 -1.96 -37.90
N ASP H 311 -37.71 -1.43 -36.83
CA ASP H 311 -37.19 -0.25 -36.15
C ASP H 311 -36.69 -0.54 -34.74
N GLY H 312 -36.60 -1.81 -34.35
CA GLY H 312 -36.20 -2.15 -33.00
C GLY H 312 -37.31 -2.10 -31.97
N ILE H 313 -38.57 -2.12 -32.41
CA ILE H 313 -39.71 -2.06 -31.51
C ILE H 313 -40.73 -3.10 -31.95
N VAL H 314 -41.19 -3.93 -31.02
CA VAL H 314 -42.18 -4.96 -31.33
C VAL H 314 -43.55 -4.36 -31.03
N ASP H 315 -44.13 -3.68 -32.02
CA ASP H 315 -45.45 -3.09 -31.82
C ASP H 315 -46.54 -4.15 -31.82
N ASN H 316 -46.35 -5.24 -32.57
CA ASN H 316 -47.34 -6.32 -32.64
C ASN H 316 -46.95 -7.39 -31.61
N TYR H 317 -47.33 -7.14 -30.36
CA TYR H 317 -46.93 -8.03 -29.28
C TYR H 317 -47.67 -9.36 -29.34
N ARG H 318 -48.94 -9.34 -29.75
CA ARG H 318 -49.70 -10.58 -29.85
C ARG H 318 -49.09 -11.52 -30.89
N ALA H 319 -48.74 -10.98 -32.06
CA ALA H 319 -48.10 -11.81 -33.07
C ALA H 319 -46.73 -12.31 -32.62
N CYS H 320 -46.03 -11.51 -31.80
CA CYS H 320 -44.73 -11.95 -31.31
C CYS H 320 -44.87 -13.14 -30.36
N GLN H 321 -45.88 -13.11 -29.48
CA GLN H 321 -46.07 -14.22 -28.55
C GLN H 321 -46.41 -15.51 -29.28
N ALA H 322 -47.14 -15.41 -30.40
CA ALA H 322 -47.49 -16.61 -31.15
C ALA H 322 -46.31 -17.15 -31.95
N ALA H 323 -45.36 -16.29 -32.31
CA ALA H 323 -44.28 -16.69 -33.20
C ALA H 323 -42.97 -17.05 -32.49
N PHE H 324 -42.65 -16.40 -31.38
CA PHE H 324 -41.33 -16.53 -30.79
C PHE H 324 -41.26 -17.72 -29.83
N ASP H 325 -40.28 -18.60 -30.05
CA ASP H 325 -39.89 -19.67 -29.14
C ASP H 325 -38.37 -19.71 -29.14
N PRO H 326 -37.72 -19.35 -28.01
CA PRO H 326 -36.25 -19.34 -28.01
C PRO H 326 -35.62 -20.69 -28.25
N ALA H 327 -36.37 -21.79 -28.08
CA ALA H 327 -35.84 -23.10 -28.41
C ALA H 327 -35.71 -23.30 -29.91
N THR H 328 -36.54 -22.61 -30.70
CA THR H 328 -36.52 -22.75 -32.15
C THR H 328 -36.03 -21.51 -32.88
N ALA H 329 -36.08 -20.34 -32.25
CA ALA H 329 -35.69 -19.10 -32.92
C ALA H 329 -34.20 -19.10 -33.26
N ALA H 330 -33.84 -18.25 -34.22
CA ALA H 330 -32.48 -18.16 -34.70
C ALA H 330 -31.81 -16.87 -34.21
N ASN H 331 -30.49 -16.92 -34.16
CA ASN H 331 -29.66 -15.74 -33.92
C ASN H 331 -29.49 -15.00 -35.24
N PRO H 332 -30.08 -13.81 -35.39
CA PRO H 332 -30.02 -13.12 -36.70
C PRO H 332 -28.62 -12.71 -37.11
N ALA H 333 -27.66 -12.66 -36.18
CA ALA H 333 -26.30 -12.26 -36.55
C ALA H 333 -25.62 -13.30 -37.41
N ASN H 334 -25.85 -14.59 -37.14
CA ASN H 334 -25.21 -15.66 -37.88
C ASN H 334 -26.18 -16.59 -38.58
N GLY H 335 -27.49 -16.38 -38.41
CA GLY H 335 -28.49 -17.27 -38.99
C GLY H 335 -28.59 -18.63 -38.35
N GLN H 336 -27.71 -18.97 -37.42
CA GLN H 336 -27.79 -20.25 -36.72
C GLN H 336 -28.89 -20.21 -35.67
N ALA H 337 -29.17 -21.37 -35.09
CA ALA H 337 -30.16 -21.47 -34.03
C ALA H 337 -29.68 -20.72 -32.80
N LEU H 338 -30.62 -20.06 -32.11
CA LEU H 338 -30.27 -19.34 -30.89
C LEU H 338 -29.75 -20.28 -29.82
N GLN H 339 -30.32 -21.47 -29.70
CA GLN H 339 -29.91 -22.43 -28.69
C GLN H 339 -28.64 -23.14 -29.13
N CYS H 340 -27.66 -23.22 -28.21
CA CYS H 340 -26.39 -23.85 -28.51
C CYS H 340 -26.59 -25.28 -28.98
N VAL H 341 -25.78 -25.70 -29.95
CA VAL H 341 -25.77 -27.09 -30.38
C VAL H 341 -24.78 -27.91 -29.56
N GLY H 342 -23.59 -27.35 -29.32
CA GLY H 342 -22.59 -28.00 -28.50
C GLY H 342 -22.23 -27.19 -27.26
N ALA H 343 -20.97 -26.79 -27.15
CA ALA H 343 -20.53 -26.02 -25.99
C ALA H 343 -21.01 -24.58 -26.09
N LYS H 344 -21.17 -23.95 -24.93
CA LYS H 344 -21.67 -22.59 -24.87
C LYS H 344 -20.67 -21.63 -25.51
N THR H 345 -21.17 -20.76 -26.38
CA THR H 345 -20.37 -19.72 -27.01
C THR H 345 -21.08 -18.38 -26.83
N ALA H 346 -20.36 -17.29 -27.15
CA ALA H 346 -20.98 -15.97 -27.09
C ALA H 346 -22.12 -15.85 -28.09
N ASP H 347 -22.20 -16.76 -29.05
CA ASP H 347 -23.17 -16.72 -30.13
C ASP H 347 -24.51 -17.35 -29.78
N CYS H 348 -24.61 -18.04 -28.64
CA CYS H 348 -25.77 -18.89 -28.40
C CYS H 348 -26.08 -18.97 -26.91
N LEU H 349 -27.30 -19.43 -26.62
CA LEU H 349 -27.75 -19.70 -25.26
C LEU H 349 -27.77 -21.20 -25.01
N SER H 350 -27.31 -21.62 -23.84
CA SER H 350 -27.31 -23.03 -23.50
C SER H 350 -28.73 -23.57 -23.40
N PRO H 351 -28.95 -24.85 -23.70
CA PRO H 351 -30.28 -25.43 -23.52
C PRO H 351 -30.82 -25.30 -22.10
N VAL H 352 -29.93 -25.24 -21.10
CA VAL H 352 -30.38 -25.01 -19.74
C VAL H 352 -30.90 -23.58 -19.59
N GLN H 353 -30.22 -22.61 -20.18
CA GLN H 353 -30.69 -21.23 -20.15
C GLN H 353 -32.06 -21.10 -20.83
N VAL H 354 -32.19 -21.67 -22.04
CA VAL H 354 -33.45 -21.59 -22.76
C VAL H 354 -34.57 -22.23 -21.96
N THR H 355 -34.31 -23.40 -21.37
CA THR H 355 -35.31 -24.04 -20.52
C THR H 355 -35.68 -23.17 -19.33
N ALA H 356 -34.67 -22.55 -18.70
CA ALA H 356 -34.92 -21.71 -17.54
C ALA H 356 -35.81 -20.52 -17.90
N ILE H 357 -35.42 -19.75 -18.93
CA ILE H 357 -36.16 -18.54 -19.25
C ILE H 357 -37.56 -18.87 -19.75
N LYS H 358 -37.73 -20.00 -20.45
CA LYS H 358 -39.06 -20.37 -20.94
C LYS H 358 -39.99 -20.69 -19.77
N ARG H 359 -39.50 -21.42 -18.77
CA ARG H 359 -40.30 -21.75 -17.61
C ARG H 359 -40.65 -20.51 -16.79
N ALA H 360 -39.68 -19.61 -16.61
CA ALA H 360 -39.93 -18.38 -15.85
C ALA H 360 -40.99 -17.52 -16.53
N MET H 361 -40.86 -17.32 -17.84
CA MET H 361 -41.86 -16.55 -18.58
C MET H 361 -43.21 -17.24 -18.62
N ALA H 362 -43.24 -18.56 -18.40
CA ALA H 362 -44.50 -19.30 -18.50
C ALA H 362 -45.47 -18.92 -17.39
N GLY H 363 -44.97 -18.58 -16.20
CA GLY H 363 -45.82 -18.26 -15.09
C GLY H 363 -45.95 -19.41 -14.11
N PRO H 364 -46.22 -19.09 -12.84
CA PRO H 364 -46.27 -20.13 -11.81
C PRO H 364 -47.57 -20.94 -11.84
N VAL H 365 -47.44 -22.24 -11.57
CA VAL H 365 -48.57 -23.14 -11.42
C VAL H 365 -48.32 -24.02 -10.20
N ASN H 366 -49.40 -24.60 -9.67
CA ASN H 366 -49.28 -25.52 -8.56
C ASN H 366 -49.10 -26.96 -9.08
N SER H 367 -49.08 -27.91 -8.15
CA SER H 367 -48.95 -29.32 -8.53
C SER H 367 -50.11 -29.76 -9.41
N ALA H 368 -51.32 -29.26 -9.12
CA ALA H 368 -52.47 -29.56 -9.95
C ALA H 368 -52.40 -28.90 -11.32
N GLY H 369 -51.58 -27.86 -11.47
CA GLY H 369 -51.40 -27.20 -12.74
C GLY H 369 -52.17 -25.92 -12.94
N THR H 370 -52.84 -25.42 -11.91
CA THR H 370 -53.60 -24.18 -12.06
C THR H 370 -52.64 -22.99 -12.09
N PRO H 371 -52.76 -22.11 -13.07
CA PRO H 371 -51.91 -20.91 -13.08
C PRO H 371 -52.19 -20.03 -11.87
N LEU H 372 -51.12 -19.61 -11.19
CA LEU H 372 -51.23 -18.84 -9.96
C LEU H 372 -51.08 -17.34 -10.18
N TYR H 373 -50.63 -16.91 -11.37
CA TYR H 373 -50.56 -15.50 -11.70
C TYR H 373 -50.90 -15.31 -13.17
N ASN H 374 -49.88 -15.31 -14.03
CA ASN H 374 -50.04 -15.12 -15.47
C ASN H 374 -48.69 -15.33 -16.12
N ARG H 375 -48.69 -15.41 -17.44
CA ARG H 375 -47.47 -15.51 -18.22
C ARG H 375 -46.94 -14.12 -18.57
N TRP H 376 -45.73 -14.09 -19.14
CA TRP H 376 -45.06 -12.85 -19.48
C TRP H 376 -44.77 -12.79 -20.97
N ALA H 377 -44.78 -11.58 -21.52
CA ALA H 377 -44.59 -11.37 -22.95
C ALA H 377 -43.11 -11.27 -23.29
N TRP H 378 -42.68 -12.03 -24.29
CA TRP H 378 -41.36 -11.81 -24.87
C TRP H 378 -41.33 -10.43 -25.52
N ASP H 379 -40.25 -9.69 -25.28
CA ASP H 379 -40.14 -8.34 -25.82
C ASP H 379 -38.67 -7.93 -25.84
N ALA H 380 -38.34 -7.01 -26.74
CA ALA H 380 -36.95 -6.57 -26.91
C ALA H 380 -36.44 -5.76 -25.74
N GLY H 381 -37.34 -5.20 -24.92
CA GLY H 381 -36.90 -4.46 -23.74
C GLY H 381 -36.44 -5.32 -22.59
N MET H 382 -36.41 -6.65 -22.74
CA MET H 382 -35.73 -7.48 -21.76
C MET H 382 -34.25 -7.14 -21.70
N SER H 383 -33.71 -6.60 -22.79
CA SER H 383 -32.35 -6.09 -22.80
C SER H 383 -32.32 -4.74 -23.53
N GLY H 384 -31.22 -4.47 -24.22
CA GLY H 384 -31.06 -3.19 -24.87
C GLY H 384 -29.67 -2.64 -24.68
N LEU H 385 -29.13 -1.98 -25.70
CA LEU H 385 -27.78 -1.45 -25.67
C LEU H 385 -27.80 -0.02 -26.18
N SER H 386 -27.46 0.92 -25.32
CA SER H 386 -27.35 2.33 -25.67
C SER H 386 -25.90 2.76 -25.44
N GLY H 387 -25.18 3.05 -26.52
CA GLY H 387 -23.75 3.22 -26.44
C GLY H 387 -23.07 1.94 -25.99
N THR H 388 -22.43 1.97 -24.82
CA THR H 388 -21.86 0.77 -24.22
C THR H 388 -22.64 0.31 -23.00
N THR H 389 -23.78 0.94 -22.72
CA THR H 389 -24.54 0.69 -21.50
C THR H 389 -25.65 -0.32 -21.79
N TYR H 390 -25.56 -1.49 -21.19
CA TYR H 390 -26.64 -2.47 -21.28
C TYR H 390 -27.80 -2.04 -20.40
N ASN H 391 -29.02 -2.36 -20.86
CA ASN H 391 -30.23 -2.06 -20.10
C ASN H 391 -30.35 -3.01 -18.91
N GLN H 392 -30.39 -2.44 -17.70
CA GLN H 392 -30.60 -3.22 -16.49
C GLN H 392 -32.06 -3.23 -16.04
N GLY H 393 -32.95 -2.53 -16.76
CA GLY H 393 -34.31 -2.31 -16.29
C GLY H 393 -35.20 -3.53 -16.27
N TRP H 394 -34.84 -4.60 -16.99
CA TRP H 394 -35.61 -5.83 -16.93
C TRP H 394 -34.98 -6.86 -16.00
N ARG H 395 -33.67 -7.09 -16.13
CA ARG H 395 -33.04 -8.19 -15.40
C ARG H 395 -32.92 -7.92 -13.91
N SER H 396 -33.05 -6.66 -13.47
CA SER H 396 -32.92 -6.36 -12.06
C SER H 396 -34.01 -7.03 -11.22
N TRP H 397 -35.11 -7.44 -11.84
CA TRP H 397 -36.26 -7.97 -11.12
C TRP H 397 -36.13 -9.47 -10.81
N TRP H 398 -35.85 -10.28 -11.83
CA TRP H 398 -35.76 -11.73 -11.64
C TRP H 398 -34.33 -12.22 -11.45
N LEU H 399 -33.35 -11.54 -12.04
CA LEU H 399 -31.97 -12.01 -12.09
C LEU H 399 -31.07 -11.27 -11.11
N GLY H 400 -31.07 -9.95 -11.13
CA GLY H 400 -30.09 -9.16 -10.41
C GLY H 400 -28.90 -8.84 -11.28
N SER H 401 -27.99 -8.04 -10.72
CA SER H 401 -26.81 -7.61 -11.46
C SER H 401 -25.84 -8.78 -11.63
N PHE H 402 -25.33 -8.94 -12.86
CA PHE H 402 -24.42 -10.05 -13.14
C PHE H 402 -23.12 -9.92 -12.35
N ASN H 403 -22.55 -8.71 -12.30
CA ASN H 403 -21.25 -8.49 -11.68
C ASN H 403 -21.41 -8.37 -10.17
N SER H 404 -21.66 -9.51 -9.53
CA SER H 404 -21.82 -9.57 -8.09
C SER H 404 -21.67 -11.02 -7.64
N SER H 405 -21.07 -11.20 -6.45
CA SER H 405 -20.94 -12.52 -5.85
C SER H 405 -22.10 -12.86 -4.93
N ALA H 406 -23.16 -12.06 -4.96
CA ALA H 406 -24.32 -12.27 -4.11
C ALA H 406 -25.59 -12.07 -4.92
N ASN H 407 -26.66 -12.71 -4.48
CA ASN H 407 -27.96 -12.49 -5.10
C ASN H 407 -28.49 -11.12 -4.73
N ASN H 408 -29.08 -10.43 -5.70
CA ASN H 408 -29.61 -9.09 -5.45
C ASN H 408 -30.87 -8.80 -6.24
N ALA H 409 -31.47 -9.78 -6.90
CA ALA H 409 -32.71 -9.55 -7.64
C ALA H 409 -33.85 -9.21 -6.68
N GLN H 410 -34.76 -8.36 -7.16
CA GLN H 410 -35.93 -7.99 -6.37
C GLN H 410 -36.70 -9.24 -5.92
N ARG H 411 -36.83 -10.21 -6.81
CA ARG H 411 -37.65 -11.39 -6.56
C ARG H 411 -36.88 -12.54 -5.92
N VAL H 412 -35.56 -12.44 -5.82
CA VAL H 412 -34.75 -13.49 -5.19
C VAL H 412 -34.54 -13.14 -3.73
N SER H 413 -33.91 -11.99 -3.46
CA SER H 413 -33.65 -11.56 -2.10
C SER H 413 -33.99 -10.10 -1.85
N GLY H 414 -34.56 -9.39 -2.83
CA GLY H 414 -34.77 -7.97 -2.74
C GLY H 414 -36.09 -7.61 -2.08
N PHE H 415 -36.48 -6.34 -2.27
CA PHE H 415 -37.65 -5.82 -1.57
C PHE H 415 -38.91 -6.62 -1.89
N SER H 416 -39.06 -7.06 -3.14
CA SER H 416 -40.27 -7.76 -3.55
C SER H 416 -40.44 -9.06 -2.78
N ALA H 417 -39.40 -9.88 -2.74
CA ALA H 417 -39.46 -11.13 -1.98
C ALA H 417 -39.67 -10.88 -0.49
N ARG H 418 -38.97 -9.87 0.06
CA ARG H 418 -39.16 -9.54 1.46
C ARG H 418 -40.59 -9.07 1.72
N SER H 419 -41.13 -8.25 0.83
CA SER H 419 -42.48 -7.73 1.03
C SER H 419 -43.51 -8.84 1.03
N TRP H 420 -43.31 -9.86 0.20
CA TRP H 420 -44.27 -10.96 0.18
C TRP H 420 -44.28 -11.70 1.52
N LEU H 421 -43.10 -11.93 2.10
CA LEU H 421 -43.01 -12.73 3.31
C LEU H 421 -43.64 -12.02 4.50
N VAL H 422 -43.44 -10.71 4.62
CA VAL H 422 -43.87 -9.96 5.77
C VAL H 422 -45.21 -9.26 5.53
N ASP H 423 -45.41 -8.68 4.34
CA ASP H 423 -46.60 -7.87 4.10
C ASP H 423 -47.78 -8.68 3.58
N PHE H 424 -47.55 -9.67 2.73
CA PHE H 424 -48.64 -10.35 2.04
C PHE H 424 -48.92 -11.75 2.57
N ALA H 425 -47.91 -12.44 3.09
CA ALA H 425 -48.15 -13.73 3.73
C ALA H 425 -48.85 -13.51 5.07
N THR H 426 -49.93 -14.27 5.29
CA THR H 426 -50.71 -14.16 6.51
C THR H 426 -50.78 -15.52 7.20
N PRO H 427 -50.22 -15.68 8.41
CA PRO H 427 -49.51 -14.66 9.20
C PRO H 427 -48.14 -14.29 8.60
N PRO H 428 -47.61 -13.12 8.98
CA PRO H 428 -46.31 -12.71 8.43
C PRO H 428 -45.20 -13.67 8.84
N GLU H 429 -44.16 -13.74 8.00
CA GLU H 429 -43.02 -14.62 8.22
C GLU H 429 -41.74 -13.80 8.24
N PRO H 430 -41.50 -13.06 9.33
CA PRO H 430 -40.22 -12.34 9.45
C PRO H 430 -39.08 -13.31 9.64
N MET H 431 -37.91 -12.92 9.14
CA MET H 431 -36.74 -13.78 9.14
C MET H 431 -35.51 -12.91 8.88
N PRO H 432 -34.31 -13.44 9.09
CA PRO H 432 -33.11 -12.68 8.72
C PRO H 432 -33.05 -12.42 7.22
N MET H 433 -32.36 -11.33 6.86
CA MET H 433 -32.22 -10.98 5.45
C MET H 433 -31.51 -12.05 4.65
N THR H 434 -30.57 -12.78 5.28
CA THR H 434 -29.77 -13.76 4.56
C THR H 434 -30.57 -15.01 4.20
N GLN H 435 -31.74 -15.21 4.80
CA GLN H 435 -32.54 -16.41 4.55
C GLN H 435 -33.58 -16.21 3.44
N VAL H 436 -33.72 -14.99 2.91
CA VAL H 436 -34.79 -14.73 1.95
C VAL H 436 -34.60 -15.55 0.68
N ALA H 437 -33.38 -15.51 0.12
CA ALA H 437 -33.12 -16.24 -1.11
C ALA H 437 -33.41 -17.73 -0.93
N ALA H 438 -32.92 -18.32 0.17
CA ALA H 438 -33.22 -19.73 0.44
C ALA H 438 -34.73 -19.95 0.60
N ARG H 439 -35.43 -18.97 1.19
CA ARG H 439 -36.86 -19.11 1.38
C ARG H 439 -37.61 -19.14 0.04
N MET H 440 -37.16 -18.33 -0.93
CA MET H 440 -37.77 -18.38 -2.25
C MET H 440 -37.47 -19.68 -2.97
N MET H 441 -36.29 -20.27 -2.71
CA MET H 441 -35.97 -21.55 -3.31
C MET H 441 -36.78 -22.69 -2.70
N LYS H 442 -37.15 -22.57 -1.42
CA LYS H 442 -37.95 -23.58 -0.73
C LYS H 442 -39.44 -23.42 -0.97
N PHE H 443 -39.85 -22.35 -1.64
CA PHE H 443 -41.25 -22.00 -1.83
C PHE H 443 -42.05 -23.17 -2.38
N ASP H 444 -43.12 -23.53 -1.66
CA ASP H 444 -44.02 -24.61 -2.05
C ASP H 444 -45.26 -24.01 -2.70
N PHE H 445 -45.49 -24.35 -3.96
CA PHE H 445 -46.57 -23.74 -4.73
C PHE H 445 -47.94 -24.35 -4.45
N ASP H 446 -48.02 -25.32 -3.55
CA ASP H 446 -49.32 -25.83 -3.09
C ASP H 446 -49.75 -25.20 -1.77
N ILE H 447 -48.80 -24.74 -0.96
CA ILE H 447 -49.07 -24.27 0.39
C ILE H 447 -48.84 -22.77 0.51
N ASP H 448 -47.69 -22.28 0.05
CA ASP H 448 -47.37 -20.87 0.20
C ASP H 448 -48.35 -19.95 -0.52
N PRO H 449 -48.79 -20.22 -1.76
CA PRO H 449 -49.76 -19.30 -2.38
C PRO H 449 -51.07 -19.17 -1.62
N LEU H 450 -51.43 -20.14 -0.78
CA LEU H 450 -52.64 -20.01 0.02
C LEU H 450 -52.55 -18.88 1.04
N LYS H 451 -51.33 -18.43 1.35
CA LYS H 451 -51.14 -17.45 2.42
C LYS H 451 -51.57 -16.03 2.03
N ILE H 452 -51.82 -15.76 0.75
CA ILE H 452 -52.38 -14.46 0.36
C ILE H 452 -53.90 -14.46 0.41
N TRP H 453 -54.53 -15.62 0.64
CA TRP H 453 -55.97 -15.71 0.78
C TRP H 453 -56.40 -16.00 2.22
N ALA H 454 -55.45 -16.18 3.13
CA ALA H 454 -55.74 -16.63 4.49
C ALA H 454 -55.84 -15.44 5.46
N THR H 455 -56.56 -15.68 6.54
CA THR H 455 -56.60 -14.80 7.70
C THR H 455 -56.04 -15.55 8.91
N SER H 456 -55.60 -14.81 9.91
CA SER H 456 -55.01 -15.43 11.09
C SER H 456 -55.09 -14.46 12.26
N GLY H 457 -55.85 -14.83 13.29
CA GLY H 457 -55.96 -14.04 14.50
C GLY H 457 -56.32 -12.59 14.26
N GLN H 458 -55.46 -11.68 14.71
CA GLN H 458 -55.70 -10.25 14.52
C GLN H 458 -55.54 -9.80 13.08
N PHE H 459 -55.04 -10.67 12.20
CA PHE H 459 -55.00 -10.38 10.77
C PHE H 459 -56.35 -10.82 10.19
N THR H 460 -57.35 -9.94 10.36
CA THR H 460 -58.73 -10.25 10.02
C THR H 460 -59.01 -10.20 8.52
N GLN H 461 -58.09 -9.66 7.73
CA GLN H 461 -58.26 -9.58 6.28
C GLN H 461 -57.06 -10.21 5.60
N SER H 462 -57.32 -10.97 4.54
CA SER H 462 -56.24 -11.49 3.72
C SER H 462 -55.59 -10.36 2.92
N SER H 463 -54.36 -10.60 2.47
CA SER H 463 -53.66 -9.58 1.70
C SER H 463 -54.38 -9.29 0.38
N MET H 464 -54.98 -10.30 -0.24
CA MET H 464 -55.80 -10.04 -1.42
C MET H 464 -57.03 -9.21 -1.06
N ASP H 465 -57.53 -9.34 0.18
CA ASP H 465 -58.65 -8.52 0.62
C ASP H 465 -58.29 -7.04 0.62
N TRP H 466 -57.18 -6.67 1.29
CA TRP H 466 -56.87 -5.26 1.46
C TRP H 466 -55.96 -4.69 0.37
N HIS H 467 -55.17 -5.52 -0.32
CA HIS H 467 -54.25 -5.01 -1.34
C HIS H 467 -54.76 -5.23 -2.76
N GLY H 468 -55.40 -6.37 -3.03
CA GLY H 468 -55.86 -6.64 -4.38
C GLY H 468 -56.91 -5.65 -4.84
N ALA H 469 -56.89 -5.37 -6.15
CA ALA H 469 -57.87 -4.48 -6.80
C ALA H 469 -58.29 -5.14 -8.12
N THR H 470 -59.00 -6.26 -8.00
CA THR H 470 -59.33 -7.10 -9.14
C THR H 470 -60.79 -6.96 -9.59
N SER H 471 -61.52 -5.98 -9.06
CA SER H 471 -62.94 -5.87 -9.33
C SER H 471 -63.19 -5.18 -10.67
N THR H 472 -64.04 -5.79 -11.50
CA THR H 472 -64.50 -5.19 -12.74
C THR H 472 -65.79 -4.40 -12.57
N ASP H 473 -66.26 -4.23 -11.33
CA ASP H 473 -67.50 -3.53 -11.03
C ASP H 473 -67.20 -2.05 -10.95
N LEU H 474 -67.21 -1.37 -12.11
CA LEU H 474 -66.86 0.04 -12.19
C LEU H 474 -68.04 0.91 -12.61
N ALA H 475 -69.27 0.43 -12.39
CA ALA H 475 -70.43 1.21 -12.82
C ALA H 475 -70.52 2.53 -12.08
N ALA H 476 -70.35 2.52 -10.76
CA ALA H 476 -70.42 3.75 -9.98
C ALA H 476 -69.38 4.76 -10.46
N PHE H 477 -68.16 4.30 -10.74
CA PHE H 477 -67.12 5.18 -11.25
C PHE H 477 -67.52 5.76 -12.61
N ARG H 478 -67.96 4.91 -13.53
CA ARG H 478 -68.31 5.38 -14.87
C ARG H 478 -69.56 6.25 -14.84
N ASP H 479 -70.60 5.83 -14.11
CA ASP H 479 -71.88 6.51 -14.16
C ASP H 479 -71.81 7.94 -13.63
N ARG H 480 -70.84 8.26 -12.79
CA ARG H 480 -70.67 9.63 -12.30
C ARG H 480 -69.68 10.42 -13.15
N GLY H 481 -69.25 9.87 -14.29
CA GLY H 481 -68.35 10.56 -15.19
C GLY H 481 -66.88 10.18 -15.05
N GLY H 482 -66.57 9.12 -14.32
CA GLY H 482 -65.17 8.77 -14.11
C GLY H 482 -64.52 8.23 -15.37
N LYS H 483 -63.26 8.63 -15.57
CA LYS H 483 -62.45 8.19 -16.70
C LYS H 483 -61.13 7.64 -16.18
N MET H 484 -60.68 6.52 -16.77
CA MET H 484 -59.46 5.86 -16.34
C MET H 484 -58.57 5.57 -17.53
N ILE H 485 -57.30 5.95 -17.42
CA ILE H 485 -56.29 5.64 -18.43
C ILE H 485 -55.31 4.68 -17.79
N LEU H 486 -55.26 3.45 -18.31
CA LEU H 486 -54.27 2.46 -17.91
C LEU H 486 -53.10 2.47 -18.89
N TYR H 487 -51.89 2.24 -18.38
CA TYR H 487 -50.73 2.05 -19.24
C TYR H 487 -49.78 1.07 -18.58
N HIS H 488 -48.95 0.43 -19.40
CA HIS H 488 -48.10 -0.65 -18.94
C HIS H 488 -47.02 -0.92 -19.99
N GLY H 489 -45.77 -1.00 -19.54
CA GLY H 489 -44.68 -1.32 -20.45
C GLY H 489 -44.62 -2.82 -20.73
N MET H 490 -44.39 -3.15 -22.00
CA MET H 490 -44.42 -4.54 -22.42
C MET H 490 -43.27 -5.34 -21.82
N SER H 491 -42.13 -4.70 -21.55
CA SER H 491 -41.00 -5.38 -20.92
C SER H 491 -40.94 -5.14 -19.41
N ASP H 492 -42.11 -5.01 -18.77
CA ASP H 492 -42.19 -4.86 -17.33
C ASP H 492 -42.01 -6.22 -16.68
N ALA H 493 -40.95 -6.36 -15.88
CA ALA H 493 -40.66 -7.60 -15.17
C ALA H 493 -41.23 -7.64 -13.76
N ALA H 494 -41.75 -6.51 -13.26
CA ALA H 494 -42.40 -6.51 -11.96
C ALA H 494 -43.82 -7.04 -12.06
N PHE H 495 -44.60 -6.55 -13.01
CA PHE H 495 -45.96 -6.99 -13.26
C PHE H 495 -46.14 -7.24 -14.75
N SER H 496 -46.81 -8.34 -15.08
CA SER H 496 -46.96 -8.74 -16.47
C SER H 496 -47.96 -7.84 -17.18
N ALA H 497 -47.52 -7.19 -18.25
CA ALA H 497 -48.42 -6.38 -19.06
C ALA H 497 -49.61 -7.19 -19.56
N LEU H 498 -49.39 -8.47 -19.87
CA LEU H 498 -50.48 -9.32 -20.32
C LEU H 498 -51.53 -9.52 -19.24
N ASP H 499 -51.14 -9.42 -17.97
CA ASP H 499 -52.11 -9.55 -16.88
C ASP H 499 -52.95 -8.29 -16.74
N THR H 500 -52.38 -7.12 -17.03
CA THR H 500 -53.19 -5.91 -17.09
C THR H 500 -54.16 -5.97 -18.27
N ALA H 501 -53.69 -6.48 -19.42
CA ALA H 501 -54.56 -6.65 -20.57
C ALA H 501 -55.69 -7.62 -20.26
N ASP H 502 -55.39 -8.69 -19.52
CA ASP H 502 -56.42 -9.66 -19.16
C ASP H 502 -57.49 -9.03 -18.28
N TYR H 503 -57.09 -8.17 -17.34
CA TYR H 503 -58.08 -7.43 -16.56
C TYR H 503 -58.90 -6.53 -17.48
N TYR H 504 -58.26 -5.87 -18.44
CA TYR H 504 -58.99 -5.00 -19.35
C TYR H 504 -59.97 -5.80 -20.20
N GLU H 505 -59.58 -7.01 -20.60
CA GLU H 505 -60.51 -7.87 -21.34
C GLU H 505 -61.70 -8.26 -20.48
N ARG H 506 -61.44 -8.64 -19.22
CA ARG H 506 -62.53 -8.98 -18.31
C ARG H 506 -63.41 -7.76 -18.04
N LEU H 507 -62.81 -6.57 -17.96
CA LEU H 507 -63.60 -5.35 -17.75
C LEU H 507 -64.52 -5.10 -18.93
N GLY H 508 -64.01 -5.25 -20.15
CA GLY H 508 -64.84 -5.04 -21.33
C GLY H 508 -65.98 -6.03 -21.44
N ALA H 509 -65.76 -7.28 -21.02
CA ALA H 509 -66.85 -8.25 -21.01
C ALA H 509 -67.88 -7.92 -19.94
N ALA H 510 -67.43 -7.47 -18.77
CA ALA H 510 -68.36 -7.16 -17.70
C ALA H 510 -69.16 -5.91 -18.01
N MET H 511 -68.53 -4.90 -18.60
CA MET H 511 -69.17 -3.61 -18.87
C MET H 511 -69.05 -3.30 -20.36
N PRO H 512 -70.06 -3.65 -21.15
CA PRO H 512 -70.04 -3.31 -22.59
C PRO H 512 -69.82 -1.83 -22.82
N GLY H 513 -69.04 -1.51 -23.84
CA GLY H 513 -68.68 -0.14 -24.11
C GLY H 513 -67.67 0.43 -23.13
N ALA H 514 -66.80 -0.41 -22.56
CA ALA H 514 -65.84 0.04 -21.56
C ALA H 514 -64.87 1.07 -22.11
N ALA H 515 -64.63 1.08 -23.43
CA ALA H 515 -63.75 2.07 -24.02
C ALA H 515 -64.28 3.49 -23.85
N GLY H 516 -65.57 3.65 -23.52
CA GLY H 516 -66.11 4.98 -23.30
C GLY H 516 -65.60 5.66 -22.05
N PHE H 517 -65.11 4.89 -21.08
CA PHE H 517 -64.60 5.46 -19.83
C PHE H 517 -63.26 4.90 -19.39
N ALA H 518 -62.80 3.76 -19.92
CA ALA H 518 -61.52 3.19 -19.52
C ALA H 518 -60.81 2.65 -20.76
N ARG H 519 -59.54 3.00 -20.91
CA ARG H 519 -58.73 2.53 -22.03
C ARG H 519 -57.33 2.17 -21.55
N LEU H 520 -56.74 1.17 -22.22
CA LEU H 520 -55.42 0.64 -21.87
C LEU H 520 -54.44 0.95 -22.98
N PHE H 521 -53.25 1.41 -22.61
CA PHE H 521 -52.19 1.79 -23.56
C PHE H 521 -50.92 1.01 -23.21
N LEU H 522 -50.62 -0.03 -23.98
CA LEU H 522 -49.40 -0.79 -23.78
C LEU H 522 -48.23 -0.11 -24.50
N VAL H 523 -47.05 -0.18 -23.90
CA VAL H 523 -45.86 0.48 -24.45
C VAL H 523 -44.81 -0.57 -24.77
N PRO H 524 -44.56 -0.85 -26.05
CA PRO H 524 -43.55 -1.84 -26.41
C PRO H 524 -42.16 -1.40 -26.00
N GLY H 525 -41.37 -2.35 -25.49
CA GLY H 525 -39.99 -2.10 -25.12
C GLY H 525 -39.78 -1.46 -23.76
N MET H 526 -40.81 -0.87 -23.17
CA MET H 526 -40.63 -0.11 -21.94
C MET H 526 -40.60 -1.04 -20.73
N ASN H 527 -39.75 -0.70 -19.77
CA ASN H 527 -39.61 -1.50 -18.55
C ASN H 527 -40.62 -1.05 -17.50
N HIS H 528 -40.30 -1.26 -16.23
CA HIS H 528 -41.28 -0.99 -15.16
C HIS H 528 -41.39 0.51 -14.94
N CYS H 529 -42.53 1.09 -15.33
CA CYS H 529 -42.89 2.49 -15.14
C CYS H 529 -42.07 3.45 -16.01
N SER H 530 -40.84 3.07 -16.38
CA SER H 530 -40.03 3.90 -17.26
C SER H 530 -38.83 3.10 -17.74
N GLY H 531 -38.11 3.67 -18.70
CA GLY H 531 -36.89 3.09 -19.21
C GLY H 531 -37.12 2.07 -20.31
N GLY H 532 -36.01 1.62 -20.90
CA GLY H 532 -36.05 0.59 -21.92
C GLY H 532 -36.10 1.15 -23.33
N PRO H 533 -35.92 0.27 -24.32
CA PRO H 533 -36.00 0.70 -25.74
C PRO H 533 -37.44 0.89 -26.21
N GLY H 534 -38.04 2.00 -25.76
CA GLY H 534 -39.40 2.32 -26.15
C GLY H 534 -39.68 3.77 -25.87
N THR H 535 -40.87 4.20 -26.29
CA THR H 535 -41.33 5.58 -26.07
C THR H 535 -41.97 5.62 -24.68
N ASP H 536 -41.12 5.86 -23.67
CA ASP H 536 -41.51 5.72 -22.27
C ASP H 536 -41.90 7.04 -21.62
N ARG H 537 -41.85 8.15 -22.35
CA ARG H 537 -42.20 9.46 -21.78
C ARG H 537 -43.46 9.99 -22.46
N PHE H 538 -44.35 10.55 -21.65
CA PHE H 538 -45.65 11.00 -22.13
C PHE H 538 -46.29 11.85 -21.05
N ASP H 539 -47.20 12.73 -21.49
CA ASP H 539 -48.01 13.58 -20.61
C ASP H 539 -49.39 12.94 -20.54
N MET H 540 -49.68 12.26 -19.44
CA MET H 540 -50.96 11.60 -19.24
C MET H 540 -52.01 12.51 -18.64
N LEU H 541 -51.61 13.61 -18.01
CA LEU H 541 -52.56 14.47 -17.32
C LEU H 541 -53.41 15.28 -18.31
N THR H 542 -52.79 15.79 -19.36
CA THR H 542 -53.55 16.59 -20.33
C THR H 542 -54.66 15.80 -21.00
N PRO H 543 -54.44 14.58 -21.52
CA PRO H 543 -55.58 13.83 -22.07
C PRO H 543 -56.58 13.38 -21.01
N LEU H 544 -56.13 13.09 -19.80
CA LEU H 544 -57.06 12.73 -18.72
C LEU H 544 -58.02 13.87 -18.44
N VAL H 545 -57.50 15.09 -18.33
CA VAL H 545 -58.36 16.25 -18.12
C VAL H 545 -59.27 16.46 -19.32
N ALA H 546 -58.77 16.21 -20.53
CA ALA H 546 -59.59 16.36 -21.72
C ALA H 546 -60.72 15.34 -21.77
N TRP H 547 -60.47 14.14 -21.24
CA TRP H 547 -61.49 13.10 -21.23
C TRP H 547 -62.55 13.37 -20.19
N VAL H 548 -62.14 13.80 -18.99
CA VAL H 548 -63.08 13.99 -17.89
C VAL H 548 -63.94 15.20 -18.11
N GLU H 549 -63.33 16.34 -18.45
CA GLU H 549 -64.03 17.61 -18.46
C GLU H 549 -64.68 17.94 -19.80
N ARG H 550 -64.16 17.40 -20.91
CA ARG H 550 -64.66 17.72 -22.23
C ARG H 550 -65.14 16.50 -22.99
N GLY H 551 -65.09 15.30 -22.39
CA GLY H 551 -65.55 14.11 -23.06
C GLY H 551 -64.70 13.67 -24.24
N GLU H 552 -63.48 14.21 -24.37
CA GLU H 552 -62.59 13.87 -25.47
C GLU H 552 -61.81 12.62 -25.08
N ALA H 553 -62.30 11.45 -25.53
CA ALA H 553 -61.61 10.21 -25.24
C ALA H 553 -60.29 10.15 -26.01
N PRO H 554 -59.24 9.55 -25.43
CA PRO H 554 -57.95 9.51 -26.11
C PRO H 554 -57.87 8.40 -27.15
N ASP H 555 -58.00 8.77 -28.43
CA ASP H 555 -57.83 7.80 -29.49
C ASP H 555 -56.36 7.47 -29.72
N GLN H 556 -55.46 8.31 -29.22
CA GLN H 556 -54.03 8.06 -29.19
C GLN H 556 -53.44 8.93 -28.10
N ILE H 557 -52.27 8.53 -27.60
CA ILE H 557 -51.53 9.33 -26.63
C ILE H 557 -50.11 9.47 -27.15
N SER H 558 -49.67 10.72 -27.33
CA SER H 558 -48.32 10.96 -27.83
C SER H 558 -47.29 10.52 -26.81
N ALA H 559 -46.21 9.90 -27.30
CA ALA H 559 -45.13 9.43 -26.43
C ALA H 559 -43.80 9.62 -27.14
N TRP H 560 -42.74 9.67 -26.35
CA TRP H 560 -41.40 9.77 -26.91
C TRP H 560 -40.42 9.02 -26.03
N SER H 561 -39.25 8.72 -26.60
CA SER H 561 -38.26 7.90 -25.92
C SER H 561 -37.37 8.78 -25.04
N GLY H 562 -37.25 8.38 -23.77
CA GLY H 562 -36.28 9.02 -22.89
C GLY H 562 -34.85 8.60 -23.15
N THR H 563 -34.65 7.48 -23.83
CA THR H 563 -33.32 6.99 -24.21
C THR H 563 -33.32 6.64 -25.70
N PRO H 564 -33.43 7.66 -26.56
CA PRO H 564 -33.46 7.38 -28.01
C PRO H 564 -32.19 6.74 -28.53
N GLY H 565 -31.09 6.78 -27.76
CA GLY H 565 -29.86 6.11 -28.15
C GLY H 565 -30.01 4.60 -28.31
N TYR H 566 -31.05 4.02 -27.70
CA TYR H 566 -31.33 2.60 -27.93
C TYR H 566 -31.55 2.32 -29.41
N PHE H 567 -32.04 3.30 -30.16
CA PHE H 567 -32.27 3.16 -31.59
C PHE H 567 -31.24 3.91 -32.41
N GLY H 568 -30.25 4.53 -31.78
CA GLY H 568 -29.22 5.25 -32.51
C GLY H 568 -29.68 6.53 -33.16
N VAL H 569 -30.70 7.18 -32.60
CA VAL H 569 -31.24 8.43 -33.14
C VAL H 569 -31.34 9.46 -32.02
N ALA H 570 -31.51 10.72 -32.43
CA ALA H 570 -31.57 11.81 -31.46
C ALA H 570 -32.92 11.89 -30.74
N ALA H 571 -33.99 11.40 -31.37
CA ALA H 571 -35.31 11.44 -30.77
C ALA H 571 -36.22 10.49 -31.53
N ARG H 572 -37.23 9.99 -30.83
CA ARG H 572 -38.25 9.15 -31.45
C ARG H 572 -39.58 9.41 -30.75
N THR H 573 -40.56 9.87 -31.51
CA THR H 573 -41.92 10.03 -31.01
C THR H 573 -42.84 9.05 -31.72
N ARG H 574 -43.77 8.46 -30.96
CA ARG H 574 -44.69 7.46 -31.48
C ARG H 574 -46.03 7.62 -30.77
N PRO H 575 -47.12 7.21 -31.39
CA PRO H 575 -48.40 7.20 -30.69
C PRO H 575 -48.57 5.93 -29.87
N LEU H 576 -49.09 6.10 -28.66
CA LEU H 576 -49.60 4.97 -27.89
C LEU H 576 -51.05 4.73 -28.27
N CYS H 577 -51.39 3.46 -28.46
CA CYS H 577 -52.69 3.15 -29.04
C CYS H 577 -53.59 2.44 -28.04
N PRO H 578 -54.89 2.74 -28.05
CA PRO H 578 -55.81 2.07 -27.12
C PRO H 578 -55.94 0.60 -27.45
N TYR H 579 -55.83 -0.24 -26.42
CA TYR H 579 -56.00 -1.68 -26.58
C TYR H 579 -57.30 -1.97 -27.33
N PRO H 580 -57.27 -2.89 -28.32
CA PRO H 580 -56.13 -3.70 -28.72
C PRO H 580 -55.35 -3.16 -29.93
N GLN H 581 -55.41 -1.87 -30.19
CA GLN H 581 -54.75 -1.29 -31.35
C GLN H 581 -53.25 -1.18 -31.13
N ILE H 582 -52.50 -1.14 -32.25
CA ILE H 582 -51.05 -0.96 -32.22
C ILE H 582 -50.68 0.08 -33.26
N ALA H 583 -49.46 0.62 -33.10
CA ALA H 583 -48.96 1.62 -34.02
C ALA H 583 -48.59 0.99 -35.36
N ARG H 584 -48.95 1.67 -36.45
CA ARG H 584 -48.67 1.19 -37.80
C ARG H 584 -48.05 2.32 -38.61
N TYR H 585 -46.85 2.08 -39.15
CA TYR H 585 -46.19 3.04 -40.01
C TYR H 585 -47.03 3.28 -41.26
N LYS H 586 -47.16 4.55 -41.63
CA LYS H 586 -47.97 4.94 -42.78
C LYS H 586 -47.29 4.66 -44.12
N GLY H 587 -46.07 4.14 -44.12
CA GLY H 587 -45.39 3.77 -45.34
C GLY H 587 -44.50 4.84 -45.93
N SER H 588 -44.53 6.06 -45.40
CA SER H 588 -43.69 7.13 -45.92
C SER H 588 -43.37 8.10 -44.78
N GLY H 589 -42.25 8.79 -44.90
CA GLY H 589 -41.85 9.79 -43.94
C GLY H 589 -40.93 9.24 -42.86
N ASP H 590 -40.41 10.17 -42.06
CA ASP H 590 -39.50 9.83 -40.98
C ASP H 590 -40.14 8.83 -40.01
N ILE H 591 -39.45 7.71 -39.78
CA ILE H 591 -39.94 6.69 -38.86
C ILE H 591 -39.84 7.09 -37.40
N ASN H 592 -39.20 8.23 -37.11
CA ASN H 592 -39.01 8.68 -35.74
C ASN H 592 -40.00 9.75 -35.33
N THR H 593 -40.99 10.06 -36.17
CA THR H 593 -41.96 11.10 -35.89
C THR H 593 -43.35 10.49 -35.82
N GLU H 594 -44.11 10.91 -34.81
CA GLU H 594 -45.40 10.28 -34.52
C GLU H 594 -46.40 10.49 -35.63
N ALA H 595 -46.32 11.63 -36.33
CA ALA H 595 -47.29 11.95 -37.37
C ALA H 595 -47.31 10.92 -38.50
N ASN H 596 -46.24 10.14 -38.66
CA ASN H 596 -46.17 9.14 -39.71
C ASN H 596 -46.69 7.77 -39.26
N PHE H 597 -47.36 7.70 -38.12
CA PHE H 597 -47.90 6.45 -37.60
C PHE H 597 -49.38 6.63 -37.28
N ALA H 598 -50.12 5.53 -37.37
CA ALA H 598 -51.55 5.52 -37.06
C ALA H 598 -51.87 4.31 -36.19
N CYS H 599 -52.92 4.46 -35.39
CA CYS H 599 -53.39 3.37 -34.54
C CYS H 599 -54.36 2.51 -35.33
N ALA H 600 -54.11 1.20 -35.37
CA ALA H 600 -54.96 0.30 -36.10
C ALA H 600 -54.90 -1.07 -35.46
N ALA H 601 -55.89 -1.91 -35.79
CA ALA H 601 -55.81 -3.30 -35.41
C ALA H 601 -54.63 -3.96 -36.11
N PRO H 602 -53.96 -4.90 -35.47
CA PRO H 602 -52.86 -5.62 -36.14
C PRO H 602 -53.39 -6.45 -37.28
N PRO H 603 -52.52 -6.89 -38.21
CA PRO H 603 -52.97 -7.69 -39.37
C PRO H 603 -53.73 -8.95 -38.98
N VAL I 43 -73.10 35.98 -26.44
CA VAL I 43 -72.16 34.86 -26.37
C VAL I 43 -71.44 34.87 -25.02
N PRO I 44 -71.26 33.70 -24.42
CA PRO I 44 -70.54 33.63 -23.15
C PRO I 44 -69.07 34.00 -23.32
N LEU I 45 -68.51 34.60 -22.27
CA LEU I 45 -67.14 35.09 -22.32
C LEU I 45 -66.13 33.94 -22.27
N ALA I 46 -64.90 34.26 -22.70
CA ALA I 46 -63.75 33.36 -22.64
C ALA I 46 -64.07 32.00 -23.28
N SER I 47 -64.79 32.03 -24.39
CA SER I 47 -65.50 30.87 -24.88
C SER I 47 -65.27 30.73 -26.37
N ARG I 48 -65.65 29.57 -26.91
CA ARG I 48 -65.42 29.32 -28.32
C ARG I 48 -66.24 30.28 -29.17
N ALA I 49 -67.47 30.58 -28.75
CA ALA I 49 -68.30 31.53 -29.48
C ALA I 49 -67.68 32.92 -29.45
N ALA I 50 -67.13 33.32 -28.29
CA ALA I 50 -66.46 34.62 -28.20
C ALA I 50 -65.24 34.65 -29.10
N CYS I 51 -64.55 33.52 -29.24
CA CYS I 51 -63.35 33.46 -30.08
C CYS I 51 -63.71 33.68 -31.55
N GLU I 52 -64.61 32.85 -32.07
CA GLU I 52 -64.91 32.87 -33.50
C GLU I 52 -65.61 34.16 -33.94
N ALA I 53 -66.27 34.85 -33.02
CA ALA I 53 -66.91 36.12 -33.37
C ALA I 53 -65.91 37.25 -33.56
N LEU I 54 -64.62 37.00 -33.29
CA LEU I 54 -63.59 38.01 -33.52
C LEU I 54 -63.12 38.07 -34.96
N LYS I 55 -63.46 37.09 -35.77
CA LYS I 55 -63.08 37.11 -37.18
C LYS I 55 -63.88 38.16 -37.94
N ASP I 56 -63.30 38.65 -39.03
CA ASP I 56 -63.88 39.77 -39.75
C ASP I 56 -65.24 39.40 -40.35
N GLY I 57 -66.28 40.12 -39.93
CA GLY I 57 -67.63 39.84 -40.35
C GLY I 57 -68.40 38.90 -39.45
N ASN I 58 -67.73 38.26 -38.49
CA ASN I 58 -68.37 37.31 -37.59
C ASN I 58 -68.99 37.96 -36.36
N GLY I 59 -68.88 39.28 -36.22
CA GLY I 59 -69.43 39.96 -35.07
C GLY I 59 -69.32 41.47 -35.14
N ASP I 60 -69.28 42.12 -33.98
CA ASP I 60 -69.19 43.57 -33.90
C ASP I 60 -67.91 44.03 -33.21
N MET I 61 -66.81 43.29 -33.43
CA MET I 61 -65.53 43.69 -32.85
C MET I 61 -65.06 45.00 -33.47
N VAL I 62 -64.56 45.90 -32.62
CA VAL I 62 -64.05 47.20 -33.03
C VAL I 62 -62.60 47.29 -32.58
N TRP I 63 -61.70 47.45 -33.54
CA TRP I 63 -60.26 47.47 -33.29
C TRP I 63 -59.74 48.90 -33.19
N PRO I 64 -58.69 49.13 -32.39
CA PRO I 64 -58.14 50.49 -32.28
C PRO I 64 -57.71 51.08 -33.60
N ASN I 65 -57.12 50.28 -34.49
CA ASN I 65 -56.77 50.70 -35.83
C ASN I 65 -57.85 50.25 -36.80
N ALA I 66 -58.37 51.19 -37.60
CA ALA I 66 -59.43 50.86 -38.54
C ALA I 66 -58.95 49.90 -39.63
N ALA I 67 -57.65 49.87 -39.92
CA ALA I 67 -57.09 48.97 -40.91
C ALA I 67 -56.68 47.63 -40.32
N THR I 68 -57.49 47.08 -39.42
CA THR I 68 -57.21 45.80 -38.77
C THR I 68 -58.05 44.73 -39.45
N VAL I 69 -57.39 43.69 -39.97
CA VAL I 69 -58.07 42.59 -40.64
C VAL I 69 -57.70 41.30 -39.92
N VAL I 70 -58.71 40.48 -39.60
CA VAL I 70 -58.53 39.23 -38.89
C VAL I 70 -58.77 38.10 -39.87
N GLU I 71 -57.73 37.29 -40.10
CA GLU I 71 -57.85 36.15 -40.99
C GLU I 71 -58.11 34.84 -40.26
N VAL I 72 -57.76 34.75 -38.98
CA VAL I 72 -57.94 33.52 -38.20
C VAL I 72 -58.50 33.88 -36.83
N ALA I 73 -59.54 33.18 -36.41
CA ALA I 73 -60.04 33.22 -35.04
C ALA I 73 -60.50 31.79 -34.74
N ALA I 74 -59.62 30.98 -34.15
CA ALA I 74 -59.84 29.55 -34.05
C ALA I 74 -59.66 29.07 -32.62
N TRP I 75 -60.53 28.14 -32.22
CA TRP I 75 -60.44 27.51 -30.91
C TRP I 75 -59.43 26.37 -30.96
N ARG I 76 -58.48 26.37 -30.05
CA ARG I 76 -57.40 25.38 -30.02
C ARG I 76 -57.55 24.51 -28.78
N ASP I 77 -57.56 23.20 -28.99
CA ASP I 77 -57.63 22.26 -27.88
C ASP I 77 -56.34 22.30 -27.07
N ALA I 78 -56.42 21.85 -25.83
CA ALA I 78 -55.25 21.77 -24.98
C ALA I 78 -54.20 20.85 -25.61
N ALA I 79 -52.94 21.30 -25.61
CA ALA I 79 -51.87 20.53 -26.19
C ALA I 79 -50.99 19.95 -25.10
N PRO I 80 -50.74 18.64 -25.11
CA PRO I 80 -49.91 18.04 -24.08
C PRO I 80 -48.47 18.54 -24.17
N ALA I 81 -47.72 18.27 -23.10
CA ALA I 81 -46.30 18.62 -23.11
C ALA I 81 -45.55 17.74 -24.09
N THR I 82 -44.47 18.29 -24.64
CA THR I 82 -43.54 17.56 -25.48
C THR I 82 -42.16 17.60 -24.84
N ALA I 83 -41.19 16.96 -25.49
CA ALA I 83 -39.83 16.95 -24.97
C ALA I 83 -39.20 18.33 -24.93
N SER I 84 -39.73 19.28 -25.71
CA SER I 84 -39.13 20.60 -25.82
C SER I 84 -40.03 21.74 -25.41
N ALA I 85 -41.29 21.49 -25.05
CA ALA I 85 -42.20 22.58 -24.73
C ALA I 85 -43.21 22.13 -23.69
N ALA I 86 -43.57 23.04 -22.79
CA ALA I 86 -44.60 22.78 -21.81
C ALA I 86 -45.96 22.68 -22.47
N ALA I 87 -46.88 22.02 -21.78
CA ALA I 87 -48.25 21.87 -22.29
C ALA I 87 -48.90 23.23 -22.48
N LEU I 88 -49.70 23.36 -23.54
CA LEU I 88 -50.41 24.60 -23.83
C LEU I 88 -51.89 24.42 -23.54
N PRO I 89 -52.49 25.31 -22.76
CA PRO I 89 -53.90 25.13 -22.38
C PRO I 89 -54.84 25.38 -23.55
N GLU I 90 -56.10 25.00 -23.34
CA GLU I 90 -57.15 25.34 -24.28
C GLU I 90 -57.23 26.85 -24.45
N HIS I 91 -57.20 27.31 -25.70
CA HIS I 91 -57.10 28.74 -25.94
C HIS I 91 -57.71 29.10 -27.28
N CYS I 92 -57.97 30.40 -27.45
CA CYS I 92 -58.39 30.98 -28.71
C CYS I 92 -57.18 31.61 -29.39
N GLU I 93 -57.00 31.31 -30.68
CA GLU I 93 -55.91 31.87 -31.46
C GLU I 93 -56.46 32.86 -32.46
N VAL I 94 -55.92 34.08 -32.44
CA VAL I 94 -56.31 35.15 -33.37
C VAL I 94 -55.06 35.61 -34.10
N SER I 95 -55.14 35.69 -35.43
CA SER I 95 -54.05 36.18 -36.23
C SER I 95 -54.59 37.07 -37.35
N GLY I 96 -53.80 38.08 -37.70
CA GLY I 96 -54.22 39.01 -38.73
C GLY I 96 -53.12 39.98 -39.04
N ALA I 97 -53.49 41.14 -39.57
CA ALA I 97 -52.51 42.13 -39.96
C ALA I 97 -53.11 43.52 -39.85
N ILE I 98 -52.23 44.51 -39.65
CA ILE I 98 -52.62 45.90 -39.48
C ILE I 98 -52.01 46.72 -40.62
N ALA I 99 -52.81 47.64 -41.16
CA ALA I 99 -52.33 48.66 -42.09
C ALA I 99 -51.66 48.05 -43.32
N LYS I 100 -52.38 47.13 -43.98
CA LYS I 100 -51.90 46.62 -45.25
C LYS I 100 -51.75 47.76 -46.26
N ARG I 101 -50.67 47.75 -47.01
CA ARG I 101 -50.33 48.86 -47.89
C ARG I 101 -49.27 48.40 -48.88
N THR I 102 -48.91 49.30 -49.78
CA THR I 102 -47.76 49.16 -50.65
C THR I 102 -46.77 50.28 -50.34
N GLY I 103 -45.51 49.92 -50.14
CA GLY I 103 -44.49 50.90 -49.82
C GLY I 103 -44.09 51.75 -51.02
N ILE I 104 -43.16 52.67 -50.76
CA ILE I 104 -42.63 53.52 -51.83
C ILE I 104 -41.57 52.77 -52.62
N ASP I 105 -41.40 51.48 -52.30
CA ASP I 105 -40.55 50.60 -53.07
C ASP I 105 -41.34 49.59 -53.89
N GLY I 106 -42.67 49.66 -53.87
CA GLY I 106 -43.49 48.73 -54.60
C GLY I 106 -43.68 47.38 -53.94
N TYR I 107 -43.32 47.26 -52.65
CA TYR I 107 -43.43 46.00 -51.94
C TYR I 107 -44.63 46.02 -51.00
N PRO I 108 -45.24 44.87 -50.74
CA PRO I 108 -46.35 44.82 -49.78
C PRO I 108 -45.84 44.98 -48.36
N TYR I 109 -46.62 45.65 -47.54
CA TYR I 109 -46.28 45.85 -46.14
C TYR I 109 -47.52 45.74 -45.28
N GLU I 110 -47.36 45.13 -44.11
CA GLU I 110 -48.42 45.04 -43.11
C GLU I 110 -47.78 44.64 -41.80
N ILE I 111 -48.48 44.94 -40.71
CA ILE I 111 -48.01 44.59 -39.37
C ILE I 111 -48.80 43.35 -38.94
N LYS I 112 -48.17 42.18 -39.07
CA LYS I 112 -48.80 40.93 -38.69
C LYS I 112 -48.77 40.76 -37.17
N PHE I 113 -49.77 40.05 -36.66
CA PHE I 113 -49.81 39.73 -35.24
C PHE I 113 -50.46 38.37 -35.05
N ARG I 114 -50.06 37.68 -33.99
CA ARG I 114 -50.69 36.43 -33.58
C ARG I 114 -50.91 36.50 -32.07
N LEU I 115 -52.15 36.27 -31.65
CA LEU I 115 -52.55 36.39 -30.25
C LEU I 115 -53.18 35.08 -29.80
N ARG I 116 -52.91 34.69 -28.56
CA ARG I 116 -53.43 33.46 -27.98
C ARG I 116 -53.99 33.77 -26.60
N MET I 117 -55.27 33.49 -26.40
CA MET I 117 -55.97 33.79 -25.15
C MET I 117 -56.55 32.51 -24.57
N PRO I 118 -56.04 32.01 -23.44
CA PRO I 118 -56.56 30.77 -22.88
C PRO I 118 -57.92 30.96 -22.24
N ALA I 119 -58.74 29.91 -22.31
CA ALA I 119 -60.02 29.92 -21.60
C ALA I 119 -59.80 30.12 -20.11
N GLU I 120 -58.83 29.42 -19.54
CA GLU I 120 -58.43 29.62 -18.15
C GLU I 120 -57.26 30.61 -18.14
N TRP I 121 -57.56 31.85 -17.75
CA TRP I 121 -56.63 32.96 -17.86
C TRP I 121 -56.23 33.47 -16.49
N ASN I 122 -54.99 33.93 -16.36
CA ASN I 122 -54.48 34.44 -15.10
C ASN I 122 -54.56 35.95 -15.00
N GLY I 123 -55.31 36.61 -15.89
CA GLY I 123 -55.45 38.04 -15.83
C GLY I 123 -54.23 38.83 -16.22
N ARG I 124 -53.28 38.20 -16.93
CA ARG I 124 -52.04 38.86 -17.32
C ARG I 124 -51.87 38.82 -18.82
N PHE I 125 -51.24 39.87 -19.35
CA PHE I 125 -50.99 40.03 -20.78
C PHE I 125 -49.49 39.94 -21.03
N PHE I 126 -49.11 39.24 -22.10
CA PHE I 126 -47.70 38.98 -22.38
C PHE I 126 -47.40 39.22 -23.85
N MET I 127 -46.30 39.92 -24.11
CA MET I 127 -45.79 40.11 -25.47
C MET I 127 -44.33 39.72 -25.50
N GLU I 128 -43.95 38.95 -26.51
CA GLU I 128 -42.56 38.56 -26.73
C GLU I 128 -41.90 39.51 -27.72
N GLY I 129 -40.62 39.77 -27.50
CA GLY I 129 -39.86 40.61 -28.40
C GLY I 129 -39.43 39.86 -29.65
N GLY I 130 -38.74 40.58 -30.52
CA GLY I 130 -38.28 40.05 -31.78
C GLY I 130 -36.82 39.63 -31.74
N SER I 131 -36.24 39.48 -32.93
CA SER I 131 -34.85 39.09 -33.07
C SER I 131 -34.37 39.41 -34.47
N GLY I 132 -33.06 39.62 -34.61
CA GLY I 132 -32.50 39.96 -35.90
C GLY I 132 -33.03 41.28 -36.40
N THR I 133 -33.46 41.31 -37.65
CA THR I 133 -34.21 42.44 -38.19
C THR I 133 -35.70 42.15 -38.27
N ASN I 134 -36.18 41.20 -37.46
CA ASN I 134 -37.58 40.80 -37.41
C ASN I 134 -37.99 40.24 -38.77
N GLY I 135 -39.26 40.41 -39.16
CA GLY I 135 -39.76 39.88 -40.41
C GLY I 135 -40.38 38.50 -40.32
N SER I 136 -40.47 37.91 -39.14
CA SER I 136 -41.08 36.61 -38.96
C SER I 136 -42.12 36.66 -37.87
N LEU I 137 -43.16 35.85 -38.01
CA LEU I 137 -44.23 35.74 -37.03
C LEU I 137 -44.12 34.38 -36.35
N SER I 138 -43.74 34.39 -35.08
CA SER I 138 -43.57 33.15 -34.32
C SER I 138 -44.92 32.52 -34.04
N ALA I 139 -44.89 31.35 -33.39
CA ALA I 139 -46.12 30.69 -32.94
C ALA I 139 -46.84 31.48 -31.87
N ALA I 140 -46.18 32.47 -31.26
CA ALA I 140 -46.80 33.40 -30.31
C ALA I 140 -47.36 32.68 -29.09
N THR I 141 -46.59 31.74 -28.55
CA THR I 141 -46.91 31.17 -27.25
C THR I 141 -46.29 31.95 -26.10
N GLY I 142 -45.48 32.96 -26.40
CA GLY I 142 -44.89 33.80 -25.37
C GLY I 142 -43.61 33.24 -24.79
N SER I 143 -42.54 33.24 -25.57
CA SER I 143 -41.26 32.73 -25.05
C SER I 143 -40.68 33.73 -24.06
N ILE I 144 -40.05 33.20 -23.02
CA ILE I 144 -39.46 34.02 -21.96
C ILE I 144 -37.94 34.05 -22.04
N GLY I 145 -37.37 33.49 -23.11
CA GLY I 145 -35.93 33.49 -23.28
C GLY I 145 -35.22 32.57 -22.28
N GLY I 146 -33.89 32.68 -22.30
CA GLY I 146 -33.07 31.94 -21.35
C GLY I 146 -33.15 30.44 -21.49
N GLY I 147 -33.48 29.93 -22.67
CA GLY I 147 -33.54 28.49 -22.88
C GLY I 147 -34.60 27.80 -22.07
N GLN I 148 -35.69 28.47 -21.74
CA GLN I 148 -36.73 27.93 -20.88
C GLN I 148 -37.72 27.08 -21.68
N ILE I 149 -38.14 25.97 -21.08
CA ILE I 149 -39.13 25.10 -21.72
C ILE I 149 -40.53 25.70 -21.62
N ALA I 150 -40.81 26.40 -20.53
CA ALA I 150 -42.15 26.95 -20.32
C ALA I 150 -42.34 28.22 -21.15
N SER I 151 -43.48 28.31 -21.81
CA SER I 151 -43.92 29.53 -22.46
C SER I 151 -44.89 30.27 -21.55
N ALA I 152 -45.12 31.55 -21.86
CA ALA I 152 -46.07 32.32 -21.09
C ALA I 152 -47.48 31.76 -21.24
N LEU I 153 -47.81 31.23 -22.42
CA LEU I 153 -49.13 30.61 -22.61
C LEU I 153 -49.28 29.38 -21.72
N SER I 154 -48.20 28.63 -21.51
CA SER I 154 -48.27 27.47 -20.62
C SER I 154 -48.54 27.90 -19.19
N ARG I 155 -48.17 29.13 -18.83
CA ARG I 155 -48.47 29.69 -17.52
C ARG I 155 -49.78 30.48 -17.51
N ASN I 156 -50.61 30.28 -18.53
CA ASN I 156 -51.97 30.82 -18.63
C ASN I 156 -52.00 32.33 -18.84
N PHE I 157 -50.94 32.90 -19.38
CA PHE I 157 -50.97 34.30 -19.84
C PHE I 157 -51.72 34.41 -21.16
N ALA I 158 -52.13 35.64 -21.48
CA ALA I 158 -52.51 35.99 -22.84
C ALA I 158 -51.26 36.48 -23.56
N THR I 159 -50.96 35.88 -24.72
CA THR I 159 -49.67 36.06 -25.38
C THR I 159 -49.87 36.59 -26.79
N ILE I 160 -48.92 37.42 -27.23
CA ILE I 160 -49.00 38.03 -28.55
C ILE I 160 -47.60 38.20 -29.10
N ALA I 161 -47.50 38.21 -30.43
CA ALA I 161 -46.25 38.43 -31.14
C ALA I 161 -46.55 39.16 -32.45
N THR I 162 -45.51 39.76 -33.02
CA THR I 162 -45.63 40.49 -34.29
C THR I 162 -44.40 40.21 -35.13
N ASP I 163 -44.47 40.57 -36.40
CA ASP I 163 -43.32 40.47 -37.30
C ASP I 163 -42.61 41.80 -37.52
N GLY I 164 -43.05 42.87 -36.87
CA GLY I 164 -42.37 44.15 -36.94
C GLY I 164 -42.76 45.05 -38.08
N GLY I 165 -43.69 44.63 -38.94
CA GLY I 165 -44.13 45.46 -40.04
C GLY I 165 -43.67 45.01 -41.42
N HIS I 166 -42.86 43.95 -41.50
CA HIS I 166 -42.46 43.41 -42.79
C HIS I 166 -42.38 41.89 -42.68
N ASP I 167 -42.34 41.23 -43.85
CA ASP I 167 -42.39 39.78 -43.94
C ASP I 167 -41.18 39.30 -44.74
N ASN I 168 -40.34 38.51 -44.08
CA ASN I 168 -39.13 38.02 -44.74
C ASN I 168 -39.43 37.20 -46.00
N ALA I 169 -40.63 36.64 -46.10
CA ALA I 169 -40.96 35.81 -47.26
C ALA I 169 -41.27 36.63 -48.51
N VAL I 170 -41.73 37.88 -48.34
CA VAL I 170 -42.09 38.70 -49.50
C VAL I 170 -41.29 39.99 -49.52
N ASN I 171 -40.83 40.44 -48.35
CA ASN I 171 -39.97 41.63 -48.28
C ASN I 171 -38.50 41.23 -48.41
N ASP I 172 -38.21 40.55 -49.51
CA ASP I 172 -36.89 40.01 -49.82
C ASP I 172 -36.48 40.59 -51.18
N ASN I 173 -35.71 41.67 -51.15
CA ASN I 173 -35.33 42.39 -52.36
C ASN I 173 -33.91 42.05 -52.75
N PRO I 174 -33.68 41.36 -53.88
CA PRO I 174 -32.30 41.01 -54.26
C PRO I 174 -31.45 42.20 -54.67
N ASP I 175 -32.04 43.38 -54.85
CA ASP I 175 -31.29 44.59 -55.15
C ASP I 175 -31.06 45.45 -53.91
N ALA I 176 -31.59 45.06 -52.76
CA ALA I 176 -31.46 45.80 -51.52
C ALA I 176 -31.06 44.88 -50.37
N LEU I 177 -30.15 43.94 -50.65
CA LEU I 177 -29.50 43.11 -49.64
C LEU I 177 -30.48 42.16 -48.93
N GLY I 178 -31.49 41.67 -49.64
CA GLY I 178 -32.35 40.64 -49.10
C GLY I 178 -33.40 41.07 -48.08
N THR I 179 -33.47 40.35 -46.95
CA THR I 179 -34.54 40.59 -46.00
C THR I 179 -34.34 41.84 -45.14
N VAL I 180 -33.30 42.63 -45.40
CA VAL I 180 -33.15 43.92 -44.75
C VAL I 180 -33.80 44.98 -45.63
N ALA I 181 -34.50 44.55 -46.67
CA ALA I 181 -34.97 45.48 -47.71
C ALA I 181 -36.11 46.37 -47.24
N PHE I 182 -36.74 46.06 -46.11
CA PHE I 182 -37.79 46.93 -45.58
C PHE I 182 -37.27 48.35 -45.35
N GLY I 183 -35.95 48.54 -45.23
CA GLY I 183 -35.42 49.85 -44.95
C GLY I 183 -35.63 50.83 -46.08
N LEU I 184 -36.01 50.35 -47.27
CA LEU I 184 -36.27 51.26 -48.38
C LEU I 184 -37.60 52.01 -48.20
N ASP I 185 -38.45 51.56 -47.29
CA ASP I 185 -39.72 52.22 -47.06
C ASP I 185 -39.68 52.96 -45.73
N PRO I 186 -39.92 54.28 -45.72
CA PRO I 186 -39.84 55.02 -44.46
C PRO I 186 -40.82 54.54 -43.40
N GLN I 187 -42.06 54.21 -43.79
CA GLN I 187 -43.03 53.74 -42.81
C GLN I 187 -42.63 52.38 -42.26
N ALA I 188 -42.07 51.50 -43.10
CA ALA I 188 -41.59 50.21 -42.61
C ALA I 188 -40.47 50.39 -41.61
N ARG I 189 -39.60 51.39 -41.84
CA ARG I 189 -38.59 51.74 -40.84
C ARG I 189 -39.24 52.16 -39.53
N LEU I 190 -40.25 53.04 -39.61
CA LEU I 190 -40.94 53.49 -38.41
C LEU I 190 -41.68 52.34 -37.73
N ASP I 191 -42.30 51.47 -38.53
CA ASP I 191 -42.98 50.31 -37.94
C ASP I 191 -41.98 49.39 -37.24
N MET I 192 -40.82 49.16 -37.86
CA MET I 192 -39.79 48.36 -37.23
C MET I 192 -39.27 49.02 -35.95
N GLY I 193 -39.23 50.35 -35.92
CA GLY I 193 -38.66 51.04 -34.77
C GLY I 193 -39.56 50.98 -33.54
N TYR I 194 -40.84 51.29 -33.70
CA TYR I 194 -41.71 51.40 -32.54
C TYR I 194 -43.18 51.17 -32.86
N ASN I 195 -43.62 51.52 -34.07
CA ASN I 195 -45.06 51.59 -34.34
C ASN I 195 -45.71 50.22 -34.40
N SER I 196 -44.99 49.20 -34.89
CA SER I 196 -45.59 47.86 -34.96
C SER I 196 -45.96 47.36 -33.58
N TYR I 197 -45.02 47.43 -32.64
CA TYR I 197 -45.28 46.96 -31.29
C TYR I 197 -46.34 47.80 -30.59
N ASP I 198 -46.40 49.10 -30.91
CA ASP I 198 -47.47 49.94 -30.37
C ASP I 198 -48.82 49.51 -30.91
N GLN I 199 -48.92 49.30 -32.22
CA GLN I 199 -50.19 48.89 -32.82
C GLN I 199 -50.63 47.52 -32.32
N VAL I 200 -49.70 46.56 -32.26
CA VAL I 200 -50.04 45.20 -31.88
C VAL I 200 -50.41 45.13 -30.41
N THR I 201 -49.72 45.91 -29.56
CA THR I 201 -50.08 45.94 -28.14
C THR I 201 -51.51 46.43 -27.97
N GLN I 202 -51.88 47.51 -28.67
CA GLN I 202 -53.24 48.02 -28.59
C GLN I 202 -54.24 47.02 -29.13
N ALA I 203 -53.91 46.36 -30.26
CA ALA I 203 -54.82 45.39 -30.84
C ALA I 203 -55.04 44.20 -29.91
N GLY I 204 -53.98 43.73 -29.26
CA GLY I 204 -54.10 42.58 -28.38
C GLY I 204 -54.93 42.86 -27.15
N LYS I 205 -54.60 43.95 -26.44
CA LYS I 205 -55.38 44.32 -25.26
C LYS I 205 -56.85 44.58 -25.62
N ALA I 206 -57.10 45.13 -26.80
CA ALA I 206 -58.48 45.33 -27.24
C ALA I 206 -59.19 43.99 -27.41
N ALA I 207 -58.50 42.99 -27.98
CA ALA I 207 -59.09 41.67 -28.10
C ALA I 207 -59.21 40.97 -26.76
N VAL I 208 -58.28 41.23 -25.85
CA VAL I 208 -58.37 40.65 -24.51
C VAL I 208 -59.59 41.20 -23.78
N ALA I 209 -59.83 42.51 -23.88
CA ALA I 209 -60.97 43.11 -23.21
C ALA I 209 -62.29 42.60 -23.79
N ARG I 210 -62.34 42.36 -25.10
CA ARG I 210 -63.53 41.77 -25.71
C ARG I 210 -63.70 40.31 -25.27
N PHE I 211 -62.61 39.54 -25.30
CA PHE I 211 -62.71 38.10 -25.06
C PHE I 211 -63.08 37.79 -23.61
N TYR I 212 -62.39 38.43 -22.66
CA TYR I 212 -62.56 38.13 -21.24
C TYR I 212 -63.55 39.06 -20.56
N GLY I 213 -63.93 40.17 -21.19
CA GLY I 213 -64.81 41.14 -20.56
C GLY I 213 -64.13 42.08 -19.60
N ARG I 214 -62.80 42.14 -19.60
CA ARG I 214 -62.06 43.05 -18.72
C ARG I 214 -60.63 43.16 -19.21
N ALA I 215 -59.94 44.19 -18.73
CA ALA I 215 -58.54 44.38 -19.07
C ALA I 215 -57.66 43.49 -18.21
N ALA I 216 -56.42 43.30 -18.67
CA ALA I 216 -55.46 42.51 -17.91
C ALA I 216 -55.03 43.27 -16.65
N ASP I 217 -54.80 42.54 -15.57
CA ASP I 217 -54.33 43.17 -14.34
C ASP I 217 -52.93 43.73 -14.52
N LYS I 218 -52.04 42.97 -15.15
CA LYS I 218 -50.67 43.40 -15.41
C LYS I 218 -50.28 43.00 -16.82
N SER I 219 -49.31 43.72 -17.37
CA SER I 219 -48.81 43.46 -18.72
C SER I 219 -47.31 43.27 -18.65
N TYR I 220 -46.82 42.25 -19.35
CA TYR I 220 -45.41 41.87 -19.30
C TYR I 220 -44.85 41.74 -20.71
N PHE I 221 -43.60 42.17 -20.87
CA PHE I 221 -42.89 42.09 -22.13
C PHE I 221 -41.49 41.56 -21.87
N ILE I 222 -41.08 40.54 -22.63
CA ILE I 222 -39.76 39.93 -22.51
C ILE I 222 -39.14 39.84 -23.90
N GLY I 223 -37.92 40.36 -24.04
CA GLY I 223 -37.23 40.32 -25.31
C GLY I 223 -35.74 40.31 -25.13
N CYS I 224 -35.05 39.81 -26.15
CA CYS I 224 -33.59 39.76 -26.19
C CYS I 224 -33.10 40.26 -27.54
N SER I 225 -31.88 40.81 -27.54
CA SER I 225 -31.23 41.33 -28.76
C SER I 225 -32.10 42.45 -29.31
N GLU I 226 -32.66 42.32 -30.52
CA GLU I 226 -33.63 43.30 -30.98
C GLU I 226 -34.84 43.36 -30.04
N GLY I 227 -35.21 42.23 -29.43
CA GLY I 227 -36.28 42.23 -28.45
C GLY I 227 -35.93 43.01 -27.20
N GLY I 228 -34.65 43.06 -26.84
CA GLY I 228 -34.23 43.88 -25.72
C GLY I 228 -34.34 45.36 -26.03
N ARG I 229 -33.91 45.77 -27.23
CA ARG I 229 -34.10 47.14 -27.67
C ARG I 229 -35.58 47.51 -27.67
N GLU I 230 -36.43 46.59 -28.14
CA GLU I 230 -37.87 46.81 -28.07
C GLU I 230 -38.33 47.03 -26.64
N GLY I 231 -37.76 46.28 -25.70
CA GLY I 231 -38.17 46.42 -24.30
C GLY I 231 -37.82 47.78 -23.74
N MET I 232 -36.57 48.22 -23.97
CA MET I 232 -36.16 49.54 -23.51
C MET I 232 -36.93 50.64 -24.22
N MET I 233 -37.19 50.47 -25.52
CA MET I 233 -38.00 51.43 -26.25
C MET I 233 -39.38 51.59 -25.61
N LEU I 234 -40.00 50.47 -25.22
CA LEU I 234 -41.31 50.55 -24.61
C LEU I 234 -41.25 51.29 -23.27
N SER I 235 -40.19 51.08 -22.50
CA SER I 235 -40.05 51.79 -21.24
C SER I 235 -39.90 53.30 -21.46
N GLN I 236 -39.20 53.69 -22.53
CA GLN I 236 -38.92 55.09 -22.80
C GLN I 236 -40.04 55.77 -23.59
N ARG I 237 -40.60 55.08 -24.57
CA ARG I 237 -41.54 55.69 -25.51
C ARG I 237 -43.00 55.46 -25.15
N PHE I 238 -43.36 54.27 -24.66
CA PHE I 238 -44.73 53.96 -24.25
C PHE I 238 -44.73 53.34 -22.86
N PRO I 239 -44.48 54.14 -21.82
CA PRO I 239 -44.31 53.55 -20.48
C PRO I 239 -45.56 52.88 -19.93
N SER I 240 -46.74 53.29 -20.38
CA SER I 240 -47.98 52.76 -19.85
C SER I 240 -48.40 51.45 -20.50
N HIS I 241 -47.65 50.95 -21.48
CA HIS I 241 -48.04 49.74 -22.17
C HIS I 241 -47.83 48.50 -21.31
N TYR I 242 -46.65 48.37 -20.70
CA TYR I 242 -46.29 47.18 -19.94
C TYR I 242 -45.76 47.56 -18.57
N ASP I 243 -46.14 46.76 -17.57
CA ASP I 243 -45.70 46.97 -16.19
C ASP I 243 -44.39 46.29 -15.88
N GLY I 244 -44.15 45.12 -16.49
CA GLY I 244 -42.88 44.43 -16.31
C GLY I 244 -42.19 44.22 -17.64
N ILE I 245 -40.90 44.56 -17.71
CA ILE I 245 -40.13 44.46 -18.94
C ILE I 245 -38.82 43.76 -18.65
N VAL I 246 -38.51 42.75 -19.45
CA VAL I 246 -37.20 42.10 -19.44
C VAL I 246 -36.52 42.41 -20.77
N ALA I 247 -35.30 42.95 -20.70
CA ALA I 247 -34.55 43.34 -21.89
C ALA I 247 -33.16 42.72 -21.78
N GLY I 248 -32.94 41.63 -22.51
CA GLY I 248 -31.65 40.96 -22.54
C GLY I 248 -30.86 41.39 -23.77
N ALA I 249 -29.54 41.55 -23.58
CA ALA I 249 -28.62 42.01 -24.61
C ALA I 249 -29.24 43.09 -25.48
N PRO I 250 -29.77 44.16 -24.88
CA PRO I 250 -30.60 45.09 -25.65
C PRO I 250 -29.76 45.93 -26.60
N GLY I 251 -30.12 45.90 -27.88
CA GLY I 251 -29.46 46.74 -28.86
C GLY I 251 -30.02 48.15 -28.86
N TYR I 252 -29.91 48.83 -27.73
CA TYR I 252 -30.50 50.17 -27.59
C TYR I 252 -29.79 51.21 -28.45
N GLN I 253 -28.61 50.91 -28.98
CA GLN I 253 -27.96 51.77 -29.96
C GLN I 253 -27.66 50.96 -31.22
N LEU I 254 -28.65 50.20 -31.67
CA LEU I 254 -28.47 49.31 -32.81
C LEU I 254 -27.93 49.99 -34.07
N PRO I 255 -28.32 51.22 -34.42
CA PRO I 255 -27.71 51.85 -35.60
C PRO I 255 -26.19 52.00 -35.51
N LYS I 256 -25.60 51.92 -34.32
CA LYS I 256 -24.16 52.05 -34.17
C LYS I 256 -23.42 50.73 -34.37
N ALA I 257 -24.14 49.60 -34.47
CA ALA I 257 -23.48 48.31 -34.59
C ALA I 257 -22.66 48.21 -35.87
N GLY I 258 -23.20 48.74 -36.98
CA GLY I 258 -22.46 48.70 -38.23
C GLY I 258 -21.19 49.53 -38.19
N ILE I 259 -21.18 50.60 -37.40
CA ILE I 259 -19.96 51.39 -37.24
C ILE I 259 -18.90 50.58 -36.51
N SER I 260 -19.30 49.91 -35.43
CA SER I 260 -18.38 49.00 -34.75
C SER I 260 -17.97 47.86 -35.67
N GLY I 261 -18.89 47.39 -36.51
CA GLY I 261 -18.57 46.30 -37.41
C GLY I 261 -17.53 46.68 -38.45
N ALA I 262 -17.64 47.89 -38.99
CA ALA I 262 -16.63 48.38 -39.91
C ALA I 262 -15.29 48.56 -39.21
N TRP I 263 -15.32 49.03 -37.96
CA TRP I 263 -14.09 49.18 -37.19
C TRP I 263 -13.40 47.83 -36.98
N THR I 264 -14.16 46.82 -36.56
CA THR I 264 -13.58 45.51 -36.30
C THR I 264 -13.10 44.86 -37.60
N THR I 265 -13.83 45.05 -38.69
CA THR I 265 -13.42 44.49 -39.98
C THR I 265 -12.06 45.05 -40.40
N GLN I 266 -11.93 46.38 -40.38
CA GLN I 266 -10.66 47.00 -40.76
C GLN I 266 -9.56 46.71 -39.73
N SER I 267 -9.93 46.54 -38.47
CA SER I 267 -8.94 46.27 -37.43
C SER I 267 -8.34 44.88 -37.59
N LEU I 268 -9.16 43.90 -37.97
CA LEU I 268 -8.70 42.53 -38.17
C LEU I 268 -8.10 42.29 -39.55
N ALA I 269 -8.37 43.18 -40.50
CA ALA I 269 -7.83 43.01 -41.85
C ALA I 269 -6.31 42.83 -41.91
N PRO I 270 -5.49 43.54 -41.13
CA PRO I 270 -4.05 43.26 -41.19
C PRO I 270 -3.67 41.84 -40.78
N ALA I 271 -4.49 41.19 -39.96
CA ALA I 271 -4.23 39.84 -39.52
C ALA I 271 -4.84 38.78 -40.43
N ALA I 272 -5.67 39.18 -41.39
CA ALA I 272 -6.30 38.22 -42.30
C ALA I 272 -5.25 37.52 -43.16
N VAL I 273 -5.60 36.32 -43.62
CA VAL I 273 -4.74 35.52 -44.49
C VAL I 273 -5.54 35.16 -45.73
N GLY I 274 -5.13 35.70 -46.89
CA GLY I 274 -5.82 35.46 -48.13
C GLY I 274 -6.91 36.47 -48.42
N LEU I 275 -7.41 36.41 -49.66
CA LEU I 275 -8.49 37.27 -50.11
C LEU I 275 -9.66 36.42 -50.59
N ASP I 276 -10.87 36.95 -50.43
CA ASP I 276 -12.05 36.27 -50.91
C ASP I 276 -12.20 36.53 -52.41
N ALA I 277 -13.36 36.15 -52.97
CA ALA I 277 -13.53 36.24 -54.42
C ALA I 277 -13.45 37.68 -54.92
N GLN I 278 -13.86 38.64 -54.10
CA GLN I 278 -13.89 40.05 -54.49
C GLN I 278 -12.61 40.80 -54.11
N GLY I 279 -11.58 40.09 -53.63
CA GLY I 279 -10.34 40.72 -53.25
C GLY I 279 -10.33 41.34 -51.87
N VAL I 280 -11.30 41.01 -51.02
CA VAL I 280 -11.37 41.54 -49.66
C VAL I 280 -10.64 40.58 -48.74
N PRO I 281 -9.85 41.08 -47.78
CA PRO I 281 -9.14 40.17 -46.87
C PRO I 281 -10.09 39.23 -46.15
N LEU I 282 -9.65 37.99 -45.98
CA LEU I 282 -10.46 36.96 -45.33
C LEU I 282 -10.37 37.16 -43.84
N ILE I 283 -11.26 37.99 -43.31
CA ILE I 283 -11.26 38.26 -41.89
C ILE I 283 -11.32 36.95 -41.11
N ASN I 284 -12.02 35.95 -41.62
CA ASN I 284 -12.26 34.74 -40.84
C ASN I 284 -10.97 33.93 -40.61
N LYS I 285 -9.97 34.12 -41.44
CA LYS I 285 -8.67 33.51 -41.28
C LYS I 285 -7.74 34.32 -40.37
N SER I 286 -8.23 35.42 -39.76
CA SER I 286 -7.37 36.19 -38.87
C SER I 286 -7.05 35.42 -37.60
N PHE I 287 -8.00 34.63 -37.09
CA PHE I 287 -7.79 33.80 -35.92
C PHE I 287 -8.39 32.43 -36.17
N SER I 288 -7.59 31.39 -35.99
CA SER I 288 -8.14 30.05 -35.98
C SER I 288 -8.86 29.80 -34.66
N ASP I 289 -9.64 28.72 -34.61
CA ASP I 289 -10.37 28.40 -33.39
C ASP I 289 -9.40 28.13 -32.24
N ALA I 290 -8.28 27.47 -32.51
CA ALA I 290 -7.27 27.26 -31.49
C ALA I 290 -6.65 28.59 -31.07
N ASP I 291 -6.46 29.51 -32.01
CA ASP I 291 -5.94 30.83 -31.67
C ASP I 291 -6.82 31.54 -30.66
N LEU I 292 -8.14 31.45 -30.84
CA LEU I 292 -9.05 32.13 -29.94
C LEU I 292 -9.08 31.48 -28.57
N HIS I 293 -9.00 30.14 -28.53
CA HIS I 293 -8.97 29.46 -27.23
C HIS I 293 -7.71 29.81 -26.46
N LEU I 294 -6.58 30.00 -27.16
CA LEU I 294 -5.37 30.41 -26.46
C LEU I 294 -5.52 31.82 -25.90
N LEU I 295 -6.18 32.71 -26.63
CA LEU I 295 -6.52 34.01 -26.06
C LEU I 295 -7.48 33.86 -24.89
N SER I 296 -8.43 32.92 -25.00
CA SER I 296 -9.35 32.67 -23.89
C SER I 296 -8.59 32.12 -22.68
N GLN I 297 -7.70 31.15 -22.90
CA GLN I 297 -6.88 30.63 -21.81
C GLN I 297 -6.01 31.73 -21.20
N ALA I 298 -5.44 32.57 -22.05
CA ALA I 298 -4.63 33.68 -21.55
C ALA I 298 -5.46 34.65 -20.72
N ILE I 299 -6.70 34.91 -21.14
CA ILE I 299 -7.59 35.76 -20.34
C ILE I 299 -7.90 35.09 -19.01
N LEU I 300 -8.20 33.78 -19.04
CA LEU I 300 -8.40 33.04 -17.80
C LEU I 300 -7.16 33.09 -16.92
N GLY I 301 -5.98 32.97 -17.53
CA GLY I 301 -4.75 32.99 -16.75
C GLY I 301 -4.60 34.24 -15.92
N THR I 302 -5.02 35.39 -16.46
CA THR I 302 -4.78 36.65 -15.75
C THR I 302 -5.94 37.11 -14.85
N CYS I 303 -7.19 36.74 -15.16
CA CYS I 303 -8.32 37.28 -14.39
C CYS I 303 -9.26 36.23 -13.79
N ASP I 304 -9.05 34.93 -14.03
CA ASP I 304 -9.98 33.95 -13.48
C ASP I 304 -10.04 34.02 -11.96
N ALA I 305 -8.88 34.12 -11.31
CA ALA I 305 -8.81 34.10 -9.85
C ALA I 305 -9.10 35.44 -9.21
N LEU I 306 -9.37 36.49 -10.00
CA LEU I 306 -9.62 37.81 -9.44
C LEU I 306 -10.94 37.88 -8.68
N ASP I 307 -11.77 36.85 -8.78
CA ASP I 307 -12.93 36.68 -7.93
C ASP I 307 -12.65 35.75 -6.75
N GLY I 308 -11.46 35.15 -6.70
CA GLY I 308 -11.11 34.23 -5.64
C GLY I 308 -11.27 32.76 -5.95
N LEU I 309 -11.43 32.40 -7.22
CA LEU I 309 -11.78 31.03 -7.60
C LEU I 309 -11.37 30.81 -9.05
N ALA I 310 -10.60 29.74 -9.30
CA ALA I 310 -10.20 29.38 -10.65
C ALA I 310 -11.17 28.33 -11.17
N ASP I 311 -12.25 28.79 -11.81
CA ASP I 311 -13.31 27.92 -12.30
C ASP I 311 -13.57 28.09 -13.79
N GLY I 312 -12.73 28.84 -14.49
CA GLY I 312 -13.00 29.14 -15.88
C GLY I 312 -14.04 30.21 -16.11
N ILE I 313 -14.42 30.95 -15.07
CA ILE I 313 -15.43 32.01 -15.16
C ILE I 313 -14.84 33.26 -14.54
N VAL I 314 -14.79 34.34 -15.30
CA VAL I 314 -14.25 35.61 -14.82
C VAL I 314 -15.43 36.39 -14.26
N ASP I 315 -15.71 36.21 -12.97
CA ASP I 315 -16.79 36.93 -12.33
C ASP I 315 -16.45 38.40 -12.11
N ASN I 316 -15.17 38.71 -11.88
CA ASN I 316 -14.73 40.09 -11.67
C ASN I 316 -14.29 40.67 -13.01
N TYR I 317 -15.29 41.13 -13.77
CA TYR I 317 -15.02 41.59 -15.14
C TYR I 317 -14.28 42.92 -15.14
N ARG I 318 -14.63 43.84 -14.23
CA ARG I 318 -13.92 45.11 -14.15
C ARG I 318 -12.45 44.90 -13.86
N ALA I 319 -12.14 44.01 -12.92
CA ALA I 319 -10.75 43.74 -12.59
C ALA I 319 -10.02 43.06 -13.75
N CYS I 320 -10.75 42.37 -14.61
CA CYS I 320 -10.08 41.78 -15.77
C CYS I 320 -9.74 42.84 -16.80
N GLN I 321 -10.60 43.83 -16.97
CA GLN I 321 -10.34 44.90 -17.93
C GLN I 321 -9.10 45.69 -17.54
N ALA I 322 -8.84 45.83 -16.24
CA ALA I 322 -7.70 46.61 -15.79
C ALA I 322 -6.39 45.86 -15.95
N ALA I 323 -6.42 44.52 -15.89
CA ALA I 323 -5.19 43.73 -15.79
C ALA I 323 -4.78 43.06 -17.09
N PHE I 324 -5.71 42.74 -17.98
CA PHE I 324 -5.37 41.97 -19.16
C PHE I 324 -4.89 42.87 -20.30
N ASP I 325 -3.76 42.50 -20.89
CA ASP I 325 -3.27 43.02 -22.15
C ASP I 325 -2.65 41.84 -22.88
N PRO I 326 -3.19 41.45 -24.04
CA PRO I 326 -2.59 40.31 -24.77
C PRO I 326 -1.16 40.56 -25.19
N ALA I 327 -0.70 41.82 -25.16
CA ALA I 327 0.70 42.10 -25.48
C ALA I 327 1.61 41.74 -24.31
N THR I 328 1.14 41.90 -23.08
CA THR I 328 1.94 41.61 -21.89
C THR I 328 1.44 40.42 -21.08
N ALA I 329 0.29 39.86 -21.42
CA ALA I 329 -0.16 38.64 -20.77
C ALA I 329 0.67 37.45 -21.24
N ALA I 330 0.54 36.33 -20.53
CA ALA I 330 1.33 35.14 -20.80
C ALA I 330 0.41 33.95 -21.07
N ASN I 331 0.93 33.00 -21.83
CA ASN I 331 0.26 31.72 -21.99
C ASN I 331 0.56 30.87 -20.76
N PRO I 332 -0.44 30.59 -19.92
CA PRO I 332 -0.17 29.81 -18.70
C PRO I 332 0.30 28.39 -18.98
N ALA I 333 0.04 27.86 -20.16
CA ALA I 333 0.35 26.45 -20.43
C ALA I 333 1.86 26.24 -20.59
N ASN I 334 2.53 27.10 -21.35
CA ASN I 334 3.97 27.00 -21.55
C ASN I 334 4.75 28.07 -20.80
N GLY I 335 4.07 28.92 -20.03
CA GLY I 335 4.75 29.87 -19.17
C GLY I 335 5.29 31.09 -19.87
N GLN I 336 5.44 31.02 -21.19
CA GLN I 336 6.09 32.09 -21.94
C GLN I 336 5.05 33.10 -22.43
N ALA I 337 5.48 34.00 -23.31
CA ALA I 337 4.63 35.11 -23.73
C ALA I 337 3.52 34.63 -24.65
N LEU I 338 2.35 35.24 -24.50
CA LEU I 338 1.26 34.96 -25.43
C LEU I 338 1.60 35.45 -26.83
N GLN I 339 2.28 36.58 -26.93
CA GLN I 339 2.71 37.08 -28.24
C GLN I 339 3.97 36.35 -28.69
N CYS I 340 4.04 36.04 -29.97
CA CYS I 340 5.16 35.29 -30.51
C CYS I 340 6.45 36.12 -30.41
N VAL I 341 7.50 35.49 -29.88
CA VAL I 341 8.82 36.12 -29.92
C VAL I 341 9.35 36.11 -31.34
N GLY I 342 9.24 34.98 -32.03
CA GLY I 342 9.65 34.88 -33.42
C GLY I 342 8.54 34.44 -34.32
N ALA I 343 8.76 33.36 -35.07
CA ALA I 343 7.74 32.82 -35.96
C ALA I 343 6.55 32.29 -35.16
N LYS I 344 5.39 32.23 -35.82
CA LYS I 344 4.17 31.81 -35.17
C LYS I 344 4.08 30.29 -35.15
N THR I 345 3.83 29.74 -33.96
CA THR I 345 3.51 28.34 -33.78
C THR I 345 2.04 28.22 -33.37
N ALA I 346 1.67 27.12 -32.74
CA ALA I 346 0.32 26.93 -32.24
C ALA I 346 0.15 27.48 -30.82
N ASP I 347 1.20 27.99 -30.21
CA ASP I 347 1.19 28.32 -28.79
C ASP I 347 1.42 29.79 -28.47
N CYS I 348 1.63 30.63 -29.47
CA CYS I 348 1.77 32.06 -29.24
C CYS I 348 0.70 32.80 -30.05
N LEU I 349 0.84 34.12 -30.11
CA LEU I 349 -0.05 34.99 -30.89
C LEU I 349 0.81 35.98 -31.65
N SER I 350 0.73 35.94 -32.98
CA SER I 350 1.55 36.83 -33.78
C SER I 350 1.27 38.28 -33.40
N PRO I 351 2.29 39.14 -33.40
CA PRO I 351 2.05 40.55 -33.01
C PRO I 351 1.00 41.24 -33.88
N VAL I 352 0.95 40.88 -35.17
CA VAL I 352 -0.10 41.40 -36.04
C VAL I 352 -1.47 40.98 -35.51
N GLN I 353 -1.59 39.73 -35.05
CA GLN I 353 -2.84 39.27 -34.44
C GLN I 353 -3.17 40.07 -33.19
N VAL I 354 -2.18 40.20 -32.28
CA VAL I 354 -2.42 40.88 -31.02
C VAL I 354 -2.80 42.35 -31.26
N THR I 355 -2.10 42.99 -32.20
CA THR I 355 -2.45 44.36 -32.56
C THR I 355 -3.86 44.43 -33.14
N ALA I 356 -4.23 43.46 -33.97
CA ALA I 356 -5.55 43.48 -34.60
C ALA I 356 -6.67 43.39 -33.57
N ILE I 357 -6.52 42.48 -32.61
CA ILE I 357 -7.63 42.22 -31.69
C ILE I 357 -7.79 43.37 -30.70
N LYS I 358 -6.69 43.93 -30.19
CA LYS I 358 -6.80 44.99 -29.21
C LYS I 358 -7.46 46.23 -29.81
N ARG I 359 -7.20 46.51 -31.10
CA ARG I 359 -7.84 47.65 -31.74
C ARG I 359 -9.31 47.38 -32.02
N ALA I 360 -9.63 46.20 -32.57
CA ALA I 360 -11.03 45.83 -32.73
C ALA I 360 -11.77 45.89 -31.41
N MET I 361 -11.14 45.35 -30.34
CA MET I 361 -11.76 45.36 -29.00
C MET I 361 -11.85 46.80 -28.45
N ALA I 362 -11.03 47.76 -28.95
CA ALA I 362 -11.03 49.09 -28.36
C ALA I 362 -12.26 49.91 -28.75
N GLY I 363 -12.92 49.60 -29.86
CA GLY I 363 -14.11 50.31 -30.26
C GLY I 363 -13.83 51.40 -31.28
N PRO I 364 -14.87 51.89 -31.93
CA PRO I 364 -14.68 52.84 -33.04
C PRO I 364 -14.51 54.28 -32.56
N VAL I 365 -13.62 55.01 -33.25
CA VAL I 365 -13.43 56.44 -33.04
C VAL I 365 -13.34 57.12 -34.40
N ASN I 366 -13.64 58.41 -34.42
CA ASN I 366 -13.46 59.19 -35.63
C ASN I 366 -12.03 59.72 -35.70
N SER I 367 -11.73 60.57 -36.68
CA SER I 367 -10.39 61.11 -36.79
C SER I 367 -10.04 62.04 -35.64
N ALA I 368 -11.04 62.56 -34.93
CA ALA I 368 -10.82 63.40 -33.76
C ALA I 368 -10.66 62.60 -32.47
N GLY I 369 -10.57 61.27 -32.56
CA GLY I 369 -10.44 60.43 -31.40
C GLY I 369 -11.70 60.25 -30.58
N THR I 370 -12.85 60.68 -31.09
CA THR I 370 -14.10 60.60 -30.35
C THR I 370 -14.71 59.21 -30.50
N PRO I 371 -15.01 58.52 -29.40
CA PRO I 371 -15.66 57.21 -29.52
C PRO I 371 -17.03 57.33 -30.17
N LEU I 372 -17.33 56.39 -31.06
CA LEU I 372 -18.61 56.37 -31.76
C LEU I 372 -19.56 55.29 -31.25
N TYR I 373 -19.08 54.38 -30.41
CA TYR I 373 -19.95 53.42 -29.75
C TYR I 373 -19.47 53.18 -28.32
N ASN I 374 -18.57 52.20 -28.14
CA ASN I 374 -17.99 51.84 -26.85
C ASN I 374 -16.95 50.76 -27.12
N ARG I 375 -16.18 50.42 -26.09
CA ARG I 375 -15.24 49.32 -26.15
C ARG I 375 -15.92 48.06 -25.62
N TRP I 376 -15.27 46.92 -25.78
CA TRP I 376 -15.84 45.63 -25.42
C TRP I 376 -15.00 44.99 -24.34
N ALA I 377 -15.60 44.17 -23.48
CA ALA I 377 -14.86 43.60 -22.36
C ALA I 377 -14.14 42.31 -22.78
N TRP I 378 -12.85 42.19 -22.44
CA TRP I 378 -12.18 40.91 -22.54
C TRP I 378 -12.84 39.88 -21.63
N ASP I 379 -13.07 38.68 -22.16
CA ASP I 379 -13.77 37.66 -21.39
C ASP I 379 -13.44 36.27 -21.94
N ALA I 380 -13.64 35.27 -21.09
CA ALA I 380 -13.31 33.89 -21.45
C ALA I 380 -14.26 33.34 -22.51
N GLY I 381 -15.50 33.83 -22.56
CA GLY I 381 -16.46 33.35 -23.53
C GLY I 381 -16.14 33.69 -24.98
N MET I 382 -15.04 34.41 -25.25
CA MET I 382 -14.60 34.57 -26.63
C MET I 382 -14.28 33.25 -27.28
N SER I 383 -14.00 32.23 -26.48
CA SER I 383 -13.83 30.89 -27.01
C SER I 383 -14.49 29.89 -26.07
N GLY I 384 -13.84 28.76 -25.86
CA GLY I 384 -14.42 27.73 -25.00
C GLY I 384 -14.52 26.44 -25.80
N LEU I 385 -14.04 25.36 -25.18
CA LEU I 385 -14.00 24.05 -25.82
C LEU I 385 -14.86 23.08 -25.01
N SER I 386 -15.76 22.38 -25.70
CA SER I 386 -16.60 21.35 -25.11
C SER I 386 -16.50 20.11 -25.99
N GLY I 387 -15.91 19.05 -25.47
CA GLY I 387 -15.62 17.89 -26.30
C GLY I 387 -14.62 18.27 -27.37
N THR I 388 -14.98 18.05 -28.63
CA THR I 388 -14.18 18.50 -29.76
C THR I 388 -14.74 19.77 -30.40
N THR I 389 -15.67 20.43 -29.74
CA THR I 389 -16.42 21.54 -30.32
C THR I 389 -15.94 22.85 -29.71
N TYR I 390 -15.25 23.66 -30.52
CA TYR I 390 -14.91 25.01 -30.11
C TYR I 390 -16.13 25.92 -30.20
N ASN I 391 -16.19 26.90 -29.31
CA ASN I 391 -17.31 27.83 -29.25
C ASN I 391 -17.27 28.77 -30.45
N GLN I 392 -18.33 28.76 -31.26
CA GLN I 392 -18.48 29.70 -32.36
C GLN I 392 -19.30 30.92 -31.98
N GLY I 393 -19.76 31.01 -30.73
CA GLY I 393 -20.73 32.03 -30.37
C GLY I 393 -20.19 33.44 -30.36
N TRP I 394 -18.86 33.59 -30.21
CA TRP I 394 -18.26 34.92 -30.20
C TRP I 394 -17.69 35.31 -31.55
N ARG I 395 -16.92 34.42 -32.18
CA ARG I 395 -16.24 34.76 -33.43
C ARG I 395 -17.20 34.89 -34.61
N SER I 396 -18.45 34.45 -34.46
CA SER I 396 -19.40 34.53 -35.57
C SER I 396 -19.76 35.97 -35.94
N TRP I 397 -19.56 36.92 -35.02
CA TRP I 397 -20.02 38.28 -35.26
C TRP I 397 -18.98 39.15 -35.97
N TRP I 398 -17.75 39.19 -35.46
CA TRP I 398 -16.73 40.01 -36.09
C TRP I 398 -15.87 39.21 -37.02
N LEU I 399 -15.76 37.92 -36.74
CA LEU I 399 -14.81 37.11 -37.47
C LEU I 399 -15.47 36.21 -38.51
N GLY I 400 -16.39 35.32 -38.13
CA GLY I 400 -16.91 34.38 -39.10
C GLY I 400 -16.24 33.03 -39.00
N SER I 401 -16.79 32.09 -39.76
CA SER I 401 -16.31 30.71 -39.74
C SER I 401 -14.91 30.62 -40.33
N PHE I 402 -13.98 30.02 -39.58
CA PHE I 402 -12.61 29.91 -40.05
C PHE I 402 -12.52 29.03 -41.29
N ASN I 403 -13.26 27.91 -41.30
CA ASN I 403 -13.25 26.99 -42.43
C ASN I 403 -14.19 27.51 -43.50
N SER I 404 -13.68 28.46 -44.28
CA SER I 404 -14.44 29.09 -45.36
C SER I 404 -13.49 29.92 -46.19
N SER I 405 -13.62 29.83 -47.51
CA SER I 405 -12.85 30.66 -48.43
C SER I 405 -13.55 31.98 -48.73
N ALA I 406 -14.61 32.31 -48.00
CA ALA I 406 -15.34 33.56 -48.16
C ALA I 406 -15.66 34.14 -46.79
N ASN I 407 -15.75 35.46 -46.73
CA ASN I 407 -16.14 36.12 -45.49
C ASN I 407 -17.60 35.81 -45.18
N ASN I 408 -17.88 35.53 -43.91
CA ASN I 408 -19.26 35.24 -43.50
C ASN I 408 -19.60 35.83 -42.14
N ALA I 409 -18.79 36.73 -41.59
CA ALA I 409 -19.12 37.36 -40.32
C ALA I 409 -20.32 38.29 -40.49
N GLN I 410 -21.10 38.40 -39.41
CA GLN I 410 -22.25 39.31 -39.41
C GLN I 410 -21.81 40.73 -39.71
N ARG I 411 -20.72 41.18 -39.10
CA ARG I 411 -20.28 42.57 -39.19
C ARG I 411 -19.37 42.83 -40.38
N VAL I 412 -18.96 41.80 -41.11
CA VAL I 412 -18.14 41.99 -42.31
C VAL I 412 -19.05 42.04 -43.53
N SER I 413 -19.81 40.97 -43.76
CA SER I 413 -20.70 40.91 -44.91
C SER I 413 -22.08 40.35 -44.58
N GLY I 414 -22.33 39.99 -43.32
CA GLY I 414 -23.56 39.35 -42.93
C GLY I 414 -24.70 40.32 -42.69
N PHE I 415 -25.69 39.84 -41.95
CA PHE I 415 -26.94 40.58 -41.80
C PHE I 415 -26.74 41.92 -41.09
N SER I 416 -25.82 41.96 -40.12
CA SER I 416 -25.59 43.21 -39.38
C SER I 416 -25.02 44.29 -40.28
N ALA I 417 -24.04 43.94 -41.10
CA ALA I 417 -23.49 44.91 -42.05
C ALA I 417 -24.52 45.26 -43.12
N ARG I 418 -25.32 44.28 -43.55
CA ARG I 418 -26.38 44.55 -44.51
C ARG I 418 -27.44 45.48 -43.93
N SER I 419 -27.85 45.22 -42.68
CA SER I 419 -28.88 46.03 -42.06
C SER I 419 -28.44 47.47 -41.86
N TRP I 420 -27.16 47.71 -41.60
CA TRP I 420 -26.70 49.08 -41.43
C TRP I 420 -26.83 49.86 -42.73
N LEU I 421 -26.51 49.22 -43.86
CA LEU I 421 -26.49 49.94 -45.12
C LEU I 421 -27.90 50.31 -45.59
N VAL I 422 -28.89 49.46 -45.31
CA VAL I 422 -30.21 49.63 -45.90
C VAL I 422 -31.20 50.15 -44.87
N ASP I 423 -31.04 49.74 -43.61
CA ASP I 423 -32.02 50.10 -42.59
C ASP I 423 -31.62 51.32 -41.76
N PHE I 424 -30.33 51.53 -41.52
CA PHE I 424 -29.89 52.57 -40.59
C PHE I 424 -29.22 53.75 -41.27
N ALA I 425 -28.54 53.54 -42.39
CA ALA I 425 -28.04 54.65 -43.17
C ALA I 425 -29.20 55.39 -43.84
N THR I 426 -29.21 56.71 -43.72
CA THR I 426 -30.23 57.53 -44.35
C THR I 426 -29.56 58.53 -45.26
N PRO I 427 -29.82 58.51 -46.59
CA PRO I 427 -30.73 57.57 -47.25
C PRO I 427 -30.13 56.17 -47.34
N PRO I 428 -30.98 55.14 -47.50
CA PRO I 428 -30.46 53.77 -47.54
C PRO I 428 -29.47 53.58 -48.67
N GLU I 429 -28.53 52.65 -48.47
CA GLU I 429 -27.46 52.37 -49.42
C GLU I 429 -27.57 50.92 -49.88
N PRO I 430 -28.54 50.60 -50.72
CA PRO I 430 -28.61 49.24 -51.27
C PRO I 430 -27.51 49.02 -52.29
N MET I 431 -27.07 47.77 -52.38
CA MET I 431 -25.95 47.39 -53.25
C MET I 431 -25.98 45.88 -53.39
N PRO I 432 -25.23 45.33 -54.35
CA PRO I 432 -25.10 43.88 -54.40
C PRO I 432 -24.50 43.32 -53.13
N MET I 433 -24.97 42.14 -52.74
CA MET I 433 -24.41 41.47 -51.56
C MET I 433 -22.92 41.23 -51.73
N THR I 434 -22.46 41.07 -52.97
CA THR I 434 -21.04 40.84 -53.24
C THR I 434 -20.18 42.03 -52.86
N GLN I 435 -20.77 43.20 -52.62
CA GLN I 435 -20.02 44.43 -52.39
C GLN I 435 -20.00 44.86 -50.93
N VAL I 436 -20.65 44.12 -50.03
CA VAL I 436 -20.83 44.60 -48.66
C VAL I 436 -19.49 44.61 -47.92
N ALA I 437 -18.71 43.54 -48.06
CA ALA I 437 -17.44 43.45 -47.34
C ALA I 437 -16.49 44.57 -47.73
N ALA I 438 -16.35 44.82 -49.04
CA ALA I 438 -15.54 45.95 -49.48
C ALA I 438 -16.09 47.27 -48.96
N ARG I 439 -17.42 47.37 -48.85
CA ARG I 439 -18.01 48.60 -48.32
C ARG I 439 -17.61 48.82 -46.87
N MET I 440 -17.58 47.75 -46.07
CA MET I 440 -17.11 47.88 -44.69
C MET I 440 -15.62 48.17 -44.63
N MET I 441 -14.86 47.71 -45.62
CA MET I 441 -13.43 47.98 -45.64
C MET I 441 -13.14 49.44 -45.99
N LYS I 442 -13.97 50.05 -46.83
CA LYS I 442 -13.82 51.45 -47.21
C LYS I 442 -14.66 52.39 -46.35
N PHE I 443 -15.27 51.86 -45.29
CA PHE I 443 -16.03 52.67 -44.34
C PHE I 443 -15.14 53.76 -43.76
N ASP I 444 -15.61 55.01 -43.85
CA ASP I 444 -14.89 56.17 -43.33
C ASP I 444 -15.61 56.67 -42.08
N PHE I 445 -14.93 56.66 -40.95
CA PHE I 445 -15.54 56.95 -39.66
C PHE I 445 -15.77 58.43 -39.42
N ASP I 446 -15.33 59.30 -40.32
CA ASP I 446 -15.63 60.72 -40.21
C ASP I 446 -16.94 61.09 -40.90
N ILE I 447 -17.37 60.32 -41.90
CA ILE I 447 -18.50 60.67 -42.75
C ILE I 447 -19.64 59.67 -42.62
N ASP I 448 -19.31 58.37 -42.67
CA ASP I 448 -20.36 57.35 -42.63
C ASP I 448 -21.15 57.33 -41.31
N PRO I 449 -20.54 57.45 -40.12
CA PRO I 449 -21.35 57.48 -38.89
C PRO I 449 -22.34 58.63 -38.84
N LEU I 450 -22.19 59.66 -39.67
CA LEU I 450 -23.15 60.75 -39.68
C LEU I 450 -24.51 60.29 -40.18
N LYS I 451 -24.54 59.24 -41.01
CA LYS I 451 -25.76 58.86 -41.71
C LYS I 451 -26.82 58.27 -40.79
N ILE I 452 -26.45 57.79 -39.60
CA ILE I 452 -27.46 57.31 -38.65
C ILE I 452 -28.15 58.44 -37.93
N TRP I 453 -27.65 59.67 -38.05
CA TRP I 453 -28.28 60.85 -37.46
C TRP I 453 -28.98 61.73 -38.48
N ALA I 454 -28.88 61.41 -39.77
CA ALA I 454 -29.38 62.27 -40.83
C ALA I 454 -30.81 61.89 -41.22
N THR I 455 -31.48 62.85 -41.86
CA THR I 455 -32.76 62.64 -42.51
C THR I 455 -32.61 62.99 -43.98
N SER I 456 -33.40 62.34 -44.84
CA SER I 456 -33.26 62.52 -46.28
C SER I 456 -34.61 62.32 -46.94
N GLY I 457 -35.17 63.40 -47.48
CA GLY I 457 -36.37 63.30 -48.30
C GLY I 457 -37.54 62.73 -47.51
N GLN I 458 -38.09 61.62 -48.02
CA GLN I 458 -39.24 60.98 -47.38
C GLN I 458 -38.84 60.24 -46.10
N PHE I 459 -37.56 60.03 -45.87
CA PHE I 459 -37.08 59.47 -44.60
C PHE I 459 -36.99 60.62 -43.60
N THR I 460 -38.14 60.94 -43.01
CA THR I 460 -38.30 62.12 -42.17
C THR I 460 -37.72 61.93 -40.76
N GLN I 461 -37.30 60.72 -40.40
CA GLN I 461 -36.69 60.46 -39.11
C GLN I 461 -35.36 59.74 -39.32
N SER I 462 -34.37 60.09 -38.49
CA SER I 462 -33.11 59.37 -38.53
C SER I 462 -33.25 58.01 -37.87
N SER I 463 -32.33 57.11 -38.20
CA SER I 463 -32.40 55.76 -37.64
C SER I 463 -32.22 55.79 -36.13
N MET I 464 -31.38 56.68 -35.62
CA MET I 464 -31.29 56.86 -34.18
C MET I 464 -32.61 57.36 -33.60
N ASP I 465 -33.37 58.13 -34.38
CA ASP I 465 -34.66 58.64 -33.90
C ASP I 465 -35.67 57.51 -33.72
N TRP I 466 -35.85 56.67 -34.75
CA TRP I 466 -36.89 55.65 -34.68
C TRP I 466 -36.41 54.33 -34.11
N HIS I 467 -35.11 54.02 -34.17
CA HIS I 467 -34.60 52.77 -33.64
C HIS I 467 -33.92 52.93 -32.29
N GLY I 468 -33.26 54.05 -32.05
CA GLY I 468 -32.53 54.22 -30.79
C GLY I 468 -33.46 54.29 -29.60
N ALA I 469 -32.96 53.79 -28.46
CA ALA I 469 -33.67 53.81 -27.19
C ALA I 469 -32.65 54.16 -26.09
N THR I 470 -32.17 55.40 -26.11
CA THR I 470 -31.11 55.84 -25.23
C THR I 470 -31.61 56.74 -24.10
N SER I 471 -32.93 56.90 -23.97
CA SER I 471 -33.48 57.83 -23.00
C SER I 471 -33.39 57.26 -21.59
N THR I 472 -32.79 58.03 -20.68
CA THR I 472 -32.73 57.67 -19.26
C THR I 472 -33.85 58.31 -18.45
N ASP I 473 -34.87 58.87 -19.11
CA ASP I 473 -36.00 59.50 -18.43
C ASP I 473 -37.15 58.50 -18.39
N LEU I 474 -37.08 57.58 -17.44
CA LEU I 474 -38.11 56.55 -17.26
C LEU I 474 -38.96 56.83 -16.02
N ALA I 475 -39.10 58.11 -15.67
CA ALA I 475 -39.88 58.47 -14.49
C ALA I 475 -41.34 58.03 -14.64
N ALA I 476 -41.92 58.26 -15.83
CA ALA I 476 -43.30 57.86 -16.05
C ALA I 476 -43.48 56.35 -15.91
N PHE I 477 -42.50 55.58 -16.38
CA PHE I 477 -42.55 54.13 -16.21
C PHE I 477 -42.38 53.75 -14.75
N ARG I 478 -41.44 54.39 -14.05
CA ARG I 478 -41.17 54.04 -12.66
C ARG I 478 -42.32 54.46 -11.74
N ASP I 479 -42.91 55.62 -11.99
CA ASP I 479 -43.92 56.16 -11.10
C ASP I 479 -45.27 55.48 -11.21
N ARG I 480 -45.48 54.66 -12.24
CA ARG I 480 -46.70 53.86 -12.34
C ARG I 480 -46.50 52.43 -11.86
N GLY I 481 -45.34 52.13 -11.27
CA GLY I 481 -45.05 50.80 -10.77
C GLY I 481 -44.29 49.92 -11.73
N GLY I 482 -43.78 50.45 -12.83
CA GLY I 482 -43.08 49.62 -13.79
C GLY I 482 -41.75 49.14 -13.26
N LYS I 483 -41.40 47.91 -13.61
CA LYS I 483 -40.14 47.29 -13.21
C LYS I 483 -39.45 46.70 -14.44
N MET I 484 -38.14 46.89 -14.53
CA MET I 484 -37.37 46.44 -15.69
C MET I 484 -36.17 45.62 -15.22
N ILE I 485 -36.01 44.44 -15.82
CA ILE I 485 -34.87 43.56 -15.58
C ILE I 485 -34.04 43.50 -16.86
N LEU I 486 -32.78 43.91 -16.77
CA LEU I 486 -31.86 43.84 -17.89
C LEU I 486 -30.82 42.75 -17.62
N TYR I 487 -30.41 42.06 -18.68
CA TYR I 487 -29.30 41.12 -18.60
C TYR I 487 -28.51 41.17 -19.89
N HIS I 488 -27.24 40.78 -19.80
CA HIS I 488 -26.33 40.87 -20.93
C HIS I 488 -25.15 39.95 -20.69
N GLY I 489 -24.80 39.16 -21.70
CA GLY I 489 -23.64 38.29 -21.60
C GLY I 489 -22.34 39.07 -21.81
N MET I 490 -21.36 38.80 -20.96
CA MET I 490 -20.11 39.55 -21.01
C MET I 490 -19.36 39.31 -22.31
N SER I 491 -19.47 38.10 -22.88
CA SER I 491 -18.82 37.79 -24.15
C SER I 491 -19.74 38.03 -25.34
N ASP I 492 -20.68 38.97 -25.23
CA ASP I 492 -21.52 39.34 -26.35
C ASP I 492 -20.70 40.11 -27.37
N ALA I 493 -20.69 39.63 -28.62
CA ALA I 493 -20.02 40.32 -29.71
C ALA I 493 -20.96 41.16 -30.56
N ALA I 494 -22.28 40.96 -30.42
CA ALA I 494 -23.23 41.81 -31.12
C ALA I 494 -23.31 43.18 -30.47
N PHE I 495 -23.67 43.22 -29.19
CA PHE I 495 -23.75 44.45 -28.41
C PHE I 495 -22.88 44.35 -27.19
N SER I 496 -22.12 45.41 -26.91
CA SER I 496 -21.17 45.38 -25.81
C SER I 496 -21.89 45.39 -24.47
N ALA I 497 -21.61 44.38 -23.65
CA ALA I 497 -22.17 44.35 -22.29
C ALA I 497 -21.76 45.59 -21.50
N LEU I 498 -20.56 46.11 -21.75
CA LEU I 498 -20.13 47.33 -21.07
C LEU I 498 -20.98 48.52 -21.47
N ASP I 499 -21.53 48.52 -22.68
CA ASP I 499 -22.32 49.67 -23.13
C ASP I 499 -23.66 49.75 -22.41
N THR I 500 -24.30 48.60 -22.16
CA THR I 500 -25.50 48.62 -21.33
C THR I 500 -25.16 48.93 -19.87
N ALA I 501 -23.99 48.50 -19.42
CA ALA I 501 -23.51 48.92 -18.11
C ALA I 501 -23.36 50.43 -18.05
N ASP I 502 -22.82 51.02 -19.12
CA ASP I 502 -22.70 52.48 -19.18
C ASP I 502 -24.06 53.16 -19.24
N TYR I 503 -25.04 52.53 -19.92
CA TYR I 503 -26.40 53.06 -19.87
C TYR I 503 -26.97 52.96 -18.46
N TYR I 504 -26.76 51.81 -17.81
CA TYR I 504 -27.29 51.63 -16.46
C TYR I 504 -26.65 52.63 -15.48
N GLU I 505 -25.40 53.02 -15.74
CA GLU I 505 -24.77 54.05 -14.91
C GLU I 505 -25.42 55.41 -15.14
N ARG I 506 -25.72 55.74 -16.40
CA ARG I 506 -26.36 57.02 -16.68
C ARG I 506 -27.76 57.09 -16.09
N LEU I 507 -28.48 55.96 -16.08
CA LEU I 507 -29.80 55.94 -15.47
C LEU I 507 -29.72 56.15 -13.97
N GLY I 508 -28.68 55.60 -13.32
CA GLY I 508 -28.54 55.77 -11.88
C GLY I 508 -28.26 57.21 -11.49
N ALA I 509 -27.40 57.89 -12.26
CA ALA I 509 -27.14 59.30 -12.00
C ALA I 509 -28.35 60.16 -12.33
N ALA I 510 -29.07 59.80 -13.40
CA ALA I 510 -30.27 60.55 -13.76
C ALA I 510 -31.42 60.28 -12.81
N MET I 511 -31.51 59.06 -12.29
CA MET I 511 -32.60 58.66 -11.40
C MET I 511 -32.03 58.11 -10.10
N PRO I 512 -32.10 58.85 -9.00
CA PRO I 512 -31.61 58.31 -7.72
C PRO I 512 -32.47 57.16 -7.24
N GLY I 513 -31.81 56.08 -6.82
CA GLY I 513 -32.53 54.89 -6.40
C GLY I 513 -33.09 54.09 -7.56
N ALA I 514 -32.35 54.01 -8.67
CA ALA I 514 -32.82 53.29 -9.83
C ALA I 514 -32.93 51.80 -9.58
N ALA I 515 -32.16 51.27 -8.63
CA ALA I 515 -32.22 49.86 -8.29
C ALA I 515 -33.58 49.46 -7.74
N GLY I 516 -34.42 50.42 -7.34
CA GLY I 516 -35.76 50.09 -6.88
C GLY I 516 -36.70 49.67 -7.98
N PHE I 517 -36.39 49.98 -9.23
CA PHE I 517 -37.27 49.63 -10.33
C PHE I 517 -36.57 49.08 -11.57
N ALA I 518 -35.26 49.23 -11.70
CA ALA I 518 -34.53 48.72 -12.86
C ALA I 518 -33.19 48.18 -12.39
N ARG I 519 -32.88 46.94 -12.78
CA ARG I 519 -31.65 46.29 -12.34
C ARG I 519 -31.03 45.55 -13.52
N LEU I 520 -29.69 45.55 -13.56
CA LEU I 520 -28.93 44.93 -14.63
C LEU I 520 -28.17 43.73 -14.10
N PHE I 521 -28.23 42.61 -14.82
CA PHE I 521 -27.60 41.36 -14.43
C PHE I 521 -26.65 40.92 -15.54
N LEU I 522 -25.37 41.25 -15.41
CA LEU I 522 -24.39 40.76 -16.35
C LEU I 522 -24.09 39.29 -16.09
N VAL I 523 -23.80 38.55 -17.16
CA VAL I 523 -23.57 37.12 -17.07
C VAL I 523 -22.19 36.80 -17.64
N PRO I 524 -21.21 36.48 -16.79
CA PRO I 524 -19.85 36.21 -17.29
C PRO I 524 -19.82 35.01 -18.23
N GLY I 525 -19.00 35.12 -19.28
CA GLY I 525 -18.83 34.05 -20.24
C GLY I 525 -19.96 33.87 -21.23
N MET I 526 -21.13 34.42 -20.96
CA MET I 526 -22.28 34.22 -21.84
C MET I 526 -22.13 35.04 -23.12
N ASN I 527 -22.49 34.44 -24.25
CA ASN I 527 -22.42 35.12 -25.54
C ASN I 527 -23.66 35.98 -25.76
N HIS I 528 -24.12 36.10 -27.00
CA HIS I 528 -25.25 36.95 -27.33
C HIS I 528 -26.55 36.18 -27.10
N CYS I 529 -27.30 36.59 -26.06
CA CYS I 529 -28.61 36.05 -25.70
C CYS I 529 -28.55 34.62 -25.16
N SER I 530 -27.51 33.86 -25.52
CA SER I 530 -27.39 32.48 -25.04
C SER I 530 -26.00 31.97 -25.41
N GLY I 531 -25.66 30.81 -24.86
CA GLY I 531 -24.44 30.12 -25.19
C GLY I 531 -23.23 30.62 -24.44
N GLY I 532 -22.13 29.88 -24.57
CA GLY I 532 -20.87 30.28 -24.01
C GLY I 532 -20.57 29.65 -22.66
N PRO I 533 -19.31 29.68 -22.24
CA PRO I 533 -18.94 29.12 -20.93
C PRO I 533 -19.45 29.96 -19.78
N GLY I 534 -20.74 29.87 -19.50
CA GLY I 534 -21.35 30.60 -18.41
C GLY I 534 -22.72 30.03 -18.11
N THR I 535 -23.37 30.63 -17.12
CA THR I 535 -24.72 30.22 -16.72
C THR I 535 -25.71 31.02 -17.56
N ASP I 536 -26.07 30.47 -18.71
CA ASP I 536 -26.83 31.18 -19.72
C ASP I 536 -28.32 30.87 -19.71
N ARG I 537 -28.79 30.05 -18.78
CA ARG I 537 -30.19 29.65 -18.73
C ARG I 537 -30.79 30.12 -17.41
N PHE I 538 -31.97 30.73 -17.48
CA PHE I 538 -32.59 31.34 -16.31
C PHE I 538 -34.05 31.62 -16.62
N ASP I 539 -34.86 31.62 -15.56
CA ASP I 539 -36.28 31.95 -15.65
C ASP I 539 -36.42 33.42 -15.22
N MET I 540 -36.63 34.30 -16.20
CA MET I 540 -36.74 35.73 -15.93
C MET I 540 -38.17 36.17 -15.64
N LEU I 541 -39.17 35.37 -16.01
CA LEU I 541 -40.56 35.79 -15.82
C LEU I 541 -40.98 35.67 -14.37
N THR I 542 -40.49 34.64 -13.67
CA THR I 542 -40.87 34.47 -12.27
C THR I 542 -40.43 35.64 -11.39
N PRO I 543 -39.16 36.09 -11.41
CA PRO I 543 -38.81 37.27 -10.62
C PRO I 543 -39.42 38.56 -11.14
N LEU I 544 -39.77 38.62 -12.43
CA LEU I 544 -40.39 39.82 -12.98
C LEU I 544 -41.80 40.01 -12.41
N VAL I 545 -42.59 38.94 -12.34
CA VAL I 545 -43.93 39.05 -11.78
C VAL I 545 -43.86 39.36 -10.29
N ALA I 546 -42.91 38.76 -9.58
CA ALA I 546 -42.75 39.04 -8.16
C ALA I 546 -42.39 40.51 -7.93
N TRP I 547 -41.51 41.06 -8.76
CA TRP I 547 -41.12 42.45 -8.61
C TRP I 547 -42.29 43.39 -8.84
N VAL I 548 -43.08 43.12 -9.88
CA VAL I 548 -44.16 44.02 -10.26
C VAL I 548 -45.34 43.92 -9.30
N GLU I 549 -45.75 42.69 -8.98
CA GLU I 549 -47.00 42.48 -8.27
C GLU I 549 -46.86 42.40 -6.75
N ARG I 550 -45.68 42.05 -6.24
CA ARG I 550 -45.49 41.89 -4.81
C ARG I 550 -44.28 42.65 -4.27
N GLY I 551 -43.63 43.47 -5.10
CA GLY I 551 -42.58 44.36 -4.63
C GLY I 551 -41.25 43.73 -4.30
N GLU I 552 -41.03 42.47 -4.69
CA GLU I 552 -39.80 41.76 -4.35
C GLU I 552 -38.78 42.00 -5.47
N ALA I 553 -37.87 42.94 -5.25
CA ALA I 553 -36.80 43.17 -6.22
C ALA I 553 -35.83 42.00 -6.20
N PRO I 554 -35.37 41.55 -7.37
CA PRO I 554 -34.45 40.41 -7.40
C PRO I 554 -33.07 40.79 -6.88
N ASP I 555 -32.78 40.42 -5.64
CA ASP I 555 -31.43 40.63 -5.15
C ASP I 555 -30.44 39.70 -5.84
N GLN I 556 -30.90 38.55 -6.34
CA GLN I 556 -30.14 37.56 -7.10
C GLN I 556 -31.10 36.82 -8.03
N ILE I 557 -30.56 36.30 -9.14
CA ILE I 557 -31.32 35.50 -10.09
C ILE I 557 -30.57 34.19 -10.34
N SER I 558 -31.25 33.07 -10.08
CA SER I 558 -30.64 31.77 -10.27
C SER I 558 -30.48 31.46 -11.75
N ALA I 559 -29.30 30.93 -12.11
CA ALA I 559 -29.01 30.59 -13.50
C ALA I 559 -28.19 29.31 -13.54
N TRP I 560 -28.24 28.63 -14.67
CA TRP I 560 -27.45 27.42 -14.87
C TRP I 560 -26.92 27.38 -16.30
N SER I 561 -25.86 26.62 -16.49
CA SER I 561 -25.18 26.56 -17.77
C SER I 561 -25.90 25.60 -18.72
N GLY I 562 -26.18 26.06 -19.93
CA GLY I 562 -26.74 25.18 -20.95
C GLY I 562 -25.71 24.28 -21.60
N THR I 563 -24.44 24.62 -21.50
CA THR I 563 -23.34 23.78 -21.99
C THR I 563 -22.33 23.60 -20.86
N PRO I 564 -22.66 22.79 -19.86
CA PRO I 564 -21.72 22.58 -18.74
C PRO I 564 -20.47 21.84 -19.13
N GLY I 565 -20.43 21.24 -20.33
CA GLY I 565 -19.22 20.59 -20.80
C GLY I 565 -18.05 21.53 -20.99
N TYR I 566 -18.33 22.83 -21.18
CA TYR I 566 -17.26 23.83 -21.27
C TYR I 566 -16.36 23.77 -20.05
N PHE I 567 -16.93 23.54 -18.87
CA PHE I 567 -16.18 23.36 -17.65
C PHE I 567 -15.87 21.91 -17.35
N GLY I 568 -16.22 20.99 -18.25
CA GLY I 568 -15.99 19.58 -18.00
C GLY I 568 -16.84 18.96 -16.92
N VAL I 569 -17.91 19.64 -16.52
CA VAL I 569 -18.75 19.19 -15.42
C VAL I 569 -20.13 18.84 -15.96
N ALA I 570 -20.90 18.10 -15.15
CA ALA I 570 -22.23 17.69 -15.57
C ALA I 570 -23.23 18.83 -15.48
N ALA I 571 -23.04 19.75 -14.54
CA ALA I 571 -23.94 20.88 -14.36
C ALA I 571 -23.25 21.93 -13.53
N ARG I 572 -23.69 23.18 -13.70
CA ARG I 572 -23.18 24.29 -12.88
C ARG I 572 -24.28 25.34 -12.74
N THR I 573 -24.66 25.62 -11.50
CA THR I 573 -25.61 26.69 -11.20
C THR I 573 -24.89 27.78 -10.42
N ARG I 574 -25.20 29.03 -10.75
CA ARG I 574 -24.57 30.19 -10.14
C ARG I 574 -25.59 31.31 -9.99
N PRO I 575 -25.41 32.18 -9.02
CA PRO I 575 -26.28 33.35 -8.92
C PRO I 575 -25.91 34.41 -9.94
N LEU I 576 -26.93 35.06 -10.49
CA LEU I 576 -26.74 36.28 -11.26
C LEU I 576 -26.96 37.46 -10.32
N CYS I 577 -26.00 38.38 -10.29
CA CYS I 577 -25.99 39.44 -9.30
C CYS I 577 -26.31 40.79 -9.93
N PRO I 578 -27.08 41.64 -9.24
CA PRO I 578 -27.41 42.94 -9.81
C PRO I 578 -26.20 43.85 -9.85
N TYR I 579 -26.07 44.57 -10.96
CA TYR I 579 -24.96 45.49 -11.15
C TYR I 579 -24.86 46.46 -9.98
N PRO I 580 -23.65 46.73 -9.46
CA PRO I 580 -22.37 46.22 -9.94
C PRO I 580 -21.82 44.99 -9.20
N GLN I 581 -22.67 44.25 -8.48
CA GLN I 581 -22.19 43.09 -7.73
C GLN I 581 -21.77 41.95 -8.66
N ILE I 582 -21.01 40.99 -8.12
CA ILE I 582 -20.48 39.84 -8.86
C ILE I 582 -20.51 38.60 -7.96
N ALA I 583 -20.67 37.44 -8.58
CA ALA I 583 -20.81 36.22 -7.78
C ALA I 583 -19.53 35.96 -7.00
N ARG I 584 -19.65 35.42 -5.79
CA ARG I 584 -18.49 35.22 -4.93
C ARG I 584 -18.58 33.89 -4.18
N TYR I 585 -17.56 33.04 -4.34
CA TYR I 585 -17.44 31.81 -3.56
C TYR I 585 -17.47 32.12 -2.07
N LYS I 586 -18.21 31.32 -1.31
CA LYS I 586 -18.34 31.51 0.13
C LYS I 586 -17.17 30.93 0.92
N GLY I 587 -16.31 30.11 0.31
CA GLY I 587 -15.14 29.57 0.97
C GLY I 587 -15.09 28.05 0.99
N SER I 588 -16.25 27.39 1.01
CA SER I 588 -16.32 25.94 1.05
C SER I 588 -17.52 25.47 0.23
N GLY I 589 -17.47 24.20 -0.16
CA GLY I 589 -18.55 23.60 -0.92
C GLY I 589 -18.21 23.47 -2.40
N ASP I 590 -19.05 22.69 -3.08
CA ASP I 590 -18.86 22.45 -4.51
C ASP I 590 -18.98 23.76 -5.29
N ILE I 591 -18.06 23.97 -6.23
CA ILE I 591 -18.04 25.19 -7.02
C ILE I 591 -19.10 25.21 -8.10
N ASN I 592 -19.73 24.07 -8.40
CA ASN I 592 -20.79 24.00 -9.41
C ASN I 592 -22.18 24.18 -8.82
N THR I 593 -22.29 24.56 -7.55
CA THR I 593 -23.57 24.67 -6.87
C THR I 593 -23.79 26.10 -6.41
N GLU I 594 -24.96 26.66 -6.74
CA GLU I 594 -25.24 28.06 -6.46
C GLU I 594 -25.25 28.36 -4.97
N ALA I 595 -25.61 27.37 -4.14
CA ALA I 595 -25.68 27.59 -2.70
C ALA I 595 -24.36 28.09 -2.12
N ASN I 596 -23.24 27.67 -2.69
CA ASN I 596 -21.92 28.05 -2.20
C ASN I 596 -21.44 29.36 -2.80
N PHE I 597 -22.36 30.24 -3.22
CA PHE I 597 -22.00 31.52 -3.79
C PHE I 597 -22.93 32.59 -3.24
N ALA I 598 -22.44 33.83 -3.19
CA ALA I 598 -23.24 34.94 -2.67
C ALA I 598 -23.01 36.17 -3.53
N CYS I 599 -23.96 37.08 -3.48
CA CYS I 599 -23.87 38.31 -4.26
C CYS I 599 -23.22 39.41 -3.44
N ALA I 600 -22.19 40.03 -4.01
CA ALA I 600 -21.41 41.05 -3.29
C ALA I 600 -20.63 41.91 -4.28
N ALA I 601 -20.16 43.05 -3.78
CA ALA I 601 -19.26 43.91 -4.54
C ALA I 601 -17.92 43.22 -4.77
N PRO I 602 -17.21 43.60 -5.82
CA PRO I 602 -15.90 43.00 -6.06
C PRO I 602 -14.97 43.27 -4.89
N PRO I 603 -14.02 42.35 -4.63
CA PRO I 603 -13.09 42.46 -3.49
C PRO I 603 -12.32 43.77 -3.45
N VAL J 43 14.07 84.31 23.13
CA VAL J 43 14.46 83.00 23.61
C VAL J 43 13.98 81.91 22.63
N PRO J 44 14.78 80.85 22.50
CA PRO J 44 14.41 79.78 21.55
C PRO J 44 13.15 79.04 21.97
N LEU J 45 12.44 78.53 20.97
CA LEU J 45 11.20 77.81 21.18
C LEU J 45 11.48 76.42 21.73
N ALA J 46 10.46 75.84 22.38
CA ALA J 46 10.54 74.48 22.92
C ALA J 46 11.76 74.32 23.84
N SER J 47 11.96 75.30 24.71
CA SER J 47 13.14 75.35 25.58
C SER J 47 12.72 75.59 27.02
N ARG J 48 13.62 75.23 27.93
CA ARG J 48 13.41 75.54 29.35
C ARG J 48 13.22 77.04 29.54
N ALA J 49 14.12 77.85 28.97
CA ALA J 49 13.99 79.30 28.97
C ALA J 49 12.95 79.70 27.92
N ALA J 50 11.71 79.27 28.18
CA ALA J 50 10.51 79.61 27.44
C ALA J 50 9.35 79.06 28.25
N CYS J 51 9.52 77.83 28.74
CA CYS J 51 8.57 77.26 29.69
C CYS J 51 8.46 78.09 30.95
N GLU J 52 9.61 78.43 31.56
CA GLU J 52 9.59 79.27 32.74
C GLU J 52 9.06 80.67 32.41
N ALA J 53 9.19 81.09 31.15
CA ALA J 53 8.66 82.40 30.75
C ALA J 53 7.14 82.45 30.81
N LEU J 54 6.48 81.30 30.63
CA LEU J 54 5.03 81.26 30.76
C LEU J 54 4.55 81.70 32.13
N LYS J 55 5.40 81.58 33.16
CA LYS J 55 4.97 81.87 34.52
C LYS J 55 4.70 83.36 34.71
N ASP J 56 3.77 83.66 35.62
CA ASP J 56 3.42 85.04 35.91
C ASP J 56 4.63 85.79 36.43
N GLY J 57 4.87 86.98 35.87
CA GLY J 57 6.01 87.78 36.23
C GLY J 57 7.32 87.35 35.61
N ASN J 58 7.37 86.18 34.98
CA ASN J 58 8.56 85.73 34.28
C ASN J 58 8.55 86.13 32.81
N GLY J 59 7.43 86.61 32.29
CA GLY J 59 7.33 86.97 30.91
C GLY J 59 6.15 87.89 30.63
N ASP J 60 5.81 87.98 29.34
CA ASP J 60 4.76 88.86 28.86
C ASP J 60 3.50 88.12 28.44
N MET J 61 3.43 86.79 28.67
CA MET J 61 2.34 85.95 28.14
C MET J 61 0.96 86.52 28.47
N VAL J 62 0.14 86.66 27.43
CA VAL J 62 -1.24 87.11 27.55
C VAL J 62 -2.16 85.90 27.36
N TRP J 63 -3.01 85.64 28.34
CA TRP J 63 -3.89 84.47 28.36
C TRP J 63 -5.28 84.85 27.92
N PRO J 64 -5.98 83.98 27.18
CA PRO J 64 -7.22 84.41 26.52
C PRO J 64 -8.30 84.87 27.49
N ASN J 65 -8.27 84.36 28.72
CA ASN J 65 -9.04 84.94 29.81
C ASN J 65 -8.08 85.69 30.72
N ALA J 66 -8.34 86.98 30.91
CA ALA J 66 -7.44 87.83 31.69
C ALA J 66 -7.30 87.39 33.14
N ALA J 67 -8.17 86.53 33.63
CA ALA J 67 -8.12 86.06 35.02
C ALA J 67 -7.35 84.75 35.17
N THR J 68 -6.32 84.54 34.36
CA THR J 68 -5.47 83.37 34.47
C THR J 68 -4.22 83.72 35.27
N VAL J 69 -3.95 82.92 36.30
CA VAL J 69 -2.71 83.03 37.07
C VAL J 69 -2.07 81.64 37.07
N VAL J 70 -0.86 81.53 36.55
CA VAL J 70 -0.17 80.25 36.45
C VAL J 70 0.68 80.06 37.69
N GLU J 71 0.45 78.95 38.40
CA GLU J 71 1.15 78.67 39.64
C GLU J 71 2.50 78.01 39.42
N VAL J 72 2.63 77.20 38.37
CA VAL J 72 3.83 76.41 38.14
C VAL J 72 4.13 76.44 36.65
N ALA J 73 5.42 76.59 36.31
CA ALA J 73 5.91 76.46 34.94
C ALA J 73 7.34 75.93 35.05
N ALA J 74 7.48 74.61 35.08
CA ALA J 74 8.76 73.98 35.42
C ALA J 74 9.18 72.98 34.34
N TRP J 75 10.50 72.81 34.20
CA TRP J 75 11.06 71.92 33.17
C TRP J 75 11.23 70.53 33.77
N ARG J 76 10.70 69.53 33.06
CA ARG J 76 10.66 68.14 33.51
C ARG J 76 11.51 67.30 32.56
N ASP J 77 12.46 66.56 33.09
CA ASP J 77 13.29 65.68 32.28
C ASP J 77 12.52 64.43 31.86
N ALA J 78 13.08 63.70 30.90
CA ALA J 78 12.43 62.50 30.39
C ALA J 78 12.31 61.45 31.48
N ALA J 79 11.14 60.80 31.54
CA ALA J 79 10.88 59.77 32.53
C ALA J 79 10.89 58.40 31.86
N PRO J 80 11.66 57.45 32.37
CA PRO J 80 11.70 56.12 31.76
C PRO J 80 10.37 55.40 31.90
N ALA J 81 10.20 54.36 31.08
CA ALA J 81 9.03 53.52 31.19
C ALA J 81 9.03 52.76 32.49
N THR J 82 7.86 52.64 33.10
CA THR J 82 7.64 51.81 34.29
C THR J 82 6.79 50.61 33.90
N ALA J 83 6.53 49.74 34.88
CA ALA J 83 5.70 48.58 34.62
C ALA J 83 4.27 48.95 34.25
N SER J 84 3.84 50.18 34.57
CA SER J 84 2.44 50.57 34.37
C SER J 84 2.25 51.79 33.50
N ALA J 85 3.32 52.40 33.00
CA ALA J 85 3.17 53.61 32.21
C ALA J 85 4.29 53.71 31.19
N ALA J 86 3.94 54.18 29.99
CA ALA J 86 4.94 54.41 28.96
C ALA J 86 5.88 55.55 29.35
N ALA J 87 7.00 55.63 28.66
CA ALA J 87 8.00 56.65 28.96
C ALA J 87 7.44 58.04 28.63
N LEU J 88 7.75 59.00 29.48
CA LEU J 88 7.33 60.39 29.24
C LEU J 88 8.50 61.22 28.79
N PRO J 89 8.39 61.93 27.67
CA PRO J 89 9.51 62.72 27.12
C PRO J 89 9.74 63.96 27.99
N GLU J 90 10.88 64.59 27.73
CA GLU J 90 11.21 65.86 28.37
C GLU J 90 10.23 66.90 27.87
N HIS J 91 9.65 67.65 28.81
CA HIS J 91 8.48 68.48 28.49
C HIS J 91 8.36 69.60 29.51
N CYS J 92 7.41 70.50 29.26
CA CYS J 92 7.16 71.60 30.18
C CYS J 92 5.83 71.42 30.88
N GLU J 93 5.83 71.52 32.20
CA GLU J 93 4.61 71.40 32.98
C GLU J 93 4.14 72.79 33.39
N VAL J 94 2.86 73.08 33.12
CA VAL J 94 2.24 74.35 33.48
C VAL J 94 0.94 74.06 34.21
N SER J 95 0.79 74.63 35.40
CA SER J 95 -0.45 74.51 36.16
C SER J 95 -0.87 75.89 36.64
N GLY J 96 -2.19 76.04 36.84
CA GLY J 96 -2.72 77.31 37.29
C GLY J 96 -4.22 77.20 37.46
N ALA J 97 -4.86 78.36 37.59
CA ALA J 97 -6.31 78.43 37.75
C ALA J 97 -6.85 79.60 36.95
N ILE J 98 -8.13 79.52 36.63
CA ILE J 98 -8.82 80.52 35.81
C ILE J 98 -10.09 80.96 36.53
N ALA J 99 -10.35 82.27 36.52
CA ALA J 99 -11.55 82.86 37.09
C ALA J 99 -11.68 82.52 38.58
N LYS J 100 -10.66 82.90 39.34
CA LYS J 100 -10.70 82.71 40.78
C LYS J 100 -11.75 83.63 41.40
N ARG J 101 -12.64 83.05 42.19
CA ARG J 101 -13.81 83.76 42.69
C ARG J 101 -14.29 83.10 43.97
N THR J 102 -15.37 83.64 44.54
CA THR J 102 -16.05 83.04 45.68
C THR J 102 -17.53 82.93 45.35
N GLY J 103 -18.07 81.71 45.42
CA GLY J 103 -19.44 81.48 45.03
C GLY J 103 -20.45 82.02 46.02
N ILE J 104 -21.72 82.01 45.59
CA ILE J 104 -22.82 82.51 46.41
C ILE J 104 -22.94 81.72 47.72
N ASP J 105 -22.40 80.51 47.76
CA ASP J 105 -22.41 79.70 48.97
C ASP J 105 -21.27 80.04 49.92
N GLY J 106 -20.46 81.04 49.60
CA GLY J 106 -19.31 81.38 50.41
C GLY J 106 -18.10 80.50 50.21
N TYR J 107 -18.11 79.64 49.19
CA TYR J 107 -16.97 78.78 48.93
C TYR J 107 -16.16 79.30 47.75
N PRO J 108 -14.84 79.16 47.78
CA PRO J 108 -14.01 79.66 46.68
C PRO J 108 -14.09 78.73 45.48
N TYR J 109 -14.07 79.33 44.28
CA TYR J 109 -14.22 78.60 43.04
C TYR J 109 -13.16 79.05 42.04
N GLU J 110 -12.51 78.08 41.42
CA GLU J 110 -11.52 78.36 40.38
C GLU J 110 -11.49 77.19 39.41
N ILE J 111 -11.03 77.47 38.19
CA ILE J 111 -10.91 76.46 37.15
C ILE J 111 -9.42 76.13 37.01
N LYS J 112 -8.98 75.05 37.63
CA LYS J 112 -7.57 74.73 37.52
C LYS J 112 -7.32 73.82 36.32
N PHE J 113 -6.08 73.87 35.84
CA PHE J 113 -5.66 73.18 34.63
C PHE J 113 -4.19 72.82 34.79
N ARG J 114 -3.81 71.70 34.18
CA ARG J 114 -2.41 71.29 34.15
C ARG J 114 -2.05 70.89 32.73
N LEU J 115 -1.00 71.49 32.19
CA LEU J 115 -0.61 71.30 30.81
C LEU J 115 0.84 70.84 30.72
N ARG J 116 1.09 69.85 29.87
CA ARG J 116 2.41 69.31 29.65
C ARG J 116 2.72 69.39 28.17
N MET J 117 3.88 69.92 27.83
CA MET J 117 4.23 70.22 26.44
C MET J 117 5.63 69.69 26.12
N PRO J 118 5.75 68.61 25.34
CA PRO J 118 7.06 68.00 25.11
C PRO J 118 7.98 68.86 24.26
N ALA J 119 9.27 68.76 24.54
CA ALA J 119 10.27 69.45 23.74
C ALA J 119 10.23 68.97 22.29
N GLU J 120 10.12 67.67 22.09
CA GLU J 120 9.90 67.08 20.76
C GLU J 120 8.40 66.86 20.60
N TRP J 121 7.76 67.70 19.80
CA TRP J 121 6.31 67.78 19.71
C TRP J 121 5.87 67.27 18.34
N ASN J 122 4.83 66.43 18.33
CA ASN J 122 4.30 65.92 17.07
C ASN J 122 3.33 66.88 16.42
N GLY J 123 3.13 68.07 16.98
CA GLY J 123 2.22 69.03 16.40
C GLY J 123 0.77 68.77 16.68
N ARG J 124 0.46 67.94 17.67
CA ARG J 124 -0.92 67.55 17.98
C ARG J 124 -1.26 67.96 19.40
N PHE J 125 -2.52 68.37 19.58
CA PHE J 125 -3.04 68.82 20.87
C PHE J 125 -3.99 67.77 21.42
N PHE J 126 -3.93 67.54 22.73
CA PHE J 126 -4.73 66.49 23.35
C PHE J 126 -5.31 66.97 24.68
N MET J 127 -6.59 66.71 24.88
CA MET J 127 -7.25 66.96 26.16
C MET J 127 -7.98 65.69 26.59
N GLU J 128 -7.94 65.41 27.88
CA GLU J 128 -8.61 64.25 28.46
C GLU J 128 -9.86 64.69 29.20
N GLY J 129 -10.88 63.84 29.15
CA GLY J 129 -12.11 64.10 29.86
C GLY J 129 -12.03 63.77 31.33
N GLY J 130 -13.07 64.16 32.06
CA GLY J 130 -13.15 63.93 33.49
C GLY J 130 -13.87 62.64 33.83
N SER J 131 -14.23 62.52 35.11
CA SER J 131 -14.95 61.35 35.60
C SER J 131 -15.70 61.74 36.86
N GLY J 132 -16.78 61.00 37.13
CA GLY J 132 -17.62 61.31 38.27
C GLY J 132 -18.17 62.72 38.17
N THR J 133 -18.22 63.41 39.31
CA THR J 133 -18.53 64.83 39.34
C THR J 133 -17.27 65.69 39.28
N ASN J 134 -16.24 65.23 38.58
CA ASN J 134 -14.96 65.93 38.43
C ASN J 134 -14.44 66.39 39.79
N GLY J 135 -13.90 67.61 39.85
CA GLY J 135 -13.38 68.12 41.09
C GLY J 135 -11.97 67.70 41.43
N SER J 136 -11.24 67.11 40.49
CA SER J 136 -9.86 66.70 40.70
C SER J 136 -9.05 66.98 39.44
N LEU J 137 -7.79 67.39 39.64
CA LEU J 137 -6.87 67.64 38.54
C LEU J 137 -5.86 66.49 38.50
N SER J 138 -5.85 65.75 37.39
CA SER J 138 -4.98 64.60 37.25
C SER J 138 -3.55 65.06 36.96
N ALA J 139 -2.67 64.08 36.72
CA ALA J 139 -1.30 64.40 36.30
C ALA J 139 -1.25 64.99 34.90
N ALA J 140 -2.37 64.93 34.15
CA ALA J 140 -2.47 65.54 32.83
C ALA J 140 -1.45 64.97 31.86
N THR J 141 -1.27 63.65 31.92
CA THR J 141 -0.40 62.97 30.96
C THR J 141 -1.10 62.67 29.64
N GLY J 142 -2.43 62.75 29.61
CA GLY J 142 -3.16 62.45 28.39
C GLY J 142 -3.65 61.02 28.33
N SER J 143 -4.55 60.64 29.25
CA SER J 143 -5.09 59.29 29.23
C SER J 143 -5.94 59.08 27.99
N ILE J 144 -5.80 57.89 27.39
CA ILE J 144 -6.57 57.51 26.21
C ILE J 144 -7.61 56.45 26.53
N GLY J 145 -7.78 56.10 27.79
CA GLY J 145 -8.76 55.11 28.18
C GLY J 145 -8.44 53.72 27.65
N GLY J 146 -9.43 52.84 27.77
CA GLY J 146 -9.29 51.47 27.30
C GLY J 146 -8.23 50.67 28.02
N GLY J 147 -7.92 51.03 29.26
CA GLY J 147 -6.90 50.32 30.03
C GLY J 147 -5.53 50.35 29.39
N GLN J 148 -5.18 51.44 28.72
CA GLN J 148 -3.97 51.50 27.92
C GLN J 148 -2.76 51.94 28.75
N ILE J 149 -1.60 51.41 28.38
CA ILE J 149 -0.36 51.73 29.06
C ILE J 149 0.19 53.07 28.60
N ALA J 150 0.05 53.39 27.31
CA ALA J 150 0.65 54.59 26.76
C ALA J 150 -0.25 55.80 26.99
N SER J 151 0.36 56.92 27.33
CA SER J 151 -0.32 58.20 27.46
C SER J 151 -0.19 59.00 26.16
N ALA J 152 -1.02 60.03 26.06
CA ALA J 152 -0.88 60.94 24.92
C ALA J 152 0.47 61.63 24.94
N LEU J 153 0.94 62.05 26.13
CA LEU J 153 2.26 62.65 26.23
C LEU J 153 3.35 61.69 25.78
N SER J 154 3.17 60.39 26.02
CA SER J 154 4.16 59.41 25.61
C SER J 154 4.25 59.27 24.09
N ARG J 155 3.19 59.65 23.37
CA ARG J 155 3.21 59.72 21.91
C ARG J 155 3.49 61.13 21.41
N ASN J 156 3.98 62.01 22.28
CA ASN J 156 4.49 63.35 21.96
C ASN J 156 3.39 64.36 21.65
N PHE J 157 2.19 64.14 22.19
CA PHE J 157 1.16 65.17 22.16
C PHE J 157 1.42 66.21 23.23
N ALA J 158 0.81 67.39 23.07
CA ALA J 158 0.65 68.32 24.17
C ALA J 158 -0.66 68.02 24.86
N THR J 159 -0.63 67.89 26.19
CA THR J 159 -1.74 67.33 26.94
C THR J 159 -2.22 68.29 28.03
N ILE J 160 -3.52 68.30 28.27
CA ILE J 160 -4.15 69.24 29.17
C ILE J 160 -5.32 68.56 29.88
N ALA J 161 -5.54 68.93 31.14
CA ALA J 161 -6.63 68.39 31.93
C ALA J 161 -7.16 69.49 32.85
N THR J 162 -8.35 69.28 33.41
CA THR J 162 -8.98 70.33 34.18
C THR J 162 -9.77 69.75 35.35
N ASP J 163 -10.36 70.66 36.13
CA ASP J 163 -11.10 70.38 37.35
C ASP J 163 -12.60 70.29 37.14
N GLY J 164 -13.13 70.98 36.13
CA GLY J 164 -14.55 71.19 36.02
C GLY J 164 -15.04 72.45 36.72
N GLY J 165 -14.15 73.23 37.33
CA GLY J 165 -14.51 74.45 38.00
C GLY J 165 -14.63 74.37 39.50
N HIS J 166 -14.23 73.27 40.11
CA HIS J 166 -14.34 73.09 41.55
C HIS J 166 -13.35 72.02 41.99
N ASP J 167 -12.97 72.08 43.26
CA ASP J 167 -11.96 71.17 43.81
C ASP J 167 -12.57 70.38 44.96
N ASN J 168 -12.32 69.06 44.98
CA ASN J 168 -12.94 68.19 45.96
C ASN J 168 -12.45 68.48 47.37
N ALA J 169 -11.23 68.98 47.53
CA ALA J 169 -10.75 69.33 48.86
C ALA J 169 -11.26 70.71 49.29
N VAL J 170 -11.35 71.64 48.36
CA VAL J 170 -11.81 72.99 48.69
C VAL J 170 -13.32 73.02 48.86
N ASN J 171 -14.06 72.60 47.83
CA ASN J 171 -15.52 72.67 47.84
C ASN J 171 -16.10 71.39 48.41
N ASP J 172 -15.93 71.24 49.72
CA ASP J 172 -16.32 70.04 50.46
C ASP J 172 -17.28 70.44 51.58
N ASN J 173 -18.48 70.87 51.19
CA ASN J 173 -19.48 71.32 52.16
C ASN J 173 -20.14 70.10 52.81
N PRO J 174 -20.03 69.92 54.13
CA PRO J 174 -20.71 68.80 54.77
C PRO J 174 -22.22 68.94 54.84
N ASP J 175 -22.75 70.14 54.72
CA ASP J 175 -24.19 70.37 54.67
C ASP J 175 -24.75 70.25 53.25
N ALA J 176 -23.89 70.01 52.26
CA ALA J 176 -24.27 70.00 50.85
C ALA J 176 -23.85 68.71 50.15
N LEU J 177 -23.85 67.59 50.89
CA LEU J 177 -23.56 66.28 50.31
C LEU J 177 -22.10 66.17 49.86
N GLY J 178 -21.20 66.82 50.59
CA GLY J 178 -19.77 66.61 50.42
C GLY J 178 -19.15 67.11 49.13
N THR J 179 -18.58 66.20 48.35
CA THR J 179 -17.83 66.59 47.16
C THR J 179 -18.73 67.02 46.00
N VAL J 180 -20.04 66.80 46.08
CA VAL J 180 -20.96 67.32 45.07
C VAL J 180 -21.57 68.62 45.59
N ALA J 181 -20.84 69.32 46.47
CA ALA J 181 -21.32 70.58 47.01
C ALA J 181 -21.20 71.72 46.01
N PHE J 182 -20.44 71.54 44.94
CA PHE J 182 -20.28 72.63 43.97
C PHE J 182 -21.61 73.02 43.36
N GLY J 183 -22.62 72.17 43.45
CA GLY J 183 -23.88 72.46 42.82
C GLY J 183 -24.68 73.55 43.51
N LEU J 184 -24.29 73.93 44.73
CA LEU J 184 -24.99 75.00 45.41
C LEU J 184 -24.83 76.35 44.72
N ASP J 185 -23.93 76.45 43.75
CA ASP J 185 -23.63 77.73 43.16
C ASP J 185 -23.89 77.69 41.66
N PRO J 186 -24.65 78.63 41.11
CA PRO J 186 -24.97 78.57 39.66
C PRO J 186 -23.74 78.58 38.78
N GLN J 187 -22.83 79.54 38.95
CA GLN J 187 -21.67 79.60 38.06
C GLN J 187 -20.76 78.39 38.24
N ALA J 188 -20.75 77.79 39.44
CA ALA J 188 -20.04 76.54 39.65
C ALA J 188 -20.76 75.35 39.01
N ARG J 189 -22.05 75.49 38.70
CA ARG J 189 -22.75 74.48 37.92
C ARG J 189 -22.37 74.52 36.44
N LEU J 190 -22.02 75.69 35.90
CA LEU J 190 -21.90 75.90 34.46
C LEU J 190 -20.51 75.58 33.90
N ASP J 191 -19.44 76.01 34.59
CA ASP J 191 -18.10 75.49 34.28
C ASP J 191 -18.10 73.98 34.24
N MET J 192 -18.76 73.36 35.22
CA MET J 192 -18.93 71.91 35.19
C MET J 192 -19.71 71.48 33.95
N GLY J 193 -20.74 72.24 33.58
CA GLY J 193 -21.51 71.88 32.41
C GLY J 193 -20.72 71.99 31.13
N TYR J 194 -20.01 73.11 30.95
CA TYR J 194 -19.39 73.36 29.66
C TYR J 194 -18.24 74.37 29.71
N ASN J 195 -18.25 75.26 30.70
CA ASN J 195 -17.39 76.44 30.62
C ASN J 195 -15.95 76.12 31.01
N SER J 196 -15.76 75.28 32.03
CA SER J 196 -14.42 74.91 32.44
C SER J 196 -13.62 74.32 31.29
N TYR J 197 -14.25 73.47 30.48
CA TYR J 197 -13.55 72.83 29.38
C TYR J 197 -13.30 73.80 28.23
N ASP J 198 -14.21 74.74 28.00
CA ASP J 198 -14.00 75.74 26.95
C ASP J 198 -12.85 76.67 27.30
N GLN J 199 -12.83 77.18 28.53
CA GLN J 199 -11.75 78.07 28.96
C GLN J 199 -10.41 77.35 28.89
N VAL J 200 -10.34 76.14 29.45
CA VAL J 200 -9.09 75.40 29.50
C VAL J 200 -8.59 75.06 28.10
N THR J 201 -9.52 74.81 27.17
CA THR J 201 -9.13 74.43 25.82
C THR J 201 -8.30 75.52 25.15
N GLN J 202 -8.85 76.74 25.06
CA GLN J 202 -8.11 77.79 24.38
C GLN J 202 -6.98 78.32 25.25
N ALA J 203 -7.09 78.18 26.57
CA ALA J 203 -5.98 78.55 27.45
C ALA J 203 -4.76 77.67 27.16
N GLY J 204 -4.96 76.35 27.13
CA GLY J 204 -3.88 75.46 26.76
C GLY J 204 -3.38 75.71 25.35
N LYS J 205 -4.30 75.95 24.42
CA LYS J 205 -3.91 76.23 23.03
C LYS J 205 -3.11 77.52 22.94
N ALA J 206 -3.39 78.49 23.82
CA ALA J 206 -2.62 79.74 23.82
C ALA J 206 -1.19 79.49 24.24
N ALA J 207 -0.98 78.77 25.35
CA ALA J 207 0.37 78.38 25.74
C ALA J 207 1.04 77.55 24.65
N VAL J 208 0.26 76.74 23.93
CA VAL J 208 0.82 75.96 22.83
C VAL J 208 1.47 76.87 21.81
N ALA J 209 0.74 77.89 21.37
CA ALA J 209 1.20 78.73 20.27
C ALA J 209 2.38 79.61 20.65
N ARG J 210 2.62 79.83 21.94
CA ARG J 210 3.72 80.71 22.28
C ARG J 210 4.98 79.93 22.61
N PHE J 211 4.85 78.75 23.21
CA PHE J 211 6.01 77.93 23.51
C PHE J 211 6.59 77.33 22.23
N TYR J 212 5.77 76.66 21.44
CA TYR J 212 6.21 76.08 20.18
C TYR J 212 6.23 77.08 19.04
N GLY J 213 5.70 78.29 19.25
CA GLY J 213 5.70 79.28 18.21
C GLY J 213 4.76 79.02 17.06
N ARG J 214 3.73 78.19 17.27
CA ARG J 214 2.74 77.92 16.23
C ARG J 214 1.59 77.13 16.87
N ALA J 215 0.49 77.06 16.14
CA ALA J 215 -0.68 76.31 16.60
C ALA J 215 -0.55 74.84 16.24
N ALA J 216 -1.30 74.01 16.96
CA ALA J 216 -1.31 72.58 16.69
C ALA J 216 -1.97 72.28 15.35
N ASP J 217 -1.41 71.30 14.64
CA ASP J 217 -2.03 70.87 13.38
C ASP J 217 -3.43 70.32 13.62
N LYS J 218 -3.60 69.52 14.67
CA LYS J 218 -4.88 68.92 15.00
C LYS J 218 -5.04 68.88 16.52
N SER J 219 -6.28 68.73 16.97
CA SER J 219 -6.60 68.68 18.39
C SER J 219 -7.51 67.50 18.67
N TYR J 220 -7.28 66.82 19.79
CA TYR J 220 -7.98 65.59 20.12
C TYR J 220 -8.49 65.63 21.56
N PHE J 221 -9.67 65.04 21.76
CA PHE J 221 -10.29 64.94 23.08
C PHE J 221 -10.78 63.52 23.27
N ILE J 222 -10.31 62.85 24.33
CA ILE J 222 -10.74 61.49 24.66
C ILE J 222 -11.27 61.49 26.08
N GLY J 223 -12.47 60.94 26.27
CA GLY J 223 -13.07 60.89 27.58
C GLY J 223 -14.06 59.74 27.68
N CYS J 224 -14.30 59.33 28.93
CA CYS J 224 -15.26 58.28 29.23
C CYS J 224 -16.14 58.75 30.38
N SER J 225 -17.38 58.25 30.40
CA SER J 225 -18.36 58.55 31.45
C SER J 225 -18.65 60.03 31.43
N GLU J 226 -18.41 60.78 32.50
CA GLU J 226 -18.54 62.24 32.45
C GLU J 226 -17.65 62.82 31.35
N GLY J 227 -16.46 62.26 31.17
CA GLY J 227 -15.63 62.67 30.05
C GLY J 227 -16.24 62.37 28.71
N GLY J 228 -17.03 61.30 28.62
CA GLY J 228 -17.76 61.03 27.39
C GLY J 228 -18.83 62.07 27.13
N ARG J 229 -19.51 62.53 28.19
CA ARG J 229 -20.46 63.62 28.05
C ARG J 229 -19.77 64.90 27.62
N GLU J 230 -18.56 65.14 28.13
CA GLU J 230 -17.80 66.32 27.71
C GLU J 230 -17.45 66.25 26.23
N GLY J 231 -17.12 65.05 25.74
CA GLY J 231 -16.74 64.92 24.35
C GLY J 231 -17.90 65.18 23.40
N MET J 232 -19.07 64.59 23.69
CA MET J 232 -20.23 64.83 22.85
C MET J 232 -20.66 66.29 22.92
N MET J 233 -20.60 66.90 24.10
CA MET J 233 -20.88 68.33 24.23
C MET J 233 -19.96 69.14 23.32
N LEU J 234 -18.67 68.81 23.31
CA LEU J 234 -17.70 69.59 22.54
C LEU J 234 -18.02 69.55 21.05
N SER J 235 -18.46 68.39 20.55
CA SER J 235 -18.88 68.30 19.16
C SER J 235 -20.12 69.13 18.88
N GLN J 236 -20.93 69.42 19.90
CA GLN J 236 -22.18 70.17 19.73
C GLN J 236 -22.01 71.65 20.04
N ARG J 237 -21.48 71.97 21.22
CA ARG J 237 -21.44 73.37 21.65
C ARG J 237 -20.22 74.11 21.10
N PHE J 238 -19.10 73.43 20.90
CA PHE J 238 -17.88 74.04 20.40
C PHE J 238 -17.26 73.15 19.34
N PRO J 239 -17.87 73.06 18.16
CA PRO J 239 -17.42 72.07 17.17
C PRO J 239 -16.01 72.30 16.66
N SER J 240 -15.52 73.53 16.65
CA SER J 240 -14.21 73.84 16.09
C SER J 240 -13.07 73.68 17.09
N HIS J 241 -13.36 73.26 18.32
CA HIS J 241 -12.29 73.12 19.30
C HIS J 241 -11.46 71.86 19.07
N TYR J 242 -12.10 70.75 18.69
CA TYR J 242 -11.42 69.48 18.54
C TYR J 242 -11.80 68.82 17.22
N ASP J 243 -10.79 68.31 16.52
CA ASP J 243 -11.02 67.62 15.26
C ASP J 243 -11.44 66.17 15.47
N GLY J 244 -10.89 65.51 16.48
CA GLY J 244 -11.26 64.13 16.77
C GLY J 244 -11.70 63.93 18.19
N ILE J 245 -12.87 63.33 18.39
CA ILE J 245 -13.43 63.13 19.71
C ILE J 245 -13.74 61.65 19.90
N VAL J 246 -13.21 61.07 20.97
CA VAL J 246 -13.58 59.74 21.44
C VAL J 246 -14.43 59.93 22.68
N ALA J 247 -15.64 59.37 22.66
CA ALA J 247 -16.57 59.47 23.79
C ALA J 247 -17.05 58.06 24.14
N GLY J 248 -16.50 57.49 25.20
CA GLY J 248 -16.90 56.19 25.68
C GLY J 248 -17.89 56.31 26.83
N ALA J 249 -18.88 55.42 26.83
CA ALA J 249 -19.96 55.40 27.81
C ALA J 249 -20.44 56.81 28.14
N PRO J 250 -20.81 57.61 27.15
CA PRO J 250 -21.05 59.05 27.39
C PRO J 250 -22.36 59.29 28.13
N GLY J 251 -22.27 60.00 29.25
CA GLY J 251 -23.46 60.39 29.98
C GLY J 251 -24.10 61.65 29.43
N TYR J 252 -24.47 61.62 28.15
CA TYR J 252 -25.04 62.78 27.49
C TYR J 252 -26.42 63.16 28.00
N GLN J 253 -26.99 62.37 28.92
CA GLN J 253 -28.23 62.69 29.60
C GLN J 253 -28.06 62.55 31.10
N LEU J 254 -26.90 62.96 31.61
CA LEU J 254 -26.56 62.72 33.01
C LEU J 254 -27.59 63.23 34.02
N PRO J 255 -28.26 64.37 33.82
CA PRO J 255 -29.34 64.74 34.76
C PRO J 255 -30.44 63.70 34.88
N LYS J 256 -30.63 62.86 33.86
CA LYS J 256 -31.62 61.79 33.94
C LYS J 256 -31.13 60.58 34.72
N ALA J 257 -29.82 60.50 35.02
CA ALA J 257 -29.31 59.33 35.73
C ALA J 257 -29.92 59.20 37.12
N GLY J 258 -30.11 60.33 37.81
CA GLY J 258 -30.75 60.27 39.12
C GLY J 258 -32.19 59.80 39.05
N ILE J 259 -32.87 60.07 37.93
CA ILE J 259 -34.23 59.58 37.76
C ILE J 259 -34.24 58.06 37.69
N SER J 260 -33.42 57.49 36.81
CA SER J 260 -33.32 56.04 36.73
C SER J 260 -32.86 55.44 38.06
N GLY J 261 -32.02 56.16 38.80
CA GLY J 261 -31.58 55.66 40.09
C GLY J 261 -32.72 55.52 41.07
N ALA J 262 -33.61 56.51 41.14
CA ALA J 262 -34.78 56.39 41.97
C ALA J 262 -35.70 55.28 41.49
N TRP J 263 -35.80 55.11 40.17
CA TRP J 263 -36.60 54.03 39.62
C TRP J 263 -36.05 52.67 40.02
N THR J 264 -34.77 52.43 39.75
CA THR J 264 -34.16 51.16 40.12
C THR J 264 -34.17 50.95 41.63
N THR J 265 -33.97 52.03 42.39
CA THR J 265 -34.02 51.93 43.86
C THR J 265 -35.40 51.49 44.32
N GLN J 266 -36.44 52.15 43.83
CA GLN J 266 -37.80 51.79 44.21
C GLN J 266 -38.25 50.47 43.59
N SER J 267 -37.63 50.07 42.47
CA SER J 267 -38.00 48.79 41.85
C SER J 267 -37.38 47.61 42.59
N LEU J 268 -36.13 47.74 43.04
CA LEU J 268 -35.47 46.66 43.77
C LEU J 268 -35.89 46.58 45.23
N ALA J 269 -36.55 47.62 45.75
CA ALA J 269 -36.96 47.64 47.16
C ALA J 269 -37.77 46.43 47.60
N PRO J 270 -38.78 45.96 46.85
CA PRO J 270 -39.53 44.78 47.33
C PRO J 270 -38.67 43.54 47.51
N ALA J 271 -37.59 43.39 46.73
CA ALA J 271 -36.70 42.26 46.88
C ALA J 271 -35.70 42.42 48.02
N ALA J 272 -35.62 43.61 48.60
CA ALA J 272 -34.70 43.83 49.72
C ALA J 272 -35.15 43.05 50.94
N VAL J 273 -34.17 42.59 51.72
CA VAL J 273 -34.41 42.02 53.04
C VAL J 273 -33.53 42.78 54.02
N GLY J 274 -34.14 43.35 55.04
CA GLY J 274 -33.45 44.23 55.96
C GLY J 274 -33.56 45.69 55.58
N LEU J 275 -33.12 46.53 56.51
CA LEU J 275 -33.14 47.98 56.32
C LEU J 275 -31.86 48.58 56.89
N ASP J 276 -31.50 49.75 56.38
CA ASP J 276 -30.36 50.47 56.93
C ASP J 276 -30.75 51.09 58.27
N ALA J 277 -29.80 51.78 58.90
CA ALA J 277 -30.05 52.35 60.21
C ALA J 277 -31.04 53.51 60.17
N GLN J 278 -31.47 53.94 58.98
CA GLN J 278 -32.44 55.02 58.84
C GLN J 278 -33.79 54.51 58.37
N GLY J 279 -33.98 53.20 58.27
CA GLY J 279 -35.26 52.64 57.94
C GLY J 279 -35.52 52.41 56.47
N VAL J 280 -34.62 52.81 55.58
CA VAL J 280 -34.82 52.53 54.16
C VAL J 280 -34.35 51.11 53.89
N PRO J 281 -35.06 50.35 53.04
CA PRO J 281 -34.68 48.95 52.81
C PRO J 281 -33.27 48.84 52.22
N LEU J 282 -32.65 47.70 52.48
CA LEU J 282 -31.27 47.43 52.07
C LEU J 282 -31.27 46.87 50.66
N ILE J 283 -30.99 47.73 49.68
CA ILE J 283 -31.02 47.31 48.28
C ILE J 283 -29.88 46.34 47.97
N ASN J 284 -28.77 46.46 48.69
CA ASN J 284 -27.62 45.59 48.43
C ASN J 284 -27.93 44.13 48.71
N LYS J 285 -28.78 43.85 49.70
CA LYS J 285 -29.14 42.49 50.05
C LYS J 285 -30.22 41.91 49.14
N SER J 286 -30.70 42.67 48.17
CA SER J 286 -31.77 42.18 47.29
C SER J 286 -31.27 41.03 46.41
N PHE J 287 -30.02 41.09 45.98
CA PHE J 287 -29.39 40.03 45.20
C PHE J 287 -28.02 39.74 45.78
N SER J 288 -27.74 38.45 45.99
CA SER J 288 -26.38 38.05 46.29
C SER J 288 -25.57 37.94 45.00
N ASP J 289 -24.25 37.89 45.15
CA ASP J 289 -23.40 37.71 43.98
C ASP J 289 -23.70 36.40 43.26
N ALA J 290 -24.07 35.36 44.02
CA ALA J 290 -24.49 34.11 43.40
C ALA J 290 -25.81 34.27 42.66
N ASP J 291 -26.73 35.08 43.21
CA ASP J 291 -27.99 35.33 42.54
C ASP J 291 -27.77 36.01 41.19
N LEU J 292 -26.90 37.02 41.16
CA LEU J 292 -26.61 37.71 39.91
C LEU J 292 -25.92 36.79 38.90
N HIS J 293 -25.09 35.87 39.39
CA HIS J 293 -24.47 34.89 38.50
C HIS J 293 -25.52 34.00 37.85
N LEU J 294 -26.54 33.60 38.62
CA LEU J 294 -27.64 32.82 38.07
C LEU J 294 -28.32 33.56 36.93
N LEU J 295 -28.58 34.86 37.11
CA LEU J 295 -29.21 35.64 36.06
C LEU J 295 -28.30 35.76 34.84
N SER J 296 -27.00 35.96 35.06
CA SER J 296 -26.07 36.07 33.95
C SER J 296 -25.97 34.75 33.19
N GLN J 297 -25.88 33.63 33.90
CA GLN J 297 -25.83 32.33 33.25
C GLN J 297 -27.14 32.03 32.52
N ALA J 298 -28.26 32.51 33.06
CA ALA J 298 -29.53 32.37 32.34
C ALA J 298 -29.51 33.18 31.05
N ILE J 299 -28.89 34.37 31.08
CA ILE J 299 -28.80 35.20 29.88
C ILE J 299 -27.97 34.49 28.82
N LEU J 300 -26.85 33.88 29.22
CA LEU J 300 -26.01 33.18 28.26
C LEU J 300 -26.75 32.01 27.61
N GLY J 301 -27.38 31.17 28.43
CA GLY J 301 -28.13 30.06 27.89
C GLY J 301 -29.18 30.47 26.87
N THR J 302 -29.80 31.64 27.07
CA THR J 302 -30.81 32.14 26.15
C THR J 302 -30.21 32.94 25.01
N CYS J 303 -29.02 33.54 25.19
CA CYS J 303 -28.51 34.50 24.22
C CYS J 303 -27.11 34.20 23.67
N ASP J 304 -26.32 33.33 24.31
CA ASP J 304 -24.93 33.17 23.90
C ASP J 304 -24.82 32.70 22.45
N ALA J 305 -25.56 31.65 22.08
CA ALA J 305 -25.46 31.07 20.76
C ALA J 305 -26.16 31.89 19.68
N LEU J 306 -26.79 33.00 20.04
CA LEU J 306 -27.55 33.78 19.06
C LEU J 306 -26.65 34.48 18.06
N ASP J 307 -25.38 34.69 18.39
CA ASP J 307 -24.40 35.19 17.44
C ASP J 307 -23.71 34.08 16.67
N GLY J 308 -24.02 32.83 16.96
CA GLY J 308 -23.43 31.70 16.27
C GLY J 308 -22.29 31.01 16.98
N LEU J 309 -22.00 31.38 18.23
CA LEU J 309 -20.89 30.81 18.97
C LEU J 309 -21.22 30.87 20.45
N ALA J 310 -21.08 29.73 21.14
CA ALA J 310 -21.22 29.68 22.59
C ALA J 310 -19.84 29.96 23.19
N ASP J 311 -19.62 31.21 23.61
CA ASP J 311 -18.31 31.60 24.14
C ASP J 311 -18.42 32.50 25.37
N GLY J 312 -19.59 32.58 26.00
CA GLY J 312 -19.78 33.47 27.13
C GLY J 312 -19.91 34.94 26.76
N ILE J 313 -20.04 35.26 25.47
CA ILE J 313 -20.19 36.63 25.01
C ILE J 313 -21.44 36.70 24.15
N VAL J 314 -22.30 37.68 24.43
CA VAL J 314 -23.53 37.88 23.66
C VAL J 314 -23.23 39.04 22.71
N ASP J 315 -22.82 38.70 21.48
CA ASP J 315 -22.59 39.71 20.46
C ASP J 315 -23.89 40.18 19.82
N ASN J 316 -24.90 39.32 19.78
CA ASN J 316 -26.20 39.67 19.21
C ASN J 316 -27.08 40.22 20.32
N TYR J 317 -26.82 41.49 20.68
CA TYR J 317 -27.54 42.10 21.78
C TYR J 317 -28.99 42.37 21.42
N ARG J 318 -29.26 42.78 20.18
CA ARG J 318 -30.64 43.04 19.76
C ARG J 318 -31.48 41.76 19.84
N ALA J 319 -30.94 40.65 19.35
CA ALA J 319 -31.66 39.39 19.46
C ALA J 319 -31.81 38.94 20.90
N CYS J 320 -30.83 39.25 21.75
CA CYS J 320 -30.91 38.86 23.15
C CYS J 320 -32.05 39.59 23.86
N GLN J 321 -32.22 40.88 23.58
CA GLN J 321 -33.35 41.61 24.16
C GLN J 321 -34.67 41.01 23.72
N ALA J 322 -34.73 40.55 22.47
CA ALA J 322 -35.97 40.00 21.95
C ALA J 322 -36.35 38.68 22.61
N ALA J 323 -35.35 37.87 22.98
CA ALA J 323 -35.61 36.51 23.42
C ALA J 323 -35.66 36.34 24.93
N PHE J 324 -34.96 37.16 25.70
CA PHE J 324 -34.78 36.89 27.12
C PHE J 324 -35.90 37.51 27.96
N ASP J 325 -36.45 36.68 28.85
CA ASP J 325 -37.36 37.08 29.91
C ASP J 325 -37.05 36.19 31.12
N PRO J 326 -36.49 36.75 32.20
CA PRO J 326 -36.12 35.91 33.35
C PRO J 326 -37.30 35.25 34.03
N ALA J 327 -38.52 35.75 33.80
CA ALA J 327 -39.70 35.09 34.36
C ALA J 327 -40.00 33.78 33.65
N THR J 328 -39.61 33.65 32.38
CA THR J 328 -39.87 32.46 31.59
C THR J 328 -38.61 31.70 31.19
N ALA J 329 -37.43 32.31 31.29
CA ALA J 329 -36.21 31.64 30.88
C ALA J 329 -35.86 30.51 31.84
N ALA J 330 -35.07 29.56 31.34
CA ALA J 330 -34.68 28.39 32.11
C ALA J 330 -33.26 28.54 32.64
N ASN J 331 -33.04 27.99 33.83
CA ASN J 331 -31.70 27.85 34.37
C ASN J 331 -30.98 26.77 33.57
N PRO J 332 -29.93 27.11 32.81
CA PRO J 332 -29.29 26.09 31.96
C PRO J 332 -28.58 25.00 32.75
N ALA J 333 -28.27 25.23 34.02
CA ALA J 333 -27.53 24.23 34.79
C ALA J 333 -28.38 23.04 35.14
N ASN J 334 -29.70 23.22 35.22
CA ASN J 334 -30.60 22.13 35.56
C ASN J 334 -31.82 22.03 34.65
N GLY J 335 -31.92 22.87 33.62
CA GLY J 335 -33.05 22.80 32.70
C GLY J 335 -34.38 23.24 33.26
N GLN J 336 -34.41 23.75 34.49
CA GLN J 336 -35.64 24.24 35.11
C GLN J 336 -35.75 25.75 34.95
N ALA J 337 -36.93 26.26 35.30
CA ALA J 337 -37.17 27.70 35.21
C ALA J 337 -36.27 28.46 36.17
N LEU J 338 -35.74 29.59 35.70
CA LEU J 338 -34.89 30.42 36.56
C LEU J 338 -35.66 30.95 37.76
N GLN J 339 -36.97 31.16 37.61
CA GLN J 339 -37.80 31.59 38.72
C GLN J 339 -38.17 30.38 39.58
N CYS J 340 -37.97 30.52 40.89
CA CYS J 340 -38.32 29.47 41.83
C CYS J 340 -39.80 29.12 41.73
N VAL J 341 -40.10 27.84 41.50
CA VAL J 341 -41.50 27.42 41.53
C VAL J 341 -41.97 27.31 42.98
N GLY J 342 -41.11 26.84 43.87
CA GLY J 342 -41.38 26.80 45.29
C GLY J 342 -40.61 27.86 46.05
N ALA J 343 -40.04 27.47 47.19
CA ALA J 343 -39.28 28.40 48.01
C ALA J 343 -37.94 28.72 47.35
N LYS J 344 -37.24 29.68 47.96
CA LYS J 344 -35.96 30.13 47.42
C LYS J 344 -34.91 29.03 47.54
N THR J 345 -34.21 28.76 46.45
CA THR J 345 -33.13 27.78 46.40
C THR J 345 -31.86 28.49 45.97
N ALA J 346 -30.75 27.75 45.90
CA ALA J 346 -29.51 28.32 45.36
C ALA J 346 -29.49 28.32 43.84
N ASP J 347 -30.39 27.59 43.20
CA ASP J 347 -30.44 27.41 41.75
C ASP J 347 -31.58 28.16 41.08
N CYS J 348 -32.28 29.05 41.78
CA CYS J 348 -33.30 29.87 41.12
C CYS J 348 -33.49 31.19 41.86
N LEU J 349 -34.26 32.08 41.24
CA LEU J 349 -34.50 33.42 41.74
C LEU J 349 -35.95 33.56 42.20
N SER J 350 -36.16 34.46 43.17
CA SER J 350 -37.49 34.66 43.70
C SER J 350 -38.39 35.30 42.63
N PRO J 351 -39.69 34.99 42.65
CA PRO J 351 -40.61 35.74 41.79
C PRO J 351 -40.62 37.22 42.10
N VAL J 352 -40.37 37.59 43.37
CA VAL J 352 -40.24 38.99 43.72
C VAL J 352 -38.90 39.55 43.25
N GLN J 353 -37.86 38.70 43.21
CA GLN J 353 -36.59 39.13 42.63
C GLN J 353 -36.73 39.34 41.13
N VAL J 354 -37.47 38.45 40.46
CA VAL J 354 -37.62 38.54 39.01
C VAL J 354 -38.38 39.80 38.63
N THR J 355 -39.49 40.07 39.31
CA THR J 355 -40.25 41.29 39.02
C THR J 355 -39.48 42.53 39.43
N ALA J 356 -38.59 42.42 40.41
CA ALA J 356 -37.81 43.57 40.85
C ALA J 356 -36.81 44.00 39.77
N ILE J 357 -36.02 43.05 39.27
CA ILE J 357 -34.99 43.39 38.29
C ILE J 357 -35.63 43.77 36.96
N LYS J 358 -36.77 43.16 36.60
CA LYS J 358 -37.40 43.48 35.33
C LYS J 358 -37.96 44.91 35.34
N ARG J 359 -38.52 45.34 36.46
CA ARG J 359 -38.96 46.73 36.57
C ARG J 359 -37.78 47.68 36.47
N ALA J 360 -36.65 47.33 37.09
CA ALA J 360 -35.48 48.19 37.06
C ALA J 360 -34.92 48.30 35.65
N MET J 361 -34.81 47.17 34.94
CA MET J 361 -34.29 47.17 33.58
C MET J 361 -35.25 47.85 32.60
N ALA J 362 -36.51 48.02 32.98
CA ALA J 362 -37.49 48.61 32.07
C ALA J 362 -37.21 50.09 31.85
N GLY J 363 -36.75 50.79 32.89
CA GLY J 363 -36.49 52.21 32.79
C GLY J 363 -37.57 53.03 33.47
N PRO J 364 -37.24 54.28 33.83
CA PRO J 364 -38.21 55.11 34.55
C PRO J 364 -39.33 55.61 33.65
N VAL J 365 -40.51 55.74 34.25
CA VAL J 365 -41.73 56.13 33.55
C VAL J 365 -42.62 56.87 34.54
N ASN J 366 -43.33 57.89 34.05
CA ASN J 366 -44.17 58.71 34.91
C ASN J 366 -45.60 58.15 34.92
N SER J 367 -46.54 58.91 35.49
CA SER J 367 -47.92 58.46 35.56
C SER J 367 -48.55 58.35 34.18
N ALA J 368 -48.17 59.23 33.26
CA ALA J 368 -48.70 59.22 31.90
C ALA J 368 -48.09 58.12 31.04
N GLY J 369 -47.26 57.25 31.62
CA GLY J 369 -46.59 56.22 30.84
C GLY J 369 -45.44 56.72 30.00
N THR J 370 -44.98 57.94 30.21
CA THR J 370 -43.93 58.52 29.38
C THR J 370 -42.56 58.08 29.89
N PRO J 371 -41.69 57.54 29.03
CA PRO J 371 -40.35 57.16 29.48
C PRO J 371 -39.53 58.38 29.83
N LEU J 372 -38.92 58.36 31.02
CA LEU J 372 -38.12 59.47 31.51
C LEU J 372 -36.63 59.32 31.19
N TYR J 373 -36.19 58.13 30.78
CA TYR J 373 -34.81 57.93 30.36
C TYR J 373 -34.77 56.94 29.21
N ASN J 374 -34.58 55.66 29.53
CA ASN J 374 -34.47 54.59 28.53
C ASN J 374 -34.46 53.26 29.28
N ARG J 375 -34.48 52.18 28.52
CA ARG J 375 -34.40 50.84 29.09
C ARG J 375 -32.95 50.35 29.05
N TRP J 376 -32.70 49.27 29.80
CA TRP J 376 -31.36 48.71 29.94
C TRP J 376 -31.31 47.31 29.36
N ALA J 377 -30.16 46.96 28.78
CA ALA J 377 -30.00 45.70 28.08
C ALA J 377 -29.59 44.58 29.01
N TRP J 378 -30.23 43.43 28.86
CA TRP J 378 -29.75 42.21 29.52
C TRP J 378 -28.44 41.78 28.89
N ASP J 379 -27.50 41.36 29.74
CA ASP J 379 -26.17 41.02 29.25
C ASP J 379 -25.46 40.17 30.30
N ALA J 380 -24.52 39.35 29.83
CA ALA J 380 -23.78 38.47 30.74
C ALA J 380 -22.87 39.24 31.68
N GLY J 381 -22.48 40.46 31.32
CA GLY J 381 -21.62 41.25 32.17
C GLY J 381 -22.28 41.81 33.41
N MET J 382 -23.58 41.56 33.60
CA MET J 382 -24.21 41.89 34.88
C MET J 382 -23.58 41.11 36.03
N SER J 383 -22.94 39.98 35.73
CA SER J 383 -22.17 39.24 36.71
C SER J 383 -20.86 38.77 36.10
N GLY J 384 -20.47 37.53 36.40
CA GLY J 384 -19.23 36.98 35.90
C GLY J 384 -18.30 36.58 37.02
N LEU J 385 -17.55 35.49 36.83
CA LEU J 385 -16.70 34.95 37.87
C LEU J 385 -15.31 34.68 37.30
N SER J 386 -14.30 35.23 37.95
CA SER J 386 -12.90 34.99 37.59
C SER J 386 -12.19 34.47 38.84
N GLY J 387 -11.80 33.20 38.81
CA GLY J 387 -11.26 32.55 39.99
C GLY J 387 -12.34 32.43 41.04
N THR J 388 -12.20 33.17 42.14
CA THR J 388 -13.22 33.22 43.18
C THR J 388 -13.85 34.60 43.32
N THR J 389 -13.59 35.51 42.38
CA THR J 389 -14.00 36.90 42.48
C THR J 389 -15.21 37.13 41.57
N TYR J 390 -16.37 37.33 42.17
CA TYR J 390 -17.55 37.70 41.40
C TYR J 390 -17.42 39.14 40.92
N ASN J 391 -17.91 39.40 39.71
CA ASN J 391 -17.83 40.74 39.13
C ASN J 391 -18.71 41.70 39.91
N GLN J 392 -18.13 42.80 40.39
CA GLN J 392 -18.86 43.85 41.07
C GLN J 392 -19.12 45.06 40.18
N GLY J 393 -18.65 45.04 38.93
CA GLY J 393 -18.71 46.20 38.07
C GLY J 393 -20.10 46.64 37.68
N TRP J 394 -21.09 45.75 37.75
CA TRP J 394 -22.47 46.10 37.42
C TRP J 394 -23.31 46.40 38.66
N ARG J 395 -23.26 45.52 39.66
CA ARG J 395 -24.16 45.66 40.80
C ARG J 395 -23.82 46.84 41.69
N SER J 396 -22.59 47.35 41.61
CA SER J 396 -22.24 48.47 42.46
C SER J 396 -23.12 49.68 42.20
N TRP J 397 -23.69 49.82 41.00
CA TRP J 397 -24.37 51.06 40.65
C TRP J 397 -25.78 51.13 41.22
N TRP J 398 -26.58 50.08 41.04
CA TRP J 398 -27.95 50.07 41.54
C TRP J 398 -28.09 49.35 42.88
N LEU J 399 -27.28 48.32 43.12
CA LEU J 399 -27.40 47.50 44.32
C LEU J 399 -26.34 47.84 45.37
N GLY J 400 -25.06 47.90 44.96
CA GLY J 400 -23.97 48.07 45.88
C GLY J 400 -23.44 46.75 46.40
N SER J 401 -22.34 46.83 47.14
CA SER J 401 -21.71 45.63 47.66
C SER J 401 -22.65 44.91 48.62
N PHE J 402 -22.78 43.59 48.42
CA PHE J 402 -23.75 42.80 49.17
C PHE J 402 -23.39 42.74 50.65
N ASN J 403 -22.15 42.35 50.96
CA ASN J 403 -21.71 42.20 52.34
C ASN J 403 -21.53 43.59 52.95
N SER J 404 -22.66 44.16 53.37
CA SER J 404 -22.70 45.42 54.11
C SER J 404 -24.03 45.47 54.84
N SER J 405 -24.04 46.12 55.99
CA SER J 405 -25.27 46.37 56.73
C SER J 405 -25.83 47.75 56.45
N ALA J 406 -25.33 48.42 55.42
CA ALA J 406 -25.77 49.77 55.07
C ALA J 406 -25.75 49.93 53.55
N ASN J 407 -26.58 50.84 53.05
CA ASN J 407 -26.67 51.07 51.62
C ASN J 407 -25.41 51.75 51.10
N ASN J 408 -24.86 51.21 50.01
CA ASN J 408 -23.61 51.73 49.47
C ASN J 408 -23.63 51.98 47.96
N ALA J 409 -24.70 51.62 47.26
CA ALA J 409 -24.70 51.79 45.80
C ALA J 409 -24.74 53.26 45.42
N GLN J 410 -24.36 53.55 44.17
CA GLN J 410 -24.29 54.94 43.73
C GLN J 410 -25.68 55.55 43.60
N ARG J 411 -26.67 54.77 43.21
CA ARG J 411 -27.98 55.31 42.91
C ARG J 411 -28.93 55.28 44.10
N VAL J 412 -28.56 54.65 45.21
CA VAL J 412 -29.38 54.68 46.42
C VAL J 412 -28.95 55.85 47.29
N SER J 413 -27.70 55.82 47.72
CA SER J 413 -27.15 56.81 48.62
C SER J 413 -25.77 57.29 48.21
N GLY J 414 -25.21 56.75 47.12
CA GLY J 414 -23.86 57.07 46.72
C GLY J 414 -23.77 58.40 46.00
N PHE J 415 -22.67 58.57 45.26
CA PHE J 415 -22.39 59.84 44.62
C PHE J 415 -23.45 60.21 43.59
N SER J 416 -23.97 59.21 42.86
CA SER J 416 -24.92 59.49 41.79
C SER J 416 -26.20 60.11 42.35
N ALA J 417 -26.77 59.49 43.39
CA ALA J 417 -27.95 60.06 44.04
C ALA J 417 -27.64 61.42 44.65
N ARG J 418 -26.50 61.54 45.32
CA ARG J 418 -26.10 62.82 45.88
C ARG J 418 -25.95 63.87 44.79
N SER J 419 -25.37 63.48 43.66
CA SER J 419 -25.20 64.43 42.57
C SER J 419 -26.55 64.90 42.06
N TRP J 420 -27.52 64.00 41.91
CA TRP J 420 -28.83 64.45 41.40
C TRP J 420 -29.52 65.41 42.37
N LEU J 421 -29.36 65.18 43.68
CA LEU J 421 -30.06 66.02 44.65
C LEU J 421 -29.49 67.43 44.68
N VAL J 422 -28.18 67.58 44.47
CA VAL J 422 -27.54 68.87 44.64
C VAL J 422 -27.09 69.51 43.31
N ASP J 423 -26.75 68.73 42.28
CA ASP J 423 -26.12 69.29 41.08
C ASP J 423 -27.08 69.50 39.89
N PHE J 424 -28.11 68.65 39.73
CA PHE J 424 -29.07 68.63 38.61
C PHE J 424 -30.49 69.02 38.99
N ALA J 425 -30.91 68.78 40.23
CA ALA J 425 -32.20 69.25 40.69
C ALA J 425 -32.13 70.75 40.96
N THR J 426 -33.05 71.50 40.38
CA THR J 426 -33.06 72.95 40.48
C THR J 426 -34.37 73.44 41.09
N PRO J 427 -34.35 74.10 42.26
CA PRO J 427 -33.17 74.39 43.09
C PRO J 427 -32.52 73.16 43.71
N PRO J 428 -31.23 73.22 43.99
CA PRO J 428 -30.56 72.11 44.69
C PRO J 428 -31.19 71.85 46.03
N GLU J 429 -31.08 70.59 46.47
CA GLU J 429 -31.65 70.13 47.74
C GLU J 429 -30.57 69.51 48.61
N PRO J 430 -29.72 70.34 49.23
CA PRO J 430 -28.75 69.82 50.19
C PRO J 430 -29.45 69.22 51.40
N MET J 431 -28.84 68.17 51.96
CA MET J 431 -29.45 67.40 53.04
C MET J 431 -28.38 66.57 53.72
N PRO J 432 -28.64 66.06 54.93
CA PRO J 432 -27.72 65.11 55.55
C PRO J 432 -27.62 63.81 54.75
N MET J 433 -26.42 63.23 54.73
CA MET J 433 -26.13 62.09 53.87
C MET J 433 -26.95 60.85 54.25
N THR J 434 -27.45 60.79 55.48
CA THR J 434 -28.25 59.68 55.94
C THR J 434 -29.67 59.71 55.40
N GLN J 435 -30.12 60.83 54.81
CA GLN J 435 -31.45 60.89 54.24
C GLN J 435 -31.48 60.73 52.72
N VAL J 436 -30.31 60.65 52.07
CA VAL J 436 -30.28 60.54 50.61
C VAL J 436 -31.04 59.30 50.15
N ALA J 437 -30.85 58.18 50.85
CA ALA J 437 -31.53 56.95 50.47
C ALA J 437 -33.04 57.08 50.63
N ALA J 438 -33.48 57.74 51.70
CA ALA J 438 -34.91 57.97 51.89
C ALA J 438 -35.48 58.86 50.80
N ARG J 439 -34.69 59.83 50.33
CA ARG J 439 -35.14 60.73 49.28
C ARG J 439 -35.34 60.00 47.96
N MET J 440 -34.53 58.98 47.69
CA MET J 440 -34.74 58.18 46.48
C MET J 440 -35.98 57.31 46.60
N MET J 441 -36.29 56.83 47.82
CA MET J 441 -37.48 56.03 48.03
C MET J 441 -38.75 56.84 47.85
N LYS J 442 -38.73 58.10 48.28
CA LYS J 442 -39.91 58.96 48.19
C LYS J 442 -39.96 59.78 46.92
N PHE J 443 -38.91 59.73 46.09
CA PHE J 443 -38.84 60.36 44.78
C PHE J 443 -40.14 60.19 44.01
N ASP J 444 -40.74 61.31 43.61
CA ASP J 444 -42.01 61.31 42.89
C ASP J 444 -41.73 61.51 41.40
N PHE J 445 -42.15 60.56 40.58
CA PHE J 445 -41.80 60.57 39.17
C PHE J 445 -42.67 61.49 38.31
N ASP J 446 -43.44 62.40 38.93
CA ASP J 446 -44.21 63.36 38.16
C ASP J 446 -43.91 64.81 38.52
N ILE J 447 -43.24 65.07 39.65
CA ILE J 447 -42.72 66.39 39.97
C ILE J 447 -41.19 66.40 40.02
N ASP J 448 -40.58 65.41 40.66
CA ASP J 448 -39.12 65.39 40.78
C ASP J 448 -38.40 65.40 39.43
N PRO J 449 -38.79 64.63 38.42
CA PRO J 449 -38.09 64.72 37.13
C PRO J 449 -38.22 66.09 36.48
N LEU J 450 -39.23 66.87 36.83
CA LEU J 450 -39.37 68.21 36.26
C LEU J 450 -38.20 69.10 36.65
N LYS J 451 -37.60 68.87 37.82
CA LYS J 451 -36.60 69.80 38.36
C LYS J 451 -35.32 69.85 37.53
N ILE J 452 -35.09 68.87 36.65
CA ILE J 452 -33.92 68.94 35.78
C ILE J 452 -34.16 69.83 34.57
N TRP J 453 -35.40 70.26 34.33
CA TRP J 453 -35.69 71.26 33.32
C TRP J 453 -36.06 72.61 33.91
N ALA J 454 -36.08 72.74 35.23
CA ALA J 454 -36.59 73.94 35.86
C ALA J 454 -35.49 74.96 36.12
N THR J 455 -35.91 76.19 36.42
CA THR J 455 -35.03 77.28 36.80
C THR J 455 -35.52 77.85 38.12
N SER J 456 -34.62 78.52 38.84
CA SER J 456 -34.96 78.94 40.20
C SER J 456 -34.04 80.08 40.63
N GLY J 457 -34.51 81.30 40.43
CA GLY J 457 -33.84 82.49 40.92
C GLY J 457 -32.49 82.75 40.28
N GLN J 458 -31.42 82.52 41.05
CA GLN J 458 -30.07 82.73 40.52
C GLN J 458 -29.61 81.56 39.66
N PHE J 459 -30.28 80.41 39.74
CA PHE J 459 -29.98 79.27 38.87
C PHE J 459 -30.66 79.52 37.53
N THR J 460 -29.98 80.33 36.71
CA THR J 460 -30.54 80.82 35.45
C THR J 460 -30.78 79.70 34.44
N GLN J 461 -30.12 78.56 34.58
CA GLN J 461 -30.07 77.59 33.49
C GLN J 461 -30.52 76.21 33.96
N SER J 462 -31.03 75.45 33.00
CA SER J 462 -31.46 74.08 33.26
C SER J 462 -30.25 73.15 33.30
N SER J 463 -30.31 72.16 34.20
CA SER J 463 -29.27 71.14 34.22
C SER J 463 -29.18 70.42 32.88
N MET J 464 -30.33 70.16 32.26
CA MET J 464 -30.32 69.65 30.89
C MET J 464 -29.72 70.65 29.93
N ASP J 465 -29.80 71.94 30.25
CA ASP J 465 -29.26 72.96 29.35
C ASP J 465 -27.76 73.14 29.51
N TRP J 466 -27.22 72.99 30.73
CA TRP J 466 -25.76 73.06 30.86
C TRP J 466 -25.08 71.70 30.85
N HIS J 467 -25.67 70.67 31.45
CA HIS J 467 -25.02 69.37 31.47
C HIS J 467 -25.38 68.49 30.28
N GLY J 468 -26.62 68.55 29.82
CA GLY J 468 -27.04 67.69 28.73
C GLY J 468 -26.35 68.04 27.42
N ALA J 469 -26.16 67.01 26.59
CA ALA J 469 -25.56 67.16 25.26
C ALA J 469 -26.31 66.22 24.29
N THR J 470 -27.59 66.52 24.07
CA THR J 470 -28.47 65.65 23.30
C THR J 470 -28.61 66.08 21.84
N SER J 471 -27.86 67.07 21.41
CA SER J 471 -28.03 67.63 20.07
C SER J 471 -27.44 66.70 19.01
N THR J 472 -28.25 66.36 18.02
CA THR J 472 -27.79 65.63 16.84
C THR J 472 -27.43 66.57 15.69
N ASP J 473 -27.42 67.88 15.93
CA ASP J 473 -27.03 68.88 14.94
C ASP J 473 -25.50 68.91 14.89
N LEU J 474 -24.94 67.98 14.13
CA LEU J 474 -23.49 67.83 14.01
C LEU J 474 -23.00 68.20 12.61
N ALA J 475 -23.56 69.28 12.05
CA ALA J 475 -23.13 69.71 10.71
C ALA J 475 -21.81 70.46 10.77
N ALA J 476 -21.64 71.34 11.75
CA ALA J 476 -20.43 72.16 11.80
C ALA J 476 -19.20 71.31 12.11
N PHE J 477 -19.31 70.44 13.11
CA PHE J 477 -18.21 69.55 13.48
C PHE J 477 -17.79 68.69 12.30
N ARG J 478 -18.75 68.06 11.61
CA ARG J 478 -18.43 67.16 10.52
C ARG J 478 -17.84 67.92 9.33
N ASP J 479 -18.38 69.10 9.02
CA ASP J 479 -17.98 69.82 7.82
C ASP J 479 -16.51 70.25 7.87
N ARG J 480 -16.00 70.54 9.06
CA ARG J 480 -14.61 70.95 9.19
C ARG J 480 -13.65 69.77 9.27
N GLY J 481 -14.13 68.55 9.07
CA GLY J 481 -13.30 67.36 9.15
C GLY J 481 -13.36 66.62 10.47
N GLY J 482 -14.35 66.91 11.32
CA GLY J 482 -14.40 66.28 12.62
C GLY J 482 -14.80 64.81 12.53
N LYS J 483 -14.13 63.99 13.33
CA LYS J 483 -14.40 62.55 13.42
C LYS J 483 -14.71 62.20 14.87
N MET J 484 -15.67 61.28 15.05
CA MET J 484 -16.08 60.87 16.38
C MET J 484 -16.16 59.36 16.48
N ILE J 485 -15.58 58.81 17.54
CA ILE J 485 -15.67 57.39 17.86
C ILE J 485 -16.35 57.27 19.21
N LEU J 486 -17.50 56.61 19.23
CA LEU J 486 -18.23 56.33 20.46
C LEU J 486 -18.09 54.86 20.80
N TYR J 487 -18.04 54.57 22.10
CA TYR J 487 -18.09 53.19 22.58
C TYR J 487 -18.86 53.14 23.89
N HIS J 488 -19.39 51.97 24.19
CA HIS J 488 -20.23 51.79 25.37
C HIS J 488 -20.33 50.30 25.68
N GLY J 489 -19.98 49.93 26.91
CA GLY J 489 -20.12 48.55 27.31
C GLY J 489 -21.58 48.17 27.47
N MET J 490 -21.94 46.99 26.97
CA MET J 490 -23.33 46.55 27.02
C MET J 490 -23.82 46.38 28.45
N SER J 491 -22.93 46.02 29.38
CA SER J 491 -23.29 45.83 30.78
C SER J 491 -23.01 47.07 31.61
N ASP J 492 -23.07 48.25 31.00
CA ASP J 492 -22.93 49.50 31.72
C ASP J 492 -24.18 49.78 32.54
N ALA J 493 -24.04 49.85 33.86
CA ALA J 493 -25.14 50.18 34.74
C ALA J 493 -25.20 51.65 35.10
N ALA J 494 -24.17 52.43 34.73
CA ALA J 494 -24.21 53.88 34.94
C ALA J 494 -25.09 54.54 33.90
N PHE J 495 -24.76 54.35 32.62
CA PHE J 495 -25.55 54.87 31.52
C PHE J 495 -25.90 53.71 30.59
N SER J 496 -27.09 53.77 30.01
CA SER J 496 -27.60 52.69 29.18
C SER J 496 -26.92 52.72 27.82
N ALA J 497 -26.25 51.63 27.45
CA ALA J 497 -25.68 51.53 26.11
C ALA J 497 -26.76 51.61 25.05
N LEU J 498 -27.97 51.13 25.37
CA LEU J 498 -29.09 51.26 24.45
C LEU J 498 -29.47 52.73 24.24
N ASP J 499 -29.26 53.56 25.26
CA ASP J 499 -29.55 54.98 25.09
C ASP J 499 -28.53 55.65 24.17
N THR J 500 -27.25 55.29 24.30
CA THR J 500 -26.26 55.78 23.36
C THR J 500 -26.56 55.29 21.95
N ALA J 501 -27.06 54.06 21.83
CA ALA J 501 -27.46 53.56 20.51
C ALA J 501 -28.64 54.36 19.96
N ASP J 502 -29.59 54.73 20.82
CA ASP J 502 -30.73 55.51 20.36
C ASP J 502 -30.30 56.90 19.86
N TYR J 503 -29.31 57.51 20.53
CA TYR J 503 -28.78 58.77 20.03
C TYR J 503 -28.13 58.58 18.67
N TYR J 504 -27.31 57.54 18.52
CA TYR J 504 -26.66 57.28 17.24
C TYR J 504 -27.68 57.02 16.14
N GLU J 505 -28.81 56.40 16.48
CA GLU J 505 -29.89 56.22 15.50
C GLU J 505 -30.44 57.57 15.07
N ARG J 506 -30.73 58.45 16.03
CA ARG J 506 -31.24 59.78 15.70
C ARG J 506 -30.22 60.59 14.92
N LEU J 507 -28.93 60.41 15.21
CA LEU J 507 -27.90 61.13 14.47
C LEU J 507 -27.90 60.75 13.01
N GLY J 508 -27.98 59.45 12.72
CA GLY J 508 -28.04 59.01 11.33
C GLY J 508 -29.27 59.51 10.61
N ALA J 509 -30.38 59.68 11.33
CA ALA J 509 -31.58 60.22 10.72
C ALA J 509 -31.42 61.70 10.42
N ALA J 510 -31.01 62.49 11.41
CA ALA J 510 -30.84 63.92 11.20
C ALA J 510 -29.73 64.21 10.21
N MET J 511 -28.68 63.38 10.18
CA MET J 511 -27.56 63.56 9.27
C MET J 511 -27.36 62.27 8.47
N PRO J 512 -27.89 62.20 7.25
CA PRO J 512 -27.66 61.01 6.42
C PRO J 512 -26.19 60.82 6.13
N GLY J 513 -25.76 59.56 6.13
CA GLY J 513 -24.34 59.27 5.95
C GLY J 513 -23.51 59.63 7.16
N ALA J 514 -24.05 59.45 8.37
CA ALA J 514 -23.32 59.82 9.58
C ALA J 514 -22.09 58.95 9.80
N ALA J 515 -22.10 57.73 9.27
CA ALA J 515 -20.97 56.81 9.46
C ALA J 515 -19.69 57.30 8.83
N GLY J 516 -19.73 58.39 8.04
CA GLY J 516 -18.53 58.98 7.50
C GLY J 516 -17.79 59.90 8.42
N PHE J 517 -18.29 60.13 9.64
CA PHE J 517 -17.63 61.02 10.58
C PHE J 517 -17.91 60.62 12.02
N ALA J 518 -18.77 59.64 12.23
CA ALA J 518 -19.12 59.20 13.57
C ALA J 518 -19.55 57.74 13.54
N ARG J 519 -19.01 56.94 14.46
CA ARG J 519 -19.32 55.52 14.53
C ARG J 519 -19.38 55.09 15.99
N LEU J 520 -20.21 54.09 16.27
CA LEU J 520 -20.45 53.60 17.61
C LEU J 520 -20.00 52.14 17.72
N PHE J 521 -19.28 51.83 18.78
CA PHE J 521 -18.72 50.49 19.01
C PHE J 521 -19.20 49.98 20.37
N LEU J 522 -20.28 49.20 20.36
CA LEU J 522 -20.77 48.59 21.59
C LEU J 522 -19.88 47.40 21.96
N VAL J 523 -19.66 47.23 23.26
CA VAL J 523 -18.77 46.17 23.74
C VAL J 523 -19.56 45.22 24.62
N PRO J 524 -19.82 44.00 24.15
CA PRO J 524 -20.58 43.04 24.97
C PRO J 524 -19.81 42.64 26.22
N GLY J 525 -20.53 42.55 27.33
CA GLY J 525 -19.97 42.11 28.59
C GLY J 525 -19.21 43.16 29.36
N MET J 526 -18.84 44.27 28.74
CA MET J 526 -18.07 45.30 29.42
C MET J 526 -18.97 46.13 30.33
N ASN J 527 -18.44 46.49 31.50
CA ASN J 527 -19.15 47.35 32.43
C ASN J 527 -18.92 48.82 32.09
N HIS J 528 -18.99 49.70 33.09
CA HIS J 528 -18.87 51.13 32.85
C HIS J 528 -17.41 51.48 32.58
N CYS J 529 -17.11 51.80 31.31
CA CYS J 529 -15.80 52.24 30.84
C CYS J 529 -14.75 51.14 30.84
N SER J 530 -14.87 50.15 31.72
CA SER J 530 -13.87 49.09 31.81
C SER J 530 -14.46 47.94 32.63
N GLY J 531 -13.76 46.79 32.56
CA GLY J 531 -14.10 45.65 33.38
C GLY J 531 -15.24 44.82 32.79
N GLY J 532 -15.40 43.62 33.36
CA GLY J 532 -16.47 42.74 32.97
C GLY J 532 -16.01 41.63 32.04
N PRO J 533 -16.88 40.64 31.80
CA PRO J 533 -16.55 39.54 30.87
C PRO J 533 -16.67 39.96 29.41
N GLY J 534 -15.71 40.74 28.96
CA GLY J 534 -15.67 41.18 27.58
C GLY J 534 -14.30 41.75 27.25
N THR J 535 -14.13 42.11 25.98
CA THR J 535 -12.88 42.70 25.50
C THR J 535 -12.94 44.21 25.75
N ASP J 536 -12.52 44.60 26.95
CA ASP J 536 -12.67 45.97 27.43
C ASP J 536 -11.42 46.82 27.24
N ARG J 537 -10.39 46.28 26.60
CA ARG J 537 -9.13 47.00 26.43
C ARG J 537 -8.87 47.21 24.95
N PHE J 538 -8.54 48.44 24.58
CA PHE J 538 -8.39 48.84 23.19
C PHE J 538 -7.62 50.13 23.11
N ASP J 539 -7.04 50.39 21.94
CA ASP J 539 -6.31 51.63 21.65
C ASP J 539 -7.19 52.46 20.73
N MET J 540 -7.89 53.45 21.31
CA MET J 540 -8.76 54.32 20.54
C MET J 540 -8.02 55.43 19.83
N LEU J 541 -6.84 55.81 20.32
CA LEU J 541 -6.16 56.99 19.78
C LEU J 541 -5.65 56.74 18.36
N THR J 542 -5.10 55.55 18.11
CA THR J 542 -4.53 55.27 16.79
C THR J 542 -5.57 55.31 15.67
N PRO J 543 -6.73 54.65 15.77
CA PRO J 543 -7.71 54.77 14.68
C PRO J 543 -8.35 56.14 14.61
N LEU J 544 -8.40 56.88 15.71
CA LEU J 544 -8.94 58.23 15.68
C LEU J 544 -8.03 59.16 14.89
N VAL J 545 -6.72 59.09 15.11
CA VAL J 545 -5.78 59.88 14.33
C VAL J 545 -5.82 59.46 12.88
N ALA J 546 -5.94 58.15 12.62
CA ALA J 546 -6.05 57.67 11.25
C ALA J 546 -7.30 58.20 10.57
N TRP J 547 -8.40 58.33 11.33
CA TRP J 547 -9.64 58.85 10.75
C TRP J 547 -9.51 60.34 10.45
N VAL J 548 -8.99 61.11 11.42
CA VAL J 548 -8.95 62.56 11.28
C VAL J 548 -7.92 62.96 10.22
N GLU J 549 -6.70 62.44 10.33
CA GLU J 549 -5.59 62.90 9.50
C GLU J 549 -5.49 62.14 8.18
N ARG J 550 -5.87 60.86 8.14
CA ARG J 550 -5.68 60.03 6.96
C ARG J 550 -6.97 59.66 6.25
N GLY J 551 -8.14 59.99 6.81
CA GLY J 551 -9.38 59.60 6.20
C GLY J 551 -9.67 58.12 6.22
N GLU J 552 -9.04 57.37 7.12
CA GLU J 552 -9.26 55.93 7.25
C GLU J 552 -10.34 55.70 8.29
N ALA J 553 -11.55 55.38 7.82
CA ALA J 553 -12.64 55.12 8.74
C ALA J 553 -12.42 53.78 9.46
N PRO J 554 -12.74 53.69 10.75
CA PRO J 554 -12.51 52.44 11.47
C PRO J 554 -13.61 51.42 11.23
N ASP J 555 -13.35 50.47 10.33
CA ASP J 555 -14.32 49.42 10.05
C ASP J 555 -14.36 48.37 11.17
N GLN J 556 -13.33 48.32 12.00
CA GLN J 556 -13.32 47.49 13.19
C GLN J 556 -12.14 47.94 14.06
N ILE J 557 -12.31 47.81 15.37
CA ILE J 557 -11.30 48.22 16.33
C ILE J 557 -10.90 47.00 17.14
N SER J 558 -9.60 46.69 17.13
CA SER J 558 -9.10 45.54 17.87
C SER J 558 -9.25 45.76 19.37
N ALA J 559 -9.64 44.70 20.08
CA ALA J 559 -9.85 44.78 21.52
C ALA J 559 -9.38 43.48 22.16
N TRP J 560 -9.04 43.56 23.43
CA TRP J 560 -8.72 42.38 24.20
C TRP J 560 -9.28 42.53 25.62
N SER J 561 -9.40 41.40 26.30
CA SER J 561 -9.98 41.37 27.64
C SER J 561 -8.91 41.60 28.69
N GLY J 562 -9.15 42.55 29.58
CA GLY J 562 -8.28 42.76 30.72
C GLY J 562 -8.42 41.74 31.83
N THR J 563 -9.49 40.95 31.79
CA THR J 563 -9.70 39.84 32.72
C THR J 563 -10.13 38.62 31.92
N PRO J 564 -9.20 38.01 31.17
CA PRO J 564 -9.56 36.79 30.42
C PRO J 564 -9.95 35.62 31.30
N GLY J 565 -9.67 35.67 32.61
CA GLY J 565 -10.12 34.62 33.51
C GLY J 565 -11.62 34.48 33.58
N TYR J 566 -12.37 35.48 33.14
CA TYR J 566 -13.83 35.37 33.08
C TYR J 566 -14.26 34.22 32.20
N PHE J 567 -13.51 33.94 31.13
CA PHE J 567 -13.78 32.82 30.25
C PHE J 567 -12.85 31.64 30.52
N GLY J 568 -12.05 31.70 31.57
CA GLY J 568 -11.13 30.63 31.87
C GLY J 568 -9.99 30.46 30.89
N VAL J 569 -9.61 31.53 30.19
CA VAL J 569 -8.53 31.49 29.23
C VAL J 569 -7.49 32.54 29.61
N ALA J 570 -6.31 32.44 28.99
CA ALA J 570 -5.22 33.35 29.29
C ALA J 570 -5.32 34.67 28.54
N ALA J 571 -6.00 34.69 27.40
CA ALA J 571 -6.17 35.90 26.62
C ALA J 571 -7.32 35.70 25.63
N ARG J 572 -8.01 36.80 25.33
CA ARG J 572 -9.06 36.79 24.31
C ARG J 572 -9.02 38.12 23.57
N THR J 573 -8.88 38.06 22.25
CA THR J 573 -8.88 39.23 21.40
C THR J 573 -10.03 39.12 20.42
N ARG J 574 -10.78 40.20 20.26
CA ARG J 574 -11.95 40.26 19.39
C ARG J 574 -12.02 41.62 18.74
N PRO J 575 -12.65 41.71 17.57
CA PRO J 575 -12.86 43.03 16.97
C PRO J 575 -14.11 43.71 17.52
N LEU J 576 -14.00 45.03 17.69
CA LEU J 576 -15.16 45.86 17.99
C LEU J 576 -15.82 46.26 16.68
N CYS J 577 -17.15 46.25 16.67
CA CYS J 577 -17.83 46.44 15.39
C CYS J 577 -18.62 47.75 15.38
N PRO J 578 -18.57 48.48 14.28
CA PRO J 578 -19.35 49.72 14.19
C PRO J 578 -20.84 49.42 14.12
N TYR J 579 -21.61 50.15 14.91
CA TYR J 579 -23.06 50.01 14.90
C TYR J 579 -23.58 50.06 13.47
N PRO J 580 -24.51 49.17 13.09
CA PRO J 580 -25.13 48.14 13.92
C PRO J 580 -24.50 46.75 13.77
N GLN J 581 -23.26 46.69 13.29
CA GLN J 581 -22.61 45.40 13.08
C GLN J 581 -22.22 44.77 14.42
N ILE J 582 -22.04 43.44 14.39
CA ILE J 582 -21.58 42.68 15.54
C ILE J 582 -20.53 41.67 15.08
N ALA J 583 -19.74 41.19 16.02
CA ALA J 583 -18.69 40.23 15.70
C ALA J 583 -19.29 38.86 15.42
N ARG J 584 -18.73 38.17 14.42
CA ARG J 584 -19.20 36.85 14.02
C ARG J 584 -18.02 35.92 13.83
N TYR J 585 -18.08 34.77 14.51
CA TYR J 585 -17.12 33.70 14.30
C TYR J 585 -17.11 33.28 12.83
N LYS J 586 -15.93 33.13 12.25
CA LYS J 586 -15.83 32.70 10.87
C LYS J 586 -16.07 31.19 10.71
N GLY J 587 -16.10 30.43 11.81
CA GLY J 587 -16.40 29.00 11.77
C GLY J 587 -15.23 28.10 12.13
N SER J 588 -14.00 28.59 12.05
CA SER J 588 -12.80 27.78 12.30
C SER J 588 -11.80 28.61 13.09
N GLY J 589 -10.87 27.92 13.74
CA GLY J 589 -9.79 28.58 14.46
C GLY J 589 -10.09 28.81 15.93
N ASP J 590 -9.04 29.22 16.65
CA ASP J 590 -9.16 29.58 18.05
C ASP J 590 -10.23 30.65 18.24
N ILE J 591 -11.17 30.39 19.16
CA ILE J 591 -12.24 31.34 19.42
C ILE J 591 -11.78 32.54 20.22
N ASN J 592 -10.58 32.48 20.80
CA ASN J 592 -10.03 33.61 21.55
C ASN J 592 -9.10 34.46 20.70
N THR J 593 -9.07 34.25 19.39
CA THR J 593 -8.18 34.95 18.48
C THR J 593 -8.99 35.87 17.58
N GLU J 594 -8.54 37.12 17.44
CA GLU J 594 -9.30 38.12 16.71
C GLU J 594 -9.39 37.79 15.22
N ALA J 595 -8.40 37.08 14.66
CA ALA J 595 -8.39 36.80 13.23
C ALA J 595 -9.55 35.94 12.78
N ASN J 596 -10.14 35.15 13.68
CA ASN J 596 -11.21 34.23 13.32
C ASN J 596 -12.59 34.85 13.45
N PHE J 597 -12.67 36.18 13.45
CA PHE J 597 -13.95 36.87 13.59
C PHE J 597 -14.02 38.01 12.58
N ALA J 598 -15.25 38.31 12.14
CA ALA J 598 -15.52 39.39 11.21
C ALA J 598 -16.71 40.19 11.71
N CYS J 599 -16.62 41.51 11.55
CA CYS J 599 -17.69 42.41 11.96
C CYS J 599 -18.75 42.43 10.86
N ALA J 600 -19.93 41.92 11.17
CA ALA J 600 -20.99 41.85 10.17
C ALA J 600 -22.33 42.07 10.86
N ALA J 601 -23.34 42.29 10.02
CA ALA J 601 -24.69 42.41 10.51
C ALA J 601 -25.14 41.09 11.14
N PRO J 602 -26.01 41.14 12.16
CA PRO J 602 -26.52 39.93 12.83
C PRO J 602 -27.03 38.85 11.88
CA CA K . 22.11 30.72 -11.72
CA CA L . 64.32 4.30 -12.99
CA CA M . 46.26 -59.55 32.66
CA CA N . -55.27 -36.38 41.99
CA CA O . -12.95 3.31 -78.80
CA CA P . 5.91 -79.07 10.47
CA CA Q . 19.67 41.43 50.77
CA CA R . -41.23 -2.93 -35.51
CA CA S . -13.03 32.74 -11.50
CA CA T . -21.81 34.09 21.82
#